data_8ADN
#
_entry.id   8ADN
#
loop_
_entity.id
_entity.type
_entity.pdbx_description
1 polymer 'Proteasome Inhibitor 31-Like'
2 polymer 'Proteasome subunit alpha type-2'
3 polymer 'Proteasome subunit alpha type-3'
4 polymer 'Proteasome subunit alpha type-4'
5 polymer 'Proteasome subunit alpha type-5'
6 polymer 'Proteasome subunit alpha type-6'
7 polymer 'Proteasome subunit alpha type-7'
8 polymer 'Proteasome subunit alpha type-1'
9 polymer 'Proteasome subunit beta type-2'
10 polymer 'Proteasome subunit beta type-3'
11 polymer 'Proteasome subunit beta type-4'
12 polymer 'Proteasome subunit beta type-5'
13 polymer 'Proteasome subunit beta type-6'
14 polymer 'Proteasome subunit beta type-7'
15 polymer 'Proteasome subunit beta type-1'
#
loop_
_entity_poly.entity_id
_entity_poly.type
_entity_poly.pdbx_seq_one_letter_code
_entity_poly.pdbx_strand_id
1 'polypeptide(L)'
;MDFQDYIQSLKKDFKLVKINDHTYILHKNKKTLELTPDKMYNIQEINDILNVSYPDISYDRNLEDLGSKNKGILNGFGNV
GEDDLHPQIGRRKGKKKGAIFSPEEFKEEEDSDGIDKTDIFPLKKKRDPDSDHFKKTGGDDDNPFLY
;
3,4
2 'polypeptide(L)'
;MFLDTHKQLTLFTSEGKLDQCDNALKAATQGSLSVGCVSENGVVLASLKESNNLVILSEYKKIYQISPNLGITYSGCQPD
FRIQYNLSLKISEEYTDIYSTNIPIRLFVEQFSRQIQEYTIKKGYRPFGTLLLIVGDNKMYRVDPSGSYTSLQVGTIGRE
YTESGRLLERRKGMLDDNISTCVECIREYCGRSVKSEDIDIGVYRGQEFRVYSKEEVQEVFDSINKI
;
A,O
3 'polypeptide(L)'
;MSSNTFTEEGRLLQTEYAIKNVSKGGTIIGLVCKDGVILLGINKTELLDEREKIYKINPKVYVSVSGLFGDAMLLKKYGQ
VKAQDFLYEFDYDCDIDRICNFISEKKQLFTQYNSTRPFGFSFIYAGMKNNKFKLCSTDPSGTINEWKGVCFGENEDAIN
NGLRNDFPDEEMDMERGLFEIFKILSKVTECSAKDHKKYEILYFKNEESRFLEFEEIENILLRIEEEKNKK
;
B,P
4 'polypeptide(L)'
;MEYENALGIFSPDGRLIQVEYAQQASEQGSLVVFSSDTNEICLSIETKTHNKMLIDQNKLLPVDKDLNIWYTFSGIKPDS
YKVLNEARLICRNYKIKTGTNISFDELAYELSLYKQKFTLDSSMRPFGIRSILLQVKDMAKIYVLEPDGNYSEYKCGAVG
QKSVSVCEYLEKCEEEDIIFRSVSGLGTVVQSDKNKVMSYVISKDEIRRVEDETVSQIISTVSVK
;
C,Q
5 'polypeptide(L)'
;MSIVSRQNANTYSAEGRLYQVEYAMQAMNLGTSSIGIKTKDYVLLASEKKIISKLQNPSSVKKHYRVYDHIALGFSGISA
DVKTIVDKSRNFAINHEYLYDENCKVERLLEHLADLSLNFDKKEADEKIFSRPFGASLLIIGYDTEPRLFSLDPSGSYLE
YHAKAIGSGSEVIENMLEQEFDPNVDINSGLKNILNMLSKVMKDKINNFNVEITAITKNECKILTPEEIEQFLE
;
D,R
6 'polypeptide(L)'
;MNSQTDYTNYIIFNPEGKIKQLEFINNTVQLGSTVVALKNKSFGVFVTYNEKRSKFALQQKKIFPINSKSLFSFSGITND
GTKIVKYLKNSTVFENIRKGRDIHPIHVFDDLCYSACIRTLTNGNRLYGVQGLLLTDYQGISLVLFDPKGSAKEVRGMSI
GSRSQSCRTILEDECDKFEEYNKEELVRLGIKALRNAYPETGVLNKDNVDIWILETNQESKQIKSEEYLQ
;
E,S
7 'polypeptide(L)'
;MAILDVDTVYTNTGDILQIGYAQKAADNGNTAICMKNKKGLIMIAEKPIESKLYVSEKNFRIKKVNNSIFQISSGIETDL
VYINENLKNNLISEKHSNDMDVSHESVRNQIVNIIHQFTRYSGVRPIGINLLTCSKYKNEYKILQTDCTGKSLFFKSSVI
GKGSRIVKTELEKLNLENMEIRDLVENGIRILYKSYDPLKDKPFDIEIGIMCEETNGEFVRLEKNQYSEIIEKYKDFSVD
GEE
;
F,T
8 'polypeptide(L)'
;MSIKDEIYNIFNADGKILQIEYGLEAVNKSLPLVVLKNKNMIVCAAKKNQGHLLEDEVQTSFQPIYPNLYSAFTGNWADV
FYVNSKAKDLAHYASYKLGFSVTPDILCRKLADELQPLIQSTGERAPAFAGALFGFDNGKPVVYMTNISAVCYPVYGSMV
GSKNQNMYKYVEKYYNEDIEDEKLFEVAVGGLLESLGENSVYQEMEVAYLRNGEVLKYLDDKEIESLLLSIADK
;
G,U
9 'polypeptide(L)'
;MFTKTGTTIVGVKYKGGVVICADTRSTSGPIVADKNCSKIHYISDNIQACGAGTSADITRVTRKASKVLSIFSKTYNRLP
RVSHCVRTCQLHLHPYQGHISAALVVGGVDDTGAHLYDVYPHGSSNSVSYTALGSGSLAAISILEAGYKDMNREEAMELA
CAAIEAGIMNDLYSGSNIDVCVISQEGREMFRNYKKVGVRNEVPKFQYPRSSVKILKEDIYKYIEEK
;
H,V
10 'polypeptide(L)'
;MSDISQHYGGSLLAMIGKSSVAFLSDKRLGSGPISVSKNFTKIYSLTPRLFFGFTGLVSDGEMLFKKIRKNYNLFVQDNN
KDMEPSELSNMISYILYQKRLQPYYVAVIVCGMTLDKKPYASSMDCIGAMKETSEFVTSGTASKNLMGLSEALFYPEMED
EDLFTTSVQTFLNSSDRDTFGGMGFECLLINPEGYKRREFVGRCD
;
I,W
11 'polypeptide(L)'
;MESSVALKGNDFVIIGTDSSVKNSYLVLKREEDKFYNINNKVVFTYLGDQGDAFRTSSFINEKLVYEEIQNNVEITPKVT
ANVIQKTLYDNLRSHPKNCYFLVGGLSQDGPELYSVDLYGSLHENDFMAVGISTYFCYGVLDKEYHKNITKEDGIKIIQK
CFDVLKQRCSVDISNIEIKIVSKEGVETINKVL
;
J,X
12 'polypeptide(L)'
;MEKLFTGDIMEIQNTKVDSAFMKNKIVPYKGTTTLAFIFQGGMVIAVDSRASAGSYIASQNVHKVIRVNKHLIGTMAGGA
SDCYFWEKKMGLYAKLYELKNNKRISVSAASMYLSNCVYSYKGQGLSLGSMVCGYDGDKPVIYYVDDAGQRLSGDLFSVG
SGSTIAYGVLNESYRFDLTKEEALNLGKKAIWHATHRDAYSGGNVNLYFMDKNGWEHLGTFDVDKFEQ
;
K,Y
13 'polypeptide(L)'
;MFTLQANTKDQIIKDLNIGDLTIRDLNIKDLNIGDSSTVNLFKVDIPLLSNEIPLDFTFDNLPSNKKEIFESFDSFTDFV
EGKTKSQESKFNPYEDNSGSTVSIRLNNSIIIAADTRHCSEMGIYSRNTSKIFRIGDFLLTITGFYADGYELYNRLKYQV
QIYESFNKISIHSLANLASKIMYSKRLFPYYSYVTLSGFEGDNPYVYSFDCLGHFEEVDSVCNGSGSPLIQPLLDSTIEK
KNWAGENYEVTEEYVKDIVRRGFNAASERDVKTGDNVEIWIIKKDGMTKEYERLRQD
;
L,Z
14 'polypeptide(L)'
;MKNFVIGSGVISLRYKNGVITCTDTQASYGNLCKFNDVRRIFRLSSNTLISLSGEISDIQFLMNELNKLNESDPVKMSPR
GYLNLVQGILYNKRSRVEPLNVSVSIVGVDDDDFLVSCVNHLGNFYEDNIVCTGLSNMIALPFLRTCNVLDLERDEAISL
VEKAMTVMCYRSCRSSNRIQIGVVEKGLVDISDPYVLNTDWQVGHNEEEIVL
;
M,a
15 'polypeptide(L)'
;MVAYDNKNNEGFSPNLPEMTGTTIMAVKYADGILIGADCRTSMGTYVSSRFTDKLTKISDNIYCCRSGSAADTQAITQYI
TELVQRSSFIDKEIPSVKKAAMAAKDIIYRYPNMLAGLIIAGYDTKPRIFNISLGGTMTEAEWQIGGSGSAYIYGLCDTT
FKPNMNLEEALEFVKLAVTCAIKRDNASGGCIRMASITREGVQRFFYSGDKILNST
;
N,b
#
# COMPACT_ATOMS: atom_id res chain seq x y z
N GLY A 76 1.54 19.24 -0.89
CA GLY A 76 1.08 20.25 -1.83
C GLY A 76 2.20 21.13 -2.35
N PHE A 77 2.96 21.72 -1.42
CA PHE A 77 4.08 22.57 -1.81
C PHE A 77 5.24 21.76 -2.38
N GLY A 78 5.25 20.44 -2.19
CA GLY A 78 6.23 19.60 -2.84
C GLY A 78 7.55 19.44 -2.12
N ASN A 79 7.69 20.01 -0.92
CA ASN A 79 8.93 19.90 -0.16
C ASN A 79 10.12 20.40 -0.97
N VAL A 80 9.89 21.38 -1.84
CA VAL A 80 10.95 21.86 -2.72
C VAL A 80 12.06 22.48 -1.89
N GLY A 81 13.29 22.04 -2.15
CA GLY A 81 14.43 22.57 -1.43
C GLY A 81 14.73 21.88 -0.11
N GLU A 82 14.06 20.77 0.21
CA GLU A 82 14.34 20.09 1.47
C GLU A 82 15.77 19.57 1.51
N ASP A 83 16.24 18.95 0.42
CA ASP A 83 17.63 18.53 0.35
C ASP A 83 18.59 19.71 0.30
N ASP A 84 18.17 20.84 -0.27
CA ASP A 84 18.97 22.05 -0.23
C ASP A 84 18.97 22.66 1.17
N LEU A 85 17.86 22.55 1.89
CA LEU A 85 17.69 23.20 3.18
C LEU A 85 18.23 22.38 4.34
N HIS A 86 18.40 21.08 4.17
CA HIS A 86 18.79 20.22 5.28
C HIS A 86 19.99 19.35 4.91
N PRO A 87 20.80 18.94 5.89
CA PRO A 87 22.01 18.18 5.59
C PRO A 87 21.76 16.73 5.22
N GLN A 88 20.52 16.25 5.20
CA GLN A 88 20.21 14.89 4.77
C GLN A 88 20.78 13.85 5.73
N ILE A 89 20.67 14.11 7.03
CA ILE A 89 21.15 13.16 8.03
C ILE A 89 20.05 12.18 8.38
N LYS A 96 15.34 14.12 -4.60
CA LYS A 96 16.41 15.10 -4.51
C LYS A 96 15.85 16.51 -4.63
N LYS A 97 15.31 17.01 -3.52
CA LYS A 97 14.60 18.30 -3.54
C LYS A 97 15.59 19.46 -3.51
N GLY A 98 16.00 19.93 -4.69
CA GLY A 98 16.91 21.04 -4.77
C GLY A 98 16.21 22.38 -4.61
N ALA A 99 17.02 23.44 -4.63
CA ALA A 99 16.48 24.79 -4.46
C ALA A 99 15.49 25.14 -5.56
N ILE A 100 15.84 24.84 -6.81
CA ILE A 100 15.00 25.15 -7.96
C ILE A 100 14.23 23.92 -8.37
N PHE A 101 12.96 24.10 -8.73
CA PHE A 101 12.09 23.00 -9.09
C PHE A 101 12.63 22.32 -10.35
N SER A 102 12.61 20.98 -10.36
CA SER A 102 13.12 20.21 -11.49
C SER A 102 11.96 19.66 -12.31
N PRO A 103 12.14 19.39 -13.60
CA PRO A 103 11.04 18.81 -14.39
C PRO A 103 10.63 17.43 -13.93
N GLU A 104 11.49 16.72 -13.17
CA GLU A 104 11.15 15.37 -12.75
C GLU A 104 9.95 15.35 -11.82
N GLU A 105 9.78 16.40 -11.01
CA GLU A 105 8.68 16.41 -10.06
C GLU A 105 7.31 16.35 -10.73
N PHE A 106 7.22 16.70 -12.00
CA PHE A 106 5.96 16.60 -12.73
C PHE A 106 5.67 15.20 -13.24
N ASP A 113 16.98 4.07 -14.17
CA ASP A 113 17.83 2.94 -13.81
C ASP A 113 19.06 2.90 -14.70
N GLY A 114 20.14 2.29 -14.18
CA GLY A 114 21.38 2.23 -14.91
C GLY A 114 21.50 1.01 -15.81
N ILE A 115 20.49 0.79 -16.65
CA ILE A 115 20.45 -0.33 -17.58
C ILE A 115 20.05 0.18 -18.96
N ASP A 116 20.78 -0.26 -19.98
CA ASP A 116 20.50 0.14 -21.36
C ASP A 116 19.25 -0.61 -21.84
N LYS A 117 18.11 -0.03 -21.51
CA LYS A 117 16.81 -0.64 -21.77
C LYS A 117 16.04 0.20 -22.78
N THR A 118 15.59 -0.44 -23.86
CA THR A 118 14.70 0.19 -24.82
C THR A 118 13.29 -0.34 -24.63
N ASP A 119 12.33 0.34 -25.25
CA ASP A 119 10.95 -0.11 -25.19
C ASP A 119 10.69 -1.17 -26.25
N ILE A 120 9.97 -2.21 -25.85
CA ILE A 120 9.58 -3.26 -26.78
C ILE A 120 8.40 -2.84 -27.64
N PHE A 121 7.48 -2.06 -27.08
CA PHE A 121 6.40 -1.42 -27.82
C PHE A 121 6.25 -0.01 -27.29
N PRO A 122 5.74 0.91 -28.11
CA PRO A 122 5.52 2.27 -27.61
C PRO A 122 4.55 2.32 -26.44
N LEU A 123 3.61 1.38 -26.35
CA LEU A 123 2.67 1.36 -25.25
C LEU A 123 3.41 1.38 -23.92
N LYS A 124 2.82 2.07 -22.94
CA LYS A 124 3.58 2.48 -21.75
C LYS A 124 4.32 1.31 -21.12
N LYS A 125 3.59 0.29 -20.67
CA LYS A 125 4.19 -0.81 -19.93
C LYS A 125 3.73 -2.17 -20.44
N LYS A 126 3.60 -2.34 -21.75
CA LYS A 126 3.20 -3.60 -22.35
C LYS A 126 4.30 -4.10 -23.26
N ARG A 127 4.64 -5.38 -23.15
CA ARG A 127 5.71 -5.95 -23.95
C ARG A 127 5.41 -7.36 -24.45
N ASP A 128 4.21 -7.90 -24.24
CA ASP A 128 3.88 -9.24 -24.70
C ASP A 128 2.37 -9.34 -24.83
N PRO A 129 1.86 -10.34 -25.55
CA PRO A 129 0.42 -10.42 -25.79
C PRO A 129 -0.37 -10.49 -24.50
N ASP A 130 -1.55 -9.90 -24.52
CA ASP A 130 -2.42 -9.91 -23.35
C ASP A 130 -2.93 -11.32 -23.08
N SER A 131 -3.24 -11.57 -21.80
CA SER A 131 -3.77 -12.86 -21.36
C SER A 131 -5.26 -12.87 -21.68
N ASP A 132 -5.59 -13.39 -22.87
CA ASP A 132 -6.94 -13.28 -23.39
C ASP A 132 -7.78 -14.51 -23.08
N HIS A 133 -7.98 -14.79 -21.79
CA HIS A 133 -8.92 -15.80 -21.36
C HIS A 133 -10.21 -15.12 -20.89
N PHE A 134 -11.15 -15.93 -20.39
CA PHE A 134 -12.33 -15.39 -19.73
C PHE A 134 -12.01 -15.17 -18.26
N LYS A 135 -12.11 -13.92 -17.82
CA LYS A 135 -11.65 -13.52 -16.50
C LYS A 135 -12.76 -13.65 -15.47
N LYS A 136 -12.40 -14.15 -14.29
CA LYS A 136 -13.38 -14.39 -13.24
C LYS A 136 -13.89 -13.07 -12.67
N THR A 137 -15.20 -13.00 -12.48
CA THR A 137 -15.84 -11.82 -11.88
C THR A 137 -16.97 -12.28 -10.99
N GLY A 138 -17.33 -11.44 -10.02
CA GLY A 138 -18.47 -11.74 -9.18
C GLY A 138 -18.18 -12.80 -8.14
N GLY A 139 -19.19 -13.62 -7.87
CA GLY A 139 -19.06 -14.58 -6.78
C GLY A 139 -18.90 -13.85 -5.47
N ASP A 140 -17.91 -14.26 -4.68
CA ASP A 140 -17.61 -13.58 -3.42
C ASP A 140 -16.17 -13.83 -3.03
N ASP A 141 -15.32 -12.82 -3.17
CA ASP A 141 -13.96 -12.89 -2.66
C ASP A 141 -13.86 -12.51 -1.19
N ASP A 142 -14.93 -11.91 -0.64
CA ASP A 142 -14.94 -11.60 0.78
C ASP A 142 -15.19 -12.81 1.66
N ASN A 143 -15.93 -13.80 1.14
CA ASN A 143 -16.22 -15.04 1.86
C ASN A 143 -15.84 -16.21 0.95
N PRO A 144 -14.54 -16.45 0.76
CA PRO A 144 -14.13 -17.49 -0.18
C PRO A 144 -14.61 -18.88 0.18
N PHE A 145 -14.71 -19.19 1.48
CA PHE A 145 -15.00 -20.55 1.93
C PHE A 145 -16.48 -20.82 2.09
N LEU A 146 -17.34 -19.85 1.81
CA LEU A 146 -18.78 -20.07 1.81
C LEU A 146 -19.23 -20.54 0.43
N TYR A 147 -18.74 -21.72 0.05
CA TYR A 147 -19.00 -22.29 -1.26
C TYR A 147 -20.50 -22.31 -1.55
N GLY B 76 8.35 -13.30 11.22
CA GLY B 76 8.15 -14.72 11.43
C GLY B 76 7.92 -15.08 12.89
N PHE B 77 8.87 -14.71 13.74
CA PHE B 77 8.74 -14.95 15.17
C PHE B 77 7.65 -14.12 15.81
N GLY B 78 7.16 -13.09 15.14
CA GLY B 78 6.01 -12.34 15.60
C GLY B 78 6.28 -11.23 16.59
N ASN B 79 7.55 -10.96 16.92
CA ASN B 79 7.91 -9.93 17.89
C ASN B 79 7.18 -10.13 19.21
N VAL B 80 6.97 -11.38 19.61
CA VAL B 80 6.22 -11.67 20.83
C VAL B 80 7.04 -11.23 22.03
N GLY B 81 6.50 -10.28 22.80
CA GLY B 81 7.17 -9.78 23.98
C GLY B 81 7.88 -8.45 23.80
N GLU B 82 7.75 -7.81 22.63
CA GLU B 82 8.40 -6.52 22.42
C GLU B 82 7.89 -5.47 23.41
N ASP B 83 6.56 -5.42 23.61
CA ASP B 83 6.00 -4.51 24.59
C ASP B 83 6.38 -4.89 26.02
N ASP B 84 6.49 -6.19 26.30
CA ASP B 84 6.95 -6.64 27.60
C ASP B 84 8.47 -6.56 27.74
N LEU B 85 9.17 -6.22 26.66
CA LEU B 85 10.63 -6.15 26.67
C LEU B 85 11.15 -4.72 26.61
N HIS B 86 10.39 -3.79 26.04
CA HIS B 86 10.89 -2.44 25.80
C HIS B 86 9.94 -1.41 26.40
N PRO B 87 10.45 -0.23 26.79
CA PRO B 87 9.61 0.76 27.46
C PRO B 87 8.64 1.50 26.55
N GLN B 88 8.67 1.26 25.24
CA GLN B 88 7.71 1.86 24.32
C GLN B 88 7.94 3.37 24.17
N ILE B 89 9.19 3.82 24.22
CA ILE B 89 9.49 5.23 24.07
C ILE B 89 9.49 5.60 22.59
N LYS B 96 -0.33 -5.44 20.79
CA LYS B 96 0.25 -5.33 22.12
C LYS B 96 1.02 -6.61 22.44
N LYS B 97 2.35 -6.56 22.26
CA LYS B 97 3.19 -7.76 22.30
C LYS B 97 3.66 -8.05 23.73
N GLY B 98 2.80 -8.74 24.48
CA GLY B 98 3.16 -9.15 25.81
C GLY B 98 4.07 -10.36 25.82
N ALA B 99 4.56 -10.70 27.02
CA ALA B 99 5.48 -11.83 27.16
C ALA B 99 4.85 -13.11 26.65
N ILE B 100 3.56 -13.31 26.88
CA ILE B 100 2.85 -14.52 26.48
C ILE B 100 2.00 -14.22 25.25
N PHE B 101 2.03 -15.13 24.29
CA PHE B 101 1.18 -15.00 23.11
C PHE B 101 -0.28 -14.97 23.53
N SER B 102 -1.08 -14.17 22.83
CA SER B 102 -2.46 -13.95 23.24
C SER B 102 -3.42 -14.47 22.18
N PRO B 103 -4.67 -14.80 22.56
CA PRO B 103 -5.63 -15.28 21.58
C PRO B 103 -5.95 -14.21 20.54
N GLU B 104 -6.45 -14.69 19.39
CA GLU B 104 -6.82 -13.85 18.24
C GLU B 104 -5.68 -12.91 17.82
N GLU B 105 -4.45 -13.19 18.23
CA GLU B 105 -3.31 -12.64 17.50
C GLU B 105 -3.08 -13.45 16.24
N PHE B 106 -3.48 -14.72 16.24
CA PHE B 106 -3.71 -15.44 15.01
C PHE B 106 -5.00 -14.94 14.34
N ASP B 113 -13.34 -1.80 18.18
CA ASP B 113 -13.67 -0.38 18.21
C ASP B 113 -14.63 -0.08 19.36
N GLY B 114 -14.67 1.18 19.77
CA GLY B 114 -15.53 1.58 20.87
C GLY B 114 -16.95 1.94 20.43
N ILE B 115 -17.54 1.10 19.59
CA ILE B 115 -18.89 1.31 19.08
C ILE B 115 -19.65 0.00 19.12
N ASP B 116 -20.90 0.05 19.59
CA ASP B 116 -21.77 -1.12 19.63
C ASP B 116 -22.30 -1.37 18.22
N LYS B 117 -21.52 -2.11 17.44
CA LYS B 117 -21.77 -2.23 16.01
C LYS B 117 -22.69 -3.41 15.70
N THR B 118 -22.30 -4.61 16.07
CA THR B 118 -22.99 -5.81 15.61
C THR B 118 -22.94 -5.88 14.09
N ASP B 119 -23.59 -6.88 13.49
CA ASP B 119 -23.49 -7.14 12.06
C ASP B 119 -24.86 -7.18 11.43
N ILE B 120 -24.92 -6.79 10.15
CA ILE B 120 -26.17 -6.76 9.41
C ILE B 120 -26.45 -8.10 8.72
N PHE B 121 -25.42 -8.84 8.36
CA PHE B 121 -25.54 -10.18 7.81
C PHE B 121 -24.41 -11.03 8.35
N PRO B 122 -24.60 -12.35 8.43
CA PRO B 122 -23.50 -13.22 8.85
C PRO B 122 -22.34 -13.24 7.88
N LEU B 123 -22.56 -12.84 6.63
CA LEU B 123 -21.46 -12.68 5.68
C LEU B 123 -20.53 -11.59 6.19
N LYS B 124 -19.24 -11.77 5.95
CA LYS B 124 -18.23 -10.96 6.64
C LYS B 124 -18.43 -9.47 6.39
N LYS B 125 -18.32 -9.04 5.13
CA LYS B 125 -18.33 -7.63 4.80
C LYS B 125 -19.64 -7.14 4.21
N LYS B 126 -20.52 -8.04 3.79
CA LYS B 126 -21.74 -7.63 3.12
C LYS B 126 -22.63 -6.82 4.04
N ARG B 127 -23.15 -5.70 3.53
CA ARG B 127 -24.14 -4.91 4.23
C ARG B 127 -25.38 -4.58 3.40
N ASP B 128 -25.27 -4.44 2.10
CA ASP B 128 -26.38 -4.03 1.24
C ASP B 128 -26.26 -4.79 -0.08
N PRO B 129 -27.31 -4.77 -0.90
CA PRO B 129 -27.31 -5.58 -2.12
C PRO B 129 -26.07 -5.34 -2.97
N ASP B 130 -25.71 -6.35 -3.75
CA ASP B 130 -24.56 -6.25 -4.64
C ASP B 130 -24.85 -5.27 -5.76
N SER B 131 -23.78 -4.65 -6.28
CA SER B 131 -23.88 -3.70 -7.39
C SER B 131 -24.00 -4.50 -8.69
N ASP B 132 -25.24 -4.69 -9.14
CA ASP B 132 -25.54 -5.57 -10.26
C ASP B 132 -25.51 -4.77 -11.56
N HIS B 133 -24.40 -4.89 -12.29
CA HIS B 133 -24.27 -4.26 -13.60
C HIS B 133 -23.15 -4.98 -14.35
N PHE B 134 -23.10 -4.78 -15.65
CA PHE B 134 -22.00 -5.32 -16.44
C PHE B 134 -20.74 -4.52 -16.14
N LYS B 135 -19.71 -5.19 -15.64
CA LYS B 135 -18.53 -4.54 -15.11
C LYS B 135 -17.48 -4.37 -16.21
N LYS B 136 -16.83 -3.21 -16.23
CA LYS B 136 -15.84 -2.91 -17.26
C LYS B 136 -14.59 -3.76 -17.06
N THR B 137 -14.15 -4.41 -18.12
CA THR B 137 -12.93 -5.20 -18.12
C THR B 137 -12.24 -5.07 -19.46
N GLY B 138 -10.93 -5.33 -19.48
CA GLY B 138 -10.20 -5.25 -20.73
C GLY B 138 -9.89 -3.82 -21.11
N GLY B 139 -9.86 -3.58 -22.41
CA GLY B 139 -9.50 -2.26 -22.90
C GLY B 139 -8.06 -1.95 -22.55
N ASP B 140 -7.84 -0.80 -21.92
CA ASP B 140 -6.51 -0.41 -21.48
C ASP B 140 -6.61 0.58 -20.34
N ASP B 141 -5.93 0.26 -19.23
CA ASP B 141 -5.86 1.15 -18.07
C ASP B 141 -4.52 1.87 -17.97
N ASP B 142 -3.42 1.26 -18.43
CA ASP B 142 -2.13 1.90 -18.42
C ASP B 142 -1.89 2.78 -19.64
N ASN B 143 -2.77 2.71 -20.64
CA ASN B 143 -2.76 3.62 -21.77
C ASN B 143 -4.15 4.20 -21.91
N PRO B 144 -4.64 4.94 -20.92
CA PRO B 144 -6.03 5.42 -20.97
C PRO B 144 -6.31 6.36 -22.13
N PHE B 145 -5.34 7.17 -22.54
CA PHE B 145 -5.58 8.21 -23.52
C PHE B 145 -5.27 7.79 -24.95
N LEU B 146 -4.81 6.55 -25.16
CA LEU B 146 -4.63 6.01 -26.51
C LEU B 146 -5.91 5.30 -26.95
N TYR B 147 -6.91 6.11 -27.27
CA TYR B 147 -8.23 5.60 -27.65
C TYR B 147 -8.12 4.69 -28.88
N MET C 1 35.21 -60.69 -5.91
CA MET C 1 34.23 -59.63 -5.55
C MET C 1 33.71 -58.92 -6.79
N PHE C 2 32.48 -58.43 -6.71
CA PHE C 2 31.89 -57.71 -7.83
C PHE C 2 32.68 -56.44 -8.13
N LEU C 3 32.33 -55.79 -9.23
CA LEU C 3 33.06 -54.62 -9.70
C LEU C 3 33.06 -53.52 -8.63
N ASP C 4 34.24 -53.04 -8.27
CA ASP C 4 34.36 -51.95 -7.30
C ASP C 4 34.32 -50.64 -8.07
N THR C 5 33.16 -49.97 -8.03
CA THR C 5 33.00 -48.72 -8.77
C THR C 5 33.92 -47.63 -8.23
N HIS C 6 34.40 -47.75 -7.01
CA HIS C 6 35.28 -46.77 -6.41
C HIS C 6 36.75 -47.07 -6.65
N LYS C 7 37.06 -48.12 -7.43
CA LYS C 7 38.44 -48.51 -7.64
C LYS C 7 39.18 -47.48 -8.50
N GLN C 8 40.46 -47.31 -8.20
CA GLN C 8 41.33 -46.47 -9.02
C GLN C 8 41.98 -47.33 -10.10
N LEU C 9 41.47 -47.24 -11.33
CA LEU C 9 41.91 -48.11 -12.41
C LEU C 9 43.23 -47.68 -13.02
N THR C 10 43.76 -46.51 -12.66
CA THR C 10 45.04 -46.02 -13.16
C THR C 10 45.98 -45.84 -11.98
N LEU C 11 47.10 -46.55 -12.00
CA LEU C 11 48.06 -46.52 -10.91
C LEU C 11 49.46 -46.66 -11.45
N PHE C 12 50.43 -46.22 -10.66
CA PHE C 12 51.83 -46.41 -11.01
C PHE C 12 52.22 -47.87 -10.76
N THR C 13 52.97 -48.45 -11.70
CA THR C 13 53.54 -49.76 -11.47
C THR C 13 54.82 -49.63 -10.65
N SER C 14 55.40 -50.77 -10.30
CA SER C 14 56.66 -50.76 -9.56
C SER C 14 57.80 -50.18 -10.38
N GLU C 15 57.59 -50.02 -11.69
CA GLU C 15 58.60 -49.41 -12.56
C GLU C 15 58.37 -47.92 -12.77
N GLY C 16 57.41 -47.32 -12.07
CA GLY C 16 57.14 -45.90 -12.20
C GLY C 16 56.20 -45.53 -13.33
N LYS C 17 55.75 -46.49 -14.12
CA LYS C 17 54.86 -46.21 -15.24
C LYS C 17 53.40 -46.33 -14.82
N LEU C 18 52.55 -45.56 -15.50
CA LEU C 18 51.11 -45.74 -15.34
C LEU C 18 50.63 -46.89 -16.19
N ASP C 19 50.12 -47.94 -15.55
CA ASP C 19 49.78 -49.16 -16.27
C ASP C 19 48.70 -48.91 -17.31
N GLN C 20 47.59 -48.29 -16.90
CA GLN C 20 46.45 -48.15 -17.80
C GLN C 20 46.67 -47.07 -18.85
N CYS C 21 47.45 -46.04 -18.54
CA CYS C 21 47.70 -44.99 -19.51
C CYS C 21 48.46 -45.53 -20.72
N ASP C 22 49.43 -46.41 -20.50
CA ASP C 22 50.14 -47.01 -21.62
C ASP C 22 49.23 -47.88 -22.46
N ASN C 23 48.32 -48.63 -21.83
CA ASN C 23 47.35 -49.40 -22.59
C ASN C 23 46.43 -48.51 -23.41
N ALA C 24 46.02 -47.37 -22.85
CA ALA C 24 45.21 -46.43 -23.61
C ALA C 24 45.98 -45.86 -24.79
N LEU C 25 47.27 -45.56 -24.59
CA LEU C 25 48.09 -45.10 -25.70
C LEU C 25 48.20 -46.17 -26.79
N LYS C 26 48.35 -47.43 -26.38
CA LYS C 26 48.37 -48.53 -27.35
C LYS C 26 47.05 -48.60 -28.11
N ALA C 27 45.93 -48.45 -27.40
CA ALA C 27 44.63 -48.48 -28.06
C ALA C 27 44.51 -47.35 -29.08
N ALA C 28 44.98 -46.16 -28.71
CA ALA C 28 44.94 -45.03 -29.63
C ALA C 28 45.84 -45.26 -30.83
N THR C 29 47.00 -45.88 -30.61
CA THR C 29 47.98 -46.06 -31.69
C THR C 29 47.44 -46.97 -32.78
N GLN C 30 46.46 -47.82 -32.46
CA GLN C 30 45.93 -48.75 -33.44
C GLN C 30 44.91 -48.12 -34.39
N GLY C 31 44.55 -46.86 -34.18
CA GLY C 31 43.51 -46.26 -34.99
C GLY C 31 43.97 -45.93 -36.40
N SER C 32 43.01 -45.55 -37.22
CA SER C 32 43.30 -45.20 -38.61
C SER C 32 44.26 -44.02 -38.67
N LEU C 33 45.18 -44.07 -39.64
CA LEU C 33 46.23 -43.06 -39.74
C LEU C 33 45.63 -41.69 -40.06
N SER C 34 46.20 -40.66 -39.46
CA SER C 34 45.86 -39.29 -39.76
C SER C 34 47.09 -38.43 -39.52
N VAL C 35 47.29 -37.43 -40.38
CA VAL C 35 48.53 -36.67 -40.42
C VAL C 35 48.22 -35.18 -40.44
N GLY C 36 49.22 -34.39 -40.14
CA GLY C 36 49.14 -32.95 -40.28
C GLY C 36 50.49 -32.40 -40.69
N CYS C 37 50.46 -31.38 -41.54
CA CYS C 37 51.67 -30.78 -42.09
C CYS C 37 51.60 -29.28 -41.90
N VAL C 38 52.54 -28.71 -41.14
CA VAL C 38 52.60 -27.26 -41.00
C VAL C 38 53.40 -26.67 -42.16
N SER C 39 53.04 -25.47 -42.57
CA SER C 39 53.69 -24.78 -43.68
C SER C 39 53.81 -23.30 -43.34
N GLU C 40 54.63 -22.60 -44.13
CA GLU C 40 54.81 -21.17 -43.91
C GLU C 40 53.55 -20.37 -44.23
N ASN C 41 52.61 -20.96 -44.96
CA ASN C 41 51.35 -20.30 -45.30
C ASN C 41 50.16 -20.86 -44.55
N GLY C 42 50.29 -22.01 -43.90
CA GLY C 42 49.19 -22.59 -43.16
C GLY C 42 49.53 -24.00 -42.72
N VAL C 43 48.49 -24.74 -42.35
CA VAL C 43 48.61 -26.09 -41.84
C VAL C 43 47.61 -26.98 -42.57
N VAL C 44 48.04 -28.19 -42.91
CA VAL C 44 47.17 -29.18 -43.54
C VAL C 44 46.88 -30.28 -42.53
N LEU C 45 45.70 -30.88 -42.64
CA LEU C 45 45.29 -31.98 -41.78
C LEU C 45 44.52 -32.98 -42.62
N ALA C 46 44.99 -34.22 -42.64
CA ALA C 46 44.39 -35.27 -43.44
C ALA C 46 44.25 -36.54 -42.63
N SER C 47 43.22 -37.32 -42.95
CA SER C 47 42.96 -38.59 -42.28
C SER C 47 42.27 -39.52 -43.25
N LEU C 48 42.35 -40.83 -42.97
CA LEU C 48 41.76 -41.85 -43.81
C LEU C 48 40.49 -42.39 -43.17
N LYS C 49 39.52 -42.73 -44.01
CA LYS C 49 38.23 -43.25 -43.58
C LYS C 49 38.09 -44.69 -44.06
N GLU C 50 37.67 -45.57 -43.15
CA GLU C 50 37.44 -46.96 -43.52
C GLU C 50 36.11 -47.09 -44.26
N SER C 51 36.13 -47.77 -45.40
CA SER C 51 34.94 -47.92 -46.23
C SER C 51 34.11 -49.14 -45.87
N ASN C 52 34.51 -49.91 -44.86
CA ASN C 52 33.78 -51.12 -44.51
C ASN C 52 32.46 -50.79 -43.83
N ASN C 53 31.60 -51.81 -43.72
CA ASN C 53 30.29 -51.70 -43.09
C ASN C 53 29.34 -50.81 -43.88
N LEU C 54 29.59 -50.61 -45.16
CA LEU C 54 28.71 -49.80 -46.02
C LEU C 54 28.57 -48.38 -45.49
N VAL C 55 29.60 -47.87 -44.83
CA VAL C 55 29.54 -46.51 -44.31
C VAL C 55 29.44 -45.54 -45.47
N ILE C 56 28.55 -44.56 -45.34
CA ILE C 56 28.41 -43.50 -46.35
C ILE C 56 29.60 -42.57 -46.16
N LEU C 57 30.63 -42.76 -46.98
CA LEU C 57 31.84 -41.96 -46.83
C LEU C 57 31.57 -40.49 -47.07
N SER C 58 30.62 -40.17 -47.95
CA SER C 58 30.29 -38.77 -48.20
C SER C 58 29.74 -38.08 -46.96
N GLU C 59 29.00 -38.81 -46.13
CA GLU C 59 28.42 -38.25 -44.92
C GLU C 59 29.25 -38.48 -43.67
N TYR C 60 29.99 -39.59 -43.60
CA TYR C 60 30.86 -39.85 -42.47
C TYR C 60 32.07 -38.94 -42.53
N LYS C 61 32.41 -38.33 -41.40
CA LYS C 61 33.48 -37.34 -41.32
C LYS C 61 34.52 -37.78 -40.30
N LYS C 62 35.79 -37.56 -40.65
CA LYS C 62 36.91 -37.85 -39.78
C LYS C 62 37.60 -36.61 -39.23
N ILE C 63 37.51 -35.48 -39.93
CA ILE C 63 38.07 -34.21 -39.46
C ILE C 63 36.91 -33.31 -39.07
N TYR C 64 36.98 -32.77 -37.86
CA TYR C 64 35.90 -31.98 -37.29
C TYR C 64 36.38 -30.58 -36.94
N GLN C 65 35.43 -29.64 -36.94
CA GLN C 65 35.71 -28.25 -36.64
C GLN C 65 35.22 -27.93 -35.23
N ILE C 66 36.10 -27.37 -34.42
CA ILE C 66 35.75 -26.93 -33.07
C ILE C 66 35.29 -25.49 -33.07
N SER C 67 36.05 -24.62 -33.72
CA SER C 67 35.72 -23.21 -33.86
C SER C 67 36.10 -22.79 -35.26
N PRO C 68 35.80 -21.55 -35.65
CA PRO C 68 36.18 -21.12 -37.01
C PRO C 68 37.66 -21.25 -37.30
N ASN C 69 38.52 -21.23 -36.27
CA ASN C 69 39.96 -21.27 -36.46
C ASN C 69 40.60 -22.59 -36.05
N LEU C 70 39.85 -23.51 -35.44
CA LEU C 70 40.38 -24.76 -34.94
C LEU C 70 39.74 -25.95 -35.64
N GLY C 71 40.54 -26.97 -35.91
CA GLY C 71 40.07 -28.25 -36.39
C GLY C 71 40.69 -29.36 -35.57
N ILE C 72 40.13 -30.57 -35.70
CA ILE C 72 40.56 -31.69 -34.88
C ILE C 72 40.32 -32.98 -35.64
N THR C 73 41.19 -33.95 -35.39
CA THR C 73 41.05 -35.31 -35.92
C THR C 73 41.69 -36.26 -34.91
N TYR C 74 41.35 -37.54 -35.02
CA TYR C 74 41.69 -38.49 -33.98
C TYR C 74 42.14 -39.81 -34.57
N SER C 75 42.88 -40.56 -33.76
CA SER C 75 43.16 -41.96 -33.98
C SER C 75 42.87 -42.71 -32.68
N GLY C 76 42.02 -43.73 -32.77
CA GLY C 76 41.58 -44.48 -31.62
C GLY C 76 40.15 -44.89 -31.76
N CYS C 77 39.50 -45.12 -30.63
CA CYS C 77 38.10 -45.54 -30.64
C CYS C 77 37.19 -44.33 -30.80
N GLN C 78 36.21 -44.45 -31.70
CA GLN C 78 35.35 -43.33 -32.03
C GLN C 78 34.55 -42.79 -30.85
N PRO C 79 33.92 -43.62 -30.00
CA PRO C 79 33.09 -43.05 -28.93
C PRO C 79 33.83 -42.11 -27.99
N ASP C 80 35.06 -42.46 -27.64
CA ASP C 80 35.86 -41.57 -26.80
C ASP C 80 36.12 -40.26 -27.51
N PHE C 81 36.37 -40.29 -28.81
CA PHE C 81 36.56 -39.05 -29.54
C PHE C 81 35.29 -38.22 -29.57
N ARG C 82 34.13 -38.88 -29.71
CA ARG C 82 32.89 -38.12 -29.74
C ARG C 82 32.65 -37.43 -28.40
N ILE C 83 32.93 -38.12 -27.30
CA ILE C 83 32.80 -37.46 -26.00
C ILE C 83 33.79 -36.32 -25.85
N GLN C 84 35.04 -36.53 -26.27
CA GLN C 84 36.03 -35.46 -26.20
C GLN C 84 35.67 -34.30 -27.12
N TYR C 85 34.97 -34.59 -28.22
CA TYR C 85 34.56 -33.54 -29.13
C TYR C 85 33.43 -32.71 -28.54
N ASN C 86 32.49 -33.37 -27.87
CA ASN C 86 31.49 -32.62 -27.10
C ASN C 86 32.17 -31.72 -26.08
N LEU C 87 33.15 -32.27 -25.37
CA LEU C 87 33.88 -31.48 -24.37
C LEU C 87 34.58 -30.29 -25.01
N SER C 88 35.24 -30.51 -26.16
CA SER C 88 35.95 -29.42 -26.82
C SER C 88 35.01 -28.35 -27.34
N LEU C 89 33.86 -28.75 -27.88
CA LEU C 89 32.87 -27.76 -28.29
C LEU C 89 32.40 -26.94 -27.10
N LYS C 90 32.17 -27.59 -25.96
CA LYS C 90 31.81 -26.85 -24.75
C LYS C 90 32.90 -25.84 -24.40
N ILE C 91 34.16 -26.27 -24.45
CA ILE C 91 35.27 -25.39 -24.09
C ILE C 91 35.29 -24.17 -25.00
N SER C 92 35.23 -24.39 -26.31
CA SER C 92 35.35 -23.29 -27.25
C SER C 92 34.15 -22.35 -27.14
N GLU C 93 32.95 -22.90 -26.96
CA GLU C 93 31.78 -22.05 -26.84
C GLU C 93 31.81 -21.24 -25.55
N GLU C 94 32.31 -21.82 -24.45
CA GLU C 94 32.46 -21.07 -23.22
C GLU C 94 33.44 -19.92 -23.39
N TYR C 95 34.58 -20.18 -24.04
CA TYR C 95 35.54 -19.11 -24.27
C TYR C 95 34.92 -18.02 -25.13
N THR C 96 34.17 -18.39 -26.16
CA THR C 96 33.54 -17.39 -27.01
C THR C 96 32.48 -16.60 -26.25
N ASP C 97 31.77 -17.24 -25.34
CA ASP C 97 30.83 -16.50 -24.50
C ASP C 97 31.55 -15.45 -23.67
N ILE C 98 32.66 -15.84 -23.03
CA ILE C 98 33.34 -14.90 -22.14
C ILE C 98 33.99 -13.78 -22.94
N TYR C 99 34.87 -14.12 -23.88
CA TYR C 99 35.71 -13.14 -24.55
C TYR C 99 35.20 -12.74 -25.93
N SER C 100 34.27 -13.48 -26.52
CA SER C 100 33.64 -13.11 -27.78
C SER C 100 34.56 -13.34 -28.97
N THR C 101 35.78 -13.81 -28.73
CA THR C 101 36.69 -14.11 -29.83
C THR C 101 36.88 -15.62 -29.97
N ASN C 102 37.45 -16.02 -31.11
CA ASN C 102 37.74 -17.42 -31.33
C ASN C 102 38.85 -17.89 -30.41
N ILE C 103 38.67 -19.07 -29.83
CA ILE C 103 39.60 -19.54 -28.80
C ILE C 103 40.98 -19.75 -29.41
N PRO C 104 42.04 -19.22 -28.82
CA PRO C 104 43.38 -19.50 -29.34
C PRO C 104 43.77 -20.96 -29.14
N ILE C 105 44.67 -21.42 -30.01
CA ILE C 105 45.01 -22.84 -30.03
C ILE C 105 45.58 -23.29 -28.69
N ARG C 106 46.49 -22.49 -28.11
CA ARG C 106 47.20 -22.93 -26.92
C ARG C 106 46.27 -22.97 -25.71
N LEU C 107 45.46 -21.92 -25.53
CA LEU C 107 44.54 -21.92 -24.40
C LEU C 107 43.54 -23.07 -24.52
N PHE C 108 43.03 -23.30 -25.72
CA PHE C 108 42.12 -24.42 -25.93
C PHE C 108 42.79 -25.74 -25.59
N VAL C 109 44.01 -25.93 -26.08
CA VAL C 109 44.69 -27.20 -25.85
C VAL C 109 44.94 -27.42 -24.37
N GLU C 110 45.29 -26.35 -23.64
CA GLU C 110 45.52 -26.47 -22.21
C GLU C 110 44.23 -26.86 -21.48
N GLN C 111 43.16 -26.09 -21.72
CA GLN C 111 41.90 -26.35 -21.02
C GLN C 111 41.34 -27.72 -21.40
N PHE C 112 41.61 -28.17 -22.63
CA PHE C 112 41.14 -29.47 -23.08
C PHE C 112 41.96 -30.58 -22.46
N SER C 113 43.27 -30.41 -22.40
CA SER C 113 44.15 -31.45 -21.89
C SER C 113 43.94 -31.65 -20.39
N ARG C 114 43.64 -30.58 -19.66
CA ARG C 114 43.37 -30.77 -18.24
C ARG C 114 42.14 -31.65 -18.03
N GLN C 115 41.08 -31.44 -18.80
CA GLN C 115 39.89 -32.27 -18.67
C GLN C 115 40.09 -33.68 -19.22
N ILE C 116 40.99 -33.85 -20.21
CA ILE C 116 41.37 -35.20 -20.62
C ILE C 116 42.08 -35.91 -19.47
N GLN C 117 43.04 -35.23 -18.85
CA GLN C 117 43.80 -35.82 -17.76
C GLN C 117 42.93 -36.13 -16.56
N GLU C 118 41.84 -35.38 -16.38
CA GLU C 118 40.91 -35.66 -15.28
C GLU C 118 40.62 -37.15 -15.16
N TYR C 119 40.55 -37.87 -16.28
CA TYR C 119 40.16 -39.27 -16.24
C TYR C 119 41.30 -40.21 -15.89
N THR C 120 42.55 -39.75 -15.90
CA THR C 120 43.65 -40.54 -15.37
C THR C 120 43.71 -40.50 -13.85
N ILE C 121 42.91 -39.65 -13.21
CA ILE C 121 42.80 -39.62 -11.76
C ILE C 121 41.38 -39.85 -11.28
N LYS C 122 40.40 -40.02 -12.16
CA LYS C 122 39.02 -40.21 -11.75
C LYS C 122 38.78 -41.66 -11.37
N LYS C 123 38.18 -41.86 -10.20
CA LYS C 123 37.93 -43.22 -9.71
C LYS C 123 36.91 -43.94 -10.60
N GLY C 124 37.18 -45.22 -10.85
CA GLY C 124 36.27 -46.02 -11.64
C GLY C 124 36.17 -45.61 -13.10
N TYR C 125 37.16 -44.89 -13.61
CA TYR C 125 37.16 -44.41 -14.99
C TYR C 125 38.50 -44.72 -15.63
N ARG C 126 38.45 -45.05 -16.92
CA ARG C 126 39.67 -45.27 -17.68
C ARG C 126 39.94 -44.09 -18.60
N PRO C 127 41.19 -43.85 -18.96
CA PRO C 127 41.50 -42.72 -19.85
C PRO C 127 40.93 -42.95 -21.25
N PHE C 128 40.68 -41.84 -21.94
CA PHE C 128 40.22 -41.91 -23.32
C PHE C 128 41.24 -42.64 -24.18
N GLY C 129 40.77 -43.56 -25.01
CA GLY C 129 41.66 -44.30 -25.89
C GLY C 129 41.80 -43.67 -27.26
N THR C 130 42.13 -42.38 -27.31
CA THR C 130 42.24 -41.66 -28.57
C THR C 130 43.41 -40.70 -28.54
N LEU C 131 44.14 -40.62 -29.65
CA LEU C 131 45.10 -39.58 -29.90
C LEU C 131 44.46 -38.51 -30.78
N LEU C 132 44.75 -37.24 -30.47
CA LEU C 132 44.09 -36.12 -31.13
C LEU C 132 45.12 -35.20 -31.76
N LEU C 133 44.86 -34.82 -33.00
CA LEU C 133 45.61 -33.78 -33.69
C LEU C 133 44.72 -32.55 -33.80
N ILE C 134 45.17 -31.43 -33.24
CA ILE C 134 44.41 -30.19 -33.25
C ILE C 134 45.18 -29.18 -34.08
N VAL C 135 44.53 -28.63 -35.10
CA VAL C 135 45.16 -27.73 -36.06
C VAL C 135 44.46 -26.38 -35.98
N GLY C 136 45.25 -25.32 -35.85
CA GLY C 136 44.71 -23.98 -35.79
C GLY C 136 45.75 -22.95 -35.42
N ASP C 137 45.50 -21.70 -35.80
CA ASP C 137 46.41 -20.59 -35.50
C ASP C 137 47.83 -20.92 -35.96
N ASN C 138 47.94 -21.52 -37.15
CA ASN C 138 49.23 -21.85 -37.75
C ASN C 138 50.05 -22.76 -36.87
N LYS C 139 49.42 -23.63 -36.09
CA LYS C 139 50.12 -24.53 -35.20
C LYS C 139 49.36 -25.84 -35.11
N MET C 140 50.05 -26.85 -34.58
CA MET C 140 49.51 -28.19 -34.45
C MET C 140 49.83 -28.72 -33.07
N TYR C 141 48.88 -29.43 -32.46
CA TYR C 141 49.09 -30.02 -31.15
C TYR C 141 48.61 -31.47 -31.17
N ARG C 142 49.46 -32.36 -30.68
CA ARG C 142 49.07 -33.75 -30.48
C ARG C 142 48.77 -33.98 -29.01
N VAL C 143 47.56 -34.47 -28.72
CA VAL C 143 47.10 -34.70 -27.36
C VAL C 143 46.87 -36.19 -27.18
N ASP C 144 47.44 -36.75 -26.12
CA ASP C 144 47.41 -38.19 -25.88
C ASP C 144 46.52 -38.51 -24.69
N PRO C 145 46.23 -39.80 -24.44
CA PRO C 145 45.34 -40.14 -23.33
C PRO C 145 45.81 -39.61 -21.98
N SER C 146 47.12 -39.43 -21.79
CA SER C 146 47.62 -38.92 -20.51
C SER C 146 47.18 -37.49 -20.26
N GLY C 147 46.67 -36.80 -21.26
CA GLY C 147 46.43 -35.37 -21.13
C GLY C 147 47.67 -34.54 -21.35
N SER C 148 48.69 -35.12 -21.96
CA SER C 148 49.92 -34.41 -22.29
C SER C 148 49.89 -34.01 -23.77
N TYR C 149 50.25 -32.76 -24.02
CA TYR C 149 50.17 -32.19 -25.36
C TYR C 149 51.54 -31.68 -25.78
N THR C 150 51.77 -31.67 -27.09
CA THR C 150 53.02 -31.19 -27.65
C THR C 150 52.74 -30.51 -28.98
N SER C 151 53.29 -29.32 -29.17
CA SER C 151 53.19 -28.66 -30.46
C SER C 151 54.14 -29.30 -31.46
N LEU C 152 53.67 -29.41 -32.70
CA LEU C 152 54.38 -30.17 -33.71
C LEU C 152 54.43 -29.41 -35.03
N GLN C 153 55.45 -29.70 -35.82
CA GLN C 153 55.53 -29.19 -37.19
C GLN C 153 54.96 -30.19 -38.18
N VAL C 154 55.35 -31.46 -38.07
CA VAL C 154 54.73 -32.56 -38.80
C VAL C 154 54.44 -33.66 -37.81
N GLY C 155 53.22 -34.16 -37.81
CA GLY C 155 52.79 -35.15 -36.84
C GLY C 155 51.92 -36.20 -37.47
N THR C 156 51.97 -37.41 -36.91
CA THR C 156 51.13 -38.52 -37.33
C THR C 156 50.59 -39.23 -36.10
N ILE C 157 49.35 -39.70 -36.22
CA ILE C 157 48.72 -40.50 -35.18
C ILE C 157 48.00 -41.66 -35.85
N GLY C 158 47.89 -42.76 -35.11
CA GLY C 158 47.33 -43.98 -35.67
C GLY C 158 48.40 -44.94 -36.12
N ARG C 159 48.08 -45.81 -37.07
CA ARG C 159 49.04 -46.79 -37.55
C ARG C 159 50.18 -46.10 -38.29
N GLU C 160 51.34 -46.75 -38.27
CA GLU C 160 52.52 -46.29 -39.00
C GLU C 160 52.91 -44.86 -38.63
N TYR C 161 52.81 -44.49 -37.35
CA TYR C 161 52.97 -43.09 -36.97
C TYR C 161 54.43 -42.65 -37.03
N THR C 162 55.36 -43.46 -36.52
CA THR C 162 56.75 -43.04 -36.49
C THR C 162 57.34 -42.93 -37.89
N GLU C 163 57.19 -43.98 -38.70
CA GLU C 163 57.76 -43.95 -40.05
C GLU C 163 57.05 -42.92 -40.92
N SER C 164 55.74 -42.76 -40.76
CA SER C 164 55.04 -41.70 -41.48
C SER C 164 55.56 -40.34 -41.05
N GLY C 165 55.75 -40.15 -39.74
CA GLY C 165 56.30 -38.90 -39.26
C GLY C 165 57.65 -38.59 -39.88
N ARG C 166 58.49 -39.62 -40.02
CA ARG C 166 59.76 -39.44 -40.72
C ARG C 166 59.53 -39.09 -42.18
N LEU C 167 58.56 -39.73 -42.83
CA LEU C 167 58.28 -39.42 -44.23
C LEU C 167 57.73 -38.01 -44.39
N LEU C 168 56.88 -37.56 -43.47
CA LEU C 168 56.37 -36.19 -43.53
C LEU C 168 57.52 -35.19 -43.54
N GLU C 169 58.59 -35.47 -42.80
CA GLU C 169 59.76 -34.60 -42.82
C GLU C 169 60.33 -34.49 -44.24
N ARG C 170 60.25 -35.57 -45.01
CA ARG C 170 60.68 -35.56 -46.40
C ARG C 170 59.64 -34.96 -47.33
N ARG C 171 58.44 -34.63 -46.83
CA ARG C 171 57.32 -34.25 -47.67
C ARG C 171 56.69 -32.94 -47.20
N LYS C 172 57.52 -31.99 -46.77
CA LYS C 172 57.05 -30.66 -46.44
C LYS C 172 57.23 -29.73 -47.64
N GLY C 173 56.62 -28.54 -47.54
CA GLY C 173 56.72 -27.57 -48.61
C GLY C 173 55.65 -26.49 -48.46
N MET C 174 55.51 -25.72 -49.52
CA MET C 174 54.53 -24.64 -49.54
C MET C 174 53.13 -25.22 -49.38
N LEU C 175 52.28 -24.51 -48.62
CA LEU C 175 50.96 -25.04 -48.29
C LEU C 175 50.19 -25.48 -49.53
N ASP C 176 50.22 -24.67 -50.58
CA ASP C 176 49.47 -25.02 -51.78
C ASP C 176 49.93 -26.35 -52.37
N ASP C 177 51.23 -26.63 -52.38
CA ASP C 177 51.72 -27.93 -52.81
C ASP C 177 51.85 -28.92 -51.65
N ASN C 178 51.87 -28.42 -50.41
CA ASN C 178 52.02 -29.31 -49.26
C ASN C 178 50.84 -30.26 -49.14
N ILE C 179 49.64 -29.85 -49.58
CA ILE C 179 48.49 -30.74 -49.52
C ILE C 179 48.74 -31.99 -50.36
N SER C 180 49.17 -31.80 -51.61
CA SER C 180 49.47 -32.95 -52.46
C SER C 180 50.70 -33.71 -51.96
N THR C 181 51.70 -32.99 -51.44
CA THR C 181 52.88 -33.66 -50.92
C THR C 181 52.52 -34.61 -49.79
N CYS C 182 51.70 -34.16 -48.84
CA CYS C 182 51.30 -34.99 -47.72
C CYS C 182 50.29 -36.06 -48.13
N VAL C 183 49.47 -35.80 -49.15
CA VAL C 183 48.61 -36.86 -49.68
C VAL C 183 49.46 -37.99 -50.27
N GLU C 184 50.53 -37.64 -50.98
CA GLU C 184 51.48 -38.65 -51.42
C GLU C 184 52.12 -39.36 -50.24
N CYS C 185 52.50 -38.60 -49.21
CA CYS C 185 53.13 -39.19 -48.04
C CYS C 185 52.24 -40.26 -47.43
N ILE C 186 50.96 -39.95 -47.22
CA ILE C 186 50.06 -40.90 -46.59
C ILE C 186 49.47 -41.91 -47.57
N ARG C 187 49.70 -41.75 -48.88
CA ARG C 187 49.30 -42.80 -49.80
C ARG C 187 50.16 -44.04 -49.62
N GLU C 188 51.32 -43.90 -48.98
CA GLU C 188 52.20 -45.01 -48.69
C GLU C 188 51.73 -45.84 -47.50
N TYR C 189 50.67 -45.43 -46.82
CA TYR C 189 50.21 -46.09 -45.59
C TYR C 189 48.72 -46.43 -45.64
N CYS C 190 48.19 -46.78 -46.81
CA CYS C 190 46.79 -47.17 -46.96
C CYS C 190 46.72 -48.55 -47.59
N GLY C 191 45.82 -49.39 -47.06
CA GLY C 191 45.72 -50.76 -47.51
C GLY C 191 45.15 -50.95 -48.90
N ARG C 192 44.46 -49.95 -49.44
CA ARG C 192 43.86 -50.04 -50.76
C ARG C 192 44.05 -48.71 -51.48
N SER C 193 43.87 -48.75 -52.80
CA SER C 193 43.97 -47.52 -53.58
C SER C 193 42.98 -46.50 -53.06
N VAL C 194 43.47 -45.29 -52.80
CA VAL C 194 42.66 -44.28 -52.13
C VAL C 194 41.83 -43.52 -53.16
N LYS C 195 40.51 -43.57 -53.00
CA LYS C 195 39.64 -42.66 -53.70
C LYS C 195 39.43 -41.41 -52.84
N SER C 196 38.91 -40.35 -53.47
CA SER C 196 38.64 -39.12 -52.74
C SER C 196 37.64 -39.34 -51.61
N GLU C 197 36.78 -40.35 -51.73
CA GLU C 197 35.83 -40.64 -50.66
C GLU C 197 36.55 -41.11 -49.40
N ASP C 198 37.73 -41.70 -49.54
CA ASP C 198 38.38 -42.39 -48.44
C ASP C 198 39.26 -41.48 -47.59
N ILE C 199 39.31 -40.18 -47.87
CA ILE C 199 40.21 -39.28 -47.17
C ILE C 199 39.50 -37.97 -46.88
N ASP C 200 39.70 -37.46 -45.67
CA ASP C 200 39.29 -36.11 -45.30
C ASP C 200 40.51 -35.21 -45.25
N ILE C 201 40.34 -33.96 -45.65
CA ILE C 201 41.41 -32.98 -45.62
C ILE C 201 40.87 -31.69 -45.01
N GLY C 202 41.58 -31.18 -44.01
CA GLY C 202 41.27 -29.88 -43.45
C GLY C 202 42.52 -29.03 -43.40
N VAL C 203 42.37 -27.79 -43.84
CA VAL C 203 43.50 -26.88 -44.02
C VAL C 203 43.22 -25.59 -43.28
N TYR C 204 44.18 -25.13 -42.49
CA TYR C 204 44.11 -23.82 -41.86
C TYR C 204 44.85 -22.80 -42.73
N ARG C 205 44.11 -21.85 -43.28
CA ARG C 205 44.65 -20.80 -44.10
C ARG C 205 44.30 -19.45 -43.49
N GLY C 206 45.30 -18.58 -43.35
CA GLY C 206 45.04 -17.26 -42.84
C GLY C 206 44.50 -17.28 -41.43
N GLN C 207 43.19 -17.01 -41.30
CA GLN C 207 42.56 -16.85 -39.99
C GLN C 207 41.47 -17.87 -39.69
N GLU C 208 41.26 -18.87 -40.54
CA GLU C 208 40.19 -19.82 -40.32
C GLU C 208 40.61 -21.21 -40.78
N PHE C 209 39.96 -22.21 -40.20
CA PHE C 209 40.13 -23.62 -40.57
C PHE C 209 38.87 -24.10 -41.27
N ARG C 210 39.05 -24.80 -42.39
CA ARG C 210 37.94 -25.31 -43.16
C ARG C 210 38.25 -26.72 -43.65
N VAL C 211 37.24 -27.58 -43.61
CA VAL C 211 37.40 -28.96 -44.06
C VAL C 211 36.98 -29.05 -45.52
N TYR C 212 37.86 -29.59 -46.35
CA TYR C 212 37.58 -29.71 -47.77
C TYR C 212 36.34 -30.56 -47.99
N SER C 213 35.50 -30.13 -48.94
CA SER C 213 34.38 -30.95 -49.38
C SER C 213 34.89 -32.11 -50.23
N LYS C 214 34.05 -33.14 -50.38
CA LYS C 214 34.46 -34.30 -51.15
C LYS C 214 34.84 -33.91 -52.58
N GLU C 215 34.24 -32.84 -53.11
CA GLU C 215 34.61 -32.38 -54.45
C GLU C 215 35.99 -31.76 -54.45
N GLU C 216 36.33 -31.00 -53.41
CA GLU C 216 37.67 -30.43 -53.32
C GLU C 216 38.72 -31.51 -53.22
N VAL C 217 38.46 -32.55 -52.41
CA VAL C 217 39.41 -33.64 -52.28
C VAL C 217 39.65 -34.33 -53.62
N GLN C 218 38.64 -34.34 -54.50
CA GLN C 218 38.86 -34.82 -55.85
C GLN C 218 39.86 -33.94 -56.59
N GLU C 219 39.73 -32.62 -56.43
CA GLU C 219 40.68 -31.70 -57.08
C GLU C 219 42.09 -31.97 -56.61
N VAL C 220 42.28 -32.18 -55.30
CA VAL C 220 43.60 -32.46 -54.77
C VAL C 220 44.14 -33.75 -55.38
N PHE C 221 43.28 -34.76 -55.55
CA PHE C 221 43.73 -36.02 -56.13
C PHE C 221 43.96 -35.91 -57.62
N ASP C 222 43.18 -35.09 -58.33
CA ASP C 222 43.45 -34.86 -59.74
C ASP C 222 44.86 -34.30 -59.93
N SER C 223 45.33 -33.47 -58.99
CA SER C 223 46.73 -33.05 -59.01
C SER C 223 47.66 -34.22 -58.71
N ILE C 224 47.24 -35.13 -57.82
CA ILE C 224 48.07 -36.29 -57.51
C ILE C 224 48.27 -37.15 -58.75
N ASN C 225 47.21 -37.42 -59.48
CA ASN C 225 47.27 -38.26 -60.66
C ASN C 225 47.64 -37.46 -61.91
N SER D 2 46.91 -52.06 -4.60
CA SER D 2 47.88 -51.07 -4.04
C SER D 2 47.14 -49.83 -3.52
N SER D 3 46.94 -48.84 -4.38
CA SER D 3 46.26 -47.61 -3.99
C SER D 3 46.99 -46.94 -2.83
N ASN D 4 46.42 -45.86 -2.29
CA ASN D 4 47.04 -45.09 -1.22
C ASN D 4 46.70 -45.75 0.12
N THR D 5 47.53 -46.72 0.50
CA THR D 5 47.41 -47.41 1.77
C THR D 5 48.80 -47.82 2.24
N PHE D 6 48.93 -48.03 3.55
CA PHE D 6 50.22 -48.39 4.11
C PHE D 6 50.54 -49.86 3.80
N THR D 7 51.67 -50.32 4.33
CA THR D 7 52.09 -51.71 4.18
C THR D 7 52.85 -52.13 5.43
N GLU D 8 53.16 -53.43 5.50
CA GLU D 8 53.89 -53.95 6.64
C GLU D 8 55.14 -53.12 6.89
N GLU D 9 55.81 -52.72 5.81
CA GLU D 9 57.00 -51.89 5.93
C GLU D 9 56.69 -50.48 6.46
N GLY D 10 55.42 -50.10 6.52
CA GLY D 10 55.07 -48.76 6.96
C GLY D 10 55.33 -47.67 5.94
N ARG D 11 55.09 -47.95 4.66
CA ARG D 11 55.37 -46.99 3.60
C ARG D 11 54.27 -47.06 2.55
N LEU D 12 54.00 -45.92 1.92
CA LEU D 12 52.98 -45.84 0.86
C LEU D 12 53.66 -46.19 -0.45
N LEU D 13 53.48 -47.44 -0.88
CA LEU D 13 54.18 -47.92 -2.07
C LEU D 13 53.79 -47.12 -3.30
N GLN D 14 52.52 -46.70 -3.38
CA GLN D 14 52.09 -45.91 -4.53
C GLN D 14 52.83 -44.59 -4.60
N THR D 15 53.03 -43.93 -3.46
CA THR D 15 53.80 -42.68 -3.45
C THR D 15 55.26 -42.94 -3.82
N GLU D 16 55.83 -44.05 -3.39
CA GLU D 16 57.21 -44.38 -3.75
C GLU D 16 57.33 -44.59 -5.26
N TYR D 17 56.37 -45.28 -5.87
CA TYR D 17 56.38 -45.45 -7.32
C TYR D 17 56.18 -44.12 -8.04
N ALA D 18 55.33 -43.25 -7.50
CA ALA D 18 55.17 -41.92 -8.09
C ALA D 18 56.48 -41.15 -8.04
N ILE D 19 57.20 -41.24 -6.92
CA ILE D 19 58.49 -40.56 -6.80
C ILE D 19 59.48 -41.15 -7.80
N LYS D 20 59.49 -42.48 -7.94
CA LYS D 20 60.36 -43.11 -8.92
C LYS D 20 60.05 -42.61 -10.33
N ASN D 21 58.77 -42.38 -10.61
CA ASN D 21 58.38 -41.88 -11.93
C ASN D 21 59.09 -40.58 -12.26
N VAL D 22 59.34 -39.74 -11.26
CA VAL D 22 59.90 -38.41 -11.51
C VAL D 22 61.29 -38.54 -12.13
N SER D 23 62.09 -39.48 -11.63
CA SER D 23 63.47 -39.60 -12.09
C SER D 23 63.56 -39.94 -13.58
N LYS D 24 62.48 -40.42 -14.18
CA LYS D 24 62.47 -40.67 -15.62
C LYS D 24 62.16 -39.43 -16.44
N GLY D 25 61.81 -38.32 -15.80
CA GLY D 25 61.48 -37.11 -16.53
C GLY D 25 62.70 -36.31 -16.93
N GLY D 26 62.45 -35.24 -17.67
CA GLY D 26 63.55 -34.39 -18.10
C GLY D 26 64.24 -33.73 -16.92
N THR D 27 65.54 -33.53 -17.05
CA THR D 27 66.32 -33.00 -15.95
C THR D 27 65.97 -31.54 -15.69
N ILE D 28 65.82 -31.19 -14.42
CA ILE D 28 65.62 -29.81 -13.99
C ILE D 28 66.53 -29.56 -12.79
N ILE D 29 67.14 -28.38 -12.77
CA ILE D 29 68.12 -28.03 -11.75
C ILE D 29 67.77 -26.66 -11.18
N GLY D 30 68.19 -26.43 -9.95
CA GLY D 30 68.00 -25.13 -9.32
C GLY D 30 69.18 -24.82 -8.42
N LEU D 31 69.48 -23.53 -8.30
CA LEU D 31 70.61 -23.08 -7.48
C LEU D 31 70.34 -21.68 -6.98
N VAL D 32 70.46 -21.48 -5.67
CA VAL D 32 70.35 -20.16 -5.08
C VAL D 32 71.72 -19.50 -5.11
N CYS D 33 71.76 -18.23 -5.47
CA CYS D 33 73.00 -17.47 -5.58
C CYS D 33 72.86 -16.15 -4.82
N LYS D 34 73.90 -15.32 -4.93
CA LYS D 34 73.90 -14.06 -4.22
C LYS D 34 72.79 -13.14 -4.71
N ASP D 35 72.62 -13.05 -6.03
CA ASP D 35 71.74 -12.07 -6.63
C ASP D 35 70.50 -12.67 -7.27
N GLY D 36 70.27 -13.97 -7.14
CA GLY D 36 69.11 -14.57 -7.75
C GLY D 36 69.13 -16.08 -7.63
N VAL D 37 68.23 -16.70 -8.37
CA VAL D 37 68.06 -18.15 -8.38
C VAL D 37 68.11 -18.61 -9.83
N ILE D 38 68.95 -19.61 -10.11
CA ILE D 38 69.00 -20.22 -11.43
C ILE D 38 68.00 -21.36 -11.47
N LEU D 39 67.13 -21.36 -12.47
CA LEU D 39 66.24 -22.48 -12.74
C LEU D 39 66.57 -23.02 -14.13
N LEU D 40 66.97 -24.28 -14.20
CA LEU D 40 67.44 -24.89 -15.43
C LEU D 40 66.62 -26.14 -15.71
N GLY D 41 66.30 -26.34 -16.99
CA GLY D 41 65.57 -27.52 -17.40
C GLY D 41 66.10 -28.04 -18.72
N ILE D 42 66.03 -29.35 -18.89
CA ILE D 42 66.50 -30.02 -20.09
C ILE D 42 65.30 -30.67 -20.78
N ASN D 43 64.95 -30.16 -21.94
CA ASN D 43 63.88 -30.75 -22.73
C ASN D 43 64.41 -31.93 -23.54
N LYS D 44 63.48 -32.70 -24.12
CA LYS D 44 63.84 -33.81 -24.98
C LYS D 44 63.94 -33.40 -26.45
N THR D 45 63.55 -32.17 -26.79
CA THR D 45 63.54 -31.72 -28.18
C THR D 45 63.70 -30.20 -28.21
N GLU D 46 64.10 -29.70 -29.37
CA GLU D 46 64.20 -28.26 -29.57
C GLU D 46 62.82 -27.63 -29.40
N LEU D 47 62.72 -26.67 -28.48
CA LEU D 47 61.41 -26.16 -28.07
C LEU D 47 61.39 -24.65 -27.91
N LEU D 48 61.96 -23.91 -28.85
CA LEU D 48 61.86 -22.45 -28.79
C LEU D 48 60.43 -21.96 -28.97
N ASP D 49 59.53 -22.82 -29.47
CA ASP D 49 58.16 -22.39 -29.71
C ASP D 49 57.52 -21.86 -28.43
N GLU D 50 57.72 -22.57 -27.31
CA GLU D 50 57.16 -22.14 -26.04
C GLU D 50 57.95 -22.79 -24.92
N ARG D 51 58.05 -22.09 -23.79
CA ARG D 51 58.67 -22.68 -22.61
C ARG D 51 57.85 -23.86 -22.13
N GLU D 52 58.54 -24.94 -21.77
CA GLU D 52 57.87 -26.17 -21.35
C GLU D 52 58.38 -26.73 -20.03
N LYS D 53 59.59 -26.39 -19.59
CA LYS D 53 60.12 -26.93 -18.35
C LYS D 53 60.03 -25.93 -17.20
N ILE D 54 60.00 -24.64 -17.48
CA ILE D 54 59.95 -23.60 -16.46
C ILE D 54 58.76 -22.70 -16.74
N TYR D 55 57.99 -22.40 -15.69
CA TYR D 55 56.78 -21.61 -15.82
C TYR D 55 56.79 -20.50 -14.77
N LYS D 56 55.81 -19.61 -14.88
CA LYS D 56 55.60 -18.53 -13.93
C LYS D 56 54.28 -18.73 -13.20
N ILE D 57 54.31 -18.56 -11.88
CA ILE D 57 53.11 -18.62 -11.06
C ILE D 57 52.55 -17.23 -10.78
N ASN D 58 53.39 -16.35 -10.25
CA ASN D 58 53.01 -14.96 -10.03
C ASN D 58 54.27 -14.12 -10.19
N PRO D 59 54.17 -12.78 -10.11
CA PRO D 59 55.33 -11.94 -10.42
C PRO D 59 56.61 -12.30 -9.68
N LYS D 60 56.52 -13.13 -8.63
CA LYS D 60 57.71 -13.46 -7.86
C LYS D 60 57.79 -14.94 -7.47
N VAL D 61 57.30 -15.84 -8.31
CA VAL D 61 57.46 -17.28 -8.11
C VAL D 61 57.49 -17.97 -9.47
N TYR D 62 58.52 -18.77 -9.69
CA TYR D 62 58.65 -19.58 -10.89
C TYR D 62 58.85 -21.03 -10.48
N VAL D 63 58.44 -21.96 -11.33
CA VAL D 63 58.48 -23.38 -11.03
C VAL D 63 59.10 -24.14 -12.20
N SER D 64 59.94 -25.12 -11.87
CA SER D 64 60.42 -26.10 -12.83
C SER D 64 59.62 -27.40 -12.68
N VAL D 65 59.60 -28.21 -13.74
CA VAL D 65 58.71 -29.35 -13.83
C VAL D 65 59.50 -30.59 -14.24
N SER D 66 59.24 -31.70 -13.57
CA SER D 66 59.76 -33.01 -13.96
C SER D 66 58.76 -34.08 -13.56
N GLY D 67 58.46 -34.98 -14.49
CA GLY D 67 57.52 -36.04 -14.27
C GLY D 67 56.34 -35.97 -15.22
N LEU D 68 55.22 -36.54 -14.76
CA LEU D 68 54.00 -36.61 -15.57
C LEU D 68 53.57 -35.21 -16.00
N PHE D 69 53.58 -34.96 -17.30
CA PHE D 69 53.29 -33.62 -17.80
C PHE D 69 51.83 -33.23 -17.56
N GLY D 70 50.89 -34.16 -17.70
CA GLY D 70 49.50 -33.80 -17.50
C GLY D 70 49.22 -33.34 -16.07
N ASP D 71 49.66 -34.13 -15.09
CA ASP D 71 49.50 -33.74 -13.69
C ASP D 71 50.26 -32.45 -13.40
N ALA D 72 51.45 -32.32 -13.99
CA ALA D 72 52.25 -31.12 -13.75
C ALA D 72 51.52 -29.87 -14.21
N MET D 73 50.95 -29.89 -15.42
CA MET D 73 50.22 -28.73 -15.90
C MET D 73 48.93 -28.52 -15.11
N LEU D 74 48.26 -29.60 -14.72
CA LEU D 74 47.06 -29.46 -13.88
C LEU D 74 47.39 -28.68 -12.62
N LEU D 75 48.41 -29.11 -11.88
CA LEU D 75 48.74 -28.45 -10.63
C LEU D 75 49.44 -27.11 -10.84
N LYS D 76 50.09 -26.90 -11.99
CA LYS D 76 50.61 -25.57 -12.31
C LYS D 76 49.45 -24.59 -12.46
N LYS D 77 48.42 -24.97 -13.19
CA LYS D 77 47.25 -24.12 -13.33
C LYS D 77 46.57 -23.93 -11.97
N TYR D 78 46.50 -24.98 -11.16
CA TYR D 78 45.92 -24.85 -9.83
C TYR D 78 46.70 -23.85 -8.99
N GLY D 79 48.03 -23.93 -9.02
CA GLY D 79 48.83 -23.00 -8.25
C GLY D 79 48.70 -21.57 -8.73
N GLN D 80 48.62 -21.38 -10.05
CA GLN D 80 48.40 -20.04 -10.58
C GLN D 80 47.05 -19.49 -10.13
N VAL D 81 46.01 -20.33 -10.19
CA VAL D 81 44.69 -19.89 -9.77
C VAL D 81 44.69 -19.53 -8.29
N LYS D 82 45.40 -20.32 -7.48
CA LYS D 82 45.44 -20.03 -6.05
C LYS D 82 46.25 -18.78 -5.75
N ALA D 83 47.32 -18.53 -6.51
CA ALA D 83 48.06 -17.28 -6.34
C ALA D 83 47.18 -16.08 -6.68
N GLN D 84 46.40 -16.20 -7.75
CA GLN D 84 45.47 -15.12 -8.10
C GLN D 84 44.38 -14.96 -7.06
N ASP D 85 43.92 -16.07 -6.46
CA ASP D 85 42.95 -15.97 -5.37
C ASP D 85 43.55 -15.27 -4.16
N PHE D 86 44.81 -15.54 -3.86
CA PHE D 86 45.49 -14.84 -2.77
C PHE D 86 45.57 -13.34 -3.06
N LEU D 87 45.93 -12.99 -4.29
CA LEU D 87 45.99 -11.57 -4.66
C LEU D 87 44.60 -10.94 -4.54
N TYR D 88 43.57 -11.66 -4.95
CA TYR D 88 42.20 -11.16 -4.81
C TYR D 88 41.86 -10.94 -3.33
N GLU D 89 42.26 -11.87 -2.48
CA GLU D 89 41.97 -11.76 -1.05
C GLU D 89 42.67 -10.56 -0.43
N PHE D 90 44.00 -10.55 -0.46
CA PHE D 90 44.78 -9.59 0.31
C PHE D 90 45.39 -8.48 -0.53
N ASP D 91 45.14 -8.46 -1.84
CA ASP D 91 45.57 -7.37 -2.71
C ASP D 91 47.09 -7.22 -2.75
N TYR D 92 47.81 -8.34 -2.67
CA TYR D 92 49.22 -8.35 -3.00
C TYR D 92 49.65 -9.77 -3.28
N ASP D 93 50.75 -9.91 -4.02
CA ASP D 93 51.21 -11.22 -4.46
C ASP D 93 51.88 -11.99 -3.34
N CYS D 94 51.65 -13.29 -3.32
CA CYS D 94 52.19 -14.15 -2.27
C CYS D 94 53.63 -14.55 -2.57
N ASP D 95 54.32 -15.02 -1.54
CA ASP D 95 55.70 -15.47 -1.69
C ASP D 95 55.76 -16.94 -2.08
N ILE D 96 56.99 -17.46 -2.15
CA ILE D 96 57.21 -18.84 -2.57
C ILE D 96 56.50 -19.81 -1.63
N ASP D 97 56.50 -19.50 -0.32
CA ASP D 97 55.91 -20.40 0.65
C ASP D 97 54.44 -20.66 0.38
N ARG D 98 53.69 -19.66 -0.07
CA ARG D 98 52.26 -19.86 -0.27
C ARG D 98 51.99 -20.80 -1.44
N ILE D 99 52.73 -20.64 -2.53
CA ILE D 99 52.56 -21.54 -3.67
C ILE D 99 52.97 -22.97 -3.28
N CYS D 100 54.11 -23.08 -2.57
CA CYS D 100 54.51 -24.38 -2.05
C CYS D 100 53.39 -25.00 -1.22
N ASN D 101 52.76 -24.20 -0.36
CA ASN D 101 51.71 -24.72 0.51
C ASN D 101 50.51 -25.19 -0.30
N PHE D 102 50.08 -24.39 -1.29
CA PHE D 102 48.96 -24.81 -2.12
C PHE D 102 49.24 -26.16 -2.76
N ILE D 103 50.37 -26.26 -3.46
CA ILE D 103 50.64 -27.46 -4.24
C ILE D 103 50.88 -28.65 -3.33
N SER D 104 51.57 -28.44 -2.21
CA SER D 104 51.82 -29.51 -1.26
C SER D 104 50.52 -30.00 -0.65
N GLU D 105 49.61 -29.09 -0.32
CA GLU D 105 48.32 -29.51 0.24
C GLU D 105 47.56 -30.37 -0.75
N LYS D 106 47.50 -29.95 -2.02
CA LYS D 106 46.78 -30.77 -2.99
C LYS D 106 47.46 -32.12 -3.19
N LYS D 107 48.79 -32.13 -3.27
CA LYS D 107 49.51 -33.39 -3.46
C LYS D 107 49.27 -34.34 -2.29
N GLN D 108 49.35 -33.81 -1.07
CA GLN D 108 49.09 -34.65 0.09
C GLN D 108 47.67 -35.19 0.08
N LEU D 109 46.70 -34.36 -0.31
CA LEU D 109 45.34 -34.84 -0.42
C LEU D 109 45.27 -36.01 -1.38
N PHE D 110 46.01 -35.93 -2.50
CA PHE D 110 45.94 -37.01 -3.48
C PHE D 110 46.73 -38.25 -3.06
N THR D 111 47.73 -38.14 -2.19
CA THR D 111 48.40 -39.31 -1.64
C THR D 111 47.74 -39.83 -0.38
N GLN D 112 46.72 -39.16 0.13
CA GLN D 112 45.95 -39.67 1.26
C GLN D 112 44.61 -40.26 0.87
N TYR D 113 44.03 -39.82 -0.24
CA TYR D 113 42.75 -40.35 -0.68
C TYR D 113 42.97 -41.73 -1.30
N ASN D 114 42.20 -42.72 -0.85
CA ASN D 114 42.44 -44.10 -1.26
C ASN D 114 42.07 -44.32 -2.72
N SER D 115 41.01 -43.67 -3.19
CA SER D 115 40.49 -43.90 -4.53
C SER D 115 41.14 -43.01 -5.58
N THR D 116 42.33 -42.48 -5.33
CA THR D 116 43.06 -41.68 -6.30
C THR D 116 44.54 -42.02 -6.22
N ARG D 117 45.28 -41.63 -7.25
CA ARG D 117 46.71 -41.92 -7.33
C ARG D 117 47.52 -40.64 -7.13
N PRO D 118 48.73 -40.75 -6.59
CA PRO D 118 49.56 -39.55 -6.41
C PRO D 118 49.91 -38.89 -7.74
N PHE D 119 50.18 -37.60 -7.67
CA PHE D 119 50.66 -36.86 -8.84
C PHE D 119 52.11 -37.23 -9.10
N GLY D 120 52.40 -37.73 -10.29
CA GLY D 120 53.73 -38.18 -10.62
C GLY D 120 54.62 -37.10 -11.20
N PHE D 121 54.90 -36.06 -10.41
CA PHE D 121 55.79 -35.00 -10.83
C PHE D 121 56.31 -34.25 -9.62
N SER D 122 57.40 -33.52 -9.81
CA SER D 122 58.02 -32.71 -8.77
C SER D 122 58.25 -31.30 -9.28
N PHE D 123 58.12 -30.33 -8.38
CA PHE D 123 58.33 -28.93 -8.70
C PHE D 123 59.57 -28.41 -7.96
N ILE D 124 60.22 -27.42 -8.56
CA ILE D 124 61.21 -26.60 -7.90
C ILE D 124 60.74 -25.16 -7.98
N TYR D 125 60.59 -24.52 -6.83
CA TYR D 125 60.05 -23.17 -6.75
C TYR D 125 61.20 -22.18 -6.55
N ALA D 126 61.28 -21.19 -7.41
CA ALA D 126 62.21 -20.08 -7.25
C ALA D 126 61.45 -18.84 -6.80
N GLY D 127 61.95 -18.19 -5.77
CA GLY D 127 61.23 -17.06 -5.21
C GLY D 127 62.07 -16.36 -4.16
N MET D 128 61.41 -15.48 -3.42
CA MET D 128 62.05 -14.71 -2.37
C MET D 128 61.19 -14.77 -1.11
N LYS D 129 61.83 -14.55 0.02
CA LYS D 129 61.14 -14.43 1.30
C LYS D 129 62.03 -13.65 2.26
N ASN D 130 61.43 -12.70 2.98
CA ASN D 130 62.17 -11.87 3.92
C ASN D 130 63.35 -11.19 3.22
N ASN D 131 63.14 -10.83 1.96
CA ASN D 131 64.13 -10.11 1.15
C ASN D 131 65.38 -10.95 0.87
N LYS D 132 65.26 -12.28 0.89
CA LYS D 132 66.34 -13.17 0.53
C LYS D 132 65.81 -14.28 -0.38
N PHE D 133 66.58 -14.62 -1.40
CA PHE D 133 66.14 -15.61 -2.37
C PHE D 133 66.01 -16.98 -1.72
N LYS D 134 65.10 -17.79 -2.28
CA LYS D 134 64.77 -19.09 -1.73
C LYS D 134 64.54 -20.07 -2.86
N LEU D 135 64.70 -21.36 -2.57
CA LEU D 135 64.53 -22.41 -3.56
C LEU D 135 63.92 -23.61 -2.86
N CYS D 136 62.63 -23.86 -3.11
CA CYS D 136 61.90 -24.96 -2.51
C CYS D 136 61.73 -26.10 -3.51
N SER D 137 61.13 -27.18 -3.05
CA SER D 137 60.82 -28.31 -3.90
C SER D 137 59.65 -29.07 -3.29
N THR D 138 58.92 -29.79 -4.14
CA THR D 138 57.78 -30.58 -3.69
C THR D 138 57.81 -31.91 -4.43
N ASP D 139 57.81 -33.01 -3.67
CA ASP D 139 57.79 -34.34 -4.26
C ASP D 139 56.34 -34.77 -4.47
N PRO D 140 56.13 -35.87 -5.20
CA PRO D 140 54.77 -36.44 -5.28
C PRO D 140 54.14 -36.68 -3.92
N SER D 141 54.93 -37.01 -2.90
CA SER D 141 54.39 -37.22 -1.58
C SER D 141 53.78 -35.93 -1.00
N GLY D 142 54.25 -34.77 -1.47
CA GLY D 142 53.83 -33.50 -0.94
C GLY D 142 54.80 -32.86 0.03
N THR D 143 55.91 -33.52 0.33
CA THR D 143 56.90 -32.93 1.21
C THR D 143 57.51 -31.69 0.58
N ILE D 144 57.77 -30.68 1.40
CA ILE D 144 58.39 -29.43 0.96
C ILE D 144 59.83 -29.42 1.47
N ASN D 145 60.78 -29.29 0.56
CA ASN D 145 62.19 -29.24 0.89
C ASN D 145 62.79 -27.94 0.37
N GLU D 146 63.44 -27.19 1.24
CA GLU D 146 64.21 -26.03 0.82
C GLU D 146 65.63 -26.46 0.48
N TRP D 147 66.18 -25.83 -0.55
CA TRP D 147 67.48 -26.23 -1.07
C TRP D 147 68.35 -25.02 -1.36
N LYS D 148 69.65 -25.19 -1.19
CA LYS D 148 70.62 -24.32 -1.85
C LYS D 148 70.75 -24.70 -3.32
N GLY D 149 70.65 -25.99 -3.61
CA GLY D 149 70.64 -26.48 -4.97
C GLY D 149 70.09 -27.88 -5.01
N VAL D 150 69.44 -28.23 -6.12
CA VAL D 150 68.76 -29.52 -6.23
C VAL D 150 68.62 -29.86 -7.71
N CYS D 151 68.41 -31.14 -8.00
CA CYS D 151 68.15 -31.61 -9.35
C CYS D 151 67.13 -32.72 -9.32
N PHE D 152 66.33 -32.79 -10.38
CA PHE D 152 65.33 -33.84 -10.55
C PHE D 152 65.31 -34.27 -12.01
N GLY D 153 64.85 -35.49 -12.25
CA GLY D 153 64.77 -36.03 -13.58
C GLY D 153 65.93 -36.94 -13.92
N GLU D 154 66.14 -37.13 -15.22
CA GLU D 154 67.24 -37.96 -15.68
C GLU D 154 68.56 -37.42 -15.14
N ASN D 155 69.41 -38.33 -14.66
CA ASN D 155 70.67 -38.00 -13.99
C ASN D 155 70.44 -37.24 -12.69
N GLU D 156 69.28 -37.42 -12.06
CA GLU D 156 68.99 -36.69 -10.83
C GLU D 156 70.00 -37.02 -9.74
N ASP D 157 70.28 -38.31 -9.54
CA ASP D 157 71.19 -38.71 -8.47
C ASP D 157 72.61 -38.21 -8.74
N ALA D 158 73.08 -38.35 -9.98
CA ALA D 158 74.45 -37.91 -10.29
C ALA D 158 74.62 -36.42 -10.09
N ILE D 159 73.66 -35.62 -10.59
CA ILE D 159 73.77 -34.18 -10.46
C ILE D 159 73.62 -33.76 -9.00
N ASN D 160 72.75 -34.43 -8.26
CA ASN D 160 72.60 -34.12 -6.85
C ASN D 160 73.89 -34.43 -6.09
N ASN D 161 74.54 -35.54 -6.41
CA ASN D 161 75.81 -35.86 -5.77
C ASN D 161 76.87 -34.82 -6.12
N GLY D 162 76.92 -34.42 -7.39
CA GLY D 162 77.85 -33.38 -7.78
C GLY D 162 77.63 -32.10 -7.00
N LEU D 163 76.37 -31.69 -6.84
CA LEU D 163 76.07 -30.52 -6.03
C LEU D 163 76.48 -30.73 -4.58
N ARG D 164 76.29 -31.96 -4.07
CA ARG D 164 76.68 -32.26 -2.70
C ARG D 164 78.17 -32.05 -2.48
N ASN D 165 79.01 -32.61 -3.36
CA ASN D 165 80.44 -32.66 -3.08
C ASN D 165 81.33 -32.08 -4.18
N ASP D 166 80.78 -31.59 -5.30
CA ASP D 166 81.58 -30.97 -6.34
C ASP D 166 81.32 -29.48 -6.48
N PHE D 167 80.19 -29.00 -5.99
CA PHE D 167 79.88 -27.58 -6.10
C PHE D 167 80.60 -26.79 -5.01
N PRO D 168 81.33 -25.73 -5.35
CA PRO D 168 82.01 -24.95 -4.30
C PRO D 168 81.02 -24.35 -3.31
N ASP D 169 81.43 -24.31 -2.04
CA ASP D 169 80.64 -23.68 -1.00
C ASP D 169 80.70 -22.16 -1.08
N GLU D 170 81.53 -21.61 -1.97
CA GLU D 170 81.71 -20.17 -2.05
C GLU D 170 80.44 -19.49 -2.56
N GLU D 171 80.01 -18.44 -1.87
CA GLU D 171 78.91 -17.63 -2.37
C GLU D 171 79.32 -16.93 -3.66
N MET D 172 78.44 -16.96 -4.65
CA MET D 172 78.77 -16.51 -5.98
C MET D 172 77.55 -15.93 -6.66
N ASP D 173 77.76 -14.95 -7.53
CA ASP D 173 76.68 -14.43 -8.34
C ASP D 173 76.26 -15.46 -9.39
N MET D 174 75.02 -15.34 -9.85
CA MET D 174 74.42 -16.41 -10.63
C MET D 174 75.11 -16.65 -11.97
N GLU D 175 75.94 -15.72 -12.44
CA GLU D 175 76.75 -16.01 -13.62
C GLU D 175 77.73 -17.14 -13.34
N ARG D 176 78.54 -17.00 -12.28
CA ARG D 176 79.43 -18.07 -11.91
C ARG D 176 78.65 -19.28 -11.41
N GLY D 177 77.45 -19.04 -10.86
CA GLY D 177 76.61 -20.17 -10.46
C GLY D 177 76.23 -21.05 -11.64
N LEU D 178 75.78 -20.43 -12.74
CA LEU D 178 75.46 -21.20 -13.93
C LEU D 178 76.71 -21.82 -14.53
N PHE D 179 77.84 -21.09 -14.48
CA PHE D 179 79.09 -21.66 -14.98
C PHE D 179 79.44 -22.94 -14.21
N GLU D 180 79.32 -22.90 -12.88
CA GLU D 180 79.62 -24.08 -12.07
C GLU D 180 78.60 -25.19 -12.28
N ILE D 181 77.33 -24.83 -12.47
CA ILE D 181 76.31 -25.84 -12.76
C ILE D 181 76.68 -26.58 -14.05
N PHE D 182 77.06 -25.84 -15.09
CA PHE D 182 77.48 -26.47 -16.32
C PHE D 182 78.75 -27.29 -16.13
N LYS D 183 79.68 -26.81 -15.29
CA LYS D 183 80.89 -27.57 -15.01
C LYS D 183 80.54 -28.94 -14.45
N ILE D 184 79.74 -28.98 -13.38
CA ILE D 184 79.44 -30.25 -12.73
C ILE D 184 78.58 -31.12 -13.65
N LEU D 185 77.68 -30.49 -14.42
CA LEU D 185 76.83 -31.25 -15.33
C LEU D 185 77.67 -31.92 -16.42
N SER D 186 78.65 -31.20 -16.97
CA SER D 186 79.54 -31.79 -17.97
C SER D 186 80.40 -32.88 -17.35
N LYS D 187 80.91 -32.64 -16.13
CA LYS D 187 81.68 -33.67 -15.45
C LYS D 187 80.86 -34.94 -15.30
N VAL D 188 79.57 -34.81 -14.97
CA VAL D 188 78.71 -35.98 -14.82
C VAL D 188 78.45 -36.63 -16.18
N THR D 189 78.22 -35.82 -17.21
CA THR D 189 77.87 -36.35 -18.53
C THR D 189 78.28 -35.36 -19.60
N GLU D 190 78.82 -35.87 -20.70
CA GLU D 190 79.28 -35.00 -21.79
C GLU D 190 78.11 -34.37 -22.53
N CYS D 191 76.97 -35.05 -22.58
CA CYS D 191 75.84 -34.55 -23.36
C CYS D 191 75.41 -33.16 -22.94
N SER D 192 75.67 -32.77 -21.69
CA SER D 192 75.29 -31.44 -21.24
C SER D 192 76.10 -30.36 -21.95
N ALA D 193 77.41 -30.55 -22.06
CA ALA D 193 78.27 -29.59 -22.75
C ALA D 193 78.27 -29.79 -24.26
N LYS D 194 77.75 -30.92 -24.75
CA LYS D 194 77.75 -31.15 -26.19
C LYS D 194 76.66 -30.36 -26.90
N ASP D 195 75.50 -30.20 -26.27
CA ASP D 195 74.35 -29.61 -26.94
C ASP D 195 73.66 -28.63 -26.00
N HIS D 196 73.03 -27.61 -26.57
CA HIS D 196 72.41 -26.56 -25.79
C HIS D 196 71.04 -26.10 -26.27
N LYS D 197 70.51 -26.63 -27.38
CA LYS D 197 69.25 -26.11 -27.90
C LYS D 197 68.04 -26.68 -27.16
N LYS D 198 68.24 -27.64 -26.25
CA LYS D 198 67.16 -28.16 -25.44
C LYS D 198 67.06 -27.49 -24.07
N TYR D 199 67.88 -26.47 -23.81
CA TYR D 199 67.98 -25.89 -22.48
C TYR D 199 66.98 -24.75 -22.28
N GLU D 200 66.36 -24.73 -21.12
CA GLU D 200 65.63 -23.58 -20.62
C GLU D 200 66.27 -23.14 -19.31
N ILE D 201 66.76 -21.90 -19.27
CA ILE D 201 67.47 -21.38 -18.11
C ILE D 201 66.88 -20.02 -17.76
N LEU D 202 66.54 -19.85 -16.48
CA LEU D 202 65.92 -18.65 -15.98
C LEU D 202 66.84 -17.99 -14.96
N TYR D 203 67.07 -16.69 -15.11
CA TYR D 203 67.83 -15.90 -14.15
C TYR D 203 66.82 -15.19 -13.26
N PHE D 204 66.36 -15.88 -12.22
CA PHE D 204 65.29 -15.33 -11.40
C PHE D 204 65.83 -14.21 -10.52
N LYS D 205 65.35 -13.00 -10.77
CA LYS D 205 65.49 -11.88 -9.87
C LYS D 205 64.10 -11.41 -9.49
N ASN D 206 63.90 -11.06 -8.22
CA ASN D 206 62.55 -10.98 -7.68
C ASN D 206 61.67 -10.05 -8.52
N GLU D 207 62.27 -9.04 -9.14
CA GLU D 207 61.51 -8.07 -9.93
C GLU D 207 61.83 -8.12 -11.42
N GLU D 208 63.01 -8.62 -11.80
CA GLU D 208 63.48 -8.53 -13.17
C GLU D 208 64.03 -9.87 -13.67
N SER D 209 63.31 -10.95 -13.45
CA SER D 209 63.74 -12.26 -13.94
C SER D 209 63.70 -12.31 -15.46
N ARG D 210 64.60 -13.08 -16.04
CA ARG D 210 64.69 -13.19 -17.50
C ARG D 210 65.22 -14.57 -17.87
N PHE D 211 64.96 -14.96 -19.12
CA PHE D 211 65.43 -16.24 -19.65
C PHE D 211 66.65 -16.03 -20.53
N LEU D 212 67.55 -17.02 -20.53
CA LEU D 212 68.79 -16.92 -21.27
C LEU D 212 68.63 -17.51 -22.68
N GLU D 213 69.14 -16.78 -23.67
CA GLU D 213 69.19 -17.29 -25.03
C GLU D 213 70.33 -18.29 -25.15
N PHE D 214 70.17 -19.24 -26.07
CA PHE D 214 71.22 -20.25 -26.23
C PHE D 214 72.52 -19.63 -26.73
N GLU D 215 72.48 -18.40 -27.23
CA GLU D 215 73.72 -17.68 -27.47
C GLU D 215 74.43 -17.35 -26.17
N GLU D 216 73.68 -16.97 -25.14
CA GLU D 216 74.27 -16.76 -23.82
C GLU D 216 74.74 -18.09 -23.23
N ILE D 217 73.99 -19.16 -23.45
CA ILE D 217 74.40 -20.47 -22.97
C ILE D 217 75.71 -20.89 -23.65
N GLU D 218 75.84 -20.60 -24.95
CA GLU D 218 77.09 -20.90 -25.64
C GLU D 218 78.22 -19.98 -25.20
N ASN D 219 77.89 -18.76 -24.79
CA ASN D 219 78.91 -17.89 -24.19
C ASN D 219 79.42 -18.45 -22.87
N ILE D 220 78.54 -19.10 -22.10
CA ILE D 220 79.00 -19.83 -20.92
C ILE D 220 79.80 -21.06 -21.35
N LEU D 221 79.38 -21.71 -22.43
CA LEU D 221 80.03 -22.92 -22.90
C LEU D 221 81.47 -22.66 -23.31
N LEU D 222 81.70 -21.56 -24.03
CA LEU D 222 83.08 -21.25 -24.43
C LEU D 222 83.93 -20.92 -23.22
N ARG D 223 83.36 -20.25 -22.22
CA ARG D 223 84.12 -19.95 -21.00
C ARG D 223 84.52 -21.25 -20.30
N ILE D 224 83.59 -22.19 -20.17
CA ILE D 224 83.94 -23.45 -19.52
C ILE D 224 84.94 -24.24 -20.35
N GLU D 225 84.82 -24.18 -21.67
CA GLU D 225 85.76 -24.89 -22.54
C GLU D 225 87.16 -24.32 -22.40
N GLU D 226 87.27 -23.00 -22.24
CA GLU D 226 88.57 -22.35 -22.22
C GLU D 226 89.21 -22.39 -20.83
N GLU D 227 88.40 -22.32 -19.77
CA GLU D 227 88.96 -22.25 -18.43
C GLU D 227 89.79 -23.48 -18.08
N LYS D 228 89.45 -24.64 -18.65
CA LYS D 228 90.19 -25.86 -18.38
C LYS D 228 91.41 -26.03 -19.27
N ASN D 229 91.54 -25.24 -20.32
CA ASN D 229 92.66 -25.37 -21.25
C ASN D 229 93.89 -24.63 -20.74
N ALA E 6 41.61 -54.09 2.61
CA ALA E 6 40.96 -53.74 3.91
C ALA E 6 41.36 -52.35 4.36
N LEU E 7 40.38 -51.57 4.79
CA LEU E 7 40.61 -50.19 5.22
C LEU E 7 39.43 -49.75 6.06
N GLY E 8 39.71 -49.32 7.28
CA GLY E 8 38.64 -48.99 8.21
C GLY E 8 37.80 -50.21 8.56
N ILE E 9 38.45 -51.33 8.88
CA ILE E 9 37.74 -52.59 9.12
C ILE E 9 38.67 -53.47 9.96
N PHE E 10 38.07 -54.48 10.61
CA PHE E 10 38.83 -55.41 11.44
C PHE E 10 39.43 -56.52 10.59
N SER E 11 40.58 -57.03 11.06
CA SER E 11 41.20 -58.20 10.47
C SER E 11 40.68 -59.44 11.16
N PRO E 12 40.99 -60.63 10.63
CA PRO E 12 40.45 -61.86 11.24
C PRO E 12 40.84 -62.06 12.70
N ASP E 13 41.96 -61.49 13.15
CA ASP E 13 42.42 -61.67 14.51
C ASP E 13 42.06 -60.48 15.40
N GLY E 14 41.18 -59.60 14.95
CA GLY E 14 40.77 -58.47 15.76
C GLY E 14 41.76 -57.32 15.78
N ARG E 15 42.40 -57.05 14.65
CA ARG E 15 43.39 -55.98 14.54
C ARG E 15 42.96 -54.99 13.47
N LEU E 16 43.11 -53.70 13.77
CA LEU E 16 42.95 -52.64 12.78
C LEU E 16 44.28 -52.53 12.03
N ILE E 17 44.40 -53.34 10.97
CA ILE E 17 45.70 -53.54 10.32
C ILE E 17 46.26 -52.21 9.81
N GLN E 18 45.42 -51.43 9.13
CA GLN E 18 45.93 -50.18 8.56
C GLN E 18 46.33 -49.19 9.63
N VAL E 19 45.64 -49.20 10.77
CA VAL E 19 45.99 -48.30 11.87
C VAL E 19 47.37 -48.64 12.42
N GLU E 20 47.67 -49.93 12.59
CA GLU E 20 48.99 -50.31 13.07
C GLU E 20 50.07 -50.08 12.01
N TYR E 21 49.73 -50.24 10.74
CA TYR E 21 50.68 -49.87 9.69
C TYR E 21 50.98 -48.38 9.75
N ALA E 22 49.96 -47.55 10.00
CA ALA E 22 50.18 -46.12 10.17
C ALA E 22 51.04 -45.83 11.38
N GLN E 23 50.82 -46.56 12.49
CA GLN E 23 51.70 -46.43 13.64
C GLN E 23 53.14 -46.70 13.25
N GLN E 24 53.38 -47.79 12.53
CA GLN E 24 54.74 -48.11 12.12
C GLN E 24 55.32 -47.01 11.23
N ALA E 25 54.54 -46.53 10.27
CA ALA E 25 55.01 -45.45 9.42
C ALA E 25 55.33 -44.20 10.23
N SER E 26 54.59 -43.96 11.32
CA SER E 26 54.89 -42.86 12.21
C SER E 26 56.14 -43.12 13.04
N GLU E 27 56.52 -44.38 13.22
CA GLU E 27 57.77 -44.70 13.89
C GLU E 27 58.99 -44.48 12.99
N GLN E 28 58.84 -44.72 11.68
CA GLN E 28 59.93 -44.51 10.74
C GLN E 28 60.06 -43.04 10.41
N GLY E 29 60.40 -42.23 11.42
CA GLY E 29 60.60 -40.81 11.23
C GLY E 29 61.71 -40.31 12.11
N SER E 30 62.17 -39.10 11.81
CA SER E 30 63.28 -38.52 12.57
C SER E 30 62.92 -38.48 14.05
N LEU E 31 63.90 -38.80 14.89
CA LEU E 31 63.65 -38.94 16.31
C LEU E 31 63.49 -37.56 16.96
N VAL E 32 62.50 -37.46 17.84
CA VAL E 32 62.25 -36.26 18.62
C VAL E 32 62.25 -36.66 20.09
N VAL E 33 62.93 -35.87 20.92
CA VAL E 33 63.05 -36.15 22.34
C VAL E 33 62.68 -34.88 23.10
N PHE E 34 62.03 -35.06 24.25
CA PHE E 34 61.60 -33.92 25.05
C PHE E 34 61.58 -34.31 26.52
N SER E 35 61.68 -33.29 27.37
CA SER E 35 61.53 -33.46 28.81
C SER E 35 61.03 -32.14 29.38
N SER E 36 60.24 -32.23 30.45
CA SER E 36 59.54 -31.08 30.99
C SER E 36 59.66 -31.04 32.50
N ASP E 37 59.66 -29.82 33.03
CA ASP E 37 59.49 -29.58 34.45
C ASP E 37 58.33 -28.60 34.60
N THR E 38 58.04 -28.22 35.85
CA THR E 38 56.83 -27.45 36.12
C THR E 38 56.77 -26.16 35.30
N ASN E 39 57.92 -25.57 34.97
CA ASN E 39 57.96 -24.25 34.35
C ASN E 39 58.63 -24.24 32.97
N GLU E 40 58.95 -25.39 32.40
CA GLU E 40 59.67 -25.38 31.14
C GLU E 40 59.59 -26.74 30.47
N ILE E 41 59.82 -26.74 29.15
CA ILE E 41 60.03 -27.95 28.36
C ILE E 41 61.29 -27.76 27.54
N CYS E 42 62.08 -28.82 27.42
CA CYS E 42 63.21 -28.86 26.52
C CYS E 42 62.89 -29.85 25.39
N LEU E 43 62.99 -29.38 24.15
CA LEU E 43 62.61 -30.16 22.99
C LEU E 43 63.81 -30.26 22.06
N SER E 44 64.20 -31.48 21.71
CA SER E 44 65.37 -31.71 20.87
C SER E 44 64.99 -32.58 19.68
N ILE E 45 65.47 -32.18 18.50
CA ILE E 45 65.19 -32.89 17.26
C ILE E 45 66.51 -33.16 16.54
N GLU E 46 66.59 -34.33 15.90
CA GLU E 46 67.74 -34.74 15.12
C GLU E 46 67.35 -34.85 13.66
N THR E 47 68.28 -34.52 12.77
CA THR E 47 68.01 -34.45 11.34
C THR E 47 69.20 -35.03 10.56
N LYS E 48 68.91 -35.53 9.37
CA LYS E 48 69.94 -36.16 8.55
C LYS E 48 70.69 -35.10 7.75
N THR E 49 72.02 -35.14 7.82
CA THR E 49 72.89 -34.15 7.19
C THR E 49 73.59 -34.67 5.95
N HIS E 50 73.13 -35.79 5.39
CA HIS E 50 73.79 -36.34 4.20
C HIS E 50 73.82 -35.33 3.07
N ASN E 51 72.85 -34.42 3.02
CA ASN E 51 72.78 -33.39 1.99
C ASN E 51 73.20 -32.05 2.59
N LYS E 52 74.29 -31.49 2.09
CA LYS E 52 74.67 -30.14 2.50
C LYS E 52 73.80 -29.09 1.82
N MET E 53 73.37 -29.35 0.59
CA MET E 53 72.53 -28.41 -0.13
C MET E 53 71.11 -28.36 0.41
N LEU E 54 70.66 -29.39 1.12
CA LEU E 54 69.34 -29.38 1.72
C LEU E 54 69.33 -28.45 2.93
N ILE E 55 68.34 -27.57 2.98
CA ILE E 55 68.14 -26.68 4.11
C ILE E 55 67.13 -27.34 5.04
N ASP E 56 67.52 -27.58 6.28
CA ASP E 56 66.67 -28.28 7.21
C ASP E 56 65.53 -27.38 7.68
N GLN E 57 64.30 -27.91 7.64
CA GLN E 57 63.14 -27.16 8.07
C GLN E 57 63.03 -27.17 9.59
N ASN E 58 62.41 -26.12 10.13
CA ASN E 58 62.16 -26.05 11.56
C ASN E 58 60.97 -26.94 11.91
N LYS E 59 61.18 -27.91 12.77
CA LYS E 59 60.14 -28.88 13.12
C LYS E 59 59.29 -28.46 14.30
N LEU E 60 59.60 -27.34 14.96
CA LEU E 60 58.83 -26.85 16.08
C LEU E 60 58.03 -25.65 15.60
N LEU E 61 56.76 -25.87 15.28
CA LEU E 61 55.91 -24.87 14.67
C LEU E 61 54.88 -24.38 15.66
N PRO E 62 54.57 -23.08 15.70
CA PRO E 62 53.60 -22.58 16.67
C PRO E 62 52.18 -22.81 16.22
N VAL E 63 51.34 -23.29 17.13
CA VAL E 63 49.93 -23.50 16.87
C VAL E 63 49.13 -22.23 17.11
N ASP E 64 49.44 -21.51 18.19
CA ASP E 64 48.80 -20.23 18.47
C ASP E 64 49.73 -19.45 19.38
N LYS E 65 50.15 -18.26 18.94
CA LYS E 65 51.25 -17.57 19.59
C LYS E 65 50.88 -16.93 20.92
N ASP E 66 49.64 -16.49 21.10
CA ASP E 66 49.27 -15.91 22.39
C ASP E 66 49.01 -16.97 23.45
N LEU E 67 48.45 -18.12 23.05
CA LEU E 67 48.33 -19.24 23.97
C LEU E 67 49.65 -19.98 24.18
N ASN E 68 50.65 -19.71 23.36
CA ASN E 68 51.97 -20.33 23.48
C ASN E 68 51.87 -21.85 23.37
N ILE E 69 51.22 -22.31 22.31
CA ILE E 69 51.11 -23.73 22.00
C ILE E 69 52.00 -24.03 20.81
N TRP E 70 52.81 -25.09 20.93
CA TRP E 70 53.77 -25.47 19.90
C TRP E 70 53.49 -26.89 19.46
N TYR E 71 53.84 -27.19 18.21
CA TYR E 71 53.50 -28.45 17.58
C TYR E 71 54.76 -29.09 17.02
N THR E 72 54.87 -30.41 17.20
CA THR E 72 55.97 -31.19 16.67
C THR E 72 55.42 -32.55 16.27
N PHE E 73 56.16 -33.26 15.43
CA PHE E 73 55.64 -34.51 14.89
C PHE E 73 56.79 -35.45 14.56
N SER E 74 56.43 -36.71 14.32
CA SER E 74 57.34 -37.71 13.78
C SER E 74 56.55 -38.60 12.83
N GLY E 75 57.12 -38.85 11.65
CA GLY E 75 56.49 -39.68 10.65
C GLY E 75 56.42 -38.99 9.29
N ILE E 76 55.34 -39.26 8.57
CA ILE E 76 55.14 -38.71 7.23
C ILE E 76 55.02 -37.20 7.32
N LYS E 77 55.99 -36.48 6.75
CA LYS E 77 56.02 -35.03 6.87
C LYS E 77 54.79 -34.36 6.26
N PRO E 78 54.36 -34.70 5.04
CA PRO E 78 53.21 -33.98 4.47
C PRO E 78 51.95 -34.06 5.32
N ASP E 79 51.74 -35.16 6.04
CA ASP E 79 50.57 -35.24 6.92
C ASP E 79 50.68 -34.27 8.08
N SER E 80 51.91 -33.98 8.53
CA SER E 80 52.11 -33.00 9.59
C SER E 80 51.61 -31.64 9.18
N TYR E 81 51.78 -31.26 7.92
CA TYR E 81 51.28 -29.98 7.46
C TYR E 81 49.76 -29.89 7.67
N LYS E 82 49.03 -30.91 7.25
CA LYS E 82 47.58 -30.90 7.41
C LYS E 82 47.18 -30.89 8.88
N VAL E 83 47.86 -31.68 9.70
CA VAL E 83 47.49 -31.74 11.11
C VAL E 83 47.76 -30.42 11.80
N LEU E 84 48.88 -29.77 11.48
CA LEU E 84 49.17 -28.45 12.05
C LEU E 84 48.16 -27.42 11.58
N ASN E 85 47.79 -27.49 10.29
CA ASN E 85 46.78 -26.56 9.79
C ASN E 85 45.46 -26.74 10.53
N GLU E 86 45.08 -27.98 10.81
CA GLU E 86 43.85 -28.20 11.56
C GLU E 86 43.98 -27.76 13.01
N ALA E 87 45.17 -27.88 13.60
CA ALA E 87 45.34 -27.37 14.96
C ALA E 87 45.12 -25.86 14.99
N ARG E 88 45.76 -25.14 14.07
CA ARG E 88 45.58 -23.70 14.01
C ARG E 88 44.14 -23.33 13.72
N LEU E 89 43.50 -24.04 12.77
CA LEU E 89 42.11 -23.79 12.47
C LEU E 89 41.21 -24.05 13.66
N ILE E 90 41.49 -25.10 14.43
CA ILE E 90 40.69 -25.40 15.61
C ILE E 90 40.79 -24.26 16.61
N CYS E 91 42.02 -23.79 16.87
CA CYS E 91 42.17 -22.67 17.80
C CYS E 91 41.37 -21.46 17.32
N ARG E 92 41.54 -21.10 16.04
CA ARG E 92 40.92 -19.87 15.54
C ARG E 92 39.40 -20.00 15.51
N ASN E 93 38.89 -21.13 15.01
CA ASN E 93 37.45 -21.34 14.94
C ASN E 93 36.84 -21.38 16.33
N TYR E 94 37.54 -21.99 17.30
CA TYR E 94 37.02 -22.01 18.66
C TYR E 94 36.94 -20.61 19.23
N LYS E 95 37.96 -19.78 18.99
CA LYS E 95 37.86 -18.40 19.47
C LYS E 95 36.74 -17.64 18.78
N ILE E 96 36.52 -17.89 17.49
CA ILE E 96 35.43 -17.21 16.79
C ILE E 96 34.08 -17.62 17.38
N LYS E 97 33.87 -18.93 17.53
CA LYS E 97 32.55 -19.43 17.94
C LYS E 97 32.28 -19.09 19.40
N THR E 98 33.27 -19.22 20.28
CA THR E 98 33.07 -19.12 21.71
C THR E 98 33.44 -17.77 22.28
N GLY E 99 34.34 -17.03 21.65
CA GLY E 99 34.76 -15.74 22.17
C GLY E 99 35.83 -15.80 23.23
N THR E 100 36.34 -16.99 23.55
CA THR E 100 37.39 -17.14 24.54
C THR E 100 38.44 -18.10 24.02
N ASN E 101 39.65 -17.95 24.52
CA ASN E 101 40.76 -18.79 24.06
C ASN E 101 40.46 -20.26 24.33
N ILE E 102 40.82 -21.11 23.37
CA ILE E 102 40.67 -22.55 23.56
C ILE E 102 41.68 -23.03 24.59
N SER E 103 41.22 -23.87 25.50
CA SER E 103 42.12 -24.48 26.47
C SER E 103 42.98 -25.54 25.79
N PHE E 104 44.13 -25.82 26.39
CA PHE E 104 45.06 -26.77 25.80
C PHE E 104 44.43 -28.16 25.68
N ASP E 105 43.70 -28.59 26.71
CA ASP E 105 43.07 -29.90 26.66
C ASP E 105 42.01 -29.98 25.57
N GLU E 106 41.22 -28.92 25.38
CA GLU E 106 40.23 -28.93 24.30
C GLU E 106 40.91 -29.02 22.95
N LEU E 107 42.02 -28.31 22.77
CA LEU E 107 42.75 -28.39 21.50
C LEU E 107 43.27 -29.80 21.27
N ALA E 108 43.82 -30.42 22.32
CA ALA E 108 44.31 -31.79 22.19
C ALA E 108 43.17 -32.74 21.81
N TYR E 109 42.02 -32.58 22.46
CA TYR E 109 40.87 -33.45 22.18
C TYR E 109 40.40 -33.30 20.74
N GLU E 110 40.29 -32.05 20.28
CA GLU E 110 39.78 -31.83 18.93
C GLU E 110 40.78 -32.28 17.87
N LEU E 111 42.07 -32.08 18.12
CA LEU E 111 43.08 -32.58 17.18
C LEU E 111 43.09 -34.10 17.16
N SER E 112 42.89 -34.75 18.31
CA SER E 112 42.78 -36.20 18.34
C SER E 112 41.54 -36.68 17.60
N LEU E 113 40.43 -35.95 17.70
CA LEU E 113 39.25 -36.30 16.92
C LEU E 113 39.54 -36.17 15.43
N TYR E 114 40.25 -35.13 15.02
CA TYR E 114 40.64 -35.01 13.63
C TYR E 114 41.48 -36.20 13.19
N LYS E 115 42.45 -36.58 14.03
CA LYS E 115 43.27 -37.75 13.73
C LYS E 115 42.40 -38.99 13.56
N GLN E 116 41.45 -39.19 14.48
CA GLN E 116 40.63 -40.39 14.46
C GLN E 116 39.72 -40.40 13.24
N LYS E 117 39.31 -39.23 12.76
CA LYS E 117 38.38 -39.15 11.64
C LYS E 117 38.83 -39.98 10.46
N PHE E 118 40.13 -39.96 10.17
CA PHE E 118 40.67 -40.65 8.99
C PHE E 118 40.89 -42.13 9.23
N THR E 119 40.54 -42.63 10.40
CA THR E 119 40.60 -44.06 10.68
C THR E 119 39.23 -44.70 10.83
N LEU E 120 38.15 -43.92 10.83
CA LEU E 120 36.80 -44.44 10.96
C LEU E 120 36.13 -44.69 9.62
N ASP E 121 36.73 -44.26 8.51
CA ASP E 121 36.07 -44.25 7.22
C ASP E 121 36.87 -45.02 6.19
N SER E 122 36.16 -45.54 5.19
CA SER E 122 36.80 -46.07 4.00
C SER E 122 37.22 -44.93 3.09
N SER E 123 37.99 -45.26 2.06
CA SER E 123 38.35 -44.29 1.03
C SER E 123 39.35 -43.26 1.53
N MET E 124 39.87 -43.43 2.75
CA MET E 124 40.82 -42.48 3.30
C MET E 124 41.85 -43.22 4.14
N ARG E 125 43.01 -42.60 4.30
CA ARG E 125 44.22 -43.23 4.79
C ARG E 125 44.67 -42.59 6.09
N PRO E 126 44.99 -43.37 7.13
CA PRO E 126 45.38 -42.76 8.41
C PRO E 126 46.60 -41.87 8.28
N PHE E 127 46.66 -40.83 9.11
CA PHE E 127 47.73 -39.85 9.00
C PHE E 127 49.10 -40.50 9.18
N GLY E 128 49.25 -41.37 10.17
CA GLY E 128 50.52 -42.02 10.40
C GLY E 128 51.62 -41.08 10.85
N ILE E 129 51.31 -40.17 11.77
CA ILE E 129 52.32 -39.32 12.38
C ILE E 129 52.02 -39.21 13.87
N ARG E 130 53.05 -39.37 14.69
CA ARG E 130 52.93 -39.02 16.11
C ARG E 130 53.13 -37.53 16.26
N SER E 131 52.06 -36.84 16.65
CA SER E 131 52.09 -35.39 16.75
C SER E 131 52.15 -35.00 18.22
N ILE E 132 53.00 -34.02 18.51
CA ILE E 132 53.22 -33.56 19.87
C ILE E 132 52.68 -32.15 19.99
N LEU E 133 51.76 -31.95 20.93
CA LEU E 133 51.31 -30.61 21.31
C LEU E 133 52.05 -30.19 22.56
N LEU E 134 52.44 -28.91 22.60
CA LEU E 134 53.34 -28.42 23.63
C LEU E 134 52.92 -27.02 24.02
N GLN E 135 52.85 -26.76 25.33
CA GLN E 135 52.43 -25.46 25.83
C GLN E 135 53.13 -25.14 27.13
N VAL E 136 53.49 -23.87 27.32
CA VAL E 136 53.92 -23.32 28.60
C VAL E 136 53.24 -21.99 28.82
N LYS E 137 52.12 -22.01 29.53
CA LYS E 137 51.49 -20.78 29.98
C LYS E 137 51.42 -20.71 31.50
N ASP E 138 50.80 -21.73 32.10
CA ASP E 138 50.74 -21.80 33.56
C ASP E 138 51.62 -22.93 34.08
N MET E 139 51.72 -24.01 33.31
CA MET E 139 52.59 -25.13 33.65
C MET E 139 52.97 -25.83 32.36
N ALA E 140 54.06 -26.59 32.42
CA ALA E 140 54.47 -27.40 31.28
C ALA E 140 53.44 -28.49 31.01
N LYS E 141 53.10 -28.67 29.74
CA LYS E 141 52.15 -29.72 29.37
C LYS E 141 52.45 -30.15 27.94
N ILE E 142 52.59 -31.46 27.76
CA ILE E 142 52.93 -32.06 26.47
C ILE E 142 51.94 -33.17 26.19
N TYR E 143 51.27 -33.11 25.04
CA TYR E 143 50.39 -34.16 24.57
C TYR E 143 51.02 -34.84 23.37
N VAL E 144 50.99 -36.18 23.37
CA VAL E 144 51.46 -36.98 22.26
C VAL E 144 50.25 -37.68 21.65
N LEU E 145 49.93 -37.35 20.41
CA LEU E 145 48.73 -37.83 19.74
C LEU E 145 49.11 -38.95 18.79
N GLU E 146 48.52 -40.12 18.97
CA GLU E 146 48.79 -41.23 18.08
C GLU E 146 48.07 -41.02 16.75
N PRO E 147 48.53 -41.68 15.68
CA PRO E 147 47.82 -41.56 14.40
C PRO E 147 46.40 -42.07 14.47
N ASP E 148 46.08 -42.95 15.41
CA ASP E 148 44.75 -43.52 15.51
C ASP E 148 43.81 -42.68 16.37
N GLY E 149 44.28 -41.57 16.93
CA GLY E 149 43.44 -40.72 17.75
C GLY E 149 43.68 -40.81 19.23
N ASN E 150 44.51 -41.74 19.69
CA ASN E 150 44.85 -41.78 21.11
C ASN E 150 45.74 -40.61 21.46
N TYR E 151 45.62 -40.13 22.69
CA TYR E 151 46.43 -39.02 23.15
C TYR E 151 46.46 -38.99 24.67
N SER E 152 47.60 -38.63 25.22
CA SER E 152 47.77 -38.55 26.67
C SER E 152 49.00 -37.73 26.96
N GLU E 153 49.00 -37.12 28.15
CA GLU E 153 50.08 -36.24 28.57
C GLU E 153 51.35 -37.05 28.81
N TYR E 154 52.49 -36.44 28.52
CA TYR E 154 53.80 -37.04 28.77
C TYR E 154 54.63 -36.06 29.59
N LYS E 155 55.21 -36.56 30.67
CA LYS E 155 56.19 -35.76 31.40
C LYS E 155 57.47 -35.61 30.60
N CYS E 156 57.95 -36.71 30.03
CA CYS E 156 59.06 -36.69 29.09
C CYS E 156 58.97 -37.95 28.24
N GLY E 157 59.58 -37.89 27.06
CA GLY E 157 59.53 -39.03 26.17
C GLY E 157 60.21 -38.70 24.85
N ALA E 158 60.13 -39.66 23.94
CA ALA E 158 60.70 -39.52 22.61
C ALA E 158 59.80 -40.22 21.61
N VAL E 159 59.87 -39.77 20.35
CA VAL E 159 59.05 -40.32 19.28
C VAL E 159 59.87 -40.43 18.02
N GLY E 160 59.58 -41.44 17.22
CA GLY E 160 60.21 -41.59 15.92
C GLY E 160 61.14 -42.77 15.84
N GLN E 161 62.15 -42.61 14.98
CA GLN E 161 63.09 -43.69 14.69
C GLN E 161 63.80 -44.15 15.96
N LYS E 162 63.58 -45.40 16.35
CA LYS E 162 64.24 -46.00 17.50
C LYS E 162 63.95 -45.25 18.79
N SER E 163 62.73 -44.72 18.93
CA SER E 163 62.38 -43.92 20.10
C SER E 163 62.10 -44.79 21.32
N VAL E 164 61.83 -46.09 21.14
CA VAL E 164 61.54 -46.95 22.28
C VAL E 164 62.75 -47.04 23.19
N SER E 165 63.94 -47.19 22.61
CA SER E 165 65.16 -47.20 23.41
C SER E 165 65.37 -45.88 24.13
N VAL E 166 65.03 -44.76 23.47
CA VAL E 166 65.19 -43.46 24.11
C VAL E 166 64.25 -43.33 25.30
N CYS E 167 63.01 -43.79 25.16
CA CYS E 167 62.08 -43.79 26.29
C CYS E 167 62.58 -44.69 27.42
N GLU E 168 63.12 -45.86 27.06
CA GLU E 168 63.68 -46.75 28.06
C GLU E 168 64.82 -46.08 28.83
N TYR E 169 65.68 -45.36 28.12
CA TYR E 169 66.75 -44.61 28.77
C TYR E 169 66.20 -43.49 29.65
N LEU E 170 65.22 -42.75 29.14
CA LEU E 170 64.61 -41.67 29.91
C LEU E 170 64.00 -42.18 31.21
N GLU E 171 63.47 -43.40 31.19
CA GLU E 171 62.93 -43.99 32.41
C GLU E 171 63.97 -43.96 33.53
N LYS E 172 65.22 -44.26 33.21
CA LYS E 172 66.30 -44.25 34.18
C LYS E 172 66.93 -42.87 34.36
N CYS E 173 67.03 -42.11 33.27
CA CYS E 173 67.70 -40.81 33.32
C CYS E 173 66.82 -39.76 34.01
N GLU E 174 66.57 -39.95 35.31
CA GLU E 174 65.75 -39.02 36.07
C GLU E 174 66.60 -37.87 36.60
N GLU E 175 67.24 -37.12 35.71
CA GLU E 175 68.06 -35.99 36.11
C GLU E 175 67.21 -34.72 36.20
N GLU E 176 67.54 -33.86 37.16
CA GLU E 176 66.75 -32.66 37.38
C GLU E 176 66.77 -31.73 36.16
N ASP E 177 67.93 -31.54 35.55
CA ASP E 177 68.04 -30.66 34.39
C ASP E 177 67.41 -31.33 33.19
N ILE E 178 66.29 -30.79 32.72
CA ILE E 178 65.59 -31.39 31.59
C ILE E 178 66.36 -31.22 30.29
N ILE E 179 67.21 -30.20 30.19
CA ILE E 179 68.09 -30.09 29.03
C ILE E 179 69.02 -31.29 28.97
N PHE E 180 69.67 -31.59 30.09
CA PHE E 180 70.50 -32.80 30.19
C PHE E 180 69.70 -34.02 29.76
N ARG E 181 68.51 -34.20 30.34
CA ARG E 181 67.73 -35.40 30.07
C ARG E 181 67.42 -35.53 28.58
N SER E 182 66.87 -34.47 27.98
CA SER E 182 66.46 -34.54 26.59
C SER E 182 67.66 -34.78 25.67
N VAL E 183 68.73 -33.99 25.83
CA VAL E 183 69.85 -34.11 24.92
C VAL E 183 70.54 -35.45 25.07
N SER E 184 70.71 -35.94 26.31
CA SER E 184 71.32 -37.25 26.50
C SER E 184 70.45 -38.35 25.93
N GLY E 185 69.13 -38.28 26.13
CA GLY E 185 68.25 -39.28 25.55
C GLY E 185 68.34 -39.31 24.03
N LEU E 186 68.44 -38.13 23.41
CA LEU E 186 68.63 -38.08 21.96
C LEU E 186 69.97 -38.68 21.58
N GLY E 187 71.00 -38.47 22.38
CA GLY E 187 72.33 -38.96 22.07
C GLY E 187 72.45 -40.47 22.07
N THR E 188 71.50 -41.18 22.67
CA THR E 188 71.58 -42.64 22.73
C THR E 188 71.49 -43.28 21.36
N VAL E 189 70.99 -42.58 20.36
CA VAL E 189 70.70 -43.15 19.05
C VAL E 189 71.52 -42.46 17.95
N VAL E 190 71.44 -41.14 17.88
CA VAL E 190 71.97 -40.41 16.73
C VAL E 190 73.50 -40.49 16.71
N GLN E 191 74.06 -40.21 15.54
CA GLN E 191 75.50 -40.10 15.34
C GLN E 191 75.82 -38.65 15.03
N SER E 192 76.76 -38.07 15.78
CA SER E 192 77.07 -36.66 15.61
C SER E 192 77.54 -36.34 14.20
N ASP E 193 78.26 -37.26 13.56
CA ASP E 193 78.73 -37.03 12.20
C ASP E 193 77.58 -37.03 11.21
N LYS E 194 76.61 -37.91 11.39
CA LYS E 194 75.51 -38.07 10.45
C LYS E 194 74.30 -37.21 10.77
N ASN E 195 74.08 -36.88 12.05
CA ASN E 195 72.87 -36.20 12.49
C ASN E 195 73.22 -34.81 13.00
N LYS E 196 72.58 -33.80 12.43
CA LYS E 196 72.58 -32.46 13.00
C LYS E 196 71.41 -32.34 13.97
N VAL E 197 71.68 -31.77 15.14
CA VAL E 197 70.71 -31.75 16.22
C VAL E 197 70.40 -30.32 16.61
N MET E 198 69.13 -30.06 16.90
CA MET E 198 68.65 -28.78 17.39
C MET E 198 67.93 -29.00 18.72
N SER E 199 68.06 -28.01 19.60
CA SER E 199 67.42 -28.07 20.90
C SER E 199 66.76 -26.73 21.19
N TYR E 200 65.55 -26.79 21.74
CA TYR E 200 64.78 -25.60 22.09
C TYR E 200 64.29 -25.71 23.52
N VAL E 201 64.22 -24.56 24.19
CA VAL E 201 63.63 -24.45 25.52
C VAL E 201 62.40 -23.58 25.41
N ILE E 202 61.24 -24.14 25.74
CA ILE E 202 59.97 -23.42 25.71
C ILE E 202 59.68 -22.95 27.12
N SER E 203 59.54 -21.63 27.28
CA SER E 203 59.32 -21.02 28.58
C SER E 203 58.03 -20.20 28.50
N LYS E 204 57.76 -19.42 29.55
CA LYS E 204 56.54 -18.63 29.60
C LYS E 204 56.47 -17.70 28.40
N ASP E 205 55.55 -17.97 27.47
CA ASP E 205 55.32 -17.14 26.29
C ASP E 205 56.62 -16.70 25.63
N GLU E 206 57.66 -17.55 25.65
CA GLU E 206 58.91 -17.24 24.99
C GLU E 206 59.58 -18.54 24.56
N ILE E 207 60.48 -18.42 23.59
CA ILE E 207 61.10 -19.57 22.95
C ILE E 207 62.54 -19.22 22.60
N ARG E 208 63.43 -20.20 22.73
CA ARG E 208 64.83 -20.01 22.34
C ARG E 208 65.48 -21.37 22.16
N ARG E 209 66.49 -21.41 21.29
CA ARG E 209 67.22 -22.64 21.02
C ARG E 209 68.57 -22.60 21.73
N VAL E 210 69.06 -23.80 22.09
CA VAL E 210 70.23 -23.92 22.94
C VAL E 210 71.49 -23.88 22.09
N GLU E 211 72.62 -23.59 22.73
CA GLU E 211 73.90 -23.55 22.04
C GLU E 211 74.27 -24.93 21.49
N ASP E 212 74.89 -24.94 20.32
CA ASP E 212 75.32 -26.20 19.73
C ASP E 212 76.42 -26.86 20.56
N GLU E 213 77.33 -26.06 21.11
CA GLU E 213 78.46 -26.63 21.83
C GLU E 213 78.02 -27.49 23.00
N THR E 214 77.13 -26.96 23.85
CA THR E 214 76.71 -27.71 25.04
C THR E 214 75.96 -28.97 24.66
N VAL E 215 75.02 -28.86 23.71
CA VAL E 215 74.23 -30.02 23.31
C VAL E 215 75.13 -31.11 22.74
N SER E 216 76.06 -30.72 21.87
CA SER E 216 76.99 -31.69 21.29
C SER E 216 77.87 -32.32 22.37
N GLN E 217 78.36 -31.52 23.31
CA GLN E 217 79.21 -32.05 24.36
C GLN E 217 78.47 -33.09 25.19
N ILE E 218 77.22 -32.80 25.56
CA ILE E 218 76.46 -33.73 26.39
C ILE E 218 76.09 -34.97 25.58
N ILE E 219 75.80 -34.79 24.29
CA ILE E 219 75.44 -35.92 23.44
C ILE E 219 76.63 -36.87 23.27
N SER E 220 77.84 -36.30 23.22
CA SER E 220 79.03 -37.11 23.01
C SER E 220 79.24 -38.14 24.12
N THR E 221 78.72 -37.89 25.32
CA THR E 221 78.96 -38.77 26.46
C THR E 221 78.04 -39.98 26.49
N VAL E 222 77.10 -40.09 25.56
CA VAL E 222 76.13 -41.18 25.54
C VAL E 222 76.37 -42.03 24.30
N SER E 223 76.16 -43.34 24.45
CA SER E 223 76.36 -44.29 23.36
C SER E 223 77.77 -44.20 22.78
N VAL E 224 78.75 -44.02 23.65
CA VAL E 224 80.14 -43.91 23.23
C VAL E 224 80.62 -45.24 22.65
N SER F 2 32.05 -47.01 0.11
CA SER F 2 32.04 -47.85 -1.12
C SER F 2 31.24 -49.12 -0.90
N ILE F 3 30.70 -49.69 -1.99
CA ILE F 3 29.85 -50.86 -1.87
C ILE F 3 30.65 -52.07 -1.42
N VAL F 4 31.86 -52.23 -1.93
CA VAL F 4 32.67 -53.40 -1.58
C VAL F 4 33.04 -53.38 -0.10
N SER F 5 33.47 -52.23 0.41
CA SER F 5 33.80 -52.14 1.82
C SER F 5 32.59 -52.35 2.71
N ARG F 6 31.44 -51.78 2.33
CA ARG F 6 30.22 -51.99 3.10
C ARG F 6 29.82 -53.46 3.11
N GLN F 7 29.95 -54.14 1.97
CA GLN F 7 29.68 -55.57 1.93
C GLN F 7 30.64 -56.34 2.83
N ASN F 8 31.93 -55.99 2.79
CA ASN F 8 32.89 -56.63 3.69
C ASN F 8 32.50 -56.43 5.14
N ALA F 9 31.95 -55.26 5.47
CA ALA F 9 31.47 -55.03 6.84
C ALA F 9 30.29 -55.94 7.18
N ASN F 10 29.39 -56.13 6.23
CA ASN F 10 28.10 -56.76 6.50
C ASN F 10 28.05 -58.25 6.14
N THR F 11 29.17 -58.84 5.75
CA THR F 11 29.14 -60.26 5.36
C THR F 11 28.92 -61.13 6.59
N TYR F 12 28.01 -62.09 6.47
CA TYR F 12 27.73 -63.04 7.53
C TYR F 12 28.60 -64.27 7.37
N SER F 13 28.91 -64.90 8.51
CA SER F 13 29.65 -66.15 8.49
C SER F 13 28.69 -67.33 8.39
N ALA F 14 29.19 -68.43 7.84
CA ALA F 14 28.36 -69.62 7.70
C ALA F 14 27.85 -70.11 9.04
N GLU F 15 28.55 -69.75 10.12
CA GLU F 15 28.14 -70.20 11.45
C GLU F 15 27.04 -69.31 12.03
N GLY F 16 26.72 -68.19 11.38
CA GLY F 16 25.89 -67.20 12.03
C GLY F 16 26.53 -65.83 12.08
N ARG F 17 27.01 -65.45 13.26
CA ARG F 17 27.41 -64.08 13.56
C ARG F 17 28.19 -63.45 12.41
N LEU F 18 28.05 -62.13 12.29
CA LEU F 18 28.81 -61.36 11.33
C LEU F 18 30.31 -61.53 11.57
N TYR F 19 31.08 -61.62 10.49
CA TYR F 19 32.52 -61.77 10.62
C TYR F 19 33.13 -60.60 11.39
N GLN F 20 32.71 -59.38 11.05
CA GLN F 20 33.26 -58.20 11.72
C GLN F 20 32.94 -58.23 13.21
N VAL F 21 31.75 -58.68 13.58
CA VAL F 21 31.42 -58.80 15.00
C VAL F 21 32.34 -59.83 15.65
N GLU F 22 32.58 -60.95 14.99
CA GLU F 22 33.46 -61.96 15.57
C GLU F 22 34.86 -61.42 15.79
N TYR F 23 35.37 -60.60 14.86
CA TYR F 23 36.70 -60.03 15.03
C TYR F 23 36.71 -58.95 16.11
N ALA F 24 35.66 -58.13 16.17
CA ALA F 24 35.56 -57.12 17.21
C ALA F 24 35.48 -57.75 18.58
N MET F 25 34.87 -58.92 18.71
CA MET F 25 34.82 -59.61 19.98
C MET F 25 36.17 -60.17 20.41
N GLN F 26 37.07 -60.44 19.46
CA GLN F 26 38.45 -60.75 19.83
C GLN F 26 39.18 -59.49 20.26
N ALA F 27 38.94 -58.38 19.55
CA ALA F 27 39.62 -57.13 19.88
C ALA F 27 39.14 -56.57 21.22
N MET F 28 37.91 -56.89 21.62
CA MET F 28 37.28 -56.20 22.75
C MET F 28 37.96 -56.48 24.08
N ASN F 29 38.67 -57.60 24.22
CA ASN F 29 39.29 -57.96 25.49
C ASN F 29 40.81 -57.87 25.46
N LEU F 30 41.39 -57.31 24.39
CA LEU F 30 42.84 -57.09 24.33
C LEU F 30 43.19 -55.78 25.01
N GLY F 31 42.92 -55.72 26.31
CA GLY F 31 43.17 -54.52 27.09
C GLY F 31 43.28 -54.86 28.56
N THR F 32 43.43 -53.81 29.36
CA THR F 32 43.57 -53.98 30.80
C THR F 32 42.23 -54.38 31.42
N SER F 33 42.31 -55.03 32.58
CA SER F 33 41.13 -55.60 33.20
C SER F 33 40.37 -54.54 34.01
N SER F 34 39.11 -54.85 34.30
CA SER F 34 38.26 -54.00 35.11
C SER F 34 37.10 -54.82 35.64
N ILE F 35 36.58 -54.42 36.80
CA ILE F 35 35.50 -55.12 37.46
C ILE F 35 34.38 -54.14 37.77
N GLY F 36 33.15 -54.59 37.60
CA GLY F 36 31.97 -53.85 38.00
C GLY F 36 31.13 -54.67 38.95
N ILE F 37 30.74 -54.05 40.07
CA ILE F 37 29.95 -54.70 41.10
C ILE F 37 28.70 -53.87 41.37
N LYS F 38 27.55 -54.52 41.39
CA LYS F 38 26.29 -53.86 41.71
C LYS F 38 25.77 -54.38 43.04
N THR F 39 25.39 -53.46 43.92
CA THR F 39 24.69 -53.79 45.14
C THR F 39 23.52 -52.82 45.28
N LYS F 40 22.47 -53.26 45.99
CA LYS F 40 21.26 -52.46 46.07
C LYS F 40 21.49 -51.08 46.67
N ASP F 41 22.69 -50.80 47.18
CA ASP F 41 23.05 -49.48 47.65
C ASP F 41 24.02 -48.75 46.73
N TYR F 42 24.87 -49.48 46.01
CA TYR F 42 25.97 -48.86 45.28
C TYR F 42 26.32 -49.73 44.07
N VAL F 43 26.98 -49.09 43.11
CA VAL F 43 27.58 -49.77 41.97
C VAL F 43 29.01 -49.29 41.84
N LEU F 44 29.95 -50.23 41.79
CA LEU F 44 31.37 -49.91 41.70
C LEU F 44 31.90 -50.22 40.31
N LEU F 45 33.04 -49.62 39.99
CA LEU F 45 33.71 -49.86 38.71
C LEU F 45 35.17 -49.52 38.90
N ALA F 46 36.02 -50.56 38.94
CA ALA F 46 37.45 -50.41 39.16
C ALA F 46 38.19 -50.90 37.94
N SER F 47 39.23 -50.16 37.53
CA SER F 47 40.02 -50.50 36.37
C SER F 47 41.48 -50.17 36.63
N GLU F 48 42.37 -51.04 36.16
CA GLU F 48 43.80 -50.78 36.24
C GLU F 48 44.23 -49.94 35.04
N LYS F 49 45.01 -48.90 35.30
CA LYS F 49 45.40 -47.98 34.25
C LYS F 49 46.44 -48.61 33.33
N LYS F 50 46.35 -48.27 32.05
CA LYS F 50 47.28 -48.75 31.03
C LYS F 50 48.47 -47.79 30.92
N ILE F 51 49.31 -47.79 31.96
CA ILE F 51 50.48 -46.93 31.98
C ILE F 51 51.57 -47.58 31.16
N ILE F 52 51.67 -47.18 29.88
CA ILE F 52 52.68 -47.77 29.00
C ILE F 52 54.07 -47.45 29.51
N SER F 53 54.31 -46.23 29.96
CA SER F 53 55.57 -45.83 30.56
C SER F 53 55.28 -44.97 31.79
N LYS F 54 56.17 -45.03 32.77
CA LYS F 54 55.99 -44.18 33.94
C LYS F 54 56.20 -42.71 33.64
N LEU F 55 56.85 -42.37 32.52
CA LEU F 55 56.98 -40.97 32.14
C LEU F 55 55.62 -40.40 31.76
N GLN F 56 54.74 -41.23 31.21
CA GLN F 56 53.34 -40.86 31.01
C GLN F 56 52.69 -40.65 32.37
N ASN F 57 52.29 -39.41 32.67
CA ASN F 57 51.80 -39.11 34.00
C ASN F 57 50.51 -39.90 34.27
N PRO F 58 50.33 -40.40 35.50
CA PRO F 58 49.14 -41.22 35.78
C PRO F 58 47.83 -40.49 35.62
N SER F 59 47.80 -39.16 35.83
CA SER F 59 46.54 -38.44 35.83
C SER F 59 45.87 -38.48 34.46
N SER F 60 46.66 -38.41 33.39
CA SER F 60 46.13 -38.18 32.06
C SER F 60 45.78 -39.46 31.30
N VAL F 61 45.91 -40.63 31.93
CA VAL F 61 45.60 -41.90 31.26
C VAL F 61 44.27 -42.42 31.80
N LYS F 62 43.42 -41.52 32.28
CA LYS F 62 42.14 -41.91 32.85
C LYS F 62 41.39 -42.87 31.95
N LYS F 63 40.67 -43.80 32.57
CA LYS F 63 39.93 -44.84 31.87
C LYS F 63 38.43 -44.77 32.08
N HIS F 64 37.95 -43.98 33.05
CA HIS F 64 36.52 -43.79 33.28
C HIS F 64 36.11 -42.43 32.74
N TYR F 65 35.02 -42.41 31.99
CA TYR F 65 34.47 -41.19 31.42
C TYR F 65 33.11 -40.92 32.02
N ARG F 66 32.87 -39.67 32.38
CA ARG F 66 31.58 -39.27 32.95
C ARG F 66 30.60 -39.03 31.80
N VAL F 67 29.64 -39.93 31.64
CA VAL F 67 28.68 -39.83 30.55
C VAL F 67 27.61 -38.79 30.85
N TYR F 68 27.21 -38.66 32.11
CA TYR F 68 26.22 -37.68 32.50
C TYR F 68 26.30 -37.50 34.01
N ASP F 69 25.32 -36.77 34.57
CA ASP F 69 25.35 -36.47 35.99
C ASP F 69 25.46 -37.72 36.85
N HIS F 70 24.85 -38.82 36.41
CA HIS F 70 24.85 -40.06 37.19
C HIS F 70 25.11 -41.28 36.33
N ILE F 71 25.95 -41.14 35.30
CA ILE F 71 26.35 -42.26 34.48
C ILE F 71 27.86 -42.18 34.26
N ALA F 72 28.55 -43.29 34.51
CA ALA F 72 29.98 -43.40 34.26
C ALA F 72 30.21 -44.62 33.37
N LEU F 73 31.27 -44.55 32.55
CA LEU F 73 31.51 -45.53 31.52
C LEU F 73 32.95 -46.02 31.61
N GLY F 74 33.12 -47.31 31.88
CA GLY F 74 34.41 -47.95 31.79
C GLY F 74 34.49 -48.79 30.54
N PHE F 75 35.70 -49.15 30.10
CA PHE F 75 35.85 -49.81 28.82
C PHE F 75 37.06 -50.73 28.83
N SER F 76 37.09 -51.64 27.86
CA SER F 76 38.24 -52.46 27.57
C SER F 76 38.34 -52.66 26.07
N GLY F 77 39.56 -52.87 25.59
CA GLY F 77 39.79 -53.04 24.16
C GLY F 77 40.39 -51.82 23.51
N ILE F 78 40.04 -51.56 22.25
CA ILE F 78 40.58 -50.42 21.52
C ILE F 78 40.04 -49.15 22.16
N SER F 79 40.95 -48.34 22.72
CA SER F 79 40.53 -47.17 23.48
C SER F 79 40.19 -45.98 22.59
N ALA F 80 40.58 -46.01 21.32
CA ALA F 80 40.28 -44.89 20.43
C ALA F 80 38.78 -44.75 20.21
N ASP F 81 38.10 -45.88 20.04
CA ASP F 81 36.66 -45.85 19.75
C ASP F 81 35.87 -45.30 20.93
N VAL F 82 36.43 -45.40 22.13
CA VAL F 82 35.66 -45.12 23.33
C VAL F 82 35.38 -43.63 23.48
N LYS F 83 36.24 -42.76 22.98
CA LYS F 83 35.94 -41.34 23.07
C LYS F 83 34.80 -40.95 22.14
N THR F 84 34.72 -41.55 20.96
CA THR F 84 33.55 -41.33 20.11
C THR F 84 32.29 -41.88 20.76
N ILE F 85 32.38 -43.08 21.34
CA ILE F 85 31.21 -43.64 22.03
C ILE F 85 30.78 -42.72 23.16
N VAL F 86 31.75 -42.19 23.91
CA VAL F 86 31.44 -41.31 25.04
C VAL F 86 30.79 -40.03 24.57
N ASP F 87 31.30 -39.46 23.47
CA ASP F 87 30.71 -38.22 22.96
C ASP F 87 29.27 -38.45 22.52
N LYS F 88 29.01 -39.56 21.83
CA LYS F 88 27.65 -39.81 21.38
C LYS F 88 26.73 -40.16 22.54
N SER F 89 27.26 -40.83 23.56
CA SER F 89 26.46 -41.10 24.76
C SER F 89 26.10 -39.82 25.49
N ARG F 90 27.06 -38.89 25.60
CA ARG F 90 26.77 -37.60 26.21
C ARG F 90 25.72 -36.84 25.41
N ASN F 91 25.85 -36.86 24.08
CA ASN F 91 24.84 -36.21 23.26
C ASN F 91 23.47 -36.82 23.48
N PHE F 92 23.40 -38.16 23.55
CA PHE F 92 22.11 -38.80 23.78
C PHE F 92 21.53 -38.40 25.13
N ALA F 93 22.35 -38.41 26.18
CA ALA F 93 21.84 -38.08 27.50
C ALA F 93 21.34 -36.64 27.56
N ILE F 94 22.08 -35.71 26.95
CA ILE F 94 21.67 -34.32 26.98
C ILE F 94 20.42 -34.12 26.13
N ASN F 95 20.31 -34.83 25.01
CA ASN F 95 19.08 -34.75 24.21
C ASN F 95 17.89 -35.31 24.99
N HIS F 96 18.10 -36.39 25.73
CA HIS F 96 17.02 -36.94 26.54
C HIS F 96 16.58 -35.96 27.61
N GLU F 97 17.53 -35.29 28.26
CA GLU F 97 17.14 -34.27 29.24
C GLU F 97 16.42 -33.11 28.56
N TYR F 98 16.89 -32.73 27.37
CA TYR F 98 16.26 -31.64 26.64
C TYR F 98 14.81 -31.96 26.34
N LEU F 99 14.53 -33.19 25.90
CA LEU F 99 13.17 -33.58 25.57
C LEU F 99 12.31 -33.78 26.82
N TYR F 100 12.90 -34.34 27.89
CA TYR F 100 12.10 -34.82 29.01
C TYR F 100 12.53 -34.25 30.36
N ASP F 101 13.52 -33.37 30.41
CA ASP F 101 13.93 -32.66 31.62
C ASP F 101 14.32 -33.60 32.76
N GLU F 102 14.84 -34.78 32.45
CA GLU F 102 15.20 -35.74 33.48
C GLU F 102 16.44 -36.52 33.07
N ASN F 103 17.12 -37.09 34.05
CA ASN F 103 18.22 -37.99 33.77
C ASN F 103 17.68 -39.30 33.21
N CYS F 104 18.23 -39.72 32.07
CA CYS F 104 17.75 -40.92 31.41
C CYS F 104 18.07 -42.15 32.23
N LYS F 105 17.22 -43.17 32.07
CA LYS F 105 17.58 -44.49 32.58
C LYS F 105 18.84 -44.98 31.86
N VAL F 106 19.68 -45.69 32.60
CA VAL F 106 20.87 -46.27 31.99
C VAL F 106 20.48 -47.25 30.89
N GLU F 107 19.40 -47.99 31.11
CA GLU F 107 18.91 -48.91 30.09
C GLU F 107 18.57 -48.19 28.79
N ARG F 108 18.05 -46.96 28.89
CA ARG F 108 17.72 -46.22 27.68
C ARG F 108 18.97 -45.83 26.90
N LEU F 109 20.03 -45.41 27.59
CA LEU F 109 21.30 -45.14 26.93
C LEU F 109 21.84 -46.41 26.28
N LEU F 110 21.75 -47.53 26.98
CA LEU F 110 22.22 -48.79 26.40
C LEU F 110 21.44 -49.14 25.15
N GLU F 111 20.11 -48.94 25.17
CA GLU F 111 19.30 -49.20 23.99
C GLU F 111 19.72 -48.30 22.83
N HIS F 112 19.96 -47.01 23.11
CA HIS F 112 20.38 -46.10 22.06
C HIS F 112 21.71 -46.54 21.45
N LEU F 113 22.69 -46.88 22.30
CA LEU F 113 23.99 -47.29 21.80
C LEU F 113 23.89 -48.58 21.00
N ALA F 114 23.10 -49.54 21.50
CA ALA F 114 22.91 -50.79 20.78
C ALA F 114 22.30 -50.53 19.41
N ASP F 115 21.32 -49.63 19.33
CA ASP F 115 20.73 -49.30 18.05
C ASP F 115 21.77 -48.69 17.12
N LEU F 116 22.60 -47.80 17.65
CA LEU F 116 23.60 -47.13 16.81
C LEU F 116 24.73 -48.07 16.41
N SER F 117 24.94 -49.17 17.13
CA SER F 117 26.13 -50.00 16.92
C SER F 117 26.21 -50.51 15.49
N LEU F 118 25.22 -51.30 15.06
CA LEU F 118 25.27 -52.00 13.79
C LEU F 118 24.73 -51.18 12.62
N ASN F 119 24.84 -49.86 12.68
CA ASN F 119 24.35 -48.99 11.61
C ASN F 119 25.48 -48.55 10.70
N PHE F 120 26.44 -49.46 10.45
CA PHE F 120 27.62 -49.09 9.66
C PHE F 120 27.24 -48.41 8.35
N ASP F 121 26.16 -48.86 7.72
CA ASP F 121 25.87 -48.44 6.36
C ASP F 121 25.29 -47.04 6.32
N LYS F 122 24.56 -46.64 7.35
CA LYS F 122 23.79 -45.40 7.29
C LYS F 122 24.70 -44.21 6.99
N LYS F 123 24.20 -43.33 6.13
CA LYS F 123 25.03 -42.27 5.53
C LYS F 123 25.18 -41.04 6.42
N GLU F 124 24.43 -40.93 7.51
CA GLU F 124 24.51 -39.78 8.41
C GLU F 124 25.30 -40.19 9.65
N ALA F 125 26.25 -39.35 10.04
CA ALA F 125 27.16 -39.71 11.13
C ALA F 125 26.40 -39.92 12.43
N ASP F 126 25.42 -39.08 12.74
CA ASP F 126 24.73 -39.14 14.02
C ASP F 126 23.85 -40.38 14.16
N GLU F 127 23.61 -41.11 13.08
CA GLU F 127 22.77 -42.30 13.12
C GLU F 127 23.59 -43.59 13.12
N LYS F 128 24.91 -43.49 13.33
CA LYS F 128 25.77 -44.65 13.44
C LYS F 128 26.97 -44.28 14.30
N ILE F 129 27.65 -45.31 14.80
CA ILE F 129 28.88 -45.07 15.56
C ILE F 129 30.08 -45.00 14.61
N PHE F 130 30.35 -46.10 13.89
CA PHE F 130 31.41 -46.15 12.91
C PHE F 130 30.88 -46.86 11.67
N SER F 131 31.78 -47.11 10.72
CA SER F 131 31.52 -48.00 9.60
C SER F 131 31.86 -49.46 9.92
N ARG F 132 32.19 -49.70 11.18
CA ARG F 132 32.55 -51.02 11.67
C ARG F 132 32.14 -51.11 13.13
N PRO F 133 32.09 -52.31 13.70
CA PRO F 133 31.85 -52.42 15.15
C PRO F 133 32.96 -51.74 15.93
N PHE F 134 32.59 -51.16 17.06
CA PHE F 134 33.60 -50.55 17.91
C PHE F 134 34.40 -51.63 18.62
N GLY F 135 35.72 -51.48 18.59
CA GLY F 135 36.59 -52.50 19.15
C GLY F 135 36.78 -52.38 20.64
N ALA F 136 35.71 -52.08 21.37
CA ALA F 136 35.77 -51.91 22.81
C ALA F 136 34.57 -52.56 23.46
N SER F 137 34.77 -53.07 24.67
CA SER F 137 33.71 -53.57 25.52
C SER F 137 33.52 -52.62 26.68
N LEU F 138 32.27 -52.22 26.92
CA LEU F 138 31.95 -51.15 27.84
C LEU F 138 31.22 -51.69 29.07
N LEU F 139 31.58 -51.17 30.23
CA LEU F 139 30.82 -51.33 31.46
C LEU F 139 30.25 -49.98 31.83
N ILE F 140 28.95 -49.80 31.62
CA ILE F 140 28.27 -48.53 31.86
C ILE F 140 27.49 -48.66 33.15
N ILE F 141 27.80 -47.80 34.12
CA ILE F 141 27.12 -47.78 35.40
C ILE F 141 26.42 -46.44 35.57
N GLY F 142 25.36 -46.45 36.36
CA GLY F 142 24.62 -45.22 36.63
C GLY F 142 23.55 -45.48 37.66
N TYR F 143 22.84 -44.41 38.02
CA TYR F 143 21.77 -44.48 39.00
C TYR F 143 20.50 -43.90 38.40
N ASP F 144 19.46 -44.73 38.34
CA ASP F 144 18.19 -44.37 37.73
C ASP F 144 17.05 -44.82 38.63
N THR F 145 17.11 -44.44 39.91
CA THR F 145 16.28 -44.93 41.00
C THR F 145 16.76 -46.32 41.43
N GLU F 146 17.91 -46.78 40.94
CA GLU F 146 18.51 -48.03 41.35
C GLU F 146 19.91 -48.09 40.77
N PRO F 147 20.90 -48.57 41.53
CA PRO F 147 22.22 -48.77 40.93
C PRO F 147 22.13 -49.76 39.77
N ARG F 148 22.70 -49.38 38.64
CA ARG F 148 22.60 -50.16 37.41
C ARG F 148 23.99 -50.41 36.85
N LEU F 149 24.26 -51.65 36.49
CA LEU F 149 25.51 -52.03 35.84
C LEU F 149 25.16 -52.69 34.52
N PHE F 150 25.65 -52.12 33.42
CA PHE F 150 25.35 -52.60 32.08
C PHE F 150 26.65 -52.85 31.33
N SER F 151 26.65 -53.91 30.54
CA SER F 151 27.78 -54.23 29.67
C SER F 151 27.33 -54.21 28.23
N LEU F 152 28.03 -53.44 27.40
CA LEU F 152 27.73 -53.33 25.98
C LEU F 152 28.88 -53.93 25.19
N ASP F 153 28.58 -54.93 24.39
CA ASP F 153 29.55 -55.63 23.56
C ASP F 153 29.55 -55.05 22.15
N PRO F 154 30.64 -55.26 21.39
CA PRO F 154 30.67 -54.77 20.01
C PRO F 154 29.59 -55.34 19.13
N SER F 155 28.99 -56.48 19.51
CA SER F 155 27.90 -57.06 18.75
C SER F 155 26.62 -56.24 18.84
N GLY F 156 26.60 -55.20 19.67
CA GLY F 156 25.39 -54.45 19.93
C GLY F 156 24.53 -55.01 21.03
N SER F 157 24.83 -56.21 21.50
CA SER F 157 24.07 -56.79 22.61
C SER F 157 24.52 -56.17 23.92
N TYR F 158 23.58 -56.04 24.86
CA TYR F 158 23.89 -55.55 26.19
C TYR F 158 23.07 -56.34 27.21
N LEU F 159 23.63 -56.46 28.41
CA LEU F 159 22.98 -57.17 29.50
C LEU F 159 23.19 -56.41 30.79
N GLU F 160 22.15 -56.39 31.63
CA GLU F 160 22.28 -55.86 32.97
C GLU F 160 22.88 -56.93 33.89
N TYR F 161 23.90 -56.55 34.65
CA TYR F 161 24.68 -57.49 35.43
C TYR F 161 24.66 -57.10 36.90
N HIS F 162 24.76 -58.11 37.77
CA HIS F 162 25.09 -57.85 39.16
C HIS F 162 26.59 -57.69 39.35
N ALA F 163 27.38 -58.34 38.50
CA ALA F 163 28.83 -58.24 38.55
C ALA F 163 29.40 -58.75 37.24
N LYS F 164 30.43 -58.05 36.74
CA LYS F 164 31.08 -58.46 35.50
C LYS F 164 32.50 -57.95 35.49
N ALA F 165 33.35 -58.66 34.76
CA ALA F 165 34.73 -58.25 34.53
C ALA F 165 35.04 -58.30 33.03
N ILE F 166 35.76 -57.30 32.56
CA ILE F 166 36.16 -57.19 31.16
C ILE F 166 37.68 -57.02 31.11
N GLY F 167 38.23 -57.24 29.93
CA GLY F 167 39.67 -57.19 29.74
C GLY F 167 40.29 -58.58 29.72
N SER F 168 41.62 -58.58 29.67
CA SER F 168 42.35 -59.83 29.57
C SER F 168 42.13 -60.74 30.77
N GLY F 169 41.81 -60.18 31.93
CA GLY F 169 41.52 -60.96 33.12
C GLY F 169 40.06 -61.30 33.33
N SER F 170 39.24 -61.12 32.30
CA SER F 170 37.79 -61.28 32.48
C SER F 170 37.43 -62.68 32.96
N GLU F 171 37.95 -63.71 32.30
CA GLU F 171 37.57 -65.08 32.65
C GLU F 171 38.04 -65.44 34.06
N VAL F 172 39.28 -65.10 34.40
CA VAL F 172 39.79 -65.38 35.73
C VAL F 172 38.97 -64.64 36.78
N ILE F 173 38.69 -63.36 36.51
CA ILE F 173 37.95 -62.57 37.49
C ILE F 173 36.53 -63.08 37.64
N GLU F 174 35.95 -63.65 36.59
CA GLU F 174 34.61 -64.23 36.70
C GLU F 174 34.65 -65.52 37.51
N ASN F 175 35.63 -66.38 37.25
CA ASN F 175 35.78 -67.59 38.04
C ASN F 175 36.08 -67.28 39.50
N MET F 176 36.61 -66.10 39.78
CA MET F 176 36.79 -65.64 41.15
C MET F 176 35.53 -64.99 41.72
N LEU F 177 34.76 -64.30 40.86
CA LEU F 177 33.54 -63.65 41.28
C LEU F 177 32.51 -64.66 41.74
N GLU F 178 32.40 -65.78 41.02
CA GLU F 178 31.39 -66.77 41.38
C GLU F 178 31.61 -67.35 42.77
N GLN F 179 32.80 -67.16 43.34
CA GLN F 179 33.11 -67.61 44.69
C GLN F 179 33.13 -66.48 45.70
N GLU F 180 33.64 -65.31 45.32
CA GLU F 180 33.96 -64.27 46.30
C GLU F 180 32.88 -63.22 46.46
N PHE F 181 32.02 -63.02 45.46
CA PHE F 181 31.11 -61.87 45.44
C PHE F 181 29.85 -62.17 46.24
N ASP F 182 29.48 -61.22 47.11
CA ASP F 182 28.21 -61.24 47.83
C ASP F 182 27.66 -59.83 47.85
N PRO F 183 26.45 -59.60 47.32
CA PRO F 183 25.91 -58.22 47.29
C PRO F 183 25.41 -57.70 48.62
N ASN F 184 25.50 -58.47 49.69
CA ASN F 184 24.98 -58.03 50.99
C ASN F 184 26.05 -57.31 51.80
N VAL F 185 27.01 -56.69 51.11
CA VAL F 185 28.24 -56.21 51.73
C VAL F 185 28.29 -54.69 51.61
N ASP F 186 28.96 -54.05 52.57
CA ASP F 186 29.03 -52.60 52.65
C ASP F 186 29.90 -52.05 51.51
N ILE F 187 29.76 -50.74 51.26
CA ILE F 187 30.45 -50.12 50.13
C ILE F 187 31.96 -50.13 50.34
N ASN F 188 32.41 -49.89 51.57
CA ASN F 188 33.85 -49.87 51.83
C ASN F 188 34.44 -51.27 51.74
N SER F 189 33.79 -52.25 52.37
CA SER F 189 34.22 -53.64 52.21
C SER F 189 34.04 -54.11 50.77
N GLY F 190 33.04 -53.60 50.06
CA GLY F 190 32.92 -53.91 48.65
C GLY F 190 34.09 -53.38 47.84
N LEU F 191 34.53 -52.16 48.14
CA LEU F 191 35.71 -51.62 47.48
C LEU F 191 36.94 -52.46 47.79
N LYS F 192 37.07 -52.88 49.05
CA LYS F 192 38.18 -53.75 49.41
C LYS F 192 38.16 -55.03 48.58
N ASN F 193 36.98 -55.65 48.46
CA ASN F 193 36.88 -56.91 47.72
C ASN F 193 37.18 -56.71 46.24
N ILE F 194 36.65 -55.64 45.64
CA ILE F 194 36.88 -55.41 44.21
C ILE F 194 38.36 -55.14 43.96
N LEU F 195 39.00 -54.36 44.83
CA LEU F 195 40.43 -54.11 44.65
C LEU F 195 41.25 -55.38 44.84
N ASN F 196 40.86 -56.22 45.80
CA ASN F 196 41.54 -57.50 45.98
C ASN F 196 41.44 -58.35 44.72
N MET F 197 40.24 -58.42 44.14
CA MET F 197 40.06 -59.21 42.93
C MET F 197 40.86 -58.62 41.77
N LEU F 198 40.87 -57.29 41.65
CA LEU F 198 41.63 -56.64 40.59
C LEU F 198 43.12 -56.95 40.71
N SER F 199 43.66 -56.86 41.92
CA SER F 199 45.10 -57.02 42.11
C SER F 199 45.59 -58.37 41.63
N LYS F 200 44.70 -59.37 41.56
CA LYS F 200 45.12 -60.70 41.15
C LYS F 200 45.66 -60.72 39.73
N VAL F 201 45.13 -59.88 38.85
CA VAL F 201 45.47 -59.91 37.43
C VAL F 201 46.42 -58.78 37.02
N MET F 202 46.54 -57.73 37.83
CA MET F 202 47.37 -56.60 37.44
C MET F 202 48.81 -57.04 37.19
N LYS F 203 49.43 -56.47 36.16
CA LYS F 203 50.81 -56.83 35.82
C LYS F 203 51.75 -56.45 36.95
N ASP F 204 51.58 -55.27 37.51
CA ASP F 204 52.41 -54.80 38.62
C ASP F 204 51.59 -54.73 39.91
N LYS F 205 52.25 -54.37 41.00
CA LYS F 205 51.60 -54.31 42.29
C LYS F 205 50.51 -53.23 42.29
N ILE F 206 49.37 -53.56 42.88
CA ILE F 206 48.27 -52.62 42.93
C ILE F 206 48.61 -51.47 43.87
N ASN F 207 48.37 -50.24 43.41
CA ASN F 207 48.52 -49.06 44.24
C ASN F 207 47.47 -48.05 43.82
N ASN F 208 47.49 -46.89 44.49
CA ASN F 208 46.45 -45.89 44.26
C ASN F 208 46.73 -45.01 43.04
N PHE F 209 47.80 -45.27 42.29
CA PHE F 209 48.14 -44.49 41.11
C PHE F 209 48.01 -45.25 39.81
N ASN F 210 47.99 -46.58 39.86
CA ASN F 210 47.69 -47.41 38.70
C ASN F 210 46.26 -47.94 38.73
N VAL F 211 45.41 -47.39 39.59
CA VAL F 211 44.05 -47.86 39.76
C VAL F 211 43.10 -46.67 39.67
N GLU F 212 41.96 -46.88 39.01
CA GLU F 212 40.89 -45.90 38.95
C GLU F 212 39.58 -46.56 39.37
N ILE F 213 38.88 -45.92 40.29
CA ILE F 213 37.65 -46.47 40.86
C ILE F 213 36.55 -45.44 40.74
N THR F 214 35.38 -45.87 40.27
CA THR F 214 34.19 -45.05 40.26
C THR F 214 33.08 -45.77 41.02
N ALA F 215 32.48 -45.06 41.98
CA ALA F 215 31.40 -45.60 42.79
C ALA F 215 30.22 -44.66 42.69
N ILE F 216 29.11 -45.14 42.14
CA ILE F 216 27.90 -44.35 41.94
C ILE F 216 26.85 -44.82 42.95
N THR F 217 26.33 -43.89 43.74
CA THR F 217 25.33 -44.20 44.75
C THR F 217 24.19 -43.21 44.63
N LYS F 218 23.13 -43.47 45.41
CA LYS F 218 21.97 -42.60 45.41
C LYS F 218 22.35 -41.17 45.77
N ASN F 219 23.44 -40.99 46.51
CA ASN F 219 23.82 -39.68 47.02
C ASN F 219 24.79 -38.95 46.10
N GLU F 220 25.76 -39.66 45.52
CA GLU F 220 26.79 -39.01 44.72
C GLU F 220 27.32 -39.98 43.66
N CYS F 221 27.84 -39.40 42.58
CA CYS F 221 28.59 -40.15 41.58
C CYS F 221 30.08 -39.93 41.82
N LYS F 222 30.59 -40.61 42.85
CA LYS F 222 31.92 -40.35 43.36
C LYS F 222 33.00 -41.00 42.49
N ILE F 223 34.09 -40.27 42.28
CA ILE F 223 35.32 -40.82 41.72
C ILE F 223 36.39 -40.71 42.79
N LEU F 224 36.96 -41.84 43.18
CA LEU F 224 37.83 -41.88 44.35
C LEU F 224 39.21 -41.33 44.03
N THR F 225 39.70 -40.44 44.89
CA THR F 225 41.04 -39.91 44.77
C THR F 225 42.06 -40.94 45.22
N PRO F 226 43.30 -40.86 44.72
CA PRO F 226 44.33 -41.80 45.23
C PRO F 226 44.46 -41.79 46.74
N GLU F 227 44.32 -40.63 47.38
CA GLU F 227 44.33 -40.58 48.83
C GLU F 227 43.15 -41.33 49.45
N GLU F 228 42.10 -41.61 48.67
CA GLU F 228 40.97 -42.41 49.13
C GLU F 228 41.12 -43.88 48.77
N ILE F 229 41.69 -44.17 47.59
CA ILE F 229 42.00 -45.56 47.25
C ILE F 229 43.02 -46.12 48.22
N GLU F 230 43.90 -45.26 48.77
CA GLU F 230 44.86 -45.71 49.76
C GLU F 230 44.17 -46.34 50.96
N GLN F 231 42.98 -45.86 51.32
CA GLN F 231 42.25 -46.43 52.44
C GLN F 231 41.87 -47.88 52.18
N PHE F 232 41.53 -48.22 50.94
CA PHE F 232 41.01 -49.54 50.62
C PHE F 232 42.09 -50.50 50.11
N LEU F 233 43.24 -50.00 49.66
CA LEU F 233 44.29 -50.89 49.20
C LEU F 233 44.81 -51.78 50.32
N GLU F 234 44.63 -51.37 51.57
CA GLU F 234 45.11 -52.14 52.71
C GLU F 234 43.96 -52.85 53.41
N ASP G 6 34.28 -68.22 -3.25
CA ASP G 6 33.92 -67.15 -4.24
C ASP G 6 32.50 -66.67 -4.02
N TYR G 7 31.57 -67.63 -3.94
CA TYR G 7 30.15 -67.30 -3.83
C TYR G 7 29.68 -67.21 -2.39
N THR G 8 30.57 -67.49 -1.42
CA THR G 8 30.15 -67.50 -0.02
C THR G 8 30.11 -66.10 0.57
N ASN G 9 30.98 -65.21 0.09
CA ASN G 9 31.23 -63.96 0.80
C ASN G 9 30.13 -62.93 0.61
N TYR G 10 29.52 -62.85 -0.58
CA TYR G 10 28.61 -61.76 -0.87
C TYR G 10 27.42 -62.27 -1.65
N ILE G 11 26.51 -61.35 -1.98
CA ILE G 11 25.19 -61.69 -2.51
C ILE G 11 25.27 -61.95 -4.02
N ILE G 12 25.43 -63.21 -4.40
CA ILE G 12 25.35 -63.64 -5.80
C ILE G 12 24.96 -65.10 -5.83
N PHE G 13 24.34 -65.52 -6.93
CA PHE G 13 24.02 -66.91 -7.11
C PHE G 13 25.28 -67.74 -7.29
N ASN G 14 25.37 -68.85 -6.56
CA ASN G 14 26.40 -69.83 -6.82
C ASN G 14 26.02 -70.63 -8.06
N PRO G 15 26.96 -71.37 -8.64
CA PRO G 15 26.65 -72.08 -9.89
C PRO G 15 25.44 -72.97 -9.80
N GLU G 16 25.12 -73.50 -8.61
CA GLU G 16 23.93 -74.31 -8.43
C GLU G 16 22.65 -73.49 -8.40
N GLY G 17 22.75 -72.17 -8.27
CA GLY G 17 21.57 -71.32 -8.30
C GLY G 17 21.01 -70.96 -6.95
N LYS G 18 21.84 -70.83 -5.92
CA LYS G 18 21.40 -70.44 -4.60
C LYS G 18 22.36 -69.42 -4.00
N ILE G 19 21.84 -68.57 -3.13
CA ILE G 19 22.61 -67.49 -2.50
C ILE G 19 22.98 -67.99 -1.11
N LYS G 20 24.28 -68.11 -0.86
CA LYS G 20 24.75 -68.73 0.38
C LYS G 20 24.44 -67.86 1.60
N GLN G 21 24.48 -66.54 1.44
CA GLN G 21 24.20 -65.65 2.56
C GLN G 21 22.77 -65.81 3.06
N LEU G 22 21.82 -66.03 2.14
CA LEU G 22 20.45 -66.25 2.54
C LEU G 22 20.27 -67.58 3.28
N GLU G 23 21.18 -68.53 3.06
CA GLU G 23 21.17 -69.74 3.88
C GLU G 23 21.84 -69.49 5.23
N PHE G 24 22.86 -68.64 5.26
CA PHE G 24 23.56 -68.35 6.51
C PHE G 24 22.67 -67.59 7.47
N ILE G 25 21.79 -66.73 6.96
CA ILE G 25 20.87 -66.03 7.86
C ILE G 25 19.91 -67.02 8.53
N ASN G 26 19.67 -68.18 7.91
CA ASN G 26 18.88 -69.20 8.58
C ASN G 26 19.59 -69.75 9.81
N ASN G 27 20.91 -69.92 9.73
CA ASN G 27 21.68 -70.28 10.92
C ASN G 27 21.71 -69.14 11.92
N THR G 28 21.75 -67.90 11.42
CA THR G 28 21.78 -66.74 12.30
C THR G 28 20.51 -66.65 13.13
N VAL G 29 19.36 -66.90 12.52
CA VAL G 29 18.09 -66.76 13.24
C VAL G 29 17.88 -67.90 14.23
N GLN G 30 18.71 -68.93 14.21
CA GLN G 30 18.60 -70.05 15.14
C GLN G 30 19.43 -69.85 16.41
N LEU G 31 20.07 -68.69 16.57
CA LEU G 31 20.94 -68.48 17.71
C LEU G 31 20.14 -68.25 19.00
N GLY G 32 19.07 -67.48 18.92
CA GLY G 32 18.37 -67.05 20.12
C GLY G 32 17.68 -68.20 20.83
N SER G 33 17.23 -67.92 22.05
CA SER G 33 16.56 -68.93 22.85
C SER G 33 15.18 -69.24 22.29
N THR G 34 14.65 -70.40 22.66
CA THR G 34 13.42 -70.88 22.06
C THR G 34 12.24 -69.97 22.40
N VAL G 35 11.41 -69.71 21.40
CA VAL G 35 10.06 -69.19 21.59
C VAL G 35 9.09 -70.17 20.97
N VAL G 36 8.09 -70.58 21.73
CA VAL G 36 7.07 -71.51 21.27
C VAL G 36 5.73 -70.78 21.25
N ALA G 37 5.07 -70.83 20.10
CA ALA G 37 3.82 -70.10 19.90
C ALA G 37 2.73 -71.05 19.45
N LEU G 38 1.59 -70.97 20.12
CA LEU G 38 0.41 -71.74 19.76
C LEU G 38 -0.75 -70.78 19.59
N LYS G 39 -1.55 -71.01 18.55
CA LYS G 39 -2.69 -70.16 18.23
C LYS G 39 -3.96 -70.98 18.19
N ASN G 40 -5.01 -70.43 18.77
CA ASN G 40 -6.37 -70.90 18.57
C ASN G 40 -7.22 -69.70 18.19
N LYS G 41 -8.33 -69.95 17.49
CA LYS G 41 -9.16 -68.86 16.99
C LYS G 41 -9.49 -67.85 18.07
N SER G 42 -9.60 -68.32 19.32
CA SER G 42 -10.03 -67.45 20.41
C SER G 42 -8.87 -66.88 21.20
N PHE G 43 -7.73 -67.57 21.23
CA PHE G 43 -6.63 -67.19 22.10
C PHE G 43 -5.33 -67.82 21.61
N GLY G 44 -4.22 -67.22 22.02
CA GLY G 44 -2.90 -67.68 21.63
C GLY G 44 -1.93 -67.58 22.78
N VAL G 45 -0.85 -68.35 22.68
CA VAL G 45 0.11 -68.54 23.77
C VAL G 45 1.53 -68.35 23.24
N PHE G 46 2.34 -67.64 24.01
CA PHE G 46 3.79 -67.59 23.83
C PHE G 46 4.46 -68.27 25.01
N VAL G 47 5.34 -69.22 24.73
CA VAL G 47 6.16 -69.87 25.75
C VAL G 47 7.62 -69.69 25.35
N THR G 48 8.44 -69.25 26.30
CA THR G 48 9.83 -68.93 26.04
C THR G 48 10.73 -69.65 27.04
N TYR G 49 11.95 -69.94 26.61
CA TYR G 49 13.00 -70.41 27.49
C TYR G 49 14.09 -69.35 27.55
N ASN G 50 14.37 -68.87 28.76
CA ASN G 50 15.39 -67.86 28.98
C ASN G 50 16.42 -68.40 29.95
N GLU G 51 17.69 -68.37 29.54
CA GLU G 51 18.80 -68.80 30.38
C GLU G 51 19.70 -67.60 30.66
N LYS G 52 19.98 -67.36 31.93
CA LYS G 52 20.92 -66.31 32.31
C LYS G 52 22.28 -66.59 31.69
N ARG G 53 22.80 -65.62 30.94
CA ARG G 53 24.10 -65.81 30.30
C ARG G 53 25.20 -66.10 31.32
N SER G 54 25.03 -65.63 32.55
CA SER G 54 25.97 -65.90 33.62
C SER G 54 25.21 -65.90 34.93
N LYS G 55 25.91 -66.31 36.00
CA LYS G 55 25.27 -66.32 37.31
C LYS G 55 24.82 -64.92 37.73
N PHE G 56 25.41 -63.89 37.15
CA PHE G 56 25.14 -62.51 37.54
C PHE G 56 24.47 -61.69 36.44
N ALA G 57 23.92 -62.34 35.42
CA ALA G 57 23.26 -61.62 34.34
C ALA G 57 21.75 -61.67 34.50
N LEU G 58 21.09 -60.55 34.22
CA LEU G 58 19.64 -60.50 34.30
C LEU G 58 19.01 -60.95 32.99
N GLN G 59 17.78 -61.46 33.09
CA GLN G 59 17.11 -62.02 31.92
C GLN G 59 16.79 -60.94 30.90
N GLN G 60 16.78 -61.33 29.63
CA GLN G 60 16.67 -60.38 28.52
C GLN G 60 15.24 -60.14 28.05
N LYS G 61 14.26 -60.82 28.63
CA LYS G 61 12.85 -60.55 28.33
C LYS G 61 12.57 -60.59 26.84
N LYS G 62 12.74 -61.78 26.23
CA LYS G 62 12.66 -61.92 24.78
C LYS G 62 11.32 -61.47 24.20
N ILE G 63 10.24 -61.51 24.97
CA ILE G 63 8.91 -61.17 24.47
C ILE G 63 8.66 -59.68 24.72
N PHE G 64 8.17 -59.00 23.69
CA PHE G 64 7.88 -57.58 23.74
C PHE G 64 6.43 -57.33 23.33
N PRO G 65 5.63 -56.64 24.15
CA PRO G 65 4.26 -56.34 23.73
C PRO G 65 4.22 -55.08 22.87
N ILE G 66 3.73 -55.23 21.64
CA ILE G 66 3.62 -54.11 20.72
C ILE G 66 2.47 -53.19 21.13
N ASN G 67 1.32 -53.77 21.48
CA ASN G 67 0.19 -53.01 21.98
C ASN G 67 -0.71 -53.98 22.73
N SER G 68 -1.64 -53.43 23.50
CA SER G 68 -2.63 -54.27 24.15
C SER G 68 -3.25 -55.18 23.11
N LYS G 69 -3.19 -56.49 23.34
CA LYS G 69 -3.71 -57.50 22.40
C LYS G 69 -2.76 -57.72 21.23
N SER G 70 -1.49 -57.35 21.39
CA SER G 70 -0.47 -57.63 20.39
C SER G 70 0.85 -57.93 21.08
N LEU G 71 1.47 -59.05 20.72
CA LEU G 71 2.75 -59.47 21.26
C LEU G 71 3.72 -59.77 20.12
N PHE G 72 4.99 -59.47 20.34
CA PHE G 72 6.04 -59.80 19.39
C PHE G 72 7.22 -60.43 20.12
N SER G 73 7.87 -61.38 19.44
CA SER G 73 9.06 -62.03 19.95
C SER G 73 9.90 -62.48 18.78
N PHE G 74 11.19 -62.70 19.03
CA PHE G 74 12.11 -62.97 17.95
C PHE G 74 13.30 -63.79 18.45
N SER G 75 14.04 -64.34 17.50
CA SER G 75 15.28 -65.03 17.77
C SER G 75 16.33 -64.57 16.77
N GLY G 76 17.58 -64.47 17.24
CA GLY G 76 18.66 -64.02 16.38
C GLY G 76 19.35 -62.78 16.89
N ILE G 77 19.83 -61.93 15.99
CA ILE G 77 20.51 -60.70 16.37
C ILE G 77 19.49 -59.80 17.07
N THR G 78 19.73 -59.49 18.33
CA THR G 78 18.77 -58.75 19.12
C THR G 78 18.60 -57.32 18.65
N ASN G 79 19.61 -56.73 18.01
CA ASN G 79 19.48 -55.37 17.51
C ASN G 79 18.40 -55.28 16.45
N ASP G 80 18.39 -56.23 15.52
CA ASP G 80 17.35 -56.26 14.49
C ASP G 80 15.99 -56.52 15.10
N GLY G 81 15.92 -57.37 16.13
CA GLY G 81 14.66 -57.61 16.81
C GLY G 81 14.12 -56.35 17.46
N THR G 82 14.98 -55.58 18.12
CA THR G 82 14.55 -54.33 18.71
C THR G 82 14.11 -53.33 17.63
N LYS G 83 14.83 -53.30 16.51
CA LYS G 83 14.40 -52.47 15.39
C LYS G 83 13.00 -52.85 14.94
N ILE G 84 12.73 -54.15 14.83
CA ILE G 84 11.41 -54.59 14.39
C ILE G 84 10.35 -54.25 15.44
N VAL G 85 10.71 -54.34 16.72
CA VAL G 85 9.75 -53.97 17.76
C VAL G 85 9.37 -52.50 17.63
N LYS G 86 10.37 -51.65 17.44
CA LYS G 86 10.09 -50.22 17.25
C LYS G 86 9.27 -49.99 15.99
N TYR G 87 9.59 -50.71 14.93
CA TYR G 87 8.84 -50.57 13.68
C TYR G 87 7.38 -50.94 13.88
N LEU G 88 7.12 -52.04 14.59
CA LEU G 88 5.74 -52.46 14.83
C LEU G 88 5.00 -51.48 15.73
N LYS G 89 5.67 -50.94 16.74
CA LYS G 89 5.01 -49.93 17.56
C LYS G 89 4.64 -48.70 16.74
N ASN G 90 5.58 -48.22 15.92
CA ASN G 90 5.30 -47.05 15.08
C ASN G 90 4.16 -47.35 14.11
N SER G 91 4.15 -48.55 13.53
CA SER G 91 3.07 -48.92 12.61
C SER G 91 1.74 -49.00 13.33
N THR G 92 1.73 -49.50 14.56
CA THR G 92 0.48 -49.51 15.33
C THR G 92 -0.04 -48.10 15.54
N VAL G 93 0.85 -47.19 15.94
CA VAL G 93 0.42 -45.80 16.15
C VAL G 93 -0.13 -45.22 14.86
N PHE G 94 0.61 -45.37 13.76
CA PHE G 94 0.18 -44.78 12.49
C PHE G 94 -1.15 -45.37 12.05
N GLU G 95 -1.31 -46.69 12.13
CA GLU G 95 -2.53 -47.32 11.66
C GLU G 95 -3.72 -46.93 12.54
N ASN G 96 -3.52 -46.84 13.85
CA ASN G 96 -4.60 -46.43 14.73
C ASN G 96 -5.03 -44.99 14.45
N ILE G 97 -4.07 -44.10 14.23
CA ILE G 97 -4.37 -42.69 14.07
C ILE G 97 -4.69 -42.38 12.61
N ARG G 98 -3.73 -42.61 11.72
CA ARG G 98 -3.85 -42.12 10.35
C ARG G 98 -4.73 -43.00 9.47
N LYS G 99 -5.08 -44.20 9.92
CA LYS G 99 -5.96 -45.09 9.16
C LYS G 99 -7.14 -45.59 9.97
N GLY G 100 -7.22 -45.27 11.26
CA GLY G 100 -8.37 -45.65 12.05
C GLY G 100 -8.61 -47.14 12.11
N ARG G 101 -7.57 -47.93 12.36
CA ARG G 101 -7.72 -49.38 12.42
C ARG G 101 -6.52 -49.98 13.11
N ASP G 102 -6.60 -51.28 13.38
CA ASP G 102 -5.50 -52.01 13.98
C ASP G 102 -4.54 -52.50 12.89
N ILE G 103 -3.32 -52.83 13.31
CA ILE G 103 -2.34 -53.35 12.36
C ILE G 103 -2.84 -54.69 11.82
N HIS G 104 -2.69 -54.88 10.53
CA HIS G 104 -2.98 -56.18 9.95
C HIS G 104 -1.79 -57.11 10.23
N PRO G 105 -2.03 -58.30 10.78
CA PRO G 105 -0.89 -59.13 11.20
C PRO G 105 0.12 -59.38 10.09
N ILE G 106 -0.34 -59.56 8.85
CA ILE G 106 0.55 -59.87 7.74
C ILE G 106 1.02 -58.59 7.06
N HIS G 107 0.08 -57.69 6.75
CA HIS G 107 0.41 -56.52 5.96
C HIS G 107 1.15 -55.45 6.75
N VAL G 108 1.15 -55.53 8.08
CA VAL G 108 1.95 -54.61 8.88
C VAL G 108 3.42 -54.81 8.56
N PHE G 109 3.80 -55.99 8.05
CA PHE G 109 5.17 -56.30 7.71
C PHE G 109 5.52 -55.94 6.27
N ASP G 110 4.66 -55.20 5.56
CA ASP G 110 4.92 -54.97 4.14
C ASP G 110 6.16 -54.12 3.91
N ASP G 111 6.29 -52.99 4.60
CA ASP G 111 7.48 -52.15 4.42
C ASP G 111 8.74 -52.88 4.88
N LEU G 112 8.65 -53.61 5.98
CA LEU G 112 9.81 -54.37 6.45
C LEU G 112 10.21 -55.44 5.45
N CYS G 113 9.24 -56.11 4.84
CA CYS G 113 9.53 -57.11 3.82
C CYS G 113 10.16 -56.46 2.60
N TYR G 114 9.69 -55.28 2.21
CA TYR G 114 10.32 -54.58 1.09
C TYR G 114 11.76 -54.24 1.40
N SER G 115 12.03 -53.75 2.62
CA SER G 115 13.41 -53.44 3.01
C SER G 115 14.28 -54.68 3.01
N ALA G 116 13.75 -55.78 3.54
CA ALA G 116 14.50 -57.03 3.57
C ALA G 116 14.79 -57.53 2.16
N CYS G 117 13.81 -57.41 1.26
CA CYS G 117 14.03 -57.80 -0.13
C CYS G 117 15.11 -56.94 -0.78
N ILE G 118 15.08 -55.64 -0.50
CA ILE G 118 16.14 -54.75 -0.99
C ILE G 118 17.49 -55.27 -0.52
N ARG G 119 17.57 -55.61 0.77
CA ARG G 119 18.84 -56.10 1.32
C ARG G 119 19.27 -57.41 0.66
N THR G 120 18.34 -58.32 0.40
CA THR G 120 18.68 -59.57 -0.26
C THR G 120 19.02 -59.41 -1.73
N LEU G 121 18.64 -58.29 -2.35
CA LEU G 121 18.90 -58.09 -3.77
C LEU G 121 20.22 -57.37 -4.05
N THR G 122 20.75 -56.63 -3.08
CA THR G 122 21.91 -55.78 -3.29
C THR G 122 22.95 -56.02 -2.21
N ASN G 123 24.22 -55.84 -2.56
CA ASN G 123 25.30 -55.92 -1.60
C ASN G 123 25.43 -54.60 -0.86
N GLY G 124 26.32 -54.59 0.13
CA GLY G 124 26.52 -53.40 0.96
C GLY G 124 25.53 -53.27 2.09
N ASN G 125 24.24 -53.42 1.78
CA ASN G 125 23.22 -53.41 2.82
C ASN G 125 23.25 -54.74 3.59
N ARG G 126 22.98 -54.67 4.88
CA ARG G 126 23.07 -55.84 5.75
C ARG G 126 21.75 -56.60 5.78
N LEU G 127 21.82 -57.91 5.63
CA LEU G 127 20.64 -58.75 5.77
C LEU G 127 20.17 -58.77 7.22
N TYR G 128 18.85 -58.76 7.41
CA TYR G 128 18.30 -58.91 8.74
C TYR G 128 18.60 -60.31 9.27
N GLY G 129 19.08 -60.39 10.50
CA GLY G 129 19.41 -61.67 11.11
C GLY G 129 18.47 -62.01 12.24
N VAL G 130 17.18 -61.73 12.05
CA VAL G 130 16.19 -61.90 13.10
C VAL G 130 14.95 -62.54 12.49
N GLN G 131 14.39 -63.52 13.22
CA GLN G 131 13.15 -64.19 12.85
C GLN G 131 12.12 -63.91 13.93
N GLY G 132 10.97 -63.39 13.53
CA GLY G 132 10.00 -62.87 14.49
C GLY G 132 8.68 -63.60 14.43
N LEU G 133 8.00 -63.60 15.58
CA LEU G 133 6.65 -64.12 15.70
C LEU G 133 5.74 -63.01 16.21
N LEU G 134 4.70 -62.70 15.46
CA LEU G 134 3.73 -61.68 15.84
C LEU G 134 2.40 -62.35 16.12
N LEU G 135 1.96 -62.30 17.38
CA LEU G 135 0.69 -62.85 17.80
C LEU G 135 -0.22 -61.68 18.16
N THR G 136 -1.27 -61.48 17.36
CA THR G 136 -2.12 -60.31 17.52
C THR G 136 -3.57 -60.71 17.30
N ASP G 137 -4.49 -59.95 17.90
CA ASP G 137 -5.91 -60.15 17.73
C ASP G 137 -6.41 -59.24 16.61
N TYR G 138 -6.86 -59.85 15.52
CA TYR G 138 -7.38 -59.10 14.37
C TYR G 138 -8.44 -59.98 13.71
N GLN G 139 -9.71 -59.67 13.97
CA GLN G 139 -10.81 -60.55 13.58
C GLN G 139 -10.62 -61.94 14.18
N GLY G 140 -10.07 -61.99 15.39
CA GLY G 140 -9.59 -63.21 16.00
C GLY G 140 -8.09 -63.19 16.17
N ILE G 141 -7.61 -64.21 16.88
CA ILE G 141 -6.17 -64.31 17.14
C ILE G 141 -5.46 -64.83 15.91
N SER G 142 -4.42 -64.13 15.49
CA SER G 142 -3.63 -64.50 14.33
C SER G 142 -2.15 -64.48 14.70
N LEU G 143 -1.42 -65.50 14.23
CA LEU G 143 -0.01 -65.64 14.51
C LEU G 143 0.76 -65.61 13.20
N VAL G 144 1.80 -64.79 13.14
CA VAL G 144 2.55 -64.54 11.91
C VAL G 144 4.02 -64.81 12.16
N LEU G 145 4.67 -65.48 11.22
CA LEU G 145 6.11 -65.71 11.27
C LEU G 145 6.77 -64.83 10.21
N PHE G 146 7.71 -64.00 10.65
CA PHE G 146 8.46 -63.13 9.75
C PHE G 146 9.85 -63.71 9.55
N ASP G 147 10.28 -63.81 8.29
CA ASP G 147 11.57 -64.36 7.97
C ASP G 147 12.51 -63.28 7.43
N PRO G 148 13.82 -63.40 7.67
CA PRO G 148 14.75 -62.35 7.23
C PRO G 148 14.81 -62.17 5.72
N LYS G 149 14.35 -63.15 4.94
CA LYS G 149 14.35 -63.03 3.49
C LYS G 149 13.31 -62.05 2.99
N GLY G 150 12.43 -61.56 3.86
CA GLY G 150 11.41 -60.61 3.45
C GLY G 150 10.08 -61.25 3.11
N SER G 151 9.57 -62.08 4.03
CA SER G 151 8.27 -62.71 3.84
C SER G 151 7.65 -62.96 5.20
N ALA G 152 6.37 -62.60 5.32
CA ALA G 152 5.60 -62.82 6.53
C ALA G 152 4.43 -63.75 6.21
N LYS G 153 4.34 -64.85 6.95
CA LYS G 153 3.35 -65.89 6.67
C LYS G 153 2.61 -66.26 7.94
N GLU G 154 1.32 -66.51 7.80
CA GLU G 154 0.49 -66.89 8.94
C GLU G 154 0.66 -68.37 9.26
N VAL G 155 0.70 -68.68 10.55
CA VAL G 155 0.95 -70.05 11.02
C VAL G 155 -0.05 -70.38 12.12
N ARG G 156 -0.32 -71.68 12.27
CA ARG G 156 -1.12 -72.16 13.38
C ARG G 156 -0.31 -72.21 14.67
N GLY G 157 0.98 -72.48 14.55
CA GLY G 157 1.90 -72.42 15.68
C GLY G 157 3.29 -72.60 15.15
N MET G 158 4.25 -72.01 15.85
CA MET G 158 5.63 -72.03 15.38
C MET G 158 6.57 -71.98 16.57
N SER G 159 7.80 -72.41 16.33
CA SER G 159 8.87 -72.30 17.31
C SER G 159 10.10 -71.72 16.63
N ILE G 160 10.70 -70.71 17.26
CA ILE G 160 11.89 -70.06 16.74
C ILE G 160 12.95 -70.08 17.83
N GLY G 161 14.21 -70.04 17.40
CA GLY G 161 15.33 -70.06 18.31
C GLY G 161 16.10 -71.35 18.27
N SER G 162 17.09 -71.44 19.16
CA SER G 162 17.95 -72.61 19.21
C SER G 162 17.14 -73.85 19.53
N ARG G 163 17.42 -74.94 18.80
CA ARG G 163 16.77 -76.22 19.01
C ARG G 163 15.28 -76.17 18.75
N SER G 164 14.83 -75.30 17.84
CA SER G 164 13.40 -75.08 17.65
C SER G 164 12.74 -76.16 16.81
N GLN G 165 13.51 -77.01 16.14
CA GLN G 165 12.91 -78.01 15.27
C GLN G 165 12.14 -79.06 16.06
N SER G 166 12.64 -79.44 17.23
CA SER G 166 11.91 -80.38 18.07
C SER G 166 10.57 -79.79 18.53
N CYS G 167 10.58 -78.53 18.96
CA CYS G 167 9.33 -77.86 19.29
C CYS G 167 8.40 -77.81 18.09
N ARG G 168 8.95 -77.53 16.91
CA ARG G 168 8.14 -77.43 15.71
C ARG G 168 7.47 -78.75 15.39
N THR G 169 8.21 -79.85 15.51
CA THR G 169 7.61 -81.15 15.21
C THR G 169 6.59 -81.55 16.28
N ILE G 170 6.85 -81.24 17.55
CA ILE G 170 5.86 -81.51 18.58
C ILE G 170 4.58 -80.74 18.31
N LEU G 171 4.70 -79.47 17.93
CA LEU G 171 3.51 -78.68 17.59
C LEU G 171 2.81 -79.26 16.36
N GLU G 172 3.60 -79.63 15.35
CA GLU G 172 3.01 -80.09 14.09
C GLU G 172 2.27 -81.41 14.27
N ASP G 173 2.71 -82.24 15.21
CA ASP G 173 2.00 -83.49 15.49
C ASP G 173 0.63 -83.25 16.08
N GLU G 174 0.30 -82.03 16.51
CA GLU G 174 -0.99 -81.72 17.11
C GLU G 174 -1.65 -80.49 16.51
N CYS G 175 -1.21 -80.02 15.34
CA CYS G 175 -1.73 -78.76 14.81
C CYS G 175 -3.22 -78.84 14.51
N ASP G 176 -3.69 -79.96 13.97
CA ASP G 176 -5.09 -80.05 13.56
C ASP G 176 -6.05 -79.97 14.74
N LYS G 177 -5.56 -80.14 15.97
CA LYS G 177 -6.40 -80.11 17.16
C LYS G 177 -6.32 -78.78 17.91
N PHE G 178 -5.61 -77.78 17.38
CA PHE G 178 -5.52 -76.50 18.08
C PHE G 178 -6.88 -75.82 18.19
N GLU G 179 -7.70 -75.93 17.16
CA GLU G 179 -9.01 -75.28 17.17
C GLU G 179 -9.95 -75.86 18.20
N GLU G 180 -9.62 -77.02 18.79
CA GLU G 180 -10.44 -77.64 19.82
C GLU G 180 -9.85 -77.50 21.21
N TYR G 181 -8.53 -77.32 21.32
CA TYR G 181 -7.89 -77.19 22.62
C TYR G 181 -8.36 -75.93 23.33
N ASN G 182 -8.37 -75.99 24.66
CA ASN G 182 -8.61 -74.80 25.47
C ASN G 182 -7.28 -74.17 25.87
N LYS G 183 -7.38 -73.05 26.60
CA LYS G 183 -6.18 -72.27 26.92
C LYS G 183 -5.19 -73.08 27.75
N GLU G 184 -5.70 -73.82 28.73
CA GLU G 184 -4.83 -74.69 29.52
C GLU G 184 -4.18 -75.76 28.64
N GLU G 185 -4.94 -76.29 27.69
CA GLU G 185 -4.39 -77.30 26.79
C GLU G 185 -3.28 -76.71 25.92
N LEU G 186 -3.47 -75.50 25.39
CA LEU G 186 -2.43 -74.88 24.58
C LEU G 186 -1.17 -74.61 25.40
N VAL G 187 -1.35 -74.12 26.63
CA VAL G 187 -0.18 -73.88 27.47
C VAL G 187 0.54 -75.18 27.76
N ARG G 188 -0.23 -76.25 28.03
CA ARG G 188 0.38 -77.54 28.29
C ARG G 188 1.15 -78.04 27.07
N LEU G 189 0.59 -77.85 25.88
CA LEU G 189 1.28 -78.32 24.68
C LEU G 189 2.54 -77.50 24.42
N GLY G 190 2.51 -76.20 24.69
CA GLY G 190 3.72 -75.40 24.54
C GLY G 190 4.80 -75.83 25.51
N ILE G 191 4.42 -76.10 26.76
CA ILE G 191 5.40 -76.57 27.74
C ILE G 191 5.92 -77.96 27.34
N LYS G 192 5.06 -78.79 26.76
CA LYS G 192 5.50 -80.09 26.28
C LYS G 192 6.50 -79.95 25.14
N ALA G 193 6.27 -79.01 24.23
CA ALA G 193 7.22 -78.77 23.16
C ALA G 193 8.56 -78.31 23.71
N LEU G 194 8.54 -77.39 24.67
CA LEU G 194 9.79 -76.97 25.30
C LEU G 194 10.49 -78.15 25.97
N ARG G 195 9.72 -78.99 26.66
CA ARG G 195 10.28 -80.15 27.32
C ARG G 195 10.94 -81.09 26.32
N ASN G 196 10.28 -81.32 25.18
CA ASN G 196 10.86 -82.14 24.13
C ASN G 196 12.16 -81.53 23.61
N ALA G 197 12.20 -80.21 23.46
CA ALA G 197 13.45 -79.56 23.09
C ALA G 197 14.45 -79.60 24.24
N TYR G 198 13.97 -79.54 25.48
CA TYR G 198 14.81 -79.49 26.66
C TYR G 198 14.42 -80.61 27.61
N PRO G 199 14.74 -81.86 27.25
CA PRO G 199 14.43 -82.99 28.14
C PRO G 199 15.28 -83.02 29.39
N GLU G 200 16.32 -82.19 29.48
CA GLU G 200 17.18 -82.18 30.67
C GLU G 200 16.43 -81.51 31.82
N THR G 201 16.24 -82.26 32.89
CA THR G 201 15.46 -81.78 34.02
C THR G 201 16.20 -80.68 34.77
N GLY G 202 15.44 -79.82 35.43
CA GLY G 202 16.01 -78.73 36.20
C GLY G 202 16.29 -77.50 35.36
N VAL G 203 16.64 -77.70 34.09
CA VAL G 203 16.91 -76.57 33.20
C VAL G 203 15.64 -75.74 33.02
N LEU G 204 14.53 -76.42 32.71
CA LEU G 204 13.24 -75.73 32.67
C LEU G 204 12.68 -75.63 34.09
N ASN G 205 12.39 -74.41 34.53
CA ASN G 205 11.94 -74.19 35.89
C ASN G 205 11.04 -72.96 35.93
N LYS G 206 10.57 -72.64 37.13
CA LYS G 206 9.68 -71.51 37.32
C LYS G 206 10.33 -70.20 36.89
N ASP G 207 11.66 -70.13 36.90
CA ASP G 207 12.36 -68.88 36.61
C ASP G 207 12.73 -68.75 35.14
N ASN G 208 13.03 -69.85 34.46
CA ASN G 208 13.55 -69.78 33.10
C ASN G 208 12.46 -69.65 32.04
N VAL G 209 11.20 -69.90 32.39
CA VAL G 209 10.11 -69.93 31.43
C VAL G 209 9.11 -68.84 31.78
N ASP G 210 8.77 -68.01 30.79
CA ASP G 210 7.74 -67.00 30.92
C ASP G 210 6.66 -67.25 29.89
N ILE G 211 5.41 -67.34 30.34
CA ILE G 211 4.28 -67.70 29.50
C ILE G 211 3.42 -66.47 29.31
N TRP G 212 3.07 -66.16 28.06
CA TRP G 212 2.24 -65.02 27.72
C TRP G 212 0.96 -65.50 27.07
N ILE G 213 -0.17 -64.99 27.56
CA ILE G 213 -1.49 -65.40 27.10
C ILE G 213 -2.14 -64.23 26.39
N LEU G 214 -2.71 -64.50 25.21
CA LEU G 214 -3.52 -63.52 24.50
C LEU G 214 -4.84 -64.16 24.12
N GLU G 215 -5.93 -63.49 24.49
CA GLU G 215 -7.28 -63.94 24.20
C GLU G 215 -7.99 -62.87 23.38
N THR G 216 -8.79 -63.31 22.41
CA THR G 216 -9.48 -62.38 21.53
C THR G 216 -10.40 -61.47 22.34
N ASN G 217 -10.43 -60.19 21.95
CA ASN G 217 -11.22 -59.18 22.64
C ASN G 217 -10.80 -59.00 24.09
N GLN G 218 -9.52 -59.24 24.39
CA GLN G 218 -9.03 -59.12 25.75
C GLN G 218 -7.56 -58.74 25.70
N GLU G 219 -7.08 -58.15 26.78
CA GLU G 219 -5.70 -57.72 26.85
C GLU G 219 -4.75 -58.90 26.98
N SER G 220 -3.50 -58.69 26.56
CA SER G 220 -2.47 -59.71 26.69
C SER G 220 -1.84 -59.64 28.08
N LYS G 221 -1.63 -60.81 28.67
CA LYS G 221 -1.14 -60.89 30.05
C LYS G 221 -0.07 -61.96 30.17
N GLN G 222 0.89 -61.69 31.05
CA GLN G 222 1.85 -62.70 31.47
C GLN G 222 1.29 -63.46 32.66
N ILE G 223 1.30 -64.78 32.60
CA ILE G 223 0.74 -65.62 33.65
C ILE G 223 1.84 -66.46 34.26
N LYS G 224 1.67 -66.77 35.55
CA LYS G 224 2.70 -67.49 36.29
C LYS G 224 2.90 -68.88 35.69
N SER G 225 4.16 -69.33 35.66
CA SER G 225 4.51 -70.64 35.17
C SER G 225 4.50 -71.71 36.26
N GLU G 226 4.08 -71.36 37.48
CA GLU G 226 4.12 -72.31 38.58
C GLU G 226 3.25 -73.52 38.30
N GLU G 227 2.04 -73.30 37.77
CA GLU G 227 1.07 -74.36 37.58
C GLU G 227 1.42 -75.32 36.45
N TYR G 228 2.43 -75.00 35.65
CA TYR G 228 2.73 -75.79 34.46
C TYR G 228 4.11 -76.43 34.48
N LEU G 229 5.03 -75.96 35.31
CA LEU G 229 6.34 -76.57 35.48
C LEU G 229 6.62 -77.05 36.89
N GLN G 230 5.94 -76.49 37.89
CA GLN G 230 6.16 -76.89 39.28
C GLN G 230 4.87 -76.82 40.08
N ALA H 2 39.57 -68.86 -15.65
CA ALA H 2 38.59 -68.62 -14.55
C ALA H 2 37.26 -68.14 -15.11
N ILE H 3 36.17 -68.71 -14.61
CA ILE H 3 34.85 -68.26 -15.02
C ILE H 3 34.58 -66.88 -14.45
N LEU H 4 34.03 -66.00 -15.28
CA LEU H 4 33.90 -64.59 -14.93
C LEU H 4 32.56 -64.31 -14.26
N ASP H 5 32.00 -65.31 -13.57
CA ASP H 5 30.70 -65.18 -12.91
C ASP H 5 30.77 -64.39 -11.61
N VAL H 6 31.90 -63.73 -11.32
CA VAL H 6 32.01 -62.93 -10.10
C VAL H 6 30.95 -61.83 -10.07
N ASP H 7 30.47 -61.39 -11.22
CA ASP H 7 29.51 -60.31 -11.30
C ASP H 7 28.72 -60.46 -12.60
N THR H 8 27.72 -59.60 -12.76
CA THR H 8 26.92 -59.61 -13.97
C THR H 8 27.72 -59.02 -15.13
N VAL H 9 28.70 -59.78 -15.62
CA VAL H 9 29.56 -59.36 -16.71
C VAL H 9 29.62 -60.47 -17.75
N TYR H 10 30.04 -60.11 -18.95
CA TYR H 10 30.09 -61.05 -20.05
C TYR H 10 31.28 -62.00 -19.91
N THR H 11 31.05 -63.27 -20.22
CA THR H 11 32.15 -64.21 -20.41
C THR H 11 32.69 -64.07 -21.82
N ASN H 12 33.83 -64.72 -22.07
CA ASN H 12 34.47 -64.59 -23.37
C ASN H 12 33.57 -65.09 -24.49
N THR H 13 32.57 -65.90 -24.18
CA THR H 13 31.61 -66.37 -25.16
C THR H 13 30.36 -65.51 -25.24
N GLY H 14 30.30 -64.42 -24.48
CA GLY H 14 29.18 -63.51 -24.50
C GLY H 14 28.08 -63.82 -23.51
N ASP H 15 28.16 -64.94 -22.80
CA ASP H 15 27.12 -65.33 -21.86
C ASP H 15 27.33 -64.66 -20.51
N ILE H 16 26.24 -64.26 -19.88
CA ILE H 16 26.27 -63.72 -18.52
C ILE H 16 25.93 -64.89 -17.59
N LEU H 17 26.94 -65.41 -16.91
CA LEU H 17 26.75 -66.63 -16.12
C LEU H 17 25.80 -66.40 -14.96
N GLN H 18 25.89 -65.24 -14.30
CA GLN H 18 25.04 -64.99 -13.16
C GLN H 18 23.57 -65.06 -13.53
N ILE H 19 23.20 -64.60 -14.73
CA ILE H 19 21.82 -64.73 -15.16
C ILE H 19 21.46 -66.19 -15.37
N GLY H 20 22.41 -67.01 -15.83
CA GLY H 20 22.15 -68.44 -15.91
C GLY H 20 21.89 -69.07 -14.56
N TYR H 21 22.68 -68.67 -13.55
CA TYR H 21 22.43 -69.16 -12.20
C TYR H 21 21.07 -68.69 -11.68
N ALA H 22 20.72 -67.45 -11.98
CA ALA H 22 19.41 -66.93 -11.59
C ALA H 22 18.30 -67.73 -12.24
N GLN H 23 18.47 -68.09 -13.51
CA GLN H 23 17.47 -68.91 -14.19
C GLN H 23 17.42 -70.33 -13.59
N LYS H 24 18.56 -70.87 -13.18
CA LYS H 24 18.54 -72.15 -12.47
C LYS H 24 17.73 -72.04 -11.19
N ALA H 25 17.90 -70.96 -10.43
CA ALA H 25 17.13 -70.76 -9.22
C ALA H 25 15.64 -70.63 -9.53
N ALA H 26 15.31 -69.86 -10.57
CA ALA H 26 13.91 -69.60 -10.91
C ALA H 26 13.21 -70.87 -11.39
N ASP H 27 13.92 -71.68 -12.17
CA ASP H 27 13.33 -72.89 -12.74
C ASP H 27 13.04 -73.96 -11.71
N ASN H 28 13.50 -73.78 -10.46
CA ASN H 28 13.27 -74.75 -9.41
C ASN H 28 12.16 -74.33 -8.45
N GLY H 29 11.42 -73.28 -8.77
CA GLY H 29 10.33 -72.83 -7.92
C GLY H 29 9.05 -73.61 -8.17
N ASN H 30 8.05 -73.32 -7.35
CA ASN H 30 6.76 -73.99 -7.45
C ASN H 30 6.02 -73.52 -8.70
N THR H 31 5.28 -74.43 -9.32
CA THR H 31 4.66 -74.11 -10.60
C THR H 31 3.40 -73.28 -10.41
N ALA H 32 3.21 -72.33 -11.33
CA ALA H 32 1.97 -71.59 -11.45
C ALA H 32 1.58 -71.58 -12.92
N ILE H 33 0.31 -71.84 -13.19
CA ILE H 33 -0.21 -71.95 -14.55
C ILE H 33 -1.23 -70.84 -14.75
N CYS H 34 -1.06 -70.08 -15.84
CA CYS H 34 -1.99 -69.04 -16.23
C CYS H 34 -2.56 -69.37 -17.60
N MET H 35 -3.88 -69.39 -17.70
CA MET H 35 -4.55 -69.67 -18.97
C MET H 35 -5.52 -68.54 -19.27
N LYS H 36 -5.44 -68.03 -20.50
CA LYS H 36 -6.17 -66.84 -20.92
C LYS H 36 -7.18 -67.23 -21.99
N ASN H 37 -8.35 -66.59 -21.93
CA ASN H 37 -9.43 -66.91 -22.86
C ASN H 37 -10.28 -65.65 -23.02
N LYS H 38 -11.03 -65.60 -24.11
CA LYS H 38 -11.90 -64.45 -24.36
C LYS H 38 -12.83 -64.20 -23.19
N LYS H 39 -13.29 -65.25 -22.53
CA LYS H 39 -14.29 -65.11 -21.47
C LYS H 39 -13.69 -64.74 -20.12
N GLY H 40 -12.38 -64.82 -19.96
CA GLY H 40 -11.75 -64.49 -18.70
C GLY H 40 -10.35 -65.07 -18.62
N LEU H 41 -9.76 -64.93 -17.44
CA LEU H 41 -8.40 -65.36 -17.18
C LEU H 41 -8.31 -65.96 -15.78
N ILE H 42 -7.51 -67.02 -15.66
CA ILE H 42 -7.29 -67.67 -14.38
C ILE H 42 -5.81 -67.97 -14.23
N MET H 43 -5.38 -68.15 -12.98
CA MET H 43 -4.03 -68.61 -12.69
C MET H 43 -4.08 -69.63 -11.56
N ILE H 44 -3.39 -70.75 -11.76
CA ILE H 44 -3.25 -71.79 -10.75
C ILE H 44 -1.86 -71.66 -10.15
N ALA H 45 -1.73 -72.00 -8.88
CA ALA H 45 -0.47 -71.87 -8.17
C ALA H 45 -0.30 -73.00 -7.17
N GLU H 46 0.79 -73.76 -7.33
CA GLU H 46 1.16 -74.74 -6.33
C GLU H 46 1.58 -74.04 -5.05
N LYS H 47 1.16 -74.60 -3.91
CA LYS H 47 1.58 -74.12 -2.60
C LYS H 47 2.03 -75.33 -1.79
N PRO H 48 3.28 -75.76 -1.95
CA PRO H 48 3.73 -76.98 -1.28
C PRO H 48 3.58 -76.87 0.24
N ILE H 49 3.20 -77.97 0.85
CA ILE H 49 3.03 -78.01 2.30
C ILE H 49 4.37 -78.32 2.94
N GLU H 50 5.19 -77.29 3.13
CA GLU H 50 6.48 -77.48 3.80
C GLU H 50 6.28 -77.97 5.22
N SER H 51 5.31 -77.40 5.92
CA SER H 51 4.91 -77.89 7.23
C SER H 51 3.43 -77.59 7.41
N LYS H 52 2.75 -78.44 8.18
CA LYS H 52 1.33 -78.25 8.41
C LYS H 52 1.04 -77.06 9.32
N LEU H 53 2.07 -76.47 9.93
CA LEU H 53 1.86 -75.31 10.78
C LEU H 53 1.46 -74.07 10.00
N TYR H 54 1.92 -73.93 8.78
CA TYR H 54 1.54 -72.79 7.96
C TYR H 54 0.06 -72.83 7.62
N VAL H 55 -0.59 -71.67 7.67
CA VAL H 55 -1.98 -71.55 7.25
C VAL H 55 -2.00 -71.25 5.77
N SER H 56 -1.97 -72.31 4.94
CA SER H 56 -1.85 -72.12 3.50
C SER H 56 -3.02 -71.34 2.93
N GLU H 57 -4.19 -71.43 3.56
CA GLU H 57 -5.37 -70.73 3.05
C GLU H 57 -5.27 -69.23 3.17
N LYS H 58 -4.32 -68.72 3.96
CA LYS H 58 -4.17 -67.28 4.16
C LYS H 58 -2.82 -66.75 3.68
N ASN H 59 -1.95 -67.61 3.18
CA ASN H 59 -0.69 -67.19 2.56
C ASN H 59 -0.88 -67.25 1.05
N PHE H 60 -0.70 -66.12 0.39
CA PHE H 60 -1.06 -65.97 -1.01
C PHE H 60 0.21 -65.87 -1.87
N ARG H 61 0.25 -66.67 -2.93
CA ARG H 61 1.32 -66.55 -3.91
C ARG H 61 1.03 -65.47 -4.93
N ILE H 62 -0.25 -65.21 -5.21
CA ILE H 62 -0.64 -64.22 -6.20
C ILE H 62 -0.66 -62.85 -5.54
N LYS H 63 0.11 -61.91 -6.08
CA LYS H 63 0.18 -60.55 -5.58
C LYS H 63 -0.42 -59.61 -6.61
N LYS H 64 -1.30 -58.72 -6.16
CA LYS H 64 -1.95 -57.79 -7.06
C LYS H 64 -1.09 -56.54 -7.23
N VAL H 65 -0.90 -56.13 -8.48
CA VAL H 65 -0.26 -54.86 -8.80
C VAL H 65 -1.25 -53.72 -8.72
N ASN H 66 -2.43 -53.91 -9.31
CA ASN H 66 -3.55 -52.98 -9.13
C ASN H 66 -4.84 -53.79 -9.31
N ASN H 67 -5.96 -53.09 -9.42
CA ASN H 67 -7.24 -53.75 -9.58
C ASN H 67 -7.30 -54.59 -10.85
N SER H 68 -6.49 -54.27 -11.85
CA SER H 68 -6.56 -54.92 -13.15
C SER H 68 -5.30 -55.70 -13.50
N ILE H 69 -4.27 -55.68 -12.65
CA ILE H 69 -3.04 -56.42 -12.91
C ILE H 69 -2.66 -57.18 -11.64
N PHE H 70 -2.41 -58.48 -11.80
CA PHE H 70 -1.90 -59.30 -10.71
C PHE H 70 -0.88 -60.26 -11.29
N GLN H 71 0.05 -60.70 -10.44
CA GLN H 71 1.18 -61.47 -10.92
C GLN H 71 1.60 -62.50 -9.89
N ILE H 72 2.30 -63.52 -10.35
CA ILE H 72 2.82 -64.60 -9.52
C ILE H 72 4.22 -64.95 -10.00
N SER H 73 5.06 -65.41 -9.08
CA SER H 73 6.46 -65.68 -9.39
C SER H 73 6.85 -67.04 -8.83
N SER H 74 7.89 -67.62 -9.44
CA SER H 74 8.52 -68.84 -8.96
C SER H 74 10.01 -68.61 -8.87
N GLY H 75 10.65 -69.28 -7.92
CA GLY H 75 12.07 -69.10 -7.70
C GLY H 75 12.33 -68.55 -6.30
N ILE H 76 13.16 -67.53 -6.19
CA ILE H 76 13.28 -66.80 -4.94
C ILE H 76 12.14 -65.79 -4.90
N GLU H 77 10.99 -66.23 -4.37
CA GLU H 77 9.76 -65.47 -4.54
C GLU H 77 9.75 -64.18 -3.72
N THR H 78 10.73 -63.98 -2.84
CA THR H 78 10.80 -62.71 -2.12
C THR H 78 11.20 -61.56 -3.04
N ASP H 79 11.93 -61.83 -4.11
CA ASP H 79 12.23 -60.81 -5.10
C ASP H 79 10.96 -60.22 -5.71
N LEU H 80 9.91 -61.03 -5.81
CA LEU H 80 8.62 -60.50 -6.24
C LEU H 80 8.14 -59.41 -5.30
N VAL H 81 8.60 -59.39 -4.04
CA VAL H 81 8.18 -58.31 -3.16
C VAL H 81 8.65 -56.97 -3.70
N TYR H 82 9.94 -56.86 -4.02
CA TYR H 82 10.46 -55.62 -4.58
C TYR H 82 9.84 -55.34 -5.95
N ILE H 83 9.77 -56.35 -6.80
CA ILE H 83 9.25 -56.13 -8.15
C ILE H 83 7.81 -55.63 -8.09
N ASN H 84 6.98 -56.29 -7.27
CA ASN H 84 5.59 -55.91 -7.13
C ASN H 84 5.44 -54.54 -6.50
N GLU H 85 6.25 -54.23 -5.47
CA GLU H 85 6.12 -52.92 -4.84
C GLU H 85 6.42 -51.81 -5.83
N ASN H 86 7.50 -51.95 -6.59
CA ASN H 86 7.82 -50.91 -7.56
C ASN H 86 6.81 -50.86 -8.71
N LEU H 87 6.38 -52.01 -9.20
CA LEU H 87 5.38 -52.03 -10.26
C LEU H 87 4.10 -51.36 -9.79
N LYS H 88 3.68 -51.65 -8.56
CA LYS H 88 2.47 -51.04 -8.01
C LYS H 88 2.64 -49.55 -7.87
N ASN H 89 3.76 -49.10 -7.32
CA ASN H 89 4.00 -47.67 -7.17
C ASN H 89 3.96 -46.95 -8.51
N ASN H 90 4.59 -47.55 -9.53
CA ASN H 90 4.62 -46.90 -10.84
C ASN H 90 3.24 -46.92 -11.50
N LEU H 91 2.58 -48.08 -11.52
CA LEU H 91 1.38 -48.25 -12.32
C LEU H 91 0.13 -47.67 -11.68
N ILE H 92 0.02 -47.66 -10.35
CA ILE H 92 -1.11 -46.95 -9.74
C ILE H 92 -1.03 -45.47 -10.08
N SER H 93 0.17 -44.88 -9.95
CA SER H 93 0.34 -43.48 -10.30
C SER H 93 0.07 -43.25 -11.78
N GLU H 94 0.53 -44.14 -12.65
CA GLU H 94 0.29 -43.98 -14.08
C GLU H 94 -1.20 -44.06 -14.39
N LYS H 95 -1.89 -45.03 -13.81
CA LYS H 95 -3.32 -45.20 -14.05
C LYS H 95 -4.10 -43.97 -13.60
N HIS H 96 -3.80 -43.48 -12.40
CA HIS H 96 -4.62 -42.40 -11.85
C HIS H 96 -4.21 -41.04 -12.38
N SER H 97 -2.99 -40.93 -12.91
CA SER H 97 -2.57 -39.71 -13.57
C SER H 97 -3.13 -39.60 -14.99
N ASN H 98 -3.72 -40.67 -15.51
CA ASN H 98 -4.38 -40.66 -16.81
C ASN H 98 -5.85 -41.01 -16.71
N ASP H 99 -6.32 -41.46 -15.55
CA ASP H 99 -7.71 -41.84 -15.37
C ASP H 99 -8.13 -42.90 -16.39
N MET H 100 -7.22 -43.84 -16.66
CA MET H 100 -7.52 -44.95 -17.55
C MET H 100 -6.58 -46.10 -17.23
N ASP H 101 -6.99 -47.30 -17.66
CA ASP H 101 -6.23 -48.49 -17.36
C ASP H 101 -4.85 -48.45 -18.01
N VAL H 102 -3.88 -49.06 -17.34
CA VAL H 102 -2.55 -49.23 -17.91
C VAL H 102 -2.61 -50.35 -18.95
N SER H 103 -2.06 -50.11 -20.13
CA SER H 103 -2.16 -51.06 -21.21
C SER H 103 -1.16 -52.20 -21.01
N HIS H 104 -1.37 -53.28 -21.75
CA HIS H 104 -0.47 -54.43 -21.66
C HIS H 104 0.95 -54.05 -22.03
N GLU H 105 1.11 -53.22 -23.06
CA GLU H 105 2.45 -52.82 -23.48
C GLU H 105 3.14 -51.95 -22.46
N SER H 106 2.41 -51.07 -21.78
CA SER H 106 3.01 -50.27 -20.72
C SER H 106 3.43 -51.15 -19.54
N VAL H 107 2.61 -52.13 -19.19
CA VAL H 107 2.97 -53.07 -18.13
C VAL H 107 4.23 -53.84 -18.52
N ARG H 108 4.30 -54.27 -19.78
CA ARG H 108 5.49 -54.97 -20.26
C ARG H 108 6.72 -54.08 -20.19
N ASN H 109 6.57 -52.81 -20.59
CA ASN H 109 7.69 -51.87 -20.50
C ASN H 109 8.18 -51.75 -19.06
N GLN H 110 7.26 -51.57 -18.12
CA GLN H 110 7.64 -51.45 -16.71
C GLN H 110 8.34 -52.72 -16.23
N ILE H 111 7.77 -53.88 -16.57
CA ILE H 111 8.34 -55.14 -16.13
C ILE H 111 9.76 -55.29 -16.64
N VAL H 112 9.96 -55.06 -17.94
CA VAL H 112 11.28 -55.27 -18.53
C VAL H 112 12.27 -54.28 -17.94
N ASN H 113 11.87 -53.01 -17.80
CA ASN H 113 12.82 -52.01 -17.35
C ASN H 113 13.16 -52.17 -15.87
N ILE H 114 12.25 -52.71 -15.07
CA ILE H 114 12.57 -52.92 -13.66
C ILE H 114 13.37 -54.20 -13.48
N ILE H 115 13.16 -55.20 -14.34
CA ILE H 115 13.88 -56.46 -14.18
C ILE H 115 15.28 -56.35 -14.79
N HIS H 116 15.47 -55.49 -15.77
CA HIS H 116 16.74 -55.42 -16.48
C HIS H 116 17.83 -54.82 -15.60
N GLN H 117 17.50 -53.83 -14.78
CA GLN H 117 18.52 -53.15 -13.99
C GLN H 117 19.23 -54.12 -13.04
N PHE H 118 18.58 -55.22 -12.69
CA PHE H 118 19.24 -56.23 -11.87
C PHE H 118 20.26 -57.04 -12.67
N THR H 119 19.98 -57.27 -13.95
CA THR H 119 20.92 -57.91 -14.85
C THR H 119 21.91 -56.93 -15.45
N ARG H 120 21.83 -55.65 -15.07
CA ARG H 120 22.64 -54.61 -15.70
C ARG H 120 23.70 -53.99 -14.80
N TYR H 121 23.54 -54.00 -13.47
CA TYR H 121 24.48 -53.33 -12.58
C TYR H 121 25.40 -54.33 -11.90
N SER H 122 26.41 -53.79 -11.21
CA SER H 122 27.46 -54.62 -10.65
C SER H 122 27.15 -55.07 -9.22
N GLY H 123 26.96 -54.12 -8.31
CA GLY H 123 26.68 -54.47 -6.94
C GLY H 123 25.28 -55.01 -6.70
N VAL H 124 24.65 -55.56 -7.72
CA VAL H 124 23.25 -55.98 -7.67
C VAL H 124 23.18 -57.44 -8.11
N ARG H 125 22.13 -58.12 -7.68
CA ARG H 125 21.98 -59.55 -7.88
C ARG H 125 20.80 -59.82 -8.80
N PRO H 126 20.97 -60.61 -9.87
CA PRO H 126 19.86 -60.81 -10.80
C PRO H 126 18.59 -61.29 -10.10
N ILE H 127 17.45 -60.93 -10.68
CA ILE H 127 16.19 -61.08 -9.97
C ILE H 127 15.91 -62.52 -9.58
N GLY H 128 16.37 -63.50 -10.36
CA GLY H 128 16.25 -64.88 -9.96
C GLY H 128 14.85 -65.41 -9.79
N ILE H 129 13.92 -65.02 -10.66
CA ILE H 129 12.56 -65.53 -10.64
C ILE H 129 11.99 -65.50 -12.05
N ASN H 130 11.12 -66.46 -12.33
CA ASN H 130 10.19 -66.34 -13.45
C ASN H 130 8.90 -65.75 -12.92
N LEU H 131 8.31 -64.85 -13.70
CA LEU H 131 7.19 -64.04 -13.23
C LEU H 131 6.09 -64.07 -14.27
N LEU H 132 4.88 -64.39 -13.82
CA LEU H 132 3.68 -64.34 -14.66
C LEU H 132 2.85 -63.16 -14.21
N THR H 133 2.56 -62.25 -15.14
CA THR H 133 1.78 -61.06 -14.85
C THR H 133 0.54 -61.06 -15.72
N CYS H 134 -0.62 -61.25 -15.10
CA CYS H 134 -1.89 -61.27 -15.79
C CYS H 134 -2.58 -59.91 -15.64
N SER H 135 -3.14 -59.41 -16.74
CA SER H 135 -3.69 -58.07 -16.75
C SER H 135 -4.90 -58.01 -17.66
N LYS H 136 -5.75 -57.03 -17.43
CA LYS H 136 -6.92 -56.75 -18.26
C LYS H 136 -6.85 -55.32 -18.76
N TYR H 137 -7.15 -55.12 -20.05
CA TYR H 137 -7.08 -53.81 -20.65
C TYR H 137 -7.99 -53.77 -21.86
N LYS H 138 -8.87 -52.76 -21.90
CA LYS H 138 -9.83 -52.62 -22.99
C LYS H 138 -10.55 -53.94 -23.22
N ASN H 139 -11.00 -54.57 -22.13
CA ASN H 139 -11.79 -55.80 -22.20
C ASN H 139 -11.03 -56.93 -22.89
N GLU H 140 -9.72 -56.96 -22.70
CA GLU H 140 -8.88 -58.05 -23.20
C GLU H 140 -7.94 -58.50 -22.09
N TYR H 141 -7.64 -59.79 -22.09
CA TYR H 141 -6.76 -60.40 -21.11
C TYR H 141 -5.48 -60.87 -21.78
N LYS H 142 -4.35 -60.69 -21.10
CA LYS H 142 -3.06 -61.14 -21.60
C LYS H 142 -2.18 -61.59 -20.44
N ILE H 143 -1.39 -62.63 -20.70
CA ILE H 143 -0.48 -63.20 -19.72
C ILE H 143 0.94 -62.88 -20.16
N LEU H 144 1.72 -62.30 -19.27
CA LEU H 144 3.09 -61.88 -19.56
C LEU H 144 4.05 -62.73 -18.74
N GLN H 145 4.77 -63.61 -19.41
CA GLN H 145 5.76 -64.47 -18.76
C GLN H 145 7.13 -63.85 -18.88
N THR H 146 7.74 -63.53 -17.74
CA THR H 146 9.01 -62.83 -17.68
C THR H 146 10.09 -63.77 -17.17
N ASP H 147 11.24 -63.76 -17.83
CA ASP H 147 12.37 -64.58 -17.42
C ASP H 147 13.30 -63.77 -16.51
N CYS H 148 14.39 -64.42 -16.08
CA CYS H 148 15.38 -63.75 -15.26
C CYS H 148 16.14 -62.69 -16.03
N THR H 149 16.23 -62.83 -17.35
CA THR H 149 16.91 -61.83 -18.17
C THR H 149 16.11 -60.54 -18.30
N GLY H 150 14.84 -60.56 -17.89
CA GLY H 150 13.92 -59.50 -18.19
C GLY H 150 13.08 -59.74 -19.42
N LYS H 151 13.47 -60.69 -20.26
CA LYS H 151 12.71 -61.01 -21.46
C LYS H 151 11.30 -61.46 -21.07
N SER H 152 10.30 -60.69 -21.49
CA SER H 152 8.92 -60.98 -21.16
C SER H 152 8.11 -60.97 -22.45
N LEU H 153 7.36 -62.04 -22.69
CA LEU H 153 6.52 -62.16 -23.87
C LEU H 153 5.10 -62.47 -23.45
N PHE H 154 4.15 -62.08 -24.30
CA PHE H 154 2.75 -62.40 -24.07
C PHE H 154 2.44 -63.80 -24.59
N PHE H 155 1.64 -64.54 -23.83
CA PHE H 155 1.30 -65.91 -24.16
C PHE H 155 -0.20 -66.11 -24.03
N LYS H 156 -0.71 -67.11 -24.75
CA LYS H 156 -2.09 -67.54 -24.60
C LYS H 156 -2.28 -68.36 -23.32
N SER H 157 -1.28 -69.14 -22.95
CA SER H 157 -1.23 -69.83 -21.68
C SER H 157 0.23 -70.16 -21.38
N SER H 158 0.61 -70.07 -20.12
CA SER H 158 2.01 -70.18 -19.76
C SER H 158 2.13 -70.78 -18.36
N VAL H 159 3.31 -71.32 -18.07
CA VAL H 159 3.59 -71.94 -16.79
C VAL H 159 5.02 -71.57 -16.39
N ILE H 160 5.23 -71.47 -15.08
CA ILE H 160 6.56 -71.27 -14.52
C ILE H 160 6.81 -72.38 -13.52
N GLY H 161 7.98 -72.34 -12.90
CA GLY H 161 8.32 -73.30 -11.88
C GLY H 161 8.94 -74.57 -12.44
N LYS H 162 9.23 -75.50 -11.51
CA LYS H 162 9.95 -76.71 -11.88
C LYS H 162 9.16 -77.59 -12.84
N GLY H 163 7.88 -77.81 -12.56
CA GLY H 163 7.05 -78.62 -13.43
C GLY H 163 6.62 -77.98 -14.72
N SER H 164 7.33 -76.94 -15.17
CA SER H 164 6.94 -76.26 -16.40
C SER H 164 7.08 -77.17 -17.61
N ARG H 165 8.09 -78.03 -17.63
CA ARG H 165 8.36 -78.83 -18.82
C ARG H 165 7.20 -79.77 -19.12
N ILE H 166 6.60 -80.37 -18.10
CA ILE H 166 5.48 -81.28 -18.31
C ILE H 166 4.20 -80.50 -18.59
N VAL H 167 4.02 -79.37 -17.91
CA VAL H 167 2.78 -78.60 -18.05
C VAL H 167 2.70 -77.98 -19.44
N LYS H 168 3.83 -77.56 -20.01
CA LYS H 168 3.81 -76.84 -21.27
C LYS H 168 3.28 -77.72 -22.39
N THR H 169 3.68 -78.99 -22.43
CA THR H 169 3.17 -79.90 -23.45
C THR H 169 1.66 -80.08 -23.31
N GLU H 170 1.18 -80.27 -22.07
CA GLU H 170 -0.25 -80.42 -21.86
C GLU H 170 -1.00 -79.17 -22.32
N LEU H 171 -0.44 -78.00 -22.07
CA LEU H 171 -1.06 -76.78 -22.57
C LEU H 171 -1.10 -76.76 -24.09
N GLU H 172 0.00 -77.17 -24.73
CA GLU H 172 0.03 -77.25 -26.19
C GLU H 172 -1.01 -78.22 -26.72
N LYS H 173 -1.37 -79.24 -25.94
CA LYS H 173 -2.46 -80.14 -26.32
C LYS H 173 -3.84 -79.53 -26.11
N LEU H 174 -3.92 -78.34 -25.53
CA LEU H 174 -5.16 -77.79 -25.02
C LEU H 174 -5.71 -76.70 -25.94
N ASN H 175 -7.03 -76.73 -26.15
CA ASN H 175 -7.74 -75.71 -26.91
C ASN H 175 -8.50 -74.83 -25.93
N LEU H 176 -8.30 -73.51 -26.03
CA LEU H 176 -8.85 -72.58 -25.05
C LEU H 176 -10.07 -71.82 -25.57
N GLU H 177 -10.25 -71.74 -26.88
CA GLU H 177 -11.40 -71.02 -27.43
C GLU H 177 -12.70 -71.68 -26.98
N ASN H 178 -13.65 -70.86 -26.55
CA ASN H 178 -14.97 -71.32 -26.14
C ASN H 178 -14.90 -72.31 -24.99
N MET H 179 -13.91 -72.15 -24.11
CA MET H 179 -13.91 -72.87 -22.85
C MET H 179 -14.46 -71.98 -21.74
N GLU H 180 -15.35 -72.56 -20.94
CA GLU H 180 -15.86 -71.83 -19.79
C GLU H 180 -14.76 -71.66 -18.75
N ILE H 181 -14.94 -70.66 -17.89
CA ILE H 181 -13.92 -70.38 -16.88
C ILE H 181 -13.76 -71.57 -15.95
N ARG H 182 -14.86 -72.24 -15.61
CA ARG H 182 -14.76 -73.45 -14.81
C ARG H 182 -14.10 -74.58 -15.58
N ASP H 183 -14.24 -74.62 -16.90
CA ASP H 183 -13.45 -75.54 -17.70
C ASP H 183 -11.96 -75.23 -17.58
N LEU H 184 -11.61 -73.93 -17.57
CA LEU H 184 -10.21 -73.56 -17.35
C LEU H 184 -9.73 -74.02 -15.97
N VAL H 185 -10.57 -73.86 -14.95
CA VAL H 185 -10.18 -74.31 -13.61
C VAL H 185 -9.94 -75.81 -13.61
N GLU H 186 -10.88 -76.56 -14.20
CA GLU H 186 -10.76 -78.01 -14.28
C GLU H 186 -9.47 -78.42 -14.97
N ASN H 187 -9.22 -77.85 -16.15
CA ASN H 187 -8.03 -78.21 -16.91
C ASN H 187 -6.75 -77.79 -16.19
N GLY H 188 -6.76 -76.63 -15.54
CA GLY H 188 -5.57 -76.18 -14.83
C GLY H 188 -5.24 -77.09 -13.67
N ILE H 189 -6.25 -77.47 -12.88
CA ILE H 189 -6.00 -78.39 -11.77
C ILE H 189 -5.51 -79.73 -12.30
N ARG H 190 -6.14 -80.23 -13.37
CA ARG H 190 -5.73 -81.51 -13.94
C ARG H 190 -4.28 -81.47 -14.40
N ILE H 191 -3.90 -80.42 -15.12
CA ILE H 191 -2.54 -80.31 -15.63
C ILE H 191 -1.55 -80.13 -14.49
N LEU H 192 -1.92 -79.34 -13.46
CA LEU H 192 -1.03 -79.18 -12.32
C LEU H 192 -0.76 -80.51 -11.64
N TYR H 193 -1.80 -81.32 -11.46
CA TYR H 193 -1.62 -82.61 -10.81
C TYR H 193 -0.87 -83.57 -11.73
N LYS H 194 -0.99 -83.39 -13.05
CA LYS H 194 -0.26 -84.26 -13.97
C LYS H 194 1.25 -84.07 -13.87
N SER H 195 1.70 -82.95 -13.35
CA SER H 195 3.13 -82.69 -13.17
C SER H 195 3.59 -82.84 -11.72
N TYR H 196 2.78 -83.50 -10.88
CA TYR H 196 3.10 -83.55 -9.45
C TYR H 196 4.41 -84.28 -9.20
N ASP H 197 4.57 -85.48 -9.75
CA ASP H 197 5.77 -86.27 -9.50
C ASP H 197 5.95 -86.46 -8.00
N PRO H 198 5.11 -87.29 -7.37
CA PRO H 198 5.10 -87.34 -5.91
C PRO H 198 6.45 -87.64 -5.27
N LEU H 199 7.26 -88.50 -5.88
CA LEU H 199 8.48 -88.95 -5.22
C LEU H 199 9.51 -87.84 -5.06
N LYS H 200 9.34 -86.71 -5.75
CA LYS H 200 10.32 -85.63 -5.69
C LYS H 200 9.79 -84.34 -5.07
N ASP H 201 8.50 -84.07 -5.16
CA ASP H 201 7.91 -82.84 -4.63
C ASP H 201 6.92 -83.16 -3.52
N LYS H 202 6.82 -82.25 -2.56
CA LYS H 202 5.92 -82.42 -1.44
C LYS H 202 4.47 -82.22 -1.89
N PRO H 203 3.49 -82.72 -1.12
CA PRO H 203 2.10 -82.40 -1.43
C PRO H 203 1.83 -80.91 -1.30
N PHE H 204 0.89 -80.43 -2.10
CA PHE H 204 0.67 -79.00 -2.24
C PHE H 204 -0.82 -78.68 -2.19
N ASP H 205 -1.11 -77.46 -1.75
CA ASP H 205 -2.45 -76.90 -1.88
C ASP H 205 -2.51 -76.01 -3.12
N ILE H 206 -3.72 -75.76 -3.60
CA ILE H 206 -3.95 -75.01 -4.82
C ILE H 206 -4.46 -73.63 -4.44
N GLU H 207 -3.86 -72.61 -5.04
CA GLU H 207 -4.40 -71.25 -5.01
C GLU H 207 -4.82 -70.86 -6.41
N ILE H 208 -6.10 -70.52 -6.56
CA ILE H 208 -6.68 -70.19 -7.86
C ILE H 208 -7.22 -68.78 -7.80
N GLY H 209 -6.82 -67.95 -8.74
CA GLY H 209 -7.35 -66.60 -8.90
C GLY H 209 -7.89 -66.44 -10.31
N ILE H 210 -9.14 -66.02 -10.41
CA ILE H 210 -9.83 -65.89 -11.68
C ILE H 210 -10.09 -64.42 -11.94
N MET H 211 -10.23 -64.09 -13.23
CA MET H 211 -10.52 -62.73 -13.67
C MET H 211 -11.35 -62.85 -14.95
N CYS H 212 -12.67 -62.81 -14.79
CA CYS H 212 -13.58 -63.15 -15.88
C CYS H 212 -14.79 -62.23 -15.86
N GLU H 213 -15.68 -62.44 -16.82
CA GLU H 213 -16.87 -61.60 -16.95
C GLU H 213 -17.80 -61.74 -15.75
N GLU H 214 -17.97 -62.97 -15.26
CA GLU H 214 -18.85 -63.19 -14.10
C GLU H 214 -18.46 -62.34 -12.91
N THR H 215 -17.26 -61.76 -12.89
CA THR H 215 -16.84 -60.82 -11.86
C THR H 215 -16.42 -59.50 -12.47
N ASN H 216 -16.99 -59.16 -13.63
CA ASN H 216 -16.69 -57.93 -14.36
C ASN H 216 -15.20 -57.64 -14.40
N GLY H 217 -14.39 -58.69 -14.55
CA GLY H 217 -12.96 -58.52 -14.70
C GLY H 217 -12.19 -58.23 -13.44
N GLU H 218 -12.84 -58.28 -12.27
CA GLU H 218 -12.12 -58.08 -11.03
C GLU H 218 -11.47 -59.38 -10.58
N PHE H 219 -10.27 -59.26 -10.02
CA PHE H 219 -9.53 -60.43 -9.56
C PHE H 219 -10.23 -61.04 -8.34
N VAL H 220 -10.52 -62.33 -8.42
CA VAL H 220 -11.24 -63.04 -7.37
C VAL H 220 -10.44 -64.28 -7.02
N ARG H 221 -10.15 -64.46 -5.73
CA ARG H 221 -9.40 -65.61 -5.25
C ARG H 221 -10.39 -66.68 -4.80
N LEU H 222 -10.49 -67.76 -5.57
CA LEU H 222 -11.47 -68.80 -5.27
C LEU H 222 -11.19 -69.44 -3.93
N GLU H 223 -12.25 -69.72 -3.18
CA GLU H 223 -12.15 -70.44 -1.93
C GLU H 223 -12.17 -71.94 -2.20
N LYS H 224 -11.64 -72.71 -1.25
CA LYS H 224 -11.38 -74.13 -1.51
C LYS H 224 -12.65 -74.88 -1.87
N ASN H 225 -13.80 -74.50 -1.30
CA ASN H 225 -15.03 -75.23 -1.55
C ASN H 225 -15.47 -75.19 -3.02
N GLN H 226 -14.93 -74.25 -3.81
CA GLN H 226 -15.28 -74.20 -5.23
C GLN H 226 -14.60 -75.29 -6.04
N TYR H 227 -13.40 -75.72 -5.66
CA TYR H 227 -12.67 -76.72 -6.42
C TYR H 227 -12.23 -77.92 -5.58
N SER H 228 -12.79 -78.11 -4.40
CA SER H 228 -12.46 -79.30 -3.62
C SER H 228 -12.89 -80.57 -4.36
N GLU H 229 -14.00 -80.50 -5.09
CA GLU H 229 -14.43 -81.64 -5.88
C GLU H 229 -13.42 -81.99 -6.96
N ILE H 230 -12.89 -80.98 -7.65
CA ILE H 230 -11.89 -81.23 -8.69
C ILE H 230 -10.61 -81.77 -8.08
N ILE H 231 -10.20 -81.22 -6.93
CA ILE H 231 -9.00 -81.72 -6.27
C ILE H 231 -9.18 -83.16 -5.85
N GLU H 232 -10.37 -83.51 -5.34
CA GLU H 232 -10.66 -84.90 -5.03
C GLU H 232 -10.63 -85.78 -6.26
N LYS H 233 -11.14 -85.28 -7.38
CA LYS H 233 -11.10 -86.02 -8.64
C LYS H 233 -9.68 -86.32 -9.11
N TYR H 234 -8.76 -85.35 -8.98
CA TYR H 234 -7.43 -85.50 -9.53
C TYR H 234 -6.32 -85.76 -8.50
N LYS H 235 -6.65 -85.99 -7.24
CA LYS H 235 -5.61 -86.21 -6.24
C LYS H 235 -4.89 -87.53 -6.51
N SER I 2 45.34 -60.75 -15.21
CA SER I 2 44.43 -61.27 -16.28
C SER I 2 42.98 -60.92 -15.99
N ILE I 3 42.46 -61.44 -14.87
CA ILE I 3 41.07 -61.20 -14.51
C ILE I 3 40.81 -59.71 -14.34
N LYS I 4 41.84 -58.93 -14.05
CA LYS I 4 41.68 -57.48 -13.96
C LYS I 4 41.17 -56.91 -15.28
N ASP I 5 41.78 -57.32 -16.39
CA ASP I 5 41.35 -56.82 -17.69
C ASP I 5 40.07 -57.47 -18.18
N GLU I 6 39.84 -58.73 -17.80
CA GLU I 6 38.64 -59.43 -18.26
C GLU I 6 37.37 -58.75 -17.74
N ILE I 7 37.40 -58.30 -16.49
CA ILE I 7 36.20 -57.86 -15.80
C ILE I 7 35.97 -56.36 -15.95
N TYR I 8 37.01 -55.56 -15.74
CA TYR I 8 36.85 -54.12 -15.74
C TYR I 8 36.91 -53.55 -17.14
N ASN I 9 36.15 -52.47 -17.35
CA ASN I 9 36.16 -51.75 -18.62
C ASN I 9 37.44 -50.93 -18.73
N ILE I 10 38.57 -51.60 -18.94
CA ILE I 10 39.86 -50.94 -19.08
C ILE I 10 40.59 -51.56 -20.26
N PHE I 11 41.56 -50.82 -20.80
CA PHE I 11 42.34 -51.32 -21.91
C PHE I 11 43.31 -52.37 -21.42
N ASN I 12 43.34 -53.51 -22.10
CA ASN I 12 44.33 -54.54 -21.82
C ASN I 12 45.65 -54.21 -22.51
N ALA I 13 46.65 -55.07 -22.33
CA ALA I 13 47.94 -54.83 -22.96
C ALA I 13 47.83 -54.77 -24.48
N ASP I 14 46.78 -55.34 -25.06
CA ASP I 14 46.57 -55.31 -26.50
C ASP I 14 45.91 -54.01 -26.96
N GLY I 15 45.41 -53.19 -26.04
CA GLY I 15 44.76 -51.95 -26.43
C GLY I 15 43.29 -52.09 -26.72
N LYS I 16 42.62 -53.10 -26.17
CA LYS I 16 41.20 -53.32 -26.37
C LYS I 16 40.52 -53.55 -25.02
N ILE I 17 39.24 -53.19 -24.95
CA ILE I 17 38.43 -53.44 -23.77
C ILE I 17 37.78 -54.81 -23.96
N LEU I 18 38.18 -55.78 -23.13
CA LEU I 18 37.72 -57.14 -23.32
C LEU I 18 36.22 -57.26 -23.11
N GLN I 19 35.66 -56.50 -22.18
CA GLN I 19 34.22 -56.60 -21.92
C GLN I 19 33.41 -56.18 -23.14
N ILE I 20 33.85 -55.15 -23.86
CA ILE I 20 33.14 -54.74 -25.06
C ILE I 20 33.24 -55.82 -26.12
N GLU I 21 34.40 -56.47 -26.26
CA GLU I 21 34.53 -57.57 -27.21
C GLU I 21 33.59 -58.72 -26.85
N TYR I 22 33.46 -59.01 -25.56
CA TYR I 22 32.58 -60.10 -25.13
C TYR I 22 31.12 -59.75 -25.40
N GLY I 23 30.73 -58.50 -25.15
CA GLY I 23 29.39 -58.07 -25.50
C GLY I 23 29.15 -58.15 -26.99
N LEU I 24 30.16 -57.81 -27.79
CA LEU I 24 30.03 -57.93 -29.23
C LEU I 24 29.85 -59.38 -29.65
N GLU I 25 30.55 -60.30 -29.00
CA GLU I 25 30.31 -61.72 -29.25
C GLU I 25 28.89 -62.11 -28.91
N ALA I 26 28.40 -61.66 -27.75
CA ALA I 26 27.01 -61.93 -27.38
C ALA I 26 26.05 -61.45 -28.44
N VAL I 27 26.28 -60.25 -28.98
CA VAL I 27 25.45 -59.75 -30.07
C VAL I 27 25.58 -60.63 -31.30
N ASN I 28 26.80 -61.00 -31.67
CA ASN I 28 27.03 -61.79 -32.86
C ASN I 28 26.30 -63.13 -32.78
N LYS I 29 26.10 -63.65 -31.58
CA LYS I 29 25.38 -64.90 -31.43
C LYS I 29 23.87 -64.75 -31.57
N SER I 30 23.37 -63.53 -31.70
CA SER I 30 21.92 -63.32 -31.75
C SER I 30 21.41 -63.52 -33.18
N LEU I 31 20.11 -63.30 -33.36
CA LEU I 31 19.47 -63.58 -34.63
C LEU I 31 19.97 -62.61 -35.71
N PRO I 32 20.02 -63.05 -36.96
CA PRO I 32 20.47 -62.15 -38.04
C PRO I 32 19.40 -61.11 -38.39
N LEU I 33 19.87 -59.96 -38.86
CA LEU I 33 18.97 -58.87 -39.22
C LEU I 33 19.67 -57.99 -40.24
N VAL I 34 18.90 -57.47 -41.19
CA VAL I 34 19.42 -56.64 -42.27
C VAL I 34 18.53 -55.41 -42.41
N VAL I 35 19.16 -54.24 -42.51
CA VAL I 35 18.51 -53.00 -42.91
C VAL I 35 19.29 -52.43 -44.07
N LEU I 36 18.61 -52.17 -45.19
CA LEU I 36 19.26 -51.72 -46.39
C LEU I 36 18.36 -50.73 -47.10
N LYS I 37 18.95 -49.66 -47.65
CA LYS I 37 18.18 -48.56 -48.19
C LYS I 37 18.69 -48.18 -49.58
N ASN I 38 17.78 -47.69 -50.40
CA ASN I 38 18.09 -47.07 -51.68
C ASN I 38 17.62 -45.62 -51.65
N LYS I 39 17.68 -44.95 -52.81
CA LYS I 39 17.35 -43.54 -52.86
C LYS I 39 15.91 -43.24 -52.46
N ASN I 40 15.01 -44.23 -52.52
CA ASN I 40 13.60 -43.97 -52.35
C ASN I 40 12.95 -44.73 -51.19
N MET I 41 13.58 -45.78 -50.68
CA MET I 41 12.94 -46.60 -49.65
C MET I 41 14.01 -47.28 -48.80
N ILE I 42 13.58 -47.74 -47.63
CA ILE I 42 14.41 -48.50 -46.72
C ILE I 42 13.79 -49.89 -46.57
N VAL I 43 14.61 -50.92 -46.74
CA VAL I 43 14.18 -52.31 -46.62
C VAL I 43 14.90 -52.94 -45.44
N CYS I 44 14.14 -53.59 -44.57
CA CYS I 44 14.70 -54.32 -43.44
C CYS I 44 14.10 -55.71 -43.39
N ALA I 45 14.96 -56.70 -43.18
CA ALA I 45 14.55 -58.09 -43.05
C ALA I 45 15.31 -58.72 -41.91
N ALA I 46 14.65 -59.62 -41.18
CA ALA I 46 15.26 -60.26 -40.03
C ALA I 46 14.63 -61.61 -39.80
N LYS I 47 15.34 -62.44 -39.04
CA LYS I 47 14.82 -63.75 -38.67
C LYS I 47 13.76 -63.61 -37.59
N LYS I 48 12.61 -64.24 -37.79
CA LYS I 48 11.56 -64.20 -36.79
C LYS I 48 11.99 -64.96 -35.54
N ASN I 49 11.50 -64.50 -34.40
CA ASN I 49 11.88 -65.10 -33.13
C ASN I 49 11.24 -66.49 -32.98
N GLN I 50 11.48 -67.10 -31.83
CA GLN I 50 11.05 -68.47 -31.60
C GLN I 50 9.54 -68.61 -31.80
N GLY I 51 9.15 -69.65 -32.52
CA GLY I 51 7.74 -69.89 -32.82
C GLY I 51 7.04 -70.71 -31.77
N HIS I 52 6.79 -70.11 -30.61
CA HIS I 52 6.07 -70.82 -29.55
C HIS I 52 4.62 -71.01 -29.95
N LEU I 53 4.10 -72.22 -29.70
CA LEU I 53 2.72 -72.51 -30.09
C LEU I 53 1.72 -71.75 -29.27
N LEU I 54 2.00 -71.55 -27.98
CA LEU I 54 1.13 -70.79 -27.08
C LEU I 54 1.29 -69.29 -27.22
N GLU I 55 2.00 -68.84 -28.26
CA GLU I 55 2.26 -67.42 -28.44
C GLU I 55 0.96 -66.67 -28.71
N ASP I 56 0.81 -65.52 -28.07
CA ASP I 56 -0.34 -64.63 -28.26
C ASP I 56 0.13 -63.23 -28.59
N GLU I 57 1.10 -63.12 -29.50
CA GLU I 57 1.71 -61.85 -29.82
C GLU I 57 2.33 -61.94 -31.20
N VAL I 58 2.52 -60.78 -31.82
CA VAL I 58 3.28 -60.66 -33.06
C VAL I 58 4.61 -59.99 -32.69
N GLN I 59 5.69 -60.75 -32.81
CA GLN I 59 7.00 -60.33 -32.31
C GLN I 59 7.87 -59.92 -33.50
N THR I 60 8.14 -58.63 -33.62
CA THR I 60 8.89 -58.08 -34.73
C THR I 60 10.16 -57.43 -34.20
N SER I 61 11.24 -57.53 -34.98
CA SER I 61 12.50 -56.92 -34.57
C SER I 61 12.54 -55.43 -34.91
N PHE I 62 11.61 -54.95 -35.73
CA PHE I 62 11.57 -53.55 -36.11
C PHE I 62 10.56 -52.81 -35.25
N GLN I 63 11.04 -51.83 -34.49
CA GLN I 63 10.22 -51.14 -33.50
C GLN I 63 10.15 -49.66 -33.84
N PRO I 64 8.96 -49.07 -33.92
CA PRO I 64 8.87 -47.62 -34.10
C PRO I 64 9.24 -46.90 -32.81
N ILE I 65 10.16 -45.95 -32.93
CA ILE I 65 10.66 -45.21 -31.78
C ILE I 65 9.99 -43.85 -31.65
N TYR I 66 9.72 -43.20 -32.77
CA TYR I 66 9.14 -41.86 -32.79
C TYR I 66 8.70 -41.58 -34.21
N PRO I 67 7.82 -40.60 -34.42
CA PRO I 67 7.25 -40.41 -35.75
C PRO I 67 8.34 -40.27 -36.80
N ASN I 68 8.26 -41.11 -37.84
CA ASN I 68 9.25 -41.12 -38.91
C ASN I 68 10.64 -41.51 -38.39
N LEU I 69 10.67 -42.43 -37.43
CA LEU I 69 11.93 -42.84 -36.80
C LEU I 69 11.74 -44.25 -36.25
N TYR I 70 12.51 -45.20 -36.76
CA TYR I 70 12.37 -46.61 -36.41
C TYR I 70 13.72 -47.15 -35.98
N SER I 71 13.68 -48.34 -35.38
CA SER I 71 14.88 -49.05 -34.98
C SER I 71 14.77 -50.51 -35.38
N ALA I 72 15.93 -51.12 -35.61
CA ALA I 72 16.03 -52.54 -35.95
C ALA I 72 17.28 -53.07 -35.26
N PHE I 73 17.10 -53.62 -34.06
CA PHE I 73 18.20 -54.03 -33.21
C PHE I 73 18.16 -55.54 -33.01
N THR I 74 19.34 -56.12 -32.84
CA THR I 74 19.49 -57.53 -32.47
C THR I 74 20.44 -57.64 -31.30
N GLY I 75 20.39 -58.79 -30.65
CA GLY I 75 21.13 -59.02 -29.43
C GLY I 75 20.21 -59.68 -28.42
N ASN I 76 20.60 -59.57 -27.15
CA ASN I 76 19.73 -60.07 -26.09
C ASN I 76 18.40 -59.35 -26.16
N TRP I 77 17.32 -60.12 -26.06
CA TRP I 77 15.98 -59.52 -26.16
C TRP I 77 15.79 -58.44 -25.11
N ALA I 78 16.21 -58.70 -23.88
CA ALA I 78 16.09 -57.70 -22.83
C ALA I 78 16.92 -56.46 -23.13
N ASP I 79 18.15 -56.64 -23.64
CA ASP I 79 18.99 -55.49 -23.95
C ASP I 79 18.42 -54.70 -25.11
N VAL I 80 17.89 -55.38 -26.13
CA VAL I 80 17.27 -54.69 -27.25
C VAL I 80 16.07 -53.88 -26.78
N PHE I 81 15.25 -54.47 -25.92
CA PHE I 81 14.11 -53.75 -25.37
C PHE I 81 14.57 -52.55 -24.55
N TYR I 82 15.62 -52.72 -23.74
CA TYR I 82 16.11 -51.63 -22.92
C TYR I 82 16.58 -50.48 -23.78
N VAL I 83 17.35 -50.76 -24.83
CA VAL I 83 17.84 -49.68 -25.67
C VAL I 83 16.70 -49.06 -26.46
N ASN I 84 15.69 -49.84 -26.83
CA ASN I 84 14.53 -49.25 -27.50
C ASN I 84 13.81 -48.27 -26.59
N SER I 85 13.57 -48.65 -25.34
CA SER I 85 12.92 -47.74 -24.40
C SER I 85 13.77 -46.51 -24.12
N LYS I 86 15.10 -46.70 -23.99
CA LYS I 86 16.00 -45.58 -23.81
C LYS I 86 15.96 -44.65 -25.02
N ALA I 87 15.89 -45.22 -26.23
CA ALA I 87 15.81 -44.42 -27.43
C ALA I 87 14.53 -43.62 -27.48
N LYS I 88 13.41 -44.21 -27.04
CA LYS I 88 12.17 -43.46 -26.97
C LYS I 88 12.27 -42.31 -25.98
N ASP I 89 12.87 -42.57 -24.81
CA ASP I 89 13.09 -41.51 -23.84
C ASP I 89 13.90 -40.36 -24.45
N LEU I 90 15.04 -40.70 -25.05
CA LEU I 90 15.90 -39.69 -25.64
C LEU I 90 15.18 -38.96 -26.78
N ALA I 91 14.41 -39.69 -27.58
CA ALA I 91 13.71 -39.07 -28.70
C ALA I 91 12.73 -38.03 -28.20
N HIS I 92 11.96 -38.36 -27.16
CA HIS I 92 10.97 -37.39 -26.70
C HIS I 92 11.65 -36.19 -26.04
N TYR I 93 12.71 -36.42 -25.28
CA TYR I 93 13.43 -35.29 -24.68
C TYR I 93 14.06 -34.41 -25.74
N ALA I 94 14.70 -35.01 -26.75
CA ALA I 94 15.36 -34.23 -27.78
C ALA I 94 14.36 -33.52 -28.67
N SER I 95 13.19 -34.12 -28.87
CA SER I 95 12.14 -33.43 -29.60
C SER I 95 11.63 -32.23 -28.83
N TYR I 96 11.54 -32.34 -27.50
CA TYR I 96 11.22 -31.17 -26.69
C TYR I 96 12.28 -30.08 -26.87
N LYS I 97 13.55 -30.46 -26.81
CA LYS I 97 14.61 -29.46 -26.84
C LYS I 97 14.79 -28.85 -28.22
N LEU I 98 14.48 -29.60 -29.28
CA LEU I 98 14.83 -29.19 -30.63
C LEU I 98 13.74 -28.34 -31.29
N GLY I 99 12.53 -28.36 -30.76
CA GLY I 99 11.44 -27.66 -31.41
C GLY I 99 10.85 -28.37 -32.59
N PHE I 100 11.37 -29.56 -32.93
CA PHE I 100 10.84 -30.37 -34.02
C PHE I 100 11.09 -31.83 -33.69
N SER I 101 10.32 -32.70 -34.32
CA SER I 101 10.49 -34.13 -34.10
C SER I 101 11.90 -34.55 -34.47
N VAL I 102 12.56 -35.27 -33.55
CA VAL I 102 13.94 -35.64 -33.75
C VAL I 102 14.07 -36.60 -34.94
N THR I 103 15.19 -36.52 -35.63
CA THR I 103 15.48 -37.33 -36.80
C THR I 103 16.44 -38.46 -36.46
N PRO I 104 16.57 -39.46 -37.33
CA PRO I 104 17.40 -40.62 -36.99
C PRO I 104 18.84 -40.29 -36.65
N ASP I 105 19.46 -39.33 -37.35
CA ASP I 105 20.86 -39.03 -37.06
C ASP I 105 21.03 -38.47 -35.66
N ILE I 106 20.18 -37.52 -35.28
CA ILE I 106 20.28 -36.91 -33.96
C ILE I 106 20.08 -37.98 -32.90
N LEU I 107 19.12 -38.88 -33.11
CA LEU I 107 18.85 -39.90 -32.10
C LEU I 107 19.99 -40.90 -32.00
N CYS I 108 20.59 -41.28 -33.14
CA CYS I 108 21.74 -42.18 -33.06
C CYS I 108 22.87 -41.54 -32.28
N ARG I 109 23.16 -40.27 -32.58
CA ARG I 109 24.23 -39.58 -31.85
C ARG I 109 23.93 -39.51 -30.36
N LYS I 110 22.69 -39.16 -30.00
CA LYS I 110 22.32 -39.05 -28.59
C LYS I 110 22.44 -40.41 -27.90
N LEU I 111 21.91 -41.46 -28.54
CA LEU I 111 21.92 -42.77 -27.93
C LEU I 111 23.35 -43.28 -27.73
N ALA I 112 24.20 -43.09 -28.73
CA ALA I 112 25.59 -43.53 -28.60
C ALA I 112 26.34 -42.72 -27.55
N ASP I 113 26.07 -41.41 -27.46
CA ASP I 113 26.70 -40.60 -26.43
C ASP I 113 26.23 -40.99 -25.04
N GLU I 114 25.01 -41.49 -24.92
CA GLU I 114 24.55 -42.02 -23.64
C GLU I 114 25.11 -43.41 -23.34
N LEU I 115 25.41 -44.20 -24.37
CA LEU I 115 26.00 -45.51 -24.15
C LEU I 115 27.49 -45.44 -23.82
N GLN I 116 28.19 -44.42 -24.30
CA GLN I 116 29.63 -44.34 -24.10
C GLN I 116 30.05 -44.44 -22.63
N PRO I 117 29.39 -43.77 -21.68
CA PRO I 117 29.81 -43.91 -20.28
C PRO I 117 29.83 -45.35 -19.80
N LEU I 118 28.89 -46.19 -20.27
CA LEU I 118 28.94 -47.60 -19.94
C LEU I 118 30.17 -48.29 -20.52
N ILE I 119 30.81 -47.68 -21.52
CA ILE I 119 32.04 -48.21 -22.09
C ILE I 119 33.28 -47.69 -21.39
N GLN I 120 33.25 -46.44 -20.89
CA GLN I 120 34.42 -45.86 -20.25
C GLN I 120 34.49 -46.08 -18.75
N SER I 121 33.39 -46.49 -18.11
CA SER I 121 33.35 -46.60 -16.66
C SER I 121 32.88 -47.99 -16.26
N THR I 122 33.16 -48.34 -15.01
CA THR I 122 32.82 -49.64 -14.45
C THR I 122 31.69 -49.49 -13.45
N GLY I 123 30.76 -50.44 -13.46
CA GLY I 123 29.63 -50.42 -12.54
C GLY I 123 28.34 -50.79 -13.21
N GLU I 124 28.22 -50.52 -14.52
CA GLU I 124 27.02 -50.82 -15.28
C GLU I 124 27.41 -51.60 -16.52
N ARG I 125 26.70 -52.69 -16.79
CA ARG I 125 27.01 -53.53 -17.94
C ARG I 125 26.53 -52.87 -19.22
N ALA I 126 27.37 -52.89 -20.24
CA ALA I 126 27.01 -52.29 -21.52
C ALA I 126 26.00 -53.18 -22.23
N PRO I 127 24.86 -52.64 -22.67
CA PRO I 127 23.87 -53.48 -23.34
C PRO I 127 24.46 -54.17 -24.57
N ALA I 128 24.11 -55.43 -24.76
CA ALA I 128 24.59 -56.21 -25.90
C ALA I 128 23.56 -56.11 -27.01
N PHE I 129 23.72 -55.12 -27.87
CA PHE I 129 22.80 -54.89 -28.97
C PHE I 129 23.56 -54.38 -30.18
N ALA I 130 22.95 -54.54 -31.35
CA ALA I 130 23.46 -53.98 -32.58
C ALA I 130 22.33 -53.86 -33.57
N GLY I 131 22.40 -52.84 -34.40
CA GLY I 131 21.36 -52.56 -35.36
C GLY I 131 21.41 -51.12 -35.79
N ALA I 132 20.39 -50.72 -36.54
CA ALA I 132 20.36 -49.39 -37.14
C ALA I 132 19.09 -48.65 -36.76
N LEU I 133 19.24 -47.40 -36.32
CA LEU I 133 18.14 -46.46 -36.23
C LEU I 133 17.95 -45.80 -37.58
N PHE I 134 16.75 -45.92 -38.14
CA PHE I 134 16.52 -45.43 -39.50
C PHE I 134 15.18 -44.72 -39.57
N GLY I 135 14.95 -44.10 -40.71
CA GLY I 135 13.76 -43.31 -40.92
C GLY I 135 13.92 -42.45 -42.17
N PHE I 136 13.09 -41.41 -42.24
CA PHE I 136 13.12 -40.47 -43.35
C PHE I 136 13.35 -39.07 -42.81
N ASP I 137 14.42 -38.42 -43.24
CA ASP I 137 14.80 -37.08 -42.79
C ASP I 137 14.53 -36.10 -43.91
N ASN I 138 13.42 -35.37 -43.81
CA ASN I 138 13.06 -34.35 -44.78
C ASN I 138 13.00 -34.94 -46.19
N GLY I 139 12.47 -36.14 -46.30
CA GLY I 139 12.26 -36.79 -47.58
C GLY I 139 13.36 -37.76 -48.00
N LYS I 140 14.51 -37.74 -47.33
CA LYS I 140 15.61 -38.62 -47.69
C LYS I 140 15.66 -39.81 -46.75
N PRO I 141 15.77 -41.04 -47.25
CA PRO I 141 15.94 -42.18 -46.34
C PRO I 141 17.34 -42.21 -45.75
N VAL I 142 17.41 -42.31 -44.43
CA VAL I 142 18.67 -42.31 -43.70
C VAL I 142 18.70 -43.50 -42.77
N VAL I 143 19.83 -44.20 -42.74
CA VAL I 143 20.05 -45.34 -41.85
C VAL I 143 21.33 -45.09 -41.09
N TYR I 144 21.28 -45.21 -39.76
CA TYR I 144 22.45 -45.01 -38.91
C TYR I 144 22.66 -46.27 -38.10
N MET I 145 23.89 -46.79 -38.12
CA MET I 145 24.20 -48.02 -37.42
C MET I 145 24.86 -47.72 -36.09
N THR I 146 24.42 -48.44 -35.05
CA THR I 146 25.05 -48.34 -33.75
C THR I 146 25.01 -49.71 -33.09
N ASN I 147 25.87 -49.91 -32.09
CA ASN I 147 25.96 -51.20 -31.43
C ASN I 147 26.54 -50.99 -30.03
N ILE I 148 26.84 -52.11 -29.36
CA ILE I 148 27.26 -52.12 -27.96
C ILE I 148 28.52 -51.28 -27.78
N SER I 149 29.38 -51.27 -28.79
CA SER I 149 30.63 -50.51 -28.69
C SER I 149 30.40 -49.01 -28.69
N ALA I 150 29.17 -48.54 -28.86
CA ALA I 150 28.82 -47.12 -28.79
C ALA I 150 29.30 -46.35 -30.01
N VAL I 151 29.37 -47.01 -31.17
CA VAL I 151 29.69 -46.29 -32.39
C VAL I 151 28.41 -45.85 -33.09
N CYS I 152 28.56 -44.83 -33.94
CA CYS I 152 27.45 -44.34 -34.75
C CYS I 152 28.00 -43.86 -36.08
N TYR I 153 27.62 -44.56 -37.15
CA TYR I 153 28.05 -44.20 -38.50
C TYR I 153 26.81 -44.00 -39.36
N PRO I 154 26.87 -43.10 -40.33
CA PRO I 154 25.82 -43.09 -41.37
C PRO I 154 26.13 -44.13 -42.43
N VAL I 155 25.23 -45.11 -42.56
CA VAL I 155 25.48 -46.27 -43.39
C VAL I 155 24.35 -46.43 -44.39
N TYR I 156 24.67 -47.03 -45.54
CA TYR I 156 23.63 -47.45 -46.47
C TYR I 156 22.76 -48.55 -45.88
N GLY I 157 23.31 -49.33 -44.96
CA GLY I 157 22.57 -50.39 -44.32
C GLY I 157 23.44 -51.08 -43.30
N SER I 158 22.80 -51.92 -42.48
CA SER I 158 23.50 -52.65 -41.45
C SER I 158 23.08 -54.12 -41.50
N MET I 159 24.06 -55.00 -41.36
CA MET I 159 23.86 -56.44 -41.29
C MET I 159 24.40 -56.93 -39.96
N VAL I 160 23.51 -57.33 -39.06
CA VAL I 160 23.86 -57.62 -37.68
C VAL I 160 23.31 -58.99 -37.31
N GLY I 161 23.89 -59.57 -36.26
CA GLY I 161 23.45 -60.87 -35.78
C GLY I 161 24.40 -61.97 -36.22
N SER I 162 23.86 -63.19 -36.27
CA SER I 162 24.66 -64.35 -36.61
C SER I 162 25.15 -64.26 -38.05
N LYS I 163 26.42 -64.60 -38.26
CA LYS I 163 27.01 -64.65 -39.59
C LYS I 163 26.85 -63.32 -40.32
N ASN I 164 27.01 -62.22 -39.60
CA ASN I 164 26.85 -60.90 -40.22
C ASN I 164 27.92 -60.67 -41.28
N GLN I 165 29.06 -61.36 -41.20
CA GLN I 165 30.11 -61.15 -42.18
C GLN I 165 29.73 -61.71 -43.55
N ASN I 166 29.08 -62.87 -43.58
CA ASN I 166 28.59 -63.40 -44.84
C ASN I 166 27.55 -62.47 -45.46
N MET I 167 26.64 -61.95 -44.64
CA MET I 167 25.65 -61.02 -45.13
C MET I 167 26.32 -59.76 -45.70
N TYR I 168 27.34 -59.26 -45.01
CA TYR I 168 28.08 -58.11 -45.51
C TYR I 168 28.75 -58.43 -46.83
N LYS I 169 29.38 -59.60 -46.93
CA LYS I 169 30.08 -59.97 -48.16
C LYS I 169 29.11 -60.02 -49.33
N TYR I 170 27.91 -60.57 -49.12
CA TYR I 170 26.92 -60.60 -50.18
C TYR I 170 26.42 -59.20 -50.53
N VAL I 171 26.02 -58.43 -49.51
CA VAL I 171 25.37 -57.16 -49.76
C VAL I 171 26.31 -56.18 -50.44
N GLU I 172 27.53 -56.04 -49.91
CA GLU I 172 28.49 -55.15 -50.54
C GLU I 172 28.73 -55.54 -51.99
N LYS I 173 28.79 -56.84 -52.27
CA LYS I 173 29.00 -57.30 -53.63
C LYS I 173 27.85 -56.88 -54.54
N TYR I 174 26.61 -57.00 -54.06
CA TYR I 174 25.45 -56.75 -54.91
C TYR I 174 24.82 -55.37 -54.72
N TYR I 175 25.04 -54.71 -53.59
CA TYR I 175 24.29 -53.51 -53.27
C TYR I 175 24.83 -52.29 -54.01
N ASN I 176 23.92 -51.38 -54.35
CA ASN I 176 24.27 -50.06 -54.84
C ASN I 176 23.16 -49.08 -54.47
N GLU I 177 23.51 -47.80 -54.39
CA GLU I 177 22.55 -46.80 -53.94
C GLU I 177 21.40 -46.63 -54.92
N ASP I 178 21.71 -46.50 -56.21
CA ASP I 178 20.68 -46.31 -57.23
C ASP I 178 19.98 -47.61 -57.58
N ILE I 179 20.18 -48.67 -56.80
CA ILE I 179 19.48 -49.92 -57.04
C ILE I 179 17.98 -49.69 -56.99
N GLU I 180 17.25 -50.45 -57.78
CA GLU I 180 15.80 -50.30 -57.84
C GLU I 180 15.14 -50.88 -56.59
N ASP I 181 13.87 -50.54 -56.40
CA ASP I 181 13.17 -50.95 -55.19
C ASP I 181 13.09 -52.46 -55.06
N GLU I 182 12.62 -53.14 -56.10
CA GLU I 182 12.53 -54.59 -56.04
C GLU I 182 13.92 -55.23 -55.96
N LYS I 183 14.89 -54.67 -56.67
CA LYS I 183 16.25 -55.18 -56.54
C LYS I 183 16.79 -54.93 -55.13
N LEU I 184 16.38 -53.84 -54.48
CA LEU I 184 16.75 -53.63 -53.08
C LEU I 184 16.15 -54.71 -52.20
N PHE I 185 14.87 -55.04 -52.41
CA PHE I 185 14.25 -56.15 -51.69
C PHE I 185 15.06 -57.41 -51.85
N GLU I 186 15.39 -57.75 -53.10
CA GLU I 186 16.14 -58.98 -53.38
C GLU I 186 17.51 -58.96 -52.70
N VAL I 187 18.21 -57.84 -52.78
CA VAL I 187 19.55 -57.76 -52.20
C VAL I 187 19.49 -57.92 -50.68
N ALA I 188 18.55 -57.23 -50.03
CA ALA I 188 18.45 -57.33 -48.58
C ALA I 188 18.11 -58.74 -48.15
N VAL I 189 17.10 -59.34 -48.78
CA VAL I 189 16.68 -60.68 -48.39
C VAL I 189 17.78 -61.69 -48.69
N GLY I 190 18.53 -61.49 -49.78
CA GLY I 190 19.64 -62.38 -50.08
C GLY I 190 20.76 -62.25 -49.07
N GLY I 191 21.05 -61.03 -48.63
CA GLY I 191 22.01 -60.85 -47.56
C GLY I 191 21.59 -61.56 -46.30
N LEU I 192 20.29 -61.52 -45.98
CA LEU I 192 19.79 -62.27 -44.83
C LEU I 192 19.93 -63.77 -45.05
N LEU I 193 19.58 -64.25 -46.24
CA LEU I 193 19.63 -65.68 -46.52
C LEU I 193 21.06 -66.21 -46.51
N GLU I 194 22.04 -65.35 -46.81
CA GLU I 194 23.44 -65.74 -46.70
C GLU I 194 23.80 -66.13 -45.27
N SER I 195 23.03 -65.66 -44.29
CA SER I 195 23.16 -66.12 -42.91
C SER I 195 22.23 -67.28 -42.63
N LEU I 196 20.95 -67.15 -42.97
CA LEU I 196 19.99 -68.21 -42.70
C LEU I 196 20.20 -69.43 -43.58
N GLY I 197 20.61 -69.25 -44.83
CA GLY I 197 20.64 -70.33 -45.79
C GLY I 197 19.54 -70.17 -46.82
N GLU I 198 19.88 -70.26 -48.10
CA GLU I 198 18.93 -69.94 -49.16
C GLU I 198 17.74 -70.90 -49.19
N ASN I 199 17.84 -72.04 -48.53
CA ASN I 199 16.76 -73.02 -48.52
C ASN I 199 15.74 -72.76 -47.41
N SER I 200 15.93 -71.73 -46.61
CA SER I 200 14.99 -71.43 -45.53
C SER I 200 13.63 -71.04 -46.08
N VAL I 201 12.58 -71.49 -45.40
CA VAL I 201 11.21 -71.19 -45.81
C VAL I 201 10.83 -69.80 -45.33
N TYR I 202 9.74 -69.27 -45.88
CA TYR I 202 9.37 -67.88 -45.60
C TYR I 202 8.90 -67.69 -44.17
N GLN I 203 8.44 -68.76 -43.51
CA GLN I 203 7.95 -68.62 -42.15
C GLN I 203 9.06 -68.26 -41.17
N GLU I 204 10.31 -68.39 -41.58
CA GLU I 204 11.44 -68.21 -40.67
C GLU I 204 11.90 -66.76 -40.53
N MET I 205 11.41 -65.86 -41.38
CA MET I 205 11.94 -64.50 -41.39
C MET I 205 10.83 -63.52 -41.77
N GLU I 206 11.02 -62.27 -41.36
CA GLU I 206 10.07 -61.19 -41.61
C GLU I 206 10.74 -60.11 -42.44
N VAL I 207 9.93 -59.41 -43.24
CA VAL I 207 10.41 -58.32 -44.09
C VAL I 207 9.48 -57.13 -43.94
N ALA I 208 10.06 -55.95 -43.84
CA ALA I 208 9.30 -54.71 -43.83
C ALA I 208 10.04 -53.67 -44.63
N TYR I 209 9.29 -52.69 -45.14
CA TYR I 209 9.86 -51.60 -45.92
C TYR I 209 9.21 -50.29 -45.49
N LEU I 210 9.93 -49.20 -45.71
CA LEU I 210 9.50 -47.88 -45.30
C LEU I 210 9.56 -46.93 -46.49
N ARG I 211 8.55 -46.06 -46.59
CA ARG I 211 8.48 -45.06 -47.65
C ARG I 211 8.18 -43.71 -47.03
N ASN I 212 8.50 -42.65 -47.77
CA ASN I 212 8.60 -41.31 -47.18
C ASN I 212 7.34 -40.93 -46.42
N GLY I 213 6.19 -41.04 -47.07
CA GLY I 213 4.97 -40.48 -46.51
C GLY I 213 4.10 -41.42 -45.71
N GLU I 214 4.57 -42.62 -45.35
CA GLU I 214 3.72 -43.60 -44.72
C GLU I 214 4.49 -44.36 -43.64
N VAL I 215 3.74 -45.12 -42.84
CA VAL I 215 4.31 -45.90 -41.76
C VAL I 215 5.05 -47.11 -42.31
N LEU I 216 5.84 -47.74 -41.43
CA LEU I 216 6.51 -48.98 -41.78
C LEU I 216 5.50 -50.06 -42.11
N LYS I 217 5.73 -50.80 -43.19
CA LYS I 217 4.83 -51.84 -43.68
C LYS I 217 5.56 -53.17 -43.77
N TYR I 218 4.87 -54.24 -43.37
CA TYR I 218 5.42 -55.58 -43.42
C TYR I 218 4.92 -56.31 -44.66
N LEU I 219 5.81 -57.08 -45.29
CA LEU I 219 5.41 -57.92 -46.40
C LEU I 219 4.52 -59.05 -45.92
N ASP I 220 3.52 -59.39 -46.73
CA ASP I 220 2.64 -60.50 -46.39
C ASP I 220 3.35 -61.83 -46.59
N ASP I 221 2.74 -62.89 -46.06
CA ASP I 221 3.31 -64.23 -46.20
C ASP I 221 3.52 -64.59 -47.67
N LYS I 222 2.47 -64.40 -48.49
CA LYS I 222 2.59 -64.71 -49.90
C LYS I 222 3.62 -63.82 -50.58
N GLU I 223 3.70 -62.55 -50.16
CA GLU I 223 4.71 -61.66 -50.72
C GLU I 223 6.11 -62.17 -50.46
N ILE I 224 6.36 -62.65 -49.24
CA ILE I 224 7.67 -63.18 -48.90
C ILE I 224 7.93 -64.48 -49.66
N GLU I 225 6.89 -65.30 -49.85
CA GLU I 225 7.06 -66.50 -50.66
C GLU I 225 7.51 -66.14 -52.07
N SER I 226 6.84 -65.18 -52.69
CA SER I 226 7.21 -64.77 -54.04
C SER I 226 8.61 -64.17 -54.07
N LEU I 227 8.97 -63.39 -53.05
CA LEU I 227 10.29 -62.79 -53.00
C LEU I 227 11.37 -63.85 -52.90
N LEU I 228 11.17 -64.86 -52.05
CA LEU I 228 12.16 -65.92 -51.92
C LEU I 228 12.23 -66.76 -53.19
N LEU I 229 11.09 -66.99 -53.85
CA LEU I 229 11.11 -67.70 -55.12
C LEU I 229 11.90 -66.93 -56.17
N SER I 230 11.71 -65.61 -56.22
CA SER I 230 12.47 -64.79 -57.15
C SER I 230 13.96 -64.84 -56.84
N ILE I 231 14.31 -64.78 -55.56
CA ILE I 231 15.73 -64.80 -55.19
C ILE I 231 16.36 -66.13 -55.56
N ALA I 232 15.67 -67.24 -55.28
CA ALA I 232 16.19 -68.55 -55.66
C ALA I 232 16.23 -68.73 -57.17
N ASP I 233 15.32 -68.10 -57.90
CA ASP I 233 15.34 -68.19 -59.36
C ASP I 233 16.61 -67.61 -59.93
N LYS I 234 17.04 -66.46 -59.42
CA LYS I 234 18.24 -65.79 -59.90
C LYS I 234 18.94 -65.03 -58.78
N THR J 7 13.31 1.88 -30.77
CA THR J 7 13.86 1.31 -32.03
C THR J 7 12.73 0.71 -32.87
N THR J 8 13.04 0.34 -34.11
CA THR J 8 12.02 -0.08 -35.06
C THR J 8 12.35 -1.38 -35.78
N ILE J 9 13.06 -2.31 -35.12
CA ILE J 9 13.48 -3.53 -35.80
C ILE J 9 12.26 -4.16 -36.46
N VAL J 10 12.38 -4.48 -37.75
CA VAL J 10 11.28 -4.96 -38.56
C VAL J 10 11.70 -6.26 -39.23
N GLY J 11 10.72 -7.12 -39.51
CA GLY J 11 10.96 -8.36 -40.22
C GLY J 11 9.88 -8.60 -41.26
N VAL J 12 10.30 -8.95 -42.47
CA VAL J 12 9.38 -9.23 -43.57
C VAL J 12 9.77 -10.56 -44.21
N LYS J 13 8.79 -11.40 -44.46
CA LYS J 13 8.99 -12.68 -45.10
C LYS J 13 8.47 -12.63 -46.54
N TYR J 14 9.31 -13.02 -47.49
CA TYR J 14 8.94 -13.07 -48.89
C TYR J 14 9.10 -14.50 -49.39
N LYS J 15 8.98 -14.68 -50.71
CA LYS J 15 8.81 -16.01 -51.27
C LYS J 15 9.94 -16.96 -50.85
N GLY J 16 11.18 -16.51 -50.96
CA GLY J 16 12.31 -17.40 -50.74
C GLY J 16 13.28 -16.96 -49.67
N GLY J 17 12.86 -16.09 -48.76
CA GLY J 17 13.74 -15.63 -47.71
C GLY J 17 13.03 -14.69 -46.77
N VAL J 18 13.84 -14.03 -45.94
CA VAL J 18 13.34 -13.05 -44.98
C VAL J 18 14.18 -11.79 -45.08
N VAL J 19 13.57 -10.67 -44.73
CA VAL J 19 14.27 -9.39 -44.62
C VAL J 19 14.11 -8.91 -43.19
N ILE J 20 15.23 -8.67 -42.52
CA ILE J 20 15.24 -8.15 -41.15
C ILE J 20 15.93 -6.80 -41.18
N CYS J 21 15.17 -5.75 -40.91
CA CYS J 21 15.66 -4.39 -40.91
C CYS J 21 15.56 -3.81 -39.51
N ALA J 22 16.42 -2.81 -39.23
CA ALA J 22 16.41 -2.18 -37.92
C ALA J 22 16.99 -0.78 -38.04
N ASP J 23 16.62 0.07 -37.09
CA ASP J 23 17.21 1.39 -36.97
C ASP J 23 18.47 1.33 -36.12
N THR J 24 19.42 2.19 -36.41
CA THR J 24 20.72 2.20 -35.73
C THR J 24 20.75 3.25 -34.62
N ARG J 25 19.95 3.05 -33.58
CA ARG J 25 19.85 4.00 -32.49
C ARG J 25 19.67 3.25 -31.18
N SER J 26 20.26 3.80 -30.13
CA SER J 26 20.06 3.31 -28.77
C SER J 26 19.80 4.50 -27.87
N THR J 27 19.05 4.28 -26.79
CA THR J 27 18.60 5.36 -25.95
C THR J 27 18.48 4.89 -24.51
N SER J 28 18.76 5.81 -23.59
CA SER J 28 18.57 5.57 -22.16
C SER J 28 17.93 6.82 -21.58
N GLY J 29 16.61 6.82 -21.47
CA GLY J 29 15.88 8.02 -21.12
C GLY J 29 15.70 8.92 -22.32
N PRO J 30 15.64 10.24 -22.11
CA PRO J 30 15.58 11.17 -23.25
C PRO J 30 16.91 11.38 -23.95
N ILE J 31 17.97 10.67 -23.56
CA ILE J 31 19.31 10.89 -24.07
C ILE J 31 19.68 9.74 -25.01
N VAL J 32 20.13 10.09 -26.21
CA VAL J 32 20.60 9.08 -27.17
C VAL J 32 21.97 8.60 -26.71
N ALA J 33 22.12 7.28 -26.59
CA ALA J 33 23.35 6.73 -26.03
C ALA J 33 24.33 6.30 -27.12
N ASP J 34 23.83 5.68 -28.19
CA ASP J 34 24.71 5.08 -29.19
C ASP J 34 24.14 5.29 -30.57
N LYS J 35 24.96 5.81 -31.47
CA LYS J 35 24.60 5.92 -32.88
C LYS J 35 25.15 4.72 -33.64
N ASN J 36 24.56 4.46 -34.81
CA ASN J 36 25.02 3.38 -35.68
C ASN J 36 25.06 2.04 -34.96
N CYS J 37 24.24 1.88 -33.92
CA CYS J 37 24.20 0.62 -33.18
C CYS J 37 23.69 -0.51 -34.08
N SER J 38 24.32 -1.67 -33.97
CA SER J 38 23.94 -2.83 -34.79
C SER J 38 22.98 -3.68 -34.00
N LYS J 39 21.69 -3.62 -34.36
CA LYS J 39 20.66 -4.35 -33.63
C LYS J 39 20.42 -5.75 -34.17
N ILE J 40 21.02 -6.11 -35.28
CA ILE J 40 20.83 -7.44 -35.87
C ILE J 40 21.95 -8.34 -35.34
N HIS J 41 21.58 -9.34 -34.56
CA HIS J 41 22.54 -10.21 -33.91
C HIS J 41 22.72 -11.49 -34.72
N TYR J 42 23.95 -11.99 -34.76
CA TYR J 42 24.24 -13.23 -35.44
C TYR J 42 23.80 -14.41 -34.59
N ILE J 43 23.11 -15.37 -35.22
CA ILE J 43 22.76 -16.64 -34.61
C ILE J 43 23.30 -17.81 -35.42
N SER J 44 23.12 -17.75 -36.74
CA SER J 44 23.62 -18.80 -37.63
C SER J 44 23.77 -18.20 -39.02
N ASP J 45 24.51 -18.90 -39.88
CA ASP J 45 24.67 -18.44 -41.24
C ASP J 45 23.33 -18.28 -41.95
N ASN J 46 22.31 -19.03 -41.52
CA ASN J 46 20.99 -18.95 -42.12
C ASN J 46 19.94 -18.38 -41.17
N ILE J 47 20.34 -17.88 -40.00
CA ILE J 47 19.40 -17.32 -39.03
C ILE J 47 20.01 -16.04 -38.46
N GLN J 48 19.20 -15.00 -38.38
CA GLN J 48 19.56 -13.76 -37.72
C GLN J 48 18.43 -13.34 -36.79
N ALA J 49 18.79 -12.69 -35.70
CA ALA J 49 17.83 -12.23 -34.72
C ALA J 49 18.02 -10.75 -34.45
N CYS J 50 16.92 -10.03 -34.35
CA CYS J 50 16.90 -8.61 -34.03
C CYS J 50 15.93 -8.41 -32.88
N GLY J 51 16.39 -7.73 -31.83
CA GLY J 51 15.63 -7.67 -30.61
C GLY J 51 15.44 -6.24 -30.12
N ALA J 52 14.43 -6.10 -29.26
CA ALA J 52 14.14 -4.84 -28.58
C ALA J 52 13.95 -5.12 -27.10
N GLY J 53 14.36 -4.17 -26.27
CA GLY J 53 14.31 -4.31 -24.83
C GLY J 53 15.66 -4.11 -24.19
N THR J 54 15.86 -4.78 -23.06
CA THR J 54 17.14 -4.69 -22.36
C THR J 54 18.26 -5.13 -23.30
N SER J 55 19.15 -4.19 -23.64
CA SER J 55 20.16 -4.47 -24.64
C SER J 55 21.06 -5.64 -24.25
N ALA J 56 21.35 -5.79 -22.95
CA ALA J 56 22.20 -6.89 -22.51
C ALA J 56 21.47 -8.22 -22.66
N ASP J 57 20.15 -8.23 -22.48
CA ASP J 57 19.40 -9.47 -22.58
C ASP J 57 19.26 -9.93 -24.03
N ILE J 58 19.16 -8.99 -24.96
CA ILE J 58 19.10 -9.36 -26.38
C ILE J 58 20.39 -10.06 -26.79
N THR J 59 21.53 -9.48 -26.41
CA THR J 59 22.82 -10.05 -26.80
C THR J 59 23.03 -11.41 -26.19
N ARG J 60 22.69 -11.58 -24.91
CA ARG J 60 22.97 -12.83 -24.24
C ARG J 60 21.98 -13.92 -24.64
N VAL J 61 20.71 -13.57 -24.84
CA VAL J 61 19.75 -14.57 -25.28
C VAL J 61 20.05 -15.01 -26.71
N THR J 62 20.37 -14.06 -27.58
CA THR J 62 20.75 -14.41 -28.95
C THR J 62 22.11 -15.09 -28.99
N ARG J 63 22.94 -14.88 -27.96
CA ARG J 63 24.22 -15.58 -27.90
C ARG J 63 24.02 -17.03 -27.45
N LYS J 64 23.08 -17.26 -26.54
CA LYS J 64 22.78 -18.63 -26.12
C LYS J 64 22.24 -19.44 -27.30
N ALA J 65 21.36 -18.84 -28.10
CA ALA J 65 20.87 -19.52 -29.29
C ALA J 65 22.02 -19.78 -30.27
N SER J 66 22.92 -18.81 -30.42
CA SER J 66 24.05 -19.00 -31.32
C SER J 66 24.93 -20.17 -30.87
N LYS J 67 25.16 -20.29 -29.56
CA LYS J 67 25.94 -21.41 -29.06
C LYS J 67 25.24 -22.73 -29.35
N VAL J 68 23.97 -22.84 -28.95
CA VAL J 68 23.27 -24.11 -29.07
C VAL J 68 23.14 -24.52 -30.54
N LEU J 69 22.92 -23.53 -31.42
CA LEU J 69 22.82 -23.84 -32.83
C LEU J 69 24.17 -24.09 -33.47
N SER J 70 25.25 -23.51 -32.93
CA SER J 70 26.58 -23.81 -33.45
C SER J 70 27.04 -25.19 -33.04
N ILE J 71 26.79 -25.57 -31.79
CA ILE J 71 27.11 -26.92 -31.34
C ILE J 71 26.29 -27.94 -32.11
N PHE J 72 25.02 -27.63 -32.38
CA PHE J 72 24.16 -28.55 -33.11
C PHE J 72 24.67 -28.76 -34.53
N SER J 73 24.93 -27.68 -35.26
CA SER J 73 25.39 -27.82 -36.64
C SER J 73 26.77 -28.47 -36.70
N LYS J 74 27.67 -28.10 -35.79
CA LYS J 74 28.99 -28.72 -35.79
C LYS J 74 28.91 -30.20 -35.46
N THR J 75 28.09 -30.57 -34.48
CA THR J 75 27.99 -31.96 -34.07
C THR J 75 27.34 -32.81 -35.15
N TYR J 76 26.21 -32.35 -35.68
CA TYR J 76 25.40 -33.13 -36.60
C TYR J 76 25.60 -32.76 -38.06
N ASN J 77 26.50 -31.84 -38.36
CA ASN J 77 26.75 -31.41 -39.74
C ASN J 77 25.42 -31.16 -40.45
N ARG J 78 24.64 -30.25 -39.90
CA ARG J 78 23.26 -30.05 -40.33
C ARG J 78 22.87 -28.63 -39.94
N LEU J 79 22.64 -27.77 -40.93
CA LEU J 79 22.36 -26.38 -40.63
C LEU J 79 21.08 -26.27 -39.80
N PRO J 80 21.09 -25.45 -38.75
CA PRO J 80 19.98 -25.47 -37.78
C PRO J 80 18.70 -24.92 -38.38
N ARG J 81 17.58 -25.33 -37.78
CA ARG J 81 16.28 -24.82 -38.15
C ARG J 81 15.95 -23.58 -37.32
N VAL J 82 15.11 -22.72 -37.89
CA VAL J 82 14.64 -21.56 -37.14
C VAL J 82 13.83 -22.00 -35.93
N SER J 83 13.04 -23.07 -36.08
CA SER J 83 12.26 -23.57 -34.95
C SER J 83 13.16 -23.96 -33.79
N HIS J 84 14.37 -24.45 -34.08
CA HIS J 84 15.30 -24.80 -33.02
C HIS J 84 15.77 -23.55 -32.28
N CYS J 85 16.03 -22.47 -33.02
CA CYS J 85 16.44 -21.21 -32.39
C CYS J 85 15.34 -20.66 -31.51
N VAL J 86 14.11 -20.64 -32.02
CA VAL J 86 13.00 -20.11 -31.24
C VAL J 86 12.75 -20.95 -30.01
N ARG J 87 12.81 -22.27 -30.14
CA ARG J 87 12.59 -23.14 -28.99
C ARG J 87 13.65 -22.90 -27.92
N THR J 88 14.91 -22.74 -28.33
CA THR J 88 15.96 -22.45 -27.36
C THR J 88 15.68 -21.14 -26.63
N CYS J 89 15.26 -20.11 -27.37
CA CYS J 89 14.95 -18.83 -26.75
C CYS J 89 13.75 -18.95 -25.82
N GLN J 90 12.71 -19.66 -26.25
CA GLN J 90 11.52 -19.81 -25.42
C GLN J 90 11.84 -20.53 -24.12
N LEU J 91 12.57 -21.65 -24.21
CA LEU J 91 12.92 -22.40 -23.02
C LEU J 91 13.79 -21.62 -22.06
N HIS J 92 14.47 -20.58 -22.56
CA HIS J 92 15.33 -19.77 -21.71
C HIS J 92 14.56 -18.59 -21.11
N LEU J 93 13.74 -17.93 -21.93
CA LEU J 93 13.04 -16.74 -21.47
C LEU J 93 11.90 -17.08 -20.51
N HIS J 94 11.19 -18.18 -20.76
CA HIS J 94 10.01 -18.49 -19.97
C HIS J 94 10.31 -18.70 -18.50
N PRO J 95 11.35 -19.44 -18.11
CA PRO J 95 11.60 -19.65 -16.68
C PRO J 95 11.78 -18.37 -15.88
N TYR J 96 12.28 -17.30 -16.50
CA TYR J 96 12.53 -16.06 -15.80
C TYR J 96 11.30 -15.17 -15.70
N GLN J 97 10.17 -15.58 -16.27
CA GLN J 97 8.91 -14.84 -16.13
C GLN J 97 9.03 -13.44 -16.72
N GLY J 98 9.87 -13.28 -17.73
CA GLY J 98 10.02 -11.99 -18.36
C GLY J 98 10.98 -11.04 -17.68
N HIS J 99 11.55 -11.42 -16.53
CA HIS J 99 12.56 -10.57 -15.91
C HIS J 99 13.74 -10.37 -16.83
N ILE J 100 14.07 -11.38 -17.63
CA ILE J 100 15.00 -11.21 -18.75
C ILE J 100 14.18 -10.64 -19.89
N SER J 101 14.13 -9.32 -20.00
CA SER J 101 13.24 -8.64 -20.94
C SER J 101 13.91 -8.57 -22.31
N ALA J 102 13.60 -9.58 -23.13
CA ALA J 102 14.14 -9.69 -24.48
C ALA J 102 13.02 -10.12 -25.43
N ALA J 103 12.71 -9.25 -26.40
CA ALA J 103 11.79 -9.58 -27.48
C ALA J 103 12.56 -9.59 -28.79
N LEU J 104 12.39 -10.66 -29.56
CA LEU J 104 13.24 -10.92 -30.73
C LEU J 104 12.38 -11.10 -31.96
N VAL J 105 12.94 -10.77 -33.12
CA VAL J 105 12.38 -11.14 -34.41
C VAL J 105 13.38 -12.07 -35.08
N VAL J 106 13.19 -13.37 -34.93
CA VAL J 106 14.12 -14.38 -35.42
C VAL J 106 13.65 -14.80 -36.81
N GLY J 107 14.52 -14.66 -37.79
CA GLY J 107 14.21 -15.06 -39.15
C GLY J 107 15.36 -15.84 -39.75
N GLY J 108 15.02 -16.75 -40.66
CA GLY J 108 16.04 -17.58 -41.27
C GLY J 108 15.42 -18.45 -42.34
N VAL J 109 16.31 -19.18 -43.02
CA VAL J 109 15.91 -20.10 -44.08
C VAL J 109 16.50 -21.46 -43.76
N ASP J 110 15.64 -22.48 -43.71
CA ASP J 110 16.05 -23.84 -43.41
C ASP J 110 15.74 -24.74 -44.61
N ASP J 111 15.90 -26.04 -44.39
CA ASP J 111 15.51 -27.01 -45.40
C ASP J 111 14.01 -27.02 -45.63
N THR J 112 13.23 -26.45 -44.71
CA THR J 112 11.79 -26.33 -44.85
C THR J 112 11.36 -25.00 -45.44
N GLY J 113 12.29 -24.10 -45.72
CA GLY J 113 11.97 -22.81 -46.30
C GLY J 113 12.27 -21.65 -45.38
N ALA J 114 11.66 -20.51 -45.69
CA ALA J 114 11.89 -19.29 -44.95
C ALA J 114 10.89 -19.17 -43.80
N HIS J 115 11.39 -18.85 -42.62
CA HIS J 115 10.57 -18.72 -41.42
C HIS J 115 10.93 -17.42 -40.71
N LEU J 116 9.90 -16.74 -40.19
CA LEU J 116 10.08 -15.51 -39.45
C LEU J 116 9.23 -15.59 -38.20
N TYR J 117 9.83 -15.34 -37.05
CA TYR J 117 9.18 -15.54 -35.76
C TYR J 117 9.23 -14.27 -34.94
N ASP J 118 8.19 -14.05 -34.14
CA ASP J 118 8.18 -13.03 -33.10
C ASP J 118 8.29 -13.71 -31.75
N VAL J 119 9.29 -13.34 -30.96
CA VAL J 119 9.52 -13.91 -29.64
C VAL J 119 9.42 -12.78 -28.64
N TYR J 120 8.70 -13.02 -27.55
CA TYR J 120 8.39 -12.01 -26.56
C TYR J 120 9.05 -12.33 -25.22
N PRO J 121 9.18 -11.34 -24.34
CA PRO J 121 9.99 -11.54 -23.12
C PRO J 121 9.53 -12.70 -22.27
N HIS J 122 8.24 -13.00 -22.23
CA HIS J 122 7.75 -14.07 -21.38
C HIS J 122 7.89 -15.44 -22.00
N GLY J 123 8.40 -15.53 -23.23
CA GLY J 123 8.69 -16.81 -23.84
C GLY J 123 7.72 -17.27 -24.89
N SER J 124 6.73 -16.45 -25.25
CA SER J 124 5.83 -16.81 -26.32
C SER J 124 6.47 -16.55 -27.66
N SER J 125 6.08 -17.35 -28.66
CA SER J 125 6.57 -17.19 -30.02
C SER J 125 5.38 -17.17 -30.96
N ASN J 126 5.63 -16.70 -32.18
CA ASN J 126 4.57 -16.57 -33.18
C ASN J 126 5.18 -16.52 -34.56
N SER J 127 4.92 -17.55 -35.36
CA SER J 127 5.32 -17.50 -36.76
C SER J 127 4.47 -16.49 -37.50
N VAL J 128 5.11 -15.61 -38.27
CA VAL J 128 4.44 -14.47 -38.88
C VAL J 128 4.98 -14.27 -40.29
N SER J 129 4.24 -13.47 -41.06
CA SER J 129 4.67 -13.12 -42.41
C SER J 129 5.45 -11.81 -42.43
N TYR J 130 5.06 -10.85 -41.60
CA TYR J 130 5.82 -9.62 -41.43
C TYR J 130 5.71 -9.23 -39.97
N THR J 131 6.70 -8.44 -39.52
CA THR J 131 6.77 -8.10 -38.11
C THR J 131 7.36 -6.71 -37.94
N ALA J 132 6.98 -6.08 -36.84
CA ALA J 132 7.63 -4.87 -36.36
C ALA J 132 7.73 -4.97 -34.86
N LEU J 133 8.76 -4.34 -34.30
CA LEU J 133 9.02 -4.46 -32.88
C LEU J 133 9.75 -3.22 -32.40
N GLY J 134 9.63 -2.93 -31.12
CA GLY J 134 10.24 -1.76 -30.54
C GLY J 134 9.27 -0.59 -30.45
N SER J 135 9.83 0.56 -30.09
CA SER J 135 9.01 1.75 -29.93
C SER J 135 8.36 2.18 -31.24
N GLY J 136 9.04 1.97 -32.37
CA GLY J 136 8.51 2.33 -33.66
C GLY J 136 7.72 1.25 -34.36
N SER J 137 7.30 0.20 -33.63
CA SER J 137 6.56 -0.88 -34.27
C SER J 137 5.23 -0.40 -34.83
N LEU J 138 4.51 0.41 -34.07
CA LEU J 138 3.20 0.88 -34.52
C LEU J 138 3.33 1.71 -35.79
N ALA J 139 4.32 2.60 -35.85
CA ALA J 139 4.56 3.36 -37.07
C ALA J 139 4.96 2.44 -38.22
N ALA J 140 5.79 1.44 -37.91
CA ALA J 140 6.24 0.50 -38.94
C ALA J 140 5.12 -0.42 -39.38
N ILE J 141 4.34 -0.95 -38.43
CA ILE J 141 3.29 -1.91 -38.77
C ILE J 141 2.24 -1.27 -39.65
N SER J 142 2.07 0.05 -39.55
CA SER J 142 1.13 0.74 -40.42
C SER J 142 1.57 0.66 -41.88
N ILE J 143 2.86 0.82 -42.14
CA ILE J 143 3.36 0.68 -43.49
C ILE J 143 3.27 -0.77 -43.96
N LEU J 144 3.61 -1.71 -43.07
CA LEU J 144 3.55 -3.12 -43.43
C LEU J 144 2.12 -3.55 -43.72
N GLU J 145 1.17 -3.07 -42.94
CA GLU J 145 -0.23 -3.40 -43.19
C GLU J 145 -0.67 -2.95 -44.57
N ALA J 146 -0.30 -1.73 -44.95
CA ALA J 146 -0.78 -1.17 -46.22
C ALA J 146 -0.04 -1.77 -47.40
N GLY J 147 1.26 -2.02 -47.26
CA GLY J 147 2.08 -2.36 -48.40
C GLY J 147 2.46 -3.82 -48.54
N TYR J 148 2.08 -4.65 -47.59
CA TYR J 148 2.52 -6.05 -47.63
C TYR J 148 1.69 -6.86 -48.60
N LYS J 149 2.36 -7.79 -49.28
CA LYS J 149 1.75 -8.70 -50.23
C LYS J 149 2.72 -9.85 -50.46
N ASP J 150 2.44 -10.66 -51.47
CA ASP J 150 3.42 -11.66 -51.88
C ASP J 150 4.49 -10.99 -52.73
N MET J 151 5.74 -11.12 -52.31
CA MET J 151 6.81 -10.28 -52.83
C MET J 151 8.04 -11.11 -53.13
N ASN J 152 8.94 -10.51 -53.92
CA ASN J 152 10.31 -11.00 -54.06
C ASN J 152 11.20 -10.26 -53.07
N ARG J 153 12.52 -10.48 -53.16
CA ARG J 153 13.41 -9.82 -52.22
C ARG J 153 13.51 -8.33 -52.49
N GLU J 154 13.43 -7.92 -53.76
CA GLU J 154 13.52 -6.50 -54.07
C GLU J 154 12.35 -5.74 -53.47
N GLU J 155 11.12 -6.20 -53.70
CA GLU J 155 9.97 -5.50 -53.13
C GLU J 155 9.92 -5.65 -51.62
N ALA J 156 10.35 -6.80 -51.10
CA ALA J 156 10.42 -6.98 -49.65
C ALA J 156 11.44 -6.04 -49.03
N MET J 157 12.57 -5.82 -49.72
CA MET J 157 13.57 -4.89 -49.24
C MET J 157 13.01 -3.50 -49.05
N GLU J 158 12.28 -2.99 -50.05
CA GLU J 158 11.81 -1.61 -49.99
C GLU J 158 10.63 -1.45 -49.04
N LEU J 159 9.77 -2.46 -48.94
CA LEU J 159 8.67 -2.38 -47.98
C LEU J 159 9.20 -2.33 -46.56
N ALA J 160 10.20 -3.16 -46.24
CA ALA J 160 10.78 -3.14 -44.91
C ALA J 160 11.51 -1.84 -44.65
N CYS J 161 12.26 -1.34 -45.62
CA CYS J 161 12.97 -0.07 -45.43
C CYS J 161 11.99 1.08 -45.31
N ALA J 162 10.91 1.07 -46.09
CA ALA J 162 9.87 2.07 -45.93
C ALA J 162 9.21 1.95 -44.56
N ALA J 163 9.10 0.72 -44.05
CA ALA J 163 8.54 0.53 -42.70
C ALA J 163 9.46 1.12 -41.64
N ILE J 164 10.76 0.87 -41.73
CA ILE J 164 11.70 1.45 -40.79
C ILE J 164 11.68 2.96 -40.90
N GLU J 165 11.69 3.49 -42.13
CA GLU J 165 11.70 4.93 -42.34
C GLU J 165 10.54 5.59 -41.62
N ALA J 166 9.37 4.95 -41.65
CA ALA J 166 8.21 5.51 -40.96
C ALA J 166 8.44 5.58 -39.46
N GLY J 167 9.02 4.53 -38.88
CA GLY J 167 9.29 4.55 -37.45
C GLY J 167 10.36 5.55 -37.08
N ILE J 168 11.41 5.66 -37.90
CA ILE J 168 12.46 6.63 -37.62
C ILE J 168 11.90 8.05 -37.62
N MET J 169 11.01 8.35 -38.58
CA MET J 169 10.49 9.69 -38.72
C MET J 169 9.44 10.03 -37.66
N ASN J 170 8.70 9.04 -37.17
CA ASN J 170 7.56 9.30 -36.31
C ASN J 170 7.75 8.87 -34.86
N ASP J 171 8.77 8.09 -34.55
CA ASP J 171 9.02 7.65 -33.18
C ASP J 171 10.17 8.46 -32.61
N LEU J 172 9.98 8.97 -31.39
CA LEU J 172 11.01 9.78 -30.76
C LEU J 172 12.28 8.96 -30.51
N TYR J 173 12.13 7.72 -30.07
CA TYR J 173 13.25 6.89 -29.66
C TYR J 173 13.79 6.05 -30.80
N SER J 174 13.54 6.43 -32.04
CA SER J 174 14.09 5.77 -33.22
C SER J 174 14.70 6.81 -34.13
N GLY J 175 15.82 6.46 -34.77
CA GLY J 175 16.48 7.42 -35.63
C GLY J 175 17.75 6.84 -36.23
N SER J 176 18.55 7.75 -36.80
CA SER J 176 19.83 7.43 -37.40
C SER J 176 19.65 6.64 -38.70
N ASN J 177 20.25 5.45 -38.80
CA ASN J 177 20.36 4.74 -40.07
C ASN J 177 19.42 3.53 -40.08
N ILE J 178 19.45 2.82 -41.20
CA ILE J 178 18.72 1.57 -41.37
C ILE J 178 19.71 0.47 -41.69
N ASP J 179 19.78 -0.53 -40.81
CA ASP J 179 20.50 -1.75 -41.12
C ASP J 179 19.54 -2.75 -41.74
N VAL J 180 20.01 -3.44 -42.76
CA VAL J 180 19.21 -4.44 -43.46
C VAL J 180 20.03 -5.72 -43.57
N CYS J 181 19.34 -6.84 -43.45
CA CYS J 181 19.96 -8.15 -43.61
C CYS J 181 18.94 -9.08 -44.23
N VAL J 182 19.29 -9.65 -45.39
CA VAL J 182 18.43 -10.56 -46.13
C VAL J 182 19.02 -11.95 -46.00
N ILE J 183 18.20 -12.91 -45.56
CA ILE J 183 18.56 -14.32 -45.56
C ILE J 183 17.69 -15.01 -46.59
N SER J 184 18.30 -15.43 -47.68
CA SER J 184 17.64 -16.15 -48.76
C SER J 184 18.16 -17.59 -48.81
N GLN J 185 17.59 -18.37 -49.72
CA GLN J 185 18.09 -19.72 -49.92
C GLN J 185 19.52 -19.71 -50.44
N GLU J 186 19.98 -18.57 -50.97
CA GLU J 186 21.34 -18.42 -51.46
C GLU J 186 22.32 -17.96 -50.39
N GLY J 187 21.85 -17.67 -49.18
CA GLY J 187 22.70 -17.19 -48.11
C GLY J 187 22.29 -15.80 -47.65
N ARG J 188 22.93 -15.37 -46.57
CA ARG J 188 22.61 -14.08 -45.97
C ARG J 188 23.54 -13.00 -46.48
N GLU J 189 22.99 -11.81 -46.67
CA GLU J 189 23.74 -10.65 -47.13
C GLU J 189 23.31 -9.43 -46.32
N MET J 190 24.29 -8.63 -45.90
CA MET J 190 24.05 -7.54 -44.97
C MET J 190 24.23 -6.19 -45.67
N PHE J 191 23.44 -5.21 -45.24
CA PHE J 191 23.56 -3.81 -45.67
C PHE J 191 23.60 -2.95 -44.42
N ARG J 192 24.80 -2.77 -43.86
CA ARG J 192 24.93 -1.90 -42.70
C ARG J 192 24.79 -0.44 -43.12
N ASN J 193 24.03 0.32 -42.36
CA ASN J 193 23.71 1.71 -42.72
C ASN J 193 23.19 1.78 -44.15
N TYR J 194 22.21 0.93 -44.45
CA TYR J 194 21.62 0.89 -45.78
C TYR J 194 21.10 2.26 -46.20
N LYS J 195 20.61 3.05 -45.26
CA LYS J 195 20.15 4.40 -45.53
C LYS J 195 20.57 5.33 -44.39
N LYS J 196 20.68 6.62 -44.71
CA LYS J 196 21.12 7.64 -43.77
C LYS J 196 20.03 8.70 -43.63
N VAL J 197 18.79 8.25 -43.40
CA VAL J 197 17.65 9.17 -43.37
C VAL J 197 17.88 10.26 -42.32
N GLY J 198 18.54 9.95 -41.22
CA GLY J 198 18.78 10.92 -40.18
C GLY J 198 20.03 11.76 -40.40
N VAL J 199 20.10 12.44 -41.55
CA VAL J 199 21.29 13.20 -41.90
C VAL J 199 21.51 14.33 -40.90
N ARG J 200 22.76 14.53 -40.51
CA ARG J 200 23.13 15.62 -39.61
C ARG J 200 23.69 16.79 -40.40
N ASN J 201 23.76 17.94 -39.74
CA ASN J 201 24.30 19.13 -40.37
C ASN J 201 25.82 19.07 -40.43
N GLU J 202 26.39 19.86 -41.34
CA GLU J 202 27.85 19.95 -41.49
C GLU J 202 28.39 21.08 -40.61
N VAL J 203 28.54 20.76 -39.33
CA VAL J 203 29.01 21.76 -38.36
C VAL J 203 30.53 21.86 -38.45
N PRO J 204 31.12 23.05 -38.39
CA PRO J 204 32.58 23.15 -38.41
C PRO J 204 33.20 22.65 -37.11
N LYS J 205 34.53 22.67 -37.07
CA LYS J 205 35.25 22.30 -35.86
C LYS J 205 35.38 23.49 -34.92
N PHE J 206 35.65 23.20 -33.66
CA PHE J 206 35.91 24.20 -32.64
C PHE J 206 37.14 23.78 -31.85
N GLN J 207 38.09 24.69 -31.69
CA GLN J 207 39.37 24.39 -31.06
C GLN J 207 39.64 25.37 -29.93
N TYR J 208 39.94 24.83 -28.75
CA TYR J 208 40.41 25.66 -27.67
C TYR J 208 41.89 25.98 -27.84
N PRO J 209 42.36 27.11 -27.33
CA PRO J 209 43.81 27.29 -27.19
C PRO J 209 44.37 26.27 -26.21
N ARG J 210 45.54 25.72 -26.54
CA ARG J 210 46.16 24.76 -25.64
C ARG J 210 46.53 25.41 -24.31
N SER J 211 46.65 26.73 -24.28
CA SER J 211 46.91 27.44 -23.04
C SER J 211 45.69 27.51 -22.13
N SER J 212 44.53 27.10 -22.62
CA SER J 212 43.30 27.22 -21.85
C SER J 212 43.21 26.22 -20.70
N VAL J 213 44.13 25.25 -20.62
CA VAL J 213 44.13 24.24 -19.57
C VAL J 213 45.49 24.23 -18.90
N LYS J 214 45.48 24.16 -17.58
CA LYS J 214 46.70 24.12 -16.77
C LYS J 214 46.86 22.73 -16.17
N ILE J 215 48.08 22.20 -16.21
CA ILE J 215 48.37 20.89 -15.66
C ILE J 215 49.05 21.07 -14.31
N LEU J 216 48.47 20.48 -13.26
CA LEU J 216 49.05 20.61 -11.93
C LEU J 216 50.30 19.76 -11.79
N LYS J 217 50.18 18.45 -12.01
CA LYS J 217 51.34 17.57 -11.96
C LYS J 217 51.14 16.45 -12.97
N GLU J 218 52.26 15.91 -13.46
CA GLU J 218 52.26 14.93 -14.54
C GLU J 218 53.19 13.78 -14.19
N ASP J 219 52.71 12.55 -14.38
CA ASP J 219 53.50 11.34 -14.22
C ASP J 219 53.42 10.53 -15.50
N ILE J 220 54.55 10.08 -16.00
CA ILE J 220 54.65 9.40 -17.28
C ILE J 220 55.02 7.93 -17.03
N TYR J 221 54.23 7.03 -17.60
CA TYR J 221 54.49 5.60 -17.52
C TYR J 221 54.65 5.05 -18.93
N LYS J 222 55.54 4.06 -19.08
CA LYS J 222 55.88 3.50 -20.37
C LYS J 222 55.44 2.05 -20.46
N TYR J 223 54.72 1.72 -21.54
CA TYR J 223 54.41 0.34 -21.85
C TYR J 223 55.67 -0.39 -22.29
N ILE J 224 55.78 -1.66 -21.89
CA ILE J 224 56.96 -2.46 -22.19
C ILE J 224 56.54 -3.76 -22.87
N ASP K 3 20.55 5.90 -7.31
CA ASP K 3 20.46 6.18 -5.89
C ASP K 3 21.80 5.89 -5.21
N ILE K 4 22.17 4.62 -5.17
CA ILE K 4 23.49 4.26 -4.64
C ILE K 4 24.58 4.85 -5.51
N SER K 5 24.35 4.93 -6.83
CA SER K 5 25.32 5.56 -7.70
C SER K 5 25.48 7.04 -7.38
N GLN K 6 24.37 7.73 -7.12
CA GLN K 6 24.42 9.13 -6.74
C GLN K 6 24.93 9.34 -5.33
N HIS K 7 24.96 8.28 -4.50
CA HIS K 7 25.56 8.39 -3.17
C HIS K 7 27.05 8.72 -3.27
N TYR K 8 27.77 8.02 -4.14
CA TYR K 8 29.20 8.27 -4.29
C TYR K 8 29.50 9.25 -5.42
N GLY K 9 28.60 9.38 -6.40
CA GLY K 9 28.80 10.35 -7.45
C GLY K 9 29.99 10.00 -8.32
N GLY K 10 30.52 11.02 -8.99
CA GLY K 10 31.67 10.84 -9.85
C GLY K 10 31.29 10.54 -11.28
N SER K 11 32.16 10.90 -12.23
CA SER K 11 31.86 10.72 -13.64
C SER K 11 33.15 10.39 -14.39
N LEU K 12 32.97 9.72 -15.53
CA LEU K 12 34.07 9.31 -16.39
C LEU K 12 33.86 9.86 -17.79
N LEU K 13 34.96 10.16 -18.46
CA LEU K 13 34.95 10.57 -19.85
C LEU K 13 36.13 9.92 -20.56
N ALA K 14 35.87 9.38 -21.74
CA ALA K 14 36.90 8.78 -22.58
C ALA K 14 36.72 9.28 -24.01
N MET K 15 37.72 10.01 -24.51
CA MET K 15 37.72 10.51 -25.87
C MET K 15 38.80 9.80 -26.67
N ILE K 16 38.49 9.47 -27.92
CA ILE K 16 39.43 8.82 -28.82
C ILE K 16 39.89 9.83 -29.85
N GLY K 17 41.20 10.03 -29.94
CA GLY K 17 41.79 10.84 -30.97
C GLY K 17 42.48 10.00 -32.03
N LYS K 18 43.50 10.59 -32.66
CA LYS K 18 44.33 9.84 -33.59
C LYS K 18 45.50 9.22 -32.84
N SER K 19 45.45 7.90 -32.67
CA SER K 19 46.54 7.17 -32.04
C SER K 19 46.65 7.48 -30.55
N SER K 20 45.60 8.02 -29.96
CA SER K 20 45.63 8.34 -28.53
C SER K 20 44.22 8.33 -27.97
N VAL K 21 44.12 8.04 -26.67
CA VAL K 21 42.86 8.06 -25.93
C VAL K 21 43.05 8.97 -24.73
N ALA K 22 42.05 9.80 -24.46
CA ALA K 22 42.02 10.65 -23.27
C ALA K 22 40.99 10.08 -22.31
N PHE K 23 41.46 9.42 -21.26
CA PHE K 23 40.61 8.80 -20.25
C PHE K 23 40.79 9.58 -18.95
N LEU K 24 39.74 10.25 -18.50
CA LEU K 24 39.86 11.15 -17.37
C LEU K 24 38.62 11.04 -16.49
N SER K 25 38.79 11.38 -15.21
CA SER K 25 37.73 11.21 -14.23
C SER K 25 37.93 12.23 -13.12
N ASP K 26 36.91 12.35 -12.27
CA ASP K 26 36.96 13.24 -11.13
C ASP K 26 37.41 12.48 -9.89
N LYS K 27 38.15 13.17 -9.02
CA LYS K 27 38.74 12.55 -7.85
C LYS K 27 37.89 12.73 -6.59
N ARG K 28 36.59 12.98 -6.74
CA ARG K 28 35.72 13.12 -5.59
C ARG K 28 35.11 11.79 -5.21
N LEU K 29 35.08 11.52 -3.91
CA LEU K 29 34.32 10.41 -3.34
C LEU K 29 33.23 10.98 -2.46
N GLY K 30 32.00 10.56 -2.71
CA GLY K 30 30.87 11.13 -2.00
C GLY K 30 30.31 10.22 -0.92
N SER K 31 29.60 10.85 0.01
CA SER K 31 28.80 10.16 1.01
C SER K 31 27.42 10.80 1.04
N GLY K 32 26.86 11.02 -0.14
CA GLY K 32 25.71 11.87 -0.30
C GLY K 32 26.16 13.26 -0.68
N PRO K 33 25.59 14.29 -0.05
CA PRO K 33 26.08 15.65 -0.32
C PRO K 33 27.54 15.85 0.05
N ILE K 34 28.02 15.17 1.09
CA ILE K 34 29.35 15.42 1.62
C ILE K 34 30.38 14.70 0.76
N SER K 35 31.49 15.39 0.47
CA SER K 35 32.62 14.78 -0.22
C SER K 35 33.63 14.32 0.81
N VAL K 36 33.74 13.01 0.99
CA VAL K 36 34.59 12.46 2.05
C VAL K 36 36.06 12.40 1.64
N SER K 37 36.38 12.52 0.35
CA SER K 37 37.76 12.56 -0.08
C SER K 37 37.85 13.30 -1.40
N LYS K 38 38.93 14.05 -1.57
CA LYS K 38 39.23 14.77 -2.80
C LYS K 38 40.28 14.05 -3.63
N ASN K 39 40.67 12.83 -3.26
CA ASN K 39 41.76 12.12 -3.93
C ASN K 39 41.39 10.68 -4.25
N PHE K 40 40.13 10.41 -4.56
CA PHE K 40 39.69 9.05 -4.89
C PHE K 40 39.60 8.91 -6.41
N THR K 41 40.59 8.24 -6.98
CA THR K 41 40.58 7.97 -8.42
C THR K 41 39.76 6.73 -8.71
N LYS K 42 38.88 6.81 -9.71
CA LYS K 42 38.03 5.70 -10.10
C LYS K 42 38.55 4.97 -11.34
N ILE K 43 39.74 5.32 -11.82
CA ILE K 43 40.33 4.70 -13.00
C ILE K 43 41.38 3.71 -12.53
N TYR K 44 41.28 2.48 -13.00
CA TYR K 44 42.23 1.42 -12.66
C TYR K 44 43.03 1.06 -13.90
N SER K 45 44.30 0.73 -13.70
CA SER K 45 45.18 0.35 -14.78
C SER K 45 45.66 -1.09 -14.57
N LEU K 46 45.20 -2.00 -15.44
CA LEU K 46 45.79 -3.33 -15.47
C LEU K 46 47.21 -3.29 -16.01
N THR K 47 47.40 -2.54 -17.10
CA THR K 47 48.71 -2.32 -17.68
C THR K 47 48.75 -0.90 -18.19
N PRO K 48 49.89 -0.46 -18.72
CA PRO K 48 49.95 0.89 -19.32
C PRO K 48 49.11 1.01 -20.58
N ARG K 49 48.52 -0.09 -21.05
CA ARG K 49 47.67 -0.07 -22.23
C ARG K 49 46.26 -0.58 -21.97
N LEU K 50 45.92 -0.96 -20.75
CA LEU K 50 44.58 -1.43 -20.41
C LEU K 50 44.12 -0.69 -19.17
N PHE K 51 43.07 0.11 -19.32
CA PHE K 51 42.50 0.89 -18.22
C PHE K 51 41.00 0.68 -18.21
N PHE K 52 40.40 0.91 -17.05
CA PHE K 52 38.94 0.97 -16.96
C PHE K 52 38.56 1.65 -15.67
N GLY K 53 37.46 2.38 -15.73
CA GLY K 53 36.95 3.09 -14.56
C GLY K 53 35.50 2.72 -14.33
N PHE K 54 35.05 2.92 -13.09
CA PHE K 54 33.70 2.58 -12.69
C PHE K 54 33.00 3.81 -12.12
N THR K 55 31.70 3.89 -12.38
CA THR K 55 30.83 4.84 -11.70
C THR K 55 29.65 4.07 -11.12
N GLY K 56 29.24 4.47 -9.92
CA GLY K 56 28.25 3.75 -9.18
C GLY K 56 28.75 3.40 -7.79
N LEU K 57 28.24 2.28 -7.28
CA LEU K 57 28.67 1.82 -5.96
C LEU K 57 30.17 1.58 -5.99
N VAL K 58 30.89 2.22 -5.07
CA VAL K 58 32.35 2.16 -5.08
C VAL K 58 32.84 0.77 -4.72
N SER K 59 32.17 0.12 -3.75
CA SER K 59 32.56 -1.23 -3.39
C SER K 59 32.41 -2.19 -4.56
N ASP K 60 31.31 -2.07 -5.32
CA ASP K 60 31.13 -2.88 -6.51
C ASP K 60 32.26 -2.63 -7.50
N GLY K 61 32.63 -1.37 -7.71
CA GLY K 61 33.71 -1.08 -8.63
C GLY K 61 35.03 -1.69 -8.20
N GLU K 62 35.33 -1.61 -6.91
CA GLU K 62 36.61 -2.12 -6.43
C GLU K 62 36.66 -3.64 -6.49
N MET K 63 35.59 -4.31 -6.07
CA MET K 63 35.57 -5.76 -6.15
C MET K 63 35.55 -6.24 -7.59
N LEU K 64 34.87 -5.52 -8.48
CA LEU K 64 34.94 -5.84 -9.90
C LEU K 64 36.33 -5.65 -10.44
N PHE K 65 37.05 -4.63 -9.96
CA PHE K 65 38.44 -4.46 -10.38
C PHE K 65 39.27 -5.65 -9.97
N LYS K 66 39.10 -6.12 -8.73
CA LYS K 66 39.88 -7.26 -8.29
C LYS K 66 39.52 -8.51 -9.08
N LYS K 67 38.23 -8.70 -9.36
CA LYS K 67 37.80 -9.83 -10.19
C LYS K 67 38.38 -9.76 -11.60
N ILE K 68 38.35 -8.56 -12.19
CA ILE K 68 38.87 -8.37 -13.54
C ILE K 68 40.36 -8.60 -13.58
N ARG K 69 41.08 -8.13 -12.57
CA ARG K 69 42.52 -8.36 -12.51
C ARG K 69 42.82 -9.85 -12.37
N LYS K 70 42.06 -10.56 -11.54
CA LYS K 70 42.23 -12.01 -11.41
C LYS K 70 42.07 -12.68 -12.77
N ASN K 71 40.95 -12.40 -13.45
CA ASN K 71 40.69 -13.04 -14.73
C ASN K 71 41.74 -12.66 -15.76
N TYR K 72 42.15 -11.39 -15.78
CA TYR K 72 43.12 -10.92 -16.76
C TYR K 72 44.47 -11.58 -16.55
N ASN K 73 44.90 -11.70 -15.29
CA ASN K 73 46.18 -12.35 -15.01
C ASN K 73 46.13 -13.80 -15.41
N LEU K 74 45.04 -14.50 -15.09
CA LEU K 74 44.91 -15.89 -15.49
C LEU K 74 44.94 -16.03 -17.01
N PHE K 75 44.23 -15.14 -17.71
CA PHE K 75 44.21 -15.19 -19.17
C PHE K 75 45.58 -14.94 -19.76
N VAL K 76 46.31 -13.97 -19.21
CA VAL K 76 47.64 -13.66 -19.74
C VAL K 76 48.59 -14.82 -19.50
N GLN K 77 48.47 -15.49 -18.35
CA GLN K 77 49.27 -16.68 -18.11
C GLN K 77 48.91 -17.80 -19.08
N ASP K 78 47.61 -17.98 -19.36
CA ASP K 78 47.16 -19.01 -20.26
C ASP K 78 47.54 -18.76 -21.71
N ASN K 79 47.74 -17.50 -22.10
CA ASN K 79 48.01 -17.16 -23.50
C ASN K 79 49.44 -16.71 -23.76
N ASN K 80 50.05 -15.96 -22.84
CA ASN K 80 51.32 -15.29 -23.08
C ASN K 80 51.17 -14.19 -24.13
N LYS K 81 49.96 -13.99 -24.63
CA LYS K 81 49.66 -12.82 -25.45
C LYS K 81 48.75 -11.88 -24.67
N ASP K 82 49.09 -10.60 -24.67
CA ASP K 82 48.37 -9.65 -23.86
C ASP K 82 46.92 -9.54 -24.31
N MET K 83 46.04 -9.22 -23.37
CA MET K 83 44.61 -9.11 -23.66
C MET K 83 44.34 -7.90 -24.53
N GLU K 84 43.50 -8.09 -25.54
CA GLU K 84 43.02 -6.96 -26.32
C GLU K 84 41.98 -6.19 -25.51
N PRO K 85 41.92 -4.87 -25.65
CA PRO K 85 40.90 -4.11 -24.92
C PRO K 85 39.49 -4.53 -25.27
N SER K 86 39.23 -4.96 -26.51
CA SER K 86 37.93 -5.52 -26.85
C SER K 86 37.65 -6.78 -26.04
N GLU K 87 38.65 -7.66 -25.92
CA GLU K 87 38.48 -8.86 -25.11
C GLU K 87 38.26 -8.50 -23.65
N LEU K 88 38.98 -7.51 -23.13
CA LEU K 88 38.80 -7.09 -21.75
C LEU K 88 37.38 -6.58 -21.54
N SER K 89 36.87 -5.77 -22.46
CA SER K 89 35.51 -5.27 -22.33
C SER K 89 34.49 -6.39 -22.40
N ASN K 90 34.69 -7.35 -23.30
CA ASN K 90 33.77 -8.48 -23.39
C ASN K 90 33.80 -9.33 -22.11
N MET K 91 34.99 -9.54 -21.55
CA MET K 91 35.09 -10.30 -20.31
C MET K 91 34.42 -9.56 -19.16
N ILE K 92 34.59 -8.24 -19.10
CA ILE K 92 33.91 -7.45 -18.07
C ILE K 92 32.41 -7.55 -18.24
N SER K 93 31.93 -7.49 -19.48
CA SER K 93 30.50 -7.62 -19.73
C SER K 93 29.99 -8.97 -19.28
N TYR K 94 30.76 -10.03 -19.53
CA TYR K 94 30.38 -11.35 -19.06
C TYR K 94 30.33 -11.41 -17.54
N ILE K 95 31.31 -10.82 -16.88
CA ILE K 95 31.33 -10.82 -15.42
C ILE K 95 30.13 -10.08 -14.87
N LEU K 96 29.74 -8.98 -15.52
CA LEU K 96 28.58 -8.21 -15.06
C LEU K 96 27.30 -9.01 -15.21
N TYR K 97 27.17 -9.78 -16.30
CA TYR K 97 25.93 -10.49 -16.57
C TYR K 97 25.73 -11.72 -15.70
N GLN K 98 26.81 -12.26 -15.11
CA GLN K 98 26.64 -13.40 -14.21
C GLN K 98 25.82 -13.02 -12.98
N LYS K 99 25.72 -11.72 -12.68
CA LYS K 99 24.88 -11.23 -11.61
C LYS K 99 23.60 -10.58 -12.13
N ARG K 100 23.04 -11.14 -13.20
CA ARG K 100 21.91 -10.50 -13.85
C ARG K 100 20.75 -10.26 -12.89
N LEU K 101 20.49 -11.22 -11.99
CA LEU K 101 19.39 -11.10 -11.06
C LEU K 101 19.73 -10.29 -9.81
N GLN K 102 21.02 -10.06 -9.55
CA GLN K 102 21.46 -9.15 -8.48
C GLN K 102 22.59 -8.29 -9.03
N PRO K 103 22.28 -7.44 -10.00
CA PRO K 103 23.35 -6.78 -10.76
C PRO K 103 24.18 -5.83 -9.91
N TYR K 104 25.44 -5.69 -10.30
CA TYR K 104 26.26 -4.61 -9.76
C TYR K 104 25.65 -3.27 -10.13
N TYR K 105 25.71 -2.32 -9.19
CA TYR K 105 25.23 -0.97 -9.46
C TYR K 105 26.38 -0.08 -9.93
N VAL K 106 27.00 -0.51 -11.03
CA VAL K 106 28.14 0.20 -11.60
C VAL K 106 27.96 0.32 -13.11
N ALA K 107 28.57 1.36 -13.67
CA ALA K 107 28.75 1.50 -15.10
C ALA K 107 30.25 1.64 -15.37
N VAL K 108 30.76 0.82 -16.29
CA VAL K 108 32.19 0.67 -16.47
C VAL K 108 32.58 1.12 -17.86
N ILE K 109 33.61 1.96 -17.95
CA ILE K 109 34.23 2.34 -19.22
C ILE K 109 35.58 1.65 -19.29
N VAL K 110 35.89 1.08 -20.44
CA VAL K 110 37.14 0.39 -20.67
C VAL K 110 37.90 1.11 -21.77
N CYS K 111 39.12 1.53 -21.46
CA CYS K 111 39.97 2.22 -22.42
C CYS K 111 41.31 1.49 -22.52
N GLY K 112 41.97 1.68 -23.65
CA GLY K 112 43.28 1.07 -23.83
C GLY K 112 43.71 1.17 -25.27
N MET K 113 44.88 0.58 -25.54
CA MET K 113 45.44 0.51 -26.87
C MET K 113 45.44 -0.95 -27.31
N THR K 114 44.98 -1.20 -28.53
CA THR K 114 45.00 -2.55 -29.06
C THR K 114 46.44 -2.99 -29.28
N LEU K 115 46.63 -4.31 -29.40
CA LEU K 115 47.96 -4.82 -29.71
C LEU K 115 48.48 -4.25 -31.02
N ASP K 116 47.57 -3.83 -31.91
CA ASP K 116 47.91 -3.09 -33.12
C ASP K 116 48.33 -1.65 -32.80
N LYS K 117 48.14 -1.21 -31.55
CA LYS K 117 48.49 0.14 -31.09
C LYS K 117 47.51 1.18 -31.58
N LYS K 118 46.24 0.81 -31.73
CA LYS K 118 45.19 1.77 -32.05
C LYS K 118 44.37 2.09 -30.80
N PRO K 119 43.82 3.30 -30.70
CA PRO K 119 43.00 3.65 -29.54
C PRO K 119 41.73 2.82 -29.47
N TYR K 120 41.24 2.62 -28.24
CA TYR K 120 40.01 1.87 -28.02
C TYR K 120 39.31 2.41 -26.79
N ALA K 121 37.98 2.49 -26.85
CA ALA K 121 37.16 2.84 -25.70
C ALA K 121 35.82 2.15 -25.82
N SER K 122 35.19 1.91 -24.68
CA SER K 122 33.87 1.30 -24.65
C SER K 122 33.28 1.52 -23.27
N SER K 123 32.01 1.14 -23.11
CA SER K 123 31.32 1.31 -21.85
C SER K 123 30.24 0.24 -21.72
N MET K 124 29.83 -0.01 -20.48
CA MET K 124 28.82 -1.01 -20.17
C MET K 124 27.89 -0.47 -19.10
N ASP K 125 26.67 -1.01 -19.08
CA ASP K 125 25.69 -0.67 -18.05
C ASP K 125 25.83 -1.64 -16.88
N CYS K 126 24.84 -1.65 -15.99
CA CYS K 126 24.89 -2.54 -14.84
C CYS K 126 25.08 -3.99 -15.23
N ILE K 127 24.53 -4.40 -16.37
CA ILE K 127 24.48 -5.81 -16.74
C ILE K 127 25.21 -6.05 -18.05
N GLY K 128 26.21 -5.25 -18.35
CA GLY K 128 27.14 -5.55 -19.42
C GLY K 128 26.69 -5.19 -20.82
N ALA K 129 25.63 -4.41 -20.98
CA ALA K 129 25.25 -3.96 -22.30
C ALA K 129 26.36 -3.06 -22.83
N MET K 130 27.16 -3.58 -23.76
CA MET K 130 28.40 -2.93 -24.17
C MET K 130 28.16 -2.03 -25.38
N LYS K 131 28.78 -0.85 -25.34
CA LYS K 131 28.76 0.10 -26.45
C LYS K 131 30.20 0.41 -26.83
N GLU K 132 30.70 -0.26 -27.86
CA GLU K 132 32.02 0.08 -28.36
C GLU K 132 31.97 1.44 -29.03
N THR K 133 33.03 2.22 -28.82
CA THR K 133 33.02 3.64 -29.14
C THR K 133 34.11 3.96 -30.16
N SER K 134 33.80 4.90 -31.05
CA SER K 134 34.79 5.48 -31.94
C SER K 134 35.09 6.94 -31.63
N GLU K 135 34.11 7.69 -31.13
CA GLU K 135 34.30 9.11 -30.88
C GLU K 135 34.55 9.33 -29.41
N PHE K 136 33.64 8.96 -28.51
CA PHE K 136 33.79 9.23 -27.09
C PHE K 136 32.70 8.49 -26.33
N VAL K 137 32.88 8.39 -25.01
CA VAL K 137 31.92 7.71 -24.16
C VAL K 137 32.04 8.28 -22.75
N THR K 138 30.91 8.31 -22.04
CA THR K 138 30.83 8.94 -20.73
C THR K 138 29.98 8.08 -19.82
N SER K 139 30.12 8.33 -18.51
CA SER K 139 29.27 7.70 -17.51
C SER K 139 29.34 8.52 -16.23
N GLY K 140 28.36 8.31 -15.36
CA GLY K 140 28.34 8.97 -14.08
C GLY K 140 27.28 10.05 -13.98
N THR K 141 27.37 10.81 -12.89
CA THR K 141 26.38 11.85 -12.62
C THR K 141 26.39 12.91 -13.72
N ALA K 142 27.58 13.32 -14.17
CA ALA K 142 27.70 14.32 -15.21
C ALA K 142 27.64 13.72 -16.61
N SER K 143 27.02 12.55 -16.77
CA SER K 143 27.03 11.88 -18.06
C SER K 143 26.35 12.71 -19.13
N LYS K 144 25.22 13.35 -18.79
CA LYS K 144 24.47 14.09 -19.80
C LYS K 144 25.21 15.35 -20.24
N ASN K 145 25.74 16.12 -19.29
CA ASN K 145 26.52 17.30 -19.65
C ASN K 145 27.74 16.91 -20.47
N LEU K 146 28.44 15.84 -20.06
CA LEU K 146 29.61 15.39 -20.78
C LEU K 146 29.24 14.99 -22.21
N MET K 147 28.15 14.23 -22.36
CA MET K 147 27.74 13.80 -23.69
C MET K 147 27.42 14.98 -24.58
N GLY K 148 26.64 15.93 -24.07
CA GLY K 148 26.28 17.09 -24.86
C GLY K 148 27.49 17.91 -25.28
N LEU K 149 28.37 18.20 -24.32
CA LEU K 149 29.52 19.05 -24.62
C LEU K 149 30.53 18.33 -25.51
N SER K 150 30.66 17.00 -25.37
CA SER K 150 31.54 16.26 -26.24
C SER K 150 31.00 16.20 -27.66
N GLU K 151 29.69 15.98 -27.80
CA GLU K 151 29.09 16.04 -29.13
C GLU K 151 29.30 17.41 -29.76
N ALA K 152 29.18 18.47 -28.96
CA ALA K 152 29.41 19.81 -29.48
C ALA K 152 30.85 20.03 -29.89
N LEU K 153 31.81 19.53 -29.12
CA LEU K 153 33.21 19.88 -29.29
C LEU K 153 34.07 18.80 -29.95
N PHE K 154 33.69 17.53 -29.86
CA PHE K 154 34.56 16.47 -30.37
C PHE K 154 34.57 16.47 -31.89
N TYR K 155 35.77 16.33 -32.45
CA TYR K 155 35.94 16.06 -33.87
C TYR K 155 36.95 14.93 -34.06
N PRO K 156 36.80 14.12 -35.12
CA PRO K 156 37.63 12.93 -35.22
C PRO K 156 39.09 13.24 -35.50
N GLU K 157 39.95 12.30 -35.11
CA GLU K 157 41.39 12.36 -35.42
C GLU K 157 42.06 13.57 -34.78
N MET K 158 41.75 13.84 -33.52
CA MET K 158 42.42 14.92 -32.81
C MET K 158 43.84 14.51 -32.45
N GLU K 159 44.75 15.48 -32.47
CA GLU K 159 46.10 15.22 -32.01
C GLU K 159 46.10 15.00 -30.51
N ASP K 160 47.18 14.42 -30.00
CA ASP K 160 47.24 14.05 -28.58
C ASP K 160 47.01 15.25 -27.69
N GLU K 161 47.69 16.36 -27.96
CA GLU K 161 47.54 17.55 -27.12
C GLU K 161 46.22 18.27 -27.33
N ASP K 162 45.75 18.38 -28.58
CA ASP K 162 44.42 18.93 -28.80
C ASP K 162 43.36 18.05 -28.17
N LEU K 163 43.52 16.73 -28.27
CA LEU K 163 42.60 15.82 -27.60
C LEU K 163 42.59 16.06 -26.10
N PHE K 164 43.77 16.19 -25.51
CA PHE K 164 43.86 16.44 -24.07
C PHE K 164 43.13 17.73 -23.71
N THR K 165 43.41 18.81 -24.43
CA THR K 165 42.80 20.09 -24.07
C THR K 165 41.29 20.06 -24.23
N THR K 166 40.80 19.48 -25.33
CA THR K 166 39.36 19.44 -25.56
C THR K 166 38.66 18.59 -24.52
N SER K 167 39.20 17.40 -24.23
CA SER K 167 38.59 16.53 -23.24
C SER K 167 38.60 17.19 -21.86
N VAL K 168 39.71 17.86 -21.51
CA VAL K 168 39.80 18.51 -20.21
C VAL K 168 38.78 19.62 -20.11
N GLN K 169 38.63 20.42 -21.17
CA GLN K 169 37.65 21.49 -21.14
C GLN K 169 36.23 20.93 -21.02
N THR K 170 35.92 19.89 -21.78
CA THR K 170 34.59 19.30 -21.68
C THR K 170 34.31 18.78 -20.28
N PHE K 171 35.29 18.10 -19.69
CA PHE K 171 35.09 17.54 -18.35
C PHE K 171 34.96 18.64 -17.30
N LEU K 172 35.80 19.68 -17.38
CA LEU K 172 35.71 20.77 -16.43
C LEU K 172 34.34 21.43 -16.50
N ASN K 173 33.87 21.70 -17.73
CA ASN K 173 32.61 22.41 -17.87
C ASN K 173 31.41 21.53 -17.59
N SER K 174 31.55 20.20 -17.70
CA SER K 174 30.47 19.31 -17.33
C SER K 174 30.40 19.15 -15.80
N SER K 175 31.56 19.09 -15.15
CA SER K 175 31.58 19.01 -13.69
C SER K 175 31.07 20.31 -13.07
N ASP K 176 31.39 21.45 -13.70
CA ASP K 176 30.94 22.73 -13.15
C ASP K 176 29.43 22.83 -13.08
N ARG K 177 28.70 22.07 -13.90
CA ARG K 177 27.25 22.08 -13.89
C ARG K 177 26.66 20.87 -13.18
N ASP K 178 27.47 20.05 -12.53
CA ASP K 178 27.00 18.88 -11.81
C ASP K 178 27.30 19.09 -10.33
N THR K 179 26.27 18.97 -9.48
CA THR K 179 26.46 19.21 -8.05
C THR K 179 27.44 18.21 -7.45
N PHE K 180 27.30 16.94 -7.80
CA PHE K 180 28.14 15.88 -7.25
C PHE K 180 29.44 15.72 -8.02
N GLY K 181 29.68 16.53 -9.04
CA GLY K 181 30.96 16.50 -9.72
C GLY K 181 32.06 17.03 -8.81
N GLY K 182 33.23 16.41 -8.90
CA GLY K 182 34.33 16.77 -8.05
C GLY K 182 34.99 18.06 -8.49
N MET K 183 36.04 18.43 -7.76
CA MET K 183 36.89 19.54 -8.13
C MET K 183 38.34 19.15 -8.36
N GLY K 184 38.76 17.99 -7.86
CA GLY K 184 40.03 17.39 -8.27
C GLY K 184 39.78 16.41 -9.40
N PHE K 185 40.61 16.51 -10.43
CA PHE K 185 40.41 15.73 -11.65
C PHE K 185 41.71 15.09 -12.06
N GLU K 186 41.59 13.95 -12.74
CA GLU K 186 42.72 13.16 -13.19
C GLU K 186 42.49 12.79 -14.65
N CYS K 187 43.52 12.95 -15.48
CA CYS K 187 43.42 12.66 -16.89
C CYS K 187 44.57 11.76 -17.31
N LEU K 188 44.23 10.55 -17.78
CA LEU K 188 45.22 9.62 -18.33
C LEU K 188 45.23 9.80 -19.84
N LEU K 189 46.30 10.37 -20.36
CA LEU K 189 46.50 10.47 -21.81
C LEU K 189 47.22 9.20 -22.24
N ILE K 190 46.53 8.39 -23.04
CA ILE K 190 46.98 7.04 -23.39
C ILE K 190 47.45 7.04 -24.83
N ASN K 191 48.58 6.40 -25.07
CA ASN K 191 49.18 6.35 -26.40
C ASN K 191 49.96 5.05 -26.51
N PRO K 192 50.43 4.70 -27.71
CA PRO K 192 51.14 3.42 -27.85
C PRO K 192 52.38 3.32 -26.97
N GLU K 193 53.02 4.44 -26.64
CA GLU K 193 54.24 4.40 -25.84
C GLU K 193 53.96 4.23 -24.36
N GLY K 194 52.71 4.33 -23.93
CA GLY K 194 52.36 4.21 -22.52
C GLY K 194 51.19 5.09 -22.17
N TYR K 195 51.28 5.81 -21.06
CA TYR K 195 50.26 6.79 -20.72
C TYR K 195 50.85 7.81 -19.75
N LYS K 196 50.17 8.95 -19.65
CA LYS K 196 50.60 10.08 -18.84
C LYS K 196 49.48 10.47 -17.91
N ARG K 197 49.70 10.36 -16.61
CA ARG K 197 48.69 10.67 -15.61
C ARG K 197 48.79 12.15 -15.27
N ARG K 198 47.90 12.95 -15.85
CA ARG K 198 47.85 14.39 -15.64
C ARG K 198 46.68 14.72 -14.73
N GLU K 199 46.95 15.45 -13.65
CA GLU K 199 45.92 15.90 -12.73
C GLU K 199 45.76 17.40 -12.83
N PHE K 200 44.51 17.85 -12.88
CA PHE K 200 44.20 19.27 -12.95
C PHE K 200 43.11 19.57 -11.92
N VAL K 201 42.85 20.87 -11.73
CA VAL K 201 41.92 21.32 -10.71
C VAL K 201 40.94 22.30 -11.33
N GLY K 202 39.79 22.47 -10.68
CA GLY K 202 38.73 23.32 -11.20
C GLY K 202 38.34 24.44 -10.25
N ARG K 203 37.08 24.47 -9.83
CA ARG K 203 36.56 25.58 -9.05
C ARG K 203 36.89 25.48 -7.56
N CYS K 204 37.42 24.35 -7.08
CA CYS K 204 37.86 24.23 -5.70
C CYS K 204 36.69 24.24 -4.72
N ASP K 205 35.46 24.19 -5.22
CA ASP K 205 34.30 24.12 -4.35
C ASP K 205 33.84 22.67 -4.19
N MET L 1 25.94 6.58 12.51
CA MET L 1 25.47 6.95 13.88
C MET L 1 26.65 7.21 14.81
N GLU L 2 27.39 6.15 15.16
CA GLU L 2 28.50 6.30 16.07
C GLU L 2 29.64 7.07 15.39
N SER L 3 30.14 8.09 16.06
CA SER L 3 31.15 8.95 15.48
C SER L 3 32.55 8.38 15.71
N SER L 4 33.40 8.52 14.70
CA SER L 4 34.79 8.14 14.80
C SER L 4 35.59 9.05 13.88
N VAL L 5 36.66 9.63 14.41
CA VAL L 5 37.52 10.54 13.67
C VAL L 5 38.95 10.03 13.77
N ALA L 6 39.64 9.98 12.64
CA ALA L 6 41.00 9.47 12.59
C ALA L 6 41.87 10.39 11.75
N LEU L 7 43.14 10.50 12.15
CA LEU L 7 44.13 11.28 11.42
C LEU L 7 45.34 10.39 11.17
N LYS L 8 46.14 10.77 10.19
CA LYS L 8 47.46 10.17 10.00
C LYS L 8 48.49 11.29 9.83
N GLY L 9 49.58 11.19 10.58
CA GLY L 9 50.68 12.11 10.46
C GLY L 9 51.78 11.54 9.58
N ASN L 10 52.97 12.12 9.71
CA ASN L 10 54.11 11.62 8.96
C ASN L 10 54.47 10.19 9.36
N ASP L 11 54.41 9.88 10.66
CA ASP L 11 54.75 8.54 11.11
C ASP L 11 53.82 8.04 12.21
N PHE L 12 52.59 8.54 12.29
CA PHE L 12 51.64 8.08 13.29
C PHE L 12 50.23 8.18 12.73
N VAL L 13 49.35 7.33 13.24
CA VAL L 13 47.93 7.36 12.91
C VAL L 13 47.15 7.42 14.21
N ILE L 14 46.20 8.35 14.27
CA ILE L 14 45.35 8.54 15.44
C ILE L 14 43.92 8.18 15.06
N ILE L 15 43.30 7.33 15.86
CA ILE L 15 41.90 6.97 15.69
C ILE L 15 41.18 7.29 16.99
N GLY L 16 40.13 8.09 16.91
CA GLY L 16 39.30 8.41 18.04
C GLY L 16 37.86 8.00 17.78
N THR L 17 37.29 7.23 18.71
CA THR L 17 35.95 6.69 18.56
C THR L 17 35.13 7.02 19.80
N ASP L 18 33.82 7.09 19.62
CA ASP L 18 32.91 7.32 20.74
C ASP L 18 32.76 6.03 21.55
N SER L 19 33.18 6.05 22.81
CA SER L 19 33.22 4.84 23.60
C SER L 19 31.87 4.45 24.19
N SER L 20 30.88 5.33 24.11
CA SER L 20 29.57 5.01 24.68
C SER L 20 28.78 4.10 23.76
N VAL L 21 28.12 3.11 24.35
CA VAL L 21 27.21 2.22 23.66
C VAL L 21 25.80 2.70 23.93
N LYS L 22 25.02 2.92 22.87
CA LYS L 22 23.72 3.55 23.01
C LYS L 22 22.72 2.84 22.11
N ASN L 23 21.45 2.97 22.48
CA ASN L 23 20.34 2.65 21.59
C ASN L 23 19.53 3.93 21.38
N SER L 24 18.37 3.83 20.75
CA SER L 24 17.64 5.03 20.37
C SER L 24 17.36 5.92 21.58
N TYR L 25 16.92 5.34 22.69
CA TYR L 25 16.46 6.12 23.83
C TYR L 25 17.37 6.02 25.06
N LEU L 26 18.26 5.05 25.12
CA LEU L 26 19.00 4.76 26.35
C LEU L 26 20.48 4.58 26.05
N VAL L 27 21.30 4.92 27.03
CA VAL L 27 22.74 4.68 26.98
C VAL L 27 23.03 3.44 27.82
N LEU L 28 23.47 2.37 27.18
CA LEU L 28 23.72 1.12 27.88
C LEU L 28 25.06 1.16 28.62
N LYS L 29 26.12 1.59 27.93
CA LYS L 29 27.42 1.77 28.54
C LYS L 29 27.95 3.14 28.16
N ARG L 30 29.05 3.54 28.77
CA ARG L 30 29.72 4.79 28.45
C ARG L 30 31.19 4.64 28.15
N GLU L 31 31.79 3.49 28.44
CA GLU L 31 33.18 3.20 28.09
C GLU L 31 33.25 1.76 27.59
N GLU L 32 33.07 1.59 26.29
CA GLU L 32 33.19 0.29 25.64
C GLU L 32 34.36 0.32 24.67
N ASP L 33 35.21 -0.69 24.73
CA ASP L 33 36.41 -0.75 23.89
C ASP L 33 35.98 -1.19 22.50
N LYS L 34 36.11 -0.30 21.52
CA LYS L 34 35.71 -0.56 20.14
C LYS L 34 36.90 -0.65 19.20
N PHE L 35 38.05 -1.12 19.68
CA PHE L 35 39.25 -1.24 18.86
C PHE L 35 39.75 -2.67 18.89
N TYR L 36 40.43 -3.04 17.82
CA TYR L 36 41.19 -4.28 17.74
C TYR L 36 42.64 -3.96 17.38
N ASN L 37 43.57 -4.50 18.15
CA ASN L 37 44.99 -4.29 17.94
C ASN L 37 45.59 -5.56 17.36
N ILE L 38 46.38 -5.42 16.30
CA ILE L 38 46.97 -6.55 15.59
C ILE L 38 48.46 -6.32 15.48
N ASN L 39 49.24 -7.08 16.25
CA ASN L 39 50.70 -7.04 16.20
C ASN L 39 51.24 -5.67 16.57
N ASN L 40 50.43 -4.83 17.21
CA ASN L 40 50.79 -3.46 17.56
C ASN L 40 51.12 -2.60 16.34
N LYS L 41 50.84 -3.09 15.14
CA LYS L 41 51.09 -2.36 13.91
C LYS L 41 49.83 -1.85 13.24
N VAL L 42 48.69 -2.49 13.48
CA VAL L 42 47.42 -2.11 12.87
C VAL L 42 46.37 -2.05 13.96
N VAL L 43 45.64 -0.93 14.01
CA VAL L 43 44.52 -0.75 14.93
C VAL L 43 43.30 -0.39 14.10
N PHE L 44 42.25 -1.19 14.20
CA PHE L 44 41.02 -0.93 13.48
C PHE L 44 39.84 -0.91 14.44
N THR L 45 38.93 0.03 14.22
CA THR L 45 37.76 0.21 15.05
C THR L 45 36.51 -0.16 14.25
N TYR L 46 35.52 -0.70 14.94
CA TYR L 46 34.27 -1.14 14.32
C TYR L 46 33.13 -0.30 14.86
N LEU L 47 32.15 -0.04 14.01
CA LEU L 47 31.03 0.83 14.34
C LEU L 47 29.76 0.28 13.71
N GLY L 48 28.62 0.80 14.15
CA GLY L 48 27.35 0.37 13.63
C GLY L 48 26.64 -0.59 14.55
N ASP L 49 25.80 -1.45 13.99
CA ASP L 49 25.09 -2.44 14.79
C ASP L 49 26.09 -3.23 15.62
N GLN L 50 25.99 -3.12 16.95
CA GLN L 50 26.97 -3.78 17.80
C GLN L 50 26.97 -5.29 17.59
N GLY L 51 25.79 -5.89 17.46
CA GLY L 51 25.72 -7.32 17.23
C GLY L 51 26.44 -7.76 15.97
N ASP L 52 26.23 -7.05 14.87
CA ASP L 52 26.95 -7.32 13.63
C ASP L 52 28.40 -6.86 13.72
N ALA L 53 28.63 -5.69 14.30
CA ALA L 53 29.97 -5.11 14.30
C ALA L 53 30.94 -5.98 15.07
N PHE L 54 30.58 -6.43 16.27
CA PHE L 54 31.53 -7.19 17.07
C PHE L 54 31.78 -8.57 16.47
N ARG L 55 30.74 -9.18 15.89
CA ARG L 55 30.93 -10.46 15.23
C ARG L 55 31.86 -10.34 14.02
N THR L 56 31.62 -9.34 13.18
CA THR L 56 32.46 -9.15 12.01
C THR L 56 33.89 -8.84 12.41
N SER L 57 34.07 -7.99 13.43
CA SER L 57 35.42 -7.63 13.85
C SER L 57 36.13 -8.82 14.47
N SER L 58 35.42 -9.65 15.23
CA SER L 58 36.03 -10.85 15.79
C SER L 58 36.45 -11.81 14.69
N PHE L 59 35.58 -12.00 13.69
CA PHE L 59 35.94 -12.85 12.56
C PHE L 59 37.16 -12.29 11.82
N ILE L 60 37.20 -10.96 11.64
CA ILE L 60 38.33 -10.35 10.96
C ILE L 60 39.61 -10.57 11.75
N ASN L 61 39.54 -10.36 13.07
CA ASN L 61 40.72 -10.53 13.90
C ASN L 61 41.24 -11.96 13.82
N GLU L 62 40.33 -12.94 13.96
CA GLU L 62 40.77 -14.33 13.93
C GLU L 62 41.26 -14.74 12.55
N LYS L 63 40.63 -14.25 11.49
CA LYS L 63 41.11 -14.56 10.15
C LYS L 63 42.49 -13.97 9.91
N LEU L 64 42.71 -12.74 10.35
CA LEU L 64 44.02 -12.12 10.17
C LEU L 64 45.09 -12.86 10.96
N VAL L 65 44.78 -13.25 12.19
CA VAL L 65 45.74 -14.02 12.98
C VAL L 65 46.04 -15.36 12.31
N TYR L 66 45.01 -16.04 11.82
CA TYR L 66 45.21 -17.33 11.16
C TYR L 66 46.04 -17.16 9.90
N GLU L 67 45.76 -16.13 9.11
CA GLU L 67 46.51 -15.93 7.88
C GLU L 67 47.95 -15.55 8.15
N GLU L 68 48.20 -14.79 9.22
CA GLU L 68 49.56 -14.45 9.60
C GLU L 68 50.33 -15.68 10.06
N ILE L 69 49.73 -16.49 10.93
CA ILE L 69 50.46 -17.60 11.51
C ILE L 69 50.64 -18.74 10.50
N GLN L 70 49.57 -19.08 9.78
CA GLN L 70 49.60 -20.20 8.85
C GLN L 70 50.27 -19.83 7.54
N ASN L 71 49.80 -18.75 6.91
CA ASN L 71 50.22 -18.38 5.57
C ASN L 71 51.23 -17.25 5.54
N ASN L 72 51.71 -16.79 6.70
CA ASN L 72 52.73 -15.74 6.79
C ASN L 72 52.31 -14.47 6.05
N VAL L 73 51.01 -14.25 5.87
CA VAL L 73 50.54 -13.01 5.28
C VAL L 73 51.01 -11.86 6.14
N GLU L 74 51.58 -10.83 5.51
CA GLU L 74 51.98 -9.64 6.22
C GLU L 74 50.76 -8.77 6.49
N ILE L 75 50.48 -8.51 7.76
CA ILE L 75 49.28 -7.78 8.16
C ILE L 75 49.67 -6.30 8.18
N THR L 76 49.26 -5.59 7.15
CA THR L 76 49.34 -4.14 7.09
C THR L 76 47.95 -3.55 7.11
N PRO L 77 47.83 -2.23 7.25
CA PRO L 77 46.48 -1.63 7.21
C PRO L 77 45.75 -1.94 5.91
N LYS L 78 46.48 -2.03 4.80
CA LYS L 78 45.84 -2.33 3.53
C LYS L 78 45.29 -3.74 3.50
N VAL L 79 46.04 -4.71 4.04
CA VAL L 79 45.58 -6.09 4.04
C VAL L 79 44.36 -6.23 4.94
N THR L 80 44.41 -5.63 6.13
CA THR L 80 43.27 -5.66 7.04
C THR L 80 42.05 -5.04 6.39
N ALA L 81 42.24 -3.89 5.73
CA ALA L 81 41.13 -3.21 5.09
C ALA L 81 40.56 -4.03 3.94
N ASN L 82 41.41 -4.70 3.17
CA ASN L 82 40.92 -5.55 2.09
C ASN L 82 40.14 -6.74 2.61
N VAL L 83 40.61 -7.35 3.70
CA VAL L 83 39.87 -8.47 4.28
C VAL L 83 38.52 -7.99 4.80
N ILE L 84 38.49 -6.82 5.45
CA ILE L 84 37.23 -6.27 5.93
C ILE L 84 36.29 -5.98 4.76
N GLN L 85 36.83 -5.42 3.69
CA GLN L 85 36.01 -5.14 2.51
C GLN L 85 35.41 -6.42 1.96
N LYS L 86 36.22 -7.48 1.87
CA LYS L 86 35.70 -8.73 1.32
C LYS L 86 34.62 -9.32 2.21
N THR L 87 34.82 -9.29 3.53
CA THR L 87 33.83 -9.90 4.42
C THR L 87 32.54 -9.09 4.41
N LEU L 88 32.63 -7.77 4.27
CA LEU L 88 31.42 -6.96 4.19
C LEU L 88 30.72 -7.16 2.85
N TYR L 89 31.50 -7.24 1.77
CA TYR L 89 30.92 -7.37 0.43
C TYR L 89 30.22 -8.72 0.26
N ASP L 90 30.83 -9.79 0.74
CA ASP L 90 30.24 -11.12 0.57
C ASP L 90 28.82 -11.15 1.13
N ASN L 91 28.60 -10.54 2.29
CA ASN L 91 27.28 -10.54 2.90
C ASN L 91 26.41 -9.38 2.42
N LEU L 92 26.98 -8.41 1.70
CA LEU L 92 26.23 -7.21 1.37
C LEU L 92 24.96 -7.52 0.61
N ARG L 93 25.06 -8.35 -0.43
CA ARG L 93 23.96 -8.57 -1.36
C ARG L 93 23.05 -9.71 -0.96
N SER L 94 23.41 -10.47 0.08
CA SER L 94 22.56 -11.57 0.53
C SER L 94 22.05 -11.35 1.94
N HIS L 95 22.95 -11.16 2.90
CA HIS L 95 22.58 -11.02 4.31
C HIS L 95 23.44 -9.92 4.93
N PRO L 96 23.13 -8.67 4.61
CA PRO L 96 24.09 -7.58 4.87
C PRO L 96 24.36 -7.37 6.35
N LYS L 97 25.57 -6.90 6.63
CA LYS L 97 25.97 -6.44 7.94
C LYS L 97 25.86 -4.91 8.00
N ASN L 98 25.28 -4.40 9.07
CA ASN L 98 25.15 -2.96 9.26
C ASN L 98 26.28 -2.45 10.16
N CYS L 99 27.49 -2.40 9.62
CA CYS L 99 28.65 -1.96 10.36
C CYS L 99 29.68 -1.39 9.41
N TYR L 100 30.58 -0.58 9.95
CA TYR L 100 31.63 0.08 9.18
C TYR L 100 32.85 0.28 10.07
N PHE L 101 34.00 0.43 9.44
CA PHE L 101 35.28 0.34 10.13
C PHE L 101 36.20 1.47 9.72
N LEU L 102 37.15 1.77 10.60
CA LEU L 102 38.34 2.54 10.26
C LEU L 102 39.56 1.70 10.60
N VAL L 103 40.45 1.52 9.62
CA VAL L 103 41.66 0.73 9.80
C VAL L 103 42.85 1.65 9.68
N GLY L 104 43.71 1.64 10.69
CA GLY L 104 44.89 2.47 10.69
C GLY L 104 46.08 1.71 11.24
N GLY L 105 47.25 2.06 10.72
CA GLY L 105 48.47 1.42 11.17
C GLY L 105 49.65 1.86 10.33
N LEU L 106 50.80 1.28 10.64
CA LEU L 106 52.05 1.58 9.97
C LEU L 106 52.39 0.44 9.00
N SER L 107 52.77 0.80 7.78
CA SER L 107 53.21 -0.15 6.77
C SER L 107 54.63 0.21 6.34
N GLN L 108 55.16 -0.59 5.42
CA GLN L 108 56.48 -0.31 4.87
C GLN L 108 56.48 0.99 4.07
N ASP L 109 55.32 1.44 3.60
CA ASP L 109 55.19 2.68 2.86
C ASP L 109 54.78 3.85 3.76
N GLY L 110 54.82 3.66 5.08
CA GLY L 110 54.44 4.70 5.99
C GLY L 110 53.03 4.52 6.52
N PRO L 111 52.54 5.51 7.27
CA PRO L 111 51.20 5.40 7.85
C PRO L 111 50.13 5.27 6.78
N GLU L 112 49.13 4.43 7.06
CA GLU L 112 47.96 4.30 6.23
C GLU L 112 46.71 4.30 7.10
N LEU L 113 45.62 4.79 6.53
CA LEU L 113 44.36 4.93 7.26
C LEU L 113 43.24 4.68 6.28
N TYR L 114 42.47 3.61 6.51
CA TYR L 114 41.45 3.17 5.57
C TYR L 114 40.08 3.22 6.22
N SER L 115 39.06 3.48 5.40
CA SER L 115 37.68 3.51 5.84
C SER L 115 36.86 2.55 5.00
N VAL L 116 36.17 1.62 5.66
CA VAL L 116 35.30 0.66 5.02
C VAL L 116 33.89 0.94 5.53
N ASP L 117 33.00 1.35 4.63
CA ASP L 117 31.66 1.75 5.01
C ASP L 117 30.72 0.53 4.98
N LEU L 118 29.42 0.81 5.13
CA LEU L 118 28.44 -0.27 5.20
C LEU L 118 28.50 -1.18 3.99
N TYR L 119 28.71 -0.62 2.81
CA TYR L 119 28.65 -1.40 1.58
C TYR L 119 29.99 -2.02 1.21
N GLY L 120 31.00 -1.89 2.05
CA GLY L 120 32.30 -2.42 1.73
C GLY L 120 33.17 -1.48 0.91
N SER L 121 32.77 -0.22 0.78
CA SER L 121 33.54 0.73 0.00
C SER L 121 34.80 1.12 0.77
N LEU L 122 35.95 0.85 0.16
CA LEU L 122 37.25 1.07 0.79
C LEU L 122 37.94 2.25 0.13
N HIS L 123 38.49 3.14 0.95
CA HIS L 123 39.29 4.25 0.44
C HIS L 123 40.21 4.75 1.53
N GLU L 124 41.39 5.20 1.12
CA GLU L 124 42.35 5.82 2.03
C GLU L 124 42.27 7.33 1.93
N ASN L 125 42.66 8.00 3.01
CA ASN L 125 42.64 9.45 3.04
C ASN L 125 43.54 9.92 4.17
N ASP L 126 43.86 11.21 4.16
CA ASP L 126 44.71 11.78 5.20
C ASP L 126 43.97 11.85 6.53
N PHE L 127 42.67 12.10 6.52
CA PHE L 127 41.87 12.06 7.72
C PHE L 127 40.50 11.48 7.39
N MET L 128 39.88 10.85 8.38
CA MET L 128 38.58 10.22 8.23
C MET L 128 37.64 10.74 9.30
N ALA L 129 36.36 10.79 8.97
CA ALA L 129 35.32 11.18 9.92
C ALA L 129 34.06 10.42 9.53
N VAL L 130 33.75 9.35 10.26
CA VAL L 130 32.61 8.51 9.95
C VAL L 130 31.58 8.65 11.06
N GLY L 131 30.39 8.12 10.79
CA GLY L 131 29.28 8.37 11.68
C GLY L 131 28.72 9.76 11.45
N ILE L 132 28.30 10.40 12.55
CA ILE L 132 27.81 11.77 12.47
C ILE L 132 28.95 12.74 12.21
N SER L 133 30.19 12.34 12.44
CA SER L 133 31.32 13.22 12.19
C SER L 133 31.46 13.57 10.72
N THR L 134 30.87 12.77 9.83
CA THR L 134 30.94 13.06 8.41
C THR L 134 30.29 14.40 8.08
N TYR L 135 29.36 14.85 8.92
CA TYR L 135 28.60 16.06 8.63
C TYR L 135 29.05 17.25 9.45
N PHE L 136 29.78 17.03 10.55
CA PHE L 136 30.21 18.10 11.43
C PHE L 136 31.70 18.36 11.39
N CYS L 137 32.51 17.31 11.38
CA CYS L 137 33.93 17.43 11.67
C CYS L 137 34.81 17.64 10.45
N TYR L 138 34.26 17.50 9.24
CA TYR L 138 35.12 17.66 8.06
C TYR L 138 35.57 19.10 7.88
N GLY L 139 34.73 20.08 8.26
CA GLY L 139 35.18 21.45 8.24
C GLY L 139 36.33 21.69 9.21
N VAL L 140 36.22 21.17 10.42
CA VAL L 140 37.30 21.31 11.40
C VAL L 140 38.56 20.62 10.91
N LEU L 141 38.42 19.41 10.36
CA LEU L 141 39.58 18.69 9.87
C LEU L 141 40.26 19.45 8.74
N ASP L 142 39.47 19.99 7.81
CA ASP L 142 40.05 20.79 6.73
C ASP L 142 40.77 22.01 7.29
N LYS L 143 40.16 22.68 8.27
CA LYS L 143 40.76 23.89 8.82
C LYS L 143 42.07 23.60 9.53
N GLU L 144 42.13 22.52 10.30
CA GLU L 144 43.23 22.31 11.23
C GLU L 144 44.29 21.34 10.74
N TYR L 145 43.91 20.28 10.02
CA TYR L 145 44.88 19.26 9.65
C TYR L 145 45.88 19.79 8.63
N HIS L 146 47.15 19.45 8.83
CA HIS L 146 48.19 19.66 7.84
C HIS L 146 49.18 18.52 7.95
N LYS L 147 49.94 18.31 6.87
CA LYS L 147 50.74 17.10 6.75
C LYS L 147 51.69 16.90 7.93
N ASN L 148 52.26 17.99 8.45
CA ASN L 148 53.31 17.91 9.46
C ASN L 148 52.79 18.08 10.88
N ILE L 149 51.56 17.65 11.15
CA ILE L 149 51.05 17.72 12.51
C ILE L 149 51.85 16.78 13.40
N THR L 150 52.09 17.21 14.63
CA THR L 150 52.68 16.32 15.62
C THR L 150 51.59 15.48 16.29
N LYS L 151 52.03 14.50 17.07
CA LYS L 151 51.09 13.59 17.71
C LYS L 151 50.16 14.35 18.65
N GLU L 152 50.69 15.29 19.43
CA GLU L 152 49.86 16.08 20.32
C GLU L 152 48.90 16.96 19.53
N ASP L 153 49.36 17.52 18.42
CA ASP L 153 48.45 18.30 17.57
C ASP L 153 47.34 17.42 17.03
N GLY L 154 47.66 16.18 16.65
CA GLY L 154 46.63 15.27 16.20
C GLY L 154 45.62 14.95 17.28
N ILE L 155 46.09 14.74 18.51
CA ILE L 155 45.17 14.49 19.62
C ILE L 155 44.27 15.69 19.83
N LYS L 156 44.83 16.90 19.77
CA LYS L 156 44.01 18.10 19.96
C LYS L 156 43.01 18.29 18.82
N ILE L 157 43.39 17.95 17.60
CA ILE L 157 42.46 18.03 16.48
C ILE L 157 41.31 17.05 16.67
N ILE L 158 41.62 15.83 17.10
CA ILE L 158 40.57 14.86 17.40
C ILE L 158 39.66 15.39 18.49
N GLN L 159 40.24 16.01 19.51
CA GLN L 159 39.44 16.58 20.59
C GLN L 159 38.53 17.67 20.10
N LYS L 160 39.02 18.54 19.21
CA LYS L 160 38.17 19.58 18.64
C LYS L 160 37.04 18.97 17.83
N CYS L 161 37.35 17.96 17.02
CA CYS L 161 36.32 17.33 16.18
C CYS L 161 35.22 16.75 17.05
N PHE L 162 35.58 16.05 18.13
CA PHE L 162 34.56 15.50 19.00
C PHE L 162 33.90 16.56 19.88
N ASP L 163 34.57 17.68 20.13
CA ASP L 163 33.93 18.77 20.84
C ASP L 163 32.83 19.41 20.01
N VAL L 164 33.01 19.41 18.68
CA VAL L 164 31.95 19.89 17.81
C VAL L 164 30.69 19.07 18.03
N LEU L 165 30.83 17.74 18.09
CA LEU L 165 29.67 16.89 18.34
C LEU L 165 29.14 17.09 19.76
N LYS L 166 30.03 17.26 20.72
CA LYS L 166 29.60 17.49 22.10
C LYS L 166 28.72 18.73 22.21
N GLN L 167 29.09 19.80 21.50
CA GLN L 167 28.40 21.06 21.65
C GLN L 167 27.21 21.20 20.70
N ARG L 168 27.21 20.51 19.56
CA ARG L 168 26.24 20.81 18.51
C ARG L 168 25.37 19.61 18.16
N CYS L 169 25.92 18.40 18.21
CA CYS L 169 25.13 17.22 17.92
C CYS L 169 24.12 16.97 19.02
N SER L 170 22.90 16.58 18.63
CA SER L 170 21.86 16.33 19.61
C SER L 170 22.11 15.06 20.41
N VAL L 171 22.66 14.02 19.77
CA VAL L 171 22.93 12.77 20.48
C VAL L 171 24.04 13.00 21.50
N ASP L 172 23.92 12.34 22.64
CA ASP L 172 24.86 12.55 23.73
C ASP L 172 26.11 11.72 23.52
N ILE L 173 27.27 12.37 23.64
CA ILE L 173 28.56 11.70 23.69
C ILE L 173 29.34 12.29 24.85
N SER L 174 29.96 11.42 25.64
CA SER L 174 30.72 11.85 26.81
C SER L 174 32.15 11.33 26.84
N ASN L 175 32.40 10.13 26.32
CA ASN L 175 33.71 9.50 26.36
C ASN L 175 34.19 9.20 24.95
N ILE L 176 35.47 9.45 24.72
CA ILE L 176 36.14 9.06 23.49
C ILE L 176 37.40 8.30 23.85
N GLU L 177 37.69 7.25 23.10
CA GLU L 177 38.89 6.46 23.28
C GLU L 177 39.77 6.65 22.05
N ILE L 178 41.00 7.13 22.27
CA ILE L 178 41.93 7.42 21.19
C ILE L 178 43.07 6.41 21.28
N LYS L 179 43.31 5.70 20.19
CA LYS L 179 44.43 4.78 20.07
C LYS L 179 45.38 5.27 18.99
N ILE L 180 46.61 5.58 19.38
CA ILE L 180 47.62 6.12 18.48
C ILE L 180 48.60 5.02 18.15
N VAL L 181 48.69 4.66 16.87
CA VAL L 181 49.57 3.61 16.40
C VAL L 181 50.77 4.26 15.74
N SER L 182 51.96 3.85 16.17
CA SER L 182 53.21 4.43 15.68
C SER L 182 54.31 3.39 15.82
N LYS L 183 55.50 3.76 15.34
CA LYS L 183 56.61 2.81 15.33
C LYS L 183 56.96 2.34 16.75
N GLU L 184 56.57 3.10 17.77
CA GLU L 184 56.83 2.72 19.15
C GLU L 184 55.66 1.99 19.80
N GLY L 185 54.78 1.38 19.01
CA GLY L 185 53.66 0.64 19.55
C GLY L 185 52.33 1.36 19.39
N VAL L 186 51.36 1.00 20.23
CA VAL L 186 50.03 1.61 20.21
C VAL L 186 49.77 2.25 21.55
N GLU L 187 49.37 3.52 21.54
CA GLU L 187 49.12 4.30 22.74
C GLU L 187 47.63 4.57 22.87
N THR L 188 47.07 4.27 24.04
CA THR L 188 45.64 4.42 24.29
C THR L 188 45.40 5.63 25.18
N ILE L 189 44.44 6.47 24.79
CA ILE L 189 44.08 7.67 25.52
C ILE L 189 42.56 7.70 25.67
N ASN L 190 42.09 7.87 26.90
CA ASN L 190 40.68 7.97 27.20
C ASN L 190 40.37 9.37 27.71
N LYS L 191 39.40 10.03 27.09
CA LYS L 191 39.05 11.41 27.41
C LYS L 191 37.56 11.53 27.62
N VAL L 192 37.16 12.39 28.54
CA VAL L 192 35.76 12.58 28.87
C VAL L 192 35.18 13.82 28.18
N LEU L 193 35.91 14.40 27.24
CA LEU L 193 35.45 15.59 26.54
C LEU L 193 35.16 16.71 27.53
N THR M 32 7.53 -6.26 31.99
CA THR M 32 8.62 -6.92 32.74
C THR M 32 9.72 -5.93 33.07
N THR M 33 10.37 -6.12 34.22
CA THR M 33 11.54 -5.33 34.58
C THR M 33 12.52 -6.24 35.32
N THR M 34 13.67 -6.46 34.70
CA THR M 34 14.74 -7.24 35.29
C THR M 34 15.90 -6.31 35.63
N LEU M 35 16.70 -6.70 36.61
CA LEU M 35 17.77 -5.85 37.10
C LEU M 35 18.93 -6.72 37.53
N ALA M 36 20.13 -6.33 37.13
CA ALA M 36 21.36 -7.00 37.54
C ALA M 36 22.50 -6.00 37.55
N PHE M 37 23.33 -6.05 38.59
CA PHE M 37 24.47 -5.16 38.69
C PHE M 37 25.52 -5.76 39.61
N ILE M 38 26.73 -5.22 39.50
CA ILE M 38 27.89 -5.70 40.24
C ILE M 38 28.30 -4.65 41.27
N PHE M 39 28.58 -5.10 42.49
CA PHE M 39 29.11 -4.24 43.54
C PHE M 39 30.27 -4.96 44.20
N GLN M 40 30.97 -4.24 45.09
CA GLN M 40 32.21 -4.77 45.65
C GLN M 40 32.03 -6.15 46.25
N GLY M 41 30.96 -6.37 47.01
CA GLY M 41 30.77 -7.63 47.70
C GLY M 41 30.24 -8.76 46.86
N GLY M 42 29.79 -8.49 45.63
CA GLY M 42 29.23 -9.54 44.81
C GLY M 42 28.37 -9.02 43.67
N MET M 43 27.19 -9.59 43.52
CA MET M 43 26.30 -9.24 42.41
C MET M 43 24.85 -9.46 42.84
N VAL M 44 23.97 -8.57 42.41
CA VAL M 44 22.55 -8.60 42.76
C VAL M 44 21.74 -8.74 41.50
N ILE M 45 20.70 -9.57 41.56
CA ILE M 45 19.77 -9.76 40.45
C ILE M 45 18.35 -9.70 41.00
N ALA M 46 17.45 -9.05 40.27
CA ALA M 46 16.07 -8.90 40.70
C ALA M 46 15.15 -8.81 39.49
N VAL M 47 14.00 -9.46 39.58
CA VAL M 47 13.02 -9.49 38.49
C VAL M 47 11.63 -9.29 39.09
N ASP M 48 10.64 -9.15 38.21
CA ASP M 48 9.29 -8.76 38.63
C ASP M 48 8.31 -9.92 38.71
N SER M 49 8.40 -10.90 37.82
CA SER M 49 7.60 -12.12 37.84
C SER M 49 6.17 -11.95 37.32
N ARG M 50 5.82 -10.82 36.72
CA ARG M 50 4.52 -10.71 36.06
C ARG M 50 4.63 -11.22 34.62
N ALA M 51 3.53 -11.78 34.13
CA ALA M 51 3.42 -12.23 32.75
C ALA M 51 2.14 -11.68 32.17
N SER M 52 2.24 -11.01 31.02
CA SER M 52 1.12 -10.31 30.40
C SER M 52 0.85 -10.85 29.01
N ALA M 53 -0.41 -10.74 28.58
CA ALA M 53 -0.85 -11.17 27.26
C ALA M 53 -1.70 -10.05 26.64
N GLY M 54 -1.19 -8.83 26.72
CA GLY M 54 -1.94 -7.66 26.33
C GLY M 54 -2.46 -6.92 27.54
N SER M 55 -3.76 -6.62 27.56
CA SER M 55 -4.36 -6.04 28.75
C SER M 55 -4.58 -7.10 29.82
N TYR M 56 -4.73 -8.35 29.42
CA TYR M 56 -4.98 -9.43 30.37
C TYR M 56 -3.67 -9.89 31.00
N ILE M 57 -3.67 -10.00 32.33
CA ILE M 57 -2.50 -10.52 33.06
C ILE M 57 -2.65 -12.03 33.11
N ALA M 58 -1.97 -12.72 32.20
CA ALA M 58 -2.08 -14.18 32.13
C ALA M 58 -1.56 -14.84 33.39
N SER M 59 -0.42 -14.41 33.91
CA SER M 59 0.16 -15.00 35.10
C SER M 59 0.76 -13.89 35.96
N GLN M 60 0.86 -14.17 37.26
CA GLN M 60 1.39 -13.21 38.22
C GLN M 60 2.58 -13.76 39.00
N ASN M 61 2.97 -15.02 38.76
CA ASN M 61 4.02 -15.64 39.54
C ASN M 61 5.00 -16.43 38.67
N VAL M 62 5.18 -16.02 37.42
CA VAL M 62 6.11 -16.71 36.53
C VAL M 62 7.53 -16.45 37.00
N HIS M 63 8.40 -17.45 36.83
CA HIS M 63 9.80 -17.35 37.25
C HIS M 63 10.61 -16.86 36.06
N LYS M 64 11.22 -15.68 36.21
CA LYS M 64 11.98 -15.05 35.13
C LYS M 64 13.48 -15.22 35.27
N VAL M 65 13.93 -16.16 36.10
CA VAL M 65 15.35 -16.44 36.28
C VAL M 65 15.56 -17.92 35.96
N ILE M 66 16.47 -18.19 35.03
CA ILE M 66 16.83 -19.55 34.65
C ILE M 66 18.17 -19.87 35.28
N ARG M 67 18.18 -20.78 36.26
CA ARG M 67 19.43 -21.21 36.88
C ARG M 67 20.00 -22.35 36.05
N VAL M 68 21.24 -22.16 35.58
CA VAL M 68 21.88 -23.13 34.70
C VAL M 68 22.96 -23.86 35.48
N ASN M 69 23.51 -23.22 36.50
CA ASN M 69 24.38 -23.89 37.45
C ASN M 69 24.58 -22.98 38.65
N LYS M 70 25.36 -23.47 39.62
CA LYS M 70 25.51 -22.75 40.88
C LYS M 70 26.21 -21.42 40.72
N HIS M 71 26.94 -21.21 39.62
CA HIS M 71 27.66 -19.96 39.40
C HIS M 71 27.24 -19.26 38.11
N LEU M 72 26.06 -19.55 37.58
CA LEU M 72 25.61 -18.96 36.32
C LEU M 72 24.10 -19.00 36.25
N ILE M 73 23.48 -17.83 36.12
CA ILE M 73 22.03 -17.72 35.96
C ILE M 73 21.74 -16.70 34.86
N GLY M 74 20.51 -16.73 34.35
CA GLY M 74 20.11 -15.81 33.31
C GLY M 74 18.69 -15.30 33.49
N THR M 75 18.53 -13.99 33.48
CA THR M 75 17.22 -13.37 33.66
C THR M 75 16.55 -13.24 32.29
N MET M 76 15.38 -13.84 32.15
CA MET M 76 14.70 -13.85 30.87
C MET M 76 13.73 -12.68 30.77
N ALA M 77 13.86 -11.90 29.70
CA ALA M 77 12.95 -10.81 29.41
C ALA M 77 12.56 -10.87 27.94
N GLY M 78 11.30 -10.56 27.66
CA GLY M 78 10.79 -10.65 26.30
C GLY M 78 9.82 -11.80 26.15
N GLY M 79 9.78 -12.43 24.98
CA GLY M 79 8.92 -13.58 24.79
C GLY M 79 9.22 -14.65 25.81
N ALA M 80 8.19 -15.09 26.53
CA ALA M 80 8.40 -16.08 27.58
C ALA M 80 8.93 -17.39 27.01
N SER M 81 8.36 -17.84 25.88
CA SER M 81 8.74 -19.14 25.34
C SER M 81 10.15 -19.10 24.75
N ASP M 82 10.39 -18.18 23.82
CA ASP M 82 11.70 -18.14 23.15
C ASP M 82 12.81 -17.84 24.15
N CYS M 83 12.59 -16.90 25.06
CA CYS M 83 13.62 -16.59 26.04
C CYS M 83 13.89 -17.79 26.95
N TYR M 84 12.84 -18.45 27.42
CA TYR M 84 13.03 -19.65 28.22
C TYR M 84 13.67 -20.77 27.41
N PHE M 85 13.25 -20.92 26.15
CA PHE M 85 13.72 -22.04 25.35
C PHE M 85 15.22 -21.96 25.12
N TRP M 86 15.70 -20.82 24.62
CA TRP M 86 17.12 -20.68 24.33
C TRP M 86 17.96 -20.68 25.60
N GLU M 87 17.44 -20.13 26.70
CA GLU M 87 18.16 -20.19 27.96
C GLU M 87 18.31 -21.62 28.45
N LYS M 88 17.27 -22.44 28.30
CA LYS M 88 17.39 -23.85 28.63
C LYS M 88 18.23 -24.60 27.61
N LYS M 89 18.26 -24.11 26.36
CA LYS M 89 19.19 -24.67 25.39
C LYS M 89 20.62 -24.25 25.69
N MET M 90 20.80 -23.08 26.31
CA MET M 90 22.13 -22.68 26.76
C MET M 90 22.54 -23.45 28.00
N GLY M 91 21.60 -23.74 28.89
CA GLY M 91 21.92 -24.51 30.08
C GLY M 91 22.34 -25.93 29.75
N LEU M 92 21.90 -26.45 28.61
CA LEU M 92 22.34 -27.78 28.18
C LEU M 92 23.75 -27.73 27.60
N TYR M 93 24.07 -26.65 26.89
CA TYR M 93 25.42 -26.48 26.37
C TYR M 93 26.43 -26.33 27.50
N ALA M 94 26.03 -25.62 28.57
CA ALA M 94 26.91 -25.49 29.72
C ALA M 94 27.18 -26.85 30.37
N LYS M 95 26.15 -27.68 30.49
CA LYS M 95 26.33 -29.01 31.06
C LYS M 95 27.22 -29.87 30.15
N LEU M 96 27.03 -29.80 28.84
CA LEU M 96 27.87 -30.56 27.93
C LEU M 96 29.32 -30.11 28.05
N TYR M 97 29.56 -28.81 28.15
CA TYR M 97 30.91 -28.31 28.33
C TYR M 97 31.51 -28.85 29.63
N GLU M 98 30.74 -28.86 30.70
CA GLU M 98 31.24 -29.36 31.97
C GLU M 98 31.59 -30.84 31.89
N LEU M 99 30.76 -31.63 31.22
CA LEU M 99 30.99 -33.07 31.15
C LEU M 99 32.30 -33.39 30.46
N LYS M 100 32.55 -32.75 29.32
CA LYS M 100 33.72 -33.07 28.51
C LYS M 100 34.90 -32.15 28.77
N ASN M 101 34.84 -31.32 29.81
CA ASN M 101 35.98 -30.52 30.24
C ASN M 101 36.25 -30.62 31.73
N ASN M 102 35.36 -31.25 32.50
CA ASN M 102 35.52 -31.32 33.95
C ASN M 102 35.76 -29.95 34.54
N LYS M 103 35.15 -28.93 33.95
CA LYS M 103 35.42 -27.54 34.30
C LYS M 103 34.18 -26.72 34.02
N ARG M 104 33.90 -25.77 34.91
CA ARG M 104 32.74 -24.90 34.74
C ARG M 104 32.91 -24.01 33.51
N ILE M 105 31.84 -23.83 32.76
CA ILE M 105 31.88 -22.96 31.59
C ILE M 105 31.97 -21.50 32.03
N SER M 106 32.70 -20.72 31.25
CA SER M 106 32.79 -19.28 31.51
C SER M 106 31.51 -18.57 31.10
N VAL M 107 31.26 -17.43 31.73
CA VAL M 107 30.08 -16.63 31.38
C VAL M 107 30.19 -16.15 29.94
N SER M 108 31.39 -15.77 29.52
CA SER M 108 31.58 -15.27 28.16
C SER M 108 31.19 -16.33 27.13
N ALA M 109 31.59 -17.58 27.37
CA ALA M 109 31.23 -18.65 26.44
C ALA M 109 29.74 -18.97 26.50
N ALA M 110 29.16 -18.91 27.70
CA ALA M 110 27.73 -19.20 27.84
C ALA M 110 26.88 -18.15 27.14
N SER M 111 27.22 -16.87 27.33
CA SER M 111 26.46 -15.81 26.68
C SER M 111 26.73 -15.76 25.18
N MET M 112 27.97 -16.03 24.76
CA MET M 112 28.28 -16.05 23.34
C MET M 112 27.50 -17.14 22.63
N TYR M 113 27.35 -18.30 23.29
CA TYR M 113 26.53 -19.36 22.72
C TYR M 113 25.08 -18.92 22.58
N LEU M 114 24.56 -18.24 23.60
CA LEU M 114 23.18 -17.77 23.55
C LEU M 114 23.00 -16.73 22.45
N SER M 115 23.87 -15.72 22.41
CA SER M 115 23.73 -14.66 21.42
C SER M 115 23.81 -15.21 20.00
N ASN M 116 24.65 -16.22 19.78
CA ASN M 116 24.75 -16.82 18.45
C ASN M 116 23.44 -17.47 18.05
N CYS M 117 22.77 -18.14 18.98
CA CYS M 117 21.53 -18.83 18.65
C CYS M 117 20.45 -17.86 18.21
N VAL M 118 20.29 -16.75 18.93
CA VAL M 118 19.31 -15.75 18.56
C VAL M 118 19.77 -14.97 17.32
N TYR M 119 21.08 -14.71 17.23
CA TYR M 119 21.59 -14.02 16.04
C TYR M 119 21.31 -14.80 14.77
N SER M 120 21.28 -16.13 14.86
CA SER M 120 20.93 -16.94 13.69
C SER M 120 19.53 -16.63 13.19
N TYR M 121 18.68 -16.03 14.03
CA TYR M 121 17.34 -15.63 13.65
C TYR M 121 17.17 -14.12 13.66
N LYS M 122 18.26 -13.39 13.40
CA LYS M 122 18.19 -11.94 13.34
C LYS M 122 17.32 -11.49 12.18
N GLY M 123 16.47 -10.49 12.44
CA GLY M 123 15.56 -10.01 11.43
C GLY M 123 14.33 -10.84 11.21
N GLN M 124 14.15 -11.92 11.97
CA GLN M 124 12.97 -12.77 11.86
C GLN M 124 11.94 -12.46 12.94
N GLY M 125 12.09 -11.35 13.64
CA GLY M 125 11.10 -10.95 14.63
C GLY M 125 11.30 -11.52 16.01
N LEU M 126 12.32 -12.35 16.21
CA LEU M 126 12.57 -12.92 17.53
C LEU M 126 12.80 -11.82 18.54
N SER M 127 12.05 -11.86 19.64
CA SER M 127 12.12 -10.84 20.69
C SER M 127 12.77 -11.47 21.91
N LEU M 128 13.86 -10.88 22.38
CA LEU M 128 14.65 -11.48 23.44
C LEU M 128 15.52 -10.41 24.09
N GLY M 129 15.79 -10.62 25.37
CA GLY M 129 16.72 -9.80 26.10
C GLY M 129 16.98 -10.43 27.46
N SER M 130 18.25 -10.60 27.83
CA SER M 130 18.57 -11.34 29.04
C SER M 130 19.98 -11.01 29.49
N MET M 131 20.17 -10.94 30.80
CA MET M 131 21.50 -10.85 31.36
C MET M 131 21.97 -12.24 31.77
N VAL M 132 22.98 -12.75 31.08
CA VAL M 132 23.64 -13.99 31.45
C VAL M 132 24.78 -13.64 32.38
N CYS M 133 24.56 -13.84 33.68
CA CYS M 133 25.47 -13.34 34.69
C CYS M 133 26.03 -14.50 35.50
N GLY M 134 27.26 -14.34 35.97
CA GLY M 134 27.91 -15.37 36.75
C GLY M 134 29.31 -14.95 37.13
N TYR M 135 30.04 -15.91 37.70
CA TYR M 135 31.41 -15.69 38.14
C TYR M 135 32.36 -16.55 37.32
N ASP M 136 33.42 -15.95 36.81
CA ASP M 136 34.50 -16.66 36.13
C ASP M 136 35.67 -16.73 37.10
N GLY M 137 35.66 -17.74 37.96
CA GLY M 137 36.64 -17.81 39.03
C GLY M 137 36.25 -16.90 40.18
N ASP M 138 36.95 -15.77 40.31
CA ASP M 138 36.65 -14.78 41.34
C ASP M 138 36.11 -13.48 40.75
N LYS M 139 35.86 -13.43 39.44
CA LYS M 139 35.46 -12.19 38.78
C LYS M 139 33.99 -12.25 38.40
N PRO M 140 33.14 -11.36 38.92
CA PRO M 140 31.76 -11.31 38.42
C PRO M 140 31.70 -10.62 37.07
N VAL M 141 30.77 -11.09 36.24
CA VAL M 141 30.55 -10.48 34.93
C VAL M 141 29.09 -10.69 34.54
N ILE M 142 28.48 -9.62 34.04
CA ILE M 142 27.11 -9.66 33.53
C ILE M 142 27.16 -9.33 32.05
N TYR M 143 26.62 -10.22 31.23
CA TYR M 143 26.55 -10.03 29.78
C TYR M 143 25.10 -9.79 29.39
N TYR M 144 24.81 -8.58 28.92
CA TYR M 144 23.48 -8.29 28.40
C TYR M 144 23.39 -8.80 26.96
N VAL M 145 22.63 -9.87 26.76
CA VAL M 145 22.41 -10.44 25.44
C VAL M 145 21.05 -9.98 24.95
N ASP M 146 20.94 -9.81 23.63
CA ASP M 146 19.76 -9.19 23.03
C ASP M 146 19.42 -9.92 21.74
N ASP M 147 18.15 -9.81 21.34
CA ASP M 147 17.68 -10.55 20.15
C ASP M 147 18.41 -10.12 18.89
N ALA M 148 18.94 -8.90 18.84
CA ALA M 148 19.64 -8.43 17.66
C ALA M 148 21.05 -9.00 17.54
N GLY M 149 21.42 -9.94 18.40
CA GLY M 149 22.77 -10.45 18.41
C GLY M 149 23.74 -9.64 19.23
N GLN M 150 23.28 -8.56 19.87
CA GLN M 150 24.15 -7.72 20.66
C GLN M 150 24.54 -8.45 21.95
N ARG M 151 25.74 -8.15 22.45
CA ARG M 151 26.26 -8.81 23.64
C ARG M 151 27.22 -7.84 24.33
N LEU M 152 26.81 -7.30 25.47
CA LEU M 152 27.59 -6.30 26.19
C LEU M 152 27.90 -6.81 27.59
N SER M 153 29.16 -6.64 28.00
CA SER M 153 29.53 -6.87 29.39
C SER M 153 29.53 -5.55 30.13
N GLY M 154 28.94 -5.55 31.33
CA GLY M 154 28.82 -4.31 32.08
C GLY M 154 28.67 -4.57 33.56
N ASP M 155 28.60 -3.47 34.31
CA ASP M 155 28.46 -3.54 35.76
C ASP M 155 27.03 -3.33 36.22
N LEU M 156 26.14 -2.88 35.35
CA LEU M 156 24.76 -2.63 35.73
C LEU M 156 23.90 -2.63 34.48
N PHE M 157 22.90 -3.51 34.45
CA PHE M 157 21.94 -3.55 33.35
C PHE M 157 20.54 -3.65 33.91
N SER M 158 19.58 -3.12 33.16
CA SER M 158 18.17 -3.29 33.45
C SER M 158 17.45 -3.47 32.12
N VAL M 159 16.56 -4.46 32.07
CA VAL M 159 15.88 -4.84 30.84
C VAL M 159 14.39 -4.98 31.11
N GLY M 160 13.60 -4.78 30.07
CA GLY M 160 12.16 -4.86 30.17
C GLY M 160 11.51 -3.49 30.08
N SER M 161 10.18 -3.51 30.09
CA SER M 161 9.41 -2.27 29.95
C SER M 161 9.71 -1.31 31.09
N GLY M 162 9.87 -1.84 32.30
CA GLY M 162 10.16 -1.03 33.46
C GLY M 162 11.62 -0.74 33.68
N SER M 163 12.48 -1.06 32.72
CA SER M 163 13.91 -0.84 32.89
C SER M 163 14.22 0.63 33.09
N THR M 164 13.56 1.51 32.34
CA THR M 164 13.83 2.93 32.45
C THR M 164 13.56 3.45 33.86
N ILE M 165 12.47 3.02 34.48
CA ILE M 165 12.21 3.41 35.86
C ILE M 165 13.28 2.85 36.78
N ALA M 166 13.68 1.59 36.57
CA ALA M 166 14.72 0.99 37.38
C ALA M 166 16.04 1.71 37.20
N TYR M 167 16.36 2.08 35.97
CA TYR M 167 17.59 2.83 35.71
C TYR M 167 17.63 4.13 36.50
N GLY M 168 16.48 4.80 36.62
CA GLY M 168 16.44 6.05 37.36
C GLY M 168 16.71 5.87 38.84
N VAL M 169 16.09 4.86 39.45
CA VAL M 169 16.29 4.61 40.86
C VAL M 169 17.73 4.16 41.12
N LEU M 170 18.31 3.40 40.20
CA LEU M 170 19.67 2.92 40.36
C LEU M 170 20.67 4.05 40.14
N ASN M 171 20.38 4.97 39.22
CA ASN M 171 21.36 5.97 38.83
C ASN M 171 21.81 6.81 40.01
N GLU M 172 20.87 7.22 40.86
CA GLU M 172 21.19 8.11 41.96
C GLU M 172 21.53 7.37 43.26
N SER M 173 21.51 6.04 43.25
CA SER M 173 21.71 5.27 44.47
C SER M 173 22.77 4.19 44.31
N TYR M 174 22.97 3.73 43.07
CA TYR M 174 23.92 2.64 42.84
C TYR M 174 25.35 3.13 43.04
N ARG M 175 26.12 2.35 43.79
CA ARG M 175 27.54 2.58 43.98
C ARG M 175 28.26 1.23 43.99
N PHE M 176 29.49 1.22 43.49
CA PHE M 176 30.26 -0.01 43.55
C PHE M 176 30.66 -0.36 44.98
N ASP M 177 30.69 0.63 45.87
CA ASP M 177 31.09 0.41 47.25
C ASP M 177 29.91 0.06 48.16
N LEU M 178 28.79 -0.41 47.59
CA LEU M 178 27.66 -0.79 48.41
C LEU M 178 27.99 -1.98 49.29
N THR M 179 27.44 -1.99 50.49
CA THR M 179 27.45 -3.21 51.29
C THR M 179 26.37 -4.16 50.76
N LYS M 180 26.47 -5.42 51.17
CA LYS M 180 25.56 -6.43 50.61
C LYS M 180 24.11 -6.07 50.92
N GLU M 181 23.82 -5.66 52.16
CA GLU M 181 22.45 -5.30 52.51
C GLU M 181 21.99 -4.07 51.76
N GLU M 182 22.85 -3.06 51.61
CA GLU M 182 22.49 -1.89 50.82
C GLU M 182 22.22 -2.28 49.37
N ALA M 183 23.09 -3.11 48.79
CA ALA M 183 22.91 -3.50 47.41
C ALA M 183 21.62 -4.29 47.22
N LEU M 184 21.32 -5.20 48.14
CA LEU M 184 20.11 -6.00 48.00
C LEU M 184 18.86 -5.13 48.09
N ASN M 185 18.83 -4.20 49.05
CA ASN M 185 17.69 -3.32 49.19
C ASN M 185 17.56 -2.39 47.99
N LEU M 186 18.69 -1.93 47.46
CA LEU M 186 18.65 -1.10 46.25
C LEU M 186 18.04 -1.88 45.08
N GLY M 187 18.48 -3.13 44.90
CA GLY M 187 17.91 -3.94 43.85
C GLY M 187 16.45 -4.28 44.11
N LYS M 188 16.14 -4.62 45.36
CA LYS M 188 14.76 -4.91 45.74
C LYS M 188 13.88 -3.67 45.55
N LYS M 189 14.38 -2.51 45.97
CA LYS M 189 13.58 -1.30 45.90
C LYS M 189 13.46 -0.79 44.46
N ALA M 190 14.53 -0.94 43.68
CA ALA M 190 14.50 -0.46 42.30
C ALA M 190 13.46 -1.21 41.48
N ILE M 191 13.34 -2.52 41.68
CA ILE M 191 12.31 -3.28 40.99
C ILE M 191 10.93 -2.91 41.52
N TRP M 192 10.82 -2.68 42.83
CA TRP M 192 9.53 -2.32 43.41
C TRP M 192 9.00 -1.03 42.79
N HIS M 193 9.86 -0.03 42.62
CA HIS M 193 9.43 1.22 42.01
C HIS M 193 8.97 0.98 40.57
N ALA M 194 9.71 0.18 39.82
CA ALA M 194 9.34 -0.08 38.43
C ALA M 194 7.98 -0.75 38.35
N THR M 195 7.73 -1.75 39.19
CA THR M 195 6.41 -2.37 39.24
C THR M 195 5.35 -1.39 39.70
N HIS M 196 5.73 -0.44 40.56
CA HIS M 196 4.81 0.57 41.03
C HIS M 196 4.28 1.43 39.89
N ARG M 197 5.09 1.64 38.84
CA ARG M 197 4.79 2.62 37.81
C ARG M 197 4.62 2.04 36.42
N ASP M 198 4.92 0.76 36.21
CA ASP M 198 4.81 0.14 34.88
C ASP M 198 3.67 -0.86 34.88
N ALA M 199 2.87 -0.84 33.81
CA ALA M 199 1.75 -1.76 33.68
C ALA M 199 2.23 -3.20 33.53
N TYR M 200 3.22 -3.42 32.67
CA TYR M 200 3.71 -4.76 32.39
C TYR M 200 4.66 -5.29 33.45
N SER M 201 4.79 -4.61 34.58
CA SER M 201 5.64 -5.04 35.68
C SER M 201 4.79 -5.19 36.93
N GLY M 202 4.98 -6.28 37.66
CA GLY M 202 4.25 -6.49 38.88
C GLY M 202 4.49 -7.89 39.42
N GLY M 203 3.81 -8.18 40.51
CA GLY M 203 3.89 -9.50 41.12
C GLY M 203 4.89 -9.51 42.25
N ASN M 204 5.72 -10.54 42.30
CA ASN M 204 6.70 -10.74 43.36
C ASN M 204 8.07 -10.31 42.88
N VAL M 205 8.82 -9.63 43.73
CA VAL M 205 10.19 -9.26 43.43
C VAL M 205 11.11 -10.42 43.79
N ASN M 206 11.38 -11.29 42.81
CA ASN M 206 12.38 -12.32 43.00
C ASN M 206 13.75 -11.66 43.10
N LEU M 207 14.52 -12.05 44.12
CA LEU M 207 15.79 -11.41 44.42
C LEU M 207 16.86 -12.49 44.59
N TYR M 208 18.01 -12.28 43.95
CA TYR M 208 19.12 -13.22 44.00
C TYR M 208 20.40 -12.47 44.34
N PHE M 209 21.30 -13.15 45.03
CA PHE M 209 22.64 -12.64 45.30
C PHE M 209 23.66 -13.64 44.80
N MET M 210 24.37 -13.28 43.73
CA MET M 210 25.39 -14.13 43.14
C MET M 210 26.73 -13.74 43.72
N ASP M 211 27.51 -14.74 44.11
CA ASP M 211 28.78 -14.51 44.79
C ASP M 211 29.81 -15.50 44.24
N LYS M 212 31.06 -15.31 44.66
CA LYS M 212 32.12 -16.23 44.26
C LYS M 212 31.75 -17.67 44.60
N ASN M 213 31.00 -17.87 45.69
CA ASN M 213 30.60 -19.19 46.15
C ASN M 213 29.23 -19.61 45.63
N GLY M 214 28.73 -18.98 44.58
CA GLY M 214 27.46 -19.34 44.00
C GLY M 214 26.34 -18.38 44.38
N TRP M 215 25.20 -18.58 43.74
CA TRP M 215 24.05 -17.72 43.96
C TRP M 215 23.15 -18.27 45.08
N GLU M 216 22.26 -17.42 45.55
CA GLU M 216 21.26 -17.80 46.55
C GLU M 216 19.98 -17.03 46.31
N HIS M 217 18.86 -17.74 46.33
CA HIS M 217 17.54 -17.13 46.13
C HIS M 217 17.13 -16.47 47.43
N LEU M 218 17.22 -15.14 47.48
CA LEU M 218 17.05 -14.42 48.74
C LEU M 218 15.59 -14.14 49.07
N GLY M 219 14.67 -14.33 48.14
CA GLY M 219 13.27 -14.15 48.48
C GLY M 219 12.41 -14.06 47.24
N THR M 220 11.10 -14.04 47.49
CA THR M 220 10.08 -13.91 46.46
C THR M 220 9.09 -12.84 46.93
N PHE M 221 9.63 -11.70 47.36
CA PHE M 221 8.84 -10.71 48.09
C PHE M 221 7.69 -10.24 47.23
N ASP M 222 6.51 -10.14 47.82
CA ASP M 222 5.34 -9.63 47.12
C ASP M 222 5.32 -8.11 47.26
N VAL M 223 5.20 -7.41 46.12
CA VAL M 223 5.31 -5.96 46.11
C VAL M 223 4.25 -5.30 46.99
N ASP M 224 3.11 -5.95 47.19
CA ASP M 224 2.05 -5.35 47.98
C ASP M 224 2.35 -5.37 49.47
N LYS M 225 3.38 -6.09 49.91
CA LYS M 225 3.69 -6.25 51.32
C LYS M 225 4.93 -5.47 51.77
N PHE M 226 5.47 -4.62 50.91
CA PHE M 226 6.66 -3.84 51.27
C PHE M 226 6.36 -2.92 52.45
N LYS N 90 -2.12 -13.80 2.82
CA LYS N 90 -3.61 -13.69 2.81
C LYS N 90 -4.26 -14.91 3.43
N PHE N 91 -3.64 -16.08 3.22
CA PHE N 91 -4.17 -17.31 3.76
C PHE N 91 -4.11 -17.29 5.29
N ASN N 92 -5.24 -17.58 5.92
CA ASN N 92 -5.32 -17.61 7.38
C ASN N 92 -5.36 -19.06 7.84
N PRO N 93 -4.26 -19.60 8.38
CA PRO N 93 -4.23 -21.04 8.68
C PRO N 93 -4.99 -21.44 9.92
N TYR N 94 -5.68 -20.53 10.59
CA TYR N 94 -6.22 -20.80 11.92
C TYR N 94 -7.72 -20.55 11.96
N GLU N 95 -8.36 -21.25 12.88
CA GLU N 95 -9.76 -21.06 13.20
C GLU N 95 -9.92 -21.05 14.71
N ASP N 96 -10.82 -20.21 15.21
CA ASP N 96 -11.13 -20.15 16.63
C ASP N 96 -12.37 -21.00 16.89
N ASN N 97 -12.24 -22.00 17.74
CA ASN N 97 -13.29 -22.98 17.96
C ASN N 97 -13.76 -22.95 19.41
N SER N 98 -13.98 -21.75 19.93
CA SER N 98 -14.44 -21.56 21.31
C SER N 98 -13.34 -21.90 22.29
N GLY N 99 -13.47 -21.43 23.52
CA GLY N 99 -12.49 -21.67 24.55
C GLY N 99 -13.10 -22.27 25.80
N SER N 100 -12.93 -21.59 26.93
CA SER N 100 -13.56 -21.96 28.19
C SER N 100 -13.20 -23.39 28.61
N THR N 101 -11.91 -23.60 28.83
CA THR N 101 -11.44 -24.76 29.59
C THR N 101 -10.78 -24.29 30.86
N VAL N 102 -11.17 -24.88 31.98
CA VAL N 102 -10.70 -24.48 33.29
C VAL N 102 -10.13 -25.70 34.01
N SER N 103 -8.94 -25.56 34.57
CA SER N 103 -8.32 -26.61 35.36
C SER N 103 -7.84 -26.02 36.67
N ILE N 104 -8.26 -26.66 37.77
CA ILE N 104 -7.89 -26.24 39.11
C ILE N 104 -7.31 -27.44 39.84
N ARG N 105 -6.15 -27.26 40.45
CA ARG N 105 -5.53 -28.30 41.27
C ARG N 105 -5.79 -28.00 42.74
N LEU N 106 -6.38 -28.96 43.43
CA LEU N 106 -6.59 -28.86 44.87
C LEU N 106 -5.47 -29.60 45.58
N ASN N 107 -5.60 -29.76 46.90
CA ASN N 107 -4.57 -30.46 47.66
C ASN N 107 -4.45 -31.91 47.22
N ASN N 108 -5.58 -32.58 46.96
CA ASN N 108 -5.59 -34.00 46.67
C ASN N 108 -6.39 -34.36 45.42
N SER N 109 -6.72 -33.38 44.57
CA SER N 109 -7.46 -33.69 43.35
C SER N 109 -7.25 -32.55 42.36
N ILE N 110 -7.56 -32.84 41.10
CA ILE N 110 -7.52 -31.87 40.02
C ILE N 110 -8.88 -31.84 39.35
N ILE N 111 -9.50 -30.68 39.32
CA ILE N 111 -10.79 -30.49 38.66
C ILE N 111 -10.53 -29.73 37.36
N ILE N 112 -10.79 -30.38 36.24
CA ILE N 112 -10.57 -29.81 34.91
C ILE N 112 -11.88 -29.91 34.14
N ALA N 113 -12.34 -28.78 33.61
CA ALA N 113 -13.63 -28.72 32.93
C ALA N 113 -13.48 -27.93 31.64
N ALA N 114 -14.33 -28.26 30.67
CA ALA N 114 -14.32 -27.60 29.38
C ALA N 114 -15.70 -27.71 28.76
N ASP N 115 -16.05 -26.70 27.96
CA ASP N 115 -17.31 -26.71 27.24
C ASP N 115 -17.18 -27.57 25.97
N THR N 116 -18.30 -28.16 25.57
CA THR N 116 -18.31 -29.13 24.49
C THR N 116 -18.65 -28.53 23.13
N ARG N 117 -18.80 -27.20 23.03
CA ARG N 117 -19.22 -26.60 21.79
C ARG N 117 -18.04 -26.41 20.84
N HIS N 118 -18.29 -26.68 19.55
CA HIS N 118 -17.32 -26.45 18.48
C HIS N 118 -17.88 -25.35 17.59
N CYS N 119 -17.21 -24.21 17.55
CA CYS N 119 -17.73 -23.01 16.92
C CYS N 119 -17.03 -22.71 15.60
N SER N 120 -17.83 -22.30 14.63
CA SER N 120 -17.35 -21.68 13.40
C SER N 120 -17.39 -20.17 13.58
N GLU N 121 -17.19 -19.44 12.49
CA GLU N 121 -17.51 -18.02 12.51
C GLU N 121 -19.02 -17.85 12.36
N MET N 122 -19.63 -17.20 13.36
CA MET N 122 -21.05 -16.87 13.32
C MET N 122 -21.95 -18.09 13.46
N GLY N 123 -21.37 -19.28 13.69
CA GLY N 123 -22.15 -20.50 13.73
C GLY N 123 -21.52 -21.54 14.65
N ILE N 124 -22.28 -22.61 14.87
CA ILE N 124 -21.86 -23.72 15.72
C ILE N 124 -21.71 -24.95 14.84
N TYR N 125 -20.46 -25.43 14.67
CA TYR N 125 -20.25 -26.68 13.96
C TYR N 125 -20.90 -27.84 14.69
N SER N 126 -20.61 -27.98 15.98
CA SER N 126 -21.12 -29.10 16.77
C SER N 126 -21.28 -28.64 18.22
N ARG N 127 -22.16 -29.32 18.94
CA ARG N 127 -22.38 -29.05 20.36
C ARG N 127 -21.85 -30.17 21.25
N ASN N 128 -21.14 -31.15 20.68
CA ASN N 128 -20.67 -32.30 21.45
C ASN N 128 -19.23 -32.67 21.11
N THR N 129 -18.40 -31.70 20.76
CA THR N 129 -16.99 -31.95 20.48
C THR N 129 -16.20 -31.81 21.77
N SER N 130 -15.44 -32.84 22.12
CA SER N 130 -14.70 -32.86 23.39
C SER N 130 -13.36 -32.16 23.23
N LYS N 131 -13.10 -31.19 24.11
CA LYS N 131 -11.83 -30.48 24.13
C LYS N 131 -10.79 -31.16 25.01
N ILE N 132 -11.15 -32.25 25.69
CA ILE N 132 -10.29 -32.87 26.69
C ILE N 132 -9.86 -34.25 26.19
N PHE N 133 -8.55 -34.48 26.18
CA PHE N 133 -7.97 -35.76 25.82
C PHE N 133 -7.17 -36.27 27.01
N ARG N 134 -7.07 -37.60 27.11
CA ARG N 134 -6.35 -38.22 28.20
C ARG N 134 -5.17 -39.03 27.68
N ILE N 135 -4.05 -38.92 28.37
CA ILE N 135 -2.86 -39.71 28.07
C ILE N 135 -2.48 -40.48 29.32
N GLY N 136 -2.95 -41.71 29.43
CA GLY N 136 -2.74 -42.47 30.64
C GLY N 136 -3.45 -41.80 31.80
N ASP N 137 -2.71 -41.56 32.88
CA ASP N 137 -3.26 -40.92 34.07
C ASP N 137 -3.29 -39.40 33.97
N PHE N 138 -3.03 -38.82 32.81
CA PHE N 138 -2.98 -37.37 32.64
C PHE N 138 -4.09 -36.94 31.68
N LEU N 139 -4.61 -35.74 31.90
CA LEU N 139 -5.64 -35.16 31.05
C LEU N 139 -5.05 -33.99 30.29
N LEU N 140 -5.27 -33.96 28.98
CA LEU N 140 -4.88 -32.85 28.12
C LEU N 140 -6.12 -32.12 27.65
N THR N 141 -6.05 -30.79 27.63
CA THR N 141 -7.16 -29.98 27.15
C THR N 141 -6.61 -28.90 26.22
N ILE N 142 -7.41 -28.54 25.22
CA ILE N 142 -6.99 -27.63 24.17
C ILE N 142 -8.05 -26.56 23.95
N THR N 143 -7.63 -25.44 23.40
CA THR N 143 -8.53 -24.39 22.96
C THR N 143 -7.91 -23.70 21.75
N GLY N 144 -8.76 -23.08 20.95
CA GLY N 144 -8.29 -22.40 19.75
C GLY N 144 -8.63 -23.20 18.51
N PHE N 145 -7.63 -23.46 17.68
CA PHE N 145 -7.84 -24.24 16.46
C PHE N 145 -7.89 -25.71 16.82
N TYR N 146 -9.04 -26.34 16.62
CA TYR N 146 -9.23 -27.72 17.07
C TYR N 146 -8.31 -28.68 16.34
N ALA N 147 -8.07 -28.43 15.04
CA ALA N 147 -7.16 -29.29 14.29
C ALA N 147 -5.75 -29.22 14.85
N ASP N 148 -5.29 -28.02 15.22
CA ASP N 148 -3.96 -27.89 15.80
C ASP N 148 -3.86 -28.64 17.12
N GLY N 149 -4.88 -28.53 17.97
CA GLY N 149 -4.87 -29.26 19.21
C GLY N 149 -4.90 -30.77 19.01
N TYR N 150 -5.70 -31.23 18.04
CA TYR N 150 -5.73 -32.66 17.76
C TYR N 150 -4.38 -33.16 17.26
N GLU N 151 -3.74 -32.39 16.37
CA GLU N 151 -2.42 -32.77 15.89
C GLU N 151 -1.40 -32.77 17.01
N LEU N 152 -1.45 -31.77 17.90
CA LEU N 152 -0.52 -31.72 19.02
C LEU N 152 -0.76 -32.89 19.98
N TYR N 153 -2.01 -33.25 20.20
CA TYR N 153 -2.31 -34.41 21.03
C TYR N 153 -1.80 -35.69 20.40
N ASN N 154 -1.94 -35.82 19.08
CA ASN N 154 -1.40 -37.00 18.40
C ASN N 154 0.13 -37.04 18.50
N ARG N 155 0.78 -35.88 18.33
CA ARG N 155 2.23 -35.83 18.49
C ARG N 155 2.64 -36.24 19.89
N LEU N 156 1.94 -35.72 20.90
CA LEU N 156 2.24 -36.07 22.28
C LEU N 156 2.05 -37.55 22.52
N LYS N 157 0.96 -38.11 22.03
CA LYS N 157 0.68 -39.52 22.26
C LYS N 157 1.72 -40.40 21.57
N TYR N 158 2.11 -40.04 20.35
CA TYR N 158 3.13 -40.81 19.63
C TYR N 158 4.46 -40.75 20.36
N GLN N 159 4.89 -39.56 20.76
CA GLN N 159 6.16 -39.44 21.47
C GLN N 159 6.10 -40.14 22.83
N VAL N 160 4.95 -40.09 23.50
CA VAL N 160 4.83 -40.71 24.82
C VAL N 160 4.86 -42.23 24.69
N GLN N 161 4.20 -42.78 23.68
CA GLN N 161 4.25 -44.22 23.52
C GLN N 161 5.60 -44.70 23.02
N ILE N 162 6.37 -43.85 22.34
CA ILE N 162 7.77 -44.17 22.08
C ILE N 162 8.56 -44.18 23.39
N TYR N 163 8.36 -43.16 24.22
CA TYR N 163 9.11 -43.04 25.46
C TYR N 163 8.77 -44.19 26.42
N GLU N 164 7.54 -44.67 26.39
CA GLU N 164 7.04 -45.64 27.36
C GLU N 164 7.59 -47.05 27.10
N SER N 165 8.57 -47.19 26.21
CA SER N 165 9.22 -48.48 26.03
C SER N 165 9.93 -48.95 27.29
N PHE N 166 10.22 -48.05 28.22
CA PHE N 166 10.93 -48.42 29.45
C PHE N 166 10.09 -48.14 30.69
N ASN N 167 9.53 -46.94 30.79
CA ASN N 167 8.83 -46.54 31.99
C ASN N 167 7.73 -45.53 31.65
N LYS N 168 6.79 -45.38 32.58
CA LYS N 168 5.75 -44.38 32.42
C LYS N 168 6.35 -42.98 32.50
N ILE N 169 5.86 -42.09 31.65
CA ILE N 169 6.36 -40.72 31.62
C ILE N 169 5.75 -39.94 32.77
N SER N 170 6.58 -39.14 33.46
CA SER N 170 6.08 -38.28 34.52
C SER N 170 5.35 -37.09 33.93
N ILE N 171 4.51 -36.46 34.75
CA ILE N 171 3.79 -35.28 34.30
C ILE N 171 4.75 -34.15 33.96
N HIS N 172 5.86 -34.05 34.70
CA HIS N 172 6.83 -33.00 34.43
C HIS N 172 7.53 -33.24 33.09
N SER N 173 7.94 -34.49 32.85
CA SER N 173 8.58 -34.84 31.58
C SER N 173 7.60 -34.63 30.42
N LEU N 174 6.34 -35.01 30.61
CA LEU N 174 5.35 -34.81 29.57
C LEU N 174 5.15 -33.33 29.28
N ALA N 175 5.10 -32.50 30.32
CA ALA N 175 4.95 -31.06 30.11
C ALA N 175 6.16 -30.49 29.36
N ASN N 176 7.36 -30.91 29.72
CA ASN N 176 8.54 -30.44 29.02
C ASN N 176 8.53 -30.88 27.57
N LEU N 177 8.14 -32.13 27.31
CA LEU N 177 8.05 -32.61 25.94
C LEU N 177 7.02 -31.82 25.15
N ALA N 178 5.89 -31.51 25.77
CA ALA N 178 4.87 -30.70 25.10
C ALA N 178 5.42 -29.32 24.77
N SER N 179 6.16 -28.72 25.69
CA SER N 179 6.76 -27.42 25.43
C SER N 179 7.73 -27.49 24.24
N LYS N 180 8.57 -28.52 24.20
CA LYS N 180 9.50 -28.66 23.10
C LYS N 180 8.76 -28.86 21.77
N ILE N 181 7.74 -29.71 21.77
CA ILE N 181 6.96 -29.95 20.56
C ILE N 181 6.34 -28.66 20.07
N MET N 182 5.73 -27.90 20.99
CA MET N 182 5.10 -26.64 20.61
C MET N 182 6.12 -25.68 20.03
N TYR N 183 7.27 -25.53 20.70
CA TYR N 183 8.24 -24.56 20.23
C TYR N 183 8.87 -24.97 18.91
N SER N 184 8.85 -26.27 18.59
CA SER N 184 9.38 -26.68 17.30
C SER N 184 8.63 -26.04 16.15
N LYS N 185 7.42 -25.54 16.38
CA LYS N 185 6.61 -24.86 15.37
C LYS N 185 6.52 -23.36 15.61
N ARG N 186 7.54 -22.74 16.21
CA ARG N 186 7.46 -21.31 16.49
C ARG N 186 7.24 -20.51 15.22
N LEU N 187 7.75 -20.97 14.08
CA LEU N 187 7.54 -20.26 12.83
C LEU N 187 6.13 -20.45 12.28
N PHE N 188 5.41 -21.47 12.74
CA PHE N 188 4.05 -21.74 12.30
C PHE N 188 3.29 -22.32 13.49
N PRO N 189 3.03 -21.52 14.51
CA PRO N 189 2.63 -22.07 15.82
C PRO N 189 1.32 -22.85 15.76
N TYR N 190 1.22 -23.82 16.66
CA TYR N 190 -0.07 -24.40 16.99
C TYR N 190 -0.92 -23.35 17.69
N TYR N 191 -2.11 -23.06 17.15
CA TYR N 191 -3.03 -22.16 17.83
C TYR N 191 -3.80 -23.00 18.85
N SER N 192 -3.09 -23.41 19.89
CA SER N 192 -3.68 -24.22 20.95
C SER N 192 -3.11 -23.80 22.29
N TYR N 193 -3.99 -23.50 23.24
CA TYR N 193 -3.60 -23.24 24.62
C TYR N 193 -3.76 -24.55 25.37
N VAL N 194 -2.71 -25.34 25.36
CA VAL N 194 -2.72 -26.65 26.01
C VAL N 194 -2.55 -26.48 27.50
N THR N 195 -3.32 -27.26 28.26
CA THR N 195 -3.16 -27.35 29.70
C THR N 195 -3.07 -28.82 30.08
N LEU N 196 -1.92 -29.21 30.62
CA LEU N 196 -1.63 -30.59 30.96
C LEU N 196 -1.70 -30.74 32.47
N SER N 197 -2.52 -31.67 32.93
CA SER N 197 -2.73 -31.87 34.36
C SER N 197 -2.70 -33.35 34.68
N GLY N 198 -2.17 -33.67 35.86
CA GLY N 198 -2.07 -35.04 36.30
C GLY N 198 -1.32 -35.11 37.62
N PHE N 199 -1.23 -36.33 38.12
CA PHE N 199 -0.61 -36.59 39.42
C PHE N 199 0.78 -37.16 39.25
N GLU N 200 1.74 -36.59 39.97
CA GLU N 200 3.09 -37.15 40.08
C GLU N 200 3.14 -37.91 41.39
N GLY N 201 2.63 -39.14 41.38
CA GLY N 201 2.53 -39.91 42.59
C GLY N 201 1.44 -39.40 43.50
N ASP N 202 1.82 -38.75 44.60
CA ASP N 202 0.88 -38.25 45.57
C ASP N 202 0.43 -36.81 45.30
N ASN N 203 1.16 -36.06 44.47
CA ASN N 203 0.98 -34.63 44.36
C ASN N 203 0.33 -34.25 43.04
N PRO N 204 -0.79 -33.51 43.05
CA PRO N 204 -1.36 -33.04 41.78
C PRO N 204 -0.52 -31.95 41.14
N TYR N 205 -0.56 -31.91 39.81
CA TYR N 205 0.16 -30.90 39.05
C TYR N 205 -0.68 -30.49 37.84
N VAL N 206 -0.73 -29.19 37.59
CA VAL N 206 -1.41 -28.62 36.43
C VAL N 206 -0.42 -27.69 35.73
N TYR N 207 -0.22 -27.90 34.43
CA TYR N 207 0.70 -27.11 33.64
C TYR N 207 -0.08 -26.37 32.57
N SER N 208 0.18 -25.07 32.45
CA SER N 208 -0.45 -24.24 31.44
C SER N 208 0.57 -23.82 30.39
N PHE N 209 0.14 -23.86 29.12
CA PHE N 209 1.01 -23.57 27.99
C PHE N 209 0.44 -22.43 27.17
N ASP N 210 1.32 -21.71 26.49
CA ASP N 210 0.89 -20.79 25.46
C ASP N 210 1.02 -21.44 24.09
N CYS N 211 0.73 -20.67 23.04
CA CYS N 211 0.86 -21.20 21.68
C CYS N 211 2.30 -21.45 21.29
N LEU N 212 3.27 -20.77 21.90
CA LEU N 212 4.68 -20.92 21.57
C LEU N 212 5.41 -21.82 22.54
N GLY N 213 4.71 -22.44 23.49
CA GLY N 213 5.26 -23.55 24.24
C GLY N 213 5.67 -23.28 25.67
N HIS N 214 5.76 -22.02 26.09
CA HIS N 214 6.16 -21.75 27.47
C HIS N 214 5.16 -22.37 28.43
N PHE N 215 5.67 -23.08 29.43
CA PHE N 215 4.82 -23.80 30.37
C PHE N 215 5.21 -23.47 31.80
N GLU N 216 4.20 -23.32 32.65
CA GLU N 216 4.40 -23.03 34.06
C GLU N 216 3.42 -23.85 34.88
N GLU N 217 3.82 -24.15 36.11
CA GLU N 217 2.99 -24.91 37.03
C GLU N 217 2.05 -23.96 37.76
N VAL N 218 0.75 -24.18 37.62
CA VAL N 218 -0.26 -23.23 38.07
C VAL N 218 -1.19 -23.92 39.07
N ASP N 219 -1.94 -23.09 39.81
CA ASP N 219 -2.93 -23.62 40.74
C ASP N 219 -4.32 -23.62 40.11
N SER N 220 -4.57 -22.70 39.18
CA SER N 220 -5.84 -22.66 38.45
C SER N 220 -5.66 -21.78 37.23
N VAL N 221 -6.00 -22.33 36.06
CA VAL N 221 -5.78 -21.64 34.80
C VAL N 221 -6.99 -21.86 33.89
N CYS N 222 -7.39 -20.80 33.21
CA CYS N 222 -8.44 -20.86 32.21
C CYS N 222 -7.87 -20.39 30.88
N ASN N 223 -8.22 -21.10 29.81
CA ASN N 223 -7.71 -20.81 28.48
C ASN N 223 -8.87 -20.55 27.54
N GLY N 224 -8.59 -19.78 26.48
CA GLY N 224 -9.60 -19.57 25.47
C GLY N 224 -10.40 -18.29 25.68
N SER N 225 -11.47 -18.17 24.88
CA SER N 225 -12.25 -16.94 24.86
C SER N 225 -12.79 -16.59 26.25
N GLY N 226 -13.25 -17.59 26.99
CA GLY N 226 -13.87 -17.34 28.28
C GLY N 226 -12.90 -17.15 29.42
N SER N 227 -11.59 -17.21 29.17
CA SER N 227 -10.64 -17.08 30.26
C SER N 227 -10.78 -15.77 31.03
N PRO N 228 -10.96 -14.61 30.39
CA PRO N 228 -11.10 -13.37 31.17
C PRO N 228 -12.36 -13.33 32.01
N LEU N 229 -13.37 -14.14 31.69
CA LEU N 229 -14.63 -14.14 32.42
C LEU N 229 -14.61 -15.12 33.59
N ILE N 230 -13.71 -16.10 33.57
CA ILE N 230 -13.71 -17.14 34.60
C ILE N 230 -12.52 -16.98 35.53
N GLN N 231 -11.37 -16.55 35.01
CA GLN N 231 -10.18 -16.49 35.85
C GLN N 231 -10.34 -15.60 37.06
N PRO N 232 -10.91 -14.39 36.97
CA PRO N 232 -11.11 -13.59 38.19
C PRO N 232 -11.95 -14.30 39.23
N LEU N 233 -12.96 -15.07 38.80
CA LEU N 233 -13.78 -15.80 39.75
C LEU N 233 -12.94 -16.80 40.54
N LEU N 234 -12.02 -17.50 39.86
CA LEU N 234 -11.15 -18.44 40.57
C LEU N 234 -10.18 -17.70 41.47
N ASP N 235 -9.63 -16.58 41.00
CA ASP N 235 -8.71 -15.80 41.83
C ASP N 235 -9.38 -15.35 43.11
N SER N 236 -10.67 -15.00 43.03
CA SER N 236 -11.36 -14.49 44.20
C SER N 236 -11.82 -15.63 45.11
N THR N 237 -12.59 -16.57 44.57
CA THR N 237 -13.27 -17.56 45.39
C THR N 237 -12.41 -18.76 45.74
N ILE N 238 -11.50 -19.17 44.86
CA ILE N 238 -10.70 -20.37 45.09
C ILE N 238 -9.36 -19.97 45.68
N GLU N 239 -8.65 -19.09 45.00
CA GLU N 239 -7.33 -18.65 45.45
C GLU N 239 -7.40 -17.56 46.51
N LYS N 240 -8.58 -17.01 46.77
CA LYS N 240 -8.80 -16.07 47.86
C LYS N 240 -7.91 -14.83 47.74
N LYS N 241 -7.71 -14.35 46.51
CA LYS N 241 -7.08 -13.06 46.31
C LYS N 241 -8.03 -11.95 46.76
N ASN N 242 -7.46 -10.93 47.40
CA ASN N 242 -8.21 -9.78 47.89
C ASN N 242 -9.25 -10.15 48.94
N TRP N 243 -9.16 -11.35 49.52
CA TRP N 243 -10.08 -11.80 50.55
C TRP N 243 -9.44 -11.49 51.90
N ALA N 244 -9.75 -10.31 52.43
CA ALA N 244 -9.05 -9.82 53.61
C ALA N 244 -9.38 -10.61 54.87
N GLY N 245 -10.58 -11.15 54.98
CA GLY N 245 -11.03 -11.80 56.19
C GLY N 245 -10.82 -13.30 56.17
N GLU N 246 -11.60 -14.01 56.98
CA GLU N 246 -11.51 -15.46 57.06
C GLU N 246 -12.03 -16.09 55.77
N ASN N 247 -11.33 -17.12 55.31
CA ASN N 247 -11.58 -17.72 54.01
C ASN N 247 -12.49 -18.94 54.14
N TYR N 248 -13.47 -19.04 53.24
CA TYR N 248 -14.27 -20.25 53.16
C TYR N 248 -13.39 -21.42 52.75
N GLU N 249 -13.49 -22.52 53.49
CA GLU N 249 -12.64 -23.67 53.21
C GLU N 249 -12.90 -24.20 51.81
N VAL N 250 -11.83 -24.53 51.11
CA VAL N 250 -11.90 -24.96 49.71
C VAL N 250 -11.92 -26.49 49.68
N THR N 251 -12.88 -27.04 48.96
CA THR N 251 -13.05 -28.49 48.88
C THR N 251 -13.57 -28.85 47.51
N GLU N 252 -13.61 -30.15 47.22
CA GLU N 252 -14.01 -30.62 45.90
C GLU N 252 -15.43 -30.18 45.56
N GLU N 253 -16.36 -30.34 46.50
CA GLU N 253 -17.75 -29.99 46.23
C GLU N 253 -17.93 -28.48 46.10
N TYR N 254 -17.14 -27.70 46.83
CA TYR N 254 -17.19 -26.25 46.70
C TYR N 254 -16.54 -25.78 45.41
N VAL N 255 -15.42 -26.40 45.04
CA VAL N 255 -14.71 -26.00 43.84
C VAL N 255 -15.53 -26.35 42.60
N LYS N 256 -16.20 -27.50 42.62
CA LYS N 256 -17.06 -27.86 41.49
C LYS N 256 -18.22 -26.89 41.35
N ASP N 257 -18.82 -26.48 42.48
CA ASP N 257 -19.85 -25.45 42.44
C ASP N 257 -19.32 -24.16 41.84
N ILE N 258 -18.11 -23.75 42.25
CA ILE N 258 -17.52 -22.53 41.71
C ILE N 258 -17.29 -22.68 40.21
N VAL N 259 -16.85 -23.85 39.77
CA VAL N 259 -16.58 -24.07 38.35
C VAL N 259 -17.85 -23.98 37.54
N ARG N 260 -18.93 -24.61 38.02
CA ARG N 260 -20.19 -24.53 37.29
C ARG N 260 -20.75 -23.12 37.30
N ARG N 261 -20.57 -22.38 38.40
CA ARG N 261 -20.96 -20.98 38.43
C ARG N 261 -20.20 -20.16 37.39
N GLY N 262 -18.89 -20.36 37.31
CA GLY N 262 -18.09 -19.63 36.35
C GLY N 262 -18.45 -19.98 34.91
N PHE N 263 -18.75 -21.25 34.65
CA PHE N 263 -19.15 -21.65 33.31
C PHE N 263 -20.52 -21.09 32.96
N ASN N 264 -21.43 -21.01 33.92
CA ASN N 264 -22.70 -20.33 33.67
C ASN N 264 -22.48 -18.87 33.31
N ALA N 265 -21.63 -18.18 34.09
CA ALA N 265 -21.35 -16.78 33.80
C ALA N 265 -20.74 -16.61 32.41
N ALA N 266 -19.78 -17.48 32.07
CA ALA N 266 -19.14 -17.38 30.76
C ALA N 266 -20.14 -17.63 29.64
N SER N 267 -20.89 -18.73 29.72
CA SER N 267 -21.88 -19.02 28.69
C SER N 267 -22.90 -17.91 28.56
N GLU N 268 -23.20 -17.20 29.64
CA GLU N 268 -24.07 -16.04 29.55
C GLU N 268 -23.40 -14.91 28.77
N ARG N 269 -22.20 -14.51 29.20
CA ARG N 269 -21.56 -13.34 28.59
C ARG N 269 -20.50 -13.68 27.55
N ASP N 270 -20.22 -14.96 27.31
CA ASP N 270 -19.31 -15.35 26.24
C ASP N 270 -20.12 -15.93 25.10
N VAL N 271 -19.93 -15.37 23.90
CA VAL N 271 -20.71 -15.80 22.75
C VAL N 271 -20.36 -17.22 22.36
N LYS N 272 -19.09 -17.62 22.50
CA LYS N 272 -18.62 -18.90 22.00
C LYS N 272 -18.47 -19.98 23.08
N THR N 273 -18.78 -19.68 24.33
CA THR N 273 -18.78 -20.72 25.36
C THR N 273 -19.98 -21.63 25.16
N GLY N 274 -19.78 -22.93 25.41
CA GLY N 274 -20.60 -23.96 24.83
C GLY N 274 -21.90 -24.25 25.55
N ASP N 275 -22.50 -25.38 25.15
CA ASP N 275 -23.81 -25.80 25.62
C ASP N 275 -23.74 -26.83 26.74
N ASN N 276 -22.69 -27.65 26.77
CA ASN N 276 -22.46 -28.58 27.87
C ASN N 276 -21.02 -28.45 28.31
N VAL N 277 -20.79 -28.69 29.60
CA VAL N 277 -19.48 -28.58 30.22
C VAL N 277 -19.06 -29.94 30.74
N GLU N 278 -17.93 -30.44 30.24
CA GLU N 278 -17.31 -31.62 30.84
C GLU N 278 -16.61 -31.22 32.13
N ILE N 279 -16.68 -32.09 33.13
CA ILE N 279 -15.99 -31.87 34.40
C ILE N 279 -15.33 -33.18 34.80
N TRP N 280 -14.01 -33.24 34.69
CA TRP N 280 -13.23 -34.38 35.12
C TRP N 280 -12.68 -34.11 36.51
N ILE N 281 -12.61 -35.16 37.32
CA ILE N 281 -12.01 -35.09 38.64
C ILE N 281 -10.88 -36.10 38.70
N ILE N 282 -9.65 -35.63 38.58
CA ILE N 282 -8.47 -36.48 38.67
C ILE N 282 -8.07 -36.58 40.13
N LYS N 283 -8.03 -37.80 40.65
CA LYS N 283 -7.58 -38.06 42.00
C LYS N 283 -6.41 -39.02 41.94
N LYS N 284 -5.76 -39.19 43.10
CA LYS N 284 -4.55 -40.00 43.20
C LYS N 284 -4.62 -41.26 42.35
N ASP N 285 -5.66 -42.07 42.56
CA ASP N 285 -5.71 -43.41 41.98
C ASP N 285 -6.61 -43.53 40.77
N GLY N 286 -7.40 -42.50 40.44
CA GLY N 286 -8.30 -42.61 39.31
C GLY N 286 -8.89 -41.26 38.95
N MET N 287 -9.75 -41.30 37.94
CA MET N 287 -10.41 -40.11 37.43
C MET N 287 -11.79 -40.47 36.90
N THR N 288 -12.68 -39.48 36.90
CA THR N 288 -14.07 -39.67 36.49
C THR N 288 -14.57 -38.39 35.83
N LYS N 289 -15.60 -38.54 34.99
CA LYS N 289 -16.14 -37.44 34.21
C LYS N 289 -17.62 -37.25 34.51
N GLU N 290 -18.04 -35.98 34.60
CA GLU N 290 -19.44 -35.61 34.75
C GLU N 290 -19.81 -34.65 33.63
N TYR N 291 -21.10 -34.36 33.51
CA TYR N 291 -21.62 -33.43 32.54
C TYR N 291 -22.67 -32.52 33.15
N GLU N 292 -22.73 -31.28 32.68
CA GLU N 292 -23.81 -30.36 32.99
C GLU N 292 -24.21 -29.61 31.72
N ARG N 293 -25.49 -29.26 31.63
CA ARG N 293 -25.97 -28.48 30.51
C ARG N 293 -25.79 -26.99 30.78
N LEU N 294 -25.35 -26.27 29.76
CA LEU N 294 -25.15 -24.82 29.81
C LEU N 294 -26.12 -24.14 28.88
N ARG N 295 -26.05 -22.81 28.83
CA ARG N 295 -26.85 -22.05 27.89
C ARG N 295 -26.55 -22.50 26.46
N GLN N 296 -27.61 -22.71 25.69
CA GLN N 296 -27.51 -23.33 24.38
C GLN N 296 -27.87 -22.41 23.22
N ASP N 297 -28.30 -21.18 23.50
CA ASP N 297 -28.71 -20.27 22.44
C ASP N 297 -27.53 -19.96 21.51
N MET O 1 -4.22 -20.05 -3.13
CA MET O 1 -5.30 -21.05 -2.89
C MET O 1 -6.36 -20.92 -3.98
N LYS O 2 -6.48 -21.96 -4.81
CA LYS O 2 -7.29 -21.88 -6.02
C LYS O 2 -8.72 -21.51 -5.70
N ASN O 3 -9.27 -20.58 -6.48
CA ASN O 3 -10.64 -20.11 -6.30
C ASN O 3 -11.30 -19.90 -7.66
N PHE O 4 -11.09 -20.83 -8.59
CA PHE O 4 -11.48 -20.64 -9.98
C PHE O 4 -12.84 -21.26 -10.27
N VAL O 5 -12.99 -22.58 -10.11
CA VAL O 5 -14.24 -23.27 -10.39
C VAL O 5 -14.66 -23.95 -9.10
N ILE O 6 -15.81 -23.56 -8.57
CA ILE O 6 -16.21 -23.90 -7.21
C ILE O 6 -17.54 -24.65 -7.24
N GLY O 7 -17.59 -25.79 -6.56
CA GLY O 7 -18.85 -26.45 -6.27
C GLY O 7 -19.46 -25.86 -5.00
N SER O 8 -20.79 -25.81 -4.96
CA SER O 8 -21.46 -24.91 -4.03
C SER O 8 -21.55 -25.50 -2.62
N GLY O 9 -22.30 -26.59 -2.45
CA GLY O 9 -22.71 -27.04 -1.15
C GLY O 9 -22.85 -28.55 -1.04
N VAL O 10 -22.61 -29.06 0.17
CA VAL O 10 -22.80 -30.46 0.51
C VAL O 10 -23.70 -30.54 1.72
N ILE O 11 -24.73 -31.40 1.64
CA ILE O 11 -25.60 -31.69 2.77
C ILE O 11 -25.58 -33.19 3.00
N SER O 12 -25.26 -33.58 4.23
CA SER O 12 -25.30 -34.99 4.61
C SER O 12 -25.83 -35.11 6.03
N LEU O 13 -26.86 -35.93 6.20
CA LEU O 13 -27.45 -36.15 7.51
C LEU O 13 -27.72 -37.64 7.67
N ARG O 14 -27.69 -38.10 8.92
CA ARG O 14 -28.01 -39.49 9.24
C ARG O 14 -29.45 -39.59 9.72
N TYR O 15 -30.09 -40.69 9.34
CA TYR O 15 -31.49 -40.92 9.67
C TYR O 15 -31.57 -42.33 10.27
N LYS O 16 -32.78 -42.85 10.44
CA LYS O 16 -32.94 -44.21 10.89
C LYS O 16 -32.21 -45.16 9.96
N ASN O 17 -31.33 -45.99 10.52
CA ASN O 17 -30.62 -47.04 9.79
C ASN O 17 -30.10 -46.58 8.44
N GLY O 18 -29.42 -45.43 8.39
CA GLY O 18 -28.82 -45.01 7.14
C GLY O 18 -28.22 -43.62 7.24
N VAL O 19 -27.67 -43.16 6.12
CA VAL O 19 -27.03 -41.85 6.02
C VAL O 19 -27.29 -41.29 4.63
N ILE O 20 -27.48 -39.98 4.55
CA ILE O 20 -27.71 -39.28 3.29
C ILE O 20 -26.52 -38.38 3.00
N THR O 21 -26.27 -38.15 1.71
CA THR O 21 -25.38 -37.09 1.26
C THR O 21 -25.93 -36.55 -0.06
N CYS O 22 -25.89 -35.24 -0.21
CA CYS O 22 -26.52 -34.59 -1.36
C CYS O 22 -25.70 -33.38 -1.77
N THR O 23 -25.53 -33.21 -3.08
CA THR O 23 -24.84 -32.05 -3.64
C THR O 23 -25.50 -31.67 -4.95
N ASP O 24 -25.38 -30.40 -5.31
CA ASP O 24 -25.80 -29.97 -6.64
C ASP O 24 -24.69 -30.27 -7.64
N THR O 25 -25.06 -30.28 -8.92
CA THR O 25 -24.13 -30.60 -10.00
C THR O 25 -23.62 -29.36 -10.71
N GLN O 26 -23.88 -28.16 -10.18
CA GLN O 26 -23.39 -26.94 -10.80
C GLN O 26 -21.95 -26.66 -10.40
N ALA O 27 -21.18 -26.16 -11.36
CA ALA O 27 -19.85 -25.62 -11.11
C ALA O 27 -19.77 -24.23 -11.71
N SER O 28 -19.38 -23.26 -10.89
CA SER O 28 -19.41 -21.86 -11.28
C SER O 28 -18.00 -21.30 -11.37
N TYR O 29 -17.76 -20.49 -12.40
CA TYR O 29 -16.50 -19.78 -12.59
C TYR O 29 -16.80 -18.29 -12.41
N GLY O 30 -16.73 -17.82 -11.17
CA GLY O 30 -17.16 -16.46 -10.90
C GLY O 30 -18.66 -16.40 -10.80
N ASN O 31 -19.27 -15.51 -11.59
CA ASN O 31 -20.72 -15.44 -11.69
C ASN O 31 -21.26 -16.26 -12.84
N LEU O 32 -20.43 -17.06 -13.51
CA LEU O 32 -20.83 -17.84 -14.67
C LEU O 32 -21.02 -19.29 -14.25
N CYS O 33 -22.20 -19.84 -14.54
CA CYS O 33 -22.44 -21.28 -14.35
C CYS O 33 -21.82 -22.01 -15.53
N LYS O 34 -20.54 -22.35 -15.41
CA LYS O 34 -19.81 -22.91 -16.54
C LYS O 34 -20.22 -24.35 -16.83
N PHE O 35 -20.40 -25.16 -15.80
CA PHE O 35 -20.79 -26.55 -15.94
C PHE O 35 -21.96 -26.86 -15.03
N ASN O 36 -22.85 -27.73 -15.50
CA ASN O 36 -24.03 -28.12 -14.74
C ASN O 36 -24.10 -29.64 -14.59
N ASP O 37 -23.00 -30.34 -14.81
CA ASP O 37 -22.96 -31.78 -14.67
C ASP O 37 -21.69 -32.23 -13.98
N VAL O 38 -21.13 -31.39 -13.13
CA VAL O 38 -19.96 -31.76 -12.33
C VAL O 38 -20.45 -32.50 -11.09
N ARG O 39 -20.03 -33.75 -10.95
CA ARG O 39 -20.54 -34.64 -9.92
C ARG O 39 -19.51 -34.80 -8.82
N ARG O 40 -19.92 -34.54 -7.59
CA ARG O 40 -19.01 -34.44 -6.46
C ARG O 40 -19.28 -35.44 -5.35
N ILE O 41 -20.11 -36.45 -5.61
CA ILE O 41 -20.33 -37.55 -4.67
C ILE O 41 -19.64 -38.78 -5.22
N PHE O 42 -18.78 -39.39 -4.42
CA PHE O 42 -17.99 -40.53 -4.85
C PHE O 42 -18.10 -41.65 -3.83
N ARG O 43 -17.93 -42.88 -4.31
CA ARG O 43 -17.97 -44.06 -3.46
C ARG O 43 -16.56 -44.44 -3.04
N LEU O 44 -16.27 -44.30 -1.75
CA LEU O 44 -14.96 -44.69 -1.24
C LEU O 44 -14.86 -46.18 -0.98
N SER O 45 -15.95 -46.83 -0.59
CA SER O 45 -15.95 -48.26 -0.36
C SER O 45 -17.38 -48.76 -0.49
N SER O 46 -17.59 -50.00 -0.07
CA SER O 46 -18.90 -50.61 -0.13
C SER O 46 -19.82 -50.06 0.96
N ASN O 47 -19.25 -49.24 1.86
CA ASN O 47 -20.06 -48.67 2.93
C ASN O 47 -19.73 -47.20 3.20
N THR O 48 -19.08 -46.50 2.28
CA THR O 48 -18.65 -45.12 2.52
C THR O 48 -18.92 -44.28 1.28
N LEU O 49 -19.30 -43.03 1.51
CA LEU O 49 -19.44 -42.04 0.45
C LEU O 49 -18.74 -40.76 0.89
N ILE O 50 -18.07 -40.11 -0.05
CA ILE O 50 -17.43 -38.82 0.19
C ILE O 50 -18.03 -37.81 -0.79
N SER O 51 -18.56 -36.72 -0.25
CA SER O 51 -19.04 -35.61 -1.04
C SER O 51 -18.16 -34.40 -0.76
N LEU O 52 -17.84 -33.64 -1.80
CA LEU O 52 -16.87 -32.56 -1.71
C LEU O 52 -17.49 -31.27 -2.21
N SER O 53 -16.92 -30.16 -1.74
CA SER O 53 -17.28 -28.84 -2.22
C SER O 53 -16.04 -27.96 -2.19
N GLY O 54 -16.08 -26.89 -2.96
CA GLY O 54 -14.93 -26.01 -3.12
C GLY O 54 -14.37 -26.06 -4.52
N GLU O 55 -13.10 -25.67 -4.63
CA GLU O 55 -12.46 -25.62 -5.93
C GLU O 55 -12.50 -27.01 -6.56
N ILE O 56 -13.00 -27.07 -7.80
CA ILE O 56 -13.19 -28.37 -8.45
C ILE O 56 -11.86 -29.03 -8.74
N SER O 57 -10.82 -28.26 -9.08
CA SER O 57 -9.51 -28.85 -9.32
C SER O 57 -8.97 -29.50 -8.06
N ASP O 58 -9.13 -28.85 -6.91
CA ASP O 58 -8.73 -29.45 -5.64
C ASP O 58 -9.58 -30.67 -5.31
N ILE O 59 -10.87 -30.63 -5.64
CA ILE O 59 -11.72 -31.80 -5.43
C ILE O 59 -11.18 -32.98 -6.24
N GLN O 60 -10.85 -32.75 -7.49
CA GLN O 60 -10.35 -33.82 -8.34
C GLN O 60 -9.01 -34.33 -7.85
N PHE O 61 -8.12 -33.42 -7.44
CA PHE O 61 -6.84 -33.85 -6.88
C PHE O 61 -7.03 -34.71 -5.64
N LEU O 62 -7.89 -34.26 -4.72
CA LEU O 62 -8.10 -35.02 -3.48
C LEU O 62 -8.69 -36.38 -3.76
N MET O 63 -9.67 -36.45 -4.67
CA MET O 63 -10.25 -37.75 -4.99
C MET O 63 -9.26 -38.63 -5.72
N ASN O 64 -8.35 -38.06 -6.50
CA ASN O 64 -7.31 -38.84 -7.14
C ASN O 64 -6.37 -39.45 -6.11
N GLU O 65 -5.95 -38.66 -5.12
CA GLU O 65 -5.12 -39.21 -4.06
C GLU O 65 -5.87 -40.28 -3.27
N LEU O 66 -7.15 -40.05 -2.98
CA LEU O 66 -7.92 -41.03 -2.24
C LEU O 66 -8.08 -42.33 -3.03
N ASN O 67 -8.29 -42.23 -4.33
CA ASN O 67 -8.39 -43.43 -5.16
C ASN O 67 -7.06 -44.17 -5.21
N LYS O 68 -5.95 -43.44 -5.32
CA LYS O 68 -4.65 -44.10 -5.28
C LYS O 68 -4.45 -44.84 -3.98
N LEU O 69 -4.78 -44.19 -2.85
CA LEU O 69 -4.64 -44.84 -1.55
C LEU O 69 -5.55 -46.06 -1.45
N ASN O 70 -6.77 -45.94 -1.97
CA ASN O 70 -7.72 -47.05 -1.91
C ASN O 70 -7.22 -48.25 -2.70
N GLU O 71 -6.65 -48.02 -3.89
CA GLU O 71 -6.17 -49.13 -4.70
C GLU O 71 -4.80 -49.64 -4.22
N SER O 72 -4.09 -48.84 -3.42
CA SER O 72 -2.74 -49.23 -3.02
C SER O 72 -2.77 -50.22 -1.87
N ASP O 73 -3.32 -49.83 -0.72
CA ASP O 73 -3.22 -50.70 0.43
C ASP O 73 -4.18 -51.89 0.31
N PRO O 74 -3.81 -53.04 0.86
CA PRO O 74 -4.68 -54.23 0.74
C PRO O 74 -5.70 -54.39 1.85
N VAL O 75 -5.78 -53.44 2.78
CA VAL O 75 -6.62 -53.56 3.97
C VAL O 75 -7.80 -52.59 3.82
N LYS O 76 -9.00 -53.11 4.01
CA LYS O 76 -10.21 -52.29 3.97
C LYS O 76 -10.13 -51.21 5.05
N MET O 77 -11.00 -50.21 4.92
CA MET O 77 -11.09 -49.12 5.88
C MET O 77 -12.55 -48.87 6.24
N SER O 78 -12.79 -48.58 7.52
CA SER O 78 -14.08 -48.13 7.95
C SER O 78 -14.25 -46.65 7.63
N PRO O 79 -15.48 -46.14 7.66
CA PRO O 79 -15.66 -44.71 7.36
C PRO O 79 -14.82 -43.79 8.22
N ARG O 80 -14.60 -44.15 9.50
CA ARG O 80 -13.71 -43.34 10.33
C ARG O 80 -12.27 -43.45 9.87
N GLY O 81 -11.88 -44.57 9.27
CA GLY O 81 -10.56 -44.65 8.68
C GLY O 81 -10.38 -43.65 7.56
N TYR O 82 -11.37 -43.55 6.67
CA TYR O 82 -11.33 -42.55 5.61
C TYR O 82 -11.39 -41.15 6.18
N LEU O 83 -12.17 -40.93 7.24
CA LEU O 83 -12.22 -39.63 7.87
C LEU O 83 -10.85 -39.22 8.38
N ASN O 84 -10.16 -40.13 9.07
CA ASN O 84 -8.83 -39.84 9.57
C ASN O 84 -7.86 -39.59 8.43
N LEU O 85 -7.93 -40.40 7.36
CA LEU O 85 -7.03 -40.22 6.23
C LEU O 85 -7.22 -38.86 5.58
N VAL O 86 -8.48 -38.48 5.32
CA VAL O 86 -8.76 -37.22 4.65
C VAL O 86 -8.41 -36.05 5.55
N GLN O 87 -8.69 -36.16 6.85
CA GLN O 87 -8.31 -35.11 7.78
C GLN O 87 -6.80 -34.93 7.80
N GLY O 88 -6.04 -36.03 7.80
CA GLY O 88 -4.60 -35.91 7.76
C GLY O 88 -4.11 -35.27 6.48
N ILE O 89 -4.69 -35.65 5.35
CA ILE O 89 -4.28 -35.06 4.06
C ILE O 89 -4.52 -33.56 4.08
N LEU O 90 -5.74 -33.14 4.45
CA LEU O 90 -6.08 -31.73 4.42
C LEU O 90 -5.27 -30.94 5.43
N TYR O 91 -5.07 -31.48 6.63
CA TYR O 91 -4.29 -30.76 7.63
C TYR O 91 -2.83 -30.64 7.22
N ASN O 92 -2.26 -31.68 6.59
CA ASN O 92 -0.90 -31.58 6.09
C ASN O 92 -0.80 -30.52 5.01
N LYS O 93 -1.77 -30.50 4.09
CA LYS O 93 -1.76 -29.48 3.05
C LYS O 93 -1.82 -28.09 3.66
N ARG O 94 -2.70 -27.89 4.65
CA ARG O 94 -2.81 -26.60 5.30
C ARG O 94 -1.50 -26.22 5.99
N SER O 95 -0.88 -27.16 6.70
CA SER O 95 0.32 -26.86 7.46
C SER O 95 1.53 -26.66 6.56
N ARG O 96 1.49 -27.13 5.32
CA ARG O 96 2.49 -26.77 4.34
C ARG O 96 2.14 -25.47 3.61
N VAL O 97 1.20 -24.69 4.14
CA VAL O 97 0.71 -23.45 3.54
C VAL O 97 0.48 -23.62 2.04
N GLU O 98 -0.02 -24.79 1.65
CA GLU O 98 -0.52 -25.03 0.29
C GLU O 98 -1.88 -25.72 0.38
N PRO O 99 -2.87 -25.04 0.93
CA PRO O 99 -4.13 -25.73 1.26
C PRO O 99 -4.96 -26.02 0.03
N LEU O 100 -5.81 -27.04 0.16
CA LEU O 100 -6.82 -27.33 -0.85
C LEU O 100 -8.08 -26.54 -0.52
N ASN O 101 -8.57 -25.75 -1.47
CA ASN O 101 -9.79 -24.98 -1.27
C ASN O 101 -11.01 -25.90 -1.42
N VAL O 102 -11.01 -26.96 -0.60
CA VAL O 102 -12.02 -28.01 -0.68
C VAL O 102 -12.48 -28.35 0.73
N SER O 103 -13.77 -28.59 0.87
CA SER O 103 -14.36 -29.05 2.12
C SER O 103 -15.23 -30.26 1.80
N VAL O 104 -15.08 -31.34 2.57
CA VAL O 104 -15.65 -32.63 2.22
C VAL O 104 -16.47 -33.16 3.38
N SER O 105 -17.36 -34.09 3.07
CA SER O 105 -18.14 -34.81 4.07
C SER O 105 -18.02 -36.31 3.81
N ILE O 106 -17.47 -37.03 4.77
CA ILE O 106 -17.39 -38.49 4.72
C ILE O 106 -18.58 -39.06 5.46
N VAL O 107 -19.33 -39.93 4.81
CA VAL O 107 -20.46 -40.61 5.42
C VAL O 107 -20.37 -42.09 5.12
N GLY O 108 -20.68 -42.91 6.12
CA GLY O 108 -20.65 -44.34 5.93
C GLY O 108 -21.23 -45.04 7.13
N VAL O 109 -21.39 -46.36 6.97
CA VAL O 109 -21.92 -47.24 8.00
C VAL O 109 -20.96 -48.39 8.20
N ASP O 110 -20.63 -48.69 9.45
CA ASP O 110 -19.85 -49.89 9.79
C ASP O 110 -20.53 -50.57 10.97
N ASP O 111 -20.84 -51.85 10.78
CA ASP O 111 -21.46 -52.69 11.82
C ASP O 111 -22.44 -51.88 12.67
N ASP O 112 -23.39 -51.22 11.99
CA ASP O 112 -24.45 -50.43 12.60
C ASP O 112 -23.95 -49.17 13.30
N ASP O 113 -22.70 -48.78 13.07
CA ASP O 113 -22.23 -47.47 13.50
C ASP O 113 -22.25 -46.51 12.31
N PHE O 114 -22.88 -45.36 12.50
CA PHE O 114 -23.14 -44.42 11.41
C PHE O 114 -22.23 -43.21 11.57
N LEU O 115 -21.48 -42.91 10.51
CA LEU O 115 -20.58 -41.78 10.51
C LEU O 115 -21.13 -40.68 9.63
N VAL O 116 -21.19 -39.46 10.17
CA VAL O 116 -21.45 -38.25 9.40
C VAL O 116 -20.45 -37.21 9.86
N SER O 117 -19.47 -36.92 9.01
CA SER O 117 -18.33 -36.09 9.40
C SER O 117 -18.07 -35.04 8.34
N CYS O 118 -17.40 -33.97 8.75
CA CYS O 118 -17.03 -32.87 7.88
C CYS O 118 -15.56 -32.54 8.10
N VAL O 119 -14.88 -32.16 7.02
CA VAL O 119 -13.50 -31.68 7.07
C VAL O 119 -13.38 -30.48 6.16
N ASN O 120 -12.85 -29.38 6.68
CA ASN O 120 -12.71 -28.15 5.92
C ASN O 120 -11.28 -28.00 5.40
N HIS O 121 -11.05 -26.95 4.62
CA HIS O 121 -9.77 -26.78 3.94
C HIS O 121 -8.60 -26.72 4.91
N LEU O 122 -8.82 -26.34 6.16
CA LEU O 122 -7.74 -26.22 7.13
C LEU O 122 -7.43 -27.52 7.84
N GLY O 123 -8.15 -28.59 7.53
CA GLY O 123 -7.99 -29.83 8.27
C GLY O 123 -8.85 -29.91 9.51
N ASN O 124 -9.55 -28.84 9.86
CA ASN O 124 -10.51 -28.92 10.95
C ASN O 124 -11.60 -29.90 10.59
N PHE O 125 -12.08 -30.64 11.59
CA PHE O 125 -13.07 -31.68 11.35
C PHE O 125 -14.00 -31.79 12.54
N TYR O 126 -15.20 -32.30 12.27
CA TYR O 126 -16.16 -32.58 13.32
C TYR O 126 -17.12 -33.63 12.80
N GLU O 127 -17.87 -34.22 13.74
CA GLU O 127 -18.86 -35.25 13.42
C GLU O 127 -20.17 -34.87 14.06
N ASP O 128 -21.25 -34.99 13.30
CA ASP O 128 -22.57 -34.62 13.80
C ASP O 128 -23.62 -35.31 12.94
N ASN O 129 -24.85 -35.35 13.45
CA ASN O 129 -25.93 -36.00 12.71
C ASN O 129 -26.31 -35.25 11.45
N ILE O 130 -26.12 -33.93 11.42
CA ILE O 130 -26.30 -33.12 10.21
C ILE O 130 -25.07 -32.26 10.04
N VAL O 131 -24.36 -32.43 8.93
CA VAL O 131 -23.21 -31.61 8.59
C VAL O 131 -23.45 -31.01 7.21
N CYS O 132 -23.26 -29.69 7.11
CA CYS O 132 -23.40 -28.96 5.87
C CYS O 132 -22.13 -28.18 5.61
N THR O 133 -21.85 -27.94 4.33
CA THR O 133 -20.59 -27.33 3.91
C THR O 133 -20.87 -26.09 3.08
N GLY O 134 -20.15 -25.01 3.36
CA GLY O 134 -20.32 -23.78 2.61
C GLY O 134 -21.51 -22.97 3.09
N LEU O 135 -22.07 -22.18 2.17
CA LEU O 135 -23.26 -21.40 2.51
C LEU O 135 -24.42 -22.27 2.95
N SER O 136 -24.39 -23.55 2.58
CA SER O 136 -25.33 -24.50 3.17
C SER O 136 -25.24 -24.48 4.68
N ASN O 137 -24.02 -24.34 5.22
CA ASN O 137 -23.84 -24.34 6.66
C ASN O 137 -24.68 -23.26 7.34
N MET O 138 -24.93 -22.15 6.66
CA MET O 138 -25.74 -21.08 7.24
C MET O 138 -27.20 -21.12 6.83
N ILE O 139 -27.52 -21.62 5.64
CA ILE O 139 -28.89 -21.59 5.12
C ILE O 139 -29.61 -22.90 5.40
N ALA O 140 -29.05 -24.03 4.96
CA ALA O 140 -29.77 -25.29 5.03
C ALA O 140 -29.66 -25.92 6.42
N LEU O 141 -28.51 -25.75 7.07
CA LEU O 141 -28.31 -26.40 8.37
C LEU O 141 -29.30 -25.92 9.42
N PRO O 142 -29.54 -24.62 9.59
CA PRO O 142 -30.56 -24.20 10.58
C PRO O 142 -31.93 -24.77 10.28
N PHE O 143 -32.27 -24.93 9.01
CA PHE O 143 -33.57 -25.50 8.65
C PHE O 143 -33.59 -27.00 8.90
N LEU O 144 -32.50 -27.69 8.56
CA LEU O 144 -32.45 -29.14 8.77
C LEU O 144 -32.51 -29.48 10.25
N ARG O 145 -31.83 -28.69 11.09
CA ARG O 145 -31.78 -29.00 12.51
C ARG O 145 -33.14 -28.94 13.17
N THR O 146 -34.12 -28.26 12.57
CA THR O 146 -35.45 -28.20 13.16
C THR O 146 -36.18 -29.54 13.10
N CYS O 147 -35.67 -30.51 12.37
CA CYS O 147 -36.28 -31.82 12.26
C CYS O 147 -35.37 -32.85 12.91
N ASN O 148 -35.94 -33.68 13.79
CA ASN O 148 -35.20 -34.74 14.45
C ASN O 148 -34.94 -35.85 13.44
N VAL O 149 -33.85 -35.70 12.69
CA VAL O 149 -33.57 -36.60 11.58
C VAL O 149 -33.36 -38.02 12.06
N LEU O 150 -32.97 -38.21 13.32
CA LEU O 150 -32.62 -39.53 13.81
C LEU O 150 -33.79 -40.51 13.75
N ASP O 151 -35.03 -40.02 13.63
CA ASP O 151 -36.20 -40.89 13.55
C ASP O 151 -36.86 -40.85 12.18
N LEU O 152 -36.13 -40.47 11.14
CA LEU O 152 -36.68 -40.44 9.80
C LEU O 152 -36.28 -41.70 9.03
N GLU O 153 -37.21 -42.23 8.24
CA GLU O 153 -36.87 -43.30 7.33
C GLU O 153 -36.24 -42.71 6.06
N ARG O 154 -35.81 -43.60 5.16
CA ARG O 154 -35.03 -43.14 4.02
C ARG O 154 -35.82 -42.16 3.16
N ASP O 155 -37.09 -42.46 2.89
CA ASP O 155 -37.88 -41.58 2.04
C ASP O 155 -38.09 -40.21 2.69
N GLU O 156 -38.41 -40.18 3.98
CA GLU O 156 -38.58 -38.89 4.65
C GLU O 156 -37.28 -38.11 4.69
N ALA O 157 -36.16 -38.79 4.94
CA ALA O 157 -34.87 -38.11 4.95
C ALA O 157 -34.55 -37.55 3.59
N ILE O 158 -34.82 -38.30 2.53
CA ILE O 158 -34.56 -37.82 1.18
C ILE O 158 -35.42 -36.61 0.87
N SER O 159 -36.70 -36.66 1.26
CA SER O 159 -37.57 -35.52 1.04
C SER O 159 -37.10 -34.29 1.80
N LEU O 160 -36.66 -34.47 3.04
CA LEU O 160 -36.18 -33.34 3.83
C LEU O 160 -34.92 -32.74 3.20
N VAL O 161 -34.01 -33.59 2.72
CA VAL O 161 -32.81 -33.09 2.08
C VAL O 161 -33.14 -32.38 0.78
N GLU O 162 -34.13 -32.89 0.05
CA GLU O 162 -34.57 -32.21 -1.17
C GLU O 162 -35.15 -30.84 -0.86
N LYS O 163 -35.93 -30.74 0.22
CA LYS O 163 -36.44 -29.44 0.62
C LYS O 163 -35.31 -28.48 0.99
N ALA O 164 -34.32 -28.99 1.72
CA ALA O 164 -33.18 -28.13 2.08
C ALA O 164 -32.44 -27.67 0.83
N MET O 165 -32.26 -28.55 -0.15
CA MET O 165 -31.58 -28.17 -1.38
C MET O 165 -32.42 -27.20 -2.21
N THR O 166 -33.74 -27.31 -2.15
CA THR O 166 -34.59 -26.33 -2.81
C THR O 166 -34.43 -24.96 -2.16
N VAL O 167 -34.36 -24.93 -0.82
CA VAL O 167 -34.10 -23.67 -0.15
C VAL O 167 -32.74 -23.11 -0.55
N MET O 168 -31.75 -23.99 -0.69
CA MET O 168 -30.43 -23.55 -1.14
C MET O 168 -30.50 -22.95 -2.54
N CYS O 169 -31.22 -23.61 -3.45
CA CYS O 169 -31.37 -23.07 -4.80
C CYS O 169 -32.03 -21.70 -4.77
N TYR O 170 -33.08 -21.53 -3.97
CA TYR O 170 -33.74 -20.23 -3.88
C TYR O 170 -32.79 -19.18 -3.34
N ARG O 171 -32.04 -19.49 -2.27
CA ARG O 171 -31.30 -18.49 -1.53
C ARG O 171 -29.79 -18.53 -1.73
N SER O 172 -29.30 -19.29 -2.70
CA SER O 172 -27.88 -19.31 -3.03
C SER O 172 -27.68 -19.05 -4.52
N CYS O 173 -26.67 -18.24 -4.83
CA CYS O 173 -26.38 -17.96 -6.23
C CYS O 173 -25.69 -19.15 -6.89
N ARG O 174 -24.81 -19.84 -6.18
CA ARG O 174 -24.00 -20.90 -6.74
C ARG O 174 -24.66 -22.28 -6.66
N SER O 175 -25.88 -22.38 -6.17
CA SER O 175 -26.56 -23.66 -6.01
C SER O 175 -27.66 -23.77 -7.08
N SER O 176 -27.69 -24.91 -7.77
CA SER O 176 -28.71 -25.15 -8.77
C SER O 176 -29.78 -26.09 -8.23
N ASN O 177 -30.77 -26.36 -9.07
CA ASN O 177 -31.85 -27.28 -8.71
C ASN O 177 -31.60 -28.70 -9.16
N ARG O 178 -30.47 -28.97 -9.82
CA ARG O 178 -30.13 -30.31 -10.28
C ARG O 178 -29.20 -30.92 -9.23
N ILE O 179 -29.75 -31.79 -8.41
CA ILE O 179 -29.03 -32.34 -7.28
C ILE O 179 -28.69 -33.81 -7.54
N GLN O 180 -27.80 -34.35 -6.73
CA GLN O 180 -27.46 -35.76 -6.72
C GLN O 180 -27.43 -36.25 -5.29
N ILE O 181 -28.15 -37.32 -5.00
CA ILE O 181 -28.33 -37.83 -3.65
C ILE O 181 -27.62 -39.17 -3.53
N GLY O 182 -26.73 -39.27 -2.55
CA GLY O 182 -26.06 -40.52 -2.24
C GLY O 182 -26.56 -41.05 -0.90
N VAL O 183 -26.86 -42.34 -0.86
CA VAL O 183 -27.41 -42.99 0.33
C VAL O 183 -26.56 -44.21 0.66
N VAL O 184 -26.29 -44.41 1.94
CA VAL O 184 -25.56 -45.59 2.41
C VAL O 184 -26.32 -46.17 3.60
N GLU O 185 -26.61 -47.47 3.52
CA GLU O 185 -27.22 -48.20 4.61
C GLU O 185 -26.33 -49.37 4.97
N LYS O 186 -26.81 -50.24 5.85
CA LYS O 186 -25.97 -51.33 6.33
C LYS O 186 -25.46 -52.18 5.18
N GLY O 187 -26.36 -52.57 4.26
CA GLY O 187 -26.00 -53.35 3.10
C GLY O 187 -26.20 -52.67 1.78
N LEU O 188 -26.16 -51.34 1.73
CA LEU O 188 -26.44 -50.60 0.51
C LEU O 188 -25.59 -49.35 0.44
N VAL O 189 -25.04 -49.09 -0.74
CA VAL O 189 -24.47 -47.79 -1.08
C VAL O 189 -25.01 -47.41 -2.46
N ASP O 190 -25.68 -46.26 -2.52
CA ASP O 190 -26.36 -45.86 -3.74
C ASP O 190 -26.09 -44.39 -4.01
N ILE O 191 -25.80 -44.07 -5.27
CA ILE O 191 -25.65 -42.70 -5.73
C ILE O 191 -26.58 -42.54 -6.93
N SER O 192 -27.64 -41.75 -6.76
CA SER O 192 -28.65 -41.63 -7.80
C SER O 192 -28.11 -40.83 -8.98
N ASP O 193 -28.74 -41.03 -10.13
CA ASP O 193 -28.50 -40.14 -11.26
C ASP O 193 -29.00 -38.75 -10.91
N PRO O 194 -28.26 -37.70 -11.24
CA PRO O 194 -28.70 -36.35 -10.88
C PRO O 194 -30.06 -36.04 -11.45
N TYR O 195 -30.91 -35.43 -10.62
CA TYR O 195 -32.27 -35.09 -11.01
C TYR O 195 -32.59 -33.69 -10.52
N VAL O 196 -33.60 -33.09 -11.15
CA VAL O 196 -33.89 -31.67 -11.00
C VAL O 196 -35.03 -31.51 -10.00
N LEU O 197 -34.83 -30.62 -9.03
CA LEU O 197 -35.87 -30.31 -8.07
C LEU O 197 -36.94 -29.45 -8.73
N ASN O 198 -38.15 -29.51 -8.20
CA ASN O 198 -39.28 -28.73 -8.72
C ASN O 198 -39.50 -27.54 -7.79
N THR O 199 -39.36 -26.33 -8.34
CA THR O 199 -39.54 -25.11 -7.57
C THR O 199 -40.95 -24.55 -7.81
N ASP O 200 -41.29 -23.52 -7.03
CA ASP O 200 -42.60 -22.90 -7.07
C ASP O 200 -42.57 -21.45 -7.53
N TRP O 201 -41.79 -20.59 -6.86
CA TRP O 201 -41.69 -19.17 -7.17
C TRP O 201 -43.06 -18.49 -7.25
N GLN O 202 -44.06 -18.98 -6.52
CA GLN O 202 -45.42 -18.44 -6.61
C GLN O 202 -45.67 -17.27 -5.67
N VAL O 203 -44.71 -16.93 -4.81
CA VAL O 203 -44.95 -15.88 -3.83
C VAL O 203 -45.06 -14.51 -4.47
N GLY O 204 -44.22 -14.23 -5.47
CA GLY O 204 -44.20 -12.93 -6.10
C GLY O 204 -45.19 -12.74 -7.24
N HIS O 205 -46.18 -13.62 -7.34
CA HIS O 205 -47.12 -13.55 -8.46
C HIS O 205 -47.89 -12.25 -8.48
N ASN O 206 -48.24 -11.71 -7.30
CA ASN O 206 -49.05 -10.51 -7.22
C ASN O 206 -50.42 -10.73 -7.85
N GLU O 207 -51.28 -9.71 -7.82
CA GLU O 207 -52.67 -9.90 -8.19
C GLU O 207 -52.93 -9.68 -9.68
N GLU O 208 -52.26 -8.71 -10.30
CA GLU O 208 -52.63 -8.22 -11.63
C GLU O 208 -51.45 -8.28 -12.59
N GLU O 209 -50.75 -9.41 -12.61
CA GLU O 209 -49.73 -9.70 -13.60
C GLU O 209 -50.14 -10.94 -14.38
N ILE O 210 -50.17 -10.82 -15.71
CA ILE O 210 -50.63 -11.91 -16.56
C ILE O 210 -49.59 -13.02 -16.55
N VAL O 211 -49.88 -14.10 -15.84
CA VAL O 211 -48.98 -15.25 -15.83
C VAL O 211 -48.88 -15.80 -17.24
N LEU O 212 -47.64 -15.93 -17.74
CA LEU O 212 -47.40 -16.31 -19.12
C LEU O 212 -47.11 -17.81 -19.23
N THR P 22 -9.78 -13.25 -27.47
CA THR P 22 -9.88 -14.64 -27.99
C THR P 22 -11.30 -15.16 -28.00
N THR P 23 -11.59 -16.01 -28.99
CA THR P 23 -12.82 -16.78 -29.04
C THR P 23 -12.48 -18.15 -29.60
N ILE P 24 -12.30 -19.13 -28.73
CA ILE P 24 -12.01 -20.50 -29.13
C ILE P 24 -13.26 -21.33 -28.89
N MET P 25 -13.55 -22.22 -29.84
CA MET P 25 -14.78 -22.98 -29.81
C MET P 25 -14.48 -24.42 -30.23
N ALA P 26 -15.21 -25.36 -29.64
CA ALA P 26 -15.07 -26.76 -29.95
C ALA P 26 -16.42 -27.44 -29.86
N VAL P 27 -16.84 -28.07 -30.95
CA VAL P 27 -18.12 -28.74 -31.00
C VAL P 27 -17.91 -30.14 -31.56
N LYS P 28 -18.51 -31.13 -30.89
CA LYS P 28 -18.47 -32.51 -31.34
C LYS P 28 -19.72 -32.80 -32.15
N TYR P 29 -19.54 -33.30 -33.37
CA TYR P 29 -20.63 -33.50 -34.31
C TYR P 29 -20.63 -34.94 -34.78
N ALA P 30 -21.43 -35.21 -35.83
CA ALA P 30 -21.79 -36.58 -36.19
C ALA P 30 -20.59 -37.50 -36.32
N ASP P 31 -19.48 -37.04 -36.90
CA ASP P 31 -18.37 -37.94 -37.19
C ASP P 31 -17.00 -37.38 -36.81
N GLY P 32 -16.92 -36.46 -35.86
CA GLY P 32 -15.61 -35.98 -35.44
C GLY P 32 -15.74 -34.71 -34.61
N ILE P 33 -14.62 -33.99 -34.53
CA ILE P 33 -14.53 -32.75 -33.77
C ILE P 33 -14.34 -31.60 -34.73
N LEU P 34 -14.97 -30.47 -34.43
CA LEU P 34 -14.80 -29.24 -35.18
C LEU P 34 -14.44 -28.13 -34.20
N ILE P 35 -13.27 -27.54 -34.37
CA ILE P 35 -12.79 -26.48 -33.51
C ILE P 35 -12.67 -25.21 -34.34
N GLY P 36 -13.15 -24.11 -33.77
CA GLY P 36 -13.06 -22.82 -34.42
C GLY P 36 -12.38 -21.83 -33.51
N ALA P 37 -11.73 -20.84 -34.13
CA ALA P 37 -11.05 -19.80 -33.38
C ALA P 37 -10.88 -18.57 -34.24
N ASP P 38 -10.69 -17.43 -33.59
CA ASP P 38 -10.34 -16.21 -34.29
C ASP P 38 -8.83 -16.12 -34.49
N CYS P 39 -8.39 -15.02 -35.11
CA CYS P 39 -6.99 -14.83 -35.42
C CYS P 39 -6.35 -13.70 -34.63
N ARG P 40 -7.13 -12.79 -34.05
CA ARG P 40 -6.58 -11.62 -33.40
C ARG P 40 -5.83 -12.00 -32.13
N THR P 41 -4.61 -11.49 -31.99
CA THR P 41 -3.90 -11.44 -30.73
C THR P 41 -3.52 -10.00 -30.44
N SER P 42 -3.68 -9.58 -29.19
CA SER P 42 -3.63 -8.17 -28.85
C SER P 42 -2.89 -7.96 -27.54
N MET P 43 -2.34 -6.76 -27.39
CA MET P 43 -1.90 -6.27 -26.08
C MET P 43 -2.48 -4.88 -25.91
N GLY P 44 -3.45 -4.74 -25.00
CA GLY P 44 -4.11 -3.47 -24.84
C GLY P 44 -5.07 -3.19 -25.98
N THR P 45 -5.06 -1.95 -26.46
CA THR P 45 -5.87 -1.57 -27.60
C THR P 45 -5.20 -1.89 -28.94
N TYR P 46 -3.97 -2.39 -28.91
CA TYR P 46 -3.22 -2.67 -30.12
C TYR P 46 -3.24 -4.15 -30.45
N VAL P 47 -3.51 -4.45 -31.72
CA VAL P 47 -3.51 -5.81 -32.24
C VAL P 47 -2.08 -6.11 -32.67
N SER P 48 -1.34 -6.82 -31.82
CA SER P 48 0.04 -7.14 -32.15
C SER P 48 0.15 -8.00 -33.40
N SER P 49 -0.77 -8.94 -33.60
CA SER P 49 -0.83 -9.69 -34.84
C SER P 49 -2.29 -10.04 -35.10
N ARG P 50 -2.63 -10.17 -36.38
CA ARG P 50 -3.98 -10.51 -36.80
C ARG P 50 -4.03 -11.77 -37.65
N PHE P 51 -3.01 -12.61 -37.57
CA PHE P 51 -3.00 -13.90 -38.27
C PHE P 51 -2.56 -15.03 -37.35
N THR P 52 -2.61 -14.82 -36.04
CA THR P 52 -2.13 -15.81 -35.09
C THR P 52 -2.95 -17.10 -35.23
N ASP P 53 -2.26 -18.23 -35.22
CA ASP P 53 -2.93 -19.53 -35.27
C ASP P 53 -3.15 -20.01 -33.84
N LYS P 54 -4.41 -20.10 -33.45
CA LYS P 54 -4.75 -20.52 -32.09
C LYS P 54 -5.03 -22.00 -31.99
N LEU P 55 -5.29 -22.67 -33.11
CA LEU P 55 -5.47 -24.12 -33.13
C LEU P 55 -4.09 -24.76 -33.15
N THR P 56 -3.59 -25.10 -31.96
CA THR P 56 -2.26 -25.67 -31.82
C THR P 56 -2.36 -27.18 -31.97
N LYS P 57 -1.59 -27.74 -32.90
CA LYS P 57 -1.57 -29.18 -33.11
C LYS P 57 -0.73 -29.85 -32.03
N ILE P 58 -1.35 -30.73 -31.25
CA ILE P 58 -0.62 -31.56 -30.31
C ILE P 58 -0.08 -32.81 -31.01
N SER P 59 -0.92 -33.44 -31.83
CA SER P 59 -0.49 -34.52 -32.69
C SER P 59 -1.38 -34.50 -33.93
N ASP P 60 -1.18 -35.47 -34.81
CA ASP P 60 -1.93 -35.50 -36.07
C ASP P 60 -3.42 -35.65 -35.82
N ASN P 61 -3.80 -36.11 -34.64
CA ASN P 61 -5.20 -36.35 -34.32
C ASN P 61 -5.68 -35.59 -33.10
N ILE P 62 -4.83 -34.78 -32.46
CA ILE P 62 -5.20 -34.03 -31.28
C ILE P 62 -4.85 -32.57 -31.52
N TYR P 63 -5.80 -31.68 -31.24
CA TYR P 63 -5.60 -30.24 -31.39
C TYR P 63 -5.97 -29.54 -30.09
N CYS P 64 -5.22 -28.51 -29.75
CA CYS P 64 -5.40 -27.75 -28.52
C CYS P 64 -5.71 -26.30 -28.87
N CYS P 65 -6.80 -25.77 -28.30
CA CYS P 65 -7.14 -24.37 -28.43
C CYS P 65 -6.68 -23.66 -27.16
N ARG P 66 -5.63 -22.87 -27.27
CA ARG P 66 -5.00 -22.25 -26.11
C ARG P 66 -5.73 -20.98 -25.71
N SER P 67 -5.92 -20.80 -24.40
CA SER P 67 -6.46 -19.57 -23.86
C SER P 67 -5.83 -19.32 -22.49
N GLY P 68 -5.55 -18.06 -22.22
CA GLY P 68 -4.82 -17.68 -21.01
C GLY P 68 -3.54 -16.97 -21.35
N SER P 69 -2.53 -17.10 -20.49
CA SER P 69 -1.23 -16.49 -20.77
C SER P 69 -0.64 -17.10 -22.03
N ALA P 70 -0.20 -16.22 -22.95
CA ALA P 70 0.31 -16.70 -24.23
C ALA P 70 1.57 -17.55 -24.03
N ALA P 71 2.47 -17.10 -23.16
CA ALA P 71 3.73 -17.82 -22.95
C ALA P 71 3.50 -19.13 -22.21
N ASP P 72 2.61 -19.13 -21.21
CA ASP P 72 2.41 -20.33 -20.41
C ASP P 72 1.66 -21.40 -21.19
N THR P 73 0.63 -21.03 -21.92
CA THR P 73 -0.10 -22.02 -22.71
C THR P 73 0.78 -22.63 -23.79
N GLN P 74 1.67 -21.84 -24.37
CA GLN P 74 2.62 -22.39 -25.34
C GLN P 74 3.57 -23.37 -24.67
N ALA P 75 4.01 -23.04 -23.45
CA ALA P 75 4.91 -23.94 -22.73
C ALA P 75 4.26 -25.29 -22.49
N ILE P 76 2.99 -25.28 -22.08
CA ILE P 76 2.28 -26.53 -21.81
C ILE P 76 2.14 -27.35 -23.08
N THR P 77 1.64 -26.71 -24.14
CA THR P 77 1.39 -27.46 -25.38
C THR P 77 2.67 -27.99 -25.99
N GLN P 78 3.80 -27.34 -25.73
CA GLN P 78 5.08 -27.89 -26.17
C GLN P 78 5.42 -29.16 -25.41
N TYR P 79 5.13 -29.18 -24.11
CA TYR P 79 5.39 -30.36 -23.31
C TYR P 79 4.38 -31.46 -23.58
N ILE P 80 3.10 -31.12 -23.71
CA ILE P 80 2.09 -32.12 -23.98
C ILE P 80 2.34 -32.80 -25.32
N THR P 81 2.98 -32.08 -26.25
CA THR P 81 3.24 -32.65 -27.56
C THR P 81 4.16 -33.87 -27.45
N GLU P 82 5.21 -33.77 -26.65
CA GLU P 82 6.16 -34.87 -26.52
C GLU P 82 5.65 -35.95 -25.57
N LEU P 83 4.92 -35.57 -24.53
CA LEU P 83 4.37 -36.56 -23.61
C LEU P 83 3.39 -37.48 -24.31
N VAL P 84 2.51 -36.92 -25.13
CA VAL P 84 1.50 -37.75 -25.79
C VAL P 84 2.15 -38.64 -26.84
N GLN P 85 3.20 -38.17 -27.51
CA GLN P 85 3.92 -39.02 -28.44
C GLN P 85 4.69 -40.11 -27.71
N ARG P 86 5.39 -39.74 -26.64
CA ARG P 86 6.12 -40.70 -25.83
C ARG P 86 5.24 -41.89 -25.45
N SER P 87 4.15 -41.62 -24.74
CA SER P 87 3.28 -42.70 -24.29
C SER P 87 2.67 -43.45 -25.46
N SER P 88 2.46 -42.75 -26.59
CA SER P 88 1.87 -43.41 -27.75
C SER P 88 2.76 -44.53 -28.24
N PHE P 89 4.07 -44.32 -28.26
CA PHE P 89 4.99 -45.35 -28.76
C PHE P 89 5.38 -46.34 -27.68
N ILE P 90 5.35 -45.96 -26.41
CA ILE P 90 5.44 -46.94 -25.34
C ILE P 90 4.25 -47.88 -25.38
N ASP P 91 3.06 -47.31 -25.57
CA ASP P 91 1.84 -48.12 -25.62
C ASP P 91 1.70 -48.84 -26.96
N LYS P 92 2.29 -48.28 -28.02
CA LYS P 92 2.12 -48.81 -29.37
C LYS P 92 0.68 -48.68 -29.85
N GLU P 93 0.11 -47.48 -29.74
CA GLU P 93 -1.21 -47.20 -30.27
C GLU P 93 -1.33 -45.71 -30.53
N ILE P 94 -2.43 -45.34 -31.17
CA ILE P 94 -2.66 -43.95 -31.60
C ILE P 94 -2.64 -43.04 -30.38
N PRO P 95 -2.11 -41.83 -30.47
CA PRO P 95 -2.08 -40.95 -29.29
C PRO P 95 -3.46 -40.74 -28.71
N SER P 96 -3.53 -40.70 -27.38
CA SER P 96 -4.81 -40.59 -26.68
C SER P 96 -5.05 -39.14 -26.28
N VAL P 97 -6.15 -38.57 -26.79
CA VAL P 97 -6.52 -37.22 -26.41
C VAL P 97 -6.79 -37.14 -24.91
N LYS P 98 -7.28 -38.22 -24.32
CA LYS P 98 -7.48 -38.25 -22.87
C LYS P 98 -6.16 -38.08 -22.13
N LYS P 99 -5.12 -38.77 -22.59
CA LYS P 99 -3.82 -38.68 -21.93
C LYS P 99 -3.22 -37.29 -22.10
N ALA P 100 -3.40 -36.68 -23.27
CA ALA P 100 -2.91 -35.32 -23.48
C ALA P 100 -3.62 -34.35 -22.56
N ALA P 101 -4.94 -34.52 -22.41
CA ALA P 101 -5.70 -33.65 -21.52
C ALA P 101 -5.25 -33.81 -20.07
N MET P 102 -5.09 -35.06 -19.63
CA MET P 102 -4.61 -35.31 -18.27
C MET P 102 -3.21 -34.74 -18.08
N ALA P 103 -2.32 -34.95 -19.03
CA ALA P 103 -0.97 -34.41 -18.91
C ALA P 103 -1.00 -32.90 -18.79
N ALA P 104 -1.92 -32.25 -19.51
CA ALA P 104 -2.08 -30.80 -19.38
C ALA P 104 -2.58 -30.44 -17.99
N LYS P 105 -3.49 -31.23 -17.43
CA LYS P 105 -4.08 -30.91 -16.14
C LYS P 105 -3.04 -30.90 -15.03
N ASP P 106 -2.14 -31.89 -15.03
CA ASP P 106 -1.09 -31.92 -14.01
C ASP P 106 -0.22 -30.67 -14.06
N ILE P 107 0.23 -30.29 -15.24
CA ILE P 107 1.09 -29.11 -15.35
C ILE P 107 0.33 -27.87 -14.93
N ILE P 108 -0.91 -27.72 -15.38
CA ILE P 108 -1.70 -26.56 -15.02
C ILE P 108 -2.01 -26.57 -13.53
N TYR P 109 -2.11 -27.76 -12.93
CA TYR P 109 -2.41 -27.86 -11.50
C TYR P 109 -1.14 -27.71 -10.67
N ARG P 110 -0.07 -28.40 -11.06
CA ARG P 110 1.15 -28.38 -10.26
C ARG P 110 1.77 -26.99 -10.21
N TYR P 111 1.48 -26.14 -11.18
CA TYR P 111 2.13 -24.84 -11.33
C TYR P 111 1.05 -23.75 -11.35
N PRO P 112 0.55 -23.34 -10.19
CA PRO P 112 -0.46 -22.28 -10.16
C PRO P 112 0.01 -20.98 -10.79
N ASN P 113 1.32 -20.72 -10.77
CA ASN P 113 1.83 -19.48 -11.35
C ASN P 113 1.59 -19.40 -12.85
N MET P 114 1.28 -20.52 -13.50
CA MET P 114 1.12 -20.56 -14.95
C MET P 114 -0.36 -20.43 -15.28
N LEU P 115 -0.75 -19.24 -15.75
CA LEU P 115 -2.13 -18.95 -16.11
C LEU P 115 -2.48 -19.57 -17.46
N ALA P 116 -3.04 -20.78 -17.44
CA ALA P 116 -3.31 -21.50 -18.68
C ALA P 116 -4.68 -22.18 -18.61
N GLY P 117 -5.43 -22.09 -19.69
CA GLY P 117 -6.67 -22.80 -19.85
C GLY P 117 -6.82 -23.33 -21.26
N LEU P 118 -7.00 -24.64 -21.42
CA LEU P 118 -6.90 -25.29 -22.71
C LEU P 118 -8.18 -26.05 -23.03
N ILE P 119 -8.56 -26.01 -24.31
CA ILE P 119 -9.51 -26.96 -24.86
C ILE P 119 -8.73 -27.96 -25.71
N ILE P 120 -8.69 -29.21 -25.27
CA ILE P 120 -7.96 -30.26 -25.97
C ILE P 120 -8.99 -31.19 -26.59
N ALA P 121 -9.02 -31.22 -27.92
CA ALA P 121 -10.00 -32.03 -28.64
C ALA P 121 -9.27 -32.82 -29.71
N GLY P 122 -9.68 -34.08 -29.87
CA GLY P 122 -9.01 -34.95 -30.81
C GLY P 122 -9.88 -36.14 -31.16
N TYR P 123 -9.24 -37.14 -31.75
CA TYR P 123 -9.93 -38.34 -32.21
C TYR P 123 -8.97 -39.51 -32.15
N ASP P 124 -9.06 -40.31 -31.09
CA ASP P 124 -8.23 -41.51 -30.99
C ASP P 124 -9.05 -42.73 -31.37
N THR P 125 -10.16 -42.96 -30.67
CA THR P 125 -11.13 -43.99 -31.04
C THR P 125 -12.51 -43.39 -31.24
N LYS P 126 -12.82 -42.33 -30.52
CA LYS P 126 -14.04 -41.55 -30.69
C LYS P 126 -13.70 -40.10 -30.42
N PRO P 127 -14.47 -39.16 -30.97
CA PRO P 127 -14.14 -37.75 -30.74
C PRO P 127 -14.35 -37.38 -29.27
N ARG P 128 -13.40 -36.63 -28.73
CA ARG P 128 -13.46 -36.22 -27.33
C ARG P 128 -13.05 -34.76 -27.21
N ILE P 129 -13.72 -34.04 -26.31
CA ILE P 129 -13.39 -32.66 -25.99
C ILE P 129 -13.12 -32.58 -24.50
N PHE P 130 -11.96 -32.04 -24.13
CA PHE P 130 -11.57 -31.86 -22.74
C PHE P 130 -11.26 -30.39 -22.50
N ASN P 131 -11.87 -29.83 -21.46
CA ASN P 131 -11.70 -28.43 -21.10
C ASN P 131 -10.93 -28.34 -19.79
N ILE P 132 -9.74 -27.75 -19.84
CA ILE P 132 -8.93 -27.52 -18.66
C ILE P 132 -9.06 -26.04 -18.30
N SER P 133 -9.67 -25.76 -17.15
CA SER P 133 -9.83 -24.38 -16.72
C SER P 133 -8.51 -23.84 -16.18
N LEU P 134 -8.56 -22.63 -15.65
CA LEU P 134 -7.35 -21.96 -15.21
C LEU P 134 -6.69 -22.69 -14.05
N GLY P 135 -7.48 -23.21 -13.11
CA GLY P 135 -6.92 -23.89 -11.96
C GLY P 135 -6.64 -25.36 -12.14
N GLY P 136 -6.81 -25.88 -13.36
CA GLY P 136 -6.62 -27.29 -13.60
C GLY P 136 -7.88 -28.11 -13.56
N THR P 137 -9.05 -27.48 -13.59
CA THR P 137 -10.30 -28.21 -13.57
C THR P 137 -10.57 -28.81 -14.93
N MET P 138 -10.55 -30.14 -15.01
CA MET P 138 -10.71 -30.86 -16.26
C MET P 138 -12.09 -31.48 -16.33
N THR P 139 -12.83 -31.16 -17.40
CA THR P 139 -14.15 -31.71 -17.63
C THR P 139 -14.27 -32.15 -19.09
N GLU P 140 -15.00 -33.22 -19.32
CA GLU P 140 -15.31 -33.67 -20.68
C GLU P 140 -16.63 -33.04 -21.11
N ALA P 141 -16.66 -32.56 -22.34
CA ALA P 141 -17.79 -31.79 -22.84
C ALA P 141 -18.16 -32.25 -24.24
N GLU P 142 -19.41 -32.01 -24.61
CA GLU P 142 -19.87 -32.24 -25.97
C GLU P 142 -19.61 -31.05 -26.87
N TRP P 143 -19.67 -29.84 -26.31
CA TRP P 143 -19.24 -28.63 -26.98
C TRP P 143 -18.61 -27.73 -25.92
N GLN P 144 -17.67 -26.89 -26.33
CA GLN P 144 -16.97 -26.05 -25.39
C GLN P 144 -16.53 -24.78 -26.09
N ILE P 145 -16.58 -23.67 -25.37
CA ILE P 145 -16.06 -22.39 -25.84
C ILE P 145 -15.15 -21.81 -24.77
N GLY P 146 -14.28 -20.92 -25.20
CA GLY P 146 -13.32 -20.31 -24.29
C GLY P 146 -12.86 -18.98 -24.84
N GLY P 147 -12.02 -18.32 -24.06
CA GLY P 147 -11.51 -17.02 -24.42
C GLY P 147 -12.39 -15.90 -23.91
N SER P 148 -11.90 -14.67 -24.07
CA SER P 148 -12.64 -13.51 -23.58
C SER P 148 -13.96 -13.36 -24.31
N GLY P 149 -13.98 -13.62 -25.62
CA GLY P 149 -15.19 -13.45 -26.40
C GLY P 149 -16.24 -14.51 -26.19
N SER P 150 -15.91 -15.61 -25.51
CA SER P 150 -16.90 -16.65 -25.26
C SER P 150 -18.01 -16.15 -24.37
N ALA P 151 -17.76 -15.12 -23.56
CA ALA P 151 -18.76 -14.65 -22.62
C ALA P 151 -20.03 -14.20 -23.34
N TYR P 152 -19.91 -13.81 -24.61
CA TYR P 152 -21.03 -13.21 -25.32
C TYR P 152 -21.80 -14.19 -26.19
N ILE P 153 -21.48 -15.49 -26.14
CA ILE P 153 -22.14 -16.45 -27.01
C ILE P 153 -22.59 -17.67 -26.23
N TYR P 154 -22.61 -17.58 -24.90
CA TYR P 154 -23.11 -18.69 -24.10
C TYR P 154 -24.59 -18.93 -24.36
N GLY P 155 -25.37 -17.86 -24.42
CA GLY P 155 -26.77 -18.00 -24.77
C GLY P 155 -26.99 -18.47 -26.19
N LEU P 156 -26.19 -17.95 -27.13
CA LEU P 156 -26.32 -18.37 -28.51
C LEU P 156 -25.94 -19.84 -28.69
N CYS P 157 -24.85 -20.27 -28.04
CA CYS P 157 -24.43 -21.66 -28.15
C CYS P 157 -25.41 -22.59 -27.44
N ASP P 158 -25.97 -22.14 -26.32
CA ASP P 158 -26.91 -22.97 -25.57
C ASP P 158 -28.18 -23.23 -26.39
N THR P 159 -28.73 -22.19 -27.01
CA THR P 159 -29.98 -22.34 -27.75
C THR P 159 -29.77 -23.01 -29.11
N THR P 160 -28.60 -22.82 -29.72
CA THR P 160 -28.38 -23.27 -31.09
C THR P 160 -27.73 -24.64 -31.20
N PHE P 161 -27.12 -25.14 -30.13
CA PHE P 161 -26.44 -26.42 -30.21
C PHE P 161 -27.45 -27.55 -30.38
N LYS P 162 -27.09 -28.53 -31.20
CA LYS P 162 -27.93 -29.69 -31.51
C LYS P 162 -27.07 -30.93 -31.48
N PRO P 163 -27.44 -31.98 -30.74
CA PRO P 163 -26.63 -33.20 -30.75
C PRO P 163 -26.56 -33.82 -32.14
N ASN P 164 -25.41 -34.41 -32.45
CA ASN P 164 -25.21 -35.18 -33.67
C ASN P 164 -25.49 -34.34 -34.92
N MET P 165 -24.86 -33.16 -34.99
CA MET P 165 -24.92 -32.37 -36.21
C MET P 165 -24.09 -33.03 -37.30
N ASN P 166 -24.42 -32.71 -38.56
CA ASN P 166 -23.53 -33.06 -39.66
C ASN P 166 -22.41 -32.03 -39.74
N LEU P 167 -21.48 -32.24 -40.66
CA LEU P 167 -20.35 -31.32 -40.78
C LEU P 167 -20.82 -29.93 -41.18
N GLU P 168 -21.76 -29.84 -42.13
CA GLU P 168 -22.22 -28.54 -42.57
C GLU P 168 -23.03 -27.84 -41.48
N GLU P 169 -23.86 -28.60 -40.78
CA GLU P 169 -24.63 -28.01 -39.69
C GLU P 169 -23.74 -27.52 -38.56
N ALA P 170 -22.72 -28.31 -38.20
CA ALA P 170 -21.80 -27.89 -37.15
C ALA P 170 -20.91 -26.75 -37.61
N LEU P 171 -20.50 -26.77 -38.88
CA LEU P 171 -19.68 -25.68 -39.41
C LEU P 171 -20.43 -24.37 -39.38
N GLU P 172 -21.74 -24.40 -39.70
CA GLU P 172 -22.56 -23.21 -39.57
C GLU P 172 -22.65 -22.77 -38.11
N PHE P 173 -22.80 -23.73 -37.20
CA PHE P 173 -22.93 -23.39 -35.78
C PHE P 173 -21.68 -22.69 -35.27
N VAL P 174 -20.50 -23.25 -35.54
CA VAL P 174 -19.25 -22.59 -35.14
C VAL P 174 -19.12 -21.25 -35.84
N LYS P 175 -19.46 -21.21 -37.13
CA LYS P 175 -19.37 -19.97 -37.90
C LYS P 175 -20.25 -18.89 -37.28
N LEU P 176 -21.47 -19.26 -36.89
CA LEU P 176 -22.39 -18.28 -36.32
C LEU P 176 -21.92 -17.83 -34.95
N ALA P 177 -21.49 -18.76 -34.11
CA ALA P 177 -21.13 -18.43 -32.74
C ALA P 177 -19.88 -17.55 -32.69
N VAL P 178 -18.83 -17.96 -33.39
CA VAL P 178 -17.59 -17.18 -33.35
C VAL P 178 -17.78 -15.84 -34.02
N THR P 179 -18.61 -15.77 -35.06
CA THR P 179 -18.86 -14.49 -35.72
C THR P 179 -19.50 -13.51 -34.76
N CYS P 180 -20.48 -13.97 -33.97
CA CYS P 180 -21.16 -13.07 -33.03
C CYS P 180 -20.28 -12.71 -31.86
N ALA P 181 -19.29 -13.55 -31.53
CA ALA P 181 -18.32 -13.17 -30.51
C ALA P 181 -17.36 -12.13 -31.04
N ILE P 182 -16.97 -12.25 -32.32
CA ILE P 182 -16.07 -11.27 -32.92
C ILE P 182 -16.73 -9.90 -33.00
N LYS P 183 -18.02 -9.87 -33.36
CA LYS P 183 -18.73 -8.60 -33.50
C LYS P 183 -18.91 -7.88 -32.17
N ARG P 184 -18.71 -8.55 -31.04
CA ARG P 184 -18.93 -7.95 -29.73
C ARG P 184 -17.65 -7.82 -28.92
N ASP P 185 -16.78 -8.81 -28.95
CA ASP P 185 -15.55 -8.78 -28.16
C ASP P 185 -14.46 -8.04 -28.93
N ASN P 186 -13.88 -7.03 -28.30
CA ASN P 186 -12.83 -6.26 -28.97
C ASN P 186 -11.54 -7.06 -29.08
N ALA P 187 -11.26 -7.92 -28.12
CA ALA P 187 -10.08 -8.77 -28.18
C ALA P 187 -10.23 -9.91 -29.17
N SER P 188 -11.39 -10.04 -29.82
CA SER P 188 -11.64 -11.08 -30.81
C SER P 188 -11.91 -10.42 -32.15
N GLY P 189 -11.23 -10.90 -33.18
CA GLY P 189 -11.42 -10.35 -34.51
C GLY P 189 -10.66 -11.19 -35.52
N GLY P 190 -10.78 -10.78 -36.78
CA GLY P 190 -10.10 -11.48 -37.85
C GLY P 190 -10.95 -12.62 -38.41
N CYS P 191 -10.32 -13.38 -39.29
CA CYS P 191 -10.99 -14.51 -39.92
C CYS P 191 -11.12 -15.67 -38.93
N ILE P 192 -12.09 -16.54 -39.18
CA ILE P 192 -12.34 -17.67 -38.30
C ILE P 192 -11.57 -18.88 -38.83
N ARG P 193 -10.50 -19.24 -38.13
CA ARG P 193 -9.83 -20.50 -38.40
C ARG P 193 -10.68 -21.64 -37.87
N MET P 194 -10.81 -22.70 -38.67
CA MET P 194 -11.55 -23.88 -38.27
C MET P 194 -10.77 -25.11 -38.67
N ALA P 195 -10.96 -26.19 -37.92
CA ALA P 195 -10.27 -27.45 -38.16
C ALA P 195 -11.16 -28.58 -37.70
N SER P 196 -11.49 -29.49 -38.60
CA SER P 196 -12.32 -30.64 -38.29
C SER P 196 -11.42 -31.88 -38.18
N ILE P 197 -11.28 -32.39 -36.97
CA ILE P 197 -10.56 -33.64 -36.73
C ILE P 197 -11.56 -34.79 -36.82
N THR P 198 -11.31 -35.70 -37.75
CA THR P 198 -12.12 -36.89 -37.92
C THR P 198 -11.22 -38.11 -37.97
N ARG P 199 -11.83 -39.29 -37.98
CA ARG P 199 -11.05 -40.51 -38.10
C ARG P 199 -10.24 -40.53 -39.39
N GLU P 200 -10.73 -39.83 -40.42
CA GLU P 200 -10.05 -39.81 -41.70
C GLU P 200 -8.87 -38.84 -41.72
N GLY P 201 -8.78 -37.94 -40.74
CA GLY P 201 -7.70 -36.98 -40.68
C GLY P 201 -8.23 -35.63 -40.21
N VAL P 202 -7.42 -34.59 -40.46
CA VAL P 202 -7.75 -33.23 -40.08
C VAL P 202 -7.88 -32.39 -41.35
N GLN P 203 -8.97 -31.65 -41.46
CA GLN P 203 -9.22 -30.76 -42.59
C GLN P 203 -9.38 -29.34 -42.05
N ARG P 204 -8.59 -28.41 -42.57
CA ARG P 204 -8.64 -27.03 -42.13
C ARG P 204 -9.63 -26.23 -42.98
N PHE P 205 -10.25 -25.23 -42.34
CA PHE P 205 -11.18 -24.34 -43.02
C PHE P 205 -10.75 -22.91 -42.77
N PHE P 206 -11.49 -21.98 -43.39
CA PHE P 206 -11.11 -20.57 -43.35
C PHE P 206 -12.34 -19.75 -43.71
N TYR P 207 -12.81 -18.93 -42.78
CA TYR P 207 -13.91 -18.01 -43.02
C TYR P 207 -13.35 -16.58 -42.96
N SER P 208 -13.12 -16.00 -44.13
CA SER P 208 -12.42 -14.73 -44.21
C SER P 208 -13.21 -13.63 -43.50
N GLY P 209 -12.46 -12.73 -42.85
CA GLY P 209 -13.07 -11.59 -42.19
C GLY P 209 -13.76 -10.64 -43.15
N ASP P 210 -13.41 -10.70 -44.44
CA ASP P 210 -14.11 -9.91 -45.44
C ASP P 210 -15.61 -10.17 -45.37
N LYS P 211 -16.01 -11.44 -45.35
CA LYS P 211 -17.42 -11.78 -45.22
C LYS P 211 -17.95 -11.39 -43.84
N ILE P 212 -17.17 -11.64 -42.79
CA ILE P 212 -17.63 -11.40 -41.43
C ILE P 212 -17.89 -9.92 -41.21
N LEU P 213 -16.91 -9.08 -41.55
CA LEU P 213 -17.03 -7.65 -41.30
C LEU P 213 -18.04 -6.99 -42.23
N ASN P 214 -17.98 -7.28 -43.54
CA ASN P 214 -18.95 -6.71 -44.46
C ASN P 214 -20.35 -7.21 -44.17
N SER P 215 -20.50 -8.51 -43.94
CA SER P 215 -21.79 -9.11 -43.62
C SER P 215 -22.85 -8.70 -44.64
N MET Q 1 -41.16 57.18 -0.33
CA MET Q 1 -40.16 56.13 -0.68
C MET Q 1 -40.79 54.75 -0.61
N PHE Q 2 -40.30 53.85 -1.46
CA PHE Q 2 -40.79 52.47 -1.45
C PHE Q 2 -40.55 51.83 -0.08
N LEU Q 3 -41.19 50.68 0.12
CA LEU Q 3 -41.14 50.03 1.42
C LEU Q 3 -39.70 49.69 1.80
N ASP Q 4 -39.32 50.05 3.02
CA ASP Q 4 -37.97 49.78 3.52
C ASP Q 4 -37.98 48.44 4.22
N THR Q 5 -37.38 47.42 3.60
CA THR Q 5 -37.36 46.09 4.17
C THR Q 5 -36.55 46.04 5.47
N HIS Q 6 -35.66 47.01 5.69
CA HIS Q 6 -34.82 47.05 6.87
C HIS Q 6 -35.43 47.88 8.00
N LYS Q 7 -36.66 48.36 7.82
CA LYS Q 7 -37.28 49.23 8.81
C LYS Q 7 -37.68 48.43 10.04
N GLN Q 8 -37.55 49.05 11.21
CA GLN Q 8 -38.00 48.46 12.47
C GLN Q 8 -39.45 48.87 12.68
N LEU Q 9 -40.37 47.91 12.46
CA LEU Q 9 -41.79 48.20 12.50
C LEU Q 9 -42.36 48.21 13.91
N THR Q 10 -41.60 47.78 14.91
CA THR Q 10 -42.03 47.81 16.30
C THR Q 10 -41.10 48.75 17.06
N LEU Q 11 -41.68 49.79 17.67
CA LEU Q 11 -40.90 50.83 18.32
C LEU Q 11 -41.67 51.34 19.54
N PHE Q 12 -40.92 51.97 20.44
CA PHE Q 12 -41.55 52.61 21.60
C PHE Q 12 -42.12 53.96 21.18
N THR Q 13 -43.32 54.25 21.67
CA THR Q 13 -43.91 55.57 21.48
C THR Q 13 -43.42 56.52 22.56
N SER Q 14 -43.72 57.81 22.37
CA SER Q 14 -43.37 58.79 23.38
C SER Q 14 -44.10 58.53 24.69
N GLU Q 15 -45.14 57.71 24.68
CA GLU Q 15 -45.84 57.28 25.88
C GLU Q 15 -45.19 56.06 26.53
N GLY Q 16 -43.99 55.69 26.09
CA GLY Q 16 -43.29 54.57 26.70
C GLY Q 16 -43.96 53.23 26.54
N LYS Q 17 -44.50 52.94 25.37
CA LYS Q 17 -45.12 51.64 25.12
C LYS Q 17 -44.98 51.29 23.64
N LEU Q 18 -44.92 49.99 23.36
CA LEU Q 18 -44.77 49.53 21.98
C LEU Q 18 -46.06 49.77 21.20
N ASP Q 19 -45.92 50.35 20.01
CA ASP Q 19 -47.10 50.68 19.22
C ASP Q 19 -47.65 49.46 18.50
N GLN Q 20 -46.81 48.79 17.71
CA GLN Q 20 -47.30 47.69 16.89
C GLN Q 20 -47.71 46.49 17.74
N CYS Q 21 -47.10 46.31 18.91
CA CYS Q 21 -47.44 45.18 19.75
C CYS Q 21 -48.88 45.29 20.26
N ASP Q 22 -49.31 46.51 20.62
CA ASP Q 22 -50.69 46.69 21.06
C ASP Q 22 -51.67 46.44 19.92
N ASN Q 23 -51.32 46.86 18.71
CA ASN Q 23 -52.17 46.54 17.55
C ASN Q 23 -52.25 45.04 17.32
N ALA Q 24 -51.14 44.33 17.49
CA ALA Q 24 -51.16 42.87 17.36
C ALA Q 24 -52.04 42.24 18.42
N LEU Q 25 -51.97 42.75 19.65
CA LEU Q 25 -52.85 42.25 20.71
C LEU Q 25 -54.31 42.51 20.36
N LYS Q 26 -54.60 43.68 19.80
CA LYS Q 26 -55.97 43.99 19.36
C LYS Q 26 -56.42 42.99 18.29
N ALA Q 27 -55.54 42.70 17.34
CA ALA Q 27 -55.88 41.73 16.30
C ALA Q 27 -56.15 40.36 16.90
N ALA Q 28 -55.32 39.94 17.86
CA ALA Q 28 -55.51 38.65 18.50
C ALA Q 28 -56.82 38.59 19.27
N THR Q 29 -57.15 39.65 20.00
CA THR Q 29 -58.34 39.64 20.83
C THR Q 29 -59.63 39.62 20.03
N GLN Q 30 -59.56 39.85 18.72
CA GLN Q 30 -60.76 39.82 17.89
C GLN Q 30 -61.11 38.42 17.41
N GLY Q 31 -60.32 37.42 17.77
CA GLY Q 31 -60.53 36.07 17.27
C GLY Q 31 -61.69 35.37 17.95
N SER Q 32 -61.96 34.15 17.47
CA SER Q 32 -63.06 33.37 18.00
C SER Q 32 -62.82 33.01 19.46
N LEU Q 33 -63.90 32.90 20.21
CA LEU Q 33 -63.81 32.62 21.64
C LEU Q 33 -63.22 31.23 21.87
N SER Q 34 -62.23 31.17 22.76
CA SER Q 34 -61.63 29.92 23.19
C SER Q 34 -61.23 30.04 24.65
N VAL Q 35 -61.57 29.01 25.43
CA VAL Q 35 -61.47 29.08 26.88
C VAL Q 35 -60.72 27.86 27.40
N GLY Q 36 -60.14 28.02 28.58
CA GLY Q 36 -59.50 26.92 29.27
C GLY Q 36 -59.84 26.95 30.74
N CYS Q 37 -59.99 25.75 31.31
CA CYS Q 37 -60.44 25.62 32.70
C CYS Q 37 -59.55 24.58 33.39
N VAL Q 38 -58.65 25.06 34.26
CA VAL Q 38 -57.90 24.14 35.11
C VAL Q 38 -58.83 23.59 36.18
N SER Q 39 -58.58 22.35 36.58
CA SER Q 39 -59.41 21.67 37.57
C SER Q 39 -58.52 21.02 38.62
N GLU Q 40 -59.16 20.51 39.66
CA GLU Q 40 -58.42 19.85 40.74
C GLU Q 40 -57.80 18.53 40.29
N ASN Q 41 -58.21 18.01 39.12
CA ASN Q 41 -57.64 16.75 38.63
C ASN Q 41 -57.37 16.78 37.13
N GLY Q 42 -57.38 17.95 36.50
CA GLY Q 42 -57.11 18.01 35.07
C GLY Q 42 -57.34 19.42 34.54
N VAL Q 43 -57.27 19.54 33.22
CA VAL Q 43 -57.45 20.82 32.54
C VAL Q 43 -58.35 20.60 31.33
N VAL Q 44 -59.26 21.54 31.08
CA VAL Q 44 -60.18 21.49 29.96
C VAL Q 44 -59.87 22.65 29.03
N LEU Q 45 -59.82 22.36 27.73
CA LEU Q 45 -59.60 23.36 26.70
C LEU Q 45 -60.70 23.26 25.66
N ALA Q 46 -61.41 24.35 25.44
CA ALA Q 46 -62.51 24.38 24.49
C ALA Q 46 -62.37 25.60 23.59
N SER Q 47 -62.78 25.45 22.34
CA SER Q 47 -62.66 26.51 21.35
C SER Q 47 -63.87 26.50 20.43
N LEU Q 48 -64.55 27.63 20.34
CA LEU Q 48 -65.60 27.80 19.35
C LEU Q 48 -64.97 27.99 17.97
N LYS Q 49 -65.46 27.24 16.99
CA LYS Q 49 -64.98 27.36 15.61
C LYS Q 49 -66.15 27.70 14.71
N GLU Q 50 -66.11 28.89 14.13
CA GLU Q 50 -67.19 29.36 13.27
C GLU Q 50 -67.14 28.68 11.91
N SER Q 51 -68.28 28.69 11.22
CA SER Q 51 -68.44 28.09 9.91
C SER Q 51 -68.99 29.11 8.93
N ASN Q 52 -68.41 30.30 8.93
CA ASN Q 52 -68.86 31.37 8.03
C ASN Q 52 -68.73 30.97 6.56
N ASN Q 53 -67.89 30.00 6.23
CA ASN Q 53 -67.78 29.43 4.90
C ASN Q 53 -68.34 28.02 4.93
N LEU Q 54 -68.21 27.31 3.80
CA LEU Q 54 -68.62 25.91 3.75
C LEU Q 54 -67.53 25.03 4.32
N VAL Q 55 -67.08 25.34 5.54
CA VAL Q 55 -65.99 24.60 6.15
C VAL Q 55 -66.50 23.25 6.65
N ILE Q 56 -65.71 22.21 6.43
CA ILE Q 56 -66.02 20.88 6.95
C ILE Q 56 -65.62 20.88 8.41
N LEU Q 57 -66.58 21.16 9.31
CA LEU Q 57 -66.27 21.27 10.72
C LEU Q 57 -65.71 19.97 11.29
N SER Q 58 -66.09 18.83 10.72
CA SER Q 58 -65.54 17.56 11.17
C SER Q 58 -64.04 17.46 10.90
N GLU Q 59 -63.57 18.02 9.80
CA GLU Q 59 -62.16 17.97 9.43
C GLU Q 59 -61.38 19.16 9.98
N TYR Q 60 -62.02 20.31 10.09
CA TYR Q 60 -61.35 21.52 10.58
C TYR Q 60 -61.25 21.45 12.10
N LYS Q 61 -60.04 21.72 12.63
CA LYS Q 61 -59.79 21.67 14.06
C LYS Q 61 -59.33 23.02 14.56
N LYS Q 62 -59.64 23.30 15.83
CA LYS Q 62 -59.20 24.52 16.50
C LYS Q 62 -58.22 24.26 17.63
N ILE Q 63 -58.26 23.08 18.24
CA ILE Q 63 -57.31 22.68 19.28
C ILE Q 63 -56.35 21.67 18.67
N TYR Q 64 -55.05 21.92 18.85
CA TYR Q 64 -54.01 21.10 18.25
C TYR Q 64 -53.12 20.53 19.34
N GLN Q 65 -52.48 19.41 19.03
CA GLN Q 65 -51.62 18.72 19.97
C GLN Q 65 -50.16 19.02 19.65
N ILE Q 66 -49.45 19.59 20.62
CA ILE Q 66 -48.02 19.82 20.46
C ILE Q 66 -47.23 18.56 20.75
N SER Q 67 -47.62 17.82 21.79
CA SER Q 67 -46.94 16.60 22.19
C SER Q 67 -47.95 15.75 22.93
N PRO Q 68 -47.59 14.53 23.34
CA PRO Q 68 -48.56 13.69 24.06
C PRO Q 68 -49.13 14.35 25.30
N ASN Q 69 -48.41 15.30 25.90
CA ASN Q 69 -48.86 15.92 27.14
C ASN Q 69 -49.29 17.37 26.96
N LEU Q 70 -49.01 17.99 25.82
CA LEU Q 70 -49.32 19.39 25.58
C LEU Q 70 -50.38 19.54 24.50
N GLY Q 71 -51.26 20.52 24.69
CA GLY Q 71 -52.21 20.92 23.68
C GLY Q 71 -52.17 22.42 23.50
N ILE Q 72 -52.80 22.93 22.44
CA ILE Q 72 -52.72 24.37 22.14
C ILE Q 72 -53.94 24.78 21.36
N THR Q 73 -54.35 26.02 21.56
CA THR Q 73 -55.44 26.64 20.81
C THR Q 73 -55.17 28.13 20.77
N TYR Q 74 -55.84 28.81 19.84
CA TYR Q 74 -55.47 30.18 19.54
C TYR Q 74 -56.72 31.04 19.31
N SER Q 75 -56.52 32.34 19.45
CA SER Q 75 -57.48 33.35 19.01
C SER Q 75 -56.69 34.44 18.29
N GLY Q 76 -57.04 34.71 17.04
CA GLY Q 76 -56.34 35.67 16.23
C GLY Q 76 -56.23 35.22 14.79
N CYS Q 77 -55.11 35.59 14.15
CA CYS Q 77 -54.91 35.31 12.74
C CYS Q 77 -54.56 33.84 12.56
N GLN Q 78 -55.32 33.16 11.71
CA GLN Q 78 -55.08 31.74 11.44
C GLN Q 78 -53.69 31.46 10.88
N PRO Q 79 -53.21 32.18 9.86
CA PRO Q 79 -51.88 31.86 9.32
C PRO Q 79 -50.75 32.03 10.32
N ASP Q 80 -50.81 33.09 11.13
CA ASP Q 80 -49.80 33.30 12.15
C ASP Q 80 -49.81 32.15 13.15
N PHE Q 81 -50.99 31.67 13.51
CA PHE Q 81 -51.05 30.50 14.38
C PHE Q 81 -50.46 29.28 13.71
N ARG Q 82 -50.69 29.10 12.41
CA ARG Q 82 -50.12 27.92 11.75
C ARG Q 82 -48.60 27.98 11.76
N ILE Q 83 -48.02 29.15 11.54
CA ILE Q 83 -46.57 29.28 11.62
C ILE Q 83 -46.08 29.03 13.04
N GLN Q 84 -46.76 29.59 14.04
CA GLN Q 84 -46.38 29.33 15.43
C GLN Q 84 -46.53 27.86 15.78
N TYR Q 85 -47.51 27.18 15.17
CA TYR Q 85 -47.69 25.76 15.43
C TYR Q 85 -46.55 24.94 14.85
N ASN Q 86 -46.13 25.27 13.63
CA ASN Q 86 -44.94 24.62 13.08
C ASN Q 86 -43.75 24.84 13.99
N LEU Q 87 -43.57 26.07 14.46
CA LEU Q 87 -42.45 26.39 15.32
C LEU Q 87 -42.49 25.62 16.63
N SER Q 88 -43.67 25.51 17.25
CA SER Q 88 -43.81 24.78 18.49
C SER Q 88 -43.62 23.28 18.30
N LEU Q 89 -44.09 22.73 17.19
CA LEU Q 89 -43.81 21.32 16.89
C LEU Q 89 -42.32 21.09 16.77
N LYS Q 90 -41.61 22.00 16.11
CA LYS Q 90 -40.16 21.87 16.03
C LYS Q 90 -39.54 21.91 17.43
N ILE Q 91 -40.00 22.81 18.28
CA ILE Q 91 -39.47 22.90 19.64
C ILE Q 91 -39.68 21.58 20.38
N SER Q 92 -40.91 21.06 20.34
CA SER Q 92 -41.22 19.84 21.07
C SER Q 92 -40.40 18.66 20.55
N GLU Q 93 -40.30 18.54 19.23
CA GLU Q 93 -39.54 17.42 18.67
C GLU Q 93 -38.06 17.54 18.98
N GLU Q 94 -37.51 18.76 19.00
CA GLU Q 94 -36.11 18.93 19.37
C GLU Q 94 -35.89 18.50 20.81
N TYR Q 95 -36.78 18.91 21.72
CA TYR Q 95 -36.63 18.50 23.11
C TYR Q 95 -36.71 16.99 23.24
N THR Q 96 -37.65 16.36 22.52
CA THR Q 96 -37.77 14.91 22.60
C THR Q 96 -36.56 14.22 22.00
N ASP Q 97 -35.97 14.79 20.95
CA ASP Q 97 -34.74 14.22 20.40
C ASP Q 97 -33.62 14.25 21.42
N ILE Q 98 -33.48 15.37 22.14
CA ILE Q 98 -32.39 15.50 23.11
C ILE Q 98 -32.63 14.60 24.32
N TYR Q 99 -33.74 14.83 25.03
CA TYR Q 99 -33.98 14.21 26.32
C TYR Q 99 -34.85 12.96 26.26
N SER Q 100 -35.53 12.72 25.14
CA SER Q 100 -36.32 11.50 24.95
C SER Q 100 -37.60 11.49 25.75
N THR Q 101 -37.86 12.53 26.53
CA THR Q 101 -39.11 12.64 27.26
C THR Q 101 -39.99 13.72 26.66
N ASN Q 102 -41.25 13.73 27.08
CA ASN Q 102 -42.19 14.74 26.63
C ASN Q 102 -41.85 16.08 27.25
N ILE Q 103 -41.92 17.13 26.44
CA ILE Q 103 -41.43 18.44 26.89
C ILE Q 103 -42.31 18.95 28.02
N PRO Q 104 -41.75 19.37 29.15
CA PRO Q 104 -42.58 19.99 30.19
C PRO Q 104 -43.15 21.32 29.71
N ILE Q 105 -44.31 21.68 30.24
CA ILE Q 105 -45.03 22.83 29.71
C ILE Q 105 -44.25 24.12 29.93
N ARG Q 106 -43.57 24.25 31.08
CA ARG Q 106 -42.90 25.51 31.35
C ARG Q 106 -41.72 25.73 30.40
N LEU Q 107 -40.89 24.71 30.21
CA LEU Q 107 -39.76 24.84 29.31
C LEU Q 107 -40.23 25.13 27.89
N PHE Q 108 -41.27 24.42 27.45
CA PHE Q 108 -41.83 24.65 26.12
C PHE Q 108 -42.31 26.09 25.99
N VAL Q 109 -43.05 26.58 27.00
CA VAL Q 109 -43.58 27.93 26.90
C VAL Q 109 -42.47 28.96 26.88
N GLU Q 110 -41.40 28.72 27.66
CA GLU Q 110 -40.29 29.66 27.67
C GLU Q 110 -39.63 29.74 26.29
N GLN Q 111 -39.28 28.58 25.73
CA GLN Q 111 -38.62 28.57 24.43
C GLN Q 111 -39.53 29.14 23.34
N PHE Q 112 -40.81 28.75 23.38
CA PHE Q 112 -41.78 29.25 22.42
C PHE Q 112 -41.93 30.76 22.52
N SER Q 113 -42.00 31.28 23.74
CA SER Q 113 -42.14 32.70 23.95
C SER Q 113 -40.94 33.46 23.44
N ARG Q 114 -39.73 32.94 23.68
CA ARG Q 114 -38.54 33.58 23.13
C ARG Q 114 -38.58 33.61 21.61
N GLN Q 115 -38.94 32.48 21.00
CA GLN Q 115 -38.92 32.40 19.55
C GLN Q 115 -39.99 33.27 18.90
N ILE Q 116 -41.12 33.51 19.56
CA ILE Q 116 -42.10 34.42 19.00
C ILE Q 116 -41.78 35.88 19.36
N GLN Q 117 -41.15 36.12 20.51
CA GLN Q 117 -40.73 37.48 20.85
C GLN Q 117 -39.63 37.97 19.93
N GLU Q 118 -38.90 37.04 19.30
CA GLU Q 118 -37.87 37.46 18.36
C GLU Q 118 -38.44 38.32 17.23
N TYR Q 119 -39.75 38.21 16.98
CA TYR Q 119 -40.37 38.99 15.91
C TYR Q 119 -40.75 40.40 16.34
N THR Q 120 -40.79 40.70 17.64
CA THR Q 120 -40.96 42.07 18.09
C THR Q 120 -39.68 42.87 18.01
N ILE Q 121 -38.56 42.23 17.70
CA ILE Q 121 -37.30 42.91 17.49
C ILE Q 121 -36.70 42.66 16.11
N LYS Q 122 -37.34 41.86 15.26
CA LYS Q 122 -36.79 41.57 13.95
C LYS Q 122 -37.14 42.69 12.96
N LYS Q 123 -36.14 43.11 12.20
CA LYS Q 123 -36.34 44.17 11.23
C LYS Q 123 -37.30 43.73 10.13
N GLY Q 124 -38.21 44.62 9.75
CA GLY Q 124 -39.13 44.33 8.67
C GLY Q 124 -40.13 43.25 8.96
N TYR Q 125 -40.39 42.96 10.22
CA TYR Q 125 -41.33 41.91 10.62
C TYR Q 125 -42.28 42.46 11.68
N ARG Q 126 -43.53 42.04 11.58
CA ARG Q 126 -44.53 42.41 12.59
C ARG Q 126 -44.76 41.23 13.53
N PRO Q 127 -45.19 41.50 14.76
CA PRO Q 127 -45.46 40.41 15.70
C PRO Q 127 -46.64 39.56 15.25
N PHE Q 128 -46.63 38.31 15.69
CA PHE Q 128 -47.76 37.42 15.41
C PHE Q 128 -49.03 37.98 16.00
N GLY Q 129 -50.11 37.97 15.21
CA GLY Q 129 -51.38 38.44 15.69
C GLY Q 129 -52.24 37.34 16.28
N THR Q 130 -51.69 36.55 17.20
CA THR Q 130 -52.40 35.42 17.76
C THR Q 130 -52.17 35.36 19.26
N LEU Q 131 -53.24 35.10 20.00
CA LEU Q 131 -53.17 34.73 21.41
C LEU Q 131 -53.30 33.22 21.53
N LEU Q 132 -52.46 32.62 22.36
CA LEU Q 132 -52.36 31.17 22.44
C LEU Q 132 -52.64 30.71 23.86
N LEU Q 133 -53.46 29.66 23.97
CA LEU Q 133 -53.67 28.94 25.23
C LEU Q 133 -53.00 27.60 25.11
N ILE Q 134 -52.09 27.30 26.03
CA ILE Q 134 -51.33 26.06 26.03
C ILE Q 134 -51.69 25.29 27.28
N VAL Q 135 -52.15 24.05 27.11
CA VAL Q 135 -52.63 23.22 28.20
C VAL Q 135 -51.77 21.97 28.30
N GLY Q 136 -51.31 21.67 29.50
CA GLY Q 136 -50.53 20.47 29.72
C GLY Q 136 -49.91 20.47 31.10
N ASP Q 137 -49.57 19.27 31.56
CA ASP Q 137 -48.94 19.08 32.86
C ASP Q 137 -49.73 19.75 33.97
N ASN Q 138 -51.06 19.63 33.89
CA ASN Q 138 -51.97 20.22 34.88
C ASN Q 138 -51.79 21.73 34.99
N LYS Q 139 -51.39 22.37 33.90
CA LYS Q 139 -51.12 23.81 33.89
C LYS Q 139 -51.76 24.42 32.65
N MET Q 140 -51.78 25.75 32.64
CA MET Q 140 -52.30 26.51 31.52
C MET Q 140 -51.50 27.79 31.38
N TYR Q 141 -51.05 28.08 30.16
CA TYR Q 141 -50.30 29.30 29.87
C TYR Q 141 -50.96 30.04 28.72
N ARG Q 142 -51.12 31.35 28.88
CA ARG Q 142 -51.56 32.22 27.80
C ARG Q 142 -50.35 33.00 27.31
N VAL Q 143 -50.12 32.95 26.00
CA VAL Q 143 -48.96 33.59 25.38
C VAL Q 143 -49.45 34.76 24.54
N ASP Q 144 -48.88 35.92 24.78
CA ASP Q 144 -49.22 37.22 24.21
C ASP Q 144 -48.30 37.52 23.03
N PRO Q 145 -48.82 38.14 21.96
CA PRO Q 145 -47.96 38.52 20.83
C PRO Q 145 -46.61 39.10 21.22
N SER Q 146 -46.51 39.80 22.35
CA SER Q 146 -45.22 40.31 22.79
C SER Q 146 -44.24 39.18 23.08
N GLY Q 147 -44.75 37.97 23.31
CA GLY Q 147 -43.91 36.91 23.82
C GLY Q 147 -43.92 36.81 25.32
N SER Q 148 -44.88 37.44 25.99
CA SER Q 148 -45.02 37.32 27.42
C SER Q 148 -46.07 36.26 27.75
N TYR Q 149 -45.77 35.43 28.74
CA TYR Q 149 -46.62 34.31 29.08
C TYR Q 149 -46.97 34.39 30.56
N THR Q 150 -48.14 33.87 30.90
CA THR Q 150 -48.62 33.84 32.28
C THR Q 150 -49.37 32.54 32.51
N SER Q 151 -49.05 31.86 33.62
CA SER Q 151 -49.80 30.68 33.99
C SER Q 151 -51.14 31.08 34.57
N LEU Q 152 -52.19 30.32 34.20
CA LEU Q 152 -53.55 30.69 34.53
C LEU Q 152 -54.29 29.50 35.11
N GLN Q 153 -55.26 29.78 35.98
CA GLN Q 153 -56.15 28.74 36.46
C GLN Q 153 -57.41 28.65 35.58
N VAL Q 154 -57.97 29.79 35.21
CA VAL Q 154 -59.04 29.86 34.23
C VAL Q 154 -58.71 31.00 33.28
N GLY Q 155 -58.68 30.70 31.99
CA GLY Q 155 -58.27 31.67 31.01
C GLY Q 155 -59.28 31.77 29.87
N THR Q 156 -59.15 32.87 29.13
CA THR Q 156 -60.02 33.13 27.99
C THR Q 156 -59.27 33.98 26.98
N ILE Q 157 -59.49 33.69 25.70
CA ILE Q 157 -58.95 34.50 24.62
C ILE Q 157 -59.98 34.52 23.50
N GLY Q 158 -60.10 35.67 22.85
CA GLY Q 158 -61.13 35.87 21.85
C GLY Q 158 -61.96 37.10 22.14
N ARG Q 159 -63.00 37.28 21.30
CA ARG Q 159 -63.80 38.49 21.38
C ARG Q 159 -64.62 38.55 22.67
N GLU Q 160 -65.13 37.41 23.14
CA GLU Q 160 -65.99 37.37 24.32
C GLU Q 160 -65.20 37.23 25.62
N TYR Q 161 -63.94 37.65 25.64
CA TYR Q 161 -63.18 37.61 26.88
C TYR Q 161 -63.65 38.67 27.88
N THR Q 162 -64.65 39.48 27.51
CA THR Q 162 -65.22 40.43 28.45
C THR Q 162 -66.17 39.79 29.44
N GLU Q 163 -66.79 38.66 29.08
CA GLU Q 163 -67.82 38.04 29.91
C GLU Q 163 -67.55 36.57 30.17
N SER Q 164 -66.85 35.90 29.24
CA SER Q 164 -66.81 34.45 29.22
C SER Q 164 -66.16 33.83 30.45
N GLY Q 165 -65.26 34.53 31.14
CA GLY Q 165 -64.50 33.92 32.22
C GLY Q 165 -65.25 33.77 33.52
N ARG Q 166 -66.49 34.26 33.59
CA ARG Q 166 -67.21 34.32 34.86
C ARG Q 166 -67.49 32.92 35.39
N LEU Q 167 -68.19 32.09 34.61
CA LEU Q 167 -68.55 30.76 35.11
C LEU Q 167 -67.32 29.89 35.31
N LEU Q 168 -66.26 30.11 34.52
CA LEU Q 168 -65.01 29.41 34.77
C LEU Q 168 -64.45 29.76 36.15
N GLU Q 169 -64.45 31.06 36.47
CA GLU Q 169 -63.95 31.50 37.77
C GLU Q 169 -64.80 30.95 38.90
N ARG Q 170 -66.13 30.94 38.71
CA ARG Q 170 -67.05 30.68 39.81
C ARG Q 170 -67.41 29.21 39.98
N ARG Q 171 -67.01 28.35 39.06
CA ARG Q 171 -67.39 26.93 39.13
C ARG Q 171 -66.21 26.03 38.80
N LYS Q 172 -65.03 26.35 39.31
CA LYS Q 172 -63.89 25.46 39.19
C LYS Q 172 -64.02 24.30 40.17
N GLY Q 173 -63.67 23.10 39.72
CA GLY Q 173 -63.84 21.91 40.53
C GLY Q 173 -63.45 20.62 39.83
N MET Q 174 -64.30 19.62 39.92
CA MET Q 174 -64.00 18.32 39.31
C MET Q 174 -63.89 18.46 37.80
N LEU Q 175 -62.95 17.72 37.20
CA LEU Q 175 -62.67 17.86 35.78
C LEU Q 175 -63.92 17.56 34.94
N ASP Q 176 -64.53 16.40 35.17
CA ASP Q 176 -65.70 16.03 34.37
C ASP Q 176 -66.84 17.02 34.55
N ASP Q 177 -67.12 17.40 35.80
CA ASP Q 177 -68.11 18.45 36.04
C ASP Q 177 -67.66 19.76 35.43
N ASN Q 178 -66.37 20.07 35.55
CA ASN Q 178 -65.84 21.29 34.97
C ASN Q 178 -65.96 21.29 33.44
N ILE Q 179 -65.83 20.13 32.80
CA ILE Q 179 -66.07 20.04 31.37
C ILE Q 179 -67.50 20.45 31.05
N SER Q 180 -68.46 19.92 31.81
CA SER Q 180 -69.85 20.29 31.58
C SER Q 180 -70.07 21.77 31.79
N THR Q 181 -69.46 22.35 32.82
CA THR Q 181 -69.62 23.78 33.09
C THR Q 181 -69.06 24.63 31.96
N CYS Q 182 -67.81 24.37 31.58
CA CYS Q 182 -67.13 25.17 30.57
C CYS Q 182 -67.63 24.91 29.16
N VAL Q 183 -68.40 23.84 28.95
CA VAL Q 183 -69.06 23.65 27.66
C VAL Q 183 -70.47 24.20 27.69
N GLU Q 184 -71.08 24.28 28.87
CA GLU Q 184 -72.42 24.84 28.99
C GLU Q 184 -72.39 26.36 28.85
N CYS Q 185 -71.40 27.01 29.47
CA CYS Q 185 -71.37 28.47 29.43
C CYS Q 185 -71.25 28.99 28.00
N ILE Q 186 -70.60 28.23 27.11
CA ILE Q 186 -70.27 28.73 25.78
C ILE Q 186 -71.52 28.98 24.94
N ARG Q 187 -72.65 28.37 25.28
CA ARG Q 187 -73.86 28.63 24.52
C ARG Q 187 -74.25 30.10 24.59
N GLU Q 188 -74.15 30.70 25.78
CA GLU Q 188 -74.46 32.12 25.94
C GLU Q 188 -73.48 33.02 25.22
N TYR Q 189 -72.35 32.47 24.75
CA TYR Q 189 -71.30 33.27 24.13
C TYR Q 189 -71.22 33.10 22.63
N CYS Q 190 -71.73 32.00 22.08
CA CYS Q 190 -71.73 31.81 20.64
C CYS Q 190 -72.87 32.59 19.99
N GLY Q 191 -72.65 32.98 18.73
CA GLY Q 191 -73.64 33.77 18.01
C GLY Q 191 -74.83 32.99 17.49
N ARG Q 192 -74.80 31.66 17.59
CA ARG Q 192 -75.89 30.83 17.12
C ARG Q 192 -76.00 29.60 18.02
N SER Q 193 -77.14 28.90 17.90
CA SER Q 193 -77.35 27.68 18.67
C SER Q 193 -76.18 26.72 18.42
N VAL Q 194 -75.43 26.42 19.47
CA VAL Q 194 -74.18 25.67 19.31
C VAL Q 194 -74.51 24.20 19.05
N LYS Q 195 -74.17 23.74 17.85
CA LYS Q 195 -74.14 22.31 17.58
C LYS Q 195 -72.83 21.73 18.08
N SER Q 196 -72.78 20.40 18.23
CA SER Q 196 -71.53 19.75 18.58
C SER Q 196 -70.45 19.96 17.53
N GLU Q 197 -70.84 20.25 16.28
CA GLU Q 197 -69.85 20.53 15.25
C GLU Q 197 -69.12 21.83 15.52
N ASP Q 198 -69.81 22.85 16.04
CA ASP Q 198 -69.25 24.18 16.17
C ASP Q 198 -68.29 24.33 17.34
N ILE Q 199 -68.15 23.31 18.19
CA ILE Q 199 -67.30 23.38 19.36
C ILE Q 199 -66.29 22.24 19.30
N ASP Q 200 -65.07 22.53 19.70
CA ASP Q 200 -64.00 21.55 19.78
C ASP Q 200 -63.40 21.60 21.18
N ILE Q 201 -63.15 20.42 21.76
CA ILE Q 201 -62.75 20.31 23.16
C ILE Q 201 -61.51 19.45 23.27
N GLY Q 202 -60.57 19.89 24.10
CA GLY Q 202 -59.41 19.08 24.42
C GLY Q 202 -59.17 19.12 25.92
N VAL Q 203 -58.84 17.96 26.47
CA VAL Q 203 -58.75 17.79 27.92
C VAL Q 203 -57.41 17.15 28.25
N TYR Q 204 -56.70 17.75 29.21
CA TYR Q 204 -55.52 17.13 29.80
C TYR Q 204 -55.92 16.49 31.12
N ARG Q 205 -55.75 15.19 31.22
CA ARG Q 205 -56.04 14.47 32.45
C ARG Q 205 -55.04 13.35 32.61
N GLY Q 206 -54.51 13.22 33.82
CA GLY Q 206 -53.52 12.19 34.09
C GLY Q 206 -52.17 12.50 33.50
N GLN Q 207 -51.79 11.78 32.43
CA GLN Q 207 -50.47 11.90 31.85
C GLN Q 207 -50.46 12.59 30.50
N GLU Q 208 -51.58 12.59 29.77
CA GLU Q 208 -51.57 12.99 28.37
C GLU Q 208 -52.71 13.95 28.08
N PHE Q 209 -52.56 14.70 27.00
CA PHE Q 209 -53.57 15.60 26.48
C PHE Q 209 -54.25 14.96 25.28
N ARG Q 210 -55.58 14.96 25.28
CA ARG Q 210 -56.36 14.34 24.22
C ARG Q 210 -57.42 15.32 23.73
N VAL Q 211 -57.59 15.38 22.41
CA VAL Q 211 -58.63 16.21 21.80
C VAL Q 211 -59.85 15.35 21.55
N TYR Q 212 -60.97 15.72 22.17
CA TYR Q 212 -62.20 14.96 22.01
C TYR Q 212 -62.61 14.91 20.54
N SER Q 213 -63.03 13.73 20.09
CA SER Q 213 -63.61 13.60 18.76
C SER Q 213 -65.04 14.14 18.75
N LYS Q 214 -65.56 14.36 17.54
CA LYS Q 214 -66.90 14.91 17.43
C LYS Q 214 -67.93 14.03 18.12
N GLU Q 215 -67.67 12.71 18.21
CA GLU Q 215 -68.56 11.84 18.96
C GLU Q 215 -68.49 12.14 20.45
N GLU Q 216 -67.28 12.33 20.99
CA GLU Q 216 -67.15 12.70 22.39
C GLU Q 216 -67.82 14.04 22.66
N VAL Q 217 -67.61 15.02 21.77
CA VAL Q 217 -68.25 16.32 21.95
C VAL Q 217 -69.77 16.18 21.89
N GLN Q 218 -70.27 15.31 21.02
CA GLN Q 218 -71.70 15.01 21.03
C GLN Q 218 -72.13 14.43 22.36
N GLU Q 219 -71.34 13.50 22.89
CA GLU Q 219 -71.67 12.90 24.18
C GLU Q 219 -71.65 13.94 25.29
N VAL Q 220 -70.69 14.87 25.25
CA VAL Q 220 -70.62 15.91 26.26
C VAL Q 220 -71.87 16.77 26.23
N PHE Q 221 -72.41 17.04 25.05
CA PHE Q 221 -73.67 17.78 24.96
C PHE Q 221 -74.84 16.94 25.44
N ASP Q 222 -74.88 15.65 25.06
CA ASP Q 222 -75.94 14.78 25.54
C ASP Q 222 -75.94 14.71 27.06
N SER Q 223 -74.74 14.72 27.68
CA SER Q 223 -74.66 14.67 29.12
C SER Q 223 -75.44 15.81 29.77
N ILE Q 224 -75.46 16.99 29.15
CA ILE Q 224 -76.26 18.09 29.66
C ILE Q 224 -77.74 17.79 29.50
N ASN Q 225 -78.15 17.28 28.34
CA ASN Q 225 -79.55 17.03 28.05
C ASN Q 225 -79.74 15.64 27.45
N SER R 2 -38.10 57.16 14.14
CA SER R 2 -36.84 57.65 14.74
C SER R 2 -35.79 56.55 14.79
N SER R 3 -36.13 55.44 15.45
CA SER R 3 -35.20 54.33 15.62
C SER R 3 -33.98 54.78 16.42
N ASN R 4 -32.90 54.00 16.38
CA ASN R 4 -31.71 54.28 17.17
C ASN R 4 -30.83 55.27 16.42
N THR R 5 -31.11 56.56 16.62
CA THR R 5 -30.35 57.63 16.00
C THR R 5 -30.42 58.86 16.88
N PHE R 6 -29.31 59.59 16.99
CA PHE R 6 -29.27 60.78 17.83
C PHE R 6 -30.23 61.83 17.29
N THR R 7 -30.88 62.55 18.21
CA THR R 7 -31.66 63.72 17.86
C THR R 7 -30.80 64.98 17.97
N GLU R 8 -31.38 66.10 17.55
CA GLU R 8 -30.63 67.35 17.54
C GLU R 8 -30.14 67.74 18.93
N GLU R 9 -30.80 67.22 19.97
CA GLU R 9 -30.38 67.48 21.34
C GLU R 9 -29.34 66.49 21.84
N GLY R 10 -28.91 65.55 21.01
CA GLY R 10 -27.96 64.54 21.44
C GLY R 10 -28.57 63.41 22.23
N ARG R 11 -29.86 63.14 22.04
CA ARG R 11 -30.59 62.15 22.81
C ARG R 11 -31.06 61.03 21.90
N LEU R 12 -30.99 59.81 22.39
CA LEU R 12 -31.55 58.64 21.70
C LEU R 12 -32.99 58.48 22.17
N LEU R 13 -33.95 58.89 21.33
CA LEU R 13 -35.33 58.92 21.75
C LEU R 13 -35.84 57.52 22.12
N GLN R 14 -35.47 56.51 21.35
CA GLN R 14 -35.95 55.16 21.63
C GLN R 14 -35.45 54.68 22.99
N THR R 15 -34.20 54.97 23.33
CA THR R 15 -33.68 54.58 24.64
C THR R 15 -34.45 55.27 25.75
N GLU R 16 -34.72 56.57 25.60
CA GLU R 16 -35.46 57.31 26.62
C GLU R 16 -36.87 56.77 26.78
N TYR R 17 -37.51 56.42 25.67
CA TYR R 17 -38.85 55.87 25.74
C TYR R 17 -38.85 54.48 26.36
N ALA R 18 -37.80 53.68 26.13
CA ALA R 18 -37.68 52.40 26.82
C ALA R 18 -37.52 52.60 28.32
N ILE R 19 -36.70 53.58 28.71
CA ILE R 19 -36.52 53.85 30.14
C ILE R 19 -37.85 54.30 30.75
N LYS R 20 -38.62 55.09 30.01
CA LYS R 20 -39.96 55.46 30.48
C LYS R 20 -40.85 54.24 30.61
N ASN R 21 -40.80 53.34 29.63
CA ASN R 21 -41.58 52.10 29.70
C ASN R 21 -41.24 51.31 30.95
N VAL R 22 -39.97 51.32 31.35
CA VAL R 22 -39.57 50.57 32.54
C VAL R 22 -40.39 51.01 33.74
N SER R 23 -40.71 52.29 33.85
CA SER R 23 -41.45 52.79 34.99
C SER R 23 -42.85 52.19 35.08
N LYS R 24 -43.39 51.70 33.97
CA LYS R 24 -44.70 51.07 33.99
C LYS R 24 -44.66 49.66 34.59
N GLY R 25 -43.48 49.07 34.74
CA GLY R 25 -43.39 47.71 35.22
C GLY R 25 -43.62 47.60 36.71
N GLY R 26 -43.76 46.36 37.17
CA GLY R 26 -43.96 46.12 38.59
C GLY R 26 -42.76 46.58 39.39
N THR R 27 -43.02 47.06 40.61
CA THR R 27 -41.97 47.61 41.44
C THR R 27 -40.99 46.53 41.88
N ILE R 28 -39.70 46.86 41.83
CA ILE R 28 -38.64 46.00 42.32
C ILE R 28 -37.64 46.86 43.08
N ILE R 29 -37.16 46.34 44.21
CA ILE R 29 -36.27 47.08 45.09
C ILE R 29 -35.07 46.21 45.43
N GLY R 30 -33.95 46.87 45.71
CA GLY R 30 -32.76 46.18 46.17
C GLY R 30 -32.07 47.00 47.25
N LEU R 31 -31.37 46.30 48.12
CA LEU R 31 -30.68 46.94 49.24
C LEU R 31 -29.51 46.08 49.68
N VAL R 32 -28.33 46.67 49.75
CA VAL R 32 -27.16 45.98 50.29
C VAL R 32 -27.12 46.18 51.80
N CYS R 33 -26.96 45.08 52.53
CA CYS R 33 -26.91 45.10 53.98
C CYS R 33 -25.56 44.53 54.45
N LYS R 34 -25.42 44.39 55.76
CA LYS R 34 -24.17 43.87 56.32
C LYS R 34 -23.92 42.45 55.87
N ASP R 35 -24.94 41.60 55.94
CA ASP R 35 -24.77 40.16 55.74
C ASP R 35 -25.40 39.65 54.44
N GLY R 36 -25.85 40.55 53.57
CA GLY R 36 -26.44 40.10 52.32
C GLY R 36 -27.13 41.24 51.59
N VAL R 37 -27.95 40.86 50.62
CA VAL R 37 -28.65 41.80 49.75
C VAL R 37 -30.12 41.40 49.71
N ILE R 38 -31.00 42.38 49.90
CA ILE R 38 -32.42 42.15 49.71
C ILE R 38 -32.76 42.41 48.25
N LEU R 39 -33.47 41.47 47.62
CA LEU R 39 -34.08 41.69 46.34
C LEU R 39 -35.59 41.52 46.48
N LEU R 40 -36.33 42.59 46.20
CA LEU R 40 -37.76 42.63 46.43
C LEU R 40 -38.46 42.95 45.13
N GLY R 41 -39.58 42.28 44.89
CA GLY R 41 -40.37 42.51 43.70
C GLY R 41 -41.85 42.51 44.02
N ILE R 42 -42.60 43.29 43.26
CA ILE R 42 -44.04 43.44 43.44
C ILE R 42 -44.73 42.96 42.18
N ASN R 43 -45.49 41.87 42.30
CA ASN R 43 -46.24 41.35 41.17
C ASN R 43 -47.62 42.01 41.09
N LYS R 44 -48.06 42.28 39.86
CA LYS R 44 -49.41 42.81 39.68
C LYS R 44 -50.45 41.77 40.03
N THR R 45 -50.30 40.55 39.52
CA THR R 45 -51.16 39.45 39.89
C THR R 45 -50.63 38.77 41.16
N GLU R 46 -51.34 37.75 41.61
CA GLU R 46 -50.94 36.95 42.76
C GLU R 46 -50.61 35.54 42.28
N LEU R 47 -49.37 35.11 42.52
CA LEU R 47 -48.93 33.78 42.14
C LEU R 47 -47.81 33.34 43.07
N LEU R 48 -47.99 32.18 43.69
CA LEU R 48 -46.96 31.59 44.54
C LEU R 48 -46.37 30.32 43.95
N ASP R 49 -47.09 29.66 43.02
CA ASP R 49 -46.58 28.43 42.42
C ASP R 49 -45.33 28.67 41.59
N GLU R 50 -45.07 29.91 41.17
CA GLU R 50 -43.90 30.22 40.38
C GLU R 50 -43.45 31.65 40.68
N ARG R 51 -42.13 31.84 40.74
CA ARG R 51 -41.56 33.16 40.97
C ARG R 51 -41.34 33.86 39.64
N GLU R 52 -41.72 35.13 39.57
CA GLU R 52 -41.77 35.84 38.30
C GLU R 52 -40.93 37.11 38.29
N LYS R 53 -40.66 37.68 39.47
CA LYS R 53 -39.95 38.96 39.52
C LYS R 53 -38.47 38.81 39.81
N ILE R 54 -38.06 37.72 40.47
CA ILE R 54 -36.67 37.49 40.83
C ILE R 54 -36.24 36.14 40.30
N TYR R 55 -35.04 36.09 39.72
CA TYR R 55 -34.53 34.89 39.09
C TYR R 55 -33.09 34.65 39.53
N LYS R 56 -32.60 33.45 39.22
CA LYS R 56 -31.22 33.08 39.47
C LYS R 56 -30.45 33.01 38.16
N ILE R 57 -29.18 33.42 38.22
CA ILE R 57 -28.25 33.33 37.09
C ILE R 57 -27.14 32.35 37.40
N ASN R 58 -26.49 32.50 38.53
CA ASN R 58 -25.47 31.58 39.03
C ASN R 58 -25.75 31.31 40.50
N PRO R 59 -24.99 30.45 41.14
CA PRO R 59 -25.04 30.40 42.61
C PRO R 59 -24.63 31.72 43.24
N LYS R 60 -24.04 32.63 42.46
CA LYS R 60 -23.50 33.88 42.97
C LYS R 60 -24.34 35.09 42.63
N VAL R 61 -25.24 35.00 41.64
CA VAL R 61 -25.94 36.17 41.11
C VAL R 61 -27.42 35.88 40.99
N TYR R 62 -28.24 36.84 41.44
CA TYR R 62 -29.68 36.84 41.21
C TYR R 62 -30.06 38.18 40.60
N VAL R 63 -31.19 38.20 39.88
CA VAL R 63 -31.62 39.40 39.16
C VAL R 63 -33.10 39.65 39.41
N SER R 64 -33.46 40.92 39.55
CA SER R 64 -34.84 41.37 39.57
C SER R 64 -35.19 41.98 38.21
N VAL R 65 -36.48 42.00 37.90
CA VAL R 65 -36.96 42.34 36.56
C VAL R 65 -38.05 43.38 36.66
N SER R 66 -38.00 44.38 35.77
CA SER R 66 -39.06 45.37 35.62
C SER R 66 -39.08 45.86 34.19
N GLY R 67 -40.25 45.82 33.56
CA GLY R 67 -40.39 46.24 32.18
C GLY R 67 -40.95 45.15 31.28
N LEU R 68 -40.63 45.23 29.99
CA LEU R 68 -41.16 44.26 29.02
C LEU R 68 -40.77 42.85 29.41
N PHE R 69 -41.75 42.02 29.73
CA PHE R 69 -41.48 40.68 30.22
C PHE R 69 -40.80 39.80 29.17
N GLY R 70 -41.22 39.92 27.92
CA GLY R 70 -40.61 39.09 26.88
C GLY R 70 -39.13 39.38 26.69
N ASP R 71 -38.77 40.66 26.56
CA ASP R 71 -37.37 41.03 26.43
C ASP R 71 -36.60 40.66 27.69
N ALA R 72 -37.21 40.86 28.86
CA ALA R 72 -36.54 40.54 30.11
C ALA R 72 -36.21 39.06 30.20
N MET R 73 -37.17 38.20 29.83
CA MET R 73 -36.90 36.77 29.84
C MET R 73 -35.90 36.36 28.78
N LEU R 74 -35.95 36.97 27.60
CA LEU R 74 -34.95 36.70 26.58
C LEU R 74 -33.54 36.96 27.11
N LEU R 75 -33.34 38.15 27.68
CA LEU R 75 -31.99 38.48 28.17
C LEU R 75 -31.65 37.76 29.47
N LYS R 76 -32.64 37.34 30.26
CA LYS R 76 -32.35 36.48 31.40
C LYS R 76 -31.78 35.16 30.93
N LYS R 77 -32.42 34.54 29.94
CA LYS R 77 -31.90 33.30 29.38
C LYS R 77 -30.52 33.53 28.76
N TYR R 78 -30.34 34.66 28.08
CA TYR R 78 -29.04 34.97 27.49
C TYR R 78 -27.96 35.06 28.58
N GLY R 79 -28.28 35.76 29.68
CA GLY R 79 -27.31 35.89 30.75
C GLY R 79 -27.00 34.57 31.42
N GLN R 80 -28.01 33.73 31.60
CA GLN R 80 -27.77 32.40 32.16
C GLN R 80 -26.87 31.59 31.25
N VAL R 81 -27.13 31.65 29.95
CA VAL R 81 -26.31 30.90 29.00
C VAL R 81 -24.88 31.40 29.02
N LYS R 82 -24.69 32.72 29.10
CA LYS R 82 -23.35 33.27 29.13
C LYS R 82 -22.63 32.93 30.44
N ALA R 83 -23.35 32.89 31.56
CA ALA R 83 -22.75 32.46 32.80
C ALA R 83 -22.30 31.01 32.72
N GLN R 84 -23.10 30.15 32.11
CA GLN R 84 -22.70 28.76 31.92
C GLN R 84 -21.53 28.65 30.96
N ASP R 85 -21.47 29.51 29.94
CA ASP R 85 -20.31 29.53 29.05
C ASP R 85 -19.05 29.93 29.80
N PHE R 86 -19.17 30.90 30.70
CA PHE R 86 -18.02 31.30 31.52
C PHE R 86 -17.56 30.13 32.39
N LEU R 87 -18.50 29.44 33.03
CA LEU R 87 -18.14 28.28 33.83
C LEU R 87 -17.48 27.21 32.97
N TYR R 88 -17.98 27.01 31.75
CA TYR R 88 -17.36 26.06 30.83
C TYR R 88 -15.92 26.47 30.51
N GLU R 89 -15.70 27.75 30.25
CA GLU R 89 -14.39 28.22 29.86
C GLU R 89 -13.37 28.10 30.99
N PHE R 90 -13.72 28.61 32.17
CA PHE R 90 -12.76 28.77 33.25
C PHE R 90 -13.01 27.85 34.44
N ASP R 91 -14.08 27.06 34.41
CA ASP R 91 -14.34 26.07 35.46
C ASP R 91 -14.59 26.72 36.81
N TYR R 92 -15.22 27.89 36.83
CA TYR R 92 -15.73 28.45 38.07
C TYR R 92 -16.74 29.53 37.74
N ASP R 93 -17.68 29.74 38.66
CA ASP R 93 -18.78 30.67 38.43
C ASP R 93 -18.30 32.10 38.48
N CYS R 94 -18.87 32.93 37.61
CA CYS R 94 -18.51 34.34 37.54
C CYS R 94 -19.24 35.15 38.59
N ASP R 95 -18.73 36.36 38.82
CA ASP R 95 -19.33 37.26 39.80
C ASP R 95 -20.41 38.11 39.14
N ILE R 96 -20.97 39.02 39.94
CA ILE R 96 -22.04 39.90 39.46
C ILE R 96 -21.57 40.73 38.28
N ASP R 97 -20.31 41.16 38.31
CA ASP R 97 -19.80 42.04 37.28
C ASP R 97 -19.88 41.40 35.90
N ARG R 98 -19.63 40.10 35.81
CA ARG R 98 -19.62 39.45 34.50
C ARG R 98 -21.02 39.37 33.91
N ILE R 99 -22.02 39.05 34.72
CA ILE R 99 -23.40 39.02 34.23
C ILE R 99 -23.83 40.43 33.82
N CYS R 100 -23.50 41.42 34.65
CA CYS R 100 -23.76 42.80 34.28
C CYS R 100 -23.15 43.12 32.92
N ASN R 101 -21.90 42.70 32.71
CA ASN R 101 -21.22 43.01 31.46
C ASN R 101 -21.92 42.33 30.28
N PHE R 102 -22.29 41.06 30.42
CA PHE R 102 -22.98 40.38 29.33
C PHE R 102 -24.25 41.14 28.94
N ILE R 103 -25.10 41.41 29.93
CA ILE R 103 -26.40 41.99 29.62
C ILE R 103 -26.24 43.42 29.13
N SER R 104 -25.31 44.17 29.71
CA SER R 104 -25.07 45.54 29.27
C SER R 104 -24.55 45.57 27.84
N GLU R 105 -23.66 44.64 27.49
CA GLU R 105 -23.15 44.59 26.12
C GLU R 105 -24.28 44.32 25.14
N LYS R 106 -25.13 43.35 25.43
CA LYS R 106 -26.23 43.08 24.50
C LYS R 106 -27.19 44.26 24.41
N LYS R 107 -27.51 44.87 25.55
CA LYS R 107 -28.43 46.01 25.55
C LYS R 107 -27.86 47.17 24.74
N GLN R 108 -26.58 47.47 24.94
CA GLN R 108 -25.95 48.55 24.17
C GLN R 108 -25.96 48.22 22.69
N LEU R 109 -25.67 46.96 22.33
CA LEU R 109 -25.74 46.59 20.92
C LEU R 109 -27.13 46.87 20.36
N PHE R 110 -28.17 46.62 21.15
CA PHE R 110 -29.52 46.85 20.66
C PHE R 110 -29.91 48.33 20.64
N THR R 111 -29.31 49.17 21.48
CA THR R 111 -29.53 50.62 21.39
C THR R 111 -28.60 51.31 20.41
N GLN R 112 -27.65 50.58 19.81
CA GLN R 112 -26.81 51.15 18.78
C GLN R 112 -27.19 50.70 17.37
N TYR R 113 -27.83 49.54 17.22
CA TYR R 113 -28.21 49.05 15.91
C TYR R 113 -29.40 49.84 15.39
N ASN R 114 -29.31 50.33 14.16
CA ASN R 114 -30.35 51.21 13.63
C ASN R 114 -31.67 50.47 13.46
N SER R 115 -31.62 49.23 12.97
CA SER R 115 -32.81 48.49 12.59
C SER R 115 -33.39 47.65 13.72
N THR R 116 -33.11 48.00 14.98
CA THR R 116 -33.68 47.30 16.12
C THR R 116 -34.05 48.31 17.20
N ARG R 117 -34.89 47.87 18.14
CA ARG R 117 -35.34 48.73 19.21
C ARG R 117 -34.71 48.33 20.54
N PRO R 118 -34.52 49.28 21.47
CA PRO R 118 -33.93 48.92 22.77
C PRO R 118 -34.79 47.94 23.56
N PHE R 119 -34.16 47.18 24.44
CA PHE R 119 -34.90 46.30 25.35
C PHE R 119 -35.57 47.14 26.43
N GLY R 120 -36.89 47.02 26.53
CA GLY R 120 -37.63 47.83 27.48
C GLY R 120 -37.76 47.20 28.85
N PHE R 121 -36.63 47.01 29.53
CA PHE R 121 -36.65 46.47 30.88
C PHE R 121 -35.34 46.81 31.58
N SER R 122 -35.37 46.75 32.91
CA SER R 122 -34.20 47.01 33.74
C SER R 122 -33.99 45.86 34.71
N PHE R 123 -32.73 45.55 34.99
CA PHE R 123 -32.36 44.51 35.92
C PHE R 123 -31.71 45.11 37.16
N ILE R 124 -31.87 44.42 38.28
CA ILE R 124 -31.08 44.64 39.49
C ILE R 124 -30.34 43.34 39.79
N TYR R 125 -29.02 43.42 39.86
CA TYR R 125 -28.19 42.25 40.09
C TYR R 125 -27.74 42.23 41.54
N ALA R 126 -28.01 41.13 42.22
CA ALA R 126 -27.52 40.90 43.57
C ALA R 126 -26.40 39.87 43.51
N GLY R 127 -25.28 40.18 44.15
CA GLY R 127 -24.12 39.31 44.05
C GLY R 127 -23.04 39.76 45.00
N MET R 128 -21.83 39.22 44.77
CA MET R 128 -20.69 39.51 45.61
C MET R 128 -19.45 39.68 44.75
N LYS R 129 -18.51 40.49 45.23
CA LYS R 129 -17.21 40.64 44.62
C LYS R 129 -16.21 41.03 45.70
N ASN R 130 -15.06 40.37 45.68
CA ASN R 130 -14.01 40.62 46.67
C ASN R 130 -14.54 40.41 48.08
N ASN R 131 -15.43 39.43 48.23
CA ASN R 131 -15.97 39.02 49.52
C ASN R 131 -16.87 40.09 50.14
N LYS R 132 -17.35 41.04 49.34
CA LYS R 132 -18.28 42.07 49.81
C LYS R 132 -19.49 42.11 48.87
N PHE R 133 -20.67 42.18 49.47
CA PHE R 133 -21.90 42.15 48.69
C PHE R 133 -22.02 43.39 47.80
N LYS R 134 -22.68 43.22 46.66
CA LYS R 134 -22.77 44.26 45.65
C LYS R 134 -24.18 44.25 45.06
N LEU R 135 -24.59 45.40 44.54
CA LEU R 135 -25.93 45.56 43.96
C LEU R 135 -25.79 46.47 42.74
N CYS R 136 -25.84 45.85 41.56
CA CYS R 136 -25.74 46.57 40.30
C CYS R 136 -27.11 46.78 39.69
N SER R 137 -27.13 47.45 38.54
CA SER R 137 -28.35 47.66 37.79
C SER R 137 -27.99 47.97 36.34
N THR R 138 -28.92 47.65 35.43
CA THR R 138 -28.74 47.91 34.01
C THR R 138 -30.03 48.51 33.47
N ASP R 139 -29.91 49.69 32.84
CA ASP R 139 -31.06 50.31 32.22
C ASP R 139 -31.21 49.82 30.78
N PRO R 140 -32.32 50.16 30.13
CA PRO R 140 -32.44 49.85 28.69
C PRO R 140 -31.28 50.40 27.87
N SER R 141 -30.72 51.54 28.28
CA SER R 141 -29.57 52.09 27.58
C SER R 141 -28.36 51.17 27.64
N GLY R 142 -28.27 50.34 28.67
CA GLY R 142 -27.13 49.49 28.89
C GLY R 142 -26.16 50.00 29.93
N THR R 143 -26.42 51.15 30.53
CA THR R 143 -25.55 51.68 31.57
C THR R 143 -25.61 50.80 32.81
N ILE R 144 -24.46 50.59 33.44
CA ILE R 144 -24.35 49.80 34.66
C ILE R 144 -24.18 50.76 35.83
N ASN R 145 -25.08 50.66 36.81
CA ASN R 145 -25.05 51.49 38.01
C ASN R 145 -24.97 50.59 39.23
N GLU R 146 -23.98 50.83 40.09
CA GLU R 146 -23.92 50.19 41.39
C GLU R 146 -24.70 51.01 42.40
N TRP R 147 -25.34 50.32 43.34
CA TRP R 147 -26.22 50.97 44.29
C TRP R 147 -26.03 50.40 45.68
N LYS R 148 -26.23 51.25 46.68
CA LYS R 148 -26.55 50.77 48.02
C LYS R 148 -28.01 50.33 48.09
N GLY R 149 -28.88 51.06 47.39
CA GLY R 149 -30.27 50.67 47.26
C GLY R 149 -30.88 51.39 46.07
N VAL R 150 -31.87 50.74 45.45
CA VAL R 150 -32.46 51.26 44.22
C VAL R 150 -33.85 50.68 44.07
N CYS R 151 -34.67 51.32 43.24
CA CYS R 151 -36.02 50.86 42.94
C CYS R 151 -36.35 51.19 41.50
N PHE R 152 -37.09 50.29 40.85
CA PHE R 152 -37.60 50.50 39.51
C PHE R 152 -39.04 50.01 39.45
N GLY R 153 -39.76 50.47 38.43
CA GLY R 153 -41.15 50.09 38.25
C GLY R 153 -42.09 51.19 38.72
N GLU R 154 -43.34 50.79 38.95
CA GLU R 154 -44.33 51.74 39.44
C GLU R 154 -43.91 52.29 40.78
N ASN R 155 -43.98 53.61 40.94
CA ASN R 155 -43.55 54.34 42.12
C ASN R 155 -42.04 54.30 42.31
N GLU R 156 -41.28 54.07 41.24
CA GLU R 156 -39.82 53.99 41.38
C GLU R 156 -39.25 55.32 41.84
N ASP R 157 -39.77 56.44 41.31
CA ASP R 157 -39.27 57.74 41.72
C ASP R 157 -39.52 57.99 43.20
N ALA R 158 -40.74 57.70 43.67
CA ALA R 158 -41.07 57.94 45.07
C ALA R 158 -40.20 57.07 46.00
N ILE R 159 -40.09 55.79 45.69
CA ILE R 159 -39.33 54.89 46.55
C ILE R 159 -37.85 55.23 46.51
N ASN R 160 -37.33 55.62 45.35
CA ASN R 160 -35.93 56.00 45.24
C ASN R 160 -35.66 57.26 46.04
N ASN R 161 -36.53 58.27 45.93
CA ASN R 161 -36.37 59.48 46.72
C ASN R 161 -36.43 59.16 48.21
N GLY R 162 -37.34 58.27 48.60
CA GLY R 162 -37.40 57.86 50.00
C GLY R 162 -36.12 57.19 50.46
N LEU R 163 -35.60 56.27 49.65
CA LEU R 163 -34.34 55.61 49.99
C LEU R 163 -33.22 56.65 50.16
N ARG R 164 -33.21 57.66 49.30
CA ARG R 164 -32.18 58.69 49.39
C ARG R 164 -32.37 59.54 50.65
N ASN R 165 -33.61 59.83 51.03
CA ASN R 165 -33.87 60.85 52.03
C ASN R 165 -34.03 60.31 53.44
N ASP R 166 -34.87 59.30 53.66
CA ASP R 166 -35.25 58.89 55.00
C ASP R 166 -34.57 57.61 55.46
N PHE R 167 -33.75 56.98 54.63
CA PHE R 167 -33.06 55.77 55.07
C PHE R 167 -32.09 56.12 56.21
N PRO R 168 -31.97 55.26 57.22
CA PRO R 168 -31.14 55.61 58.38
C PRO R 168 -29.65 55.70 58.08
N ASP R 169 -29.20 55.26 56.91
CA ASP R 169 -27.78 55.30 56.55
C ASP R 169 -26.93 54.49 57.52
N GLU R 170 -27.52 53.49 58.16
CA GLU R 170 -26.88 52.70 59.19
C GLU R 170 -26.65 51.28 58.69
N GLU R 171 -25.41 50.82 58.78
CA GLU R 171 -25.12 49.41 58.50
C GLU R 171 -25.89 48.55 59.48
N MET R 172 -26.58 47.52 58.95
CA MET R 172 -27.55 46.80 59.75
C MET R 172 -27.76 45.41 59.18
N ASP R 173 -28.36 44.55 59.99
CA ASP R 173 -28.69 43.20 59.55
C ASP R 173 -29.75 43.24 58.46
N MET R 174 -29.79 42.18 57.65
CA MET R 174 -30.74 42.15 56.54
C MET R 174 -32.18 42.23 57.02
N GLU R 175 -32.47 41.69 58.21
CA GLU R 175 -33.81 41.82 58.78
C GLU R 175 -34.18 43.28 58.97
N ARG R 176 -33.27 44.05 59.58
CA ARG R 176 -33.51 45.49 59.75
C ARG R 176 -33.64 46.17 58.39
N GLY R 177 -32.85 45.74 57.41
CA GLY R 177 -32.96 46.32 56.08
C GLY R 177 -34.33 46.14 55.48
N LEU R 178 -34.87 44.92 55.56
CA LEU R 178 -36.21 44.67 55.04
C LEU R 178 -37.25 45.44 55.83
N PHE R 179 -37.07 45.54 57.15
CA PHE R 179 -37.97 46.33 57.97
C PHE R 179 -38.02 47.79 57.49
N GLU R 180 -36.84 48.38 57.27
CA GLU R 180 -36.79 49.76 56.80
C GLU R 180 -37.40 49.89 55.41
N ILE R 181 -37.14 48.91 54.54
CA ILE R 181 -37.70 48.95 53.19
C ILE R 181 -39.22 48.97 53.24
N PHE R 182 -39.80 48.10 54.07
CA PHE R 182 -41.25 48.06 54.19
C PHE R 182 -41.77 49.35 54.80
N LYS R 183 -41.06 49.92 55.78
CA LYS R 183 -41.50 51.18 56.36
C LYS R 183 -41.55 52.29 55.30
N ILE R 184 -40.50 52.39 54.48
CA ILE R 184 -40.49 53.44 53.47
C ILE R 184 -41.57 53.19 52.43
N LEU R 185 -41.78 51.92 52.05
CA LEU R 185 -42.84 51.61 51.10
C LEU R 185 -44.19 52.07 51.64
N SER R 186 -44.46 51.77 52.91
CA SER R 186 -45.71 52.22 53.51
C SER R 186 -45.79 53.74 53.56
N LYS R 187 -44.67 54.39 53.89
CA LYS R 187 -44.67 55.85 54.00
C LYS R 187 -45.02 56.50 52.67
N VAL R 188 -44.39 56.06 51.58
CA VAL R 188 -44.62 56.68 50.28
C VAL R 188 -45.93 56.22 49.65
N THR R 189 -46.46 55.07 50.07
CA THR R 189 -47.73 54.59 49.55
C THR R 189 -48.31 53.62 50.56
N GLU R 190 -49.57 53.86 50.96
CA GLU R 190 -50.22 53.00 51.95
C GLU R 190 -50.63 51.65 51.36
N CYS R 191 -50.55 51.47 50.03
CA CYS R 191 -50.85 50.18 49.45
C CYS R 191 -49.86 49.11 49.88
N SER R 192 -48.69 49.51 50.38
CA SER R 192 -47.70 48.56 50.85
C SER R 192 -47.96 48.08 52.27
N ALA R 193 -48.91 48.69 52.98
CA ALA R 193 -49.35 48.19 54.27
C ALA R 193 -50.41 47.10 54.13
N LYS R 194 -50.72 46.68 52.92
CA LYS R 194 -51.76 45.69 52.65
C LYS R 194 -51.35 44.86 51.44
N ASP R 195 -52.00 43.71 51.28
CA ASP R 195 -51.88 42.90 50.07
C ASP R 195 -50.44 42.51 49.80
N HIS R 196 -49.87 41.72 50.71
CA HIS R 196 -48.48 41.27 50.59
C HIS R 196 -48.37 39.87 50.00
N LYS R 197 -49.46 39.29 49.49
CA LYS R 197 -49.37 37.99 48.84
C LYS R 197 -48.71 38.07 47.47
N LYS R 198 -48.50 39.27 46.93
CA LYS R 198 -47.85 39.43 45.64
C LYS R 198 -46.36 39.76 45.76
N TYR R 199 -45.81 39.74 46.97
CA TYR R 199 -44.44 40.18 47.17
C TYR R 199 -43.48 39.00 47.06
N GLU R 200 -42.31 39.25 46.47
CA GLU R 200 -41.22 38.30 46.42
C GLU R 200 -39.99 38.94 47.05
N ILE R 201 -39.46 38.31 48.09
CA ILE R 201 -38.29 38.82 48.80
C ILE R 201 -37.23 37.73 48.81
N LEU R 202 -36.02 38.08 48.39
CA LEU R 202 -34.88 37.18 48.40
C LEU R 202 -33.85 37.70 49.39
N TYR R 203 -33.41 36.82 50.29
CA TYR R 203 -32.39 37.17 51.27
C TYR R 203 -31.06 36.66 50.73
N PHE R 204 -30.49 37.38 49.77
CA PHE R 204 -29.34 36.86 49.05
C PHE R 204 -28.13 36.77 49.97
N LYS R 205 -27.59 35.57 50.08
CA LYS R 205 -26.27 35.33 50.67
C LYS R 205 -25.50 34.45 49.70
N ASN R 206 -24.22 34.78 49.50
CA ASN R 206 -23.46 34.21 48.39
C ASN R 206 -23.59 32.70 48.28
N GLU R 207 -23.91 32.00 49.38
CA GLU R 207 -24.05 30.56 49.35
C GLU R 207 -25.42 30.13 49.88
N GLU R 208 -25.91 30.81 50.90
CA GLU R 208 -27.13 30.41 51.61
C GLU R 208 -28.32 31.29 51.26
N SER R 209 -28.46 31.68 50.00
CA SER R 209 -29.59 32.51 49.60
C SER R 209 -30.91 31.76 49.82
N ARG R 210 -31.94 32.50 50.20
CA ARG R 210 -33.24 31.91 50.48
C ARG R 210 -34.33 32.94 50.24
N PHE R 211 -35.50 32.45 49.84
CA PHE R 211 -36.65 33.32 49.63
C PHE R 211 -37.50 33.39 50.89
N LEU R 212 -38.24 34.49 51.03
CA LEU R 212 -39.09 34.73 52.18
C LEU R 212 -40.55 34.51 51.80
N GLU R 213 -41.28 33.80 52.65
CA GLU R 213 -42.67 33.49 52.41
C GLU R 213 -43.57 34.46 53.18
N PHE R 214 -44.88 34.36 52.89
CA PHE R 214 -45.83 35.33 53.40
C PHE R 214 -45.83 35.41 54.92
N GLU R 215 -45.55 34.30 55.60
CA GLU R 215 -45.45 34.36 57.05
C GLU R 215 -44.33 35.29 57.49
N GLU R 216 -43.18 35.22 56.82
CA GLU R 216 -42.08 36.13 57.14
C GLU R 216 -42.46 37.57 56.87
N ILE R 217 -43.15 37.82 55.76
CA ILE R 217 -43.52 39.19 55.40
C ILE R 217 -44.46 39.77 56.46
N GLU R 218 -45.47 38.99 56.87
CA GLU R 218 -46.38 39.48 57.90
C GLU R 218 -45.68 39.64 59.24
N ASN R 219 -44.73 38.75 59.55
CA ASN R 219 -43.97 38.91 60.79
C ASN R 219 -43.18 40.21 60.77
N ILE R 220 -42.63 40.57 59.61
CA ILE R 220 -41.96 41.85 59.47
C ILE R 220 -42.96 42.99 59.65
N LEU R 221 -44.13 42.88 59.02
CA LEU R 221 -45.13 43.93 59.14
C LEU R 221 -45.62 44.08 60.57
N LEU R 222 -45.49 43.04 61.38
CA LEU R 222 -45.79 43.19 62.80
C LEU R 222 -44.94 44.26 63.45
N ARG R 223 -43.68 44.39 63.01
CA ARG R 223 -42.83 45.44 63.55
C ARG R 223 -43.33 46.82 63.18
N ILE R 224 -43.83 46.99 61.95
CA ILE R 224 -44.40 48.28 61.55
C ILE R 224 -45.69 48.54 62.33
N GLU R 225 -46.47 47.51 62.58
CA GLU R 225 -47.66 47.66 63.43
C GLU R 225 -47.27 48.12 64.82
N GLU R 226 -46.19 47.56 65.37
CA GLU R 226 -45.71 47.96 66.68
C GLU R 226 -45.23 49.39 66.69
N GLU R 227 -44.50 49.81 65.65
CA GLU R 227 -43.83 51.11 65.68
C GLU R 227 -44.79 52.24 65.31
N LYS R 228 -45.57 52.09 64.25
CA LYS R 228 -46.40 53.20 63.78
C LYS R 228 -47.41 53.63 64.82
N ASN R 229 -48.00 52.68 65.54
CA ASN R 229 -48.98 53.00 66.58
C ASN R 229 -48.33 53.83 67.69
N ALA S 6 -31.06 60.24 8.87
CA ALA S 6 -30.36 59.30 7.95
C ALA S 6 -28.92 59.06 8.41
N LEU S 7 -28.42 57.87 8.14
CA LEU S 7 -27.10 57.45 8.57
C LEU S 7 -26.19 57.26 7.36
N GLY S 8 -24.92 57.64 7.51
CA GLY S 8 -23.96 57.48 6.43
C GLY S 8 -24.33 58.23 5.17
N ILE S 9 -24.67 59.51 5.31
CA ILE S 9 -25.15 60.30 4.17
C ILE S 9 -24.85 61.77 4.45
N PHE S 10 -24.77 62.56 3.37
CA PHE S 10 -24.60 63.99 3.49
C PHE S 10 -25.95 64.70 3.53
N SER S 11 -26.03 65.73 4.34
CA SER S 11 -27.18 66.61 4.34
C SER S 11 -27.05 67.64 3.21
N PRO S 12 -28.16 68.28 2.82
CA PRO S 12 -28.09 69.25 1.72
C PRO S 12 -27.11 70.39 1.96
N ASP S 13 -26.86 70.73 3.22
CA ASP S 13 -25.93 71.80 3.57
C ASP S 13 -24.49 71.41 3.29
N GLY S 14 -24.18 70.11 3.23
CA GLY S 14 -22.82 69.63 3.22
C GLY S 14 -22.34 69.08 4.54
N ARG S 15 -23.26 68.81 5.46
CA ARG S 15 -22.92 68.35 6.80
C ARG S 15 -23.21 66.86 6.97
N LEU S 16 -22.39 66.21 7.81
CA LEU S 16 -22.71 64.87 8.30
C LEU S 16 -23.53 65.05 9.58
N ILE S 17 -24.84 65.24 9.38
CA ILE S 17 -25.71 65.67 10.47
C ILE S 17 -25.64 64.71 11.64
N GLN S 18 -25.75 63.41 11.36
CA GLN S 18 -25.80 62.44 12.45
C GLN S 18 -24.49 62.43 13.24
N VAL S 19 -23.36 62.63 12.57
CA VAL S 19 -22.09 62.70 13.27
C VAL S 19 -22.04 63.91 14.19
N GLU S 20 -22.63 65.03 13.80
CA GLU S 20 -22.66 66.20 14.68
C GLU S 20 -23.60 65.96 15.86
N TYR S 21 -24.72 65.26 15.63
CA TYR S 21 -25.57 64.91 16.76
C TYR S 21 -24.82 63.99 17.73
N ALA S 22 -24.02 63.06 17.20
CA ALA S 22 -23.19 62.23 18.06
C ALA S 22 -22.17 63.06 18.83
N GLN S 23 -21.57 64.06 18.17
CA GLN S 23 -20.67 64.98 18.88
C GLN S 23 -21.39 65.66 20.04
N GLN S 24 -22.58 66.19 19.78
CA GLN S 24 -23.32 66.89 20.83
C GLN S 24 -23.68 65.94 21.97
N ALA S 25 -24.09 64.72 21.64
CA ALA S 25 -24.34 63.72 22.69
C ALA S 25 -23.08 63.44 23.49
N SER S 26 -21.93 63.42 22.81
CA SER S 26 -20.66 63.24 23.50
C SER S 26 -20.28 64.44 24.36
N GLU S 27 -20.85 65.61 24.08
CA GLU S 27 -20.64 66.76 24.94
C GLU S 27 -21.48 66.69 26.21
N GLN S 28 -22.74 66.25 26.09
CA GLN S 28 -23.63 66.21 27.25
C GLN S 28 -23.23 65.08 28.18
N GLY S 29 -22.11 65.24 28.86
CA GLY S 29 -21.64 64.27 29.82
C GLY S 29 -20.77 64.94 30.86
N SER S 30 -20.55 64.22 31.96
CA SER S 30 -19.77 64.77 33.07
C SER S 30 -18.39 65.20 32.57
N LEU S 31 -17.94 66.36 33.03
CA LEU S 31 -16.73 66.95 32.50
C LEU S 31 -15.50 66.23 33.03
N VAL S 32 -14.56 65.94 32.14
CA VAL S 32 -13.25 65.40 32.50
C VAL S 32 -12.21 66.45 32.15
N VAL S 33 -11.33 66.76 33.10
CA VAL S 33 -10.30 67.76 32.93
C VAL S 33 -8.95 67.11 33.21
N PHE S 34 -7.99 67.31 32.30
CA PHE S 34 -6.68 66.72 32.42
C PHE S 34 -5.61 67.75 32.07
N SER S 35 -4.43 67.57 32.64
CA SER S 35 -3.27 68.38 32.30
C SER S 35 -2.03 67.53 32.49
N SER S 36 -1.08 67.67 31.56
CA SER S 36 0.09 66.83 31.52
C SER S 36 1.35 67.66 31.41
N ASP S 37 2.39 67.21 32.11
CA ASP S 37 3.75 67.68 31.92
C ASP S 37 4.63 66.45 31.72
N THR S 38 5.89 66.69 31.38
CA THR S 38 6.81 65.58 31.19
C THR S 38 6.86 64.70 32.44
N ASN S 39 6.76 63.39 32.22
CA ASN S 39 6.86 62.35 33.25
C ASN S 39 5.66 62.31 34.20
N GLU S 40 4.54 62.95 33.87
CA GLU S 40 3.39 62.88 34.76
C GLU S 40 2.15 63.40 34.04
N ILE S 41 0.99 62.87 34.45
CA ILE S 41 -0.31 63.34 34.01
C ILE S 41 -1.23 63.41 35.22
N CYS S 42 -2.05 64.45 35.29
CA CYS S 42 -3.07 64.59 36.31
C CYS S 42 -4.40 64.96 35.64
N LEU S 43 -5.48 64.34 36.09
CA LEU S 43 -6.79 64.59 35.54
C LEU S 43 -7.86 64.42 36.62
N SER S 44 -8.98 65.10 36.42
CA SER S 44 -10.06 65.13 37.40
C SER S 44 -11.38 64.84 36.70
N ILE S 45 -12.27 64.16 37.41
CA ILE S 45 -13.56 63.72 36.87
C ILE S 45 -14.67 64.39 37.66
N GLU S 46 -15.63 64.98 36.95
CA GLU S 46 -16.85 65.47 37.58
C GLU S 46 -17.79 64.31 37.84
N THR S 47 -18.34 64.24 39.05
CA THR S 47 -19.27 63.18 39.44
C THR S 47 -20.53 63.80 40.03
N LYS S 48 -21.64 63.08 39.90
CA LYS S 48 -22.95 63.55 40.33
C LYS S 48 -23.38 62.96 41.66
N THR S 49 -22.43 62.54 42.51
CA THR S 49 -22.78 61.76 43.69
C THR S 49 -23.25 62.64 44.85
N HIS S 50 -24.19 63.55 44.58
CA HIS S 50 -24.99 64.10 45.67
C HIS S 50 -26.04 63.08 46.11
N ASN S 51 -26.49 62.24 45.18
CA ASN S 51 -27.27 61.06 45.52
C ASN S 51 -26.36 60.02 46.16
N LYS S 52 -26.58 59.75 47.44
CA LYS S 52 -25.70 58.86 48.19
C LYS S 52 -25.97 57.38 47.91
N MET S 53 -27.18 57.02 47.51
CA MET S 53 -27.47 55.62 47.22
C MET S 53 -26.74 55.14 45.98
N LEU S 54 -26.61 55.99 44.97
CA LEU S 54 -25.85 55.65 43.78
C LEU S 54 -24.36 55.61 44.11
N ILE S 55 -23.72 54.49 43.79
CA ILE S 55 -22.29 54.35 44.02
C ILE S 55 -21.55 54.84 42.78
N ASP S 56 -20.61 55.76 42.97
CA ASP S 56 -19.85 56.29 41.85
C ASP S 56 -19.04 55.19 41.17
N GLN S 57 -18.96 55.25 39.84
CA GLN S 57 -18.14 54.31 39.11
C GLN S 57 -16.82 54.96 38.70
N ASN S 58 -15.73 54.23 38.86
CA ASN S 58 -14.42 54.75 38.47
C ASN S 58 -14.39 54.95 36.96
N LYS S 59 -14.07 56.17 36.53
CA LYS S 59 -14.10 56.53 35.13
C LYS S 59 -12.72 56.46 34.47
N LEU S 60 -11.69 56.06 35.20
CA LEU S 60 -10.34 55.91 34.66
C LEU S 60 -10.00 54.43 34.69
N LEU S 61 -10.05 53.79 33.52
CA LEU S 61 -9.91 52.35 33.42
C LEU S 61 -8.64 51.99 32.65
N PRO S 62 -7.92 50.95 33.06
CA PRO S 62 -6.64 50.62 32.41
C PRO S 62 -6.87 49.86 31.10
N VAL S 63 -6.16 50.26 30.06
CA VAL S 63 -6.21 49.55 28.78
C VAL S 63 -5.16 48.46 28.72
N ASP S 64 -3.97 48.72 29.26
CA ASP S 64 -2.90 47.73 29.33
C ASP S 64 -2.03 48.08 30.53
N LYS S 65 -1.97 47.18 31.51
CA LYS S 65 -1.21 47.47 32.72
C LYS S 65 0.29 47.52 32.45
N ASP S 66 0.80 46.66 31.57
CA ASP S 66 2.23 46.67 31.28
C ASP S 66 2.62 47.94 30.51
N LEU S 67 1.83 48.33 29.51
CA LEU S 67 2.12 49.56 28.78
C LEU S 67 1.69 50.80 29.55
N ASN S 68 0.94 50.64 30.64
CA ASN S 68 0.49 51.78 31.44
C ASN S 68 -0.34 52.74 30.61
N ILE S 69 -1.33 52.20 29.90
CA ILE S 69 -2.26 52.98 29.10
C ILE S 69 -3.58 53.03 29.84
N TRP S 70 -4.11 54.24 30.03
CA TRP S 70 -5.35 54.45 30.76
C TRP S 70 -6.38 55.10 29.86
N TYR S 71 -7.65 54.82 30.13
CA TYR S 71 -8.74 55.23 29.27
C TYR S 71 -9.82 55.92 30.10
N THR S 72 -10.34 57.02 29.57
CA THR S 72 -11.47 57.71 30.16
C THR S 72 -12.24 58.39 29.03
N PHE S 73 -13.46 58.80 29.33
CA PHE S 73 -14.38 59.21 28.28
C PHE S 73 -15.33 60.28 28.81
N SER S 74 -16.15 60.80 27.90
CA SER S 74 -17.26 61.67 28.22
C SER S 74 -18.37 61.47 27.19
N GLY S 75 -19.59 61.31 27.66
CA GLY S 75 -20.74 61.10 26.79
C GLY S 75 -21.54 59.88 27.18
N ILE S 76 -22.06 59.19 26.17
CA ILE S 76 -22.91 58.02 26.37
C ILE S 76 -22.10 56.93 27.06
N LYS S 77 -22.45 56.62 28.30
CA LYS S 77 -21.66 55.66 29.07
C LYS S 77 -21.64 54.27 28.45
N PRO S 78 -22.76 53.70 27.99
CA PRO S 78 -22.69 52.35 27.41
C PRO S 78 -21.68 52.22 26.28
N ASP S 79 -21.56 53.24 25.43
CA ASP S 79 -20.58 53.18 24.35
C ASP S 79 -19.15 53.13 24.88
N SER S 80 -18.93 53.71 26.06
CA SER S 80 -17.60 53.67 26.65
C SER S 80 -17.15 52.25 26.92
N TYR S 81 -18.07 51.40 27.40
CA TYR S 81 -17.72 50.00 27.63
C TYR S 81 -17.26 49.34 26.34
N LYS S 82 -18.01 49.55 25.25
CA LYS S 82 -17.64 48.95 23.98
C LYS S 82 -16.29 49.44 23.50
N VAL S 83 -16.04 50.75 23.59
CA VAL S 83 -14.79 51.30 23.08
C VAL S 83 -13.61 50.83 23.92
N LEU S 84 -13.78 50.78 25.25
CA LEU S 84 -12.72 50.27 26.11
C LEU S 84 -12.43 48.80 25.84
N ASN S 85 -13.49 48.01 25.64
CA ASN S 85 -13.29 46.61 25.31
C ASN S 85 -12.52 46.46 24.00
N GLU S 86 -12.86 47.28 23.01
CA GLU S 86 -12.13 47.18 21.74
C GLU S 86 -10.69 47.66 21.90
N ALA S 87 -10.44 48.64 22.77
CA ALA S 87 -9.06 49.06 22.99
C ALA S 87 -8.23 47.94 23.59
N ARG S 88 -8.78 47.27 24.61
CA ARG S 88 -8.07 46.15 25.23
C ARG S 88 -7.87 45.02 24.23
N LEU S 89 -8.90 44.74 23.43
CA LEU S 89 -8.78 43.72 22.39
C LEU S 89 -7.73 44.10 21.37
N ILE S 90 -7.64 45.37 21.01
CA ILE S 90 -6.64 45.80 20.04
C ILE S 90 -5.24 45.57 20.59
N CYS S 91 -5.01 45.96 21.84
CA CYS S 91 -3.71 45.71 22.44
C CYS S 91 -3.36 44.22 22.43
N ARG S 92 -4.29 43.38 22.89
CA ARG S 92 -4.00 41.96 23.01
C ARG S 92 -3.81 41.32 21.64
N ASN S 93 -4.68 41.64 20.69
CA ASN S 93 -4.56 41.09 19.35
C ASN S 93 -3.28 41.53 18.68
N TYR S 94 -2.88 42.78 18.87
CA TYR S 94 -1.63 43.24 18.28
C TYR S 94 -0.45 42.48 18.86
N LYS S 95 -0.45 42.26 20.19
CA LYS S 95 0.64 41.47 20.76
C LYS S 95 0.64 40.04 20.25
N ILE S 96 -0.54 39.46 20.02
CA ILE S 96 -0.60 38.11 19.47
C ILE S 96 -0.05 38.08 18.05
N LYS S 97 -0.48 39.03 17.22
CA LYS S 97 -0.11 39.02 15.81
C LYS S 97 1.39 39.28 15.63
N THR S 98 1.91 40.29 16.32
CA THR S 98 3.27 40.74 16.07
C THR S 98 4.28 40.28 17.11
N GLY S 99 3.82 39.79 18.26
CA GLY S 99 4.74 39.37 19.30
C GLY S 99 5.42 40.50 20.03
N THR S 100 4.97 41.74 19.82
CA THR S 100 5.56 42.91 20.46
C THR S 100 4.45 43.80 20.96
N ASN S 101 4.77 44.60 21.99
CA ASN S 101 3.78 45.49 22.57
C ASN S 101 3.33 46.52 21.55
N ILE S 102 2.03 46.83 21.57
CA ILE S 102 1.50 47.86 20.69
C ILE S 102 1.99 49.23 21.14
N SER S 103 2.42 50.04 20.18
CA SER S 103 2.81 51.40 20.48
C SER S 103 1.56 52.24 20.77
N PHE S 104 1.75 53.27 21.58
CA PHE S 104 0.61 54.10 21.99
C PHE S 104 -0.04 54.77 20.79
N ASP S 105 0.77 55.30 19.87
CA ASP S 105 0.22 55.93 18.67
C ASP S 105 -0.54 54.93 17.82
N GLU S 106 -0.03 53.71 17.66
CA GLU S 106 -0.74 52.69 16.90
C GLU S 106 -2.06 52.34 17.57
N LEU S 107 -2.08 52.23 18.91
CA LEU S 107 -3.31 51.95 19.60
C LEU S 107 -4.33 53.06 19.39
N ALA S 108 -3.88 54.32 19.47
CA ALA S 108 -4.79 55.44 19.22
C ALA S 108 -5.33 55.40 17.81
N TYR S 109 -4.47 55.12 16.83
CA TYR S 109 -4.92 55.04 15.45
C TYR S 109 -5.97 53.96 15.27
N GLU S 110 -5.71 52.77 15.82
CA GLU S 110 -6.65 51.67 15.63
C GLU S 110 -7.97 51.93 16.35
N LEU S 111 -7.92 52.52 17.54
CA LEU S 111 -9.15 52.84 18.25
C LEU S 111 -9.95 53.91 17.51
N SER S 112 -9.28 54.91 16.97
CA SER S 112 -9.99 55.94 16.19
C SER S 112 -10.57 55.35 14.91
N LEU S 113 -9.85 54.41 14.29
CA LEU S 113 -10.39 53.73 13.11
C LEU S 113 -11.63 52.91 13.49
N TYR S 114 -11.59 52.26 14.64
CA TYR S 114 -12.78 51.55 15.13
C TYR S 114 -13.95 52.51 15.32
N LYS S 115 -13.70 53.67 15.91
CA LYS S 115 -14.76 54.67 16.07
C LYS S 115 -15.30 55.10 14.72
N GLN S 116 -14.40 55.36 13.76
CA GLN S 116 -14.81 55.78 12.43
C GLN S 116 -15.64 54.71 11.74
N LYS S 117 -15.42 53.43 12.08
CA LYS S 117 -16.17 52.35 11.45
C LYS S 117 -17.68 52.61 11.54
N PHE S 118 -18.18 52.93 12.73
CA PHE S 118 -19.62 53.11 12.90
C PHE S 118 -20.12 54.41 12.29
N THR S 119 -19.23 55.37 12.05
CA THR S 119 -19.64 56.60 11.37
C THR S 119 -19.84 56.40 9.88
N LEU S 120 -19.25 55.34 9.31
CA LEU S 120 -19.40 55.03 7.89
C LEU S 120 -20.51 54.02 7.62
N ASP S 121 -21.25 53.62 8.64
CA ASP S 121 -22.19 52.50 8.55
C ASP S 121 -23.61 53.02 8.53
N SER S 122 -24.39 52.52 7.56
CA SER S 122 -25.82 52.81 7.54
C SER S 122 -26.58 52.08 8.63
N SER S 123 -26.09 50.93 9.07
CA SER S 123 -26.84 50.11 10.01
C SER S 123 -26.60 50.52 11.45
N MET S 124 -25.51 51.23 11.74
CA MET S 124 -25.09 51.46 13.11
C MET S 124 -25.13 52.95 13.47
N ARG S 125 -25.24 53.21 14.75
CA ARG S 125 -25.32 54.57 15.26
C ARG S 125 -23.94 55.00 15.79
N PRO S 126 -23.49 56.21 15.47
CA PRO S 126 -22.13 56.60 15.89
C PRO S 126 -21.96 56.60 17.40
N PHE S 127 -20.76 56.24 17.85
CA PHE S 127 -20.44 56.35 19.26
C PHE S 127 -20.54 57.79 19.69
N GLY S 128 -21.37 58.07 20.69
CA GLY S 128 -21.52 59.42 21.20
C GLY S 128 -20.64 59.70 22.38
N ILE S 129 -19.34 59.42 22.27
CA ILE S 129 -18.41 59.59 23.39
C ILE S 129 -17.11 60.19 22.88
N ARG S 130 -16.62 61.20 23.58
CA ARG S 130 -15.22 61.59 23.49
C ARG S 130 -14.41 60.70 24.41
N SER S 131 -13.40 60.04 23.85
CA SER S 131 -12.59 59.11 24.61
C SER S 131 -11.16 59.63 24.68
N ILE S 132 -10.54 59.45 25.84
CA ILE S 132 -9.18 59.91 26.09
C ILE S 132 -8.31 58.69 26.32
N LEU S 133 -7.29 58.54 25.50
CA LEU S 133 -6.21 57.60 25.76
C LEU S 133 -5.02 58.36 26.33
N LEU S 134 -4.45 57.83 27.40
CA LEU S 134 -3.34 58.51 28.05
C LEU S 134 -2.36 57.47 28.57
N GLN S 135 -1.07 57.83 28.52
CA GLN S 135 0.00 56.93 28.90
C GLN S 135 1.17 57.74 29.45
N VAL S 136 1.78 57.24 30.51
CA VAL S 136 3.01 57.79 31.06
C VAL S 136 3.99 56.64 31.25
N LYS S 137 4.76 56.34 30.20
CA LYS S 137 5.81 55.34 30.31
C LYS S 137 7.18 55.96 30.08
N ASP S 138 7.34 56.64 28.94
CA ASP S 138 8.57 57.37 28.66
C ASP S 138 8.31 58.87 28.71
N MET S 139 7.19 59.31 28.16
CA MET S 139 6.74 60.68 28.23
C MET S 139 5.22 60.68 28.32
N ALA S 140 4.68 61.75 28.87
CA ALA S 140 3.24 61.89 29.01
C ALA S 140 2.61 62.19 27.66
N LYS S 141 1.64 61.38 27.24
CA LYS S 141 0.91 61.60 26.00
C LYS S 141 -0.55 61.31 26.24
N ILE S 142 -1.41 62.20 25.73
CA ILE S 142 -2.85 62.10 25.92
C ILE S 142 -3.50 62.28 24.56
N TYR S 143 -4.19 61.25 24.08
CA TYR S 143 -4.96 61.31 22.84
C TYR S 143 -6.43 61.48 23.18
N VAL S 144 -7.10 62.41 22.51
CA VAL S 144 -8.53 62.62 22.64
C VAL S 144 -9.17 62.23 21.31
N LEU S 145 -9.97 61.17 21.32
CA LEU S 145 -10.57 60.62 20.11
C LEU S 145 -12.00 61.13 20.00
N GLU S 146 -12.28 61.85 18.92
CA GLU S 146 -13.63 62.33 18.69
C GLU S 146 -14.54 61.19 18.25
N PRO S 147 -15.85 61.33 18.43
CA PRO S 147 -16.76 60.25 18.01
C PRO S 147 -16.70 59.96 16.53
N ASP S 148 -16.31 60.93 15.71
CA ASP S 148 -16.26 60.73 14.27
C ASP S 148 -15.00 60.01 13.81
N GLY S 149 -14.04 59.79 14.70
CA GLY S 149 -12.79 59.16 14.33
C GLY S 149 -11.59 60.08 14.32
N ASN S 150 -11.78 61.37 14.52
CA ASN S 150 -10.65 62.28 14.64
C ASN S 150 -9.95 62.06 15.98
N TYR S 151 -8.65 62.31 16.01
CA TYR S 151 -7.87 62.14 17.22
C TYR S 151 -6.56 62.90 17.08
N SER S 152 -6.09 63.46 18.19
CA SER S 152 -4.85 64.22 18.20
C SER S 152 -4.37 64.35 19.64
N GLU S 153 -3.05 64.44 19.80
CA GLU S 153 -2.44 64.55 21.10
C GLU S 153 -2.80 65.88 21.74
N TYR S 154 -2.95 65.88 23.06
CA TYR S 154 -3.31 67.08 23.82
C TYR S 154 -2.35 67.23 24.98
N LYS S 155 -1.78 68.43 25.13
CA LYS S 155 -1.01 68.74 26.33
C LYS S 155 -1.90 68.80 27.55
N CYS S 156 -3.02 69.53 27.45
CA CYS S 156 -4.03 69.58 28.49
C CYS S 156 -5.34 70.01 27.85
N GLY S 157 -6.43 69.69 28.52
CA GLY S 157 -7.74 70.04 28.02
C GLY S 157 -8.83 69.49 28.91
N ALA S 158 -10.06 69.68 28.45
CA ALA S 158 -11.24 69.21 29.17
C ALA S 158 -12.27 68.76 28.15
N VAL S 159 -13.05 67.74 28.52
CA VAL S 159 -14.10 67.20 27.68
C VAL S 159 -15.37 67.08 28.50
N GLY S 160 -16.51 67.35 27.87
CA GLY S 160 -17.80 67.20 28.52
C GLY S 160 -18.74 68.35 28.23
N GLN S 161 -19.73 68.50 29.11
CA GLN S 161 -20.83 69.42 28.86
C GLN S 161 -20.35 70.85 28.69
N LYS S 162 -19.43 71.30 29.54
CA LYS S 162 -18.92 72.66 29.51
C LYS S 162 -17.42 72.67 29.27
N SER S 163 -16.98 71.87 28.30
CA SER S 163 -15.55 71.76 28.00
C SER S 163 -14.98 73.08 27.49
N VAL S 164 -15.82 73.91 26.85
CA VAL S 164 -15.31 75.12 26.22
C VAL S 164 -14.79 76.09 27.27
N SER S 165 -15.54 76.28 28.37
CA SER S 165 -15.12 77.22 29.40
C SER S 165 -13.81 76.79 30.04
N VAL S 166 -13.69 75.50 30.37
CA VAL S 166 -12.48 75.00 30.99
C VAL S 166 -11.31 75.08 30.01
N CYS S 167 -11.56 74.83 28.72
CA CYS S 167 -10.52 74.97 27.72
C CYS S 167 -10.03 76.41 27.64
N GLU S 168 -10.96 77.37 27.68
CA GLU S 168 -10.57 78.77 27.68
C GLU S 168 -9.74 79.11 28.91
N TYR S 169 -10.16 78.61 30.08
CA TYR S 169 -9.40 78.86 31.31
C TYR S 169 -8.00 78.27 31.22
N LEU S 170 -7.89 77.05 30.68
CA LEU S 170 -6.61 76.37 30.61
C LEU S 170 -5.68 76.99 29.58
N GLU S 171 -6.23 77.53 28.50
CA GLU S 171 -5.42 77.92 27.36
C GLU S 171 -4.39 78.97 27.75
N LYS S 172 -3.13 78.69 27.43
CA LYS S 172 -2.05 79.66 27.60
C LYS S 172 -2.05 80.27 29.00
N CYS S 173 -2.25 79.43 30.01
CA CYS S 173 -2.29 79.89 31.39
C CYS S 173 -0.87 80.11 31.92
N GLU S 174 -0.77 80.84 33.02
CA GLU S 174 0.52 81.11 33.63
C GLU S 174 1.05 79.91 34.40
N GLU S 175 0.16 79.17 35.07
CA GLU S 175 0.58 78.10 35.97
C GLU S 175 1.18 76.93 35.19
N GLU S 176 2.10 76.21 35.84
CA GLU S 176 2.69 75.01 35.27
C GLU S 176 2.58 73.78 36.16
N ASP S 177 1.98 73.91 37.35
CA ASP S 177 1.69 72.76 38.19
C ASP S 177 0.44 72.07 37.63
N ILE S 178 0.61 70.87 37.08
CA ILE S 178 -0.48 70.20 36.39
C ILE S 178 -1.61 69.80 37.33
N ILE S 179 -1.30 69.44 38.58
CA ILE S 179 -2.36 69.16 39.55
C ILE S 179 -3.22 70.40 39.74
N PHE S 180 -2.58 71.53 40.04
CA PHE S 180 -3.28 72.79 40.17
C PHE S 180 -4.02 73.13 38.88
N ARG S 181 -3.32 73.02 37.75
CA ARG S 181 -3.93 73.31 36.46
C ARG S 181 -5.27 72.58 36.31
N SER S 182 -5.23 71.25 36.36
CA SER S 182 -6.43 70.46 36.11
C SER S 182 -7.51 70.72 37.15
N VAL S 183 -7.13 70.74 38.43
CA VAL S 183 -8.13 70.85 39.48
C VAL S 183 -8.84 72.19 39.39
N SER S 184 -8.07 73.28 39.22
CA SER S 184 -8.68 74.59 39.06
C SER S 184 -9.53 74.67 37.79
N GLY S 185 -9.05 74.10 36.69
CA GLY S 185 -9.83 74.13 35.46
C GLY S 185 -11.19 73.47 35.64
N LEU S 186 -11.22 72.35 36.36
CA LEU S 186 -12.50 71.70 36.63
C LEU S 186 -13.33 72.51 37.62
N GLY S 187 -12.67 73.21 38.55
CA GLY S 187 -13.39 73.96 39.57
C GLY S 187 -14.12 75.16 39.04
N THR S 188 -13.74 75.67 37.86
CA THR S 188 -14.35 76.91 37.36
C THR S 188 -15.84 76.75 37.10
N VAL S 189 -16.30 75.54 36.79
CA VAL S 189 -17.67 75.35 36.32
C VAL S 189 -18.50 74.45 37.24
N VAL S 190 -17.87 73.53 37.98
CA VAL S 190 -18.65 72.54 38.73
C VAL S 190 -19.48 73.23 39.80
N GLN S 191 -20.69 72.72 40.03
CA GLN S 191 -21.56 73.20 41.10
C GLN S 191 -21.22 72.39 42.34
N SER S 192 -20.35 72.96 43.18
CA SER S 192 -19.85 72.24 44.35
C SER S 192 -21.01 71.88 45.28
N ASP S 193 -20.92 70.67 45.84
CA ASP S 193 -21.95 70.10 46.69
C ASP S 193 -23.13 69.61 45.87
N LYS S 194 -23.09 69.85 44.56
CA LYS S 194 -24.06 69.24 43.65
C LYS S 194 -23.37 68.21 42.77
N ASN S 195 -22.24 68.57 42.18
CA ASN S 195 -21.33 67.64 41.55
C ASN S 195 -19.92 67.87 42.09
N LYS S 196 -19.33 66.81 42.62
CA LYS S 196 -18.05 66.91 43.34
C LYS S 196 -16.92 66.42 42.47
N VAL S 197 -15.70 66.72 42.89
CA VAL S 197 -14.51 66.52 42.07
C VAL S 197 -13.59 65.50 42.72
N MET S 198 -13.12 64.55 41.91
CA MET S 198 -12.07 63.62 42.31
C MET S 198 -11.04 63.58 41.20
N SER S 199 -9.77 63.40 41.58
CA SER S 199 -8.68 63.48 40.62
C SER S 199 -7.66 62.40 40.90
N TYR S 200 -6.93 62.01 39.85
CA TYR S 200 -5.89 61.02 39.91
C TYR S 200 -4.61 61.59 39.32
N VAL S 201 -3.47 61.04 39.75
CA VAL S 201 -2.17 61.38 39.17
C VAL S 201 -1.61 60.12 38.54
N ILE S 202 -1.46 60.14 37.22
CA ILE S 202 -0.85 59.05 36.48
C ILE S 202 0.63 59.34 36.33
N SER S 203 1.46 58.47 36.90
CA SER S 203 2.90 58.63 36.89
C SER S 203 3.53 57.44 36.18
N LYS S 204 4.86 57.38 36.22
CA LYS S 204 5.58 56.31 35.52
C LYS S 204 5.18 54.96 36.09
N ASP S 205 4.42 54.18 35.31
CA ASP S 205 3.97 52.85 35.71
C ASP S 205 3.37 52.84 37.11
N GLU S 206 2.73 53.93 37.52
CA GLU S 206 2.09 53.99 38.83
C GLU S 206 0.92 54.96 38.76
N ILE S 207 -0.04 54.77 39.68
CA ILE S 207 -1.27 55.53 39.70
C ILE S 207 -1.62 55.84 41.15
N ARG S 208 -2.21 57.01 41.40
CA ARG S 208 -2.55 57.42 42.75
C ARG S 208 -3.71 58.40 42.72
N ARG S 209 -4.55 58.33 43.75
CA ARG S 209 -5.60 59.31 43.95
C ARG S 209 -5.05 60.50 44.73
N VAL S 210 -5.61 61.68 44.48
CA VAL S 210 -5.04 62.91 45.02
C VAL S 210 -5.69 63.35 46.34
N GLU S 211 -6.72 62.63 46.80
CA GLU S 211 -7.38 62.97 48.05
C GLU S 211 -8.20 64.25 47.89
N ASP S 212 -9.29 64.37 48.66
CA ASP S 212 -10.27 65.41 48.38
C ASP S 212 -9.92 66.74 49.04
N GLU S 213 -9.16 66.73 50.14
CA GLU S 213 -8.90 67.97 50.86
C GLU S 213 -8.10 68.96 50.02
N THR S 214 -7.02 68.49 49.39
CA THR S 214 -6.23 69.37 48.54
C THR S 214 -7.02 69.83 47.33
N VAL S 215 -7.84 68.95 46.75
CA VAL S 215 -8.68 69.34 45.63
C VAL S 215 -9.62 70.47 46.05
N SER S 216 -10.22 70.34 47.23
CA SER S 216 -11.12 71.37 47.74
C SER S 216 -10.38 72.68 47.95
N GLN S 217 -9.21 72.63 48.58
CA GLN S 217 -8.49 73.88 48.85
C GLN S 217 -7.98 74.51 47.57
N ILE S 218 -7.83 73.73 46.49
CA ILE S 218 -7.44 74.30 45.21
C ILE S 218 -8.65 74.94 44.53
N ILE S 219 -9.76 74.20 44.43
CA ILE S 219 -10.93 74.73 43.74
C ILE S 219 -11.60 75.85 44.52
N SER S 220 -11.22 76.06 45.78
CA SER S 220 -11.77 77.20 46.52
C SER S 220 -11.46 78.51 45.80
N THR S 221 -10.37 78.57 45.05
CA THR S 221 -9.97 79.80 44.35
C THR S 221 -10.84 80.11 43.15
N VAL S 222 -11.47 79.11 42.53
CA VAL S 222 -12.13 79.31 41.24
C VAL S 222 -13.63 79.12 41.36
N SER S 223 -14.07 78.28 42.29
CA SER S 223 -15.50 78.04 42.49
C SER S 223 -16.10 78.95 43.55
N VAL S 224 -15.40 80.02 43.92
CA VAL S 224 -15.89 80.95 44.93
C VAL S 224 -15.83 82.37 44.39
N SER T 2 -28.82 49.05 3.53
CA SER T 2 -30.27 48.98 3.16
C SER T 2 -30.50 49.55 1.77
N ILE T 3 -31.59 49.13 1.13
CA ILE T 3 -31.87 49.57 -0.23
C ILE T 3 -32.24 51.05 -0.25
N VAL T 4 -32.97 51.52 0.77
CA VAL T 4 -33.44 52.91 0.77
C VAL T 4 -32.25 53.86 0.93
N SER T 5 -31.35 53.57 1.86
CA SER T 5 -30.17 54.41 2.03
C SER T 5 -29.28 54.37 0.79
N ARG T 6 -29.12 53.18 0.18
CA ARG T 6 -28.33 53.09 -1.03
C ARG T 6 -28.93 53.92 -2.16
N GLN T 7 -30.26 53.91 -2.28
CA GLN T 7 -30.92 54.77 -3.26
C GLN T 7 -30.72 56.24 -2.94
N ASN T 8 -30.83 56.61 -1.66
CA ASN T 8 -30.57 57.99 -1.27
C ASN T 8 -29.17 58.42 -1.67
N ALA T 9 -28.20 57.52 -1.57
CA ALA T 9 -26.85 57.84 -2.00
C ALA T 9 -26.80 58.04 -3.51
N ASN T 10 -27.54 57.24 -4.27
CA ASN T 10 -27.40 57.16 -5.71
C ASN T 10 -28.37 58.05 -6.48
N THR T 11 -29.25 58.79 -5.80
CA THR T 11 -30.24 59.59 -6.50
C THR T 11 -29.57 60.72 -7.26
N TYR T 12 -29.97 60.90 -8.53
CA TYR T 12 -29.50 62.00 -9.35
C TYR T 12 -30.41 63.20 -9.18
N SER T 13 -29.85 64.38 -9.42
CA SER T 13 -30.63 65.60 -9.41
C SER T 13 -31.18 65.91 -10.80
N ALA T 14 -32.26 66.68 -10.84
CA ALA T 14 -32.83 67.09 -12.11
C ALA T 14 -31.80 67.84 -12.96
N GLU T 15 -30.82 68.45 -12.30
CA GLU T 15 -29.72 69.07 -13.01
C GLU T 15 -28.70 68.06 -13.50
N GLY T 16 -28.90 66.77 -13.22
CA GLY T 16 -27.87 65.80 -13.51
C GLY T 16 -27.10 65.36 -12.28
N ARG T 17 -25.98 66.04 -12.05
CA ARG T 17 -25.01 65.65 -11.03
C ARG T 17 -25.68 65.08 -9.79
N LEU T 18 -25.09 64.01 -9.27
CA LEU T 18 -25.62 63.34 -8.09
C LEU T 18 -25.76 64.30 -6.92
N TYR T 19 -26.84 64.13 -6.15
CA TYR T 19 -27.07 65.01 -5.00
C TYR T 19 -25.94 64.87 -3.98
N GLN T 20 -25.54 63.63 -3.66
CA GLN T 20 -24.51 63.43 -2.66
C GLN T 20 -23.20 64.07 -3.10
N VAL T 21 -22.87 64.00 -4.38
CA VAL T 21 -21.67 64.65 -4.88
C VAL T 21 -21.78 66.16 -4.72
N GLU T 22 -22.96 66.72 -5.00
CA GLU T 22 -23.14 68.16 -4.83
C GLU T 22 -22.97 68.57 -3.37
N TYR T 23 -23.42 67.74 -2.44
CA TYR T 23 -23.25 68.07 -1.02
C TYR T 23 -21.81 67.90 -0.56
N ALA T 24 -21.14 66.86 -1.05
CA ALA T 24 -19.71 66.71 -0.77
C ALA T 24 -18.91 67.86 -1.34
N MET T 25 -19.39 68.49 -2.42
CA MET T 25 -18.74 69.67 -2.95
C MET T 25 -18.73 70.80 -1.94
N GLN T 26 -19.86 71.01 -1.24
CA GLN T 26 -19.88 71.99 -0.16
C GLN T 26 -19.01 71.54 1.01
N ALA T 27 -19.04 70.25 1.31
CA ALA T 27 -18.27 69.74 2.45
C ALA T 27 -16.78 69.96 2.27
N MET T 28 -16.28 69.72 1.05
CA MET T 28 -14.84 69.80 0.81
C MET T 28 -14.30 71.22 0.95
N ASN T 29 -15.14 72.23 0.82
CA ASN T 29 -14.69 73.61 0.98
C ASN T 29 -14.43 73.98 2.43
N LEU T 30 -15.10 73.32 3.37
CA LEU T 30 -15.05 73.70 4.79
C LEU T 30 -13.79 73.14 5.46
N GLY T 31 -12.66 73.79 5.16
CA GLY T 31 -11.39 73.38 5.74
C GLY T 31 -10.38 74.48 5.59
N THR T 32 -9.22 74.27 6.21
CA THR T 32 -8.15 75.26 6.15
C THR T 32 -7.50 75.24 4.76
N SER T 33 -6.90 76.38 4.41
CA SER T 33 -6.33 76.54 3.08
C SER T 33 -5.06 75.73 2.91
N SER T 34 -4.74 75.42 1.66
CA SER T 34 -3.49 74.77 1.32
C SER T 34 -3.21 74.99 -0.17
N ILE T 35 -1.94 75.15 -0.50
CA ILE T 35 -1.51 75.48 -1.86
C ILE T 35 -0.57 74.40 -2.34
N GLY T 36 -0.73 74.00 -3.60
CA GLY T 36 0.20 73.09 -4.26
C GLY T 36 0.76 73.76 -5.50
N ILE T 37 2.08 73.74 -5.63
CA ILE T 37 2.78 74.35 -6.75
C ILE T 37 3.67 73.29 -7.40
N LYS T 38 3.57 73.17 -8.71
CA LYS T 38 4.36 72.21 -9.49
C LYS T 38 5.14 72.96 -10.54
N THR T 39 6.43 72.65 -10.63
CA THR T 39 7.32 73.27 -11.60
C THR T 39 8.14 72.18 -12.30
N LYS T 40 9.09 72.62 -13.13
CA LYS T 40 9.88 71.70 -13.93
C LYS T 40 10.69 70.73 -13.07
N ASP T 41 11.01 71.09 -11.83
CA ASP T 41 11.92 70.27 -11.02
C ASP T 41 11.46 70.03 -9.59
N TYR T 42 10.40 70.68 -9.11
CA TYR T 42 9.94 70.45 -7.75
C TYR T 42 8.42 70.63 -7.70
N VAL T 43 7.81 69.98 -6.72
CA VAL T 43 6.39 70.16 -6.41
C VAL T 43 6.27 70.44 -4.92
N LEU T 44 5.60 71.54 -4.57
CA LEU T 44 5.42 71.94 -3.19
C LEU T 44 3.97 71.74 -2.77
N LEU T 45 3.76 71.57 -1.48
CA LEU T 45 2.43 71.46 -0.90
C LEU T 45 2.44 72.08 0.48
N ALA T 46 1.80 73.24 0.61
CA ALA T 46 1.75 73.98 1.85
C ALA T 46 0.31 73.99 2.35
N SER T 47 0.12 73.69 3.63
CA SER T 47 -1.20 73.64 4.22
C SER T 47 -1.20 74.33 5.57
N GLU T 48 -2.28 75.04 5.86
CA GLU T 48 -2.46 75.69 7.15
C GLU T 48 -2.98 74.68 8.17
N LYS T 49 -2.32 74.61 9.33
CA LYS T 49 -2.76 73.70 10.37
C LYS T 49 -3.99 74.25 11.08
N LYS T 50 -4.91 73.34 11.41
CA LYS T 50 -6.12 73.69 12.14
C LYS T 50 -5.93 73.42 13.64
N ILE T 51 -5.19 74.32 14.28
CA ILE T 51 -4.96 74.22 15.72
C ILE T 51 -6.20 74.77 16.43
N ILE T 52 -7.11 73.87 16.81
CA ILE T 52 -8.35 74.30 17.45
C ILE T 52 -8.05 75.01 18.76
N SER T 53 -7.11 74.49 19.54
CA SER T 53 -6.64 75.13 20.76
C SER T 53 -5.13 75.02 20.84
N LYS T 54 -4.50 76.01 21.46
CA LYS T 54 -3.05 75.96 21.62
C LYS T 54 -2.60 74.82 22.52
N LEU T 55 -3.49 74.30 23.37
CA LEU T 55 -3.15 73.13 24.17
C LEU T 55 -2.99 71.89 23.33
N GLN T 56 -3.65 71.83 22.16
CA GLN T 56 -3.42 70.75 21.22
C GLN T 56 -1.94 70.75 20.81
N ASN T 57 -1.35 69.57 20.75
CA ASN T 57 0.06 69.48 20.43
C ASN T 57 0.27 69.88 18.97
N PRO T 58 1.07 70.90 18.69
CA PRO T 58 1.24 71.32 17.28
C PRO T 58 1.79 70.23 16.37
N SER T 59 2.70 69.40 16.87
CA SER T 59 3.28 68.35 16.04
C SER T 59 2.28 67.23 15.76
N SER T 60 1.26 67.09 16.60
CA SER T 60 0.36 65.95 16.50
C SER T 60 -0.82 66.20 15.57
N VAL T 61 -0.99 67.43 15.08
CA VAL T 61 -2.12 67.78 14.24
C VAL T 61 -1.66 67.84 12.78
N LYS T 62 -0.58 67.14 12.47
CA LYS T 62 -0.01 67.18 11.13
C LYS T 62 -1.07 66.92 10.08
N LYS T 63 -0.87 67.52 8.90
CA LYS T 63 -1.88 67.54 7.85
C LYS T 63 -1.45 66.88 6.57
N HIS T 64 -0.18 66.54 6.39
CA HIS T 64 0.32 65.84 5.21
C HIS T 64 0.61 64.39 5.58
N TYR T 65 0.16 63.47 4.75
CA TYR T 65 0.35 62.04 4.96
C TYR T 65 1.21 61.47 3.85
N ARG T 66 2.21 60.68 4.23
CA ARG T 66 2.98 59.93 3.25
C ARG T 66 2.19 58.69 2.83
N VAL T 67 1.86 58.60 1.55
CA VAL T 67 1.16 57.42 1.04
C VAL T 67 2.13 56.41 0.45
N TYR T 68 3.34 56.83 0.06
CA TYR T 68 4.36 55.92 -0.41
C TYR T 68 5.64 56.71 -0.62
N ASP T 69 6.69 56.00 -1.02
CA ASP T 69 7.94 56.66 -1.37
C ASP T 69 7.71 57.69 -2.46
N HIS T 70 7.96 58.96 -2.13
CA HIS T 70 7.84 60.05 -3.09
C HIS T 70 6.41 60.29 -3.54
N ILE T 71 5.44 60.05 -2.65
CA ILE T 71 4.07 60.49 -2.84
C ILE T 71 3.56 60.99 -1.50
N ALA T 72 3.01 62.21 -1.48
CA ALA T 72 2.46 62.81 -0.28
C ALA T 72 1.07 63.33 -0.59
N LEU T 73 0.22 63.35 0.44
CA LEU T 73 -1.19 63.69 0.30
C LEU T 73 -1.54 64.83 1.23
N GLY T 74 -2.08 65.91 0.66
CA GLY T 74 -2.68 66.98 1.43
C GLY T 74 -4.18 67.00 1.15
N PHE T 75 -4.92 67.58 2.10
CA PHE T 75 -6.37 67.45 2.06
C PHE T 75 -7.02 68.69 2.65
N SER T 76 -8.30 68.87 2.30
CA SER T 76 -9.16 69.88 2.90
C SER T 76 -10.55 69.30 3.02
N GLY T 77 -11.28 69.77 4.03
CA GLY T 77 -12.63 69.29 4.27
C GLY T 77 -12.72 68.39 5.49
N ILE T 78 -13.56 67.38 5.43
CA ILE T 78 -13.77 66.48 6.56
C ILE T 78 -12.50 65.67 6.79
N SER T 79 -11.85 65.90 7.93
CA SER T 79 -10.57 65.25 8.20
C SER T 79 -10.74 63.77 8.50
N ALA T 80 -11.89 63.36 9.03
CA ALA T 80 -12.10 61.97 9.39
C ALA T 80 -12.00 61.05 8.18
N ASP T 81 -12.52 61.48 7.04
CA ASP T 81 -12.54 60.64 5.85
C ASP T 81 -11.13 60.37 5.33
N VAL T 82 -10.23 61.34 5.44
CA VAL T 82 -8.95 61.24 4.77
C VAL T 82 -8.10 60.12 5.35
N LYS T 83 -8.37 59.70 6.59
CA LYS T 83 -7.63 58.58 7.16
C LYS T 83 -7.84 57.32 6.33
N THR T 84 -9.10 57.02 5.99
CA THR T 84 -9.38 55.84 5.17
C THR T 84 -8.77 55.97 3.79
N ILE T 85 -8.85 57.16 3.19
CA ILE T 85 -8.27 57.36 1.87
C ILE T 85 -6.77 57.12 1.90
N VAL T 86 -6.10 57.63 2.93
CA VAL T 86 -4.65 57.46 3.04
C VAL T 86 -4.31 55.99 3.20
N ASP T 87 -5.05 55.28 4.05
CA ASP T 87 -4.79 53.86 4.24
C ASP T 87 -4.99 53.09 2.93
N LYS T 88 -6.08 53.40 2.22
CA LYS T 88 -6.35 52.71 0.96
C LYS T 88 -5.29 53.02 -0.08
N SER T 89 -4.82 54.26 -0.14
CA SER T 89 -3.77 54.63 -1.08
C SER T 89 -2.46 53.93 -0.75
N ARG T 90 -2.13 53.82 0.54
CA ARG T 90 -0.94 53.07 0.92
C ARG T 90 -1.06 51.61 0.51
N ASN T 91 -2.24 51.02 0.72
CA ASN T 91 -2.45 49.64 0.28
C ASN T 91 -2.27 49.52 -1.22
N PHE T 92 -2.82 50.46 -1.98
CA PHE T 92 -2.71 50.41 -3.43
C PHE T 92 -1.26 50.50 -3.87
N ALA T 93 -0.50 51.42 -3.28
CA ALA T 93 0.90 51.58 -3.66
C ALA T 93 1.70 50.33 -3.31
N ILE T 94 1.45 49.75 -2.14
CA ILE T 94 2.15 48.54 -1.74
C ILE T 94 1.82 47.41 -2.70
N ASN T 95 0.55 47.27 -3.08
CA ASN T 95 0.16 46.24 -4.02
C ASN T 95 0.78 46.47 -5.39
N HIS T 96 0.86 47.72 -5.83
CA HIS T 96 1.48 48.00 -7.12
C HIS T 96 2.96 47.63 -7.11
N GLU T 97 3.66 47.94 -6.03
CA GLU T 97 5.07 47.52 -5.95
C GLU T 97 5.17 46.01 -5.89
N TYR T 98 4.25 45.36 -5.17
CA TYR T 98 4.24 43.91 -5.10
C TYR T 98 4.11 43.29 -6.48
N LEU T 99 3.21 43.82 -7.30
CA LEU T 99 3.00 43.26 -8.63
C LEU T 99 4.12 43.62 -9.58
N TYR T 100 4.66 44.84 -9.49
CA TYR T 100 5.53 45.36 -10.52
C TYR T 100 6.88 45.85 -10.01
N ASP T 101 7.15 45.76 -8.70
CA ASP T 101 8.45 46.08 -8.14
C ASP T 101 8.89 47.52 -8.43
N GLU T 102 7.95 48.46 -8.54
CA GLU T 102 8.29 49.83 -8.84
C GLU T 102 7.32 50.77 -8.13
N ASN T 103 7.75 52.02 -7.96
CA ASN T 103 6.85 53.05 -7.45
C ASN T 103 5.82 53.40 -8.50
N CYS T 104 4.55 53.41 -8.10
CA CYS T 104 3.48 53.64 -9.06
C CYS T 104 3.52 55.06 -9.59
N LYS T 105 3.13 55.21 -10.86
CA LYS T 105 2.84 56.53 -11.40
C LYS T 105 1.74 57.17 -10.56
N VAL T 106 1.92 58.45 -10.24
CA VAL T 106 0.96 59.12 -9.36
C VAL T 106 -0.44 59.09 -9.99
N GLU T 107 -0.51 59.29 -11.31
CA GLU T 107 -1.80 59.23 -11.99
C GLU T 107 -2.43 57.85 -11.84
N ARG T 108 -1.61 56.81 -11.66
CA ARG T 108 -2.15 55.47 -11.42
C ARG T 108 -2.91 55.42 -10.10
N LEU T 109 -2.32 55.97 -9.04
CA LEU T 109 -3.01 56.06 -7.76
C LEU T 109 -4.26 56.91 -7.89
N LEU T 110 -4.18 58.01 -8.62
CA LEU T 110 -5.34 58.87 -8.79
C LEU T 110 -6.48 58.12 -9.47
N GLU T 111 -6.16 57.35 -10.52
CA GLU T 111 -7.19 56.57 -11.20
C GLU T 111 -7.77 55.52 -10.28
N HIS T 112 -6.93 54.85 -9.48
CA HIS T 112 -7.45 53.86 -8.54
C HIS T 112 -8.43 54.50 -7.56
N LEU T 113 -8.04 55.64 -6.98
CA LEU T 113 -8.91 56.31 -6.01
C LEU T 113 -10.19 56.80 -6.68
N ALA T 114 -10.09 57.31 -7.91
CA ALA T 114 -11.28 57.75 -8.62
C ALA T 114 -12.23 56.58 -8.86
N ASP T 115 -11.70 55.42 -9.22
CA ASP T 115 -12.54 54.25 -9.41
C ASP T 115 -13.22 53.87 -8.10
N LEU T 116 -12.47 53.92 -6.99
CA LEU T 116 -13.05 53.52 -5.71
C LEU T 116 -14.08 54.53 -5.21
N SER T 117 -13.94 55.81 -5.58
CA SER T 117 -14.72 56.85 -4.95
C SER T 117 -16.22 56.62 -5.05
N LEU T 118 -16.72 56.39 -6.27
CA LEU T 118 -18.16 56.29 -6.50
C LEU T 118 -18.69 54.88 -6.44
N ASN T 119 -17.87 53.92 -6.00
CA ASN T 119 -18.34 52.54 -5.88
C ASN T 119 -19.05 52.33 -4.54
N PHE T 120 -19.48 53.41 -3.89
CA PHE T 120 -20.13 53.28 -2.60
C PHE T 120 -21.44 52.49 -2.67
N ASP T 121 -22.02 52.34 -3.86
CA ASP T 121 -23.21 51.52 -4.02
C ASP T 121 -22.91 50.03 -3.89
N LYS T 122 -21.64 49.63 -3.90
CA LYS T 122 -21.29 48.22 -3.82
C LYS T 122 -21.59 47.66 -2.44
N LYS T 123 -21.76 46.34 -2.37
CA LYS T 123 -21.88 45.64 -1.10
C LYS T 123 -20.55 45.07 -0.62
N GLU T 124 -19.68 44.68 -1.55
CA GLU T 124 -18.35 44.23 -1.17
C GLU T 124 -17.57 45.39 -0.56
N ALA T 125 -16.62 45.06 0.33
CA ALA T 125 -16.10 46.06 1.26
C ALA T 125 -14.76 46.66 0.84
N ASP T 126 -13.91 45.92 0.13
CA ASP T 126 -12.54 46.36 -0.11
C ASP T 126 -12.37 47.10 -1.43
N GLU T 127 -13.44 47.28 -2.21
CA GLU T 127 -13.39 48.05 -3.45
C GLU T 127 -14.29 49.27 -3.41
N LYS T 128 -14.47 49.86 -2.23
CA LYS T 128 -15.14 51.14 -2.08
C LYS T 128 -14.48 51.89 -0.95
N ILE T 129 -14.61 53.21 -0.96
CA ILE T 129 -14.06 54.04 0.10
C ILE T 129 -15.07 54.08 1.24
N PHE T 130 -16.26 54.62 0.97
CA PHE T 130 -17.33 54.67 1.97
C PHE T 130 -18.65 54.24 1.35
N SER T 131 -19.73 54.41 2.09
CA SER T 131 -21.09 54.30 1.55
C SER T 131 -21.60 55.64 1.03
N ARG T 132 -20.68 56.58 0.87
CA ARG T 132 -20.98 57.93 0.43
C ARG T 132 -19.70 58.55 -0.12
N PRO T 133 -19.79 59.67 -0.81
CA PRO T 133 -18.57 60.36 -1.23
C PRO T 133 -17.78 60.84 -0.02
N PHE T 134 -16.46 60.83 -0.16
CA PHE T 134 -15.62 61.34 0.92
C PHE T 134 -15.68 62.85 0.97
N GLY T 135 -15.91 63.39 2.16
CA GLY T 135 -16.08 64.82 2.32
C GLY T 135 -14.77 65.57 2.39
N ALA T 136 -13.84 65.25 1.49
CA ALA T 136 -12.53 65.88 1.47
C ALA T 136 -12.06 66.07 0.04
N SER T 137 -11.25 67.11 -0.16
CA SER T 137 -10.57 67.36 -1.41
C SER T 137 -9.07 67.21 -1.19
N LEU T 138 -8.43 66.43 -2.05
CA LEU T 138 -7.04 66.02 -1.85
C LEU T 138 -6.15 66.66 -2.90
N LEU T 139 -4.96 67.09 -2.46
CA LEU T 139 -3.87 67.47 -3.34
C LEU T 139 -2.76 66.45 -3.19
N ILE T 140 -2.70 65.51 -4.12
CA ILE T 140 -1.75 64.40 -4.08
C ILE T 140 -0.57 64.77 -4.96
N ILE T 141 0.61 64.85 -4.36
CA ILE T 141 1.84 65.15 -5.08
C ILE T 141 2.76 63.94 -5.01
N GLY T 142 3.63 63.82 -5.99
CA GLY T 142 4.58 62.73 -6.00
C GLY T 142 5.57 62.89 -7.12
N TYR T 143 6.54 61.98 -7.15
CA TYR T 143 7.59 61.97 -8.17
C TYR T 143 7.74 60.57 -8.73
N ASP T 144 7.46 60.44 -10.01
CA ASP T 144 7.62 59.17 -10.72
C ASP T 144 8.69 59.29 -11.79
N THR T 145 8.51 60.25 -12.69
CA THR T 145 9.54 60.68 -13.63
C THR T 145 9.49 62.17 -13.84
N GLU T 146 8.70 62.89 -13.05
CA GLU T 146 8.40 64.31 -13.20
C GLU T 146 7.64 64.73 -11.97
N PRO T 147 7.85 65.95 -11.46
CA PRO T 147 7.05 66.40 -10.32
C PRO T 147 5.58 66.48 -10.72
N ARG T 148 4.74 65.77 -9.99
CA ARG T 148 3.34 65.63 -10.33
C ARG T 148 2.47 66.19 -9.21
N LEU T 149 1.48 67.00 -9.60
CA LEU T 149 0.50 67.55 -8.68
C LEU T 149 -0.88 67.18 -9.19
N PHE T 150 -1.65 66.47 -8.37
CA PHE T 150 -2.98 66.01 -8.73
C PHE T 150 -3.98 66.46 -7.68
N SER T 151 -5.19 66.76 -8.11
CA SER T 151 -6.28 67.12 -7.22
C SER T 151 -7.44 66.16 -7.43
N LEU T 152 -7.83 65.47 -6.38
CA LEU T 152 -8.97 64.55 -6.41
C LEU T 152 -10.11 65.14 -5.59
N ASP T 153 -11.24 65.36 -6.25
CA ASP T 153 -12.41 65.94 -5.62
C ASP T 153 -13.44 64.86 -5.32
N PRO T 154 -14.38 65.11 -4.40
CA PRO T 154 -15.30 64.05 -3.98
C PRO T 154 -16.18 63.51 -5.10
N SER T 155 -16.31 64.21 -6.23
CA SER T 155 -17.08 63.69 -7.35
C SER T 155 -16.40 62.49 -7.99
N GLY T 156 -15.18 62.15 -7.56
CA GLY T 156 -14.44 61.06 -8.14
C GLY T 156 -13.53 61.44 -9.28
N SER T 157 -13.62 62.67 -9.77
CA SER T 157 -12.77 63.11 -10.87
C SER T 157 -11.49 63.73 -10.33
N TYR T 158 -10.45 63.73 -11.16
CA TYR T 158 -9.17 64.29 -10.78
C TYR T 158 -8.57 65.02 -11.97
N LEU T 159 -7.67 65.94 -11.69
CA LEU T 159 -6.99 66.71 -12.71
C LEU T 159 -5.55 66.97 -12.29
N GLU T 160 -4.65 66.92 -13.26
CA GLU T 160 -3.27 67.30 -13.05
C GLU T 160 -3.12 68.80 -13.19
N TYR T 161 -2.44 69.41 -12.21
CA TYR T 161 -2.38 70.86 -12.12
C TYR T 161 -0.92 71.32 -12.08
N HIS T 162 -0.69 72.54 -12.56
CA HIS T 162 0.56 73.22 -12.28
C HIS T 162 0.49 73.96 -10.94
N ALA T 163 -0.71 74.36 -10.53
CA ALA T 163 -0.91 75.04 -9.26
C ALA T 163 -2.38 74.98 -8.91
N LYS T 164 -2.66 74.75 -7.63
CA LYS T 164 -4.04 74.71 -7.15
C LYS T 164 -4.07 75.02 -5.67
N ALA T 165 -5.19 75.56 -5.22
CA ALA T 165 -5.44 75.82 -3.81
C ALA T 165 -6.79 75.24 -3.42
N ILE T 166 -6.83 74.63 -2.24
CA ILE T 166 -8.05 74.04 -1.70
C ILE T 166 -8.25 74.57 -0.29
N GLY T 167 -9.49 74.48 0.18
CA GLY T 167 -9.85 75.03 1.48
C GLY T 167 -10.70 76.27 1.36
N SER T 168 -11.02 76.84 2.53
CA SER T 168 -11.87 78.02 2.57
C SER T 168 -11.26 79.20 1.82
N GLY T 169 -9.94 79.31 1.78
CA GLY T 169 -9.28 80.33 1.03
C GLY T 169 -8.92 79.95 -0.39
N SER T 170 -9.53 78.89 -0.92
CA SER T 170 -9.14 78.37 -2.22
C SER T 170 -9.32 79.41 -3.32
N GLU T 171 -10.50 80.01 -3.39
CA GLU T 171 -10.79 80.93 -4.50
C GLU T 171 -9.89 82.17 -4.46
N VAL T 172 -9.61 82.70 -3.27
CA VAL T 172 -8.73 83.86 -3.17
C VAL T 172 -7.34 83.50 -3.68
N ILE T 173 -6.83 82.34 -3.26
CA ILE T 173 -5.51 81.92 -3.70
C ILE T 173 -5.50 81.67 -5.20
N GLU T 174 -6.61 81.16 -5.75
CA GLU T 174 -6.68 80.94 -7.19
C GLU T 174 -6.61 82.27 -7.93
N ASN T 175 -7.37 83.26 -7.49
CA ASN T 175 -7.32 84.57 -8.11
C ASN T 175 -5.97 85.25 -7.91
N MET T 176 -5.23 84.85 -6.87
CA MET T 176 -3.89 85.37 -6.64
C MET T 176 -2.82 84.64 -7.45
N LEU T 177 -3.09 83.40 -7.86
CA LEU T 177 -2.09 82.60 -8.56
C LEU T 177 -1.82 83.14 -9.95
N GLU T 178 -2.81 83.80 -10.56
CA GLU T 178 -2.59 84.38 -11.89
C GLU T 178 -1.43 85.36 -11.88
N GLN T 179 -1.12 85.95 -10.72
CA GLN T 179 -0.09 86.96 -10.59
C GLN T 179 1.14 86.46 -9.84
N GLU T 180 0.94 85.70 -8.76
CA GLU T 180 2.05 85.37 -7.87
C GLU T 180 2.79 84.09 -8.23
N PHE T 181 2.45 83.44 -9.34
CA PHE T 181 3.04 82.15 -9.70
C PHE T 181 3.72 82.22 -11.05
N ASP T 182 4.99 81.80 -11.10
CA ASP T 182 5.73 81.57 -12.33
C ASP T 182 6.55 80.29 -12.17
N PRO T 183 6.34 79.28 -13.02
CA PRO T 183 7.01 78.00 -12.81
C PRO T 183 8.52 78.03 -13.00
N ASN T 184 9.12 79.17 -13.31
CA ASN T 184 10.54 79.22 -13.67
C ASN T 184 11.45 79.52 -12.48
N VAL T 185 10.91 79.73 -11.29
CA VAL T 185 11.73 80.18 -10.16
C VAL T 185 12.27 78.98 -9.40
N ASP T 186 13.28 79.24 -8.58
CA ASP T 186 13.95 78.19 -7.82
C ASP T 186 13.05 77.68 -6.71
N ILE T 187 13.43 76.53 -6.14
CA ILE T 187 12.65 75.91 -5.07
C ILE T 187 12.50 76.86 -3.90
N ASN T 188 13.58 77.57 -3.53
CA ASN T 188 13.52 78.45 -2.37
C ASN T 188 12.61 79.65 -2.62
N SER T 189 12.75 80.30 -3.77
CA SER T 189 11.88 81.45 -4.08
C SER T 189 10.43 81.01 -4.24
N GLY T 190 10.19 79.89 -4.90
CA GLY T 190 8.83 79.39 -5.02
C GLY T 190 8.23 79.04 -3.67
N LEU T 191 9.05 78.49 -2.77
CA LEU T 191 8.57 78.20 -1.42
C LEU T 191 8.25 79.48 -0.66
N LYS T 192 9.07 80.51 -0.82
CA LYS T 192 8.72 81.80 -0.22
C LYS T 192 7.40 82.31 -0.77
N ASN T 193 7.19 82.16 -2.08
CA ASN T 193 5.93 82.60 -2.68
C ASN T 193 4.75 81.83 -2.12
N ILE T 194 4.88 80.51 -1.98
CA ILE T 194 3.78 79.69 -1.47
C ILE T 194 3.49 80.08 -0.02
N LEU T 195 4.54 80.32 0.77
CA LEU T 195 4.32 80.73 2.15
C LEU T 195 3.62 82.08 2.23
N ASN T 196 4.02 83.02 1.37
CA ASN T 196 3.33 84.32 1.34
C ASN T 196 1.86 84.17 0.99
N MET T 197 1.57 83.36 -0.03
CA MET T 197 0.19 83.15 -0.44
C MET T 197 -0.62 82.50 0.68
N LEU T 198 -0.04 81.51 1.35
CA LEU T 198 -0.71 80.92 2.51
C LEU T 198 -0.97 81.96 3.58
N SER T 199 0.03 82.78 3.91
CA SER T 199 -0.14 83.78 4.96
C SER T 199 -1.22 84.79 4.60
N LYS T 200 -1.40 85.08 3.31
CA LYS T 200 -2.35 86.09 2.90
C LYS T 200 -3.80 85.69 3.12
N VAL T 201 -4.10 84.43 3.44
CA VAL T 201 -5.49 84.00 3.62
C VAL T 201 -5.67 83.23 4.92
N MET T 202 -4.56 82.77 5.52
CA MET T 202 -4.67 81.94 6.71
C MET T 202 -5.17 82.77 7.89
N LYS T 203 -5.84 82.10 8.83
CA LYS T 203 -6.57 82.79 9.89
C LYS T 203 -5.62 83.64 10.74
N ASP T 204 -4.69 82.99 11.44
CA ASP T 204 -3.78 83.69 12.34
C ASP T 204 -2.46 84.00 11.63
N LYS T 205 -1.58 84.70 12.34
CA LYS T 205 -0.30 85.08 11.77
C LYS T 205 0.51 83.84 11.41
N ILE T 206 1.13 83.86 10.24
CA ILE T 206 1.91 82.72 9.78
C ILE T 206 3.18 82.58 10.60
N ASN T 207 3.50 81.35 10.99
CA ASN T 207 4.75 81.05 11.66
C ASN T 207 5.15 79.62 11.32
N ASN T 208 6.30 79.20 11.85
CA ASN T 208 6.85 77.89 11.53
C ASN T 208 6.13 76.75 12.23
N PHE T 209 5.22 77.04 13.16
CA PHE T 209 4.53 76.00 13.92
C PHE T 209 3.08 75.79 13.49
N ASN T 210 2.46 76.78 12.87
CA ASN T 210 1.12 76.63 12.31
C ASN T 210 1.13 76.33 10.81
N VAL T 211 2.29 76.00 10.26
CA VAL T 211 2.45 75.74 8.83
C VAL T 211 3.15 74.41 8.65
N GLU T 212 2.73 73.66 7.64
CA GLU T 212 3.36 72.41 7.26
C GLU T 212 3.65 72.43 5.77
N ILE T 213 4.90 72.14 5.42
CA ILE T 213 5.37 72.22 4.04
C ILE T 213 5.91 70.85 3.64
N THR T 214 5.49 70.37 2.47
CA THR T 214 6.03 69.17 1.87
C THR T 214 6.53 69.51 0.47
N ALA T 215 7.80 69.24 0.21
CA ALA T 215 8.41 69.49 -1.08
C ALA T 215 9.02 68.19 -1.59
N ILE T 216 8.55 67.73 -2.74
CA ILE T 216 8.99 66.47 -3.33
C ILE T 216 9.81 66.80 -4.57
N THR T 217 11.03 66.25 -4.63
CA THR T 217 11.92 66.48 -5.75
C THR T 217 12.53 65.16 -6.17
N LYS T 218 13.22 65.18 -7.31
CA LYS T 218 13.85 63.97 -7.83
C LYS T 218 14.80 63.37 -6.79
N ASN T 219 15.38 64.22 -5.94
CA ASN T 219 16.40 63.77 -5.00
C ASN T 219 15.82 63.31 -3.67
N GLU T 220 14.82 64.01 -3.14
CA GLU T 220 14.29 63.69 -1.82
C GLU T 220 12.82 64.07 -1.74
N CYS T 221 12.08 63.34 -0.90
CA CYS T 221 10.71 63.69 -0.54
C CYS T 221 10.74 64.41 0.81
N LYS T 222 11.33 65.60 0.79
CA LYS T 222 11.58 66.34 2.01
C LYS T 222 10.29 66.84 2.65
N ILE T 223 10.24 66.78 3.97
CA ILE T 223 9.22 67.47 4.77
C ILE T 223 9.95 68.45 5.67
N LEU T 224 9.63 69.73 5.52
CA LEU T 224 10.40 70.77 6.21
C LEU T 224 9.99 70.85 7.67
N THR T 225 10.98 70.92 8.55
CA THR T 225 10.76 71.11 9.97
C THR T 225 10.61 72.60 10.29
N PRO T 226 10.16 72.93 11.50
CA PRO T 226 9.94 74.34 11.82
C PRO T 226 11.17 75.21 11.62
N GLU T 227 12.38 74.66 11.75
CA GLU T 227 13.57 75.47 11.51
C GLU T 227 13.66 75.93 10.06
N GLU T 228 13.40 75.03 9.10
CA GLU T 228 13.46 75.40 7.69
C GLU T 228 12.31 76.33 7.31
N ILE T 229 11.12 76.08 7.85
CA ILE T 229 9.99 76.98 7.61
C ILE T 229 10.31 78.36 8.15
N GLU T 230 11.00 78.42 9.29
CA GLU T 230 11.44 79.71 9.83
C GLU T 230 12.45 80.36 8.90
N GLN T 231 13.42 79.60 8.42
CA GLN T 231 14.41 80.13 7.49
C GLN T 231 13.76 80.71 6.25
N PHE T 232 12.67 80.11 5.78
CA PHE T 232 11.99 80.62 4.60
C PHE T 232 11.01 81.75 4.92
N LEU T 233 10.47 81.81 6.13
CA LEU T 233 9.57 82.90 6.50
C LEU T 233 10.34 84.19 6.73
N GLU T 234 11.47 84.11 7.42
CA GLU T 234 12.27 85.29 7.73
C GLU T 234 12.91 85.86 6.47
N ASP U 6 -41.94 62.91 -4.70
CA ASP U 6 -42.62 61.60 -4.84
C ASP U 6 -42.00 60.75 -5.94
N TYR U 7 -42.22 61.15 -7.19
CA TYR U 7 -41.78 60.37 -8.34
C TYR U 7 -40.44 60.80 -8.90
N THR U 8 -39.77 61.77 -8.27
CA THR U 8 -38.58 62.36 -8.89
C THR U 8 -37.29 61.82 -8.27
N ASN U 9 -37.32 61.44 -6.99
CA ASN U 9 -36.09 61.12 -6.26
C ASN U 9 -35.77 59.64 -6.22
N TYR U 10 -36.51 58.79 -6.92
CA TYR U 10 -36.16 57.37 -7.02
C TYR U 10 -36.89 56.76 -8.20
N ILE U 11 -36.53 55.51 -8.50
CA ILE U 11 -36.89 54.89 -9.77
C ILE U 11 -38.29 54.28 -9.63
N ILE U 12 -39.30 55.00 -10.11
CA ILE U 12 -40.66 54.47 -10.25
C ILE U 12 -41.36 55.27 -11.33
N PHE U 13 -42.38 54.67 -11.93
CA PHE U 13 -43.17 55.37 -12.92
C PHE U 13 -44.00 56.46 -12.27
N ASN U 14 -43.93 57.67 -12.83
CA ASN U 14 -44.80 58.75 -12.42
C ASN U 14 -46.18 58.52 -13.02
N PRO U 15 -47.21 59.23 -12.53
CA PRO U 15 -48.56 58.97 -13.02
C PRO U 15 -48.69 59.05 -14.54
N GLU U 16 -47.91 59.91 -15.19
CA GLU U 16 -47.91 59.98 -16.64
C GLU U 16 -47.27 58.77 -17.30
N GLY U 17 -46.51 57.97 -16.56
CA GLY U 17 -45.93 56.77 -17.11
C GLY U 17 -44.50 56.92 -17.58
N LYS U 18 -43.70 57.71 -16.88
CA LYS U 18 -42.29 57.89 -17.21
C LYS U 18 -41.46 57.97 -15.94
N ILE U 19 -40.20 57.58 -16.06
CA ILE U 19 -39.27 57.54 -14.93
C ILE U 19 -38.40 58.78 -15.03
N LYS U 20 -38.48 59.64 -14.01
CA LYS U 20 -37.79 60.92 -14.06
C LYS U 20 -36.28 60.75 -13.98
N GLN U 21 -35.82 59.77 -13.20
CA GLN U 21 -34.38 59.56 -13.08
C GLN U 21 -33.75 59.21 -14.41
N LEU U 22 -34.50 58.53 -15.28
CA LEU U 22 -33.97 58.17 -16.60
C LEU U 22 -33.83 59.38 -17.51
N GLU U 23 -34.61 60.44 -17.29
CA GLU U 23 -34.37 61.70 -17.98
C GLU U 23 -33.27 62.51 -17.29
N PHE U 24 -33.13 62.37 -15.97
CA PHE U 24 -32.06 63.07 -15.28
C PHE U 24 -30.69 62.56 -15.71
N ILE U 25 -30.55 61.25 -15.92
CA ILE U 25 -29.28 60.73 -16.43
C ILE U 25 -29.05 61.20 -17.86
N ASN U 26 -30.12 61.32 -18.65
CA ASN U 26 -29.99 61.88 -19.99
C ASN U 26 -29.48 63.32 -19.94
N ASN U 27 -29.97 64.10 -18.98
CA ASN U 27 -29.42 65.45 -18.77
C ASN U 27 -27.97 65.38 -18.31
N THR U 28 -27.64 64.38 -17.49
CA THR U 28 -26.29 64.25 -16.98
C THR U 28 -25.29 64.02 -18.12
N VAL U 29 -25.66 63.17 -19.08
CA VAL U 29 -24.72 62.83 -20.14
C VAL U 29 -24.40 64.02 -21.03
N GLN U 30 -25.11 65.14 -20.87
CA GLN U 30 -24.85 66.34 -21.66
C GLN U 30 -23.85 67.28 -21.01
N LEU U 31 -23.20 66.87 -19.92
CA LEU U 31 -22.32 67.77 -19.19
C LEU U 31 -20.92 67.81 -19.79
N GLY U 32 -20.37 66.66 -20.15
CA GLY U 32 -19.00 66.60 -20.61
C GLY U 32 -18.75 67.46 -21.83
N SER U 33 -17.47 67.58 -22.18
CA SER U 33 -17.09 68.40 -23.33
C SER U 33 -17.55 67.74 -24.62
N THR U 34 -17.66 68.57 -25.66
CA THR U 34 -18.25 68.10 -26.91
C THR U 34 -17.34 67.11 -27.62
N VAL U 35 -17.93 66.05 -28.15
CA VAL U 35 -17.27 65.11 -29.04
C VAL U 35 -18.11 64.99 -30.29
N VAL U 36 -17.46 65.05 -31.45
CA VAL U 36 -18.12 64.93 -32.74
C VAL U 36 -17.52 63.74 -33.48
N ALA U 37 -18.39 62.87 -33.99
CA ALA U 37 -17.95 61.65 -34.64
C ALA U 37 -18.53 61.57 -36.05
N LEU U 38 -17.68 61.16 -36.99
CA LEU U 38 -18.08 60.97 -38.37
C LEU U 38 -17.55 59.62 -38.84
N LYS U 39 -18.30 58.98 -39.73
CA LYS U 39 -17.99 57.62 -40.13
C LYS U 39 -18.36 57.38 -41.59
N ASN U 40 -17.42 56.81 -42.34
CA ASN U 40 -17.68 56.18 -43.62
C ASN U 40 -17.43 54.69 -43.50
N LYS U 41 -17.72 53.95 -44.56
CA LYS U 41 -17.38 52.54 -44.56
C LYS U 41 -15.87 52.34 -44.57
N SER U 42 -15.11 53.38 -44.95
CA SER U 42 -13.67 53.26 -45.11
C SER U 42 -12.89 53.90 -43.95
N PHE U 43 -13.40 55.01 -43.40
CA PHE U 43 -12.69 55.70 -42.34
C PHE U 43 -13.67 56.50 -41.50
N GLY U 44 -13.25 56.81 -40.27
CA GLY U 44 -14.06 57.58 -39.36
C GLY U 44 -13.20 58.55 -38.56
N VAL U 45 -13.85 59.60 -38.07
CA VAL U 45 -13.16 60.72 -37.46
C VAL U 45 -13.79 61.05 -36.12
N PHE U 46 -12.94 61.33 -35.12
CA PHE U 46 -13.36 61.88 -33.84
C PHE U 46 -12.80 63.29 -33.71
N VAL U 47 -13.68 64.24 -33.42
CA VAL U 47 -13.28 65.60 -33.08
C VAL U 47 -13.87 65.93 -31.73
N THR U 48 -13.00 66.38 -30.81
CA THR U 48 -13.40 66.67 -29.44
C THR U 48 -12.83 68.02 -29.02
N TYR U 49 -13.67 68.85 -28.42
CA TYR U 49 -13.25 70.15 -27.92
C TYR U 49 -12.94 70.03 -26.43
N ASN U 50 -11.67 70.14 -26.09
CA ASN U 50 -11.22 70.06 -24.70
C ASN U 50 -11.11 71.45 -24.11
N GLU U 51 -11.73 71.67 -22.96
CA GLU U 51 -11.73 72.95 -22.27
C GLU U 51 -10.98 72.80 -20.96
N LYS U 52 -9.91 73.57 -20.79
CA LYS U 52 -9.16 73.54 -19.55
C LYS U 52 -10.01 74.09 -18.41
N ARG U 53 -10.06 73.35 -17.30
CA ARG U 53 -10.85 73.80 -16.15
C ARG U 53 -10.30 75.09 -15.57
N SER U 54 -8.99 75.30 -15.66
CA SER U 54 -8.36 76.49 -15.13
C SER U 54 -7.08 76.75 -15.90
N LYS U 55 -6.51 77.93 -15.69
CA LYS U 55 -5.28 78.28 -16.39
C LYS U 55 -4.16 77.29 -16.08
N PHE U 56 -4.19 76.71 -14.88
CA PHE U 56 -3.13 75.80 -14.43
C PHE U 56 -3.55 74.35 -14.47
N ALA U 57 -4.68 74.02 -15.07
CA ALA U 57 -5.14 72.64 -15.15
C ALA U 57 -4.70 72.02 -16.47
N LEU U 58 -4.10 70.84 -16.40
CA LEU U 58 -3.67 70.13 -17.60
C LEU U 58 -4.88 69.54 -18.31
N GLN U 59 -4.84 69.56 -19.63
CA GLN U 59 -5.97 69.13 -20.46
C GLN U 59 -6.12 67.62 -20.36
N GLN U 60 -7.20 67.17 -19.72
CA GLN U 60 -7.43 65.74 -19.56
C GLN U 60 -7.85 65.11 -20.88
N LYS U 61 -7.41 63.87 -21.10
CA LYS U 61 -7.74 63.18 -22.34
C LYS U 61 -9.21 62.78 -22.35
N LYS U 62 -9.82 62.85 -23.54
CA LYS U 62 -11.22 62.49 -23.73
C LYS U 62 -11.42 61.31 -24.67
N ILE U 63 -10.47 61.02 -25.56
CA ILE U 63 -10.57 59.92 -26.50
C ILE U 63 -9.57 58.85 -26.08
N PHE U 64 -10.08 57.65 -25.79
CA PHE U 64 -9.25 56.55 -25.32
C PHE U 64 -9.22 55.45 -26.37
N PRO U 65 -8.05 55.07 -26.88
CA PRO U 65 -8.00 53.98 -27.87
C PRO U 65 -8.15 52.63 -27.19
N ILE U 66 -9.20 51.89 -27.59
CA ILE U 66 -9.44 50.59 -26.99
C ILE U 66 -8.46 49.55 -27.53
N ASN U 67 -8.10 49.64 -28.81
CA ASN U 67 -7.09 48.77 -29.40
C ASN U 67 -6.53 49.48 -30.63
N SER U 68 -5.81 48.73 -31.47
CA SER U 68 -5.20 49.33 -32.65
C SER U 68 -6.24 50.00 -33.53
N LYS U 69 -7.43 49.42 -33.63
CA LYS U 69 -8.48 49.90 -34.52
C LYS U 69 -9.79 50.11 -33.77
N SER U 70 -9.73 50.75 -32.60
CA SER U 70 -10.93 51.05 -31.83
C SER U 70 -10.66 52.26 -30.94
N LEU U 71 -11.51 53.28 -31.08
CA LEU U 71 -11.46 54.48 -30.26
C LEU U 71 -12.75 54.62 -29.48
N PHE U 72 -12.64 55.03 -28.23
CA PHE U 72 -13.81 55.27 -27.39
C PHE U 72 -13.70 56.64 -26.75
N SER U 73 -14.83 57.35 -26.74
CA SER U 73 -14.93 58.64 -26.08
C SER U 73 -16.32 58.75 -25.47
N PHE U 74 -16.44 59.61 -24.46
CA PHE U 74 -17.66 59.66 -23.69
C PHE U 74 -17.90 61.07 -23.17
N SER U 75 -19.14 61.32 -22.73
CA SER U 75 -19.50 62.54 -22.05
C SER U 75 -20.32 62.19 -20.82
N GLY U 76 -20.13 62.96 -19.74
CA GLY U 76 -20.84 62.75 -18.50
C GLY U 76 -19.86 62.50 -17.36
N ILE U 77 -20.29 61.66 -16.41
CA ILE U 77 -19.46 61.33 -15.26
C ILE U 77 -18.22 60.60 -15.77
N THR U 78 -17.04 61.21 -15.60
CA THR U 78 -15.82 60.65 -16.16
C THR U 78 -15.47 59.31 -15.52
N ASN U 79 -15.91 59.08 -14.29
CA ASN U 79 -15.61 57.80 -13.63
C ASN U 79 -16.27 56.65 -14.38
N ASP U 80 -17.55 56.81 -14.73
CA ASP U 80 -18.24 55.77 -15.50
C ASP U 80 -17.61 55.61 -16.88
N GLY U 81 -17.15 56.71 -17.49
CA GLY U 81 -16.50 56.61 -18.78
C GLY U 81 -15.21 55.81 -18.71
N THR U 82 -14.39 56.06 -17.69
CA THR U 82 -13.17 55.27 -17.53
C THR U 82 -13.50 53.81 -17.20
N LYS U 83 -14.56 53.59 -16.43
CA LYS U 83 -15.00 52.23 -16.15
C LYS U 83 -15.36 51.51 -17.45
N ILE U 84 -16.09 52.19 -18.35
CA ILE U 84 -16.43 51.60 -19.64
C ILE U 84 -15.19 51.39 -20.49
N VAL U 85 -14.20 52.29 -20.38
CA VAL U 85 -12.95 52.09 -21.12
C VAL U 85 -12.28 50.80 -20.67
N LYS U 86 -12.23 50.58 -19.34
CA LYS U 86 -11.68 49.33 -18.83
C LYS U 86 -12.49 48.14 -19.31
N TYR U 87 -13.81 48.27 -19.31
CA TYR U 87 -14.67 47.18 -19.75
C TYR U 87 -14.39 46.81 -21.20
N LEU U 88 -14.25 47.82 -22.06
CA LEU U 88 -13.98 47.56 -23.47
C LEU U 88 -12.59 46.99 -23.68
N LYS U 89 -11.60 47.46 -22.92
CA LYS U 89 -10.28 46.85 -22.97
C LYS U 89 -10.36 45.35 -22.65
N ASN U 90 -11.01 45.02 -21.53
CA ASN U 90 -11.11 43.63 -21.11
C ASN U 90 -11.85 42.80 -22.14
N SER U 91 -12.94 43.36 -22.69
CA SER U 91 -13.71 42.63 -23.69
C SER U 91 -12.91 42.40 -24.96
N THR U 92 -12.09 43.38 -25.37
CA THR U 92 -11.23 43.18 -26.53
C THR U 92 -10.26 42.03 -26.29
N VAL U 93 -9.61 42.03 -25.13
CA VAL U 93 -8.66 40.96 -24.83
C VAL U 93 -9.37 39.61 -24.81
N PHE U 94 -10.52 39.54 -24.14
CA PHE U 94 -11.25 38.30 -24.03
C PHE U 94 -11.68 37.80 -25.40
N GLU U 95 -12.23 38.68 -26.23
CA GLU U 95 -12.64 38.26 -27.56
C GLU U 95 -11.45 37.74 -28.35
N ASN U 96 -10.40 38.55 -28.45
CA ASN U 96 -9.24 38.17 -29.26
C ASN U 96 -8.68 36.82 -28.84
N ILE U 97 -8.60 36.57 -27.53
CA ILE U 97 -7.94 35.35 -27.08
C ILE U 97 -8.92 34.18 -27.07
N ARG U 98 -9.99 34.30 -26.29
CA ARG U 98 -10.85 33.15 -26.04
C ARG U 98 -11.81 32.86 -27.19
N LYS U 99 -11.95 33.77 -28.16
CA LYS U 99 -12.86 33.53 -29.27
C LYS U 99 -12.21 33.87 -30.62
N GLY U 100 -10.96 34.30 -30.64
CA GLY U 100 -10.26 34.50 -31.89
C GLY U 100 -10.96 35.45 -32.84
N ARG U 101 -11.40 36.60 -32.34
CA ARG U 101 -12.10 37.56 -33.18
C ARG U 101 -12.04 38.93 -32.53
N ASP U 102 -12.39 39.95 -33.31
CA ASP U 102 -12.46 41.30 -32.81
C ASP U 102 -13.79 41.53 -32.09
N ILE U 103 -13.83 42.61 -31.30
CA ILE U 103 -15.08 42.96 -30.63
C ILE U 103 -16.10 43.38 -31.67
N HIS U 104 -17.33 42.93 -31.49
CA HIS U 104 -18.41 43.41 -32.32
C HIS U 104 -18.84 44.80 -31.83
N PRO U 105 -18.94 45.80 -32.70
CA PRO U 105 -19.22 47.16 -32.22
C PRO U 105 -20.44 47.25 -31.32
N ILE U 106 -21.50 46.51 -31.65
CA ILE U 106 -22.76 46.58 -30.90
C ILE U 106 -22.80 45.55 -29.79
N HIS U 107 -22.40 44.30 -30.08
CA HIS U 107 -22.57 43.23 -29.12
C HIS U 107 -21.49 43.24 -28.04
N VAL U 108 -20.41 44.00 -28.24
CA VAL U 108 -19.44 44.15 -27.16
C VAL U 108 -20.08 44.84 -25.96
N PHE U 109 -21.15 45.59 -26.20
CA PHE U 109 -21.86 46.30 -25.14
C PHE U 109 -22.98 45.47 -24.52
N ASP U 110 -23.04 44.17 -24.78
CA ASP U 110 -24.18 43.38 -24.31
C ASP U 110 -24.22 43.29 -22.79
N ASP U 111 -23.10 42.91 -22.17
CA ASP U 111 -23.06 42.82 -20.71
C ASP U 111 -23.25 44.19 -20.06
N LEU U 112 -22.65 45.23 -20.63
CA LEU U 112 -22.84 46.57 -20.10
C LEU U 112 -24.30 47.01 -20.19
N CYS U 113 -24.96 46.69 -21.30
CA CYS U 113 -26.38 47.02 -21.42
C CYS U 113 -27.22 46.23 -20.43
N TYR U 114 -26.88 44.97 -20.20
CA TYR U 114 -27.62 44.19 -19.20
C TYR U 114 -27.47 44.81 -17.82
N SER U 115 -26.24 45.20 -17.45
CA SER U 115 -26.03 45.83 -16.14
C SER U 115 -26.77 47.16 -16.05
N ALA U 116 -26.74 47.95 -17.13
CA ALA U 116 -27.44 49.22 -17.13
C ALA U 116 -28.95 49.02 -16.98
N CYS U 117 -29.50 48.03 -17.67
CA CYS U 117 -30.92 47.73 -17.53
C CYS U 117 -31.25 47.30 -16.11
N ILE U 118 -30.38 46.48 -15.51
CA ILE U 118 -30.56 46.11 -14.10
C ILE U 118 -30.64 47.36 -13.25
N ARG U 119 -29.73 48.31 -13.49
CA ARG U 119 -29.71 49.53 -12.70
C ARG U 119 -30.93 50.41 -12.94
N THR U 120 -31.48 50.40 -14.15
CA THR U 120 -32.72 51.15 -14.42
C THR U 120 -33.95 50.46 -13.85
N LEU U 121 -33.88 49.16 -13.58
CA LEU U 121 -35.05 48.44 -13.07
C LEU U 121 -35.17 48.49 -11.55
N THR U 122 -34.06 48.64 -10.83
CA THR U 122 -34.06 48.51 -9.38
C THR U 122 -33.45 49.74 -8.74
N ASN U 123 -33.91 50.06 -7.53
CA ASN U 123 -33.33 51.13 -6.75
C ASN U 123 -32.11 50.61 -5.99
N GLY U 124 -31.36 51.55 -5.41
CA GLY U 124 -30.17 51.21 -4.65
C GLY U 124 -28.94 50.95 -5.48
N ASN U 125 -29.04 51.03 -6.80
CA ASN U 125 -27.93 50.82 -7.70
C ASN U 125 -27.81 52.04 -8.60
N ARG U 126 -26.59 52.56 -8.73
CA ARG U 126 -26.38 53.84 -9.41
C ARG U 126 -26.52 53.66 -10.91
N LEU U 127 -27.31 54.53 -11.54
CA LEU U 127 -27.41 54.55 -12.99
C LEU U 127 -26.11 55.06 -13.60
N TYR U 128 -25.71 54.46 -14.72
CA TYR U 128 -24.57 54.96 -15.45
C TYR U 128 -24.89 56.34 -16.01
N GLY U 129 -24.08 57.33 -15.64
CA GLY U 129 -24.31 58.69 -16.10
C GLY U 129 -23.34 59.09 -17.19
N VAL U 130 -23.08 58.17 -18.11
CA VAL U 130 -22.09 58.38 -19.16
C VAL U 130 -22.67 57.92 -20.50
N GLN U 131 -22.41 58.70 -21.54
CA GLN U 131 -22.82 58.38 -22.90
C GLN U 131 -21.57 58.29 -23.75
N GLY U 132 -21.41 57.17 -24.46
CA GLY U 132 -20.16 56.87 -25.12
C GLY U 132 -20.32 56.65 -26.61
N LEU U 133 -19.24 56.88 -27.33
CA LEU U 133 -19.14 56.64 -28.77
C LEU U 133 -17.99 55.68 -29.02
N LEU U 134 -18.28 54.57 -29.68
CA LEU U 134 -17.26 53.57 -30.01
C LEU U 134 -17.09 53.55 -31.53
N LEU U 135 -15.93 53.97 -32.00
CA LEU U 135 -15.59 53.95 -33.41
C LEU U 135 -14.55 52.87 -33.63
N THR U 136 -14.91 51.82 -34.36
CA THR U 136 -14.05 50.66 -34.50
C THR U 136 -14.18 50.10 -35.92
N ASP U 137 -13.15 49.36 -36.34
CA ASP U 137 -13.14 48.73 -37.65
C ASP U 137 -13.58 47.28 -37.49
N TYR U 138 -14.70 46.93 -38.10
CA TYR U 138 -15.23 45.57 -38.04
C TYR U 138 -16.02 45.34 -39.32
N GLN U 139 -15.40 44.67 -40.29
CA GLN U 139 -15.95 44.56 -41.64
C GLN U 139 -16.17 45.96 -42.22
N GLY U 140 -15.27 46.87 -41.90
CA GLY U 140 -15.45 48.29 -42.16
C GLY U 140 -15.57 49.08 -40.87
N ILE U 141 -15.58 50.40 -41.02
CA ILE U 141 -15.65 51.29 -39.87
C ILE U 141 -17.09 51.37 -39.40
N SER U 142 -17.31 51.13 -38.11
CA SER U 142 -18.62 51.22 -37.49
C SER U 142 -18.55 52.15 -36.29
N LEU U 143 -19.55 53.02 -36.17
CA LEU U 143 -19.65 53.97 -35.07
C LEU U 143 -20.89 53.64 -34.26
N VAL U 144 -20.72 53.48 -32.95
CA VAL U 144 -21.78 53.00 -32.07
C VAL U 144 -21.98 54.00 -30.95
N LEU U 145 -23.23 54.32 -30.66
CA LEU U 145 -23.57 55.21 -29.56
C LEU U 145 -24.20 54.38 -28.43
N PHE U 146 -23.61 54.48 -27.25
CA PHE U 146 -24.10 53.79 -26.06
C PHE U 146 -24.79 54.80 -25.16
N ASP U 147 -26.01 54.48 -24.72
CA ASP U 147 -26.76 55.38 -23.87
C ASP U 147 -26.76 54.89 -22.43
N PRO U 148 -27.01 55.77 -21.46
CA PRO U 148 -27.00 55.34 -20.05
C PRO U 148 -28.09 54.34 -19.72
N LYS U 149 -29.16 54.26 -20.53
CA LYS U 149 -30.24 53.33 -20.23
C LYS U 149 -29.92 51.89 -20.60
N GLY U 150 -28.79 51.65 -21.27
CA GLY U 150 -28.41 50.30 -21.64
C GLY U 150 -28.86 49.89 -23.03
N SER U 151 -28.53 50.70 -24.03
CA SER U 151 -28.80 50.36 -25.42
C SER U 151 -27.69 50.94 -26.28
N ALA U 152 -27.15 50.11 -27.17
CA ALA U 152 -26.08 50.50 -28.08
C ALA U 152 -26.62 50.43 -29.51
N LYS U 153 -26.51 51.54 -30.22
CA LYS U 153 -27.06 51.65 -31.57
C LYS U 153 -26.01 52.23 -32.51
N GLU U 154 -25.94 51.69 -33.71
CA GLU U 154 -24.98 52.17 -34.69
C GLU U 154 -25.50 53.45 -35.35
N VAL U 155 -24.58 54.38 -35.62
CA VAL U 155 -24.93 55.68 -36.17
C VAL U 155 -23.98 56.01 -37.31
N ARG U 156 -24.45 56.85 -38.23
CA ARG U 156 -23.60 57.35 -39.30
C ARG U 156 -22.65 58.42 -38.76
N GLY U 157 -23.12 59.22 -37.81
CA GLY U 157 -22.29 60.18 -37.11
C GLY U 157 -23.08 60.72 -35.95
N MET U 158 -22.37 61.12 -34.91
CA MET U 158 -23.03 61.57 -33.69
C MET U 158 -22.16 62.59 -32.99
N SER U 159 -22.81 63.38 -32.14
CA SER U 159 -22.12 64.33 -31.28
C SER U 159 -22.65 64.19 -29.87
N ILE U 160 -21.74 64.11 -28.90
CA ILE U 160 -22.09 63.96 -27.50
C ILE U 160 -21.39 65.05 -26.70
N GLY U 161 -21.89 65.29 -25.50
CA GLY U 161 -21.31 66.29 -24.63
C GLY U 161 -22.04 67.61 -24.70
N SER U 162 -21.40 68.63 -24.13
CA SER U 162 -22.00 69.96 -24.04
C SER U 162 -22.30 70.50 -25.43
N ARG U 163 -23.48 71.10 -25.57
CA ARG U 163 -23.88 71.78 -26.79
C ARG U 163 -23.88 70.86 -28.02
N SER U 164 -24.23 69.59 -27.84
CA SER U 164 -24.09 68.62 -28.91
C SER U 164 -25.25 68.69 -29.91
N GLN U 165 -26.35 69.35 -29.57
CA GLN U 165 -27.49 69.36 -30.47
C GLN U 165 -27.17 70.11 -31.76
N SER U 166 -26.43 71.21 -31.67
CA SER U 166 -26.05 71.95 -32.87
C SER U 166 -25.15 71.12 -33.77
N CYS U 167 -24.19 70.42 -33.17
CA CYS U 167 -23.33 69.52 -33.95
C CYS U 167 -24.17 68.42 -34.60
N ARG U 168 -25.14 67.88 -33.87
CA ARG U 168 -25.99 66.85 -34.43
C ARG U 168 -26.79 67.38 -35.61
N THR U 169 -27.28 68.62 -35.50
CA THR U 169 -28.02 69.21 -36.62
C THR U 169 -27.13 69.38 -37.83
N ILE U 170 -25.90 69.87 -37.62
CA ILE U 170 -24.98 70.04 -38.74
C ILE U 170 -24.68 68.71 -39.39
N LEU U 171 -24.46 67.66 -38.58
CA LEU U 171 -24.20 66.33 -39.12
C LEU U 171 -25.42 65.81 -39.88
N GLU U 172 -26.61 66.01 -39.34
CA GLU U 172 -27.84 65.56 -39.98
C GLU U 172 -28.01 66.22 -41.34
N ASP U 173 -27.61 67.49 -41.44
CA ASP U 173 -27.76 68.20 -42.71
C ASP U 173 -26.90 67.60 -43.81
N GLU U 174 -25.94 66.73 -43.50
CA GLU U 174 -25.06 66.15 -44.49
C GLU U 174 -24.87 64.64 -44.33
N CYS U 175 -25.73 63.96 -43.59
CA CYS U 175 -25.51 62.54 -43.31
C CYS U 175 -25.55 61.68 -44.56
N ASP U 176 -26.46 61.97 -45.49
CA ASP U 176 -26.60 61.12 -46.69
C ASP U 176 -25.39 61.20 -47.60
N LYS U 177 -24.49 62.16 -47.39
CA LYS U 177 -23.34 62.35 -48.27
C LYS U 177 -22.03 61.87 -47.65
N PHE U 178 -22.07 61.21 -46.48
CA PHE U 178 -20.84 60.75 -45.85
C PHE U 178 -20.14 59.71 -46.73
N GLU U 179 -20.92 58.80 -47.32
CA GLU U 179 -20.32 57.70 -48.07
C GLU U 179 -19.56 58.18 -49.31
N GLU U 180 -19.75 59.43 -49.72
CA GLU U 180 -19.01 60.00 -50.85
C GLU U 180 -17.86 60.88 -50.42
N TYR U 181 -17.88 61.39 -49.17
CA TYR U 181 -16.82 62.27 -48.71
C TYR U 181 -15.52 61.50 -48.53
N ASN U 182 -14.41 62.23 -48.60
CA ASN U 182 -13.10 61.68 -48.30
C ASN U 182 -12.71 62.03 -46.86
N LYS U 183 -11.50 61.63 -46.46
CA LYS U 183 -11.08 61.84 -45.07
C LYS U 183 -11.00 63.32 -44.73
N GLU U 184 -10.46 64.13 -45.64
CA GLU U 184 -10.37 65.56 -45.37
C GLU U 184 -11.75 66.18 -45.29
N GLU U 185 -12.67 65.75 -46.15
CA GLU U 185 -14.03 66.27 -46.11
C GLU U 185 -14.70 65.93 -44.78
N LEU U 186 -14.51 64.70 -44.30
CA LEU U 186 -15.09 64.32 -43.02
C LEU U 186 -14.50 65.14 -41.88
N VAL U 187 -13.18 65.34 -41.89
CA VAL U 187 -12.56 66.12 -40.84
C VAL U 187 -13.09 67.55 -40.86
N ARG U 188 -13.20 68.13 -42.06
CA ARG U 188 -13.68 69.51 -42.16
C ARG U 188 -15.15 69.63 -41.76
N LEU U 189 -15.96 68.61 -42.07
CA LEU U 189 -17.35 68.65 -41.62
C LEU U 189 -17.44 68.54 -40.10
N GLY U 190 -16.60 67.71 -39.49
CA GLY U 190 -16.57 67.65 -38.04
C GLY U 190 -16.18 68.98 -37.43
N ILE U 191 -15.16 69.62 -38.00
CA ILE U 191 -14.76 70.94 -37.51
C ILE U 191 -15.87 71.96 -37.71
N LYS U 192 -16.60 71.86 -38.82
CA LYS U 192 -17.71 72.77 -39.07
C LYS U 192 -18.81 72.60 -38.03
N ALA U 193 -19.12 71.34 -37.70
CA ALA U 193 -20.13 71.10 -36.67
C ALA U 193 -19.67 71.64 -35.33
N LEU U 194 -18.41 71.40 -34.97
CA LEU U 194 -17.88 71.93 -33.72
C LEU U 194 -17.96 73.45 -33.70
N ARG U 195 -17.63 74.09 -34.83
CA ARG U 195 -17.73 75.54 -34.94
C ARG U 195 -19.17 76.01 -34.78
N ASN U 196 -20.12 75.31 -35.40
CA ASN U 196 -21.52 75.68 -35.23
C ASN U 196 -21.92 75.61 -33.76
N ALA U 197 -21.40 74.63 -33.02
CA ALA U 197 -21.61 74.61 -31.58
C ALA U 197 -20.85 75.74 -30.90
N TYR U 198 -19.66 76.07 -31.41
CA TYR U 198 -18.77 77.05 -30.78
C TYR U 198 -18.43 78.14 -31.79
N PRO U 199 -19.39 79.01 -32.12
CA PRO U 199 -19.11 80.06 -33.12
C PRO U 199 -18.21 81.17 -32.61
N GLU U 200 -18.07 81.34 -31.30
CA GLU U 200 -17.19 82.37 -30.77
C GLU U 200 -15.75 82.09 -31.15
N THR U 201 -15.02 83.13 -31.53
CA THR U 201 -13.64 82.99 -31.96
C THR U 201 -12.72 82.83 -30.75
N GLY U 202 -11.53 82.27 -31.03
CA GLY U 202 -10.52 82.08 -30.00
C GLY U 202 -10.69 80.85 -29.15
N VAL U 203 -11.92 80.50 -28.77
CA VAL U 203 -12.12 79.31 -27.93
C VAL U 203 -11.69 78.06 -28.69
N LEU U 204 -12.06 77.96 -29.96
CA LEU U 204 -11.62 76.85 -30.80
C LEU U 204 -10.26 77.18 -31.40
N ASN U 205 -9.25 76.38 -31.05
CA ASN U 205 -7.90 76.59 -31.55
C ASN U 205 -7.21 75.25 -31.69
N LYS U 206 -5.99 75.27 -32.21
CA LYS U 206 -5.24 74.05 -32.44
C LYS U 206 -4.80 73.36 -31.15
N ASP U 207 -4.96 74.02 -30.00
CA ASP U 207 -4.61 73.41 -28.73
C ASP U 207 -5.83 72.80 -28.04
N ASN U 208 -7.02 73.37 -28.26
CA ASN U 208 -8.22 72.87 -27.58
C ASN U 208 -8.86 71.70 -28.32
N VAL U 209 -8.74 71.66 -29.63
CA VAL U 209 -9.42 70.66 -30.46
C VAL U 209 -8.44 69.54 -30.77
N ASP U 210 -8.87 68.30 -30.51
CA ASP U 210 -8.07 67.12 -30.79
C ASP U 210 -8.81 66.24 -31.79
N ILE U 211 -8.13 65.87 -32.87
CA ILE U 211 -8.74 65.14 -33.99
C ILE U 211 -8.13 63.76 -34.05
N TRP U 212 -8.98 62.74 -34.06
CA TRP U 212 -8.58 61.36 -34.25
C TRP U 212 -9.26 60.80 -35.50
N ILE U 213 -8.48 60.12 -36.32
CA ILE U 213 -8.98 59.52 -37.55
C ILE U 213 -8.63 58.04 -37.56
N LEU U 214 -9.61 57.20 -37.89
CA LEU U 214 -9.42 55.77 -38.00
C LEU U 214 -9.83 55.34 -39.39
N GLU U 215 -8.93 54.63 -40.07
CA GLU U 215 -9.18 54.11 -41.41
C GLU U 215 -9.22 52.59 -41.37
N THR U 216 -10.11 52.01 -42.18
CA THR U 216 -10.26 50.57 -42.19
C THR U 216 -8.94 49.89 -42.56
N ASN U 217 -8.65 48.78 -41.88
CA ASN U 217 -7.41 48.04 -42.07
C ASN U 217 -6.18 48.88 -41.76
N GLN U 218 -6.31 49.82 -40.82
CA GLN U 218 -5.20 50.68 -40.45
C GLN U 218 -5.38 51.11 -39.00
N GLU U 219 -4.27 51.50 -38.38
CA GLU U 219 -4.29 51.89 -36.98
C GLU U 219 -4.94 53.26 -36.79
N SER U 220 -5.56 53.46 -35.63
CA SER U 220 -6.08 54.77 -35.29
C SER U 220 -4.92 55.71 -35.01
N LYS U 221 -5.03 56.96 -35.46
CA LYS U 221 -3.94 57.91 -35.33
C LYS U 221 -4.48 59.28 -34.98
N GLN U 222 -3.83 59.94 -34.02
CA GLN U 222 -4.02 61.36 -33.82
C GLN U 222 -3.33 62.14 -34.93
N ILE U 223 -3.96 63.25 -35.33
CA ILE U 223 -3.39 64.12 -36.36
C ILE U 223 -3.48 65.56 -35.88
N LYS U 224 -2.58 66.39 -36.40
CA LYS U 224 -2.49 67.78 -35.96
C LYS U 224 -3.74 68.54 -36.39
N SER U 225 -4.32 69.31 -35.46
CA SER U 225 -5.54 70.04 -35.75
C SER U 225 -5.27 71.39 -36.41
N GLU U 226 -4.01 71.84 -36.45
CA GLU U 226 -3.71 73.16 -37.01
C GLU U 226 -4.04 73.23 -38.50
N GLU U 227 -4.01 72.11 -39.21
CA GLU U 227 -4.27 72.13 -40.64
C GLU U 227 -5.70 72.55 -40.97
N TYR U 228 -6.62 72.44 -40.01
CA TYR U 228 -8.04 72.66 -40.27
C TYR U 228 -8.62 73.82 -39.48
N LEU U 229 -8.10 74.11 -38.29
CA LEU U 229 -8.62 75.21 -37.47
C LEU U 229 -7.88 76.51 -37.85
N GLN U 230 -8.34 77.10 -38.95
CA GLN U 230 -7.82 78.39 -39.40
C GLN U 230 -8.94 79.19 -40.07
N ALA V 2 -53.58 60.18 1.21
CA ALA V 2 -52.49 60.03 0.21
C ALA V 2 -52.89 59.04 -0.89
N ILE V 3 -52.02 58.87 -1.88
CA ILE V 3 -52.21 57.91 -2.96
C ILE V 3 -51.15 56.83 -2.81
N LEU V 4 -51.58 55.58 -2.77
CA LEU V 4 -50.68 54.46 -2.49
C LEU V 4 -50.04 53.94 -3.78
N ASP V 5 -49.18 54.78 -4.36
CA ASP V 5 -48.40 54.40 -5.52
C ASP V 5 -46.91 54.53 -5.27
N VAL V 6 -46.48 54.57 -4.01
CA VAL V 6 -45.05 54.68 -3.70
C VAL V 6 -44.29 53.50 -4.28
N ASP V 7 -44.87 52.31 -4.23
CA ASP V 7 -44.32 51.17 -4.96
C ASP V 7 -45.48 50.21 -5.26
N THR V 8 -45.14 48.99 -5.69
CA THR V 8 -46.14 48.01 -6.09
C THR V 8 -46.88 47.52 -4.84
N VAL V 9 -47.82 48.35 -4.38
CA VAL V 9 -48.69 48.01 -3.26
C VAL V 9 -50.14 48.24 -3.69
N TYR V 10 -51.04 47.57 -2.99
CA TYR V 10 -52.46 47.68 -3.32
C TYR V 10 -53.04 48.99 -2.81
N THR V 11 -53.86 49.63 -3.65
CA THR V 11 -54.69 50.72 -3.20
C THR V 11 -55.94 50.17 -2.50
N ASN V 12 -56.67 51.06 -1.83
CA ASN V 12 -57.85 50.62 -1.08
C ASN V 12 -58.87 49.94 -1.99
N THR V 13 -58.82 50.21 -3.29
CA THR V 13 -59.71 49.58 -4.26
C THR V 13 -59.11 48.31 -4.85
N GLY V 14 -57.91 47.92 -4.43
CA GLY V 14 -57.27 46.71 -4.92
C GLY V 14 -56.39 46.89 -6.13
N ASP V 15 -56.33 48.08 -6.72
CA ASP V 15 -55.54 48.30 -7.91
C ASP V 15 -54.11 48.64 -7.55
N ILE V 16 -53.16 48.11 -8.32
CA ILE V 16 -51.75 48.43 -8.19
C ILE V 16 -51.49 49.55 -9.18
N LEU V 17 -51.35 50.77 -8.66
CA LEU V 17 -51.25 51.94 -9.53
C LEU V 17 -49.95 51.93 -10.34
N GLN V 18 -48.85 51.50 -9.73
CA GLN V 18 -47.58 51.48 -10.45
C GLN V 18 -47.66 50.64 -11.71
N ILE V 19 -48.38 49.52 -11.67
CA ILE V 19 -48.56 48.73 -12.87
C ILE V 19 -49.37 49.48 -13.90
N GLY V 20 -50.34 50.28 -13.46
CA GLY V 20 -51.07 51.12 -14.40
C GLY V 20 -50.16 52.15 -15.08
N TYR V 21 -49.25 52.74 -14.31
CA TYR V 21 -48.29 53.68 -14.89
C TYR V 21 -47.38 52.96 -15.88
N ALA V 22 -46.94 51.75 -15.53
CA ALA V 22 -46.10 50.98 -16.45
C ALA V 22 -46.85 50.66 -17.73
N GLN V 23 -48.15 50.36 -17.62
CA GLN V 23 -48.96 50.11 -18.81
C GLN V 23 -49.13 51.38 -19.63
N LYS V 24 -49.25 52.53 -18.98
CA LYS V 24 -49.27 53.79 -19.72
C LYS V 24 -47.98 53.97 -20.51
N ALA V 25 -46.84 53.67 -19.88
CA ALA V 25 -45.56 53.76 -20.57
C ALA V 25 -45.50 52.80 -21.75
N ALA V 26 -45.96 51.56 -21.55
CA ALA V 26 -45.86 50.54 -22.59
C ALA V 26 -46.77 50.85 -23.76
N ASP V 27 -47.99 51.33 -23.48
CA ASP V 27 -48.95 51.59 -24.54
C ASP V 27 -48.53 52.74 -25.45
N ASN V 28 -47.51 53.50 -25.06
CA ASN V 28 -47.00 54.60 -25.86
C ASN V 28 -45.76 54.22 -26.66
N GLY V 29 -45.39 52.95 -26.66
CA GLY V 29 -44.23 52.51 -27.43
C GLY V 29 -44.54 52.34 -28.90
N ASN V 30 -43.49 52.04 -29.66
CA ASN V 30 -43.64 51.91 -31.10
C ASN V 30 -44.44 50.67 -31.46
N THR V 31 -45.21 50.77 -32.53
CA THR V 31 -46.08 49.67 -32.95
C THR V 31 -45.25 48.49 -33.43
N ALA V 32 -45.69 47.30 -33.06
CA ALA V 32 -45.13 46.05 -33.57
C ALA V 32 -46.25 45.05 -33.76
N ILE V 33 -46.36 44.51 -34.97
CA ILE V 33 -47.45 43.61 -35.33
C ILE V 33 -46.86 42.23 -35.60
N CYS V 34 -47.54 41.20 -35.10
CA CYS V 34 -47.20 39.83 -35.42
C CYS V 34 -48.45 39.11 -35.92
N MET V 35 -48.30 38.42 -37.04
CA MET V 35 -49.38 37.65 -37.63
C MET V 35 -48.87 36.24 -37.90
N LYS V 36 -49.80 35.29 -37.95
CA LYS V 36 -49.44 33.88 -37.91
C LYS V 36 -50.52 33.05 -38.59
N ASN V 37 -50.08 31.97 -39.21
CA ASN V 37 -50.97 30.95 -39.74
C ASN V 37 -50.23 29.61 -39.71
N LYS V 38 -50.82 28.59 -40.31
CA LYS V 38 -50.18 27.28 -40.32
C LYS V 38 -48.85 27.32 -41.05
N LYS V 39 -48.72 28.17 -42.06
CA LYS V 39 -47.53 28.15 -42.91
C LYS V 39 -46.32 28.78 -42.24
N GLY V 40 -46.49 29.87 -41.50
CA GLY V 40 -45.36 30.54 -40.90
C GLY V 40 -45.80 31.68 -40.00
N LEU V 41 -44.83 32.53 -39.67
CA LEU V 41 -45.03 33.60 -38.72
C LEU V 41 -44.11 34.77 -39.07
N ILE V 42 -44.59 35.99 -38.86
CA ILE V 42 -43.83 37.19 -39.20
C ILE V 42 -44.04 38.26 -38.14
N MET V 43 -43.00 39.04 -37.89
CA MET V 43 -43.08 40.25 -37.08
C MET V 43 -42.97 41.46 -37.98
N ILE V 44 -43.77 42.48 -37.71
CA ILE V 44 -43.63 43.80 -38.32
C ILE V 44 -43.42 44.80 -37.20
N ALA V 45 -42.33 45.56 -37.28
CA ALA V 45 -41.95 46.48 -36.22
C ALA V 45 -41.69 47.86 -36.80
N GLU V 46 -42.38 48.86 -36.26
CA GLU V 46 -42.06 50.24 -36.59
C GLU V 46 -40.73 50.62 -35.96
N LYS V 47 -39.93 51.39 -36.72
CA LYS V 47 -38.67 51.94 -36.23
C LYS V 47 -38.65 53.42 -36.57
N PRO V 48 -39.23 54.27 -35.71
CA PRO V 48 -39.33 55.69 -36.04
C PRO V 48 -37.95 56.29 -36.29
N ILE V 49 -37.91 57.21 -37.27
CA ILE V 49 -36.66 57.90 -37.60
C ILE V 49 -36.51 59.09 -36.67
N GLU V 50 -35.97 58.83 -35.47
CA GLU V 50 -35.76 59.91 -34.51
C GLU V 50 -34.73 60.90 -35.04
N SER V 51 -33.68 60.39 -35.67
CA SER V 51 -32.72 61.23 -36.39
C SER V 51 -32.15 60.41 -37.53
N LYS V 52 -31.74 61.11 -38.59
CA LYS V 52 -31.18 60.44 -39.75
C LYS V 52 -29.81 59.85 -39.48
N LEU V 53 -29.21 60.16 -38.33
CA LEU V 53 -27.87 59.67 -38.02
C LEU V 53 -27.89 58.19 -37.66
N TYR V 54 -28.96 57.71 -37.05
CA TYR V 54 -29.04 56.30 -36.70
C TYR V 54 -29.09 55.44 -37.95
N VAL V 55 -28.37 54.33 -37.92
CA VAL V 55 -28.39 53.36 -39.01
C VAL V 55 -29.50 52.35 -38.71
N SER V 56 -30.73 52.68 -39.15
CA SER V 56 -31.87 51.84 -38.81
C SER V 56 -31.73 50.43 -39.37
N GLU V 57 -30.99 50.28 -40.47
CA GLU V 57 -30.84 48.95 -41.07
C GLU V 57 -30.10 47.99 -40.15
N LYS V 58 -29.31 48.52 -39.20
CA LYS V 58 -28.51 47.70 -38.32
C LYS V 58 -28.94 47.74 -36.86
N ASN V 59 -29.96 48.53 -36.53
CA ASN V 59 -30.53 48.55 -35.18
C ASN V 59 -31.80 47.71 -35.21
N PHE V 60 -31.83 46.66 -34.40
CA PHE V 60 -32.89 45.65 -34.46
C PHE V 60 -33.81 45.77 -33.26
N ARG V 61 -35.11 45.83 -33.51
CA ARG V 61 -36.08 45.79 -32.43
C ARG V 61 -36.36 44.35 -31.99
N ILE V 62 -36.24 43.40 -32.90
CA ILE V 62 -36.53 42.00 -32.61
C ILE V 62 -35.30 41.38 -31.96
N LYS V 63 -35.49 40.81 -30.76
CA LYS V 63 -34.42 40.18 -30.02
C LYS V 63 -34.53 38.67 -30.13
N LYS V 64 -33.39 38.00 -30.28
CA LYS V 64 -33.36 36.55 -30.35
C LYS V 64 -33.30 35.96 -28.95
N VAL V 65 -34.11 34.92 -28.74
CA VAL V 65 -34.07 34.12 -27.51
C VAL V 65 -33.54 32.72 -27.79
N ASN V 66 -34.12 32.04 -28.77
CA ASN V 66 -33.63 30.74 -29.23
C ASN V 66 -33.56 30.80 -30.75
N ASN V 67 -33.13 29.69 -31.35
CA ASN V 67 -33.24 29.57 -32.80
C ASN V 67 -34.69 29.58 -33.22
N SER V 68 -35.59 29.10 -32.38
CA SER V 68 -37.01 29.02 -32.68
C SER V 68 -37.85 30.02 -31.91
N ILE V 69 -37.27 30.77 -30.98
CA ILE V 69 -37.99 31.77 -30.21
C ILE V 69 -37.31 33.12 -30.39
N PHE V 70 -38.09 34.12 -30.80
CA PHE V 70 -37.59 35.49 -30.83
C PHE V 70 -38.67 36.40 -30.26
N GLN V 71 -38.28 37.63 -29.94
CA GLN V 71 -39.09 38.48 -29.08
C GLN V 71 -39.00 39.92 -29.54
N ILE V 72 -40.01 40.71 -29.17
CA ILE V 72 -40.05 42.14 -29.44
C ILE V 72 -40.89 42.81 -28.36
N SER V 73 -40.62 44.09 -28.12
CA SER V 73 -41.30 44.82 -27.07
C SER V 73 -41.56 46.25 -27.51
N SER V 74 -42.51 46.88 -26.82
CA SER V 74 -42.81 48.30 -26.99
C SER V 74 -42.90 48.91 -25.61
N GLY V 75 -42.51 50.19 -25.50
CA GLY V 75 -42.52 50.88 -24.22
C GLY V 75 -41.11 51.33 -23.86
N ILE V 76 -40.69 51.06 -22.63
CA ILE V 76 -39.30 51.26 -22.26
C ILE V 76 -38.56 50.00 -22.70
N GLU V 77 -38.10 50.00 -23.96
CA GLU V 77 -37.63 48.77 -24.58
C GLU V 77 -36.32 48.27 -24.00
N THR V 78 -35.65 49.05 -23.14
CA THR V 78 -34.46 48.54 -22.47
C THR V 78 -34.79 47.45 -21.47
N ASP V 79 -36.00 47.46 -20.89
CA ASP V 79 -36.43 46.35 -20.04
C ASP V 79 -36.35 45.03 -20.78
N LEU V 80 -36.61 45.05 -22.09
CA LEU V 80 -36.45 43.84 -22.88
C LEU V 80 -35.03 43.32 -22.82
N VAL V 81 -34.04 44.16 -22.54
CA VAL V 81 -32.68 43.64 -22.42
C VAL V 81 -32.59 42.64 -21.27
N TYR V 82 -33.07 43.02 -20.09
CA TYR V 82 -33.05 42.11 -18.95
C TYR V 82 -33.94 40.90 -19.21
N ILE V 83 -35.16 41.14 -19.69
CA ILE V 83 -36.08 40.02 -19.89
C ILE V 83 -35.50 39.04 -20.90
N ASN V 84 -34.94 39.54 -22.00
CA ASN V 84 -34.37 38.70 -23.03
C ASN V 84 -33.15 37.95 -22.52
N GLU V 85 -32.29 38.61 -21.74
CA GLU V 85 -31.12 37.91 -21.22
C GLU V 85 -31.53 36.76 -20.31
N ASN V 86 -32.48 37.01 -19.40
CA ASN V 86 -32.92 35.96 -18.50
C ASN V 86 -33.59 34.83 -19.26
N LEU V 87 -34.49 35.17 -20.18
CA LEU V 87 -35.17 34.15 -20.97
C LEU V 87 -34.17 33.35 -21.80
N LYS V 88 -33.22 34.03 -22.41
CA LYS V 88 -32.22 33.35 -23.22
C LYS V 88 -31.43 32.35 -22.39
N ASN V 89 -30.91 32.80 -21.25
CA ASN V 89 -30.17 31.88 -20.40
C ASN V 89 -31.03 30.68 -20.01
N ASN V 90 -32.22 30.95 -19.45
CA ASN V 90 -33.06 29.87 -18.94
C ASN V 90 -33.45 28.89 -20.04
N LEU V 91 -33.89 29.41 -21.19
CA LEU V 91 -34.42 28.55 -22.24
C LEU V 91 -33.32 27.84 -23.01
N ILE V 92 -32.15 28.45 -23.18
CA ILE V 92 -31.04 27.74 -23.78
C ILE V 92 -30.61 26.59 -22.88
N SER V 93 -30.49 26.86 -21.57
CA SER V 93 -30.13 25.78 -20.65
C SER V 93 -31.18 24.68 -20.66
N GLU V 94 -32.46 25.05 -20.71
CA GLU V 94 -33.53 24.05 -20.71
C GLU V 94 -33.51 23.22 -21.99
N LYS V 95 -33.38 23.89 -23.15
CA LYS V 95 -33.36 23.19 -24.42
C LYS V 95 -32.20 22.20 -24.49
N HIS V 96 -31.00 22.65 -24.09
CA HIS V 96 -29.84 21.79 -24.26
C HIS V 96 -29.65 20.82 -23.11
N SER V 97 -30.42 21.00 -22.03
CA SER V 97 -30.47 19.98 -20.99
C SER V 97 -31.52 18.92 -21.28
N ASN V 98 -32.30 19.09 -22.34
CA ASN V 98 -33.27 18.08 -22.77
C ASN V 98 -33.10 17.69 -24.23
N ASP V 99 -32.30 18.39 -25.01
CA ASP V 99 -32.15 18.12 -26.44
C ASP V 99 -33.50 18.18 -27.14
N MET V 100 -34.34 19.10 -26.69
CA MET V 100 -35.69 19.26 -27.23
C MET V 100 -36.03 20.73 -27.34
N ASP V 101 -36.88 21.07 -28.30
CA ASP V 101 -37.41 22.42 -28.39
C ASP V 101 -38.22 22.73 -27.13
N VAL V 102 -38.13 23.98 -26.68
CA VAL V 102 -38.89 24.38 -25.50
C VAL V 102 -40.33 24.66 -25.92
N SER V 103 -41.28 24.10 -25.16
CA SER V 103 -42.68 24.19 -25.52
C SER V 103 -43.20 25.61 -25.33
N HIS V 104 -44.31 25.92 -26.01
CA HIS V 104 -44.93 27.22 -25.86
C HIS V 104 -45.34 27.47 -24.42
N GLU V 105 -45.87 26.43 -23.76
CA GLU V 105 -46.32 26.60 -22.38
C GLU V 105 -45.15 26.83 -21.43
N SER V 106 -44.03 26.15 -21.66
CA SER V 106 -42.84 26.44 -20.85
C SER V 106 -42.33 27.85 -21.09
N VAL V 107 -42.39 28.31 -22.35
CA VAL V 107 -41.98 29.67 -22.65
C VAL V 107 -42.87 30.66 -21.91
N ARG V 108 -44.19 30.41 -21.90
CA ARG V 108 -45.09 31.29 -21.18
C ARG V 108 -44.82 31.25 -19.69
N ASN V 109 -44.55 30.06 -19.14
CA ASN V 109 -44.20 29.96 -17.73
C ASN V 109 -43.01 30.84 -17.41
N GLN V 110 -41.95 30.74 -18.22
CA GLN V 110 -40.76 31.56 -17.98
C GLN V 110 -41.10 33.05 -18.11
N ILE V 111 -41.85 33.42 -19.14
CA ILE V 111 -42.18 34.82 -19.36
C ILE V 111 -42.91 35.38 -18.14
N VAL V 112 -43.97 34.68 -17.71
CA VAL V 112 -44.80 35.18 -16.63
C VAL V 112 -44.00 35.24 -15.33
N ASN V 113 -43.19 34.23 -15.04
CA ASN V 113 -42.47 34.22 -13.78
C ASN V 113 -41.37 35.27 -13.76
N ILE V 114 -40.73 35.52 -14.90
CA ILE V 114 -39.67 36.52 -14.94
C ILE V 114 -40.26 37.93 -14.87
N ILE V 115 -41.45 38.15 -15.45
CA ILE V 115 -42.02 39.49 -15.49
C ILE V 115 -42.85 39.79 -14.25
N HIS V 116 -43.32 38.76 -13.54
CA HIS V 116 -44.20 38.99 -12.40
C HIS V 116 -43.43 39.51 -11.20
N GLN V 117 -42.18 39.06 -11.04
CA GLN V 117 -41.41 39.47 -9.87
C GLN V 117 -41.18 40.97 -9.84
N PHE V 118 -41.31 41.64 -10.98
CA PHE V 118 -41.19 43.09 -11.01
C PHE V 118 -42.43 43.77 -10.44
N THR V 119 -43.59 43.15 -10.61
CA THR V 119 -44.83 43.64 -10.02
C THR V 119 -45.04 43.13 -8.60
N ARG V 120 -43.99 42.67 -7.93
CA ARG V 120 -44.12 41.93 -6.69
C ARG V 120 -43.20 42.38 -5.57
N TYR V 121 -42.09 43.05 -5.85
CA TYR V 121 -41.14 43.47 -4.83
C TYR V 121 -41.18 44.97 -4.65
N SER V 122 -40.81 45.43 -3.45
CA SER V 122 -40.97 46.83 -3.10
C SER V 122 -39.96 47.71 -3.82
N GLY V 123 -38.69 47.29 -3.83
CA GLY V 123 -37.64 48.13 -4.38
C GLY V 123 -37.48 48.04 -5.88
N VAL V 124 -38.42 47.42 -6.58
CA VAL V 124 -38.32 47.16 -8.01
C VAL V 124 -39.54 47.75 -8.70
N ARG V 125 -39.32 48.47 -9.79
CA ARG V 125 -40.41 49.03 -10.56
C ARG V 125 -40.97 48.01 -11.54
N PRO V 126 -42.25 48.10 -11.88
CA PRO V 126 -42.82 47.13 -12.82
C PRO V 126 -42.12 47.18 -14.17
N ILE V 127 -42.36 46.14 -14.96
CA ILE V 127 -41.84 46.10 -16.32
C ILE V 127 -42.68 47.05 -17.18
N GLY V 128 -42.04 48.03 -17.80
CA GLY V 128 -42.76 49.06 -18.52
C GLY V 128 -42.88 48.80 -20.01
N ILE V 129 -43.16 47.56 -20.40
CA ILE V 129 -43.27 47.19 -21.80
C ILE V 129 -44.29 46.08 -21.96
N ASN V 130 -44.88 46.01 -23.15
CA ASN V 130 -45.54 44.80 -23.62
C ASN V 130 -44.58 44.03 -24.50
N LEU V 131 -44.82 42.73 -24.63
CA LEU V 131 -43.96 41.86 -25.41
C LEU V 131 -44.79 41.02 -26.36
N LEU V 132 -44.21 40.73 -27.52
CA LEU V 132 -44.69 39.71 -28.43
C LEU V 132 -43.59 38.69 -28.60
N THR V 133 -43.78 37.51 -28.01
CA THR V 133 -42.78 36.44 -28.05
C THR V 133 -43.30 35.35 -28.96
N CYS V 134 -42.61 35.14 -30.07
CA CYS V 134 -43.01 34.19 -31.09
C CYS V 134 -42.10 32.96 -31.01
N SER V 135 -42.70 31.78 -31.07
CA SER V 135 -41.95 30.54 -30.89
C SER V 135 -42.46 29.49 -31.88
N LYS V 136 -41.58 28.55 -32.19
CA LYS V 136 -41.91 27.38 -32.98
C LYS V 136 -41.64 26.14 -32.15
N TYR V 137 -42.62 25.23 -32.09
CA TYR V 137 -42.50 24.04 -31.28
C TYR V 137 -43.35 22.94 -31.89
N LYS V 138 -42.73 21.80 -32.17
CA LYS V 138 -43.40 20.67 -32.79
C LYS V 138 -44.15 21.12 -34.04
N ASN V 139 -43.45 21.89 -34.87
CA ASN V 139 -43.96 22.33 -36.16
C ASN V 139 -45.24 23.15 -36.02
N GLU V 140 -45.35 23.91 -34.93
CA GLU V 140 -46.45 24.83 -34.72
C GLU V 140 -45.89 26.18 -34.26
N TYR V 141 -46.58 27.25 -34.65
CA TYR V 141 -46.20 28.61 -34.28
C TYR V 141 -47.24 29.17 -33.32
N LYS V 142 -46.79 30.03 -32.41
CA LYS V 142 -47.69 30.72 -31.50
C LYS V 142 -47.10 32.07 -31.13
N ILE V 143 -47.98 33.05 -30.93
CA ILE V 143 -47.60 34.41 -30.57
C ILE V 143 -48.07 34.67 -29.15
N LEU V 144 -47.15 35.09 -28.29
CA LEU V 144 -47.43 35.27 -26.86
C LEU V 144 -47.36 36.76 -26.55
N GLN V 145 -48.53 37.40 -26.47
CA GLN V 145 -48.58 38.81 -26.10
C GLN V 145 -48.61 38.95 -24.59
N THR V 146 -47.68 39.74 -24.06
CA THR V 146 -47.50 39.89 -22.62
C THR V 146 -47.71 41.34 -22.23
N ASP V 147 -48.29 41.55 -21.05
CA ASP V 147 -48.56 42.88 -20.52
C ASP V 147 -47.57 43.23 -19.42
N CYS V 148 -47.75 44.41 -18.83
CA CYS V 148 -46.90 44.83 -17.73
C CYS V 148 -47.20 44.04 -16.46
N THR V 149 -48.42 43.52 -16.31
CA THR V 149 -48.75 42.71 -15.15
C THR V 149 -48.07 41.36 -15.19
N GLY V 150 -47.51 40.97 -16.33
CA GLY V 150 -47.07 39.60 -16.55
C GLY V 150 -48.09 38.74 -17.25
N LYS V 151 -49.36 39.18 -17.30
CA LYS V 151 -50.37 38.42 -18.01
C LYS V 151 -49.99 38.26 -19.46
N SER V 152 -49.94 37.01 -19.92
CA SER V 152 -49.52 36.71 -21.28
C SER V 152 -50.46 35.65 -21.84
N LEU V 153 -50.93 35.87 -23.07
CA LEU V 153 -51.87 34.98 -23.72
C LEU V 153 -51.41 34.71 -25.14
N PHE V 154 -51.84 33.58 -25.69
CA PHE V 154 -51.54 33.23 -27.06
C PHE V 154 -52.60 33.79 -28.00
N PHE V 155 -52.16 34.22 -29.18
CA PHE V 155 -53.03 34.86 -30.16
C PHE V 155 -52.70 34.32 -31.54
N LYS V 156 -53.67 34.43 -32.44
CA LYS V 156 -53.41 34.18 -33.86
C LYS V 156 -52.66 35.35 -34.48
N SER V 157 -52.97 36.56 -34.04
CA SER V 157 -52.23 37.76 -34.44
C SER V 157 -52.44 38.81 -33.36
N SER V 158 -51.42 39.63 -33.14
CA SER V 158 -51.44 40.58 -32.05
C SER V 158 -50.59 41.78 -32.41
N VAL V 159 -50.81 42.87 -31.67
CA VAL V 159 -50.09 44.12 -31.87
C VAL V 159 -49.82 44.75 -30.51
N ILE V 160 -48.68 45.43 -30.42
CA ILE V 160 -48.32 46.19 -29.24
C ILE V 160 -47.94 47.60 -29.68
N GLY V 161 -47.88 48.51 -28.72
CA GLY V 161 -47.49 49.87 -29.00
C GLY V 161 -48.68 50.80 -29.16
N LYS V 162 -48.35 52.05 -29.50
CA LYS V 162 -49.37 53.09 -29.57
C LYS V 162 -50.36 52.88 -30.71
N GLY V 163 -50.00 52.09 -31.72
CA GLY V 163 -50.92 51.83 -32.82
C GLY V 163 -51.82 50.64 -32.61
N SER V 164 -51.85 50.07 -31.40
CA SER V 164 -52.58 48.84 -31.16
C SER V 164 -54.08 49.01 -31.42
N ARG V 165 -54.65 50.13 -30.97
CA ARG V 165 -56.10 50.28 -31.04
C ARG V 165 -56.62 50.29 -32.47
N ILE V 166 -55.82 50.79 -33.41
CA ILE V 166 -56.25 50.83 -34.81
C ILE V 166 -55.88 49.53 -35.52
N VAL V 167 -54.72 48.96 -35.18
CA VAL V 167 -54.26 47.75 -35.83
C VAL V 167 -55.15 46.56 -35.46
N LYS V 168 -55.65 46.55 -34.23
CA LYS V 168 -56.41 45.40 -33.75
C LYS V 168 -57.69 45.21 -34.55
N THR V 169 -58.39 46.30 -34.86
CA THR V 169 -59.59 46.19 -35.67
C THR V 169 -59.28 45.63 -37.05
N GLU V 170 -58.22 46.13 -37.69
CA GLU V 170 -57.84 45.61 -38.99
C GLU V 170 -57.50 44.13 -38.93
N LEU V 171 -56.81 43.70 -37.87
CA LEU V 171 -56.54 42.28 -37.70
C LEU V 171 -57.83 41.49 -37.55
N GLU V 172 -58.77 42.00 -36.76
CA GLU V 172 -60.07 41.34 -36.63
C GLU V 172 -60.76 41.22 -37.98
N LYS V 173 -60.53 42.18 -38.88
CA LYS V 173 -61.08 42.11 -40.23
C LYS V 173 -60.33 41.15 -41.13
N LEU V 174 -59.29 40.50 -40.62
CA LEU V 174 -58.34 39.76 -41.46
C LEU V 174 -58.50 38.26 -41.26
N ASN V 175 -58.40 37.51 -42.36
CA ASN V 175 -58.43 36.05 -42.35
C ASN V 175 -57.03 35.55 -42.63
N LEU V 176 -56.42 34.88 -41.65
CA LEU V 176 -55.02 34.47 -41.77
C LEU V 176 -54.86 33.09 -42.38
N GLU V 177 -55.91 32.26 -42.34
CA GLU V 177 -55.78 30.90 -42.83
C GLU V 177 -55.63 30.89 -44.35
N ASN V 178 -54.75 30.02 -44.83
CA ASN V 178 -54.47 29.83 -46.25
C ASN V 178 -53.83 31.05 -46.91
N MET V 179 -53.27 31.96 -46.12
CA MET V 179 -52.51 33.07 -46.68
C MET V 179 -51.04 32.70 -46.80
N GLU V 180 -50.44 33.06 -47.93
CA GLU V 180 -49.01 32.87 -48.09
C GLU V 180 -48.25 33.85 -47.18
N ILE V 181 -46.97 33.54 -46.96
CA ILE V 181 -46.17 34.39 -46.07
C ILE V 181 -46.04 35.79 -46.65
N ARG V 182 -45.84 35.91 -47.96
CA ARG V 182 -45.77 37.23 -48.57
C ARG V 182 -47.11 37.95 -48.47
N ASP V 183 -48.22 37.21 -48.48
CA ASP V 183 -49.50 37.84 -48.20
C ASP V 183 -49.53 38.41 -46.79
N LEU V 184 -48.97 37.69 -45.82
CA LEU V 184 -48.88 38.23 -44.46
C LEU V 184 -48.01 39.47 -44.42
N VAL V 185 -46.90 39.48 -45.16
CA VAL V 185 -46.04 40.65 -45.20
C VAL V 185 -46.80 41.85 -45.77
N GLU V 186 -47.49 41.63 -46.88
CA GLU V 186 -48.26 42.70 -47.51
C GLU V 186 -49.31 43.25 -46.54
N ASN V 187 -50.08 42.36 -45.91
CA ASN V 187 -51.13 42.80 -45.00
C ASN V 187 -50.54 43.50 -43.78
N GLY V 188 -49.42 43.00 -43.26
CA GLY V 188 -48.82 43.62 -42.10
C GLY V 188 -48.33 45.03 -42.40
N ILE V 189 -47.66 45.20 -43.54
CA ILE V 189 -47.21 46.54 -43.93
C ILE V 189 -48.41 47.46 -44.13
N ARG V 190 -49.45 46.96 -44.80
CA ARG V 190 -50.63 47.78 -45.03
C ARG V 190 -51.25 48.22 -43.71
N ILE V 191 -51.40 47.30 -42.76
CA ILE V 191 -52.02 47.63 -41.49
C ILE V 191 -51.13 48.57 -40.69
N LEU V 192 -49.81 48.37 -40.74
CA LEU V 192 -48.90 49.26 -40.05
C LEU V 192 -49.03 50.69 -40.56
N TYR V 193 -49.06 50.85 -41.89
CA TYR V 193 -49.21 52.18 -42.45
C TYR V 193 -50.62 52.73 -42.21
N LYS V 194 -51.59 51.84 -42.00
CA LYS V 194 -52.95 52.28 -41.74
C LYS V 194 -53.06 53.00 -40.40
N SER V 195 -52.16 52.72 -39.47
CA SER V 195 -52.17 53.34 -38.16
C SER V 195 -51.08 54.40 -38.01
N TYR V 196 -50.53 54.90 -39.12
CA TYR V 196 -49.40 55.83 -39.04
C TYR V 196 -49.79 57.11 -38.31
N ASP V 197 -50.87 57.76 -38.74
CA ASP V 197 -51.27 59.03 -38.15
C ASP V 197 -50.11 60.03 -38.25
N PRO V 198 -49.80 60.52 -39.44
CA PRO V 198 -48.56 61.30 -39.62
C PRO V 198 -48.42 62.48 -38.69
N LEU V 199 -49.52 63.18 -38.38
CA LEU V 199 -49.43 64.42 -37.64
C LEU V 199 -48.94 64.23 -36.21
N LYS V 200 -48.96 63.00 -35.69
CA LYS V 200 -48.56 62.74 -34.31
C LYS V 200 -47.29 61.91 -34.18
N ASP V 201 -47.01 61.02 -35.13
CA ASP V 201 -45.85 60.15 -35.07
C ASP V 201 -44.88 60.47 -36.19
N LYS V 202 -43.59 60.26 -35.92
CA LYS V 202 -42.56 60.54 -36.88
C LYS V 202 -42.57 59.47 -37.98
N PRO V 203 -41.97 59.75 -39.15
CA PRO V 203 -41.81 58.70 -40.15
C PRO V 203 -40.92 57.58 -39.63
N PHE V 204 -41.19 56.38 -40.11
CA PHE V 204 -40.58 55.18 -39.55
C PHE V 204 -40.08 54.27 -40.66
N ASP V 205 -39.05 53.49 -40.33
CA ASP V 205 -38.64 52.36 -41.14
C ASP V 205 -39.23 51.08 -40.55
N ILE V 206 -39.41 50.08 -41.40
CA ILE V 206 -40.08 48.84 -41.04
C ILE V 206 -39.04 47.73 -40.94
N GLU V 207 -39.04 47.03 -39.81
CA GLU V 207 -38.25 45.82 -39.63
C GLU V 207 -39.18 44.62 -39.67
N ILE V 208 -38.85 43.65 -40.53
CA ILE V 208 -39.67 42.47 -40.72
C ILE V 208 -38.81 41.25 -40.45
N GLY V 209 -39.32 40.34 -39.61
CA GLY V 209 -38.64 39.09 -39.35
C GLY V 209 -39.61 37.93 -39.44
N ILE V 210 -39.32 36.95 -40.28
CA ILE V 210 -40.24 35.86 -40.57
C ILE V 210 -39.61 34.54 -40.18
N MET V 211 -40.46 33.61 -39.75
CA MET V 211 -40.10 32.21 -39.61
C MET V 211 -41.22 31.39 -40.22
N CYS V 212 -40.88 30.47 -41.11
CA CYS V 212 -41.90 29.73 -41.84
C CYS V 212 -41.33 28.38 -42.27
N GLU V 213 -42.24 27.48 -42.65
CA GLU V 213 -41.82 26.15 -43.10
C GLU V 213 -40.91 26.24 -44.32
N GLU V 214 -41.06 27.28 -45.14
CA GLU V 214 -40.19 27.41 -46.31
C GLU V 214 -38.74 27.56 -45.88
N THR V 215 -38.47 28.36 -44.84
CA THR V 215 -37.15 28.49 -44.26
C THR V 215 -36.91 27.52 -43.11
N ASN V 216 -37.63 26.40 -43.08
CA ASN V 216 -37.50 25.38 -42.04
C ASN V 216 -37.54 25.97 -40.64
N GLY V 217 -38.31 27.04 -40.47
CA GLY V 217 -38.51 27.62 -39.16
C GLY V 217 -37.38 28.51 -38.66
N GLU V 218 -36.34 28.70 -39.46
CA GLU V 218 -35.26 29.58 -39.05
C GLU V 218 -35.70 31.04 -39.13
N PHE V 219 -35.28 31.83 -38.15
CA PHE V 219 -35.64 33.25 -38.13
C PHE V 219 -34.82 34.00 -39.17
N VAL V 220 -35.51 34.78 -40.01
CA VAL V 220 -34.89 35.49 -41.13
C VAL V 220 -35.32 36.94 -41.08
N ARG V 221 -34.36 37.85 -41.11
CA ARG V 221 -34.66 39.28 -41.21
C ARG V 221 -34.72 39.68 -42.68
N LEU V 222 -35.90 40.02 -43.16
CA LEU V 222 -36.06 40.41 -44.56
C LEU V 222 -35.24 41.65 -44.85
N GLU V 223 -34.50 41.61 -45.96
CA GLU V 223 -33.76 42.79 -46.40
C GLU V 223 -34.74 43.83 -46.96
N LYS V 224 -34.32 45.10 -46.88
CA LYS V 224 -35.24 46.18 -47.22
C LYS V 224 -35.71 46.10 -48.66
N ASN V 225 -34.86 45.61 -49.57
CA ASN V 225 -35.25 45.53 -50.98
C ASN V 225 -36.37 44.53 -51.20
N GLN V 226 -36.55 43.59 -50.27
CA GLN V 226 -37.57 42.56 -50.45
C GLN V 226 -38.98 43.12 -50.30
N TYR V 227 -39.17 44.08 -49.39
CA TYR V 227 -40.46 44.72 -49.19
C TYR V 227 -40.44 46.20 -49.57
N SER V 228 -39.42 46.66 -50.30
CA SER V 228 -39.39 48.04 -50.75
C SER V 228 -40.57 48.34 -51.66
N GLU V 229 -40.97 47.37 -52.49
CA GLU V 229 -42.12 47.57 -53.36
C GLU V 229 -43.38 47.81 -52.55
N ILE V 230 -43.61 47.01 -51.51
CA ILE V 230 -44.80 47.15 -50.69
C ILE V 230 -44.78 48.47 -49.94
N ILE V 231 -43.61 48.84 -49.40
CA ILE V 231 -43.51 50.11 -48.68
C ILE V 231 -43.77 51.27 -49.64
N GLU V 232 -43.25 51.19 -50.85
CA GLU V 232 -43.51 52.22 -51.85
C GLU V 232 -44.99 52.31 -52.18
N LYS V 233 -45.67 51.17 -52.29
CA LYS V 233 -47.10 51.19 -52.57
C LYS V 233 -47.89 51.85 -51.44
N TYR V 234 -47.59 51.49 -50.19
CA TYR V 234 -48.41 51.92 -49.06
C TYR V 234 -47.91 53.18 -48.37
N LYS V 235 -46.82 53.79 -48.84
CA LYS V 235 -46.32 55.00 -48.20
C LYS V 235 -47.35 56.12 -48.29
N SER W 2 -46.89 60.30 8.10
CA SER W 2 -46.41 59.16 7.29
C SER W 2 -47.55 58.23 6.91
N ILE W 3 -47.27 57.31 5.98
CA ILE W 3 -48.30 56.37 5.53
C ILE W 3 -48.34 55.14 6.41
N LYS W 4 -47.20 54.50 6.63
CA LYS W 4 -47.08 53.34 7.51
C LYS W 4 -48.15 52.28 7.23
N ASP W 5 -49.17 52.19 8.09
CA ASP W 5 -50.03 51.01 8.12
C ASP W 5 -50.81 50.79 6.83
N GLU W 6 -50.95 51.81 5.99
CA GLU W 6 -51.68 51.61 4.74
C GLU W 6 -50.92 50.70 3.79
N ILE W 7 -49.59 50.76 3.80
CA ILE W 7 -48.78 50.07 2.80
C ILE W 7 -47.88 49.01 3.45
N TYR W 8 -47.56 49.19 4.72
CA TYR W 8 -46.76 48.23 5.44
C TYR W 8 -47.63 47.10 5.97
N ASN W 9 -47.12 45.87 5.89
CA ASN W 9 -47.82 44.70 6.42
C ASN W 9 -47.69 44.72 7.94
N ILE W 10 -48.44 45.63 8.57
CA ILE W 10 -48.48 45.74 10.02
C ILE W 10 -49.93 45.92 10.45
N PHE W 11 -50.20 45.64 11.72
CA PHE W 11 -51.54 45.81 12.25
C PHE W 11 -51.84 47.28 12.48
N ASN W 12 -52.99 47.73 11.98
CA ASN W 12 -53.44 49.08 12.26
C ASN W 12 -54.12 49.13 13.62
N ALA W 13 -54.61 50.31 14.00
CA ALA W 13 -55.29 50.45 15.28
C ALA W 13 -56.52 49.54 15.38
N ASP W 14 -57.08 49.11 14.25
CA ASP W 14 -58.23 48.22 14.24
C ASP W 14 -57.85 46.76 14.36
N GLY W 15 -56.56 46.43 14.39
CA GLY W 15 -56.14 45.04 14.47
C GLY W 15 -56.23 44.29 13.18
N LYS W 16 -56.08 44.98 12.04
CA LYS W 16 -56.10 44.35 10.73
C LYS W 16 -54.95 44.89 9.91
N ILE W 17 -54.49 44.08 8.96
CA ILE W 17 -53.45 44.46 8.03
C ILE W 17 -54.15 45.01 6.78
N LEU W 18 -54.02 46.31 6.55
CA LEU W 18 -54.77 46.95 5.49
C LEU W 18 -54.37 46.43 4.12
N GLN W 19 -53.09 46.08 3.93
CA GLN W 19 -52.66 45.58 2.64
C GLN W 19 -53.34 44.27 2.29
N ILE W 20 -53.51 43.38 3.26
CA ILE W 20 -54.21 42.12 3.00
C ILE W 20 -55.67 42.38 2.64
N GLU W 21 -56.31 43.34 3.32
CA GLU W 21 -57.68 43.69 2.98
C GLU W 21 -57.77 44.23 1.55
N TYR W 22 -56.81 45.07 1.16
CA TYR W 22 -56.81 45.63 -0.19
C TYR W 22 -56.61 44.53 -1.23
N GLY W 23 -55.71 43.59 -0.96
CA GLY W 23 -55.56 42.45 -1.86
C GLY W 23 -56.82 41.60 -1.94
N LEU W 24 -57.50 41.42 -0.80
CA LEU W 24 -58.75 40.68 -0.81
C LEU W 24 -59.80 41.37 -1.65
N GLU W 25 -59.85 42.71 -1.57
CA GLU W 25 -60.76 43.45 -2.45
C GLU W 25 -60.38 43.28 -3.92
N ALA W 26 -59.09 43.33 -4.23
CA ALA W 26 -58.65 43.09 -5.60
C ALA W 26 -59.11 41.72 -6.08
N VAL W 27 -59.02 40.70 -5.23
CA VAL W 27 -59.52 39.38 -5.60
C VAL W 27 -61.03 39.41 -5.81
N ASN W 28 -61.75 40.06 -4.88
CA ASN W 28 -63.20 40.09 -4.98
C ASN W 28 -63.66 40.79 -6.26
N LYS W 29 -62.82 41.65 -6.81
CA LYS W 29 -63.16 42.31 -8.08
C LYS W 29 -62.95 41.40 -9.28
N SER W 30 -62.34 40.22 -9.10
CA SER W 30 -62.04 39.34 -10.22
C SER W 30 -63.27 38.50 -10.58
N LEU W 31 -63.08 37.60 -11.55
CA LEU W 31 -64.20 36.84 -12.08
C LEU W 31 -64.71 35.83 -11.06
N PRO W 32 -65.99 35.47 -11.12
CA PRO W 32 -66.54 34.49 -10.18
C PRO W 32 -66.11 33.06 -10.52
N LEU W 33 -66.15 32.20 -9.51
CA LEU W 33 -65.74 30.82 -9.66
C LEU W 33 -66.32 30.00 -8.52
N VAL W 34 -66.72 28.77 -8.82
CA VAL W 34 -67.35 27.90 -7.84
C VAL W 34 -66.76 26.51 -7.95
N VAL W 35 -66.45 25.92 -6.79
CA VAL W 35 -66.06 24.52 -6.68
C VAL W 35 -66.90 23.90 -5.58
N LEU W 36 -67.58 22.80 -5.91
CA LEU W 36 -68.41 22.09 -4.94
C LEU W 36 -68.20 20.59 -5.11
N LYS W 37 -68.33 19.86 -4.02
CA LYS W 37 -68.12 18.43 -4.00
C LYS W 37 -69.26 17.72 -3.28
N ASN W 38 -69.55 16.50 -3.73
CA ASN W 38 -70.40 15.56 -3.04
C ASN W 38 -69.55 14.31 -2.73
N LYS W 39 -70.20 13.26 -2.23
CA LYS W 39 -69.46 12.07 -1.82
C LYS W 39 -68.72 11.41 -2.97
N ASN W 40 -69.08 11.71 -4.22
CA ASN W 40 -68.54 10.99 -5.37
C ASN W 40 -67.90 11.87 -6.43
N MET W 41 -68.16 13.17 -6.45
CA MET W 41 -67.73 14.02 -7.55
C MET W 41 -67.42 15.42 -7.03
N ILE W 42 -66.55 16.12 -7.77
CA ILE W 42 -66.25 17.52 -7.55
C ILE W 42 -66.64 18.28 -8.81
N VAL W 43 -67.37 19.37 -8.63
CA VAL W 43 -67.89 20.17 -9.75
C VAL W 43 -67.24 21.54 -9.69
N CYS W 44 -66.70 21.97 -10.82
CA CYS W 44 -66.10 23.29 -10.97
C CYS W 44 -66.87 24.09 -12.01
N ALA W 45 -67.20 25.33 -11.66
CA ALA W 45 -67.86 26.24 -12.57
C ALA W 45 -67.30 27.64 -12.39
N ALA W 46 -66.99 28.31 -13.50
CA ALA W 46 -66.40 29.63 -13.43
C ALA W 46 -66.73 30.40 -14.70
N LYS W 47 -66.68 31.72 -14.59
CA LYS W 47 -66.88 32.58 -15.74
C LYS W 47 -65.65 32.54 -16.64
N LYS W 48 -65.87 32.29 -17.92
CA LYS W 48 -64.76 32.30 -18.87
C LYS W 48 -64.17 33.70 -18.97
N ASN W 49 -62.85 33.77 -19.05
CA ASN W 49 -62.18 35.05 -19.21
C ASN W 49 -62.62 35.71 -20.51
N GLN W 50 -62.41 37.02 -20.59
CA GLN W 50 -62.81 37.77 -21.78
C GLN W 50 -62.19 37.14 -23.02
N GLY W 51 -63.01 36.97 -24.06
CA GLY W 51 -62.58 36.29 -25.27
C GLY W 51 -62.25 37.22 -26.41
N HIS W 52 -60.99 37.23 -26.82
CA HIS W 52 -60.58 38.01 -27.97
C HIS W 52 -60.82 37.23 -29.26
N LEU W 53 -61.13 37.97 -30.33
CA LEU W 53 -61.41 37.32 -31.60
C LEU W 53 -60.17 36.62 -32.15
N LEU W 54 -59.01 37.25 -32.01
CA LEU W 54 -57.74 36.68 -32.46
C LEU W 54 -57.17 35.68 -31.47
N GLU W 55 -57.97 35.20 -30.53
CA GLU W 55 -57.47 34.28 -29.51
C GLU W 55 -57.11 32.94 -30.12
N ASP W 56 -55.99 32.38 -29.68
CA ASP W 56 -55.49 31.08 -30.11
C ASP W 56 -55.24 30.20 -28.89
N GLU W 57 -56.19 30.18 -27.96
CA GLU W 57 -56.01 29.51 -26.68
C GLU W 57 -57.38 29.22 -26.08
N VAL W 58 -57.37 28.37 -25.05
CA VAL W 58 -58.60 28.07 -24.31
C VAL W 58 -58.62 28.79 -22.97
N GLN W 59 -57.49 28.81 -22.28
CA GLN W 59 -57.33 29.50 -20.99
C GLN W 59 -58.49 29.17 -20.05
N THR W 60 -58.57 27.90 -19.70
CA THR W 60 -59.50 27.46 -18.66
C THR W 60 -59.02 27.97 -17.30
N SER W 61 -59.96 28.08 -16.36
CA SER W 61 -59.62 28.55 -15.02
C SER W 61 -59.26 27.42 -14.07
N PHE W 62 -59.34 26.16 -14.52
CA PHE W 62 -59.01 25.01 -13.70
C PHE W 62 -57.72 24.39 -14.20
N GLN W 63 -56.64 24.55 -13.44
CA GLN W 63 -55.31 24.15 -13.87
C GLN W 63 -54.89 22.87 -13.18
N PRO W 64 -54.55 21.80 -13.90
CA PRO W 64 -53.93 20.64 -13.25
C PRO W 64 -52.58 21.02 -12.66
N ILE W 65 -52.32 20.55 -11.44
CA ILE W 65 -51.09 20.86 -10.74
C ILE W 65 -50.22 19.63 -10.54
N TYR W 66 -50.84 18.48 -10.31
CA TYR W 66 -50.11 17.22 -10.17
C TYR W 66 -51.08 16.08 -10.45
N PRO W 67 -50.57 14.85 -10.58
CA PRO W 67 -51.39 13.78 -11.18
C PRO W 67 -52.85 13.75 -10.75
N ASN W 68 -53.12 13.85 -9.45
CA ASN W 68 -54.49 13.81 -8.94
C ASN W 68 -54.78 15.03 -8.09
N LEU W 69 -54.42 16.20 -8.60
CA LEU W 69 -54.48 17.42 -7.80
C LEU W 69 -54.67 18.60 -8.73
N TYR W 70 -55.73 19.37 -8.50
CA TYR W 70 -56.11 20.48 -9.36
C TYR W 70 -56.30 21.73 -8.53
N SER W 71 -56.40 22.86 -9.21
CA SER W 71 -56.68 24.14 -8.57
C SER W 71 -57.69 24.92 -9.40
N ALA W 72 -58.48 25.74 -8.71
CA ALA W 72 -59.43 26.64 -9.33
C ALA W 72 -59.29 27.99 -8.64
N PHE W 73 -58.45 28.86 -9.19
CA PHE W 73 -58.09 30.12 -8.56
C PHE W 73 -58.64 31.28 -9.38
N THR W 74 -58.95 32.37 -8.70
CA THR W 74 -59.34 33.62 -9.33
C THR W 74 -58.56 34.76 -8.70
N GLY W 75 -58.62 35.91 -9.35
CA GLY W 75 -57.83 37.05 -8.98
C GLY W 75 -57.11 37.58 -10.19
N ASN W 76 -56.06 38.35 -9.95
CA ASN W 76 -55.23 38.82 -11.05
C ASN W 76 -54.68 37.63 -11.82
N TRP W 77 -54.79 37.70 -13.15
CA TRP W 77 -54.34 36.59 -13.98
C TRP W 77 -52.88 36.26 -13.72
N ALA W 78 -52.03 37.28 -13.63
CA ALA W 78 -50.62 37.06 -13.34
C ALA W 78 -50.43 36.43 -11.96
N ASP W 79 -51.15 36.92 -10.95
CA ASP W 79 -51.01 36.35 -9.61
C ASP W 79 -51.51 34.92 -9.56
N VAL W 80 -52.62 34.63 -10.25
CA VAL W 80 -53.14 33.27 -10.28
C VAL W 80 -52.12 32.35 -10.95
N PHE W 81 -51.53 32.79 -12.06
CA PHE W 81 -50.52 31.99 -12.73
C PHE W 81 -49.30 31.77 -11.84
N TYR W 82 -48.87 32.82 -11.14
CA TYR W 82 -47.71 32.70 -10.27
C TYR W 82 -47.97 31.69 -9.16
N VAL W 83 -49.16 31.75 -8.56
CA VAL W 83 -49.48 30.83 -7.48
C VAL W 83 -49.61 29.41 -8.02
N ASN W 84 -50.14 29.24 -9.23
CA ASN W 84 -50.22 27.92 -9.82
C ASN W 84 -48.84 27.32 -10.05
N SER W 85 -47.91 28.12 -10.59
CA SER W 85 -46.55 27.62 -10.79
C SER W 85 -45.87 27.32 -9.46
N LYS W 86 -46.09 28.17 -8.46
CA LYS W 86 -45.53 27.92 -7.13
C LYS W 86 -46.10 26.63 -6.54
N ALA W 87 -47.39 26.39 -6.74
CA ALA W 87 -48.01 25.17 -6.26
C ALA W 87 -47.44 23.94 -6.97
N LYS W 88 -47.19 24.06 -8.27
CA LYS W 88 -46.57 22.94 -8.98
C LYS W 88 -45.18 22.65 -8.43
N ASP W 89 -44.40 23.71 -8.17
CA ASP W 89 -43.06 23.52 -7.60
C ASP W 89 -43.14 22.87 -6.22
N LEU W 90 -44.05 23.36 -5.38
CA LEU W 90 -44.22 22.80 -4.05
C LEU W 90 -44.67 21.35 -4.10
N ALA W 91 -45.57 21.02 -5.02
CA ALA W 91 -46.02 19.64 -5.15
C ALA W 91 -44.87 18.75 -5.59
N HIS W 92 -44.04 19.23 -6.52
CA HIS W 92 -42.85 18.50 -6.92
C HIS W 92 -41.98 18.18 -5.72
N TYR W 93 -41.62 19.21 -4.94
CA TYR W 93 -40.72 19.00 -3.81
C TYR W 93 -41.35 18.11 -2.74
N ALA W 94 -42.63 18.34 -2.44
CA ALA W 94 -43.28 17.59 -1.38
C ALA W 94 -43.49 16.14 -1.79
N SER W 95 -43.73 15.88 -3.07
CA SER W 95 -43.84 14.51 -3.54
C SER W 95 -42.49 13.82 -3.47
N TYR W 96 -41.40 14.55 -3.73
CA TYR W 96 -40.08 13.96 -3.52
C TYR W 96 -39.88 13.59 -2.06
N LYS W 97 -40.26 14.49 -1.14
CA LYS W 97 -39.99 14.26 0.28
C LYS W 97 -40.90 13.22 0.88
N LEU W 98 -42.12 13.09 0.36
CA LEU W 98 -43.14 12.26 1.02
C LEU W 98 -43.09 10.80 0.61
N GLY W 99 -42.41 10.48 -0.48
CA GLY W 99 -42.41 9.12 -0.98
C GLY W 99 -43.66 8.73 -1.74
N PHE W 100 -44.62 9.64 -1.86
CA PHE W 100 -45.84 9.40 -2.61
C PHE W 100 -46.31 10.72 -3.19
N SER W 101 -47.13 10.63 -4.23
CA SER W 101 -47.66 11.85 -4.84
C SER W 101 -48.45 12.65 -3.82
N VAL W 102 -48.14 13.95 -3.74
CA VAL W 102 -48.75 14.79 -2.71
C VAL W 102 -50.24 14.90 -2.97
N THR W 103 -51.00 15.08 -1.88
CA THR W 103 -52.45 15.18 -1.93
C THR W 103 -52.89 16.62 -1.72
N PRO W 104 -54.16 16.94 -2.04
CA PRO W 104 -54.60 18.34 -1.96
C PRO W 104 -54.42 18.97 -0.59
N ASP W 105 -54.66 18.24 0.50
CA ASP W 105 -54.55 18.84 1.82
C ASP W 105 -53.11 19.27 2.11
N ILE W 106 -52.16 18.38 1.83
CA ILE W 106 -50.77 18.69 2.08
C ILE W 106 -50.33 19.90 1.26
N LEU W 107 -50.74 19.94 -0.01
CA LEU W 107 -50.31 21.05 -0.85
C LEU W 107 -50.96 22.36 -0.40
N CYS W 108 -52.22 22.34 0.01
CA CYS W 108 -52.82 23.57 0.50
C CYS W 108 -52.09 24.06 1.74
N ARG W 109 -51.79 23.15 2.68
CA ARG W 109 -51.11 23.55 3.89
C ARG W 109 -49.74 24.15 3.57
N LYS W 110 -48.98 23.50 2.69
CA LYS W 110 -47.64 23.96 2.39
C LYS W 110 -47.66 25.27 1.61
N LEU W 111 -48.60 25.41 0.67
CA LEU W 111 -48.71 26.64 -0.09
C LEU W 111 -49.08 27.81 0.82
N ALA W 112 -50.01 27.60 1.75
CA ALA W 112 -50.38 28.66 2.67
C ALA W 112 -49.23 29.00 3.60
N ASP W 113 -48.47 27.98 4.04
CA ASP W 113 -47.31 28.26 4.88
C ASP W 113 -46.24 29.02 4.13
N GLU W 114 -46.13 28.83 2.81
CA GLU W 114 -45.21 29.64 2.03
C GLU W 114 -45.74 31.04 1.77
N LEU W 115 -47.07 31.20 1.73
CA LEU W 115 -47.64 32.53 1.52
C LEU W 115 -47.59 33.38 2.78
N GLN W 116 -47.64 32.75 3.96
CA GLN W 116 -47.70 33.52 5.21
C GLN W 116 -46.57 34.52 5.36
N PRO W 117 -45.31 34.20 5.04
CA PRO W 117 -44.25 35.21 5.18
C PRO W 117 -44.53 36.49 4.41
N LEU W 118 -45.14 36.39 3.23
CA LEU W 118 -45.53 37.59 2.50
C LEU W 118 -46.59 38.40 3.25
N ILE W 119 -47.29 37.78 4.20
CA ILE W 119 -48.27 38.49 5.02
C ILE W 119 -47.66 39.07 6.28
N GLN W 120 -46.67 38.40 6.88
CA GLN W 120 -46.07 38.88 8.11
C GLN W 120 -44.91 39.83 7.90
N SER W 121 -44.36 39.91 6.69
CA SER W 121 -43.17 40.72 6.43
C SER W 121 -43.45 41.71 5.30
N THR W 122 -42.65 42.76 5.26
CA THR W 122 -42.77 43.82 4.28
C THR W 122 -41.60 43.70 3.30
N GLY W 123 -41.90 43.86 2.01
CA GLY W 123 -40.88 43.79 0.99
C GLY W 123 -41.34 43.07 -0.26
N GLU W 124 -42.30 42.16 -0.11
CA GLU W 124 -42.85 41.41 -1.23
C GLU W 124 -44.37 41.49 -1.18
N ARG W 125 -44.98 41.80 -2.32
CA ARG W 125 -46.42 41.94 -2.39
C ARG W 125 -47.09 40.57 -2.30
N ALA W 126 -48.15 40.48 -1.52
CA ALA W 126 -48.88 39.24 -1.37
C ALA W 126 -49.74 38.98 -2.61
N PRO W 127 -49.63 37.82 -3.26
CA PRO W 127 -50.43 37.60 -4.46
C PRO W 127 -51.91 37.75 -4.19
N ALA W 128 -52.61 38.40 -5.13
CA ALA W 128 -54.04 38.61 -5.01
C ALA W 128 -54.75 37.46 -5.72
N PHE W 129 -55.01 36.39 -4.97
CA PHE W 129 -55.65 35.20 -5.52
C PHE W 129 -56.58 34.60 -4.48
N ALA W 130 -57.46 33.74 -4.95
CA ALA W 130 -58.35 33.00 -4.06
C ALA W 130 -59.03 31.90 -4.85
N GLY W 131 -59.20 30.77 -4.21
CA GLY W 131 -59.75 29.59 -4.85
C GLY W 131 -59.44 28.36 -4.02
N ALA W 132 -59.70 27.20 -4.61
CA ALA W 132 -59.58 25.93 -3.90
C ALA W 132 -58.65 24.98 -4.64
N LEU W 133 -57.71 24.41 -3.89
CA LEU W 133 -56.96 23.25 -4.34
C LEU W 133 -57.75 22.00 -4.02
N PHE W 134 -58.02 21.19 -5.05
CA PHE W 134 -58.91 20.05 -4.87
C PHE W 134 -58.37 18.85 -5.65
N GLY W 135 -59.01 17.72 -5.42
CA GLY W 135 -58.59 16.47 -6.02
C GLY W 135 -59.26 15.31 -5.32
N PHE W 136 -58.66 14.13 -5.48
CA PHE W 136 -59.15 12.91 -4.85
C PHE W 136 -58.03 12.30 -4.01
N ASP W 137 -58.27 12.16 -2.71
CA ASP W 137 -57.30 11.62 -1.77
C ASP W 137 -57.74 10.23 -1.36
N ASN W 138 -57.08 9.22 -1.91
CA ASN W 138 -57.36 7.82 -1.56
C ASN W 138 -58.83 7.49 -1.78
N GLY W 139 -59.40 8.01 -2.87
CA GLY W 139 -60.75 7.71 -3.26
C GLY W 139 -61.80 8.69 -2.76
N LYS W 140 -61.44 9.60 -1.86
CA LYS W 140 -62.41 10.56 -1.33
C LYS W 140 -62.20 11.91 -1.98
N PRO W 141 -63.24 12.59 -2.46
CA PRO W 141 -63.06 13.95 -2.99
C PRO W 141 -62.82 14.94 -1.87
N VAL W 142 -61.75 15.72 -2.00
CA VAL W 142 -61.36 16.70 -1.00
C VAL W 142 -61.15 18.04 -1.70
N VAL W 143 -61.71 19.10 -1.11
CA VAL W 143 -61.54 20.46 -1.61
C VAL W 143 -61.02 21.31 -0.45
N TYR W 144 -59.93 22.02 -0.69
CA TYR W 144 -59.32 22.90 0.29
C TYR W 144 -59.28 24.31 -0.27
N MET W 145 -59.74 25.27 0.52
CA MET W 145 -59.84 26.65 0.09
C MET W 145 -58.70 27.47 0.69
N THR W 146 -58.11 28.32 -0.14
CA THR W 146 -57.05 29.22 0.31
C THR W 146 -57.14 30.51 -0.49
N ASN W 147 -56.51 31.56 0.02
CA ASN W 147 -56.56 32.86 -0.62
C ASN W 147 -55.37 33.70 -0.17
N ILE W 148 -55.41 34.98 -0.56
CA ILE W 148 -54.32 35.92 -0.31
C ILE W 148 -54.06 36.04 1.19
N SER W 149 -55.09 35.81 2.00
CA SER W 149 -54.92 35.88 3.44
C SER W 149 -53.98 34.82 3.98
N ALA W 150 -53.65 33.81 3.17
CA ALA W 150 -52.81 32.69 3.59
C ALA W 150 -53.56 31.76 4.53
N VAL W 151 -54.86 31.59 4.31
CA VAL W 151 -55.65 30.65 5.10
C VAL W 151 -55.81 29.34 4.32
N CYS W 152 -56.10 28.28 5.06
CA CYS W 152 -56.35 26.97 4.46
C CYS W 152 -57.36 26.24 5.32
N TYR W 153 -58.55 26.01 4.76
CA TYR W 153 -59.62 25.30 5.44
C TYR W 153 -60.04 24.12 4.59
N PRO W 154 -60.45 23.01 5.20
CA PRO W 154 -61.14 21.96 4.43
C PRO W 154 -62.60 22.34 4.27
N VAL W 155 -63.04 22.45 3.02
CA VAL W 155 -64.35 23.00 2.71
C VAL W 155 -65.11 22.03 1.79
N TYR W 156 -66.43 22.02 1.94
CA TYR W 156 -67.27 21.32 0.98
C TYR W 156 -67.18 21.95 -0.40
N GLY W 157 -66.83 23.22 -0.47
CA GLY W 157 -66.71 23.91 -1.75
C GLY W 157 -66.23 25.32 -1.53
N SER W 158 -65.92 25.98 -2.63
CA SER W 158 -65.41 27.35 -2.59
C SER W 158 -66.16 28.18 -3.63
N MET W 159 -66.70 29.31 -3.18
CA MET W 159 -67.38 30.28 -4.04
C MET W 159 -66.61 31.57 -3.95
N VAL W 160 -65.87 31.90 -5.01
CA VAL W 160 -64.86 32.94 -4.95
C VAL W 160 -64.99 33.84 -6.18
N GLY W 161 -64.52 35.07 -6.05
CA GLY W 161 -64.56 36.03 -7.13
C GLY W 161 -65.58 37.14 -6.89
N SER W 162 -66.11 37.70 -7.98
CA SER W 162 -67.09 38.77 -7.86
C SER W 162 -68.39 38.24 -7.26
N LYS W 163 -68.98 39.03 -6.37
CA LYS W 163 -70.26 38.68 -5.74
C LYS W 163 -70.21 37.30 -5.11
N ASN W 164 -69.08 36.98 -4.47
CA ASN W 164 -68.96 35.67 -3.83
C ASN W 164 -69.98 35.50 -2.71
N GLN W 165 -70.44 36.61 -2.12
CA GLN W 165 -71.41 36.51 -1.04
C GLN W 165 -72.76 36.03 -1.53
N ASN W 166 -73.20 36.49 -2.71
CA ASN W 166 -74.44 35.96 -3.28
C ASN W 166 -74.32 34.47 -3.58
N MET W 167 -73.20 34.06 -4.15
CA MET W 167 -72.98 32.65 -4.43
C MET W 167 -73.04 31.84 -3.14
N TYR W 168 -72.41 32.35 -2.08
CA TYR W 168 -72.47 31.66 -0.80
C TYR W 168 -73.90 31.59 -0.27
N LYS W 169 -74.63 32.70 -0.33
CA LYS W 169 -75.99 32.73 0.19
C LYS W 169 -76.88 31.73 -0.55
N TYR W 170 -76.61 31.50 -1.83
CA TYR W 170 -77.38 30.52 -2.58
C TYR W 170 -76.93 29.09 -2.25
N VAL W 171 -75.63 28.84 -2.32
CA VAL W 171 -75.11 27.48 -2.17
C VAL W 171 -75.40 26.96 -0.76
N GLU W 172 -75.03 27.73 0.26
CA GLU W 172 -75.25 27.30 1.63
C GLU W 172 -76.73 27.05 1.93
N LYS W 173 -77.63 27.66 1.16
CA LYS W 173 -79.05 27.43 1.33
C LYS W 173 -79.48 26.13 0.63
N TYR W 174 -79.05 25.94 -0.61
CA TYR W 174 -79.48 24.79 -1.39
C TYR W 174 -78.56 23.58 -1.24
N TYR W 175 -77.27 23.81 -1.00
CA TYR W 175 -76.30 22.72 -1.01
C TYR W 175 -76.57 21.73 0.11
N ASN W 176 -76.36 20.46 -0.19
CA ASN W 176 -76.43 19.38 0.79
C ASN W 176 -75.19 18.51 0.65
N GLU W 177 -74.77 17.90 1.76
CA GLU W 177 -73.52 17.16 1.75
C GLU W 177 -73.62 15.87 0.95
N ASP W 178 -74.72 15.14 1.10
CA ASP W 178 -74.97 13.91 0.36
C ASP W 178 -75.81 14.18 -0.90
N ILE W 179 -75.67 15.38 -1.46
CA ILE W 179 -76.46 15.76 -2.62
C ILE W 179 -76.16 14.83 -3.79
N GLU W 180 -77.08 14.80 -4.75
CA GLU W 180 -76.90 13.97 -5.92
C GLU W 180 -75.94 14.64 -6.90
N ASP W 181 -75.42 13.84 -7.84
CA ASP W 181 -74.46 14.35 -8.80
C ASP W 181 -75.08 15.42 -9.69
N GLU W 182 -76.24 15.12 -10.29
CA GLU W 182 -76.91 16.11 -11.11
C GLU W 182 -77.32 17.32 -10.29
N LYS W 183 -77.83 17.08 -9.08
CA LYS W 183 -78.18 18.20 -8.21
C LYS W 183 -76.93 18.97 -7.79
N LEU W 184 -75.79 18.30 -7.68
CA LEU W 184 -74.54 19.02 -7.41
C LEU W 184 -74.18 19.94 -8.56
N PHE W 185 -74.26 19.43 -9.79
CA PHE W 185 -74.07 20.27 -10.97
C PHE W 185 -74.98 21.49 -10.90
N GLU W 186 -76.26 21.25 -10.65
CA GLU W 186 -77.23 22.35 -10.66
C GLU W 186 -76.94 23.36 -9.56
N VAL W 187 -76.59 22.89 -8.37
CA VAL W 187 -76.31 23.81 -7.26
C VAL W 187 -75.07 24.64 -7.57
N ALA W 188 -74.01 24.02 -8.10
CA ALA W 188 -72.81 24.78 -8.43
C ALA W 188 -73.09 25.83 -9.48
N VAL W 189 -73.76 25.44 -10.57
CA VAL W 189 -74.03 26.40 -11.64
C VAL W 189 -74.97 27.50 -11.16
N GLY W 190 -75.91 27.16 -10.29
CA GLY W 190 -76.79 28.18 -9.75
C GLY W 190 -76.06 29.15 -8.84
N GLY W 191 -75.15 28.65 -8.02
CA GLY W 191 -74.33 29.53 -7.22
C GLY W 191 -73.51 30.48 -8.07
N LEU W 192 -73.00 29.97 -9.20
CA LEU W 192 -72.28 30.84 -10.13
C LEU W 192 -73.22 31.87 -10.76
N LEU W 193 -74.40 31.44 -11.19
CA LEU W 193 -75.34 32.33 -11.85
C LEU W 193 -75.86 33.41 -10.92
N GLU W 194 -75.92 33.12 -9.61
CA GLU W 194 -76.30 34.15 -8.65
C GLU W 194 -75.28 35.29 -8.58
N SER W 195 -74.08 35.06 -9.11
CA SER W 195 -73.13 36.14 -9.33
C SER W 195 -73.25 36.71 -10.74
N LEU W 196 -73.21 35.83 -11.76
CA LEU W 196 -73.34 36.29 -13.14
C LEU W 196 -74.73 36.81 -13.45
N GLY W 197 -75.74 36.35 -12.73
CA GLY W 197 -77.11 36.68 -13.07
C GLY W 197 -77.70 35.63 -14.01
N GLU W 198 -78.99 35.34 -13.86
CA GLU W 198 -79.63 34.33 -14.67
C GLU W 198 -79.71 34.79 -16.13
N ASN W 199 -80.35 33.96 -16.96
CA ASN W 199 -80.45 34.13 -18.41
C ASN W 199 -79.12 34.50 -19.05
N SER W 200 -78.00 34.06 -18.47
CA SER W 200 -76.71 34.20 -19.12
C SER W 200 -76.50 33.04 -20.08
N VAL W 201 -75.97 33.35 -21.26
CA VAL W 201 -75.74 32.33 -22.28
C VAL W 201 -74.57 31.45 -21.85
N TYR W 202 -74.59 30.20 -22.32
CA TYR W 202 -73.57 29.24 -21.90
C TYR W 202 -72.19 29.65 -22.37
N GLN W 203 -72.09 30.49 -23.40
CA GLN W 203 -70.80 30.91 -23.90
C GLN W 203 -70.02 31.74 -22.90
N GLU W 204 -70.68 32.23 -21.84
CA GLU W 204 -70.01 33.05 -20.84
C GLU W 204 -69.44 32.23 -19.68
N MET W 205 -69.60 30.91 -19.71
CA MET W 205 -69.30 30.08 -18.55
C MET W 205 -68.59 28.81 -19.00
N GLU W 206 -67.75 28.28 -18.11
CA GLU W 206 -67.13 26.98 -18.28
C GLU W 206 -67.41 26.13 -17.05
N VAL W 207 -67.71 24.85 -17.27
CA VAL W 207 -68.04 23.93 -16.20
C VAL W 207 -67.21 22.67 -16.38
N ALA W 208 -66.68 22.16 -15.27
CA ALA W 208 -65.88 20.93 -15.28
C ALA W 208 -66.23 20.11 -14.05
N TYR W 209 -65.96 18.81 -14.15
CA TYR W 209 -66.21 17.89 -13.05
C TYR W 209 -65.09 16.86 -12.99
N LEU W 210 -64.94 16.25 -11.82
CA LEU W 210 -63.87 15.31 -11.56
C LEU W 210 -64.44 14.06 -10.88
N ARG W 211 -63.96 12.90 -11.32
CA ARG W 211 -64.32 11.62 -10.72
C ARG W 211 -63.05 10.91 -10.26
N ASN W 212 -63.23 9.87 -9.45
CA ASN W 212 -62.11 9.32 -8.69
C ASN W 212 -60.96 8.90 -9.59
N GLY W 213 -61.24 8.08 -10.60
CA GLY W 213 -60.20 7.49 -11.41
C GLY W 213 -59.94 8.16 -12.75
N GLU W 214 -60.36 9.42 -12.92
CA GLU W 214 -60.32 10.08 -14.21
C GLU W 214 -59.53 11.37 -14.13
N VAL W 215 -59.29 11.96 -15.30
CA VAL W 215 -58.78 13.32 -15.37
C VAL W 215 -59.95 14.30 -15.33
N LEU W 216 -59.65 15.56 -15.04
CA LEU W 216 -60.68 16.59 -15.02
C LEU W 216 -61.35 16.67 -16.39
N LYS W 217 -62.68 16.67 -16.39
CA LYS W 217 -63.47 16.68 -17.62
C LYS W 217 -64.27 17.97 -17.69
N TYR W 218 -64.44 18.48 -18.91
CA TYR W 218 -65.20 19.70 -19.15
C TYR W 218 -66.53 19.38 -19.81
N LEU W 219 -67.59 19.99 -19.30
CA LEU W 219 -68.89 19.87 -19.95
C LEU W 219 -68.85 20.51 -21.33
N ASP W 220 -69.44 19.82 -22.31
CA ASP W 220 -69.52 20.39 -23.64
C ASP W 220 -70.43 21.61 -23.64
N ASP W 221 -70.28 22.43 -24.67
CA ASP W 221 -71.10 23.64 -24.77
C ASP W 221 -72.58 23.28 -24.81
N LYS W 222 -72.95 22.26 -25.58
CA LYS W 222 -74.32 21.79 -25.59
C LYS W 222 -74.73 21.29 -24.21
N GLU W 223 -73.82 20.59 -23.53
CA GLU W 223 -74.11 20.11 -22.18
C GLU W 223 -74.36 21.27 -21.23
N ILE W 224 -73.56 22.33 -21.33
CA ILE W 224 -73.75 23.49 -20.46
C ILE W 224 -75.09 24.16 -20.77
N GLU W 225 -75.44 24.25 -22.05
CA GLU W 225 -76.73 24.84 -22.41
C GLU W 225 -77.88 24.02 -21.84
N SER W 226 -77.79 22.69 -21.95
CA SER W 226 -78.84 21.84 -21.39
C SER W 226 -78.90 21.96 -19.88
N LEU W 227 -77.75 22.09 -19.22
CA LEU W 227 -77.72 22.28 -17.78
C LEU W 227 -78.38 23.60 -17.39
N LEU W 228 -78.10 24.66 -18.14
CA LEU W 228 -78.74 25.94 -17.85
C LEU W 228 -80.24 25.91 -18.09
N LEU W 229 -80.69 25.14 -19.08
CA LEU W 229 -82.12 24.95 -19.30
C LEU W 229 -82.77 24.16 -18.17
N SER W 230 -82.10 23.11 -17.71
CA SER W 230 -82.64 22.32 -16.60
C SER W 230 -82.71 23.15 -15.33
N ILE W 231 -81.70 24.00 -15.10
CA ILE W 231 -81.72 24.90 -13.95
C ILE W 231 -82.90 25.86 -14.04
N ALA W 232 -83.23 26.33 -15.23
CA ALA W 232 -84.37 27.22 -15.41
C ALA W 232 -85.70 26.49 -15.25
N ASP W 233 -85.76 25.21 -15.62
CA ASP W 233 -86.99 24.45 -15.47
C ASP W 233 -87.43 24.41 -14.02
N LYS W 234 -86.50 24.15 -13.11
CA LYS W 234 -86.79 24.13 -11.68
C LYS W 234 -85.55 24.48 -10.87
N THR X 7 -27.48 -11.35 15.32
CA THR X 7 -28.69 -10.76 15.96
C THR X 7 -29.85 -10.76 14.98
N THR X 8 -30.66 -11.82 15.05
CA THR X 8 -31.68 -12.04 14.03
C THR X 8 -32.83 -11.05 14.18
N ILE X 9 -33.25 -10.49 13.05
CA ILE X 9 -34.48 -9.74 12.92
C ILE X 9 -35.34 -10.46 11.90
N VAL X 10 -36.66 -10.37 12.05
CA VAL X 10 -37.58 -11.00 11.12
C VAL X 10 -38.78 -10.09 10.94
N GLY X 11 -39.25 -9.99 9.70
CA GLY X 11 -40.51 -9.32 9.42
C GLY X 11 -41.31 -10.15 8.44
N VAL X 12 -42.59 -10.35 8.76
CA VAL X 12 -43.49 -11.15 7.95
C VAL X 12 -44.74 -10.34 7.67
N LYS X 13 -45.16 -10.32 6.41
CA LYS X 13 -46.38 -9.65 5.99
C LYS X 13 -47.46 -10.68 5.75
N TYR X 14 -48.64 -10.46 6.31
CA TYR X 14 -49.77 -11.35 6.13
C TYR X 14 -50.95 -10.55 5.61
N LYS X 15 -52.12 -11.20 5.57
CA LYS X 15 -53.23 -10.67 4.77
C LYS X 15 -53.61 -9.25 5.17
N GLY X 16 -53.56 -8.92 6.46
CA GLY X 16 -54.00 -7.62 6.90
C GLY X 16 -53.10 -6.94 7.91
N GLY X 17 -51.81 -7.27 7.89
CA GLY X 17 -50.88 -6.64 8.81
C GLY X 17 -49.48 -7.15 8.60
N VAL X 18 -48.60 -6.78 9.52
CA VAL X 18 -47.21 -7.21 9.50
C VAL X 18 -46.84 -7.72 10.89
N VAL X 19 -45.94 -8.71 10.92
CA VAL X 19 -45.35 -9.22 12.14
C VAL X 19 -43.86 -8.91 12.10
N ILE X 20 -43.37 -8.23 13.13
CA ILE X 20 -41.97 -7.88 13.23
C ILE X 20 -41.43 -8.49 14.52
N CYS X 21 -40.52 -9.44 14.37
CA CYS X 21 -39.93 -10.15 15.51
C CYS X 21 -38.44 -9.85 15.56
N ALA X 22 -37.87 -10.01 16.75
CA ALA X 22 -36.45 -9.76 16.95
C ALA X 22 -35.98 -10.50 18.19
N ASP X 23 -34.68 -10.77 18.23
CA ASP X 23 -34.05 -11.28 19.44
C ASP X 23 -33.73 -10.13 20.39
N THR X 24 -33.36 -10.47 21.62
CA THR X 24 -33.14 -9.48 22.66
C THR X 24 -31.68 -9.39 23.08
N ARG X 25 -30.74 -9.57 22.15
CA ARG X 25 -29.33 -9.62 22.47
C ARG X 25 -28.57 -8.53 21.73
N SER X 26 -27.65 -7.89 22.44
CA SER X 26 -26.67 -6.98 21.86
C SER X 26 -25.28 -7.50 22.16
N THR X 27 -24.38 -7.36 21.19
CA THR X 27 -23.05 -7.93 21.30
C THR X 27 -22.02 -6.89 20.88
N SER X 28 -20.86 -6.92 21.54
CA SER X 28 -19.73 -6.06 21.22
C SER X 28 -18.50 -6.96 21.22
N GLY X 29 -18.16 -7.50 20.05
CA GLY X 29 -17.12 -8.51 19.94
C GLY X 29 -17.69 -9.88 20.26
N PRO X 30 -16.91 -10.71 20.97
CA PRO X 30 -17.45 -12.00 21.41
C PRO X 30 -18.14 -11.92 22.77
N ILE X 31 -18.43 -10.70 23.23
CA ILE X 31 -18.98 -10.48 24.57
C ILE X 31 -20.41 -9.98 24.44
N VAL X 32 -21.32 -10.60 25.19
CA VAL X 32 -22.71 -10.18 25.22
C VAL X 32 -22.80 -8.91 26.05
N ALA X 33 -23.23 -7.81 25.43
CA ALA X 33 -23.33 -6.54 26.15
C ALA X 33 -24.67 -6.36 26.82
N ASP X 34 -25.77 -6.72 26.16
CA ASP X 34 -27.10 -6.52 26.72
C ASP X 34 -27.90 -7.80 26.51
N LYS X 35 -28.33 -8.41 27.61
CA LYS X 35 -29.01 -9.70 27.55
C LYS X 35 -30.42 -9.57 27.00
N ASN X 36 -31.09 -8.45 27.25
CA ASN X 36 -32.50 -8.28 26.87
C ASN X 36 -32.71 -6.92 26.20
N CYS X 37 -31.85 -6.57 25.25
CA CYS X 37 -32.01 -5.33 24.50
C CYS X 37 -33.30 -5.37 23.68
N SER X 38 -33.98 -4.22 23.59
CA SER X 38 -35.20 -4.10 22.81
C SER X 38 -34.84 -3.56 21.43
N LYS X 39 -34.94 -4.42 20.42
CA LYS X 39 -34.49 -4.08 19.08
C LYS X 39 -35.60 -3.52 18.20
N ILE X 40 -36.81 -3.34 18.73
CA ILE X 40 -37.94 -2.84 17.95
C ILE X 40 -38.15 -1.39 18.34
N HIS X 41 -38.01 -0.48 17.37
CA HIS X 41 -38.06 0.95 17.62
C HIS X 41 -39.40 1.52 17.20
N TYR X 42 -39.94 2.41 18.01
CA TYR X 42 -41.21 3.06 17.69
C TYR X 42 -40.99 4.13 16.63
N ILE X 43 -41.86 4.12 15.62
CA ILE X 43 -41.91 5.18 14.62
C ILE X 43 -43.28 5.85 14.59
N SER X 44 -44.35 5.06 14.66
CA SER X 44 -45.69 5.60 14.75
C SER X 44 -46.59 4.50 15.29
N ASP X 45 -47.82 4.88 15.65
CA ASP X 45 -48.78 3.91 16.14
C ASP X 45 -49.02 2.80 15.13
N ASN X 46 -48.80 3.07 13.84
CA ASN X 46 -49.02 2.09 12.78
C ASN X 46 -47.75 1.68 12.07
N ILE X 47 -46.58 2.11 12.55
CA ILE X 47 -45.31 1.75 11.93
C ILE X 47 -44.31 1.41 13.02
N GLN X 48 -43.59 0.30 12.86
CA GLN X 48 -42.49 -0.07 13.71
C GLN X 48 -41.30 -0.41 12.84
N ALA X 49 -40.11 -0.24 13.38
CA ALA X 49 -38.88 -0.50 12.65
C ALA X 49 -37.89 -1.25 13.52
N CYS X 50 -37.42 -2.39 13.04
CA CYS X 50 -36.28 -3.06 13.64
C CYS X 50 -35.01 -2.55 12.99
N GLY X 51 -33.88 -3.09 13.43
CA GLY X 51 -32.62 -2.68 12.81
C GLY X 51 -31.48 -3.58 13.19
N ALA X 52 -30.51 -3.63 12.29
CA ALA X 52 -29.25 -4.31 12.51
C ALA X 52 -28.11 -3.37 12.13
N GLY X 53 -27.00 -3.51 12.84
CA GLY X 53 -25.89 -2.61 12.63
C GLY X 53 -25.65 -1.73 13.84
N THR X 54 -24.98 -0.60 13.58
CA THR X 54 -24.61 0.32 14.65
C THR X 54 -25.84 0.68 15.48
N SER X 55 -25.85 0.29 16.75
CA SER X 55 -27.03 0.49 17.58
C SER X 55 -27.40 1.96 17.68
N ALA X 56 -26.41 2.85 17.75
CA ALA X 56 -26.70 4.28 17.81
C ALA X 56 -27.37 4.75 16.53
N ASP X 57 -26.93 4.22 15.38
CA ASP X 57 -27.48 4.66 14.11
C ASP X 57 -28.91 4.16 13.93
N ILE X 58 -29.23 2.97 14.43
CA ILE X 58 -30.60 2.48 14.34
C ILE X 58 -31.53 3.39 15.13
N THR X 59 -31.13 3.74 16.35
CA THR X 59 -31.99 4.56 17.19
C THR X 59 -32.17 5.96 16.62
N ARG X 60 -31.10 6.56 16.10
CA ARG X 60 -31.19 7.93 15.63
C ARG X 60 -31.88 8.01 14.28
N VAL X 61 -31.65 7.04 13.38
CA VAL X 61 -32.33 7.05 12.10
C VAL X 61 -33.82 6.77 12.28
N THR X 62 -34.15 5.80 13.15
CA THR X 62 -35.56 5.54 13.42
C THR X 62 -36.18 6.67 14.24
N ARG X 63 -35.37 7.44 14.95
CA ARG X 63 -35.89 8.59 15.68
C ARG X 63 -36.19 9.75 14.73
N LYS X 64 -35.34 9.93 13.71
CA LYS X 64 -35.60 10.96 12.72
C LYS X 64 -36.90 10.67 11.97
N ALA X 65 -37.12 9.41 11.60
CA ALA X 65 -38.37 9.04 10.95
C ALA X 65 -39.55 9.28 11.88
N SER X 66 -39.39 8.94 13.16
CA SER X 66 -40.46 9.17 14.12
C SER X 66 -40.78 10.66 14.24
N LYS X 67 -39.75 11.50 14.29
CA LYS X 67 -39.97 12.94 14.37
C LYS X 67 -40.70 13.45 13.13
N VAL X 68 -40.22 13.08 11.95
CA VAL X 68 -40.81 13.59 10.72
C VAL X 68 -42.23 13.07 10.55
N LEU X 69 -42.48 11.82 10.94
CA LEU X 69 -43.83 11.26 10.82
C LEU X 69 -44.75 11.79 11.91
N SER X 70 -44.21 12.18 13.06
CA SER X 70 -45.05 12.75 14.10
C SER X 70 -45.47 14.18 13.75
N ILE X 71 -44.55 14.96 13.21
CA ILE X 71 -44.90 16.30 12.74
C ILE X 71 -45.91 16.20 11.60
N PHE X 72 -45.72 15.23 10.71
CA PHE X 72 -46.63 15.08 9.57
C PHE X 72 -48.04 14.74 10.04
N SER X 73 -48.17 13.77 10.93
CA SER X 73 -49.49 13.37 11.39
C SER X 73 -50.13 14.44 12.27
N LYS X 74 -49.32 15.16 13.05
CA LYS X 74 -49.87 16.23 13.87
C LYS X 74 -50.28 17.42 13.02
N THR X 75 -49.50 17.74 11.99
CA THR X 75 -49.81 18.89 11.15
C THR X 75 -51.01 18.60 10.24
N TYR X 76 -50.90 17.57 9.41
CA TYR X 76 -51.92 17.25 8.42
C TYR X 76 -52.99 16.33 8.95
N ASN X 77 -52.89 15.87 10.20
CA ASN X 77 -53.95 15.11 10.85
C ASN X 77 -54.38 13.89 10.04
N ARG X 78 -53.41 13.19 9.46
CA ARG X 78 -53.66 11.95 8.75
C ARG X 78 -52.62 10.92 9.15
N LEU X 79 -53.01 9.65 9.05
CA LEU X 79 -52.14 8.57 9.50
C LEU X 79 -50.93 8.47 8.55
N PRO X 80 -49.71 8.46 9.07
CA PRO X 80 -48.54 8.48 8.18
C PRO X 80 -48.43 7.22 7.35
N ARG X 81 -47.84 7.37 6.17
CA ARG X 81 -47.62 6.25 5.27
C ARG X 81 -46.32 5.55 5.61
N VAL X 82 -46.28 4.24 5.34
CA VAL X 82 -45.03 3.50 5.49
C VAL X 82 -44.03 3.97 4.44
N SER X 83 -44.50 4.28 3.23
CA SER X 83 -43.61 4.80 2.20
C SER X 83 -42.97 6.11 2.64
N HIS X 84 -43.68 6.91 3.43
CA HIS X 84 -43.10 8.16 3.93
C HIS X 84 -41.95 7.88 4.88
N CYS X 85 -42.09 6.87 5.74
CA CYS X 85 -41.02 6.52 6.66
C CYS X 85 -39.78 6.03 5.91
N VAL X 86 -39.98 5.17 4.91
CA VAL X 86 -38.85 4.63 4.17
C VAL X 86 -38.16 5.73 3.37
N ARG X 87 -38.94 6.63 2.78
CA ARG X 87 -38.34 7.73 2.02
C ARG X 87 -37.52 8.62 2.93
N THR X 88 -38.01 8.91 4.13
CA THR X 88 -37.24 9.70 5.08
C THR X 88 -35.93 9.01 5.42
N CYS X 89 -35.98 7.71 5.68
CA CYS X 89 -34.77 6.96 6.00
C CYS X 89 -33.81 6.93 4.82
N GLN X 90 -34.34 6.71 3.60
CA GLN X 90 -33.48 6.66 2.42
C GLN X 90 -32.79 7.99 2.19
N LEU X 91 -33.54 9.09 2.27
CA LEU X 91 -32.97 10.41 2.04
C LEU X 91 -31.92 10.76 3.09
N HIS X 92 -31.96 10.11 4.25
CA HIS X 92 -31.00 10.39 5.31
C HIS X 92 -29.78 9.48 5.20
N LEU X 93 -29.99 8.21 4.89
CA LEU X 93 -28.88 7.26 4.85
C LEU X 93 -28.03 7.45 3.60
N HIS X 94 -28.65 7.75 2.47
CA HIS X 94 -27.91 7.81 1.21
C HIS X 94 -26.81 8.86 1.22
N PRO X 95 -27.03 10.08 1.69
CA PRO X 95 -25.95 11.09 1.64
C PRO X 95 -24.68 10.67 2.36
N TYR X 96 -24.78 9.84 3.38
CA TYR X 96 -23.63 9.42 4.17
C TYR X 96 -22.88 8.24 3.56
N GLN X 97 -23.36 7.71 2.43
CA GLN X 97 -22.65 6.64 1.72
C GLN X 97 -22.48 5.41 2.60
N GLY X 98 -23.42 5.18 3.51
CA GLY X 98 -23.36 4.02 4.37
C GLY X 98 -22.48 4.16 5.58
N HIS X 99 -21.80 5.29 5.75
CA HIS X 99 -21.03 5.51 6.97
C HIS X 99 -21.93 5.48 8.20
N ILE X 100 -23.18 5.90 8.05
CA ILE X 100 -24.21 5.66 9.05
C ILE X 100 -24.77 4.26 8.79
N SER X 101 -24.20 3.26 9.44
CA SER X 101 -24.51 1.86 9.17
C SER X 101 -25.78 1.44 9.89
N ALA X 102 -26.91 1.60 9.20
CA ALA X 102 -28.22 1.26 9.73
C ALA X 102 -29.02 0.53 8.66
N ALA X 103 -29.36 -0.73 8.94
CA ALA X 103 -30.27 -1.51 8.11
C ALA X 103 -31.53 -1.79 8.91
N LEU X 104 -32.68 -1.52 8.30
CA LEU X 104 -33.96 -1.52 9.00
C LEU X 104 -34.94 -2.45 8.34
N VAL X 105 -35.89 -2.95 9.13
CA VAL X 105 -37.05 -3.67 8.63
C VAL X 105 -38.28 -2.87 9.05
N VAL X 106 -38.72 -1.97 8.17
CA VAL X 106 -39.82 -1.06 8.47
C VAL X 106 -41.12 -1.70 8.00
N GLY X 107 -42.06 -1.83 8.90
CA GLY X 107 -43.36 -2.39 8.56
C GLY X 107 -44.46 -1.60 9.24
N GLY X 108 -45.62 -1.58 8.60
CA GLY X 108 -46.73 -0.83 9.14
C GLY X 108 -47.97 -1.02 8.29
N VAL X 109 -49.07 -0.45 8.76
CA VAL X 109 -50.35 -0.51 8.09
C VAL X 109 -50.88 0.91 7.96
N ASP X 110 -51.27 1.29 6.75
CA ASP X 110 -51.75 2.64 6.48
C ASP X 110 -52.95 2.54 5.55
N ASP X 111 -53.33 3.68 4.98
CA ASP X 111 -54.53 3.78 4.17
C ASP X 111 -54.51 2.77 3.02
N THR X 112 -53.33 2.43 2.53
CA THR X 112 -53.19 1.53 1.39
C THR X 112 -52.97 0.08 1.81
N GLY X 113 -53.01 -0.22 3.10
CA GLY X 113 -52.84 -1.57 3.59
C GLY X 113 -51.53 -1.78 4.32
N ALA X 114 -51.12 -3.04 4.38
CA ALA X 114 -49.93 -3.45 5.12
C ALA X 114 -48.72 -3.49 4.19
N HIS X 115 -47.64 -2.85 4.60
CA HIS X 115 -46.41 -2.83 3.84
C HIS X 115 -45.25 -3.20 4.75
N LEU X 116 -44.24 -3.84 4.17
CA LEU X 116 -43.03 -4.23 4.89
C LEU X 116 -41.85 -3.95 3.97
N TYR X 117 -40.86 -3.24 4.49
CA TYR X 117 -39.72 -2.80 3.69
C TYR X 117 -38.41 -3.23 4.33
N ASP X 118 -37.44 -3.54 3.49
CA ASP X 118 -36.06 -3.68 3.94
C ASP X 118 -35.27 -2.47 3.50
N VAL X 119 -34.61 -1.81 4.46
CA VAL X 119 -33.81 -0.63 4.19
C VAL X 119 -32.37 -0.96 4.58
N TYR X 120 -31.44 -0.60 3.71
CA TYR X 120 -30.04 -0.96 3.87
C TYR X 120 -29.18 0.27 4.12
N PRO X 121 -27.97 0.08 4.67
CA PRO X 121 -27.20 1.24 5.13
C PRO X 121 -26.93 2.27 4.05
N HIS X 122 -26.83 1.86 2.79
CA HIS X 122 -26.51 2.80 1.73
C HIS X 122 -27.74 3.54 1.21
N GLY X 123 -28.92 3.28 1.76
CA GLY X 123 -30.10 4.04 1.39
C GLY X 123 -31.02 3.37 0.41
N SER X 124 -30.81 2.09 0.12
CA SER X 124 -31.71 1.35 -0.75
C SER X 124 -32.85 0.75 0.07
N SER X 125 -34.01 0.62 -0.58
CA SER X 125 -35.19 0.04 0.05
C SER X 125 -35.78 -1.00 -0.88
N ASN X 126 -36.64 -1.85 -0.32
CA ASN X 126 -37.22 -2.94 -1.09
C ASN X 126 -38.49 -3.40 -0.39
N SER X 127 -39.63 -3.18 -1.04
CA SER X 127 -40.88 -3.73 -0.55
C SER X 127 -40.82 -5.24 -0.63
N VAL X 128 -41.36 -5.92 0.39
CA VAL X 128 -41.12 -7.33 0.61
C VAL X 128 -42.35 -7.98 1.22
N SER X 129 -42.35 -9.31 1.22
CA SER X 129 -43.37 -10.08 1.93
C SER X 129 -42.82 -10.69 3.22
N TYR X 130 -41.53 -10.99 3.26
CA TYR X 130 -40.88 -11.48 4.47
C TYR X 130 -39.39 -11.26 4.32
N THR X 131 -38.73 -10.94 5.43
CA THR X 131 -37.29 -10.71 5.40
C THR X 131 -36.72 -11.02 6.78
N ALA X 132 -35.40 -11.17 6.81
CA ALA X 132 -34.63 -11.20 8.04
C ALA X 132 -33.40 -10.33 7.87
N LEU X 133 -32.91 -9.81 8.98
CA LEU X 133 -31.74 -8.95 8.99
C LEU X 133 -30.83 -9.33 10.15
N GLY X 134 -29.58 -8.89 10.04
CA GLY X 134 -28.59 -9.16 11.06
C GLY X 134 -28.01 -10.56 10.92
N SER X 135 -26.95 -10.80 11.68
CA SER X 135 -26.41 -12.14 11.76
C SER X 135 -27.49 -13.09 12.25
N GLY X 136 -27.63 -14.22 11.59
CA GLY X 136 -28.74 -15.11 11.83
C GLY X 136 -29.93 -14.90 10.91
N SER X 137 -29.84 -13.96 9.97
CA SER X 137 -30.88 -13.81 8.97
C SER X 137 -30.89 -15.00 8.02
N LEU X 138 -29.71 -15.54 7.70
CA LEU X 138 -29.65 -16.72 6.86
C LEU X 138 -30.34 -17.91 7.52
N ALA X 139 -30.14 -18.09 8.83
CA ALA X 139 -30.86 -19.12 9.54
C ALA X 139 -32.35 -18.84 9.56
N ALA X 140 -32.72 -17.56 9.72
CA ALA X 140 -34.12 -17.19 9.74
C ALA X 140 -34.74 -17.32 8.36
N ILE X 141 -34.05 -16.82 7.34
CA ILE X 141 -34.62 -16.83 5.99
C ILE X 141 -34.85 -18.25 5.52
N SER X 142 -34.10 -19.22 6.03
CA SER X 142 -34.33 -20.61 5.66
C SER X 142 -35.68 -21.09 6.15
N ILE X 143 -36.07 -20.70 7.36
CA ILE X 143 -37.39 -21.05 7.87
C ILE X 143 -38.47 -20.30 7.11
N LEU X 144 -38.25 -19.01 6.83
CA LEU X 144 -39.23 -18.23 6.10
C LEU X 144 -39.43 -18.77 4.69
N GLU X 145 -38.34 -19.18 4.04
CA GLU X 145 -38.46 -19.76 2.70
C GLU X 145 -39.36 -20.99 2.71
N ALA X 146 -39.15 -21.87 3.68
CA ALA X 146 -39.89 -23.14 3.69
C ALA X 146 -41.33 -22.96 4.14
N GLY X 147 -41.56 -22.08 5.12
CA GLY X 147 -42.85 -22.02 5.77
C GLY X 147 -43.75 -20.87 5.37
N TYR X 148 -43.28 -19.96 4.51
CA TYR X 148 -44.07 -18.79 4.19
C TYR X 148 -45.14 -19.11 3.15
N LYS X 149 -46.33 -18.55 3.38
CA LYS X 149 -47.47 -18.68 2.47
C LYS X 149 -48.41 -17.52 2.77
N ASP X 150 -49.61 -17.59 2.20
CA ASP X 150 -50.65 -16.63 2.57
C ASP X 150 -51.21 -17.02 3.94
N MET X 151 -51.17 -16.07 4.87
CA MET X 151 -51.40 -16.38 6.28
C MET X 151 -52.27 -15.31 6.92
N ASN X 152 -52.80 -15.66 8.08
CA ASN X 152 -53.37 -14.69 9.02
C ASN X 152 -52.34 -14.38 10.10
N ARG X 153 -52.74 -13.54 11.05
CA ARG X 153 -51.79 -13.13 12.08
C ARG X 153 -51.35 -14.31 12.93
N GLU X 154 -52.22 -15.31 13.10
CA GLU X 154 -51.85 -16.46 13.92
C GLU X 154 -50.73 -17.27 13.27
N GLU X 155 -50.90 -17.62 11.99
CA GLU X 155 -49.84 -18.34 11.29
C GLU X 155 -48.60 -17.47 11.10
N ALA X 156 -48.81 -16.18 10.81
CA ALA X 156 -47.68 -15.27 10.63
C ALA X 156 -46.87 -15.15 11.91
N MET X 157 -47.55 -15.07 13.06
CA MET X 157 -46.84 -15.01 14.34
C MET X 157 -45.99 -16.25 14.55
N GLU X 158 -46.57 -17.43 14.28
CA GLU X 158 -45.85 -18.67 14.50
C GLU X 158 -44.64 -18.78 13.57
N LEU X 159 -44.82 -18.43 12.30
CA LEU X 159 -43.73 -18.55 11.34
C LEU X 159 -42.59 -17.61 11.69
N ALA X 160 -42.91 -16.38 12.05
CA ALA X 160 -41.88 -15.41 12.40
C ALA X 160 -41.13 -15.84 13.65
N CYS X 161 -41.86 -16.32 14.67
CA CYS X 161 -41.21 -16.77 15.89
C CYS X 161 -40.37 -18.01 15.63
N ALA X 162 -40.86 -18.93 14.80
CA ALA X 162 -40.06 -20.08 14.40
C ALA X 162 -38.82 -19.63 13.64
N ALA X 163 -38.93 -18.57 12.86
CA ALA X 163 -37.79 -18.05 12.12
C ALA X 163 -36.75 -17.46 13.07
N ILE X 164 -37.19 -16.65 14.04
CA ILE X 164 -36.25 -16.09 15.01
C ILE X 164 -35.61 -17.20 15.83
N GLU X 165 -36.41 -18.18 16.24
CA GLU X 165 -35.87 -19.31 17.01
C GLU X 165 -34.71 -19.96 16.27
N ALA X 166 -34.87 -20.17 14.96
CA ALA X 166 -33.79 -20.75 14.18
C ALA X 166 -32.54 -19.89 14.22
N GLY X 167 -32.71 -18.57 14.15
CA GLY X 167 -31.55 -17.68 14.25
C GLY X 167 -30.90 -17.73 15.61
N ILE X 168 -31.71 -17.80 16.67
CA ILE X 168 -31.18 -17.87 18.02
C ILE X 168 -30.39 -19.16 18.21
N MET X 169 -30.94 -20.28 17.72
CA MET X 169 -30.34 -21.58 17.94
C MET X 169 -29.08 -21.81 17.14
N ASN X 170 -28.94 -21.18 15.98
CA ASN X 170 -27.85 -21.47 15.06
C ASN X 170 -26.84 -20.34 14.90
N ASP X 171 -27.14 -19.14 15.37
CA ASP X 171 -26.21 -18.02 15.29
C ASP X 171 -25.55 -17.80 16.65
N LEU X 172 -24.24 -17.62 16.65
CA LEU X 172 -23.53 -17.32 17.89
C LEU X 172 -24.00 -15.99 18.47
N TYR X 173 -24.21 -15.00 17.62
CA TYR X 173 -24.50 -13.65 18.06
C TYR X 173 -25.99 -13.35 18.20
N SER X 174 -26.86 -14.34 18.00
CA SER X 174 -28.29 -14.16 18.22
C SER X 174 -28.63 -14.49 19.66
N GLY X 175 -29.72 -13.90 20.14
CA GLY X 175 -29.97 -13.75 21.55
C GLY X 175 -30.73 -14.90 22.21
N SER X 176 -31.48 -14.55 23.25
CA SER X 176 -32.16 -15.51 24.09
C SER X 176 -33.68 -15.38 24.02
N ASN X 177 -34.21 -14.17 24.11
CA ASN X 177 -35.64 -13.93 24.10
C ASN X 177 -36.09 -13.50 22.71
N ILE X 178 -37.40 -13.46 22.53
CA ILE X 178 -38.02 -13.04 21.27
C ILE X 178 -39.03 -11.94 21.58
N ASP X 179 -38.78 -10.74 21.06
CA ASP X 179 -39.77 -9.69 21.04
C ASP X 179 -40.61 -9.82 19.78
N VAL X 180 -41.88 -9.43 19.89
CA VAL X 180 -42.80 -9.52 18.77
C VAL X 180 -43.70 -8.28 18.78
N CYS X 181 -44.04 -7.81 17.59
CA CYS X 181 -44.99 -6.72 17.42
C CYS X 181 -45.81 -6.98 16.17
N VAL X 182 -47.13 -6.89 16.31
CA VAL X 182 -48.06 -7.07 15.20
C VAL X 182 -48.76 -5.75 14.96
N ILE X 183 -48.62 -5.22 13.74
CA ILE X 183 -49.37 -4.06 13.29
C ILE X 183 -50.37 -4.52 12.25
N SER X 184 -51.65 -4.38 12.57
CA SER X 184 -52.72 -4.77 11.67
C SER X 184 -53.68 -3.60 11.51
N GLN X 185 -54.68 -3.77 10.64
CA GLN X 185 -55.68 -2.73 10.47
C GLN X 185 -56.42 -2.46 11.78
N GLU X 186 -56.40 -3.41 12.71
CA GLU X 186 -57.06 -3.26 13.99
C GLU X 186 -56.19 -2.58 15.04
N GLY X 187 -54.91 -2.33 14.75
CA GLY X 187 -54.03 -1.63 15.64
C GLY X 187 -52.75 -2.39 15.90
N ARG X 188 -51.94 -1.83 16.78
CA ARG X 188 -50.64 -2.40 17.14
C ARG X 188 -50.72 -3.11 18.48
N GLU X 189 -50.02 -4.25 18.57
CA GLU X 189 -49.92 -4.99 19.83
C GLU X 189 -48.51 -5.54 19.97
N MET X 190 -47.97 -5.43 21.17
CA MET X 190 -46.58 -5.75 21.46
C MET X 190 -46.50 -6.95 22.38
N PHE X 191 -45.47 -7.79 22.17
CA PHE X 191 -45.20 -8.95 23.02
C PHE X 191 -43.70 -8.93 23.34
N ARG X 192 -43.34 -8.22 24.40
CA ARG X 192 -41.94 -8.21 24.83
C ARG X 192 -41.60 -9.53 25.50
N ASN X 193 -40.43 -10.07 25.17
CA ASN X 193 -40.02 -11.39 25.65
C ASN X 193 -41.11 -12.41 25.39
N TYR X 194 -41.62 -12.41 24.15
CA TYR X 194 -42.71 -13.32 23.79
C TYR X 194 -42.33 -14.77 24.03
N LYS X 195 -41.05 -15.11 23.89
CA LYS X 195 -40.57 -16.46 24.14
C LYS X 195 -39.21 -16.37 24.81
N LYS X 196 -38.87 -17.42 25.57
CA LYS X 196 -37.67 -17.43 26.38
C LYS X 196 -36.82 -18.65 26.08
N VAL X 197 -36.55 -18.88 24.79
CA VAL X 197 -35.86 -20.11 24.38
C VAL X 197 -34.51 -20.25 25.07
N GLY X 198 -33.82 -19.13 25.32
CA GLY X 198 -32.50 -19.19 25.92
C GLY X 198 -32.52 -19.26 27.44
N VAL X 199 -33.07 -20.35 27.98
CA VAL X 199 -33.24 -20.46 29.43
C VAL X 199 -31.88 -20.52 30.11
N ARG X 200 -31.76 -19.78 31.21
CA ARG X 200 -30.55 -19.81 32.04
C ARG X 200 -30.72 -20.81 33.18
N ASN X 201 -29.58 -21.29 33.69
CA ASN X 201 -29.60 -22.19 34.82
C ASN X 201 -29.82 -21.41 36.12
N GLU X 202 -30.41 -22.08 37.11
CA GLU X 202 -30.61 -21.48 38.42
C GLU X 202 -29.44 -21.89 39.31
N VAL X 203 -28.68 -20.90 39.77
CA VAL X 203 -27.51 -21.15 40.61
C VAL X 203 -27.62 -20.33 41.89
N PRO X 204 -27.09 -20.80 43.02
CA PRO X 204 -27.22 -20.04 44.26
C PRO X 204 -26.48 -18.71 44.19
N LYS X 205 -26.79 -17.84 45.14
CA LYS X 205 -26.17 -16.52 45.20
C LYS X 205 -24.95 -16.56 46.11
N PHE X 206 -23.77 -16.37 45.53
CA PHE X 206 -22.54 -16.34 46.30
C PHE X 206 -22.45 -15.04 47.10
N GLN X 207 -21.95 -15.14 48.33
CA GLN X 207 -21.86 -13.99 49.22
C GLN X 207 -20.47 -13.95 49.87
N TYR X 208 -19.84 -12.78 49.83
CA TYR X 208 -18.59 -12.58 50.55
C TYR X 208 -18.88 -12.18 52.00
N PRO X 209 -17.95 -12.45 52.91
CA PRO X 209 -18.03 -11.83 54.24
C PRO X 209 -17.85 -10.33 54.15
N ARG X 210 -18.53 -9.60 55.03
CA ARG X 210 -18.36 -8.16 55.07
C ARG X 210 -16.91 -7.79 55.38
N SER X 211 -16.22 -8.64 56.13
CA SER X 211 -14.83 -8.38 56.49
C SER X 211 -13.87 -8.54 55.33
N SER X 212 -14.34 -9.08 54.19
CA SER X 212 -13.45 -9.35 53.07
C SER X 212 -12.94 -8.07 52.40
N VAL X 213 -13.49 -6.91 52.73
CA VAL X 213 -13.07 -5.65 52.13
C VAL X 213 -12.74 -4.66 53.24
N LYS X 214 -11.77 -3.79 52.97
CA LYS X 214 -11.31 -2.79 53.92
C LYS X 214 -11.43 -1.41 53.28
N ILE X 215 -11.83 -0.42 54.08
CA ILE X 215 -12.01 0.94 53.62
C ILE X 215 -10.94 1.81 54.25
N LEU X 216 -10.27 2.63 53.43
CA LEU X 216 -9.24 3.55 53.93
C LEU X 216 -9.84 4.86 54.39
N LYS X 217 -10.54 5.57 53.50
CA LYS X 217 -11.18 6.83 53.84
C LYS X 217 -12.59 6.84 53.27
N GLU X 218 -13.50 7.49 53.99
CA GLU X 218 -14.91 7.52 53.62
C GLU X 218 -15.45 8.92 53.88
N ASP X 219 -15.81 9.62 52.81
CA ASP X 219 -16.48 10.91 52.91
C ASP X 219 -17.95 10.74 52.55
N ILE X 220 -18.83 11.27 53.39
CA ILE X 220 -20.27 11.09 53.25
C ILE X 220 -20.88 12.44 52.88
N TYR X 221 -21.67 12.45 51.80
CA TYR X 221 -22.31 13.66 51.29
C TYR X 221 -23.81 13.50 51.37
N LYS X 222 -24.51 14.63 51.53
CA LYS X 222 -25.95 14.64 51.72
C LYS X 222 -26.63 15.25 50.51
N TYR X 223 -27.66 14.57 50.01
CA TYR X 223 -28.55 15.18 49.04
C TYR X 223 -29.56 16.07 49.75
N ILE X 224 -29.83 17.22 49.14
CA ILE X 224 -30.75 18.20 49.72
C ILE X 224 -31.90 18.47 48.78
N ASP Y 3 -6.55 1.97 20.83
CA ASP Y 3 -5.23 2.34 21.32
C ASP Y 3 -5.28 3.57 22.21
N ILE Y 4 -6.03 4.60 21.78
CA ILE Y 4 -6.12 5.83 22.57
C ILE Y 4 -6.87 5.60 23.87
N SER Y 5 -7.87 4.71 23.88
CA SER Y 5 -8.59 4.43 25.12
C SER Y 5 -7.69 3.74 26.13
N GLN Y 6 -6.91 2.77 25.68
CA GLN Y 6 -6.00 2.06 26.57
C GLN Y 6 -4.70 2.81 26.82
N HIS Y 7 -4.49 3.94 26.14
CA HIS Y 7 -3.37 4.81 26.49
C HIS Y 7 -3.52 5.34 27.91
N TYR Y 8 -4.74 5.76 28.28
CA TYR Y 8 -5.02 6.20 29.63
C TYR Y 8 -5.57 5.08 30.51
N GLY Y 9 -6.14 4.04 29.91
CA GLY Y 9 -6.61 2.92 30.69
C GLY Y 9 -7.78 3.30 31.59
N GLY Y 10 -7.94 2.51 32.64
CA GLY Y 10 -8.99 2.76 33.61
C GLY Y 10 -10.28 2.05 33.28
N SER Y 11 -11.09 1.77 34.30
CA SER Y 11 -12.33 1.04 34.11
C SER Y 11 -13.36 1.50 35.12
N LEU Y 12 -14.63 1.33 34.77
CA LEU Y 12 -15.76 1.72 35.61
C LEU Y 12 -16.64 0.50 35.85
N LEU Y 13 -17.28 0.48 37.01
CA LEU Y 13 -18.25 -0.55 37.34
C LEU Y 13 -19.40 0.11 38.08
N ALA Y 14 -20.62 -0.26 37.70
CA ALA Y 14 -21.82 0.22 38.37
C ALA Y 14 -22.76 -0.95 38.63
N MET Y 15 -22.99 -1.24 39.90
CA MET Y 15 -23.90 -2.29 40.32
C MET Y 15 -25.11 -1.69 41.00
N ILE Y 16 -26.28 -2.24 40.71
CA ILE Y 16 -27.54 -1.76 41.28
C ILE Y 16 -28.03 -2.79 42.29
N GLY Y 17 -28.22 -2.35 43.52
CA GLY Y 17 -28.89 -3.14 44.53
C GLY Y 17 -30.34 -2.71 44.67
N LYS Y 18 -30.86 -2.84 45.88
CA LYS Y 18 -32.16 -2.27 46.18
C LYS Y 18 -31.98 -0.93 46.90
N SER Y 19 -32.54 0.12 46.32
CA SER Y 19 -32.49 1.44 46.92
C SER Y 19 -31.08 2.01 46.95
N SER Y 20 -30.14 1.36 46.25
CA SER Y 20 -28.76 1.82 46.25
C SER Y 20 -28.05 1.32 45.01
N VAL Y 21 -27.13 2.14 44.52
CA VAL Y 21 -26.27 1.80 43.38
C VAL Y 21 -24.83 2.09 43.76
N ALA Y 22 -23.94 1.16 43.46
CA ALA Y 22 -22.52 1.30 43.75
C ALA Y 22 -21.79 1.63 42.46
N PHE Y 23 -21.02 2.72 42.49
CA PHE Y 23 -20.29 3.21 41.33
C PHE Y 23 -18.81 3.19 41.64
N LEU Y 24 -18.05 2.38 40.91
CA LEU Y 24 -16.64 2.14 41.20
C LEU Y 24 -15.78 2.51 40.01
N SER Y 25 -14.61 3.07 40.30
CA SER Y 25 -13.63 3.40 39.28
C SER Y 25 -12.24 3.27 39.87
N ASP Y 26 -11.24 3.10 39.01
CA ASP Y 26 -9.86 3.05 39.45
C ASP Y 26 -9.22 4.42 39.33
N LYS Y 27 -8.31 4.72 40.24
CA LYS Y 27 -7.69 6.03 40.33
C LYS Y 27 -6.38 6.12 39.58
N ARG Y 28 -6.19 5.32 38.54
CA ARG Y 28 -4.96 5.36 37.75
C ARG Y 28 -5.17 6.19 36.49
N LEU Y 29 -4.19 7.03 36.18
CA LEU Y 29 -4.09 7.73 34.92
C LEU Y 29 -2.87 7.23 34.18
N GLY Y 30 -3.05 6.79 32.95
CA GLY Y 30 -1.97 6.18 32.20
C GLY Y 30 -1.38 7.10 31.14
N SER Y 31 -0.17 6.74 30.73
CA SER Y 31 0.49 7.35 29.58
C SER Y 31 1.06 6.22 28.74
N GLY Y 32 0.25 5.18 28.56
CA GLY Y 32 0.71 3.92 28.04
C GLY Y 32 1.03 2.98 29.19
N PRO Y 33 2.19 2.32 29.15
CA PRO Y 33 2.56 1.47 30.29
C PRO Y 33 2.70 2.23 31.59
N ILE Y 34 3.16 3.48 31.55
CA ILE Y 34 3.49 4.22 32.75
C ILE Y 34 2.21 4.75 33.40
N SER Y 35 2.09 4.58 34.71
CA SER Y 35 0.97 5.14 35.46
C SER Y 35 1.35 6.55 35.88
N VAL Y 36 0.82 7.55 35.19
CA VAL Y 36 1.22 8.92 35.43
C VAL Y 36 0.74 9.43 36.79
N SER Y 37 -0.44 9.03 37.23
CA SER Y 37 -0.94 9.44 38.54
C SER Y 37 -1.71 8.29 39.17
N LYS Y 38 -1.65 8.22 40.49
CA LYS Y 38 -2.41 7.25 41.27
C LYS Y 38 -3.67 7.85 41.89
N ASN Y 39 -4.01 9.09 41.56
CA ASN Y 39 -5.12 9.78 42.21
C ASN Y 39 -6.04 10.47 41.20
N PHE Y 40 -6.30 9.84 40.05
CA PHE Y 40 -7.14 10.44 39.02
C PHE Y 40 -8.53 9.81 39.09
N THR Y 41 -9.50 10.58 39.57
CA THR Y 41 -10.88 10.09 39.65
C THR Y 41 -11.57 10.31 38.31
N LYS Y 42 -12.15 9.25 37.77
CA LYS Y 42 -12.87 9.30 36.50
C LYS Y 42 -14.37 9.47 36.67
N ILE Y 43 -14.85 9.55 37.91
CA ILE Y 43 -16.28 9.69 38.19
C ILE Y 43 -16.55 11.14 38.54
N TYR Y 44 -17.52 11.74 37.87
CA TYR Y 44 -17.93 13.11 38.11
C TYR Y 44 -19.30 13.13 38.75
N SER Y 45 -19.52 14.10 39.64
CA SER Y 45 -20.80 14.24 40.31
C SER Y 45 -21.41 15.60 39.97
N LEU Y 46 -22.49 15.58 39.18
CA LEU Y 46 -23.27 16.79 39.00
C LEU Y 46 -23.98 17.17 40.29
N THR Y 47 -24.59 16.20 40.95
CA THR Y 47 -25.22 16.39 42.25
C THR Y 47 -24.98 15.14 43.07
N PRO Y 48 -25.44 15.12 44.31
CA PRO Y 48 -25.31 13.89 45.12
C PRO Y 48 -26.17 12.75 44.60
N ARG Y 49 -26.99 12.99 43.58
CA ARG Y 49 -27.83 11.97 43.00
C ARG Y 49 -27.60 11.76 41.51
N LEU Y 50 -26.68 12.49 40.90
CA LEU Y 50 -26.36 12.34 39.48
C LEU Y 50 -24.85 12.22 39.34
N PHE Y 51 -24.39 11.07 38.83
CA PHE Y 51 -22.98 10.81 38.64
C PHE Y 51 -22.78 10.21 37.26
N PHE Y 52 -21.56 10.35 36.75
CA PHE Y 52 -21.19 9.64 35.53
C PHE Y 52 -19.67 9.64 35.40
N GLY Y 53 -19.17 8.55 34.84
CA GLY Y 53 -17.75 8.41 34.63
C GLY Y 53 -17.46 8.08 33.18
N PHE Y 54 -16.24 8.33 32.78
CA PHE Y 54 -15.79 8.13 31.41
C PHE Y 54 -14.58 7.22 31.38
N THR Y 55 -14.50 6.40 30.33
CA THR Y 55 -13.29 5.65 30.01
C THR Y 55 -12.97 5.90 28.55
N GLY Y 56 -11.68 6.05 28.26
CA GLY Y 56 -11.24 6.43 26.94
C GLY Y 56 -10.34 7.65 27.01
N LEU Y 57 -10.33 8.46 25.97
CA LEU Y 57 -9.51 9.66 25.98
C LEU Y 57 -9.94 10.54 27.15
N VAL Y 58 -8.97 10.92 27.98
CA VAL Y 58 -9.29 11.65 29.21
C VAL Y 58 -9.74 13.07 28.89
N SER Y 59 -9.10 13.71 27.90
CA SER Y 59 -9.51 15.05 27.51
C SER Y 59 -10.95 15.06 27.01
N ASP Y 60 -11.33 14.06 26.22
CA ASP Y 60 -12.71 13.95 25.78
C ASP Y 60 -13.64 13.81 26.96
N GLY Y 61 -13.26 12.99 27.94
CA GLY Y 61 -14.10 12.83 29.12
C GLY Y 61 -14.28 14.12 29.89
N GLU Y 62 -13.21 14.89 30.07
CA GLU Y 62 -13.30 16.13 30.82
C GLU Y 62 -14.12 17.19 30.08
N MET Y 63 -13.88 17.33 28.78
CA MET Y 63 -14.66 18.29 28.01
C MET Y 63 -16.12 17.88 27.93
N LEU Y 64 -16.40 16.58 27.81
CA LEU Y 64 -17.78 16.11 27.86
C LEU Y 64 -18.40 16.39 29.21
N PHE Y 65 -17.62 16.27 30.29
CA PHE Y 65 -18.16 16.59 31.61
C PHE Y 65 -18.56 18.06 31.68
N LYS Y 66 -17.71 18.94 31.18
CA LYS Y 66 -18.05 20.36 31.22
C LYS Y 66 -19.25 20.67 30.33
N LYS Y 67 -19.34 20.04 29.17
CA LYS Y 67 -20.50 20.20 28.31
C LYS Y 67 -21.77 19.71 29.00
N ILE Y 68 -21.69 18.55 29.64
CA ILE Y 68 -22.84 17.97 30.31
C ILE Y 68 -23.27 18.85 31.48
N ARG Y 69 -22.30 19.38 32.22
CA ARG Y 69 -22.64 20.27 33.32
C ARG Y 69 -23.30 21.55 32.81
N LYS Y 70 -22.79 22.11 31.71
CA LYS Y 70 -23.44 23.28 31.12
C LYS Y 70 -24.89 22.99 30.78
N ASN Y 71 -25.12 21.90 30.03
CA ASN Y 71 -26.48 21.57 29.62
C ASN Y 71 -27.37 21.28 30.81
N TYR Y 72 -26.84 20.56 31.81
CA TYR Y 72 -27.64 20.21 32.98
C TYR Y 72 -28.01 21.44 33.78
N ASN Y 73 -27.07 22.38 33.95
CA ASN Y 73 -27.37 23.60 34.68
C ASN Y 73 -28.43 24.42 33.95
N LEU Y 74 -28.32 24.52 32.63
CA LEU Y 74 -29.33 25.25 31.88
C LEU Y 74 -30.69 24.59 32.00
N PHE Y 75 -30.71 23.25 31.92
CA PHE Y 75 -31.97 22.52 32.03
C PHE Y 75 -32.60 22.72 33.41
N VAL Y 76 -31.79 22.64 34.46
CA VAL Y 76 -32.31 22.81 35.81
C VAL Y 76 -32.84 24.22 36.02
N GLN Y 77 -32.18 25.21 35.43
CA GLN Y 77 -32.71 26.58 35.49
C GLN Y 77 -34.02 26.69 34.73
N ASP Y 78 -34.15 25.98 33.61
CA ASP Y 78 -35.35 26.05 32.79
C ASP Y 78 -36.50 25.21 33.34
N ASN Y 79 -36.26 24.33 34.31
CA ASN Y 79 -37.29 23.44 34.81
C ASN Y 79 -37.53 23.66 36.28
N ASN Y 80 -38.72 23.26 36.75
CA ASN Y 80 -39.04 23.28 38.17
C ASN Y 80 -38.49 22.07 38.92
N LYS Y 81 -37.98 21.06 38.22
CA LYS Y 81 -37.56 19.83 38.86
C LYS Y 81 -36.16 19.47 38.39
N ASP Y 82 -35.46 18.70 39.21
CA ASP Y 82 -34.13 18.25 38.85
C ASP Y 82 -34.20 17.25 37.71
N MET Y 83 -33.04 16.99 37.11
CA MET Y 83 -32.99 16.09 35.96
C MET Y 83 -33.05 14.64 36.41
N GLU Y 84 -33.85 13.85 35.71
CA GLU Y 84 -33.85 12.42 35.92
C GLU Y 84 -32.56 11.81 35.38
N PRO Y 85 -32.03 10.78 36.02
CA PRO Y 85 -30.83 10.13 35.47
C PRO Y 85 -31.06 9.56 34.07
N SER Y 86 -32.28 9.11 33.77
CA SER Y 86 -32.60 8.70 32.41
C SER Y 86 -32.50 9.89 31.45
N GLU Y 87 -33.00 11.05 31.86
CA GLU Y 87 -32.86 12.24 31.03
C GLU Y 87 -31.40 12.61 30.85
N LEU Y 88 -30.61 12.52 31.91
CA LEU Y 88 -29.19 12.84 31.79
C LEU Y 88 -28.50 11.90 30.83
N SER Y 89 -28.79 10.61 30.92
CA SER Y 89 -28.19 9.65 30.00
C SER Y 89 -28.62 9.91 28.56
N ASN Y 90 -29.89 10.23 28.34
CA ASN Y 90 -30.35 10.54 26.99
C ASN Y 90 -29.68 11.79 26.45
N MET Y 91 -29.52 12.82 27.29
CA MET Y 91 -28.84 14.04 26.86
C MET Y 91 -27.38 13.76 26.53
N ILE Y 92 -26.72 12.94 27.34
CA ILE Y 92 -25.33 12.58 27.06
C ILE Y 92 -25.24 11.83 25.74
N SER Y 93 -26.18 10.92 25.50
CA SER Y 93 -26.20 10.18 24.24
C SER Y 93 -26.38 11.13 23.07
N TYR Y 94 -27.25 12.12 23.21
CA TYR Y 94 -27.43 13.12 22.16
C TYR Y 94 -26.15 13.91 21.92
N ILE Y 95 -25.48 14.30 23.00
CA ILE Y 95 -24.23 15.07 22.85
C ILE Y 95 -23.18 14.23 22.13
N LEU Y 96 -23.11 12.94 22.46
CA LEU Y 96 -22.13 12.07 21.82
C LEU Y 96 -22.42 11.93 20.33
N TYR Y 97 -23.69 11.82 19.96
CA TYR Y 97 -24.04 11.55 18.58
C TYR Y 97 -23.92 12.77 17.68
N GLN Y 98 -23.87 13.98 18.26
CA GLN Y 98 -23.65 15.15 17.43
C GLN Y 98 -22.27 15.15 16.80
N LYS Y 99 -21.35 14.34 17.32
CA LYS Y 99 -20.03 14.15 16.74
C LYS Y 99 -19.90 12.82 16.02
N ARG Y 100 -20.97 12.37 15.36
CA ARG Y 100 -20.98 11.04 14.77
C ARG Y 100 -19.83 10.85 13.80
N LEU Y 101 -19.53 11.85 12.98
CA LEU Y 101 -18.47 11.74 11.98
C LEU Y 101 -17.08 11.91 12.58
N GLN Y 102 -16.97 12.50 13.76
CA GLN Y 102 -15.70 12.62 14.47
C GLN Y 102 -15.93 12.28 15.94
N PRO Y 103 -16.27 11.04 16.25
CA PRO Y 103 -16.80 10.72 17.58
C PRO Y 103 -15.76 10.90 18.68
N TYR Y 104 -16.27 11.19 19.87
CA TYR Y 104 -15.44 11.11 21.07
C TYR Y 104 -14.97 9.68 21.26
N TYR Y 105 -13.73 9.52 21.72
CA TYR Y 105 -13.19 8.20 22.03
C TYR Y 105 -13.39 7.88 23.51
N VAL Y 106 -14.65 7.90 23.94
CA VAL Y 106 -15.01 7.67 25.32
C VAL Y 106 -16.18 6.70 25.41
N ALA Y 107 -16.31 6.06 26.56
CA ALA Y 107 -17.48 5.28 26.92
C ALA Y 107 -17.99 5.80 28.26
N VAL Y 108 -19.30 6.06 28.32
CA VAL Y 108 -19.91 6.77 29.43
C VAL Y 108 -20.80 5.82 30.21
N ILE Y 109 -20.66 5.85 31.53
CA ILE Y 109 -21.60 5.23 32.45
C ILE Y 109 -22.25 6.34 33.26
N VAL Y 110 -23.57 6.32 33.35
CA VAL Y 110 -24.33 7.32 34.09
C VAL Y 110 -25.06 6.61 35.22
N CYS Y 111 -24.82 7.07 36.44
CA CYS Y 111 -25.44 6.51 37.63
C CYS Y 111 -26.13 7.60 38.41
N GLY Y 112 -27.14 7.22 39.17
CA GLY Y 112 -27.84 8.19 39.98
C GLY Y 112 -29.12 7.59 40.55
N MET Y 113 -29.86 8.45 41.25
CA MET Y 113 -31.14 8.08 41.84
C MET Y 113 -32.24 8.84 41.13
N THR Y 114 -33.31 8.15 40.77
CA THR Y 114 -34.44 8.82 40.16
C THR Y 114 -35.10 9.74 41.20
N LEU Y 115 -35.93 10.65 40.70
CA LEU Y 115 -36.60 11.59 41.60
C LEU Y 115 -37.51 10.87 42.58
N ASP Y 116 -37.90 9.63 42.26
CA ASP Y 116 -38.67 8.82 43.20
C ASP Y 116 -37.75 7.90 43.99
N LYS Y 117 -36.45 8.19 43.98
CA LYS Y 117 -35.47 7.58 44.88
C LYS Y 117 -35.17 6.12 44.56
N LYS Y 118 -35.24 5.73 43.28
CA LYS Y 118 -34.82 4.39 42.89
C LYS Y 118 -33.45 4.45 42.21
N PRO Y 119 -32.63 3.42 42.37
CA PRO Y 119 -31.31 3.43 41.73
C PRO Y 119 -31.42 3.36 40.22
N TYR Y 120 -30.43 3.95 39.55
CA TYR Y 120 -30.37 3.96 38.10
C TYR Y 120 -28.93 3.86 37.64
N ALA Y 121 -28.70 3.07 36.60
CA ALA Y 121 -27.39 3.01 35.96
C ALA Y 121 -27.60 2.76 34.48
N SER Y 122 -26.66 3.25 33.67
CA SER Y 122 -26.72 3.06 32.23
C SER Y 122 -25.32 3.25 31.67
N SER Y 123 -25.16 2.91 30.39
CA SER Y 123 -23.89 3.05 29.72
C SER Y 123 -24.13 3.32 28.24
N MET Y 124 -23.13 3.92 27.60
CA MET Y 124 -23.21 4.17 26.16
C MET Y 124 -21.80 4.17 25.59
N ASP Y 125 -21.74 3.94 24.28
CA ASP Y 125 -20.49 3.80 23.56
C ASP Y 125 -20.03 5.15 23.03
N CYS Y 126 -19.07 5.13 22.10
CA CYS Y 126 -18.51 6.37 21.55
C CYS Y 126 -19.60 7.29 21.02
N ILE Y 127 -20.65 6.74 20.43
CA ILE Y 127 -21.64 7.54 19.71
C ILE Y 127 -23.01 7.40 20.35
N GLY Y 128 -23.05 7.20 21.66
CA GLY Y 128 -24.29 7.31 22.39
C GLY Y 128 -25.21 6.12 22.31
N ALA Y 129 -24.72 4.96 21.92
CA ALA Y 129 -25.56 3.75 21.92
C ALA Y 129 -25.79 3.34 23.36
N MET Y 130 -26.91 3.77 23.92
CA MET Y 130 -27.15 3.71 25.37
C MET Y 130 -27.99 2.49 25.69
N LYS Y 131 -27.65 1.82 26.79
CA LYS Y 131 -28.37 0.65 27.27
C LYS Y 131 -28.59 0.79 28.77
N GLU Y 132 -29.85 0.96 29.17
CA GLU Y 132 -30.19 1.02 30.58
C GLU Y 132 -30.11 -0.37 31.20
N THR Y 133 -29.47 -0.46 32.35
CA THR Y 133 -29.22 -1.72 33.02
C THR Y 133 -30.00 -1.82 34.32
N SER Y 134 -30.52 -3.01 34.59
CA SER Y 134 -31.18 -3.29 35.86
C SER Y 134 -30.27 -4.00 36.85
N GLU Y 135 -29.16 -4.57 36.39
CA GLU Y 135 -28.30 -5.37 37.26
C GLU Y 135 -26.95 -4.71 37.48
N PHE Y 136 -26.22 -4.47 36.39
CA PHE Y 136 -24.89 -3.88 36.48
C PHE Y 136 -24.42 -3.50 35.08
N VAL Y 137 -23.37 -2.70 35.03
CA VAL Y 137 -22.80 -2.26 33.76
C VAL Y 137 -21.35 -1.88 33.98
N THR Y 138 -20.51 -2.14 32.99
CA THR Y 138 -19.07 -1.98 33.11
C THR Y 138 -18.54 -1.23 31.90
N SER Y 139 -17.34 -0.69 32.06
CA SER Y 139 -16.67 0.02 30.97
C SER Y 139 -15.17 0.02 31.23
N GLY Y 140 -14.41 0.20 30.16
CA GLY Y 140 -12.97 0.35 30.27
C GLY Y 140 -12.20 -0.90 29.91
N THR Y 141 -10.91 -0.87 30.23
CA THR Y 141 -10.02 -1.96 29.85
C THR Y 141 -10.41 -3.26 30.51
N ALA Y 142 -10.78 -3.22 31.80
CA ALA Y 142 -11.17 -4.41 32.53
C ALA Y 142 -12.64 -4.75 32.38
N SER Y 143 -13.31 -4.25 31.33
CA SER Y 143 -14.74 -4.48 31.20
C SER Y 143 -15.06 -5.96 31.04
N LYS Y 144 -14.17 -6.72 30.39
CA LYS Y 144 -14.42 -8.14 30.22
C LYS Y 144 -14.40 -8.89 31.55
N ASN Y 145 -13.33 -8.69 32.33
CA ASN Y 145 -13.23 -9.35 33.62
C ASN Y 145 -14.34 -8.88 34.56
N LEU Y 146 -14.62 -7.58 34.55
CA LEU Y 146 -15.68 -7.04 35.39
C LEU Y 146 -17.02 -7.67 35.03
N MET Y 147 -17.32 -7.75 33.73
CA MET Y 147 -18.59 -8.32 33.31
C MET Y 147 -18.70 -9.78 33.72
N GLY Y 148 -17.65 -10.56 33.48
CA GLY Y 148 -17.69 -11.96 33.85
C GLY Y 148 -17.89 -12.17 35.34
N LEU Y 149 -17.12 -11.46 36.15
CA LEU Y 149 -17.20 -11.65 37.59
C LEU Y 149 -18.48 -11.09 38.17
N SER Y 150 -19.05 -10.05 37.55
CA SER Y 150 -20.32 -9.51 38.01
C SER Y 150 -21.45 -10.46 37.68
N GLU Y 151 -21.46 -11.00 36.46
CA GLU Y 151 -22.46 -12.01 36.12
C GLU Y 151 -22.34 -13.21 37.05
N ALA Y 152 -21.11 -13.58 37.43
CA ALA Y 152 -20.95 -14.69 38.36
C ALA Y 152 -21.45 -14.37 39.76
N LEU Y 153 -21.23 -13.14 40.22
CA LEU Y 153 -21.46 -12.80 41.62
C LEU Y 153 -22.69 -11.94 41.89
N PHE Y 154 -23.18 -11.18 40.91
CA PHE Y 154 -24.29 -10.27 41.16
C PHE Y 154 -25.59 -11.05 41.33
N TYR Y 155 -26.38 -10.63 42.32
CA TYR Y 155 -27.74 -11.13 42.49
C TYR Y 155 -28.66 -9.96 42.80
N PRO Y 156 -29.93 -10.04 42.42
CA PRO Y 156 -30.81 -8.86 42.52
C PRO Y 156 -31.08 -8.48 43.97
N GLU Y 157 -31.40 -7.19 44.16
CA GLU Y 157 -31.89 -6.65 45.42
C GLU Y 157 -30.92 -6.86 46.57
N MET Y 158 -29.62 -6.78 46.29
CA MET Y 158 -28.62 -6.92 47.36
C MET Y 158 -28.60 -5.66 48.21
N GLU Y 159 -28.42 -5.84 49.51
CA GLU Y 159 -28.43 -4.71 50.43
C GLU Y 159 -27.28 -3.76 50.12
N ASP Y 160 -27.32 -2.59 50.76
CA ASP Y 160 -26.33 -1.56 50.47
C ASP Y 160 -24.92 -2.03 50.79
N GLU Y 161 -24.72 -2.63 51.97
CA GLU Y 161 -23.40 -3.09 52.36
C GLU Y 161 -22.98 -4.36 51.65
N ASP Y 162 -23.91 -5.30 51.44
CA ASP Y 162 -23.59 -6.46 50.61
C ASP Y 162 -23.27 -6.03 49.18
N LEU Y 163 -24.03 -5.06 48.66
CA LEU Y 163 -23.71 -4.50 47.35
C LEU Y 163 -22.31 -3.93 47.33
N PHE Y 164 -21.97 -3.14 48.35
CA PHE Y 164 -20.63 -2.55 48.42
C PHE Y 164 -19.56 -3.63 48.39
N THR Y 165 -19.69 -4.64 49.26
CA THR Y 165 -18.66 -5.66 49.35
C THR Y 165 -18.54 -6.44 48.05
N THR Y 166 -19.66 -6.85 47.47
CA THR Y 166 -19.63 -7.64 46.25
C THR Y 166 -19.02 -6.84 45.10
N SER Y 167 -19.44 -5.59 44.93
CA SER Y 167 -18.91 -4.78 43.85
C SER Y 167 -17.42 -4.51 44.06
N VAL Y 168 -17.01 -4.25 45.29
CA VAL Y 168 -15.60 -4.01 45.57
C VAL Y 168 -14.77 -5.24 45.25
N GLN Y 169 -15.25 -6.41 45.65
CA GLN Y 169 -14.52 -7.64 45.36
C GLN Y 169 -14.42 -7.87 43.86
N THR Y 170 -15.53 -7.68 43.13
CA THR Y 170 -15.48 -7.87 41.68
C THR Y 170 -14.50 -6.91 41.05
N PHE Y 171 -14.52 -5.64 41.48
CA PHE Y 171 -13.63 -4.65 40.87
C PHE Y 171 -12.18 -4.95 41.18
N LEU Y 172 -11.88 -5.32 42.42
CA LEU Y 172 -10.50 -5.65 42.80
C LEU Y 172 -10.00 -6.82 41.97
N ASN Y 173 -10.80 -7.88 41.88
CA ASN Y 173 -10.35 -9.08 41.19
C ASN Y 173 -10.31 -8.89 39.67
N SER Y 174 -11.10 -7.98 39.13
CA SER Y 174 -11.02 -7.66 37.71
C SER Y 174 -9.81 -6.81 37.41
N SER Y 175 -9.47 -5.87 38.30
CA SER Y 175 -8.29 -5.04 38.11
C SER Y 175 -7.01 -5.85 38.26
N ASP Y 176 -7.01 -6.83 39.17
CA ASP Y 176 -5.82 -7.65 39.36
C ASP Y 176 -5.45 -8.43 38.11
N ARG Y 177 -6.40 -8.71 37.23
CA ARG Y 177 -6.14 -9.42 35.98
C ARG Y 177 -6.01 -8.48 34.79
N ASP Y 178 -6.04 -7.16 35.02
CA ASP Y 178 -5.91 -6.17 33.96
C ASP Y 178 -4.59 -5.42 34.18
N THR Y 179 -3.77 -5.35 33.14
CA THR Y 179 -2.47 -4.69 33.27
C THR Y 179 -2.63 -3.22 33.61
N PHE Y 180 -3.54 -2.52 32.95
CA PHE Y 180 -3.79 -1.10 33.20
C PHE Y 180 -4.87 -0.89 34.23
N GLY Y 181 -5.11 -1.86 35.12
CA GLY Y 181 -6.28 -1.83 35.97
C GLY Y 181 -6.18 -0.88 37.14
N GLY Y 182 -5.03 -0.28 37.37
CA GLY Y 182 -4.86 0.66 38.45
C GLY Y 182 -4.55 -0.04 39.77
N MET Y 183 -4.23 0.78 40.78
CA MET Y 183 -3.91 0.27 42.10
C MET Y 183 -4.74 0.99 43.16
N GLY Y 184 -5.07 2.26 42.90
CA GLY Y 184 -5.98 2.99 43.74
C GLY Y 184 -7.39 2.92 43.18
N PHE Y 185 -8.37 2.78 44.07
CA PHE Y 185 -9.74 2.57 43.67
C PHE Y 185 -10.67 3.43 44.51
N GLU Y 186 -11.78 3.82 43.89
CA GLU Y 186 -12.79 4.67 44.51
C GLU Y 186 -14.16 4.06 44.26
N CYS Y 187 -14.97 4.02 45.31
CA CYS Y 187 -16.33 3.46 45.21
C CYS Y 187 -17.31 4.46 45.79
N LEU Y 188 -18.20 4.97 44.94
CA LEU Y 188 -19.28 5.84 45.38
C LEU Y 188 -20.50 4.98 45.68
N LEU Y 189 -20.81 4.80 46.95
CA LEU Y 189 -22.01 4.10 47.36
C LEU Y 189 -23.15 5.11 47.37
N ILE Y 190 -24.02 5.02 46.38
CA ILE Y 190 -25.06 6.01 46.14
C ILE Y 190 -26.38 5.49 46.68
N ASN Y 191 -27.15 6.38 47.30
CA ASN Y 191 -28.40 6.02 47.94
C ASN Y 191 -29.24 7.27 48.02
N PRO Y 192 -30.55 7.14 48.26
CA PRO Y 192 -31.43 8.32 48.17
C PRO Y 192 -31.10 9.41 49.19
N GLU Y 193 -30.32 9.11 50.23
CA GLU Y 193 -29.93 10.12 51.20
C GLU Y 193 -28.66 10.87 50.81
N GLY Y 194 -27.99 10.45 49.76
CA GLY Y 194 -26.75 11.06 49.34
C GLY Y 194 -25.83 10.02 48.72
N TYR Y 195 -24.54 10.10 49.04
CA TYR Y 195 -23.60 9.09 48.60
C TYR Y 195 -22.37 9.13 49.50
N LYS Y 196 -21.61 8.03 49.47
CA LYS Y 196 -20.41 7.87 50.27
C LYS Y 196 -19.24 7.61 49.32
N ARG Y 197 -18.21 8.44 49.40
CA ARG Y 197 -17.02 8.27 48.57
C ARG Y 197 -16.00 7.46 49.36
N ARG Y 198 -15.92 6.16 49.05
CA ARG Y 198 -15.01 5.26 49.74
C ARG Y 198 -13.82 4.96 48.84
N GLU Y 199 -12.62 5.06 49.41
CA GLU Y 199 -11.39 4.77 48.70
C GLU Y 199 -10.69 3.60 49.37
N PHE Y 200 -10.34 2.59 48.57
CA PHE Y 200 -9.68 1.39 49.07
C PHE Y 200 -8.50 1.08 48.18
N VAL Y 201 -7.70 0.11 48.60
CA VAL Y 201 -6.49 -0.26 47.87
C VAL Y 201 -6.49 -1.76 47.64
N GLY Y 202 -5.81 -2.17 46.57
CA GLY Y 202 -5.63 -3.57 46.25
C GLY Y 202 -4.18 -3.90 46.01
N ARG Y 203 -3.88 -4.43 44.83
CA ARG Y 203 -2.50 -4.70 44.45
C ARG Y 203 -1.70 -3.40 44.37
N CYS Y 204 -0.40 -3.50 44.62
CA CYS Y 204 0.48 -2.34 44.66
C CYS Y 204 1.50 -2.35 43.52
N ASP Y 205 1.09 -2.79 42.33
CA ASP Y 205 1.98 -2.84 41.17
C ASP Y 205 1.22 -2.65 39.87
N MET Z 1 9.15 14.38 23.88
CA MET Z 1 10.63 14.19 24.00
C MET Z 1 11.23 15.26 24.89
N GLU Z 2 10.91 16.52 24.60
CA GLU Z 2 11.36 17.63 25.43
C GLU Z 2 10.93 17.40 26.87
N SER Z 3 11.89 17.43 27.79
CA SER Z 3 11.70 16.96 29.15
C SER Z 3 11.44 18.12 30.10
N SER Z 4 10.52 17.90 31.03
CA SER Z 4 10.22 18.85 32.09
C SER Z 4 9.75 18.08 33.31
N VAL Z 5 10.29 18.45 34.47
CA VAL Z 5 9.93 17.84 35.74
C VAL Z 5 9.48 18.95 36.69
N ALA Z 6 8.33 18.75 37.31
CA ALA Z 6 7.80 19.72 38.27
C ALA Z 6 7.24 18.97 39.47
N LEU Z 7 7.42 19.57 40.64
CA LEU Z 7 6.86 19.02 41.87
C LEU Z 7 6.40 20.17 42.74
N LYS Z 8 5.43 19.88 43.62
CA LYS Z 8 4.89 20.87 44.53
C LYS Z 8 5.03 20.38 45.96
N GLY Z 9 5.40 21.28 46.86
CA GLY Z 9 5.38 21.05 48.27
C GLY Z 9 4.40 21.97 48.96
N ASN Z 10 4.55 22.09 50.28
CA ASN Z 10 3.79 23.08 51.01
C ASN Z 10 4.17 24.47 50.51
N ASP Z 11 3.16 25.29 50.21
CA ASP Z 11 3.27 26.69 49.78
C ASP Z 11 4.45 26.95 48.86
N PHE Z 12 4.77 26.03 47.95
CA PHE Z 12 5.69 26.33 46.86
C PHE Z 12 5.54 25.26 45.78
N VAL Z 13 5.87 25.63 44.54
CA VAL Z 13 5.84 24.73 43.40
C VAL Z 13 7.13 24.90 42.62
N ILE Z 14 7.75 23.78 42.24
CA ILE Z 14 8.98 23.77 41.46
C ILE Z 14 8.65 23.25 40.07
N ILE Z 15 9.04 23.98 39.03
CA ILE Z 15 8.96 23.53 37.65
C ILE Z 15 10.37 23.59 37.08
N GLY Z 16 10.83 22.47 36.55
CA GLY Z 16 12.15 22.41 35.92
C GLY Z 16 12.07 21.88 34.52
N THR Z 17 12.56 22.66 33.55
CA THR Z 17 12.54 22.26 32.14
C THR Z 17 13.92 22.47 31.55
N ASP Z 18 14.27 21.62 30.59
CA ASP Z 18 15.55 21.77 29.91
C ASP Z 18 15.49 22.96 28.95
N SER Z 19 16.50 23.82 29.02
CA SER Z 19 16.48 25.07 28.27
C SER Z 19 17.00 24.92 26.85
N SER Z 20 17.46 23.73 26.47
CA SER Z 20 18.04 23.55 25.15
C SER Z 20 16.95 23.32 24.11
N VAL Z 21 17.04 24.08 23.02
CA VAL Z 21 16.19 23.88 21.85
C VAL Z 21 16.98 23.07 20.84
N LYS Z 22 16.43 21.94 20.43
CA LYS Z 22 17.15 21.03 19.54
C LYS Z 22 16.15 20.26 18.69
N ASN Z 23 16.64 19.77 17.56
CA ASN Z 23 15.89 18.91 16.66
C ASN Z 23 16.62 17.56 16.57
N SER Z 24 16.19 16.71 15.63
CA SER Z 24 16.65 15.34 15.59
C SER Z 24 18.18 15.26 15.64
N TYR Z 25 18.86 16.03 14.78
CA TYR Z 25 20.31 15.90 14.64
C TYR Z 25 21.09 17.09 15.19
N LEU Z 26 20.44 18.19 15.51
CA LEU Z 26 21.14 19.43 15.82
C LEU Z 26 20.59 20.04 17.10
N VAL Z 27 21.47 20.76 17.80
CA VAL Z 27 21.08 21.58 18.95
C VAL Z 27 21.12 23.03 18.49
N LEU Z 28 19.95 23.61 18.19
CA LEU Z 28 19.90 24.98 17.71
C LEU Z 28 20.35 25.97 18.77
N LYS Z 29 19.81 25.86 19.97
CA LYS Z 29 20.18 26.72 21.08
C LYS Z 29 20.19 25.89 22.35
N ARG Z 30 20.95 26.34 23.35
CA ARG Z 30 21.10 25.60 24.59
C ARG Z 30 20.47 26.28 25.79
N GLU Z 31 20.13 27.58 25.69
CA GLU Z 31 19.47 28.31 26.77
C GLU Z 31 18.29 29.09 26.20
N GLU Z 32 17.13 28.45 26.16
CA GLU Z 32 15.90 29.10 25.75
C GLU Z 32 14.92 29.14 26.91
N ASP Z 33 14.24 30.27 27.06
CA ASP Z 33 13.29 30.47 28.14
C ASP Z 33 11.94 29.91 27.71
N LYS Z 34 11.51 28.81 28.33
CA LYS Z 34 10.29 28.12 27.98
C LYS Z 34 9.21 28.28 29.04
N PHE Z 35 9.24 29.39 29.79
CA PHE Z 35 8.26 29.65 30.84
C PHE Z 35 7.48 30.92 30.51
N TYR Z 36 6.23 30.94 30.96
CA TYR Z 36 5.40 32.12 30.94
C TYR Z 36 4.93 32.44 32.35
N ASN Z 37 5.14 33.67 32.78
CA ASN Z 37 4.69 34.16 34.08
C ASN Z 37 3.50 35.06 33.84
N ILE Z 38 2.30 34.48 33.80
CA ILE Z 38 1.10 35.24 33.53
C ILE Z 38 0.89 36.32 34.58
N ASN Z 39 0.96 35.92 35.83
CA ASN Z 39 1.08 36.82 36.96
C ASN Z 39 1.97 36.12 37.97
N ASN Z 40 2.54 36.90 38.89
CA ASN Z 40 3.59 36.36 39.75
C ASN Z 40 3.11 35.15 40.56
N LYS Z 41 1.82 34.84 40.49
CA LYS Z 41 1.29 33.68 41.21
C LYS Z 41 1.24 32.41 40.38
N VAL Z 42 1.35 32.50 39.05
CA VAL Z 42 1.19 31.35 38.18
C VAL Z 42 2.31 31.32 37.15
N VAL Z 43 2.91 30.16 36.96
CA VAL Z 43 3.96 29.94 35.98
C VAL Z 43 3.65 28.65 35.23
N PHE Z 44 3.66 28.70 33.90
CA PHE Z 44 3.47 27.52 33.08
C PHE Z 44 4.56 27.44 32.02
N THR Z 45 4.95 26.22 31.70
CA THR Z 45 5.97 25.95 30.69
C THR Z 45 5.37 25.18 29.54
N TYR Z 46 5.84 25.46 28.33
CA TYR Z 46 5.33 24.86 27.12
C TYR Z 46 6.40 23.97 26.51
N LEU Z 47 5.97 22.86 25.93
CA LEU Z 47 6.89 21.86 25.39
C LEU Z 47 6.33 21.32 24.09
N GLY Z 48 7.18 20.63 23.35
CA GLY Z 48 6.79 20.04 22.09
C GLY Z 48 7.23 20.85 20.90
N ASP Z 49 6.50 20.75 19.79
CA ASP Z 49 6.82 21.53 18.61
C ASP Z 49 6.96 23.00 18.97
N GLN Z 50 8.15 23.57 18.77
CA GLN Z 50 8.38 24.93 19.18
C GLN Z 50 7.45 25.89 18.44
N GLY Z 51 7.26 25.67 17.13
CA GLY Z 51 6.36 26.53 16.37
C GLY Z 51 4.95 26.55 16.91
N ASP Z 52 4.40 25.38 17.23
CA ASP Z 52 3.09 25.30 17.86
C ASP Z 52 3.13 25.72 19.31
N ALA Z 53 4.16 25.29 20.03
CA ALA Z 53 4.22 25.52 21.47
C ALA Z 53 4.24 27.01 21.80
N PHE Z 54 5.16 27.75 21.17
CA PHE Z 54 5.29 29.17 21.50
C PHE Z 54 4.07 29.95 21.02
N ARG Z 55 3.51 29.57 19.88
CA ARG Z 55 2.33 30.25 19.37
C ARG Z 55 1.15 30.07 20.30
N THR Z 56 0.89 28.83 20.72
CA THR Z 56 -0.19 28.57 21.66
C THR Z 56 0.06 29.25 23.01
N SER Z 57 1.32 29.24 23.46
CA SER Z 57 1.65 29.88 24.72
C SER Z 57 1.39 31.38 24.66
N SER Z 58 1.77 32.02 23.56
CA SER Z 58 1.51 33.45 23.41
C SER Z 58 0.02 33.73 23.38
N PHE Z 59 -0.73 32.92 22.64
CA PHE Z 59 -2.19 33.12 22.59
C PHE Z 59 -2.79 32.98 23.99
N ILE Z 60 -2.33 31.98 24.74
CA ILE Z 60 -2.87 31.72 26.07
C ILE Z 60 -2.51 32.86 27.01
N ASN Z 61 -1.26 33.33 26.94
CA ASN Z 61 -0.84 34.43 27.81
C ASN Z 61 -1.68 35.67 27.53
N GLU Z 62 -1.87 36.00 26.26
CA GLU Z 62 -2.66 37.18 25.93
C GLU Z 62 -4.13 37.01 26.30
N LYS Z 63 -4.68 35.81 26.12
CA LYS Z 63 -6.06 35.56 26.52
C LYS Z 63 -6.22 35.69 28.02
N LEU Z 64 -5.28 35.16 28.79
CA LEU Z 64 -5.37 35.26 30.24
C LEU Z 64 -5.26 36.70 30.69
N VAL Z 65 -4.35 37.47 30.09
CA VAL Z 65 -4.24 38.88 30.45
C VAL Z 65 -5.53 39.61 30.10
N TYR Z 66 -6.09 39.33 28.92
CA TYR Z 66 -7.33 39.99 28.51
C TYR Z 66 -8.47 39.65 29.46
N GLU Z 67 -8.58 38.38 29.85
CA GLU Z 67 -9.66 37.97 30.73
C GLU Z 67 -9.47 38.55 32.12
N GLU Z 68 -8.23 38.68 32.59
CA GLU Z 68 -7.98 39.29 33.88
C GLU Z 68 -8.35 40.76 33.87
N ILE Z 69 -7.98 41.49 32.81
CA ILE Z 69 -8.16 42.93 32.82
C ILE Z 69 -9.60 43.30 32.49
N GLN Z 70 -10.17 42.70 31.45
CA GLN Z 70 -11.51 43.03 31.01
C GLN Z 70 -12.56 42.43 31.93
N ASN Z 71 -12.49 41.11 32.15
CA ASN Z 71 -13.52 40.37 32.87
C ASN Z 71 -13.17 40.06 34.31
N ASN Z 72 -12.03 40.55 34.80
CA ASN Z 72 -11.66 40.37 36.20
C ASN Z 72 -11.61 38.91 36.61
N VAL Z 73 -11.36 38.03 35.63
CA VAL Z 73 -11.20 36.61 35.95
C VAL Z 73 -10.05 36.44 36.92
N GLU Z 74 -10.19 35.50 37.83
CA GLU Z 74 -9.13 35.19 38.79
C GLU Z 74 -8.15 34.22 38.14
N ILE Z 75 -6.93 34.67 37.89
CA ILE Z 75 -5.91 33.83 37.27
C ILE Z 75 -5.33 32.92 38.35
N THR Z 76 -5.57 31.63 38.24
CA THR Z 76 -5.03 30.62 39.14
C THR Z 76 -4.52 29.47 38.28
N PRO Z 77 -3.73 28.56 38.85
CA PRO Z 77 -3.25 27.43 38.03
C PRO Z 77 -4.39 26.65 37.41
N LYS Z 78 -5.52 26.53 38.09
CA LYS Z 78 -6.65 25.80 37.55
C LYS Z 78 -7.26 26.53 36.36
N VAL Z 79 -7.45 27.85 36.48
CA VAL Z 79 -8.02 28.62 35.37
C VAL Z 79 -7.08 28.59 34.17
N THR Z 80 -5.79 28.82 34.41
CA THR Z 80 -4.82 28.76 33.34
C THR Z 80 -4.85 27.40 32.67
N ALA Z 81 -4.86 26.33 33.46
CA ALA Z 81 -4.85 24.97 32.93
C ALA Z 81 -6.10 24.69 32.12
N ASN Z 82 -7.26 25.16 32.58
CA ASN Z 82 -8.48 24.96 31.82
C ASN Z 82 -8.41 25.70 30.48
N VAL Z 83 -7.81 26.89 30.48
CA VAL Z 83 -7.63 27.60 29.21
C VAL Z 83 -6.72 26.80 28.28
N ILE Z 84 -5.63 26.24 28.82
CA ILE Z 84 -4.75 25.41 27.98
C ILE Z 84 -5.55 24.26 27.39
N GLN Z 85 -6.34 23.61 28.24
CA GLN Z 85 -7.10 22.44 27.81
C GLN Z 85 -8.07 22.81 26.69
N LYS Z 86 -8.79 23.92 26.85
CA LYS Z 86 -9.73 24.32 25.81
C LYS Z 86 -9.00 24.66 24.52
N THR Z 87 -7.88 25.38 24.61
CA THR Z 87 -7.15 25.76 23.41
C THR Z 87 -6.65 24.53 22.66
N LEU Z 88 -6.13 23.55 23.39
CA LEU Z 88 -5.64 22.33 22.74
C LEU Z 88 -6.79 21.50 22.19
N TYR Z 89 -7.87 21.39 22.94
CA TYR Z 89 -8.99 20.56 22.53
C TYR Z 89 -9.66 21.10 21.27
N ASP Z 90 -9.86 22.41 21.20
CA ASP Z 90 -10.54 22.99 20.04
C ASP Z 90 -9.84 22.59 18.75
N ASN Z 91 -8.51 22.59 18.75
CA ASN Z 91 -7.75 22.26 17.56
C ASN Z 91 -7.44 20.79 17.43
N LEU Z 92 -7.81 19.97 18.42
CA LEU Z 92 -7.33 18.59 18.45
C LEU Z 92 -7.78 17.82 17.21
N ARG Z 93 -9.04 17.99 16.80
CA ARG Z 93 -9.62 17.20 15.73
C ARG Z 93 -9.64 17.92 14.39
N SER Z 94 -9.12 19.15 14.33
CA SER Z 94 -9.09 19.89 13.07
C SER Z 94 -7.68 20.37 12.72
N HIS Z 95 -6.94 20.85 13.72
CA HIS Z 95 -5.60 21.37 13.50
C HIS Z 95 -4.72 21.04 14.71
N PRO Z 96 -4.48 19.76 14.98
CA PRO Z 96 -3.87 19.39 16.25
C PRO Z 96 -2.54 20.10 16.49
N LYS Z 97 -2.40 20.66 17.68
CA LYS Z 97 -1.12 21.22 18.10
C LYS Z 97 -0.28 20.12 18.75
N ASN Z 98 0.95 19.98 18.28
CA ASN Z 98 1.88 18.99 18.85
C ASN Z 98 2.69 19.65 19.96
N CYS Z 99 2.00 19.97 21.06
CA CYS Z 99 2.63 20.63 22.19
C CYS Z 99 1.87 20.25 23.46
N TYR Z 100 2.59 20.33 24.59
CA TYR Z 100 2.03 19.99 25.88
C TYR Z 100 2.63 20.93 26.91
N PHE Z 101 1.94 21.08 28.05
CA PHE Z 101 2.22 22.15 28.98
C PHE Z 101 2.38 21.58 30.39
N LEU Z 102 2.75 22.46 31.31
CA LEU Z 102 2.89 22.11 32.71
C LEU Z 102 2.67 23.38 33.51
N VAL Z 103 1.48 23.54 34.08
CA VAL Z 103 1.06 24.77 34.73
C VAL Z 103 1.20 24.61 36.23
N GLY Z 104 1.80 25.59 36.88
CA GLY Z 104 1.95 25.56 38.32
C GLY Z 104 1.85 26.95 38.90
N GLY Z 105 1.42 27.02 40.15
CA GLY Z 105 1.27 28.29 40.83
C GLY Z 105 0.52 28.12 42.13
N LEU Z 106 0.23 29.25 42.76
CA LEU Z 106 -0.47 29.30 44.03
C LEU Z 106 -1.88 29.83 43.83
N SER Z 107 -2.84 29.20 44.50
CA SER Z 107 -4.22 29.64 44.53
C SER Z 107 -4.65 29.76 46.00
N GLN Z 108 -5.90 30.18 46.20
CA GLN Z 108 -6.41 30.28 47.56
C GLN Z 108 -6.50 28.93 48.24
N ASP Z 109 -6.48 27.84 47.48
CA ASP Z 109 -6.47 26.49 48.04
C ASP Z 109 -5.07 25.96 48.26
N GLY Z 110 -4.04 26.75 47.99
CA GLY Z 110 -2.67 26.31 48.15
C GLY Z 110 -2.03 26.02 46.81
N PRO Z 111 -0.81 25.46 46.84
CA PRO Z 111 -0.10 25.16 45.60
C PRO Z 111 -0.89 24.21 44.72
N GLU Z 112 -0.84 24.46 43.40
CA GLU Z 112 -1.47 23.60 42.41
C GLU Z 112 -0.51 23.39 41.27
N LEU Z 113 -0.56 22.22 40.67
CA LEU Z 113 0.35 21.85 39.59
C LEU Z 113 -0.41 20.99 38.60
N TYR Z 114 -0.57 21.47 37.38
CA TYR Z 114 -1.40 20.82 36.38
C TYR Z 114 -0.56 20.44 35.17
N SER Z 115 -0.89 19.29 34.58
CA SER Z 115 -0.27 18.84 33.34
C SER Z 115 -1.32 18.71 32.25
N VAL Z 116 -1.11 19.44 31.17
CA VAL Z 116 -2.01 19.40 30.00
C VAL Z 116 -1.22 18.73 28.89
N ASP Z 117 -1.56 17.48 28.58
CA ASP Z 117 -0.77 16.71 27.64
C ASP Z 117 -1.11 17.09 26.21
N LEU Z 118 -0.61 16.30 25.26
CA LEU Z 118 -0.74 16.64 23.85
C LEU Z 118 -2.19 16.68 23.40
N TYR Z 119 -3.03 15.81 23.95
CA TYR Z 119 -4.43 15.72 23.56
C TYR Z 119 -5.34 16.64 24.36
N GLY Z 120 -4.78 17.44 25.25
CA GLY Z 120 -5.59 18.33 26.08
C GLY Z 120 -6.05 17.70 27.37
N SER Z 121 -5.44 16.60 27.80
CA SER Z 121 -5.84 15.94 29.03
C SER Z 121 -5.23 16.67 30.22
N LEU Z 122 -6.10 17.16 31.11
CA LEU Z 122 -5.69 17.95 32.26
C LEU Z 122 -5.82 17.12 33.51
N HIS Z 123 -4.77 17.12 34.34
CA HIS Z 123 -4.83 16.42 35.62
C HIS Z 123 -3.85 17.06 36.59
N GLU Z 124 -4.23 17.08 37.86
CA GLU Z 124 -3.43 17.63 38.94
C GLU Z 124 -2.73 16.51 39.68
N ASN Z 125 -1.51 16.78 40.16
CA ASN Z 125 -0.75 15.76 40.86
C ASN Z 125 0.31 16.44 41.71
N ASP Z 126 0.88 15.67 42.64
CA ASP Z 126 1.91 16.20 43.52
C ASP Z 126 3.22 16.46 42.80
N PHE Z 127 3.57 15.60 41.84
CA PHE Z 127 4.74 15.84 41.00
C PHE Z 127 4.42 15.40 39.58
N MET Z 128 5.05 16.06 38.61
CA MET Z 128 4.85 15.79 37.20
C MET Z 128 6.19 15.53 36.56
N ALA Z 129 6.19 14.67 35.54
CA ALA Z 129 7.38 14.38 34.75
C ALA Z 129 6.93 14.12 33.32
N VAL Z 130 7.07 15.12 32.46
CA VAL Z 130 6.59 15.03 31.08
C VAL Z 130 7.80 14.92 30.16
N GLY Z 131 7.52 14.51 28.92
CA GLY Z 131 8.60 14.17 28.02
C GLY Z 131 9.19 12.82 28.40
N ILE Z 132 10.49 12.68 28.13
CA ILE Z 132 11.20 11.46 28.52
C ILE Z 132 11.20 11.25 30.02
N SER Z 133 11.04 12.32 30.81
CA SER Z 133 11.03 12.17 32.25
C SER Z 133 9.91 11.24 32.71
N THR Z 134 8.89 11.07 31.89
CA THR Z 134 7.81 10.15 32.25
C THR Z 134 8.32 8.72 32.39
N TYR Z 135 9.38 8.38 31.67
CA TYR Z 135 9.88 7.01 31.66
C TYR Z 135 11.08 6.80 32.56
N PHE Z 136 11.78 7.87 32.95
CA PHE Z 136 12.99 7.78 33.75
C PHE Z 136 12.82 8.31 35.16
N CYS Z 137 12.10 9.41 35.32
CA CYS Z 137 12.16 10.18 36.56
C CYS Z 137 11.05 9.87 37.55
N TYR Z 138 10.05 9.06 37.17
CA TYR Z 138 8.97 8.78 38.11
C TYR Z 138 9.44 7.90 39.25
N GLY Z 139 10.37 6.98 38.99
CA GLY Z 139 10.93 6.20 40.08
C GLY Z 139 11.67 7.08 41.07
N VAL Z 140 12.49 8.01 40.59
CA VAL Z 140 13.21 8.91 41.47
C VAL Z 140 12.24 9.78 42.26
N LEU Z 141 11.22 10.31 41.59
CA LEU Z 141 10.25 11.15 42.29
C LEU Z 141 9.51 10.36 43.37
N ASP Z 142 9.12 9.12 43.07
CA ASP Z 142 8.49 8.28 44.07
C ASP Z 142 9.43 8.04 45.25
N LYS Z 143 10.69 7.77 44.97
CA LYS Z 143 11.65 7.48 46.03
C LYS Z 143 11.87 8.69 46.93
N GLU Z 144 11.99 9.88 46.34
CA GLU Z 144 12.47 11.04 47.06
C GLU Z 144 11.37 11.99 47.52
N TYR Z 145 10.33 12.20 46.73
CA TYR Z 145 9.34 13.20 47.06
C TYR Z 145 8.54 12.80 48.29
N HIS Z 146 8.31 13.76 49.18
CA HIS Z 146 7.38 13.61 50.28
C HIS Z 146 6.73 14.95 50.55
N LYS Z 147 5.57 14.91 51.20
CA LYS Z 147 4.72 16.09 51.29
C LYS Z 147 5.45 17.29 51.88
N ASN Z 148 6.30 17.07 52.88
CA ASN Z 148 6.90 18.15 53.64
C ASN Z 148 8.31 18.51 53.16
N ILE Z 149 8.58 18.35 51.87
CA ILE Z 149 9.87 18.74 51.31
C ILE Z 149 10.02 20.26 51.44
N THR Z 150 11.26 20.72 51.61
CA THR Z 150 11.53 22.15 51.56
C THR Z 150 11.88 22.56 50.13
N LYS Z 151 11.93 23.87 49.93
CA LYS Z 151 12.21 24.39 48.59
C LYS Z 151 13.56 23.89 48.08
N GLU Z 152 14.58 23.89 48.93
CA GLU Z 152 15.88 23.39 48.54
C GLU Z 152 15.82 21.90 48.23
N ASP Z 153 15.07 21.14 49.02
CA ASP Z 153 14.90 19.72 48.72
C ASP Z 153 14.19 19.52 47.39
N GLY Z 154 13.22 20.38 47.08
CA GLY Z 154 12.57 20.27 45.78
C GLY Z 154 13.52 20.54 44.63
N ILE Z 155 14.36 21.57 44.77
CA ILE Z 155 15.35 21.85 43.74
C ILE Z 155 16.30 20.67 43.60
N LYS Z 156 16.68 20.06 44.71
CA LYS Z 156 17.60 18.92 44.68
C LYS Z 156 16.97 17.72 44.00
N ILE Z 157 15.68 17.48 44.24
CA ILE Z 157 14.99 16.37 43.59
C ILE Z 157 14.88 16.61 42.09
N ILE Z 158 14.58 17.85 41.69
CA ILE Z 158 14.55 18.18 40.27
C ILE Z 158 15.93 17.93 39.65
N GLN Z 159 16.98 18.32 40.36
CA GLN Z 159 18.33 18.08 39.88
C GLN Z 159 18.61 16.59 39.74
N LYS Z 160 18.14 15.79 40.69
CA LYS Z 160 18.36 14.34 40.61
C LYS Z 160 17.64 13.75 39.40
N CYS Z 161 16.41 14.17 39.14
CA CYS Z 161 15.68 13.67 37.98
C CYS Z 161 16.40 14.03 36.68
N PHE Z 162 16.79 15.30 36.54
CA PHE Z 162 17.49 15.69 35.32
C PHE Z 162 18.89 15.11 35.25
N ASP Z 163 19.48 14.71 36.38
CA ASP Z 163 20.73 13.98 36.35
C ASP Z 163 20.52 12.55 35.84
N VAL Z 164 19.41 11.93 36.22
CA VAL Z 164 19.06 10.64 35.63
C VAL Z 164 18.96 10.77 34.13
N LEU Z 165 18.30 11.82 33.65
CA LEU Z 165 18.20 12.04 32.21
C LEU Z 165 19.57 12.30 31.59
N LYS Z 166 20.43 13.06 32.28
CA LYS Z 166 21.77 13.33 31.79
C LYS Z 166 22.57 12.05 31.62
N GLN Z 167 22.49 11.14 32.59
CA GLN Z 167 23.33 9.95 32.60
C GLN Z 167 22.79 8.83 31.71
N ARG Z 168 21.47 8.66 31.64
CA ARG Z 168 20.90 7.49 30.98
C ARG Z 168 20.28 7.78 29.62
N CYS Z 169 19.58 8.89 29.46
CA CYS Z 169 18.97 9.18 28.16
C CYS Z 169 20.03 9.41 27.11
N SER Z 170 19.75 8.94 25.89
CA SER Z 170 20.69 9.09 24.80
C SER Z 170 20.76 10.52 24.27
N VAL Z 171 19.67 11.27 24.35
CA VAL Z 171 19.64 12.63 23.87
C VAL Z 171 20.37 13.54 24.85
N ASP Z 172 21.07 14.54 24.31
CA ASP Z 172 21.90 15.40 25.15
C ASP Z 172 21.08 16.52 25.77
N ILE Z 173 21.21 16.66 27.09
CA ILE Z 173 20.67 17.81 27.83
C ILE Z 173 21.78 18.37 28.69
N SER Z 174 21.91 19.68 28.70
CA SER Z 174 22.96 20.34 29.46
C SER Z 174 22.44 21.41 30.40
N ASN Z 175 21.41 22.14 30.01
CA ASN Z 175 20.89 23.25 30.80
C ASN Z 175 19.45 22.97 31.20
N ILE Z 176 19.10 23.36 32.43
CA ILE Z 176 17.73 23.29 32.93
C ILE Z 176 17.38 24.61 33.58
N GLU Z 177 16.17 25.07 33.34
CA GLU Z 177 15.64 26.28 33.96
C GLU Z 177 14.59 25.90 34.98
N ILE Z 178 14.81 26.30 36.23
CA ILE Z 178 13.89 26.02 37.31
C ILE Z 178 13.29 27.34 37.78
N LYS Z 179 11.96 27.41 37.79
CA LYS Z 179 11.24 28.58 38.28
C LYS Z 179 10.36 28.17 39.44
N ILE Z 180 10.69 28.64 40.63
CA ILE Z 180 9.96 28.32 41.86
C ILE Z 180 8.94 29.41 42.08
N VAL Z 181 7.66 29.04 42.10
CA VAL Z 181 6.57 29.97 42.33
C VAL Z 181 6.09 29.78 43.76
N SER Z 182 6.06 30.87 44.52
CA SER Z 182 5.69 30.83 45.93
C SER Z 182 5.15 32.19 46.31
N LYS Z 183 4.68 32.30 47.56
CA LYS Z 183 4.13 33.57 48.03
C LYS Z 183 5.17 34.68 47.98
N GLU Z 184 6.46 34.35 47.93
CA GLU Z 184 7.49 35.35 47.77
C GLU Z 184 7.58 35.88 46.35
N GLY Z 185 6.92 35.24 45.39
CA GLY Z 185 7.04 35.55 43.99
C GLY Z 185 7.44 34.34 43.17
N VAL Z 186 8.21 34.60 42.11
CA VAL Z 186 8.76 33.56 41.26
C VAL Z 186 10.27 33.69 41.26
N GLU Z 187 10.96 32.60 41.60
CA GLU Z 187 12.41 32.55 41.67
C GLU Z 187 12.94 31.69 40.53
N THR Z 188 13.88 32.21 39.78
CA THR Z 188 14.44 31.53 38.62
C THR Z 188 15.83 31.00 38.94
N ILE Z 189 16.08 29.75 38.61
CA ILE Z 189 17.36 29.09 38.85
C ILE Z 189 17.80 28.44 37.55
N ASN Z 190 19.04 28.70 37.15
CA ASN Z 190 19.63 28.15 35.94
C ASN Z 190 20.78 27.25 36.33
N LYS Z 191 20.75 26.00 35.86
CA LYS Z 191 21.74 25.00 36.24
C LYS Z 191 22.24 24.28 34.99
N VAL Z 192 23.52 23.96 34.98
CA VAL Z 192 24.16 23.31 33.84
C VAL Z 192 24.29 21.80 34.06
N LEU Z 193 23.64 21.26 35.08
CA LEU Z 193 23.71 19.83 35.37
C LEU Z 193 25.17 19.41 35.56
N THR AA 32 22.53 24.55 -0.17
CA THR AA 32 22.83 25.91 0.37
C THR AA 32 23.47 25.82 1.74
N THR AA 33 24.34 26.77 2.04
CA THR AA 33 24.83 26.98 3.40
C THR AA 33 24.79 28.46 3.70
N THR AA 34 24.06 28.83 4.75
CA THR AA 34 23.96 30.21 5.18
C THR AA 34 24.47 30.32 6.60
N LEU AA 35 24.90 31.52 6.96
CA LEU AA 35 25.55 31.73 8.26
C LEU AA 35 25.25 33.14 8.73
N ALA AA 36 24.85 33.26 10.00
CA ALA AA 36 24.64 34.55 10.63
C ALA AA 36 24.92 34.40 12.12
N PHE AA 37 25.64 35.38 12.68
CA PHE AA 37 25.95 35.35 14.10
C PHE AA 37 26.23 36.76 14.59
N ILE AA 38 26.21 36.92 15.91
CA ILE AA 38 26.37 38.21 16.57
C ILE AA 38 27.68 38.19 17.35
N PHE AA 39 28.43 39.29 17.25
CA PHE AA 39 29.64 39.47 18.04
C PHE AA 39 29.65 40.90 18.56
N GLN AA 40 30.62 41.19 19.45
CA GLN AA 40 30.62 42.48 20.15
C GLN AA 40 30.54 43.65 19.18
N GLY AA 41 31.32 43.62 18.09
CA GLY AA 41 31.35 44.74 17.18
C GLY AA 41 30.11 44.89 16.32
N GLY AA 42 29.33 43.83 16.16
CA GLY AA 42 28.16 43.90 15.30
C GLY AA 42 27.61 42.53 14.94
N MET AA 43 27.37 42.30 13.65
CA MET AA 43 26.77 41.06 13.18
C MET AA 43 27.31 40.73 11.80
N VAL AA 44 27.50 39.44 11.54
CA VAL AA 44 28.07 38.95 10.30
C VAL AA 44 27.07 38.00 9.65
N ILE AA 45 26.91 38.11 8.33
CA ILE AA 45 26.05 37.23 7.56
C ILE AA 45 26.83 36.78 6.33
N ALA AA 46 26.69 35.50 5.98
CA ALA AA 46 27.41 34.95 4.83
C ALA AA 46 26.58 33.83 4.23
N VAL AA 47 26.54 33.79 2.89
CA VAL AA 47 25.80 32.77 2.15
C VAL AA 47 26.67 32.28 1.00
N ASP AA 48 26.16 31.28 0.27
CA ASP AA 48 26.96 30.56 -0.71
C ASP AA 48 26.59 30.88 -2.16
N SER AA 49 25.35 31.22 -2.45
CA SER AA 49 24.98 31.71 -3.77
C SER AA 49 24.97 30.62 -4.85
N ARG AA 50 24.81 29.36 -4.47
CA ARG AA 50 24.54 28.31 -5.44
C ARG AA 50 23.08 27.89 -5.37
N ALA AA 51 22.56 27.48 -6.53
CA ALA AA 51 21.21 26.94 -6.62
C ALA AA 51 21.22 25.75 -7.57
N SER AA 52 20.62 24.65 -7.13
CA SER AA 52 20.69 23.40 -7.86
C SER AA 52 19.31 22.79 -7.99
N ALA AA 53 19.14 21.99 -9.05
CA ALA AA 53 17.92 21.22 -9.30
C ALA AA 53 18.36 19.76 -9.47
N GLY AA 54 18.44 19.04 -8.36
CA GLY AA 54 18.96 17.69 -8.40
C GLY AA 54 20.46 17.71 -8.62
N SER AA 55 20.93 16.90 -9.57
CA SER AA 55 22.35 16.88 -9.87
C SER AA 55 22.79 18.10 -10.67
N TYR AA 56 21.88 18.66 -11.46
CA TYR AA 56 22.22 19.79 -12.31
C TYR AA 56 22.31 21.07 -11.49
N ILE AA 57 23.41 21.81 -11.67
CA ILE AA 57 23.57 23.12 -11.05
C ILE AA 57 22.91 24.15 -11.96
N ALA AA 58 21.71 24.58 -11.61
CA ALA AA 58 20.98 25.52 -12.45
C ALA AA 58 21.67 26.88 -12.51
N SER AA 59 22.14 27.37 -11.36
CA SER AA 59 22.75 28.69 -11.30
C SER AA 59 23.85 28.70 -10.25
N GLN AA 60 24.76 29.66 -10.39
CA GLN AA 60 25.85 29.83 -9.43
C GLN AA 60 25.94 31.24 -8.87
N ASN AA 61 25.07 32.16 -9.30
CA ASN AA 61 25.10 33.54 -8.83
C ASN AA 61 23.79 33.97 -8.21
N VAL AA 62 23.02 33.03 -7.65
CA VAL AA 62 21.77 33.36 -7.00
C VAL AA 62 22.06 34.18 -5.75
N HIS AA 63 21.31 35.26 -5.56
CA HIS AA 63 21.45 36.11 -4.39
C HIS AA 63 20.52 35.59 -3.31
N LYS AA 64 21.10 35.10 -2.22
CA LYS AA 64 20.35 34.48 -1.13
C LYS AA 64 20.12 35.43 0.03
N VAL AA 65 20.22 36.73 -0.19
CA VAL AA 65 19.99 37.73 0.84
C VAL AA 65 18.96 38.72 0.32
N ILE AA 66 17.87 38.89 1.07
CA ILE AA 66 16.85 39.90 0.77
C ILE AA 66 17.12 41.10 1.67
N ARG AA 67 17.49 42.23 1.06
CA ARG AA 67 17.61 43.47 1.79
C ARG AA 67 16.23 44.15 1.81
N VAL AA 68 15.64 44.26 2.99
CA VAL AA 68 14.34 44.88 3.13
C VAL AA 68 14.42 46.32 3.63
N ASN AA 69 15.47 46.66 4.37
CA ASN AA 69 15.79 48.04 4.67
C ASN AA 69 17.23 48.11 5.16
N LYS AA 70 17.69 49.31 5.48
CA LYS AA 70 19.09 49.49 5.83
C LYS AA 70 19.46 48.79 7.13
N HIS AA 71 18.48 48.40 7.94
CA HIS AA 71 18.73 47.76 9.23
C HIS AA 71 18.02 46.41 9.36
N LEU AA 72 17.69 45.77 8.24
CA LEU AA 72 16.96 44.50 8.30
C LEU AA 72 17.16 43.77 6.99
N ILE AA 73 17.75 42.56 7.05
CA ILE AA 73 17.93 41.72 5.88
C ILE AA 73 17.52 40.29 6.25
N GLY AA 74 17.18 39.52 5.22
CA GLY AA 74 16.78 38.14 5.41
C GLY AA 74 17.58 37.19 4.53
N THR AA 75 18.03 36.08 5.12
CA THR AA 75 18.90 35.13 4.42
C THR AA 75 18.06 33.91 4.03
N MET AA 76 17.57 33.91 2.79
CA MET AA 76 16.72 32.82 2.33
C MET AA 76 17.49 31.51 2.27
N ALA AA 77 16.80 30.42 2.58
CA ALA AA 77 17.32 29.08 2.36
C ALA AA 77 16.16 28.14 2.13
N GLY AA 78 16.35 27.14 1.27
CA GLY AA 78 15.29 26.23 0.91
C GLY AA 78 14.73 26.53 -0.47
N GLY AA 79 13.44 26.25 -0.68
CA GLY AA 79 12.83 26.50 -1.96
C GLY AA 79 12.93 27.96 -2.36
N ALA AA 80 13.78 28.24 -3.36
CA ALA AA 80 14.10 29.62 -3.70
C ALA AA 80 12.84 30.46 -3.90
N SER AA 81 11.89 29.95 -4.69
CA SER AA 81 10.67 30.70 -4.94
C SER AA 81 9.88 30.92 -3.67
N ASP AA 82 9.79 29.90 -2.82
CA ASP AA 82 9.03 30.03 -1.58
C ASP AA 82 9.64 31.07 -0.66
N CYS AA 83 10.94 30.95 -0.38
CA CYS AA 83 11.56 31.89 0.56
C CYS AA 83 11.61 33.30 -0.02
N TYR AA 84 11.92 33.43 -1.31
CA TYR AA 84 11.98 34.75 -1.91
C TYR AA 84 10.61 35.43 -1.89
N PHE AA 85 9.55 34.68 -2.19
CA PHE AA 85 8.22 35.26 -2.25
C PHE AA 85 7.80 35.81 -0.89
N TRP AA 86 7.89 34.98 0.16
CA TRP AA 86 7.45 35.42 1.48
C TRP AA 86 8.39 36.47 2.06
N GLU AA 87 9.68 36.42 1.72
CA GLU AA 87 10.59 37.45 2.19
C GLU AA 87 10.30 38.79 1.54
N LYS AA 88 9.97 38.78 0.24
CA LYS AA 88 9.54 40.01 -0.41
C LYS AA 88 8.15 40.43 0.04
N LYS AA 89 7.33 39.47 0.45
CA LYS AA 89 6.04 39.81 1.05
C LYS AA 89 6.23 40.38 2.45
N MET AA 90 7.24 39.89 3.17
CA MET AA 90 7.56 40.47 4.48
C MET AA 90 8.20 41.85 4.31
N GLY AA 91 9.01 42.02 3.26
CA GLY AA 91 9.62 43.31 3.02
C GLY AA 91 8.60 44.39 2.71
N LEU AA 92 7.44 43.99 2.17
CA LEU AA 92 6.37 44.95 1.92
C LEU AA 92 5.65 45.31 3.21
N TYR AA 93 5.49 44.34 4.11
CA TYR AA 93 4.88 44.62 5.40
C TYR AA 93 5.73 45.59 6.21
N ALA AA 94 7.06 45.44 6.15
CA ALA AA 94 7.94 46.39 6.81
C ALA AA 94 7.80 47.78 6.20
N LYS AA 95 7.70 47.86 4.87
CA LYS AA 95 7.55 49.14 4.21
C LYS AA 95 6.21 49.78 4.58
N LEU AA 96 5.14 49.01 4.59
CA LEU AA 96 3.84 49.55 4.98
C LEU AA 96 3.84 49.97 6.44
N TYR AA 97 4.48 49.18 7.31
CA TYR AA 97 4.58 49.55 8.71
C TYR AA 97 5.30 50.88 8.89
N GLU AA 98 6.38 51.09 8.12
CA GLU AA 98 7.13 52.33 8.23
C GLU AA 98 6.27 53.52 7.83
N LEU AA 99 5.48 53.38 6.77
CA LEU AA 99 4.59 54.47 6.35
C LEU AA 99 3.56 54.78 7.43
N LYS AA 100 2.98 53.74 8.03
CA LYS AA 100 1.93 53.94 9.03
C LYS AA 100 2.47 54.65 10.27
N ASN AA 101 3.59 54.17 10.80
CA ASN AA 101 4.11 54.64 12.07
C ASN AA 101 5.27 55.60 11.93
N ASN AA 102 5.73 55.87 10.71
CA ASN AA 102 6.91 56.71 10.51
C ASN AA 102 8.08 56.22 11.36
N LYS AA 103 8.21 54.90 11.46
CA LYS AA 103 9.17 54.28 12.36
C LYS AA 103 9.57 52.93 11.81
N ARG AA 104 10.85 52.60 11.97
CA ARG AA 104 11.37 51.33 11.48
C ARG AA 104 10.74 50.16 12.22
N ILE AA 105 10.41 49.12 11.47
CA ILE AA 105 9.83 47.92 12.09
C ILE AA 105 10.90 47.18 12.88
N SER AA 106 10.47 46.57 13.98
CA SER AA 106 11.38 45.75 14.77
C SER AA 106 11.62 44.41 14.08
N VAL AA 107 12.76 43.80 14.39
CA VAL AA 107 13.07 42.48 13.84
C VAL AA 107 12.07 41.46 14.34
N SER AA 108 11.66 41.57 15.61
CA SER AA 108 10.72 40.61 16.17
C SER AA 108 9.41 40.61 15.41
N ALA AA 109 8.91 41.80 15.04
CA ALA AA 109 7.66 41.88 14.30
C ALA AA 109 7.84 41.47 12.83
N ALA AA 110 9.01 41.76 12.24
CA ALA AA 110 9.26 41.37 10.87
C ALA AA 110 9.33 39.85 10.74
N SER AA 111 10.05 39.20 11.66
CA SER AA 111 10.15 37.75 11.63
C SER AA 111 8.83 37.09 12.01
N MET AA 112 8.10 37.67 12.95
CA MET AA 112 6.81 37.12 13.34
C MET AA 112 5.84 37.15 12.16
N TYR AA 113 5.86 38.23 11.37
CA TYR AA 113 5.05 38.27 10.16
C TYR AA 113 5.44 37.16 9.20
N LEU AA 114 6.74 36.97 8.99
CA LEU AA 114 7.20 35.87 8.12
C LEU AA 114 6.84 34.52 8.71
N SER AA 115 7.03 34.35 10.02
CA SER AA 115 6.72 33.08 10.65
C SER AA 115 5.25 32.74 10.52
N ASN AA 116 4.37 33.73 10.70
CA ASN AA 116 2.94 33.47 10.60
C ASN AA 116 2.55 33.06 9.17
N CYS AA 117 3.17 33.67 8.17
CA CYS AA 117 2.78 33.39 6.79
C CYS AA 117 3.06 31.95 6.41
N VAL AA 118 4.26 31.46 6.74
CA VAL AA 118 4.59 30.07 6.45
C VAL AA 118 3.81 29.13 7.36
N TYR AA 119 3.62 29.50 8.63
CA TYR AA 119 2.85 28.66 9.53
C TYR AA 119 1.44 28.42 9.01
N SER AA 120 0.86 29.40 8.32
CA SER AA 120 -0.47 29.22 7.74
C SER AA 120 -0.49 28.09 6.74
N TYR AA 121 0.67 27.70 6.21
CA TYR AA 121 0.79 26.60 5.27
C TYR AA 121 1.56 25.43 5.86
N LYS AA 122 1.52 25.28 7.19
CA LYS AA 122 2.20 24.17 7.83
C LYS AA 122 1.51 22.85 7.47
N GLY AA 123 2.31 21.82 7.24
CA GLY AA 123 1.80 20.53 6.83
C GLY AA 123 1.48 20.41 5.37
N GLN AA 124 1.62 21.48 4.59
CA GLN AA 124 1.39 21.45 3.15
C GLN AA 124 2.67 21.26 2.37
N GLY AA 125 3.74 20.83 3.03
CA GLY AA 125 4.99 20.55 2.34
C GLY AA 125 5.87 21.75 2.09
N LEU AA 126 5.46 22.94 2.54
CA LEU AA 126 6.28 24.12 2.34
C LEU AA 126 7.65 23.94 3.00
N SER AA 127 8.70 24.22 2.23
CA SER AA 127 10.07 24.08 2.72
C SER AA 127 10.71 25.46 2.67
N LEU AA 128 11.16 25.95 3.81
CA LEU AA 128 11.67 27.31 3.92
C LEU AA 128 12.41 27.47 5.23
N GLY AA 129 13.60 28.04 5.17
CA GLY AA 129 14.36 28.34 6.36
C GLY AA 129 15.15 29.61 6.16
N SER AA 130 15.06 30.56 7.09
CA SER AA 130 15.70 31.84 6.90
C SER AA 130 16.05 32.44 8.25
N MET AA 131 17.03 33.35 8.23
CA MET AA 131 17.36 34.18 9.38
C MET AA 131 16.98 35.61 9.04
N VAL AA 132 16.13 36.21 9.86
CA VAL AA 132 15.77 37.61 9.72
C VAL AA 132 16.68 38.39 10.65
N CYS AA 133 17.70 39.01 10.08
CA CYS AA 133 18.75 39.69 10.83
C CYS AA 133 18.47 41.19 10.83
N GLY AA 134 18.76 41.84 11.95
CA GLY AA 134 18.59 43.29 12.00
C GLY AA 134 18.88 43.82 13.38
N TYR AA 135 18.71 45.13 13.51
CA TYR AA 135 18.90 45.85 14.77
C TYR AA 135 17.59 46.46 15.22
N ASP AA 136 17.26 46.29 16.49
CA ASP AA 136 16.15 47.02 17.11
C ASP AA 136 16.76 48.18 17.90
N GLY AA 137 17.10 49.24 17.18
CA GLY AA 137 17.76 50.37 17.80
C GLY AA 137 19.24 50.10 18.02
N ASP AA 138 19.62 49.87 19.27
CA ASP AA 138 21.02 49.63 19.61
C ASP AA 138 21.34 48.14 19.74
N LYS AA 139 20.35 47.25 19.56
CA LYS AA 139 20.54 45.83 19.86
C LYS AA 139 20.47 44.99 18.60
N PRO AA 140 21.45 44.14 18.34
CA PRO AA 140 21.31 43.18 17.24
C PRO AA 140 20.53 41.95 17.67
N VAL AA 141 19.76 41.39 16.73
CA VAL AA 141 19.01 40.17 16.99
C VAL AA 141 18.85 39.42 15.68
N ILE AA 142 19.05 38.11 15.73
CA ILE AA 142 18.85 37.21 14.60
C ILE AA 142 17.74 36.24 14.97
N TYR AA 143 16.70 36.19 14.16
CA TYR AA 143 15.59 35.27 14.34
C TYR AA 143 15.64 34.20 13.27
N TYR AA 144 15.86 32.95 13.68
CA TYR AA 144 15.81 31.83 12.76
C TYR AA 144 14.37 31.40 12.57
N VAL AA 145 13.90 31.43 11.33
CA VAL AA 145 12.52 31.09 11.00
C VAL AA 145 12.54 29.96 9.97
N ASP AA 146 11.62 29.02 10.11
CA ASP AA 146 11.54 27.90 9.16
C ASP AA 146 10.08 27.60 8.88
N ASP AA 147 9.86 26.75 7.88
CA ASP AA 147 8.52 26.47 7.39
C ASP AA 147 7.63 25.83 8.44
N ALA AA 148 8.20 25.24 9.49
CA ALA AA 148 7.41 24.59 10.52
C ALA AA 148 6.76 25.58 11.48
N GLY AA 149 6.89 26.88 11.24
CA GLY AA 149 6.37 27.86 12.17
C GLY AA 149 7.31 28.19 13.31
N GLN AA 150 8.48 27.55 13.34
CA GLN AA 150 9.45 27.82 14.39
C GLN AA 150 10.03 29.22 14.23
N ARG AA 151 10.44 29.81 15.35
CA ARG AA 151 11.00 31.16 15.36
C ARG AA 151 11.86 31.29 16.59
N LEU AA 152 13.18 31.32 16.40
CA LEU AA 152 14.15 31.31 17.49
C LEU AA 152 15.07 32.51 17.36
N SER AA 153 15.26 33.22 18.46
CA SER AA 153 16.27 34.27 18.51
C SER AA 153 17.55 33.71 19.11
N GLY AA 154 18.69 34.05 18.51
CA GLY AA 154 19.95 33.50 18.97
C GLY AA 154 21.11 34.35 18.52
N ASP AA 155 22.30 33.97 18.97
CA ASP AA 155 23.52 34.69 18.65
C ASP AA 155 24.28 34.07 17.48
N LEU AA 156 23.91 32.87 17.04
CA LEU AA 156 24.62 32.21 15.95
C LEU AA 156 23.70 31.15 15.35
N PHE AA 157 23.43 31.27 14.06
CA PHE AA 157 22.65 30.28 13.34
C PHE AA 157 23.33 29.95 12.02
N SER AA 158 23.18 28.72 11.59
CA SER AA 158 23.58 28.28 10.27
C SER AA 158 22.50 27.40 9.70
N VAL AA 159 22.10 27.66 8.46
CA VAL AA 159 20.96 26.99 7.85
C VAL AA 159 21.36 26.54 6.46
N GLY AA 160 20.86 25.38 6.06
CA GLY AA 160 21.16 24.82 4.76
C GLY AA 160 21.86 23.47 4.86
N SER AA 161 22.09 22.87 3.70
CA SER AA 161 22.71 21.54 3.66
C SER AA 161 24.10 21.55 4.27
N GLY AA 162 24.87 22.61 4.01
CA GLY AA 162 26.19 22.74 4.55
C GLY AA 162 26.24 23.38 5.92
N SER AA 163 25.10 23.54 6.58
CA SER AA 163 25.09 24.18 7.88
C SER AA 163 25.91 23.39 8.90
N THR AA 164 25.81 22.07 8.86
CA THR AA 164 26.54 21.24 9.82
C THR AA 164 28.04 21.48 9.72
N ILE AA 165 28.57 21.57 8.51
CA ILE AA 165 29.99 21.88 8.34
C ILE AA 165 30.29 23.27 8.87
N ALA AA 166 29.42 24.23 8.60
CA ALA AA 166 29.63 25.59 9.10
C ALA AA 166 29.60 25.62 10.62
N TYR AA 167 28.67 24.87 11.22
CA TYR AA 167 28.61 24.80 12.68
C TYR AA 167 29.93 24.28 13.27
N GLY AA 168 30.57 23.33 12.61
CA GLY AA 168 31.82 22.81 13.13
C GLY AA 168 32.93 23.84 13.10
N VAL AA 169 33.04 24.57 11.99
CA VAL AA 169 34.09 25.58 11.88
C VAL AA 169 33.83 26.72 12.85
N LEU AA 170 32.56 27.08 13.03
CA LEU AA 170 32.22 28.17 13.95
C LEU AA 170 32.44 27.75 15.40
N ASN AA 171 32.01 26.54 15.75
CA ASN AA 171 32.12 26.10 17.14
C ASN AA 171 33.56 26.17 17.63
N GLU AA 172 34.52 25.92 16.75
CA GLU AA 172 35.92 25.90 17.15
C GLU AA 172 36.47 27.29 17.40
N SER AA 173 36.00 28.31 16.66
CA SER AA 173 36.67 29.60 16.66
C SER AA 173 35.74 30.78 16.89
N TYR AA 174 34.44 30.54 16.97
CA TYR AA 174 33.51 31.62 17.19
C TYR AA 174 33.60 32.12 18.63
N ARG AA 175 33.71 33.44 18.79
CA ARG AA 175 33.71 34.06 20.10
C ARG AA 175 32.93 35.38 20.01
N PHE AA 176 32.25 35.72 21.10
CA PHE AA 176 31.55 36.99 21.13
C PHE AA 176 32.52 38.16 21.13
N ASP AA 177 33.74 37.95 21.60
CA ASP AA 177 34.74 39.00 21.67
C ASP AA 177 35.57 39.13 20.40
N LEU AA 178 35.07 38.62 19.27
CA LEU AA 178 35.79 38.76 18.01
C LEU AA 178 35.89 40.22 17.60
N THR AA 179 37.03 40.59 17.02
CA THR AA 179 37.12 41.87 16.35
C THR AA 179 36.39 41.78 15.01
N LYS AA 180 36.09 42.95 14.44
CA LYS AA 180 35.30 42.97 13.22
C LYS AA 180 36.00 42.20 12.11
N GLU AA 181 37.31 42.41 11.94
CA GLU AA 181 38.05 41.70 10.91
C GLU AA 181 38.09 40.20 11.18
N GLU AA 182 38.30 39.78 12.43
CA GLU AA 182 38.27 38.35 12.74
C GLU AA 182 36.90 37.75 12.47
N ALA AA 183 35.84 38.44 12.88
CA ALA AA 183 34.49 37.89 12.69
C ALA AA 183 34.17 37.71 11.22
N LEU AA 184 34.52 38.69 10.40
CA LEU AA 184 34.24 38.60 8.97
C LEU AA 184 34.99 37.43 8.34
N ASN AA 185 36.28 37.27 8.68
CA ASN AA 185 37.04 36.17 8.13
C ASN AA 185 36.51 34.83 8.62
N LEU AA 186 36.07 34.77 9.88
CA LEU AA 186 35.47 33.54 10.39
C LEU AA 186 34.22 33.19 9.60
N GLY AA 187 33.35 34.17 9.36
CA GLY AA 187 32.17 33.92 8.55
C GLY AA 187 32.52 33.62 7.11
N LYS AA 188 33.49 34.36 6.56
CA LYS AA 188 33.94 34.10 5.19
C LYS AA 188 34.56 32.70 5.08
N LYS AA 189 35.37 32.32 6.06
CA LYS AA 189 36.03 31.02 6.01
C LYS AA 189 35.07 29.89 6.33
N ALA AA 190 34.14 30.10 7.26
CA ALA AA 190 33.20 29.04 7.63
C ALA AA 190 32.32 28.64 6.46
N ILE AA 191 31.86 29.60 5.67
CA ILE AA 191 31.07 29.28 4.48
C ILE AA 191 31.96 28.62 3.44
N TRP AA 192 33.21 29.05 3.32
CA TRP AA 192 34.10 28.46 2.32
C TRP AA 192 34.32 26.99 2.60
N HIS AA 193 34.52 26.62 3.87
CA HIS AA 193 34.69 25.21 4.21
C HIS AA 193 33.44 24.41 3.89
N ALA AA 194 32.27 24.95 4.22
CA ALA AA 194 31.02 24.24 3.93
C ALA AA 194 30.86 23.99 2.45
N THR AA 195 31.13 25.02 1.63
CA THR AA 195 31.12 24.85 0.18
C THR AA 195 32.17 23.85 -0.28
N HIS AA 196 33.33 23.83 0.38
CA HIS AA 196 34.39 22.91 -0.01
C HIS AA 196 33.97 21.46 0.15
N ARG AA 197 33.00 21.18 1.04
CA ARG AA 197 32.65 19.82 1.40
C ARG AA 197 31.21 19.44 1.11
N ASP AA 198 30.36 20.38 0.73
CA ASP AA 198 28.95 20.10 0.45
C ASP AA 198 28.67 20.25 -1.04
N ALA AA 199 27.82 19.35 -1.56
CA ALA AA 199 27.51 19.37 -2.98
C ALA AA 199 26.55 20.51 -3.33
N TYR AA 200 25.58 20.78 -2.47
CA TYR AA 200 24.52 21.73 -2.76
C TYR AA 200 24.89 23.16 -2.45
N SER AA 201 26.18 23.48 -2.41
CA SER AA 201 26.62 24.86 -2.23
C SER AA 201 27.97 25.04 -2.92
N GLY AA 202 28.44 26.29 -2.96
CA GLY AA 202 29.72 26.56 -3.57
C GLY AA 202 29.74 27.54 -4.71
N GLY AA 203 28.83 28.51 -4.69
CA GLY AA 203 28.94 29.63 -5.61
C GLY AA 203 29.93 30.64 -5.07
N ASN AA 204 29.56 31.92 -5.06
CA ASN AA 204 30.37 32.93 -4.42
C ASN AA 204 30.00 33.04 -2.94
N VAL AA 205 30.94 33.50 -2.13
CA VAL AA 205 30.69 33.73 -0.72
C VAL AA 205 30.23 35.17 -0.55
N ASN AA 206 28.93 35.40 -0.63
CA ASN AA 206 28.36 36.70 -0.35
C ASN AA 206 28.52 36.99 1.14
N LEU AA 207 29.10 38.14 1.47
CA LEU AA 207 29.42 38.48 2.85
C LEU AA 207 28.80 39.83 3.19
N TYR AA 208 28.20 39.90 4.38
CA TYR AA 208 27.56 41.12 4.85
C TYR AA 208 27.99 41.39 6.29
N PHE AA 209 28.04 42.66 6.64
CA PHE AA 209 28.28 43.10 8.00
C PHE AA 209 27.23 44.13 8.39
N MET AA 210 26.44 43.82 9.40
CA MET AA 210 25.36 44.69 9.85
C MET AA 210 25.75 45.29 11.19
N ASP AA 211 25.77 46.61 11.26
CA ASP AA 211 26.07 47.36 12.46
C ASP AA 211 24.87 48.19 12.88
N LYS AA 212 25.05 48.93 13.97
CA LYS AA 212 24.00 49.82 14.45
C LYS AA 212 23.56 50.78 13.36
N ASN AA 213 24.48 51.14 12.46
CA ASN AA 213 24.22 52.12 11.41
C ASN AA 213 23.75 51.49 10.11
N GLY AA 214 23.58 50.17 10.06
CA GLY AA 214 23.08 49.50 8.88
C GLY AA 214 24.06 48.47 8.33
N TRP AA 215 23.59 47.75 7.33
CA TRP AA 215 24.37 46.68 6.72
C TRP AA 215 25.18 47.21 5.56
N GLU AA 216 26.25 46.47 5.22
CA GLU AA 216 27.12 46.83 4.10
C GLU AA 216 27.59 45.55 3.41
N HIS AA 217 27.43 45.51 2.10
CA HIS AA 217 27.75 44.32 1.30
C HIS AA 217 29.26 44.29 1.12
N LEU AA 218 29.93 43.39 1.83
CA LEU AA 218 31.38 43.39 1.94
C LEU AA 218 32.09 42.60 0.85
N GLY AA 219 31.36 41.86 0.02
CA GLY AA 219 32.03 41.16 -1.06
C GLY AA 219 31.16 40.06 -1.63
N THR AA 220 31.62 39.54 -2.77
CA THR AA 220 30.99 38.43 -3.48
C THR AA 220 32.12 37.46 -3.84
N PHE AA 221 32.93 37.13 -2.84
CA PHE AA 221 34.16 36.37 -3.06
C PHE AA 221 33.87 35.07 -3.79
N ASP AA 222 34.67 34.76 -4.80
CA ASP AA 222 34.57 33.48 -5.48
C ASP AA 222 35.38 32.44 -4.73
N VAL AA 223 34.74 31.32 -4.39
CA VAL AA 223 35.39 30.30 -3.56
C VAL AA 223 36.66 29.77 -4.19
N ASP AA 224 36.78 29.86 -5.52
CA ASP AA 224 37.98 29.36 -6.19
C ASP AA 224 39.18 30.26 -5.95
N LYS AA 225 38.96 31.52 -5.60
CA LYS AA 225 40.03 32.50 -5.53
C LYS AA 225 40.45 32.83 -4.09
N PHE AA 226 40.16 31.97 -3.14
CA PHE AA 226 40.56 32.20 -1.75
C PHE AA 226 42.07 32.11 -1.61
N LYS BA 90 -3.74 10.23 -9.21
CA LYS BA 90 -3.55 9.35 -10.38
C LYS BA 90 -3.53 10.17 -11.68
N PHE BA 91 -4.37 11.21 -11.72
CA PHE BA 91 -4.42 12.07 -12.90
C PHE BA 91 -3.16 12.90 -12.99
N ASN BA 92 -2.54 12.89 -14.18
CA ASN BA 92 -1.31 13.62 -14.41
C ASN BA 92 -1.65 14.89 -15.18
N PRO BA 93 -1.61 16.08 -14.56
CA PRO BA 93 -2.06 17.29 -15.25
C PRO BA 93 -1.09 17.83 -16.28
N TYR BA 94 0.05 17.18 -16.51
CA TYR BA 94 1.13 17.76 -17.30
C TYR BA 94 1.54 16.83 -18.43
N GLU BA 95 2.10 17.45 -19.47
CA GLU BA 95 2.70 16.74 -20.58
C GLU BA 95 4.03 17.42 -20.89
N ASP BA 96 5.09 16.62 -21.01
CA ASP BA 96 6.42 17.18 -21.23
C ASP BA 96 6.66 17.33 -22.73
N ASN BA 97 6.28 18.49 -23.25
CA ASN BA 97 6.57 18.85 -24.64
C ASN BA 97 7.92 19.54 -24.80
N SER BA 98 8.68 19.66 -23.71
CA SER BA 98 9.89 20.46 -23.74
C SER BA 98 10.86 19.96 -24.80
N GLY BA 99 11.40 20.90 -25.56
CA GLY BA 99 12.53 20.64 -26.41
C GLY BA 99 13.76 21.27 -25.78
N SER BA 100 14.15 22.44 -26.27
CA SER BA 100 15.21 23.21 -25.65
C SER BA 100 15.12 24.65 -26.12
N THR BA 101 15.34 25.57 -25.19
CA THR BA 101 15.40 26.98 -25.49
C THR BA 101 16.65 27.57 -24.85
N VAL BA 102 17.28 28.49 -25.56
CA VAL BA 102 18.51 29.12 -25.10
C VAL BA 102 18.36 30.63 -25.25
N SER BA 103 18.68 31.36 -24.18
CA SER BA 103 18.66 32.81 -24.18
C SER BA 103 20.03 33.30 -23.76
N ILE BA 104 20.63 34.17 -24.57
CA ILE BA 104 21.95 34.73 -24.29
C ILE BA 104 21.88 36.24 -24.51
N ARG BA 105 22.35 36.99 -23.52
CA ARG BA 105 22.44 38.44 -23.62
C ARG BA 105 23.88 38.85 -23.84
N LEU BA 106 24.12 39.62 -24.89
CA LEU BA 106 25.43 40.17 -25.17
C LEU BA 106 25.49 41.59 -24.61
N ASN BA 107 26.55 42.32 -24.93
CA ASN BA 107 26.65 43.70 -24.47
C ASN BA 107 25.54 44.56 -25.06
N ASN BA 108 25.21 44.36 -26.34
CA ASN BA 108 24.24 45.20 -27.03
C ASN BA 108 23.23 44.38 -27.82
N SER BA 109 23.01 43.12 -27.47
CA SER BA 109 22.03 42.30 -28.17
C SER BA 109 21.64 41.12 -27.30
N ILE BA 110 20.48 40.55 -27.62
CA ILE BA 110 19.98 39.34 -26.98
C ILE BA 110 19.64 38.34 -28.08
N ILE BA 111 20.15 37.12 -27.94
CA ILE BA 111 19.92 36.05 -28.90
C ILE BA 111 19.05 35.00 -28.24
N ILE BA 112 17.86 34.79 -28.79
CA ILE BA 112 16.91 33.81 -28.29
C ILE BA 112 16.71 32.75 -29.36
N ALA BA 113 16.89 31.49 -28.99
CA ALA BA 113 16.72 30.39 -29.92
C ALA BA 113 15.94 29.27 -29.24
N ALA BA 114 15.05 28.64 -30.00
CA ALA BA 114 14.25 27.55 -29.49
C ALA BA 114 13.92 26.58 -30.61
N ASP BA 115 13.87 25.31 -30.26
CA ASP BA 115 13.46 24.28 -31.22
C ASP BA 115 11.96 24.33 -31.44
N THR BA 116 11.54 24.04 -32.67
CA THR BA 116 10.15 24.21 -33.08
C THR BA 116 9.31 22.95 -32.93
N ARG BA 117 9.88 21.88 -32.36
CA ARG BA 117 9.14 20.62 -32.28
C ARG BA 117 8.20 20.62 -31.09
N HIS BA 118 6.99 20.11 -31.32
CA HIS BA 118 6.00 19.88 -30.27
C HIS BA 118 5.94 18.37 -30.05
N CYS BA 119 6.53 17.90 -28.96
CA CYS BA 119 6.68 16.48 -28.72
C CYS BA 119 5.55 15.94 -27.87
N SER BA 120 4.94 14.86 -28.34
CA SER BA 120 4.06 14.06 -27.51
C SER BA 120 4.89 13.08 -26.70
N GLU BA 121 4.22 12.21 -25.95
CA GLU BA 121 4.90 11.02 -25.47
C GLU BA 121 5.19 10.12 -26.66
N MET BA 122 6.39 9.55 -26.69
CA MET BA 122 6.77 8.53 -27.66
C MET BA 122 6.49 8.97 -29.11
N GLY BA 123 6.26 10.26 -29.34
CA GLY BA 123 5.90 10.72 -30.66
C GLY BA 123 6.04 12.21 -30.85
N ILE BA 124 5.75 12.71 -32.05
CA ILE BA 124 5.87 14.12 -32.39
C ILE BA 124 4.50 14.62 -32.84
N TYR BA 125 3.90 15.49 -32.03
CA TYR BA 125 2.65 16.12 -32.44
C TYR BA 125 2.85 16.99 -33.67
N SER BA 126 3.82 17.89 -33.62
CA SER BA 126 4.07 18.83 -34.70
C SER BA 126 5.55 19.18 -34.72
N ARG BA 127 6.01 19.67 -35.87
CA ARG BA 127 7.39 20.10 -36.03
C ARG BA 127 7.52 21.60 -36.26
N ASN BA 128 6.42 22.36 -36.16
CA ASN BA 128 6.46 23.78 -36.46
C ASN BA 128 5.69 24.61 -35.44
N THR BA 129 5.71 24.20 -34.18
CA THR BA 129 5.11 25.00 -33.12
C THR BA 129 6.11 26.00 -32.58
N SER BA 130 5.68 27.25 -32.41
CA SER BA 130 6.57 28.30 -31.92
C SER BA 130 6.58 28.30 -30.40
N LYS BA 131 7.77 28.16 -29.81
CA LYS BA 131 7.93 28.23 -28.37
C LYS BA 131 8.18 29.64 -27.88
N ILE BA 132 8.39 30.60 -28.78
CA ILE BA 132 8.74 31.97 -28.43
C ILE BA 132 7.54 32.87 -28.70
N PHE BA 133 7.13 33.61 -27.68
CA PHE BA 133 6.08 34.61 -27.79
C PHE BA 133 6.67 35.98 -27.50
N ARG BA 134 6.12 37.00 -28.13
CA ARG BA 134 6.61 38.36 -27.97
C ARG BA 134 5.55 39.23 -27.33
N ILE BA 135 5.97 40.06 -26.39
CA ILE BA 135 5.10 41.03 -25.73
C ILE BA 135 5.70 42.41 -25.93
N GLY BA 136 5.27 43.11 -26.98
CA GLY BA 136 5.90 44.37 -27.30
C GLY BA 136 7.34 44.15 -27.70
N ASP BA 137 8.24 44.90 -27.07
CA ASP BA 137 9.67 44.78 -27.36
C ASP BA 137 10.34 43.65 -26.59
N PHE BA 138 9.59 42.76 -25.95
CA PHE BA 138 10.14 41.66 -25.18
C PHE BA 138 9.74 40.33 -25.80
N LEU BA 139 10.62 39.34 -25.70
CA LEU BA 139 10.34 37.99 -26.16
C LEU BA 139 10.17 37.08 -24.95
N LEU BA 140 9.08 36.34 -24.94
CA LEU BA 140 8.83 35.34 -23.90
C LEU BA 140 9.13 33.96 -24.46
N THR BA 141 9.89 33.18 -23.71
CA THR BA 141 10.30 31.84 -24.12
C THR BA 141 9.67 30.84 -23.18
N ILE BA 142 9.16 29.74 -23.74
CA ILE BA 142 8.39 28.76 -22.98
C ILE BA 142 8.97 27.38 -23.21
N THR BA 143 8.82 26.53 -22.20
CA THR BA 143 9.13 25.11 -22.31
C THR BA 143 8.13 24.35 -21.45
N GLY BA 144 8.43 23.07 -21.21
CA GLY BA 144 7.57 22.24 -20.40
C GLY BA 144 6.23 21.98 -21.05
N PHE BA 145 5.16 22.03 -20.27
CA PHE BA 145 3.83 21.77 -20.78
C PHE BA 145 3.38 22.97 -21.62
N TYR BA 146 3.07 22.71 -22.89
CA TYR BA 146 2.78 23.81 -23.80
C TYR BA 146 1.51 24.56 -23.42
N ALA BA 147 0.48 23.84 -22.96
CA ALA BA 147 -0.74 24.51 -22.56
C ALA BA 147 -0.52 25.42 -21.36
N ASP BA 148 0.28 24.98 -20.39
CA ASP BA 148 0.57 25.82 -19.23
C ASP BA 148 1.31 27.08 -19.64
N GLY BA 149 2.31 26.93 -20.51
CA GLY BA 149 3.04 28.09 -20.99
C GLY BA 149 2.17 29.04 -21.79
N TYR BA 150 1.29 28.50 -22.62
CA TYR BA 150 0.38 29.35 -23.39
C TYR BA 150 -0.57 30.11 -22.47
N GLU BA 151 -1.09 29.43 -21.45
CA GLU BA 151 -1.96 30.11 -20.48
C GLU BA 151 -1.19 31.20 -19.73
N LEU BA 152 0.06 30.90 -19.34
CA LEU BA 152 0.86 31.89 -18.64
C LEU BA 152 1.13 33.09 -19.54
N TYR BA 153 1.40 32.84 -20.82
CA TYR BA 153 1.61 33.94 -21.76
C TYR BA 153 0.35 34.77 -21.93
N ASN BA 154 -0.81 34.11 -22.00
CA ASN BA 154 -2.05 34.85 -22.11
C ASN BA 154 -2.30 35.71 -20.87
N ARG BA 155 -2.05 35.15 -19.69
CA ARG BA 155 -2.22 35.93 -18.46
C ARG BA 155 -1.25 37.11 -18.41
N LEU BA 156 0.00 36.87 -18.83
CA LEU BA 156 0.97 37.96 -18.88
C LEU BA 156 0.53 39.05 -19.84
N LYS BA 157 0.04 38.65 -21.02
CA LYS BA 157 -0.40 39.63 -22.00
C LYS BA 157 -1.59 40.42 -21.49
N TYR BA 158 -2.54 39.74 -20.83
CA TYR BA 158 -3.70 40.42 -20.28
C TYR BA 158 -3.29 41.43 -19.21
N GLN BA 159 -2.40 41.01 -18.29
CA GLN BA 159 -1.97 41.91 -17.23
C GLN BA 159 -1.17 43.08 -17.78
N VAL BA 160 -0.31 42.83 -18.77
CA VAL BA 160 0.49 43.90 -19.36
C VAL BA 160 -0.41 44.86 -20.12
N GLN BA 161 -1.43 44.35 -20.80
CA GLN BA 161 -2.40 45.21 -21.46
C GLN BA 161 -3.14 46.09 -20.47
N ILE BA 162 -3.55 45.54 -19.32
CA ILE BA 162 -4.17 46.37 -18.30
C ILE BA 162 -3.21 47.42 -17.79
N TYR BA 163 -1.95 47.02 -17.56
CA TYR BA 163 -0.96 47.94 -17.00
C TYR BA 163 -0.63 49.07 -17.97
N GLU BA 164 -0.68 48.79 -19.26
CA GLU BA 164 -0.25 49.75 -20.27
C GLU BA 164 -1.26 50.87 -20.48
N SER BA 165 -2.28 50.98 -19.62
CA SER BA 165 -3.21 52.08 -19.71
C SER BA 165 -2.53 53.42 -19.46
N PHE BA 166 -1.35 53.42 -18.83
CA PHE BA 166 -0.64 54.66 -18.54
C PHE BA 166 0.70 54.72 -19.25
N ASN BA 167 1.50 53.67 -19.09
CA ASN BA 167 2.87 53.68 -19.60
C ASN BA 167 3.29 52.27 -19.95
N LYS BA 168 4.32 52.18 -20.80
CA LYS BA 168 4.87 50.89 -21.17
C LYS BA 168 5.55 50.24 -19.97
N ILE BA 169 5.37 48.92 -19.85
CA ILE BA 169 5.94 48.18 -18.73
C ILE BA 169 7.42 47.92 -19.00
N SER BA 170 8.23 48.02 -17.95
CA SER BA 170 9.64 47.70 -18.07
C SER BA 170 9.85 46.19 -18.03
N ILE BA 171 11.03 45.75 -18.49
CA ILE BA 171 11.35 44.33 -18.46
C ILE BA 171 11.42 43.84 -17.02
N HIS BA 172 11.90 44.68 -16.10
CA HIS BA 172 11.98 44.27 -14.70
C HIS BA 172 10.59 44.12 -14.09
N SER BA 173 9.70 45.08 -14.35
CA SER BA 173 8.34 44.98 -13.85
C SER BA 173 7.63 43.78 -14.46
N LEU BA 174 7.85 43.52 -15.75
CA LEU BA 174 7.23 42.36 -16.38
C LEU BA 174 7.75 41.07 -15.76
N ALA BA 175 9.05 40.99 -15.48
CA ALA BA 175 9.60 39.79 -14.84
C ALA BA 175 9.01 39.59 -13.46
N ASN BA 176 8.88 40.67 -12.68
CA ASN BA 176 8.29 40.55 -11.35
C ASN BA 176 6.83 40.12 -11.44
N LEU BA 177 6.08 40.67 -12.40
CA LEU BA 177 4.70 40.28 -12.58
C LEU BA 177 4.59 38.81 -12.97
N ALA BA 178 5.49 38.35 -13.84
CA ALA BA 178 5.50 36.94 -14.23
C ALA BA 178 5.79 36.06 -13.02
N SER BA 179 6.72 36.47 -12.17
CA SER BA 179 7.02 35.71 -10.96
C SER BA 179 5.80 35.62 -10.06
N LYS BA 180 5.10 36.74 -9.86
CA LYS BA 180 3.90 36.71 -9.02
C LYS BA 180 2.82 35.82 -9.63
N ILE BA 181 2.61 35.92 -10.94
CA ILE BA 181 1.60 35.09 -11.60
C ILE BA 181 1.94 33.62 -11.43
N MET BA 182 3.21 33.26 -11.65
CA MET BA 182 3.62 31.87 -11.51
C MET BA 182 3.40 31.39 -10.08
N TYR BA 183 3.79 32.20 -9.10
CA TYR BA 183 3.68 31.75 -7.71
C TYR BA 183 2.23 31.63 -7.28
N SER BA 184 1.33 32.41 -7.89
CA SER BA 184 -0.08 32.25 -7.56
C SER BA 184 -0.57 30.83 -7.80
N LYS BA 185 0.08 30.09 -8.68
CA LYS BA 185 -0.21 28.69 -8.93
C LYS BA 185 0.73 27.74 -8.18
N ARG BA 186 1.18 28.13 -6.99
CA ARG BA 186 2.20 27.35 -6.30
C ARG BA 186 1.72 25.93 -6.01
N LEU BA 187 0.46 25.76 -5.63
CA LEU BA 187 -0.07 24.44 -5.34
C LEU BA 187 -0.46 23.65 -6.59
N PHE BA 188 -0.54 24.30 -7.75
CA PHE BA 188 -0.82 23.62 -9.01
C PHE BA 188 0.04 24.28 -10.09
N PRO BA 189 1.35 24.09 -10.02
CA PRO BA 189 2.26 24.95 -10.79
C PRO BA 189 2.10 24.82 -12.30
N TYR BA 190 2.44 25.91 -12.98
CA TYR BA 190 2.67 25.85 -14.42
C TYR BA 190 3.92 25.04 -14.69
N TYR BA 191 3.81 23.98 -15.48
CA TYR BA 191 4.99 23.24 -15.92
C TYR BA 191 5.53 23.95 -17.15
N SER BA 192 6.19 25.08 -16.92
CA SER BA 192 6.82 25.83 -17.99
C SER BA 192 7.96 26.64 -17.41
N TYR BA 193 9.17 26.40 -17.92
CA TYR BA 193 10.31 27.24 -17.59
C TYR BA 193 10.32 28.43 -18.53
N VAL BA 194 10.01 29.60 -17.98
CA VAL BA 194 9.83 30.81 -18.76
C VAL BA 194 11.11 31.63 -18.70
N THR BA 195 11.56 32.08 -19.86
CA THR BA 195 12.68 33.00 -19.96
C THR BA 195 12.20 34.28 -20.62
N LEU BA 196 12.24 35.38 -19.87
CA LEU BA 196 11.79 36.68 -20.35
C LEU BA 196 13.01 37.54 -20.64
N SER BA 197 13.08 38.08 -21.85
CA SER BA 197 14.24 38.84 -22.27
C SER BA 197 13.81 40.07 -23.04
N GLY BA 198 14.59 41.12 -22.93
CA GLY BA 198 14.28 42.38 -23.58
C GLY BA 198 15.22 43.46 -23.10
N PHE BA 199 15.05 44.64 -23.70
CA PHE BA 199 15.92 45.79 -23.44
C PHE BA 199 15.22 46.77 -22.52
N GLU BA 200 15.92 47.21 -21.48
CA GLU BA 200 15.47 48.31 -20.63
C GLU BA 200 16.23 49.55 -21.11
N GLY BA 201 15.72 50.17 -22.16
CA GLY BA 201 16.41 51.28 -22.77
C GLY BA 201 17.62 50.85 -23.55
N ASP BA 202 18.82 51.12 -23.01
CA ASP BA 202 20.06 50.77 -23.67
C ASP BA 202 20.59 49.39 -23.28
N ASN BA 203 20.13 48.84 -22.16
CA ASN BA 203 20.77 47.66 -21.57
C ASN BA 203 19.94 46.41 -21.81
N PRO BA 204 20.51 45.34 -22.36
CA PRO BA 204 19.75 44.09 -22.48
C PRO BA 204 19.60 43.39 -21.15
N TYR BA 205 18.48 42.69 -20.99
CA TYR BA 205 18.20 41.90 -19.80
C TYR BA 205 17.52 40.60 -20.18
N VAL BA 206 17.97 39.51 -19.56
CA VAL BA 206 17.37 38.19 -19.73
C VAL BA 206 17.05 37.66 -18.34
N TYR BA 207 15.79 37.26 -18.13
CA TYR BA 207 15.33 36.73 -16.86
C TYR BA 207 14.94 35.28 -17.04
N SER BA 208 15.39 34.42 -16.13
CA SER BA 208 15.06 33.01 -16.15
C SER BA 208 14.22 32.65 -14.93
N PHE BA 209 13.13 31.92 -15.18
CA PHE BA 209 12.17 31.57 -14.15
C PHE BA 209 12.14 30.06 -13.96
N ASP BA 210 11.82 29.64 -12.74
CA ASP BA 210 11.48 28.25 -12.50
C ASP BA 210 9.97 28.07 -12.55
N CYS BA 211 9.52 26.83 -12.31
CA CYS BA 211 8.09 26.56 -12.36
C CYS BA 211 7.33 27.23 -11.21
N LEU BA 212 8.01 27.53 -10.11
CA LEU BA 212 7.38 28.17 -8.96
C LEU BA 212 7.59 29.67 -8.94
N GLY BA 213 8.22 30.25 -9.97
CA GLY BA 213 8.21 31.68 -10.17
C GLY BA 213 9.48 32.43 -9.84
N HIS BA 214 10.42 31.82 -9.11
CA HIS BA 214 11.65 32.53 -8.79
C HIS BA 214 12.39 32.90 -10.07
N PHE BA 215 12.83 34.14 -10.16
CA PHE BA 215 13.45 34.67 -11.37
C PHE BA 215 14.81 35.28 -11.05
N GLU BA 216 15.77 35.02 -11.93
CA GLU BA 216 17.13 35.51 -11.82
C GLU BA 216 17.50 36.26 -13.09
N GLU BA 217 18.35 37.28 -12.96
CA GLU BA 217 18.88 37.98 -14.11
C GLU BA 217 20.17 37.28 -14.53
N VAL BA 218 20.15 36.68 -15.73
CA VAL BA 218 21.20 35.78 -16.15
C VAL BA 218 21.87 36.32 -17.40
N ASP BA 219 23.07 35.79 -17.68
CA ASP BA 219 23.78 36.15 -18.90
C ASP BA 219 23.49 35.15 -20.02
N SER BA 220 23.27 33.89 -19.67
CA SER BA 220 22.88 32.87 -20.63
C SER BA 220 22.21 31.73 -19.89
N VAL BA 221 21.02 31.35 -20.35
CA VAL BA 221 20.23 30.34 -19.67
C VAL BA 221 19.58 29.44 -20.71
N CYS BA 222 19.54 28.14 -20.41
CA CYS BA 222 18.88 27.16 -21.24
C CYS BA 222 17.85 26.40 -20.42
N ASN BA 223 16.70 26.16 -21.03
CA ASN BA 223 15.59 25.46 -20.40
C ASN BA 223 15.17 24.29 -21.27
N GLY BA 224 14.48 23.34 -20.66
CA GLY BA 224 13.98 22.18 -21.38
C GLY BA 224 14.88 20.98 -21.26
N SER BA 225 14.45 19.90 -21.92
CA SER BA 225 15.17 18.64 -21.82
C SER BA 225 16.63 18.79 -22.23
N GLY BA 226 16.91 19.67 -23.19
CA GLY BA 226 18.27 19.84 -23.68
C GLY BA 226 19.12 20.81 -22.89
N SER BA 227 18.60 21.34 -21.77
CA SER BA 227 19.38 22.31 -21.01
C SER BA 227 20.73 21.76 -20.54
N PRO BA 228 20.84 20.57 -19.98
CA PRO BA 228 22.17 20.07 -19.60
C PRO BA 228 23.08 19.81 -20.79
N LEU BA 229 22.53 19.67 -22.00
CA LEU BA 229 23.37 19.40 -23.16
C LEU BA 229 23.89 20.67 -23.80
N ILE BA 230 23.30 21.82 -23.48
CA ILE BA 230 23.68 23.07 -24.12
C ILE BA 230 24.33 24.03 -23.13
N GLN BA 231 23.88 24.05 -21.88
CA GLN BA 231 24.40 25.04 -20.94
C GLN BA 231 25.91 24.94 -20.76
N PRO BA 232 26.52 23.76 -20.60
CA PRO BA 232 27.98 23.72 -20.50
C PRO BA 232 28.68 24.33 -21.71
N LEU BA 233 28.12 24.16 -22.90
CA LEU BA 233 28.73 24.76 -24.09
C LEU BA 233 28.77 26.27 -23.98
N LEU BA 234 27.71 26.89 -23.48
CA LEU BA 234 27.70 28.34 -23.30
C LEU BA 234 28.63 28.75 -22.17
N ASP BA 235 28.66 27.98 -21.09
CA ASP BA 235 29.57 28.30 -19.99
C ASP BA 235 31.00 28.30 -20.47
N SER BA 236 31.34 27.39 -21.38
CA SER BA 236 32.72 27.29 -21.86
C SER BA 236 33.02 28.33 -22.93
N THR BA 237 32.30 28.26 -24.05
CA THR BA 237 32.63 29.04 -25.24
C THR BA 237 32.24 30.51 -25.14
N ILE BA 238 31.15 30.83 -24.45
CA ILE BA 238 30.64 32.20 -24.38
C ILE BA 238 31.03 32.86 -23.07
N GLU BA 239 30.65 32.26 -21.94
CA GLU BA 239 31.01 32.82 -20.64
C GLU BA 239 32.46 32.58 -20.28
N LYS BA 240 33.17 31.74 -21.05
CA LYS BA 240 34.61 31.53 -20.88
C LYS BA 240 34.95 31.04 -19.47
N LYS BA 241 34.11 30.18 -18.92
CA LYS BA 241 34.47 29.48 -17.68
C LYS BA 241 35.57 28.46 -17.97
N ASN BA 242 36.52 28.35 -17.05
CA ASN BA 242 37.63 27.42 -17.15
C ASN BA 242 38.54 27.71 -18.33
N TRP BA 243 38.46 28.90 -18.92
CA TRP BA 243 39.28 29.29 -20.06
C TRP BA 243 40.46 30.08 -19.50
N ALA BA 244 41.58 29.37 -19.28
CA ALA BA 244 42.71 29.97 -18.58
C ALA BA 244 43.46 30.98 -19.44
N GLY BA 245 43.40 30.87 -20.76
CA GLY BA 245 44.13 31.74 -21.65
C GLY BA 245 43.31 32.93 -22.11
N GLU BA 246 43.77 33.54 -23.21
CA GLU BA 246 43.05 34.65 -23.79
C GLU BA 246 41.75 34.16 -24.41
N ASN BA 247 40.70 34.97 -24.29
CA ASN BA 247 39.35 34.59 -24.69
C ASN BA 247 39.04 35.08 -26.09
N TYR BA 248 38.48 34.20 -26.91
CA TYR BA 248 37.98 34.60 -28.22
C TYR BA 248 36.90 35.67 -28.05
N GLU BA 249 37.00 36.74 -28.82
CA GLU BA 249 36.05 37.84 -28.69
C GLU BA 249 34.64 37.34 -28.97
N VAL BA 250 33.70 37.70 -28.10
CA VAL BA 250 32.33 37.21 -28.19
C VAL BA 250 31.50 38.17 -29.01
N THR BA 251 31.48 37.99 -30.33
CA THR BA 251 30.68 38.84 -31.19
C THR BA 251 29.34 38.16 -31.50
N GLU BA 252 28.43 38.94 -32.08
CA GLU BA 252 27.07 38.45 -32.30
C GLU BA 252 27.05 37.24 -33.22
N GLU BA 253 27.77 37.31 -34.33
CA GLU BA 253 27.80 36.17 -35.26
C GLU BA 253 28.45 34.95 -34.61
N TYR BA 254 29.52 35.16 -33.83
CA TYR BA 254 30.16 34.06 -33.15
C TYR BA 254 29.19 33.38 -32.19
N VAL BA 255 28.42 34.17 -31.44
CA VAL BA 255 27.46 33.60 -30.51
C VAL BA 255 26.35 32.88 -31.25
N LYS BA 256 25.91 33.42 -32.38
CA LYS BA 256 24.86 32.75 -33.15
C LYS BA 256 25.36 31.40 -33.68
N ASP BA 257 26.59 31.34 -34.18
CA ASP BA 257 27.13 30.06 -34.63
C ASP BA 257 27.31 29.10 -33.47
N ILE BA 258 27.70 29.60 -32.29
CA ILE BA 258 27.80 28.74 -31.11
C ILE BA 258 26.43 28.19 -30.75
N VAL BA 259 25.39 29.01 -30.89
CA VAL BA 259 24.03 28.56 -30.58
C VAL BA 259 23.61 27.47 -31.55
N ARG BA 260 23.91 27.65 -32.84
CA ARG BA 260 23.59 26.61 -33.81
C ARG BA 260 24.36 25.33 -33.52
N ARG BA 261 25.63 25.45 -33.11
CA ARG BA 261 26.39 24.28 -32.70
C ARG BA 261 25.75 23.57 -31.52
N GLY BA 262 25.35 24.34 -30.51
CA GLY BA 262 24.75 23.73 -29.34
C GLY BA 262 23.43 23.03 -29.66
N PHE BA 263 22.62 23.64 -30.51
CA PHE BA 263 21.37 23.01 -30.91
C PHE BA 263 21.60 21.78 -31.77
N ASN BA 264 22.63 21.78 -32.62
CA ASN BA 264 22.97 20.57 -33.34
C ASN BA 264 23.33 19.45 -32.36
N ALA BA 265 24.17 19.75 -31.38
CA ALA BA 265 24.55 18.74 -30.41
C ALA BA 265 23.33 18.23 -29.64
N ALA BA 266 22.46 19.14 -29.20
CA ALA BA 266 21.27 18.75 -28.45
C ALA BA 266 20.37 17.86 -29.29
N SER BA 267 20.03 18.30 -30.51
CA SER BA 267 19.20 17.49 -31.38
C SER BA 267 19.84 16.15 -31.68
N GLU BA 268 21.17 16.07 -31.67
CA GLU BA 268 21.83 14.79 -31.88
C GLU BA 268 21.61 13.86 -30.68
N ARG BA 269 21.84 14.37 -29.47
CA ARG BA 269 21.77 13.52 -28.28
C ARG BA 269 20.49 13.70 -27.48
N ASP BA 270 19.69 14.73 -27.75
CA ASP BA 270 18.41 14.88 -27.07
C ASP BA 270 17.31 14.33 -27.96
N VAL BA 271 16.52 13.40 -27.42
CA VAL BA 271 15.47 12.76 -28.21
C VAL BA 271 14.36 13.74 -28.56
N LYS BA 272 14.03 14.64 -27.64
CA LYS BA 272 12.88 15.53 -27.80
C LYS BA 272 13.26 16.91 -28.32
N THR BA 273 14.51 17.14 -28.69
CA THR BA 273 14.90 18.41 -29.30
C THR BA 273 14.53 18.39 -30.77
N GLY BA 274 14.06 19.53 -31.27
CA GLY BA 274 13.24 19.56 -32.46
C GLY BA 274 13.97 19.51 -33.78
N ASP BA 275 13.21 19.78 -34.84
CA ASP BA 275 13.69 19.69 -36.22
C ASP BA 275 14.15 21.02 -36.78
N ASN BA 276 13.61 22.13 -36.28
CA ASN BA 276 14.03 23.46 -36.68
C ASN BA 276 14.29 24.30 -35.44
N VAL BA 277 15.24 25.23 -35.57
CA VAL BA 277 15.62 26.14 -34.49
C VAL BA 277 15.22 27.54 -34.90
N GLU BA 278 14.42 28.19 -34.07
CA GLU BA 278 13.91 29.53 -34.33
C GLU BA 278 14.73 30.53 -33.53
N ILE BA 279 15.58 31.28 -34.22
CA ILE BA 279 16.56 32.17 -33.60
C ILE BA 279 16.06 33.60 -33.75
N TRP BA 280 16.01 34.31 -32.63
CA TRP BA 280 15.68 35.73 -32.60
C TRP BA 280 16.91 36.52 -32.17
N ILE BA 281 17.07 37.72 -32.74
CA ILE BA 281 18.10 38.66 -32.32
C ILE BA 281 17.39 39.94 -31.92
N ILE BA 282 17.45 40.26 -30.63
CA ILE BA 282 16.86 41.48 -30.10
C ILE BA 282 17.95 42.54 -29.97
N LYS BA 283 17.82 43.63 -30.70
CA LYS BA 283 18.70 44.77 -30.58
C LYS BA 283 17.94 45.90 -29.90
N LYS BA 284 18.65 46.98 -29.62
CA LYS BA 284 18.05 48.09 -28.88
C LYS BA 284 16.75 48.55 -29.52
N ASP BA 285 16.75 48.71 -30.84
CA ASP BA 285 15.63 49.34 -31.54
C ASP BA 285 14.71 48.35 -32.24
N GLY BA 286 15.04 47.07 -32.28
CA GLY BA 286 14.18 46.12 -32.96
C GLY BA 286 14.68 44.70 -32.78
N MET BA 287 13.96 43.78 -33.41
CA MET BA 287 14.29 42.36 -33.35
C MET BA 287 13.91 41.70 -34.66
N THR BA 288 14.54 40.57 -34.96
CA THR BA 288 14.35 39.87 -36.21
C THR BA 288 14.43 38.36 -35.97
N LYS BA 289 13.63 37.60 -36.72
CA LYS BA 289 13.59 36.15 -36.59
C LYS BA 289 14.35 35.48 -37.73
N GLU BA 290 15.03 34.39 -37.39
CA GLU BA 290 15.65 33.51 -38.38
C GLU BA 290 15.28 32.07 -38.06
N TYR BA 291 15.28 31.24 -39.09
CA TYR BA 291 15.01 29.82 -38.96
C TYR BA 291 16.18 29.03 -39.53
N GLU BA 292 16.47 27.89 -38.90
CA GLU BA 292 17.49 26.97 -39.39
C GLU BA 292 17.02 25.55 -39.13
N ARG BA 293 17.60 24.61 -39.88
CA ARG BA 293 17.12 23.24 -39.87
C ARG BA 293 17.95 22.37 -38.94
N LEU BA 294 17.28 21.43 -38.28
CA LEU BA 294 17.91 20.42 -37.43
C LEU BA 294 17.46 19.05 -37.90
N ARG BA 295 18.24 18.03 -37.55
CA ARG BA 295 17.91 16.68 -37.98
C ARG BA 295 16.54 16.28 -37.46
N GLN BA 296 15.82 15.51 -38.27
CA GLN BA 296 14.37 15.34 -38.12
C GLN BA 296 13.98 13.93 -37.71
N ASP BA 297 14.84 13.22 -36.99
CA ASP BA 297 14.48 11.89 -36.51
C ASP BA 297 13.19 11.94 -35.69
N MET CA 1 -11.81 10.44 -13.40
CA MET CA 1 -11.77 10.71 -14.87
C MET CA 1 -12.47 9.57 -15.62
N LYS CA 2 -13.62 9.87 -16.18
CA LYS CA 2 -14.48 8.83 -16.75
C LYS CA 2 -13.76 8.05 -17.83
N ASN CA 3 -13.88 6.72 -17.76
CA ASN CA 3 -13.25 5.83 -18.72
C ASN CA 3 -14.18 4.67 -19.05
N PHE CA 4 -15.48 4.94 -19.17
CA PHE CA 4 -16.46 3.87 -19.25
C PHE CA 4 -16.77 3.48 -20.69
N VAL CA 5 -17.30 4.41 -21.46
CA VAL CA 5 -17.63 4.17 -22.87
C VAL CA 5 -16.71 5.06 -23.68
N ILE CA 6 -15.80 4.44 -24.44
CA ILE CA 6 -14.72 5.14 -25.11
C ILE CA 6 -14.95 5.07 -26.61
N GLY CA 7 -14.88 6.22 -27.27
CA GLY CA 7 -14.84 6.27 -28.72
C GLY CA 7 -13.41 6.36 -29.20
N SER CA 8 -13.09 5.58 -30.24
CA SER CA 8 -11.72 5.47 -30.69
C SER CA 8 -11.28 6.75 -31.41
N GLY CA 9 -10.08 6.71 -31.95
CA GLY CA 9 -9.41 7.91 -32.44
C GLY CA 9 -10.07 8.62 -33.61
N VAL CA 10 -9.60 9.83 -33.87
CA VAL CA 10 -10.07 10.68 -34.95
C VAL CA 10 -8.94 10.87 -35.93
N ILE CA 11 -9.29 11.06 -37.20
CA ILE CA 11 -8.32 11.41 -38.24
C ILE CA 11 -8.83 12.63 -38.97
N SER CA 12 -7.99 13.66 -39.05
CA SER CA 12 -8.30 14.86 -39.81
C SER CA 12 -7.07 15.28 -40.58
N LEU CA 13 -7.24 15.56 -41.88
CA LEU CA 13 -6.15 16.05 -42.70
C LEU CA 13 -6.70 17.06 -43.70
N ARG CA 14 -5.85 17.99 -44.09
CA ARG CA 14 -6.20 18.97 -45.11
C ARG CA 14 -5.62 18.57 -46.45
N TYR CA 15 -6.42 18.77 -47.49
CA TYR CA 15 -6.01 18.44 -48.86
C TYR CA 15 -5.99 19.75 -49.63
N LYS CA 16 -5.85 19.67 -50.96
CA LYS CA 16 -5.61 20.85 -51.76
C LYS CA 16 -6.61 21.96 -51.46
N ASN CA 17 -7.90 21.63 -51.46
CA ASN CA 17 -8.95 22.64 -51.33
C ASN CA 17 -9.99 22.28 -50.28
N GLY CA 18 -9.56 21.86 -49.09
CA GLY CA 18 -10.50 21.54 -48.03
C GLY CA 18 -9.83 20.81 -46.90
N VAL CA 19 -10.65 20.26 -46.01
CA VAL CA 19 -10.18 19.50 -44.87
C VAL CA 19 -11.08 18.29 -44.69
N ILE CA 20 -10.49 17.17 -44.31
CA ILE CA 20 -11.21 15.93 -44.05
C ILE CA 20 -11.23 15.69 -42.54
N THR CA 21 -12.29 15.04 -42.07
CA THR CA 21 -12.35 14.51 -40.72
C THR CA 21 -13.10 13.18 -40.77
N CYS CA 22 -12.59 12.19 -40.06
CA CYS CA 22 -13.13 10.85 -40.15
C CYS CA 22 -13.05 10.17 -38.79
N THR CA 23 -14.12 9.46 -38.43
CA THR CA 23 -14.17 8.69 -37.19
C THR CA 23 -15.00 7.44 -37.42
N ASP CA 24 -14.71 6.40 -36.66
CA ASP CA 24 -15.55 5.22 -36.65
C ASP CA 24 -16.75 5.45 -35.72
N THR CA 25 -17.79 4.64 -35.90
CA THR CA 25 -19.02 4.79 -35.14
C THR CA 25 -19.10 3.80 -33.98
N GLN CA 26 -18.03 3.08 -33.68
CA GLN CA 26 -18.06 2.14 -32.57
C GLN CA 26 -17.84 2.86 -31.24
N ALA CA 27 -18.52 2.37 -30.22
CA ALA CA 27 -18.28 2.78 -28.84
C ALA CA 27 -18.13 1.53 -27.98
N SER CA 28 -17.04 1.46 -27.24
CA SER CA 28 -16.67 0.25 -26.51
C SER CA 28 -16.73 0.49 -25.01
N TYR CA 29 -17.30 -0.47 -24.30
CA TYR CA 29 -17.34 -0.47 -22.84
C TYR CA 29 -16.42 -1.60 -22.37
N GLY CA 30 -15.15 -1.28 -22.15
CA GLY CA 30 -14.18 -2.32 -21.85
C GLY CA 30 -13.78 -3.04 -23.12
N ASN CA 31 -13.88 -4.36 -23.11
CA ASN CA 31 -13.67 -5.16 -24.31
C ASN CA 31 -14.96 -5.44 -25.06
N LEU CA 32 -16.06 -4.81 -24.69
CA LEU CA 32 -17.34 -5.04 -25.32
C LEU CA 32 -17.67 -3.90 -26.27
N CYS CA 33 -17.98 -4.23 -27.52
CA CYS CA 33 -18.48 -3.24 -28.47
C CYS CA 33 -19.95 -3.00 -28.19
N LYS CA 34 -20.25 -2.12 -27.23
CA LYS CA 34 -21.63 -1.96 -26.78
C LYS CA 34 -22.49 -1.27 -27.82
N PHE CA 35 -21.98 -0.21 -28.45
CA PHE CA 35 -22.71 0.54 -29.45
C PHE CA 35 -21.89 0.63 -30.72
N ASN CA 36 -22.57 0.54 -31.87
CA ASN CA 36 -21.92 0.59 -33.17
C ASN CA 36 -22.43 1.73 -34.03
N ASP CA 37 -23.21 2.65 -33.49
CA ASP CA 37 -23.73 3.78 -34.24
C ASP CA 37 -23.64 5.06 -33.44
N VAL CA 38 -22.56 5.20 -32.66
CA VAL CA 38 -22.31 6.44 -31.92
C VAL CA 38 -21.53 7.36 -32.86
N ARG CA 39 -22.13 8.50 -33.19
CA ARG CA 39 -21.59 9.41 -34.19
C ARG CA 39 -20.93 10.60 -33.51
N ARG CA 40 -19.67 10.85 -33.85
CA ARG CA 40 -18.83 11.80 -33.13
C ARG CA 40 -18.33 12.94 -34.01
N ILE CA 41 -18.91 13.15 -35.19
CA ILE CA 41 -18.59 14.29 -36.04
C ILE CA 41 -19.79 15.21 -36.03
N PHE CA 42 -19.57 16.48 -35.69
CA PHE CA 42 -20.60 17.49 -35.64
C PHE CA 42 -20.12 18.73 -36.37
N ARG CA 43 -21.06 19.46 -36.97
CA ARG CA 43 -20.73 20.75 -37.56
C ARG CA 43 -20.98 21.84 -36.54
N LEU CA 44 -19.91 22.52 -36.13
CA LEU CA 44 -20.05 23.64 -35.21
C LEU CA 44 -20.76 24.81 -35.87
N SER CA 45 -20.56 24.98 -37.17
CA SER CA 45 -21.24 26.00 -37.95
C SER CA 45 -20.87 25.77 -39.41
N SER CA 46 -21.38 26.62 -40.28
CA SER CA 46 -20.92 26.61 -41.66
C SER CA 46 -19.41 26.81 -41.67
N ASN CA 47 -18.73 26.05 -42.53
CA ASN CA 47 -17.28 26.06 -42.75
C ASN CA 47 -16.46 25.52 -41.58
N THR CA 48 -17.03 24.70 -40.70
CA THR CA 48 -16.25 24.10 -39.63
C THR CA 48 -16.93 22.83 -39.13
N LEU CA 49 -16.11 21.85 -38.75
CA LEU CA 49 -16.58 20.61 -38.16
C LEU CA 49 -15.73 20.28 -36.95
N ILE CA 50 -16.33 19.56 -36.00
CA ILE CA 50 -15.65 19.09 -34.80
C ILE CA 50 -15.85 17.59 -34.68
N SER CA 51 -14.75 16.86 -34.54
CA SER CA 51 -14.78 15.43 -34.29
C SER CA 51 -14.09 15.16 -32.96
N LEU CA 52 -14.66 14.23 -32.19
CA LEU CA 52 -14.22 13.99 -30.83
C LEU CA 52 -13.90 12.52 -30.63
N SER CA 53 -13.05 12.24 -29.65
CA SER CA 53 -12.75 10.87 -29.25
C SER CA 53 -12.53 10.86 -27.75
N GLY CA 54 -12.69 9.69 -27.16
CA GLY CA 54 -12.60 9.53 -25.72
C GLY CA 54 -13.91 9.10 -25.11
N GLU CA 55 -14.05 9.41 -23.82
CA GLU CA 55 -15.25 9.03 -23.09
C GLU CA 55 -16.47 9.67 -23.76
N ILE CA 56 -17.46 8.85 -24.09
CA ILE CA 56 -18.61 9.35 -24.84
C ILE CA 56 -19.42 10.32 -24.01
N SER CA 57 -19.53 10.09 -22.70
CA SER CA 57 -20.26 11.03 -21.86
C SER CA 57 -19.59 12.40 -21.85
N ASP CA 58 -18.27 12.45 -21.77
CA ASP CA 58 -17.56 13.72 -21.87
C ASP CA 58 -17.71 14.33 -23.26
N ILE CA 59 -17.73 13.51 -24.31
CA ILE CA 59 -17.97 14.03 -25.65
C ILE CA 59 -19.33 14.72 -25.71
N GLN CA 60 -20.35 14.07 -25.16
CA GLN CA 60 -21.69 14.64 -25.20
C GLN CA 60 -21.77 15.92 -24.36
N PHE CA 61 -21.13 15.92 -23.19
CA PHE CA 61 -21.11 17.13 -22.37
C PHE CA 61 -20.44 18.28 -23.11
N LEU CA 62 -19.27 18.02 -23.71
CA LEU CA 62 -18.54 19.07 -24.41
C LEU CA 62 -19.34 19.60 -25.58
N MET CA 63 -19.98 18.71 -26.35
CA MET CA 63 -20.77 19.18 -27.48
C MET CA 63 -22.01 19.92 -27.01
N ASN CA 64 -22.58 19.54 -25.87
CA ASN CA 64 -23.69 20.30 -25.31
C ASN CA 64 -23.26 21.71 -24.94
N GLU CA 65 -22.11 21.84 -24.28
CA GLU CA 65 -21.60 23.17 -23.94
C GLU CA 65 -21.33 23.98 -25.20
N LEU CA 66 -20.74 23.35 -26.21
CA LEU CA 66 -20.45 24.07 -27.45
C LEU CA 66 -21.73 24.50 -28.16
N ASN CA 67 -22.75 23.65 -28.16
CA ASN CA 67 -24.02 24.04 -28.77
C ASN CA 67 -24.68 25.18 -28.02
N LYS CA 68 -24.63 25.15 -26.69
CA LYS CA 68 -25.15 26.27 -25.91
C LYS CA 68 -24.43 27.56 -26.25
N LEU CA 69 -23.09 27.51 -26.29
CA LEU CA 69 -22.32 28.71 -26.57
C LEU CA 69 -22.55 29.18 -28.01
N ASN CA 70 -22.85 28.25 -28.92
CA ASN CA 70 -23.09 28.62 -30.30
C ASN CA 70 -24.46 29.27 -30.47
N GLU CA 71 -25.45 28.80 -29.74
CA GLU CA 71 -26.78 29.42 -29.81
C GLU CA 71 -26.84 30.74 -29.04
N SER CA 72 -26.04 30.88 -27.99
CA SER CA 72 -26.08 32.09 -27.19
C SER CA 72 -25.45 33.27 -27.93
N ASP CA 73 -24.30 33.07 -28.54
CA ASP CA 73 -23.56 34.17 -29.13
C ASP CA 73 -24.27 34.67 -30.39
N PRO CA 74 -24.50 35.98 -30.53
CA PRO CA 74 -25.04 36.50 -31.79
C PRO CA 74 -23.98 36.71 -32.85
N VAL CA 75 -22.72 36.46 -32.56
CA VAL CA 75 -21.60 36.73 -33.46
C VAL CA 75 -21.03 35.40 -33.95
N LYS CA 76 -20.90 35.26 -35.26
CA LYS CA 76 -20.29 34.07 -35.84
C LYS CA 76 -18.87 33.90 -35.32
N MET CA 77 -18.31 32.71 -35.56
CA MET CA 77 -16.95 32.39 -35.18
C MET CA 77 -16.26 31.65 -36.32
N SER CA 78 -14.99 31.96 -36.51
CA SER CA 78 -14.16 31.22 -37.45
C SER CA 78 -13.65 29.93 -36.79
N PRO CA 79 -13.16 28.99 -37.59
CA PRO CA 79 -12.63 27.76 -36.99
C PRO CA 79 -11.56 28.02 -35.94
N ARG CA 80 -10.76 29.07 -36.12
CA ARG CA 80 -9.79 29.44 -35.09
C ARG CA 80 -10.51 29.84 -33.81
N GLY CA 81 -11.64 30.53 -33.92
CA GLY CA 81 -12.39 30.90 -32.74
C GLY CA 81 -12.90 29.70 -31.99
N TYR CA 82 -13.43 28.71 -32.70
CA TYR CA 82 -13.86 27.48 -32.06
C TYR CA 82 -12.69 26.72 -31.44
N LEU CA 83 -11.55 26.72 -32.12
CA LEU CA 83 -10.37 26.08 -31.55
C LEU CA 83 -9.98 26.74 -30.22
N ASN CA 84 -9.97 28.07 -30.19
CA ASN CA 84 -9.65 28.78 -28.96
C ASN CA 84 -10.67 28.48 -27.87
N LEU CA 85 -11.95 28.48 -28.23
CA LEU CA 85 -12.99 28.22 -27.24
C LEU CA 85 -12.85 26.82 -26.65
N VAL CA 86 -12.66 25.82 -27.50
CA VAL CA 86 -12.57 24.44 -27.02
C VAL CA 86 -11.29 24.24 -26.21
N GLN CA 87 -10.19 24.84 -26.65
CA GLN CA 87 -8.96 24.76 -25.88
C GLN CA 87 -9.14 25.38 -24.51
N GLY CA 88 -9.80 26.53 -24.44
CA GLY CA 88 -10.05 27.14 -23.14
C GLY CA 88 -10.92 26.27 -22.26
N ILE CA 89 -11.97 25.69 -22.82
CA ILE CA 89 -12.85 24.81 -22.03
C ILE CA 89 -12.06 23.64 -21.47
N LEU CA 90 -11.32 22.94 -22.33
CA LEU CA 90 -10.60 21.75 -21.89
C LEU CA 90 -9.50 22.10 -20.90
N TYR CA 91 -8.77 23.19 -21.14
CA TYR CA 91 -7.70 23.57 -20.22
C TYR CA 91 -8.27 23.99 -18.87
N ASN CA 92 -9.40 24.69 -18.85
CA ASN CA 92 -10.04 25.04 -17.59
C ASN CA 92 -10.49 23.79 -16.86
N LYS CA 93 -11.10 22.83 -17.57
CA LYS CA 93 -11.53 21.61 -16.93
C LYS CA 93 -10.35 20.87 -16.32
N ARG CA 94 -9.24 20.81 -17.05
CA ARG CA 94 -8.03 20.18 -16.51
C ARG CA 94 -7.52 20.92 -15.29
N SER CA 95 -7.52 22.25 -15.35
CA SER CA 95 -6.96 23.05 -14.26
C SER CA 95 -7.79 22.97 -12.99
N ARG CA 96 -9.08 22.69 -13.09
CA ARG CA 96 -9.91 22.39 -11.93
C ARG CA 96 -9.81 20.93 -11.51
N VAL CA 97 -8.77 20.22 -11.97
CA VAL CA 97 -8.58 18.79 -11.74
C VAL CA 97 -9.92 18.05 -11.90
N GLU CA 98 -10.69 18.45 -12.90
CA GLU CA 98 -11.91 17.75 -13.30
C GLU CA 98 -11.88 17.56 -14.81
N PRO CA 99 -10.89 16.83 -15.33
CA PRO CA 99 -10.68 16.83 -16.78
C PRO CA 99 -11.74 16.03 -17.53
N LEU CA 100 -11.97 16.42 -18.77
CA LEU CA 100 -12.79 15.61 -19.67
C LEU CA 100 -11.89 14.62 -20.39
N ASN CA 101 -12.19 13.32 -20.25
CA ASN CA 101 -11.41 12.30 -20.94
C ASN CA 101 -11.82 12.26 -22.42
N VAL CA 102 -11.63 13.40 -23.08
CA VAL CA 102 -12.03 13.61 -24.45
C VAL CA 102 -10.92 14.33 -25.18
N SER CA 103 -10.68 13.94 -26.42
CA SER CA 103 -9.74 14.60 -27.31
C SER CA 103 -10.45 14.99 -28.58
N VAL CA 104 -10.16 16.19 -29.07
CA VAL CA 104 -11.00 16.84 -30.08
C VAL CA 104 -10.15 17.27 -31.26
N SER CA 105 -10.74 17.29 -32.44
CA SER CA 105 -10.13 17.84 -33.64
C SER CA 105 -11.11 18.82 -34.29
N ILE CA 106 -10.76 20.10 -34.29
CA ILE CA 106 -11.53 21.14 -34.96
C ILE CA 106 -10.93 21.35 -36.34
N VAL CA 107 -11.75 21.20 -37.37
CA VAL CA 107 -11.35 21.44 -38.75
C VAL CA 107 -12.36 22.38 -39.38
N GLY CA 108 -11.85 23.36 -40.12
CA GLY CA 108 -12.73 24.30 -40.81
C GLY CA 108 -11.94 25.06 -41.84
N VAL CA 109 -12.67 25.79 -42.67
CA VAL CA 109 -12.10 26.58 -43.75
C VAL CA 109 -12.55 28.02 -43.56
N ASP CA 110 -11.59 28.91 -43.31
CA ASP CA 110 -11.87 30.33 -43.27
C ASP CA 110 -11.95 30.86 -44.70
N ASP CA 111 -11.95 32.19 -44.83
CA ASP CA 111 -12.01 32.79 -46.16
C ASP CA 111 -10.95 32.20 -47.08
N ASP CA 112 -9.71 32.08 -46.59
CA ASP CA 112 -8.67 31.37 -47.31
C ASP CA 112 -7.81 30.49 -46.42
N ASP CA 113 -8.01 30.48 -45.11
CA ASP CA 113 -7.17 29.75 -44.19
C ASP CA 113 -7.84 28.44 -43.81
N PHE CA 114 -7.14 27.33 -44.02
CA PHE CA 114 -7.65 26.01 -43.67
C PHE CA 114 -7.12 25.64 -42.28
N LEU CA 115 -8.03 25.31 -41.37
CA LEU CA 115 -7.65 24.92 -40.02
C LEU CA 115 -7.78 23.41 -39.86
N VAL CA 116 -6.74 22.79 -39.33
CA VAL CA 116 -6.76 21.40 -38.91
C VAL CA 116 -6.01 21.31 -37.59
N SER CA 117 -6.74 21.21 -36.49
CA SER CA 117 -6.14 21.35 -35.17
C SER CA 117 -6.61 20.23 -34.27
N CYS CA 118 -5.88 20.03 -33.18
CA CYS CA 118 -6.16 19.01 -32.19
C CYS CA 118 -6.10 19.61 -30.80
N VAL CA 119 -6.94 19.10 -29.90
CA VAL CA 119 -6.92 19.48 -28.49
C VAL CA 119 -7.15 18.22 -27.67
N ASN CA 120 -6.29 17.98 -26.69
CA ASN CA 120 -6.36 16.77 -25.87
C ASN CA 120 -6.98 17.11 -24.51
N HIS CA 121 -7.17 16.06 -23.70
CA HIS CA 121 -7.88 16.21 -22.44
C HIS CA 121 -7.25 17.25 -21.52
N LEU CA 122 -5.95 17.50 -21.65
CA LEU CA 122 -5.26 18.44 -20.78
C LEU CA 122 -5.36 19.88 -21.26
N GLY CA 123 -6.02 20.13 -22.39
CA GLY CA 123 -6.02 21.45 -22.97
C GLY CA 123 -4.84 21.73 -23.88
N ASN CA 124 -3.89 20.81 -23.97
CA ASN CA 124 -2.83 20.94 -24.94
C ASN CA 124 -3.41 20.93 -26.35
N PHE CA 125 -2.82 21.71 -27.23
CA PHE CA 125 -3.35 21.84 -28.58
C PHE CA 125 -2.22 22.08 -29.56
N TYR CA 126 -2.48 21.74 -30.81
CA TYR CA 126 -1.55 22.01 -31.88
C TYR CA 126 -2.32 22.04 -33.20
N GLU CA 127 -1.68 22.60 -34.22
CA GLU CA 127 -2.25 22.71 -35.54
C GLU CA 127 -1.29 22.07 -36.53
N ASP CA 128 -1.82 21.25 -37.44
CA ASP CA 128 -0.99 20.57 -38.41
C ASP CA 128 -1.86 20.13 -39.58
N ASN CA 129 -1.19 19.78 -40.69
CA ASN CA 129 -1.93 19.33 -41.87
C ASN CA 129 -2.56 17.96 -41.67
N ILE CA 130 -1.98 17.11 -40.83
CA ILE CA 130 -2.58 15.83 -40.46
C ILE CA 130 -2.54 15.74 -38.94
N VAL CA 131 -3.71 15.66 -38.32
CA VAL CA 131 -3.83 15.46 -36.88
C VAL CA 131 -4.63 14.19 -36.63
N CYS CA 132 -4.09 13.34 -35.78
CA CYS CA 132 -4.74 12.09 -35.40
C CYS CA 132 -4.81 12.03 -33.89
N THR CA 133 -5.82 11.32 -33.39
CA THR CA 133 -6.11 11.29 -31.97
C THR CA 133 -6.14 9.85 -31.48
N GLY CA 134 -5.59 9.61 -30.28
CA GLY CA 134 -5.59 8.28 -29.73
C GLY CA 134 -4.58 7.37 -30.41
N LEU CA 135 -4.88 6.07 -30.42
CA LEU CA 135 -4.00 5.10 -31.07
C LEU CA 135 -3.86 5.38 -32.55
N SER CA 136 -4.80 6.14 -33.13
CA SER CA 136 -4.58 6.64 -34.48
C SER CA 136 -3.30 7.45 -34.56
N ASN CA 137 -3.01 8.23 -33.53
CA ASN CA 137 -1.79 9.04 -33.52
C ASN CA 137 -0.54 8.20 -33.73
N MET CA 138 -0.56 6.93 -33.33
CA MET CA 138 0.60 6.06 -33.48
C MET CA 138 0.52 5.15 -34.69
N ILE CA 139 -0.66 4.75 -35.12
CA ILE CA 139 -0.80 3.81 -36.23
C ILE CA 139 -1.08 4.52 -37.56
N ALA CA 140 -2.12 5.35 -37.60
CA ALA CA 140 -2.53 5.95 -38.87
C ALA CA 140 -1.68 7.14 -39.24
N LEU CA 141 -1.26 7.92 -38.24
CA LEU CA 141 -0.51 9.14 -38.53
C LEU CA 141 0.80 8.86 -39.23
N PRO CA 142 1.63 7.90 -38.79
CA PRO CA 142 2.87 7.62 -39.56
C PRO CA 142 2.60 7.20 -40.99
N PHE CA 143 1.49 6.49 -41.23
CA PHE CA 143 1.14 6.09 -42.59
C PHE CA 143 0.64 7.28 -43.40
N LEU CA 144 -0.19 8.13 -42.79
CA LEU CA 144 -0.73 9.28 -43.50
C LEU CA 144 0.37 10.25 -43.88
N ARG CA 145 1.35 10.44 -43.00
CA ARG CA 145 2.41 11.41 -43.26
C ARG CA 145 3.25 11.06 -44.47
N THR CA 146 3.21 9.80 -44.92
CA THR CA 146 4.01 9.40 -46.07
C THR CA 146 3.46 9.95 -47.38
N CYS CA 147 2.28 10.55 -47.37
CA CYS CA 147 1.66 11.11 -48.56
C CYS CA 147 1.59 12.62 -48.45
N ASN CA 148 1.94 13.31 -49.53
CA ASN CA 148 1.87 14.78 -49.58
C ASN CA 148 0.40 15.16 -49.74
N VAL CA 149 -0.29 15.17 -48.60
CA VAL CA 149 -1.75 15.36 -48.61
C VAL CA 149 -2.12 16.69 -49.24
N LEU CA 150 -1.26 17.69 -49.13
CA LEU CA 150 -1.60 19.01 -49.65
C LEU CA 150 -1.91 18.98 -51.14
N ASP CA 151 -1.36 18.01 -51.88
CA ASP CA 151 -1.57 17.93 -53.32
C ASP CA 151 -2.69 16.95 -53.70
N LEU CA 152 -3.55 16.59 -52.75
CA LEU CA 152 -4.60 15.61 -53.02
C LEU CA 152 -5.92 16.31 -53.31
N GLU CA 153 -6.65 15.80 -54.30
CA GLU CA 153 -8.01 16.23 -54.52
C GLU CA 153 -8.93 15.55 -53.51
N ARG CA 154 -10.16 16.02 -53.42
CA ARG CA 154 -11.07 15.55 -52.37
C ARG CA 154 -11.21 14.03 -52.41
N ASP CA 155 -11.43 13.46 -53.60
CA ASP CA 155 -11.62 12.02 -53.69
C ASP CA 155 -10.36 11.26 -53.29
N GLU CA 156 -9.19 11.73 -53.72
CA GLU CA 156 -7.95 11.07 -53.32
C GLU CA 156 -7.74 11.16 -51.82
N ALA CA 157 -8.03 12.33 -51.22
CA ALA CA 157 -7.90 12.47 -49.78
C ALA CA 157 -8.85 11.54 -49.05
N ILE CA 158 -10.09 11.41 -49.55
CA ILE CA 158 -11.05 10.52 -48.93
C ILE CA 158 -10.57 9.07 -49.01
N SER CA 159 -10.02 8.69 -50.17
CA SER CA 159 -9.51 7.33 -50.31
C SER CA 159 -8.33 7.08 -49.37
N LEU CA 160 -7.45 8.06 -49.23
CA LEU CA 160 -6.31 7.91 -48.33
C LEU CA 160 -6.77 7.76 -46.89
N VAL CA 161 -7.76 8.57 -46.47
CA VAL CA 161 -8.28 8.48 -45.12
C VAL CA 161 -8.98 7.14 -44.91
N GLU CA 162 -9.67 6.65 -45.94
CA GLU CA 162 -10.31 5.33 -45.85
C GLU CA 162 -9.28 4.23 -45.67
N LYS CA 163 -8.16 4.31 -46.39
CA LYS CA 163 -7.10 3.32 -46.21
C LYS CA 163 -6.53 3.41 -44.80
N ALA CA 164 -6.32 4.62 -44.30
CA ALA CA 164 -5.81 4.77 -42.94
C ALA CA 164 -6.78 4.17 -41.93
N MET CA 165 -8.07 4.39 -42.12
CA MET CA 165 -9.07 3.83 -41.20
C MET CA 165 -9.15 2.32 -41.31
N THR CA 166 -8.92 1.77 -42.51
CA THR CA 166 -8.84 0.32 -42.66
C THR CA 166 -7.66 -0.23 -41.88
N VAL CA 167 -6.52 0.45 -41.94
CA VAL CA 167 -5.37 0.03 -41.16
C VAL CA 167 -5.69 0.11 -39.67
N MET CA 168 -6.40 1.15 -39.25
CA MET CA 168 -6.80 1.26 -37.85
C MET CA 168 -7.70 0.10 -37.44
N CYS CA 169 -8.65 -0.27 -38.30
CA CYS CA 169 -9.52 -1.40 -38.01
C CYS CA 169 -8.70 -2.68 -37.87
N TYR CA 170 -7.75 -2.90 -38.78
CA TYR CA 170 -6.92 -4.09 -38.68
C TYR CA 170 -6.12 -4.11 -37.39
N ARG CA 171 -5.51 -2.99 -37.02
CA ARG CA 171 -4.48 -2.97 -35.99
C ARG CA 171 -4.91 -2.31 -34.69
N SER CA 172 -6.19 -2.08 -34.48
CA SER CA 172 -6.70 -1.59 -33.21
C SER CA 172 -7.95 -2.38 -32.83
N CYS CA 173 -8.04 -2.74 -31.55
CA CYS CA 173 -9.20 -3.47 -31.06
C CYS CA 173 -10.42 -2.57 -30.93
N ARG CA 174 -10.21 -1.29 -30.65
CA ARG CA 174 -11.28 -0.38 -30.28
C ARG CA 174 -11.86 0.39 -31.46
N SER CA 175 -11.48 0.05 -32.69
CA SER CA 175 -11.96 0.74 -33.88
C SER CA 175 -12.58 -0.26 -34.84
N SER CA 176 -13.68 0.14 -35.47
CA SER CA 176 -14.41 -0.70 -36.40
C SER CA 176 -14.19 -0.24 -37.83
N ASN CA 177 -14.84 -0.95 -38.75
CA ASN CA 177 -14.78 -0.63 -40.16
C ASN CA 177 -15.91 0.27 -40.64
N ARG CA 178 -16.84 0.63 -39.75
CA ARG CA 178 -17.96 1.51 -40.08
C ARG CA 178 -17.54 2.93 -39.72
N ILE CA 179 -17.18 3.71 -40.73
CA ILE CA 179 -16.62 5.02 -40.53
C ILE CA 179 -17.62 6.09 -40.94
N GLN CA 180 -17.33 7.33 -40.57
CA GLN CA 180 -18.09 8.50 -41.00
C GLN CA 180 -17.10 9.59 -41.38
N ILE CA 181 -17.28 10.18 -42.55
CA ILE CA 181 -16.33 11.15 -43.09
C ILE CA 181 -17.03 12.51 -43.18
N GLY CA 182 -16.39 13.51 -42.60
CA GLY CA 182 -16.84 14.88 -42.71
C GLY CA 182 -15.86 15.69 -43.53
N VAL CA 183 -16.40 16.51 -44.44
CA VAL CA 183 -15.59 17.29 -45.37
C VAL CA 183 -16.00 18.75 -45.27
N VAL CA 184 -15.02 19.64 -45.37
CA VAL CA 184 -15.27 21.09 -45.41
C VAL CA 184 -14.48 21.66 -46.57
N GLU CA 185 -15.17 22.40 -47.44
CA GLU CA 185 -14.54 23.17 -48.49
C GLU CA 185 -15.01 24.61 -48.35
N LYS CA 186 -14.61 25.45 -49.30
CA LYS CA 186 -14.90 26.88 -49.18
C LYS CA 186 -16.40 27.13 -49.01
N GLY CA 187 -17.22 26.50 -49.86
CA GLY CA 187 -18.66 26.62 -49.76
C GLY CA 187 -19.39 25.36 -49.42
N LEU CA 188 -18.76 24.41 -48.73
CA LEU CA 188 -19.36 23.11 -48.48
C LEU CA 188 -19.02 22.63 -47.08
N VAL CA 189 -20.02 22.09 -46.39
CA VAL CA 189 -19.84 21.29 -45.19
C VAL CA 189 -20.68 20.03 -45.36
N ASP CA 190 -20.04 18.88 -45.26
CA ASP CA 190 -20.71 17.61 -45.53
C ASP CA 190 -20.26 16.60 -44.49
N ILE CA 191 -21.24 15.84 -43.97
CA ILE CA 191 -20.97 14.72 -43.07
C ILE CA 191 -21.74 13.53 -43.61
N SER CA 192 -21.02 12.58 -44.21
CA SER CA 192 -21.67 11.47 -44.89
C SER CA 192 -22.39 10.57 -43.89
N ASP CA 193 -23.36 9.83 -44.39
CA ASP CA 193 -23.94 8.76 -43.60
C ASP CA 193 -22.87 7.70 -43.34
N PRO CA 194 -22.77 7.16 -42.14
CA PRO CA 194 -21.71 6.18 -41.86
C PRO CA 194 -21.79 4.99 -42.81
N TYR CA 195 -20.64 4.60 -43.34
CA TYR CA 195 -20.56 3.50 -44.29
C TYR CA 195 -19.40 2.60 -43.90
N VAL CA 196 -19.47 1.36 -44.38
CA VAL CA 196 -18.61 0.29 -43.90
C VAL CA 196 -17.46 0.10 -44.89
N LEU CA 197 -16.24 0.10 -44.36
CA LEU CA 197 -15.06 -0.15 -45.18
C LEU CA 197 -14.98 -1.61 -45.57
N ASN CA 198 -14.50 -1.88 -46.77
CA ASN CA 198 -14.27 -3.24 -47.21
C ASN CA 198 -12.85 -3.68 -46.83
N THR CA 199 -12.74 -4.89 -46.30
CA THR CA 199 -11.47 -5.42 -45.80
C THR CA 199 -11.19 -6.76 -46.45
N ASP CA 200 -9.91 -7.15 -46.42
CA ASP CA 200 -9.47 -8.42 -46.97
C ASP CA 200 -8.54 -9.11 -45.96
N TRP CA 201 -8.55 -10.44 -45.99
CA TRP CA 201 -7.79 -11.22 -45.02
C TRP CA 201 -7.01 -12.36 -45.64
N GLN CA 202 -6.74 -12.32 -46.95
CA GLN CA 202 -6.12 -13.46 -47.62
C GLN CA 202 -4.69 -13.69 -47.16
N VAL CA 203 -4.08 -12.75 -46.43
CA VAL CA 203 -2.74 -12.95 -45.93
C VAL CA 203 -2.69 -14.04 -44.87
N GLY CA 204 -3.82 -14.33 -44.21
CA GLY CA 204 -3.85 -15.29 -43.13
C GLY CA 204 -3.77 -16.74 -43.56
N HIS CA 205 -4.12 -17.05 -44.82
CA HIS CA 205 -4.08 -18.42 -45.29
C HIS CA 205 -2.66 -18.98 -45.14
N ASN CA 206 -2.57 -20.25 -44.73
CA ASN CA 206 -1.28 -20.84 -44.42
C ASN CA 206 -0.84 -21.91 -45.42
N GLU CA 207 -1.56 -23.02 -45.54
CA GLU CA 207 -1.19 -24.01 -46.54
C GLU CA 207 -2.33 -24.40 -47.47
N GLU CA 208 -3.42 -24.95 -46.91
CA GLU CA 208 -4.46 -25.56 -47.74
C GLU CA 208 -5.87 -25.36 -47.18
N GLU CA 209 -6.07 -24.41 -46.29
CA GLU CA 209 -7.38 -24.25 -45.67
C GLU CA 209 -8.45 -24.02 -46.72
N ILE CA 210 -9.56 -24.75 -46.62
CA ILE CA 210 -10.65 -24.61 -47.58
C ILE CA 210 -11.31 -23.27 -47.37
N VAL CA 211 -11.38 -22.46 -48.43
CA VAL CA 211 -12.02 -21.16 -48.35
C VAL CA 211 -13.52 -21.38 -48.25
N LEU CA 212 -14.06 -21.16 -47.06
CA LEU CA 212 -15.47 -21.44 -46.80
C LEU CA 212 -16.34 -20.26 -47.21
N THR DA 22 -27.76 -9.91 -12.56
CA THR DA 22 -29.01 -9.18 -12.95
C THR DA 22 -29.13 -9.11 -14.46
N THR DA 23 -30.31 -9.39 -14.98
CA THR DA 23 -30.60 -9.28 -16.40
C THR DA 23 -31.79 -8.38 -16.60
N ILE DA 24 -31.58 -7.29 -17.32
CA ILE DA 24 -32.64 -6.36 -17.71
C ILE DA 24 -32.54 -6.14 -19.20
N MET DA 25 -33.68 -6.09 -19.88
CA MET DA 25 -33.68 -5.82 -21.30
C MET DA 25 -34.94 -5.08 -21.71
N ALA DA 26 -34.80 -4.27 -22.75
CA ALA DA 26 -35.91 -3.54 -23.33
C ALA DA 26 -35.89 -3.76 -24.83
N VAL DA 27 -37.03 -4.13 -25.40
CA VAL DA 27 -37.16 -4.34 -26.83
C VAL DA 27 -38.35 -3.56 -27.33
N LYS DA 28 -38.14 -2.80 -28.40
CA LYS DA 28 -39.19 -2.01 -29.01
C LYS DA 28 -39.83 -2.82 -30.14
N TYR DA 29 -41.06 -3.23 -29.93
CA TYR DA 29 -41.82 -4.01 -30.91
C TYR DA 29 -42.87 -3.12 -31.56
N ALA DA 30 -43.74 -3.73 -32.36
CA ALA DA 30 -44.73 -2.98 -33.11
C ALA DA 30 -45.59 -2.14 -32.17
N ASP DA 31 -45.44 -0.82 -32.25
CA ASP DA 31 -46.26 0.11 -31.46
C ASP DA 31 -46.27 -0.27 -29.98
N GLY DA 32 -45.09 -0.37 -29.39
CA GLY DA 32 -45.02 -0.64 -27.97
C GLY DA 32 -43.59 -0.84 -27.50
N ILE DA 33 -43.44 -0.86 -26.18
CA ILE DA 33 -42.17 -1.15 -25.51
C ILE DA 33 -42.39 -2.33 -24.60
N LEU DA 34 -41.48 -3.29 -24.64
CA LEU DA 34 -41.53 -4.47 -23.78
C LEU DA 34 -40.22 -4.58 -23.02
N ILE DA 35 -40.30 -4.55 -21.71
CA ILE DA 35 -39.13 -4.64 -20.84
C ILE DA 35 -39.24 -5.91 -20.01
N GLY DA 36 -38.12 -6.59 -19.85
CA GLY DA 36 -38.07 -7.80 -19.05
C GLY DA 36 -36.92 -7.73 -18.07
N ALA DA 37 -37.07 -8.43 -16.95
CA ALA DA 37 -36.05 -8.43 -15.92
C ALA DA 37 -36.20 -9.68 -15.06
N ASP DA 38 -35.11 -10.02 -14.38
CA ASP DA 38 -35.13 -11.10 -13.41
C ASP DA 38 -35.37 -10.53 -12.01
N CYS DA 39 -35.64 -11.42 -11.06
CA CYS DA 39 -36.02 -11.01 -9.72
C CYS DA 39 -34.89 -11.09 -8.70
N ARG DA 40 -33.89 -11.94 -8.94
CA ARG DA 40 -32.87 -12.18 -7.94
C ARG DA 40 -32.14 -10.89 -7.57
N THR DA 41 -31.92 -10.70 -6.28
CA THR DA 41 -31.11 -9.60 -5.75
C THR DA 41 -29.99 -10.22 -4.92
N SER DA 42 -28.83 -10.42 -5.55
CA SER DA 42 -27.75 -11.14 -4.90
C SER DA 42 -27.05 -10.27 -3.87
N MET DA 43 -26.32 -10.94 -2.99
CA MET DA 43 -25.42 -10.29 -2.04
C MET DA 43 -24.24 -11.21 -1.79
N GLY DA 44 -23.16 -11.05 -2.54
CA GLY DA 44 -22.14 -12.08 -2.55
C GLY DA 44 -22.73 -13.35 -3.14
N THR DA 45 -22.55 -14.46 -2.43
CA THR DA 45 -23.19 -15.71 -2.82
C THR DA 45 -24.62 -15.83 -2.31
N TYR DA 46 -25.03 -14.94 -1.42
CA TYR DA 46 -26.35 -15.02 -0.82
C TYR DA 46 -27.36 -14.17 -1.60
N VAL DA 47 -28.52 -14.76 -1.88
CA VAL DA 47 -29.61 -14.05 -2.54
C VAL DA 47 -30.32 -13.24 -1.45
N SER DA 48 -30.04 -11.95 -1.40
CA SER DA 48 -30.66 -11.10 -0.38
C SER DA 48 -32.18 -11.14 -0.51
N SER DA 49 -32.69 -11.10 -1.73
CA SER DA 49 -34.11 -11.27 -1.99
C SER DA 49 -34.27 -11.91 -3.35
N ARG DA 50 -35.41 -12.57 -3.56
CA ARG DA 50 -35.71 -13.22 -4.82
C ARG DA 50 -37.07 -12.81 -5.39
N PHE DA 51 -37.60 -11.66 -4.97
CA PHE DA 51 -38.81 -11.11 -5.55
C PHE DA 51 -38.67 -9.63 -5.87
N THR DA 52 -37.45 -9.11 -5.92
CA THR DA 52 -37.24 -7.69 -6.14
C THR DA 52 -37.83 -7.26 -7.47
N ASP DA 53 -38.52 -6.13 -7.48
CA ASP DA 53 -39.06 -5.56 -8.72
C ASP DA 53 -38.01 -4.62 -9.32
N LYS DA 54 -37.44 -5.01 -10.45
CA LYS DA 54 -36.44 -4.20 -11.12
C LYS DA 54 -37.03 -3.29 -12.19
N LEU DA 55 -38.31 -3.45 -12.51
CA LEU DA 55 -39.00 -2.54 -13.43
C LEU DA 55 -39.61 -1.41 -12.60
N THR DA 56 -38.81 -0.36 -12.40
CA THR DA 56 -39.22 0.77 -11.58
C THR DA 56 -40.05 1.73 -12.43
N LYS DA 57 -41.27 2.01 -11.98
CA LYS DA 57 -42.12 2.94 -12.71
C LYS DA 57 -41.70 4.37 -12.43
N ILE DA 58 -41.40 5.11 -13.49
CA ILE DA 58 -41.14 6.54 -13.41
C ILE DA 58 -42.44 7.34 -13.52
N SER DA 59 -43.31 6.95 -14.44
CA SER DA 59 -44.65 7.50 -14.56
C SER DA 59 -45.53 6.43 -15.18
N ASP DA 60 -46.80 6.77 -15.36
CA ASP DA 60 -47.74 5.79 -15.90
C ASP DA 60 -47.33 5.29 -17.27
N ASN DA 61 -46.52 6.05 -18.00
CA ASN DA 61 -46.10 5.69 -19.35
C ASN DA 61 -44.59 5.53 -19.48
N ILE DA 62 -43.82 5.72 -18.41
CA ILE DA 62 -42.37 5.61 -18.45
C ILE DA 62 -41.94 4.60 -17.40
N TYR DA 63 -41.15 3.61 -17.82
CA TYR DA 63 -40.56 2.63 -16.93
C TYR DA 63 -39.06 2.61 -17.14
N CYS DA 64 -38.33 2.34 -16.07
CA CYS DA 64 -36.88 2.27 -16.14
C CYS DA 64 -36.41 1.00 -15.43
N CYS DA 65 -35.39 0.37 -16.02
CA CYS DA 65 -34.74 -0.80 -15.44
C CYS DA 65 -33.42 -0.34 -14.84
N ARG DA 66 -33.23 -0.60 -13.55
CA ARG DA 66 -32.08 -0.09 -12.82
C ARG DA 66 -30.95 -1.12 -12.81
N SER DA 67 -29.73 -0.65 -13.08
CA SER DA 67 -28.54 -1.48 -12.97
C SER DA 67 -27.42 -0.63 -12.40
N GLY DA 68 -26.64 -1.23 -11.50
CA GLY DA 68 -25.61 -0.50 -10.77
C GLY DA 68 -25.86 -0.59 -9.29
N SER DA 69 -25.46 0.42 -8.53
CA SER DA 69 -25.72 0.42 -7.10
C SER DA 69 -27.22 0.48 -6.83
N ALA DA 70 -27.68 -0.37 -5.92
CA ALA DA 70 -29.11 -0.37 -5.58
C ALA DA 70 -29.52 0.95 -4.98
N ALA DA 71 -28.68 1.52 -4.12
CA ALA DA 71 -29.01 2.77 -3.45
C ALA DA 71 -28.98 3.95 -4.42
N ASP DA 72 -27.96 4.01 -5.28
CA ASP DA 72 -27.81 5.16 -6.16
C ASP DA 72 -28.86 5.15 -7.26
N THR DA 73 -29.11 4.00 -7.88
CA THR DA 73 -30.12 3.94 -8.94
C THR DA 73 -31.50 4.24 -8.38
N GLN DA 74 -31.79 3.83 -7.15
CA GLN DA 74 -33.06 4.20 -6.53
C GLN DA 74 -33.13 5.70 -6.29
N ALA DA 75 -32.01 6.30 -5.87
CA ALA DA 75 -31.99 7.74 -5.64
C ALA DA 75 -32.31 8.51 -6.91
N ILE DA 76 -31.71 8.09 -8.03
CA ILE DA 76 -31.96 8.77 -9.30
C ILE DA 76 -33.42 8.61 -9.70
N THR DA 77 -33.93 7.39 -9.66
CA THR DA 77 -35.29 7.14 -10.12
C THR DA 77 -36.31 7.81 -9.21
N GLN DA 78 -35.97 8.02 -7.94
CA GLN DA 78 -36.86 8.77 -7.06
C GLN DA 78 -36.90 10.24 -7.45
N TYR DA 79 -35.78 10.76 -7.97
CA TYR DA 79 -35.72 12.16 -8.33
C TYR DA 79 -36.37 12.42 -9.69
N ILE DA 80 -35.93 11.70 -10.72
CA ILE DA 80 -36.49 11.92 -12.05
C ILE DA 80 -37.96 11.57 -12.09
N THR DA 81 -38.46 10.84 -11.09
CA THR DA 81 -39.90 10.60 -11.01
C THR DA 81 -40.66 11.90 -10.82
N GLU DA 82 -40.13 12.80 -9.99
CA GLU DA 82 -40.80 14.07 -9.75
C GLU DA 82 -40.47 15.11 -10.81
N LEU DA 83 -39.32 14.97 -11.47
CA LEU DA 83 -38.97 15.91 -12.54
C LEU DA 83 -39.85 15.73 -13.76
N VAL DA 84 -40.14 14.48 -14.13
CA VAL DA 84 -40.98 14.23 -15.30
C VAL DA 84 -42.38 14.75 -15.06
N GLN DA 85 -42.89 14.65 -13.84
CA GLN DA 85 -44.22 15.19 -13.53
C GLN DA 85 -44.18 16.72 -13.54
N ARG DA 86 -43.19 17.31 -12.88
CA ARG DA 86 -43.07 18.76 -12.85
C ARG DA 86 -43.12 19.33 -14.27
N SER DA 87 -42.19 18.92 -15.13
CA SER DA 87 -42.16 19.42 -16.49
C SER DA 87 -43.41 19.03 -17.25
N SER DA 88 -43.99 17.87 -16.93
CA SER DA 88 -45.20 17.43 -17.61
C SER DA 88 -46.34 18.40 -17.36
N PHE DA 89 -46.48 18.90 -16.14
CA PHE DA 89 -47.56 19.81 -15.78
C PHE DA 89 -47.18 21.27 -16.00
N ILE DA 90 -45.88 21.59 -16.02
CA ILE DA 90 -45.47 22.95 -16.32
C ILE DA 90 -45.84 23.32 -17.74
N ASP DA 91 -45.70 22.38 -18.68
CA ASP DA 91 -46.03 22.64 -20.08
C ASP DA 91 -47.27 21.89 -20.54
N LYS DA 92 -47.97 21.23 -19.61
CA LYS DA 92 -49.25 20.59 -19.91
C LYS DA 92 -49.14 19.59 -21.04
N GLU DA 93 -48.34 18.55 -20.82
CA GLU DA 93 -48.13 17.51 -21.82
C GLU DA 93 -47.85 16.20 -21.11
N ILE DA 94 -48.05 15.10 -21.83
CA ILE DA 94 -47.80 13.76 -21.31
C ILE DA 94 -46.33 13.67 -20.94
N PRO DA 95 -45.95 12.98 -19.86
CA PRO DA 95 -44.54 12.92 -19.49
C PRO DA 95 -43.70 12.37 -20.63
N SER DA 96 -42.50 12.92 -20.80
CA SER DA 96 -41.65 12.60 -21.92
C SER DA 96 -40.54 11.66 -21.49
N VAL DA 97 -40.34 10.59 -22.26
CA VAL DA 97 -39.25 9.67 -21.98
C VAL DA 97 -37.92 10.36 -22.17
N LYS DA 98 -37.82 11.20 -23.21
CA LYS DA 98 -36.57 11.91 -23.48
C LYS DA 98 -36.17 12.77 -22.29
N LYS DA 99 -37.12 13.52 -21.74
CA LYS DA 99 -36.82 14.38 -20.60
C LYS DA 99 -36.44 13.55 -19.38
N ALA DA 100 -37.09 12.40 -19.18
CA ALA DA 100 -36.70 11.51 -18.09
C ALA DA 100 -35.29 10.99 -18.29
N ALA DA 101 -34.95 10.60 -19.52
CA ALA DA 101 -33.62 10.09 -19.79
C ALA DA 101 -32.57 11.19 -19.64
N MET DA 102 -32.83 12.36 -20.21
CA MET DA 102 -31.93 13.48 -20.01
C MET DA 102 -31.79 13.83 -18.53
N ALA DA 103 -32.91 13.89 -17.81
CA ALA DA 103 -32.83 14.20 -16.39
C ALA DA 103 -31.97 13.19 -15.64
N ALA DA 104 -32.06 11.91 -16.00
CA ALA DA 104 -31.21 10.90 -15.41
C ALA DA 104 -29.76 11.11 -15.79
N LYS DA 105 -29.51 11.53 -17.04
CA LYS DA 105 -28.14 11.66 -17.53
C LYS DA 105 -27.37 12.72 -16.76
N ASP DA 106 -28.00 13.86 -16.48
CA ASP DA 106 -27.32 14.90 -15.72
C ASP DA 106 -26.90 14.41 -14.34
N ILE DA 107 -27.82 13.75 -13.63
CA ILE DA 107 -27.49 13.28 -12.29
C ILE DA 107 -26.37 12.24 -12.35
N ILE DA 108 -26.45 11.31 -13.30
CA ILE DA 108 -25.42 10.30 -13.42
C ILE DA 108 -24.11 10.92 -13.85
N TYR DA 109 -24.17 12.03 -14.58
CA TYR DA 109 -22.94 12.70 -15.02
C TYR DA 109 -22.42 13.67 -13.96
N ARG DA 110 -23.31 14.48 -13.39
CA ARG DA 110 -22.87 15.48 -12.42
C ARG DA 110 -22.26 14.85 -11.17
N TYR DA 111 -22.61 13.59 -10.88
CA TYR DA 111 -22.22 12.91 -9.65
C TYR DA 111 -21.52 11.61 -9.99
N PRO DA 112 -20.24 11.67 -10.36
CA PRO DA 112 -19.50 10.43 -10.68
C PRO DA 112 -19.45 9.43 -9.53
N ASN DA 113 -19.55 9.89 -8.29
CA ASN DA 113 -19.51 8.97 -7.16
C ASN DA 113 -20.66 7.98 -7.19
N MET DA 114 -21.73 8.28 -7.92
CA MET DA 114 -22.94 7.46 -7.92
C MET DA 114 -22.85 6.47 -9.08
N LEU DA 115 -22.72 5.19 -8.76
CA LEU DA 115 -22.58 4.12 -9.76
C LEU DA 115 -23.97 3.72 -10.22
N ALA DA 116 -24.42 4.28 -11.34
CA ALA DA 116 -25.78 4.06 -11.81
C ALA DA 116 -25.81 3.94 -13.31
N GLY DA 117 -26.60 2.99 -13.82
CA GLY DA 117 -26.86 2.85 -15.23
C GLY DA 117 -28.28 2.37 -15.47
N LEU DA 118 -29.05 3.11 -16.27
CA LEU DA 118 -30.48 2.87 -16.40
C LEU DA 118 -30.86 2.62 -17.85
N ILE DA 119 -31.87 1.78 -18.04
CA ILE DA 119 -32.60 1.71 -19.29
C ILE DA 119 -33.95 2.35 -19.05
N ILE DA 120 -34.18 3.52 -19.67
CA ILE DA 120 -35.44 4.25 -19.52
C ILE DA 120 -36.22 4.07 -20.81
N ALA DA 121 -37.36 3.39 -20.71
CA ALA DA 121 -38.20 3.11 -21.86
C ALA DA 121 -39.63 3.50 -21.53
N GLY DA 122 -40.31 4.09 -22.50
CA GLY DA 122 -41.66 4.55 -22.26
C GLY DA 122 -42.37 4.82 -23.57
N TYR DA 123 -43.50 5.50 -23.46
CA TYR DA 123 -44.35 5.79 -24.61
C TYR DA 123 -45.05 7.12 -24.37
N ASP DA 124 -44.49 8.21 -24.90
CA ASP DA 124 -45.13 9.51 -24.79
C ASP DA 124 -45.96 9.77 -26.05
N THR DA 125 -45.30 9.78 -27.21
CA THR DA 125 -45.97 9.83 -28.49
C THR DA 125 -45.52 8.71 -29.42
N LYS DA 126 -44.32 8.20 -29.25
CA LYS DA 126 -43.83 7.00 -29.93
C LYS DA 126 -43.02 6.20 -28.93
N PRO DA 127 -42.94 4.88 -29.09
CA PRO DA 127 -42.11 4.10 -28.18
C PRO DA 127 -40.64 4.45 -28.36
N ARG DA 128 -39.90 4.47 -27.25
CA ARG DA 128 -38.50 4.87 -27.29
C ARG DA 128 -37.76 4.28 -26.10
N ILE DA 129 -36.51 3.89 -26.35
CA ILE DA 129 -35.64 3.30 -25.34
C ILE DA 129 -34.37 4.14 -25.25
N PHE DA 130 -34.03 4.56 -24.04
CA PHE DA 130 -32.83 5.33 -23.78
C PHE DA 130 -31.95 4.59 -22.79
N ASN DA 131 -30.70 4.34 -23.17
CA ASN DA 131 -29.76 3.63 -22.31
C ASN DA 131 -28.77 4.62 -21.73
N ILE DA 132 -28.87 4.89 -20.44
CA ILE DA 132 -27.90 5.72 -19.73
C ILE DA 132 -26.83 4.77 -19.21
N SER DA 133 -25.66 4.78 -19.84
CA SER DA 133 -24.60 3.89 -19.45
C SER DA 133 -24.04 4.30 -18.09
N LEU DA 134 -23.00 3.57 -17.66
CA LEU DA 134 -22.53 3.71 -16.29
C LEU DA 134 -21.99 5.11 -16.01
N GLY DA 135 -21.28 5.71 -16.96
CA GLY DA 135 -20.69 7.02 -16.76
C GLY DA 135 -21.54 8.19 -17.20
N GLY DA 136 -22.79 7.97 -17.58
CA GLY DA 136 -23.64 9.03 -18.08
C GLY DA 136 -23.77 9.08 -19.58
N THR DA 137 -23.35 8.06 -20.29
CA THR DA 137 -23.44 8.02 -21.74
C THR DA 137 -24.85 7.61 -22.14
N MET DA 138 -25.59 8.53 -22.75
CA MET DA 138 -26.98 8.29 -23.13
C MET DA 138 -27.07 7.99 -24.62
N THR DA 139 -27.74 6.88 -24.95
CA THR DA 139 -27.90 6.45 -26.33
C THR DA 139 -29.32 5.95 -26.55
N GLU DA 140 -29.93 6.40 -27.64
CA GLU DA 140 -31.23 5.86 -28.05
C GLU DA 140 -31.01 4.53 -28.75
N ALA DA 141 -31.89 3.57 -28.46
CA ALA DA 141 -31.72 2.21 -28.95
C ALA DA 141 -33.06 1.64 -29.36
N GLU DA 142 -33.01 0.64 -30.25
CA GLU DA 142 -34.19 -0.12 -30.62
C GLU DA 142 -34.42 -1.31 -29.70
N TRP DA 143 -33.35 -1.91 -29.21
CA TRP DA 143 -33.40 -2.89 -28.14
C TRP DA 143 -32.17 -2.69 -27.27
N GLN DA 144 -32.29 -3.02 -26.00
CA GLN DA 144 -31.20 -2.81 -25.07
C GLN DA 144 -31.24 -3.88 -24.00
N ILE DA 145 -30.04 -4.28 -23.55
CA ILE DA 145 -29.90 -5.21 -22.44
C ILE DA 145 -28.92 -4.61 -21.44
N GLY DA 146 -29.04 -5.05 -20.19
CA GLY DA 146 -28.20 -4.52 -19.14
C GLY DA 146 -28.08 -5.52 -18.01
N GLY DA 147 -27.25 -5.16 -17.04
CA GLY DA 147 -27.01 -6.02 -15.90
C GLY DA 147 -25.88 -6.99 -16.15
N SER DA 148 -25.50 -7.70 -15.09
CA SER DA 148 -24.38 -8.63 -15.18
C SER DA 148 -24.67 -9.75 -16.15
N GLY DA 149 -25.91 -10.25 -16.15
CA GLY DA 149 -26.27 -11.37 -17.01
C GLY DA 149 -26.43 -11.03 -18.47
N SER DA 150 -26.43 -9.74 -18.82
CA SER DA 150 -26.56 -9.36 -20.22
C SER DA 150 -25.35 -9.81 -21.02
N ALA DA 151 -24.21 -10.00 -20.37
CA ALA DA 151 -22.99 -10.36 -21.09
C ALA DA 151 -23.17 -11.65 -21.89
N TYR DA 152 -24.04 -12.54 -21.41
CA TYR DA 152 -24.15 -13.87 -22.00
C TYR DA 152 -25.24 -13.98 -23.05
N ILE DA 153 -25.89 -12.89 -23.43
CA ILE DA 153 -26.98 -12.97 -24.39
C ILE DA 153 -26.82 -11.92 -25.49
N TYR DA 154 -25.63 -11.34 -25.60
CA TYR DA 154 -25.39 -10.37 -26.68
C TYR DA 154 -25.44 -11.05 -28.04
N GLY DA 155 -24.85 -12.24 -28.15
CA GLY DA 155 -24.95 -12.99 -29.38
C GLY DA 155 -26.36 -13.48 -29.65
N LEU DA 156 -27.06 -13.93 -28.62
CA LEU DA 156 -28.43 -14.40 -28.79
C LEU DA 156 -29.36 -13.26 -29.20
N CYS DA 157 -29.20 -12.09 -28.57
CA CYS DA 157 -30.04 -10.96 -28.92
C CYS DA 157 -29.71 -10.41 -30.29
N ASP DA 158 -28.42 -10.43 -30.66
CA ASP DA 158 -28.02 -9.93 -31.97
C ASP DA 158 -28.62 -10.77 -33.09
N THR DA 159 -28.55 -12.10 -32.95
CA THR DA 159 -29.03 -12.98 -34.01
C THR DA 159 -30.55 -13.10 -34.01
N THR DA 160 -31.19 -12.99 -32.87
CA THR DA 160 -32.63 -13.27 -32.76
C THR DA 160 -33.50 -12.04 -32.88
N PHE DA 161 -32.94 -10.84 -32.76
CA PHE DA 161 -33.76 -9.64 -32.84
C PHE DA 161 -34.27 -9.43 -34.25
N LYS DA 162 -35.48 -8.88 -34.35
CA LYS DA 162 -36.15 -8.67 -35.63
C LYS DA 162 -36.92 -7.35 -35.55
N PRO DA 163 -36.70 -6.43 -36.48
CA PRO DA 163 -37.44 -5.16 -36.44
C PRO DA 163 -38.94 -5.40 -36.56
N ASN DA 164 -39.71 -4.59 -35.82
CA ASN DA 164 -41.16 -4.57 -35.93
C ASN DA 164 -41.77 -5.94 -35.60
N MET DA 165 -41.41 -6.48 -34.45
CA MET DA 165 -42.06 -7.70 -33.97
C MET DA 165 -43.47 -7.37 -33.51
N ASN DA 166 -44.31 -8.41 -33.42
CA ASN DA 166 -45.58 -8.27 -32.72
C ASN DA 166 -45.35 -8.50 -31.24
N LEU DA 167 -46.42 -8.43 -30.45
CA LEU DA 167 -46.27 -8.61 -29.01
C LEU DA 167 -45.83 -10.03 -28.68
N GLU DA 168 -46.41 -11.02 -29.37
CA GLU DA 168 -46.04 -12.41 -29.10
C GLU DA 168 -44.59 -12.68 -29.48
N GLU DA 169 -44.15 -12.14 -30.62
CA GLU DA 169 -42.75 -12.33 -31.02
C GLU DA 169 -41.80 -11.69 -30.02
N ALA DA 170 -42.08 -10.44 -29.65
CA ALA DA 170 -41.20 -9.75 -28.70
C ALA DA 170 -41.23 -10.42 -27.33
N LEU DA 171 -42.41 -10.89 -26.91
CA LEU DA 171 -42.53 -11.58 -25.63
C LEU DA 171 -41.69 -12.86 -25.64
N GLU DA 172 -41.73 -13.59 -26.74
CA GLU DA 172 -40.86 -14.76 -26.87
C GLU DA 172 -39.39 -14.36 -26.90
N PHE DA 173 -39.07 -13.28 -27.62
CA PHE DA 173 -37.69 -12.84 -27.71
C PHE DA 173 -37.13 -12.48 -26.34
N VAL DA 174 -37.86 -11.69 -25.57
CA VAL DA 174 -37.43 -11.36 -24.21
C VAL DA 174 -37.41 -12.61 -23.34
N LYS DA 175 -38.44 -13.45 -23.48
CA LYS DA 175 -38.51 -14.68 -22.70
C LYS DA 175 -37.29 -15.57 -22.96
N LEU DA 176 -36.89 -15.68 -24.22
CA LEU DA 176 -35.76 -16.54 -24.56
C LEU DA 176 -34.45 -15.93 -24.07
N ALA DA 177 -34.28 -14.62 -24.24
CA ALA DA 177 -33.01 -13.98 -23.90
C ALA DA 177 -32.77 -13.97 -22.40
N VAL DA 178 -33.78 -13.54 -21.63
CA VAL DA 178 -33.58 -13.48 -20.19
C VAL DA 178 -33.46 -14.88 -19.59
N THR DA 179 -34.16 -15.85 -20.16
CA THR DA 179 -34.06 -17.23 -19.67
C THR DA 179 -32.63 -17.74 -19.81
N CYS DA 180 -32.00 -17.47 -20.96
CA CYS DA 180 -30.65 -17.94 -21.17
C CYS DA 180 -29.63 -17.15 -20.37
N ALA DA 181 -29.96 -15.92 -19.99
CA ALA DA 181 -29.10 -15.18 -19.09
C ALA DA 181 -29.25 -15.68 -17.65
N ILE DA 182 -30.46 -16.08 -17.27
CA ILE DA 182 -30.68 -16.58 -15.93
C ILE DA 182 -29.92 -17.89 -15.72
N LYS DA 183 -29.91 -18.76 -16.73
CA LYS DA 183 -29.20 -20.03 -16.60
C LYS DA 183 -27.72 -19.80 -16.32
N ARG DA 184 -27.06 -18.99 -17.14
CA ARG DA 184 -25.61 -18.83 -17.06
C ARG DA 184 -25.19 -17.89 -15.94
N ASP DA 185 -25.89 -16.78 -15.76
CA ASP DA 185 -25.49 -15.80 -14.76
C ASP DA 185 -25.99 -16.23 -13.37
N ASN DA 186 -25.07 -16.24 -12.40
CA ASN DA 186 -25.45 -16.61 -11.04
C ASN DA 186 -26.18 -15.48 -10.34
N ALA DA 187 -25.93 -14.23 -10.73
CA ALA DA 187 -26.61 -13.09 -10.14
C ALA DA 187 -28.00 -12.88 -10.73
N SER DA 188 -28.38 -13.66 -11.74
CA SER DA 188 -29.68 -13.58 -12.36
C SER DA 188 -30.45 -14.86 -12.06
N GLY DA 189 -31.69 -14.71 -11.60
CA GLY DA 189 -32.49 -15.87 -11.27
C GLY DA 189 -33.92 -15.45 -10.99
N GLY DA 190 -34.75 -16.44 -10.75
CA GLY DA 190 -36.14 -16.18 -10.45
C GLY DA 190 -36.97 -16.04 -11.70
N CYS DA 191 -38.23 -15.64 -11.47
CA CYS DA 191 -39.17 -15.46 -12.57
C CYS DA 191 -38.81 -14.21 -13.37
N ILE DA 192 -39.29 -14.16 -14.60
CA ILE DA 192 -39.04 -13.03 -15.49
C ILE DA 192 -40.22 -12.07 -15.38
N ARG DA 193 -40.02 -10.94 -14.73
CA ARG DA 193 -41.00 -9.87 -14.74
C ARG DA 193 -40.94 -9.14 -16.07
N MET DA 194 -42.09 -8.95 -16.70
CA MET DA 194 -42.16 -8.23 -17.96
C MET DA 194 -43.27 -7.20 -17.88
N ALA DA 195 -43.06 -6.09 -18.58
CA ALA DA 195 -44.03 -5.01 -18.64
C ALA DA 195 -44.03 -4.43 -20.05
N SER DA 196 -45.20 -4.41 -20.68
CA SER DA 196 -45.35 -3.86 -22.02
C SER DA 196 -46.03 -2.51 -21.94
N ILE DA 197 -45.28 -1.45 -22.24
CA ILE DA 197 -45.81 -0.10 -22.28
C ILE DA 197 -46.29 0.18 -23.70
N THR DA 198 -47.57 0.53 -23.84
CA THR DA 198 -48.15 0.87 -25.12
C THR DA 198 -48.94 2.16 -24.97
N ARG DA 199 -49.46 2.67 -26.09
CA ARG DA 199 -50.24 3.90 -26.03
C ARG DA 199 -51.46 3.74 -25.14
N GLU DA 200 -51.97 2.53 -25.01
CA GLU DA 200 -53.17 2.27 -24.22
C GLU DA 200 -52.87 1.95 -22.76
N GLY DA 201 -51.61 1.97 -22.36
CA GLY DA 201 -51.25 1.73 -20.98
C GLY DA 201 -50.16 0.69 -20.83
N VAL DA 202 -50.03 0.19 -19.60
CA VAL DA 202 -49.01 -0.79 -19.23
C VAL DA 202 -49.70 -2.02 -18.65
N GLN DA 203 -49.30 -3.18 -19.13
CA GLN DA 203 -49.78 -4.45 -18.58
C GLN DA 203 -48.59 -5.35 -18.27
N ARG DA 204 -48.58 -5.89 -17.06
CA ARG DA 204 -47.46 -6.69 -16.59
C ARG DA 204 -47.64 -8.15 -16.96
N PHE DA 205 -46.53 -8.86 -17.10
CA PHE DA 205 -46.52 -10.29 -17.35
C PHE DA 205 -45.66 -10.98 -16.29
N PHE DA 206 -45.64 -12.30 -16.35
CA PHE DA 206 -44.99 -13.11 -15.33
C PHE DA 206 -44.65 -14.47 -15.94
N TYR DA 207 -43.36 -14.72 -16.16
CA TYR DA 207 -42.89 -16.04 -16.57
C TYR DA 207 -42.35 -16.73 -15.33
N SER DA 208 -43.14 -17.61 -14.74
CA SER DA 208 -42.81 -18.18 -13.44
C SER DA 208 -41.47 -18.91 -13.50
N GLY DA 209 -40.68 -18.76 -12.44
CA GLY DA 209 -39.36 -19.36 -12.40
C GLY DA 209 -39.40 -20.88 -12.44
N ASP DA 210 -40.46 -21.48 -11.89
CA ASP DA 210 -40.57 -22.94 -11.94
C ASP DA 210 -40.57 -23.44 -13.37
N LYS DA 211 -41.29 -22.77 -14.26
CA LYS DA 211 -41.26 -23.13 -15.66
C LYS DA 211 -39.86 -22.99 -16.25
N ILE DA 212 -39.12 -21.96 -15.84
CA ILE DA 212 -37.77 -21.77 -16.33
C ILE DA 212 -36.83 -22.81 -15.72
N LEU DA 213 -36.80 -22.90 -14.39
CA LEU DA 213 -35.84 -23.77 -13.73
C LEU DA 213 -36.14 -25.24 -14.01
N ASN DA 214 -37.39 -25.67 -13.83
CA ASN DA 214 -37.74 -27.07 -13.99
C ASN DA 214 -37.61 -27.55 -15.43
N SER DA 215 -37.53 -26.65 -16.40
CA SER DA 215 -37.38 -27.03 -17.79
C SER DA 215 -36.10 -27.83 -18.00
#